data_5ZZN
#
_entry.id   5ZZN
#
_cell.length_a   122.250
_cell.length_b   228.430
_cell.length_c   287.120
_cell.angle_alpha   90.000
_cell.angle_beta   90.000
_cell.angle_gamma   90.000
#
_symmetry.space_group_name_H-M   'P 21 21 21'
#
loop_
_entity.id
_entity.type
_entity.pdbx_description
1 polymer 'Photosystem II protein D1 1'
2 polymer 'Photosystem II CP47 reaction center protein'
3 polymer 'Photosystem II CP43 reaction center protein'
4 polymer 'Photosystem II D2 protein'
5 polymer 'Cytochrome b559 subunit alpha'
6 polymer 'Cytochrome b559 subunit beta'
7 polymer 'Photosystem II reaction center protein H'
8 polymer 'Photosystem II reaction center protein I'
9 polymer 'Photosystem II reaction center protein J'
10 polymer 'Photosystem II reaction center protein K'
11 polymer 'Photosystem II reaction center protein L'
12 polymer 'Photosystem II reaction center protein M'
13 polymer 'Photosystem II manganese-stabilizing polypeptide'
14 polymer 'Photosystem II reaction center protein T'
15 polymer 'Photosystem II 12 kDa extrinsic protein'
16 polymer 'Cytochrome c-550'
17 polymer 'Photosystem II reaction center protein Ycf12'
18 polymer 'Photosystem II reaction center X protein'
19 polymer 'Photosystem II reaction center protein Z'
20 non-polymer 'CA-MN4-O5 CLUSTER'
21 non-polymer 'CHLORIDE ION'
22 non-polymer 'CHLOROPHYLL A'
23 non-polymer 'PHEOPHYTIN A'
24 non-polymer BETA-CAROTENE
25 non-polymer 2,3-DIMETHYL-5-(3,7,11,15,19,23,27,31,35-NONAMETHYL-2,6,10,14,18,22,26,30,34-HEXATRIACONTANONAENYL-2,5-CYCLOHEXADIENE-1,4-DIONE-2,3-DIMETHYL-5-SOLANESYL-1,4-BENZOQUINONE
26 non-polymer 1,2-DISTEAROYL-MONOGALACTOSYL-DIGLYCERIDE
27 non-polymer 'UNKNOWN LIGAND'
28 non-polymer DODECYL-BETA-D-MALTOSIDE
29 non-polymer 'DIMETHYL SULFOXIDE'
30 non-polymer 'CALCIUM ION'
31 non-polymer 1,2-DIPALMITOYL-PHOSPHATIDYL-GLYCEROLE
32 non-polymer 'heptyl 1-thio-beta-D-glucopyranoside'
33 non-polymer 'DIGALACTOSYL DIACYL GLYCEROL (DGDG)'
34 non-polymer GLYCEROL
35 non-polymer 'FE (II) ION'
36 non-polymer 'BICARBONATE ION'
37 non-polymer 'PROTOPORPHYRIN IX CONTAINING FE'
38 non-polymer (3R)-beta,beta-caroten-3-ol
39 non-polymer 'MAGNESIUM ION'
40 non-polymer 'HEME C'
41 water water
#
loop_
_entity_poly.entity_id
_entity_poly.type
_entity_poly.pdbx_seq_one_letter_code
_entity_poly.pdbx_strand_id
1 'polypeptide(L)'
;ANLWERFCNWVTSTDNRLYVGWFGVIMIPTLLAATICFVIAFIAAPPVDIDGIREPVSGSLLYGNNIITGAVVPSSNAIG
LHFYPIWEAASLDEWLYNGGPYQLIIFHFLLGASCYMGRQWELSYRLGMRPWICVAYSAPLASAFAVFLIYPIGQGSFSD
GMPLGISGTFNFMIVFQAEHNILMHPFHQLGVAGVFGGALFCAMHGSLVTSSLIRETTETESANYGYKFGQEEETYNIVA
AHGYFGRLIFQYASFNNSRSLHFFLAAWPVVGVWFTALGISTMAFNLNGFNFNHSVIDAKGNVINTWADIINRANLGMEV
MHERNAHNFPLDLA
;
A,a
2 'polypeptide(L)'
;GLPWYRVHTVLINDPGRLIAAHLMHTALVAGWAGSMALYELATFDPSDPVLNPMWRQGMFVLPFMARLGVTGSWSGWSIT
GETGIDPGFWSFEGVALAHIVLSGLLFLAACWHWVYWDLELFRDPRTGEPALDLPKMFGIHLFLAGLLCFGFGAFHLTGL
FGPGMWVSDPYGLTGSVQPVAPEWGPDGFNPYNPGGVVAHHIAAGIVGIIAGLFHILVRPPQRLYKALRMGNIETVLSSS
IAAVFFAAFVVAGTMWYGSATTPIELFGPTRYQWDSSYFQQEINRRVQASLASGATLEEAWSAIPEKLAFYDYIGNNPAK
GGLFRTGPMNKGDGIAQAWKGHAVFRNKEGEELFVRRMPAFFESFPVILTDKNGVVKADIPFRRAESKYSFEQQGVTVSF
YGGELNGQTFTDPPTVKSYARKAIFGEIFEFDTETLNSDGIFRTSPRGWFTFAHAVFALLFFFGHIWHGARTLFRDVFSG
IDPELSPEQVEWGFYQKVGDVTTRR
;
B,b
3 'polypeptide(L)'
;NSIFATNRDQESSGFAWWAGNARLINLSGKLLGAHVAHAGLIVFWAGAMTLFELAHFIPEKPMYEQGLILIPHIATLGWG
VGPGGEVVDTFPFFVVGVVHLISSAVLGFGGVYHAIRGPETLEEYSSFFGYDWKDKNKMTTILGFHLIVLGIGALLLVAK
AMFFGGLYDTWAPGGGDVRVITNPTLDPRVIFGYLLKSPFGGEGWIVSVNNLEDVVGGHIWIGLICIAGGIWHILTTPFG
WARRAFIWSGEAYLSYSLGALSMMGFIATCFVWFNNTVYPSEFYGPTGPEASQAQAMTFLIRDQKLGANVGSAQGPTGLG
KYLMRSPTGEIIFGGETMRFWDFRGPWLEPLRGPNGLDLNKIKNDIQPWQERRAAEYMTHAPLGSLNSVGGVATEINSVN
FVSPRSWLATSHFVLAFFFLVGHLWHAGRARAAAAGFEKGIDRESEPVLSMPSLD
;
C,c
4 'polypeptide(L)'
;ERGWFDILDDWLKRDRFVFVGWSGILLFPCAYLALGGWLTGTTFVTSWYTHGLASSYLEGCNFLTVAVSTPANSMGHSLL
LLWGPEAQGDFTRWCQLGGLWTFIALHGAFGLIGFMLRQFEIARLVGVRPYNAIAFSAPIAVFVSVFLIYPLGQSSWFFA
PSFGVAAIFRFLLFFQGFHNWTLNPFHMMGVAGVLGGALLCAIHGATVENTLFQDGEGASTFRAFNPTQAEETYSMVTAN
RFWSQIFGIAFSNKRWLHFFMLFVPVTGLWMSAIGVVGLALNLRSYDFISQEIRAAEDPEFETFYTKNLLLNEGIRAWMA
PQDQP(HSK)ENFVFPEEVLPRGNAL
;
D,d
5 'polypeptide(L)'
;TTGERPFSDIITSVRYWVIHSITIPALFIAGWLFVSTGLAYDVFGTPRPDSYYAQEQRSIPLVTDRFEAKQQVETFLEQL
K
;
E,e
6 'polypeptide(L)' SYPIFTVRWVAVHTLAVPTIFFLGAIAAMQFIQR F,f
7 'polypeptide(L)' ARRTWLGDILRPLNSEYGKVAPGWGTTPLMAVFMGLFLVFLLIILEIYNSTLILDGVNVSWKA H,h
8 'polypeptide(L)' (FME)ETLKITVYIVVTFFVLLFVFGFLSGDPARNPKRKDL I,i
9 'polypeptide(L)' MMSEGGRIPLWIVATVAGMGVIVIVGLFFYGAYAGLGSSL J,j
10 'polypeptide(L)' KLPEAYAIFDPLVDVLPVIPVLFLALAFVWQAAVGFR K,k
11 'polypeptide(L)' EPNPNRQPVELNRTSLYLGLLLILVLALLFSSYFFN L,l
12 'polypeptide(L)' (FME)EVNQLGLIATALFVLVPSVFLIILYVQTESQQK M,m
13 'polypeptide(L)'
;TLTYDDIVGTGLANKCPTLDDTARGAYPIDSSQTYRIARLCLQPTTFLVKEEPKNKRQEAEFVPTKLVTRETTSLDQIQG
ELKVNSDGSLTFVEEDGIDFQPVTVQMAGGERIPLLFTVKNLVASTQPNVTSITTSTDFKGEFNVPSYRTANFLDPKGRG
LASGYDSAIALPQAKEEELARANVKRFSLTKGQISLNVAKVDGRTGEIAGTFESEQLSDDDMGAHEPHEVKIQGVFYASI
EPA
;
O,o
14 'polypeptide(L)' (FME)ETITYVFIFACIIALFFFAIFFREPPRIT T,t
15 'polypeptide(L)'
;ELVNVVDEKLGTAYGEKIDLNNTNIAAFIQYRGLYPTLAKLIVKNAPYESVEDVLNIPGLTERQKQILRENLEHFTVTEV
ETALVEGGDRYNNGLYK
;
U,u
16 'polypeptide(L)'
;AELTPEVLTVPLNSEGKTITLTEKQYLEGKRLFQYACASCHVGGITKTNPSLDLRTETLALATPPRDNIEGLVDYMKNPT
TYDGEQEIAEVHPSLRSADIFPKMRNLTEKDLVAIAGHILVEPKILGDKWGGGKVYY
;
V,v
17 'polypeptide(L)' VIAQLTMIAMIGIAGPMIIFLLAVRRGNL Y,y
18 'polypeptide(L)' TITPSLKGFFIGLLSGAVVLGLTFAVLIAISQIDKVQRS X,x
19 'polypeptide(L)' MTILFQLALAALVILSFVMVIGVPVAYASPQDWDRSKQLIFLGSGLWIALVLVVGVLNFFVV Z,z
#
loop_
_chem_comp.id
_chem_comp.type
_chem_comp.name
_chem_comp.formula
BCR non-polymer BETA-CAROTENE 'C40 H56'
BCT non-polymer 'BICARBONATE ION' 'C H O3 -1'
CA non-polymer 'CALCIUM ION' 'Ca 2'
CL non-polymer 'CHLORIDE ION' 'Cl -1'
CLA non-polymer 'CHLOROPHYLL A' 'C55 H72 Mg N4 O5'
DGD saccharide 'DIGALACTOSYL DIACYL GLYCEROL (DGDG)' 'C51 H96 O15'
DMS non-polymer 'DIMETHYL SULFOXIDE' 'C2 H6 O S'
FE2 non-polymer 'FE (II) ION' 'Fe 2'
GOL non-polymer GLYCEROL 'C3 H8 O3'
HEC non-polymer 'HEME C' 'C34 H34 Fe N4 O4'
HEM non-polymer 'PROTOPORPHYRIN IX CONTAINING FE' 'C34 H32 Fe N4 O4'
HTG D-saccharide 'heptyl 1-thio-beta-D-glucopyranoside' 'C13 H26 O5 S'
LHG non-polymer 1,2-DIPALMITOYL-PHOSPHATIDYL-GLYCEROLE 'C38 H75 O10 P'
LMG non-polymer 1,2-DISTEAROYL-MONOGALACTOSYL-DIGLYCERIDE 'C45 H86 O10'
LMT D-saccharide DODECYL-BETA-D-MALTOSIDE 'C24 H46 O11'
MG non-polymer 'MAGNESIUM ION' 'Mg 2'
OEX non-polymer 'CA-MN4-O5 CLUSTER' 'Ca Mn4 O5'
PHO non-polymer 'PHEOPHYTIN A' 'C55 H74 N4 O5'
PL9 non-polymer 2,3-DIMETHYL-5-(3,7,11,15,19,23,27,31,35-NONAMETHYL-2,6,10,14,18,22,26,30,34-HEXATRIACONTANONAENYL-2,5-CYCLOHEXADIENE-1,4-DIONE-2,3-DIMETHYL-5-SOLANESYL-1,4-BENZOQUINONE 'C53 H80 O2'
RRX non-polymer (3R)-beta,beta-caroten-3-ol 'C40 H56 O'
UNL non-polymer 'UNKNOWN LIGAND' ?
#
# COMPACT_ATOMS: atom_id res chain seq x y z
N ALA A 1 55.52 -24.41 -15.06
CA ALA A 1 56.48 -23.86 -14.05
C ALA A 1 56.11 -24.24 -12.60
N ASN A 2 56.94 -23.83 -11.66
CA ASN A 2 56.62 -23.96 -10.22
C ASN A 2 55.37 -23.09 -9.77
N LEU A 3 54.77 -23.48 -8.65
CA LEU A 3 53.45 -22.95 -8.21
C LEU A 3 53.46 -21.42 -7.94
N TRP A 4 54.50 -20.93 -7.26
CA TRP A 4 54.68 -19.51 -7.01
C TRP A 4 54.71 -18.66 -8.30
N GLU A 5 55.48 -19.11 -9.29
CA GLU A 5 55.61 -18.43 -10.57
C GLU A 5 54.28 -18.35 -11.32
N ARG A 6 53.49 -19.42 -11.24
CA ARG A 6 52.22 -19.50 -11.90
C ARG A 6 51.22 -18.54 -11.22
N PHE A 7 51.23 -18.55 -9.90
CA PHE A 7 50.43 -17.68 -9.08
C PHE A 7 50.75 -16.23 -9.45
N CYS A 8 52.03 -15.87 -9.47
CA CYS A 8 52.47 -14.51 -9.81
C CYS A 8 52.01 -14.11 -11.19
N ASN A 9 52.07 -15.04 -12.14
CA ASN A 9 51.61 -14.73 -13.50
C ASN A 9 50.10 -14.52 -13.54
N TRP A 10 49.37 -15.29 -12.75
CA TRP A 10 47.94 -15.12 -12.64
C TRP A 10 47.58 -13.77 -11.92
N VAL A 11 48.24 -13.48 -10.80
CA VAL A 11 47.98 -12.23 -10.05
C VAL A 11 48.16 -11.03 -10.94
N THR A 12 49.21 -11.06 -11.72
CA THR A 12 49.56 -9.92 -12.58
C THR A 12 49.10 -10.07 -14.01
N SER A 13 48.22 -11.03 -14.30
CA SER A 13 47.83 -11.23 -15.68
C SER A 13 47.03 -10.04 -16.20
N THR A 14 47.36 -9.61 -17.40
CA THR A 14 46.64 -8.56 -18.11
C THR A 14 45.32 -9.08 -18.70
N ASP A 15 45.03 -10.37 -18.54
CA ASP A 15 43.90 -10.99 -19.22
C ASP A 15 42.70 -11.32 -18.28
N ASN A 16 42.85 -11.11 -17.00
CA ASN A 16 41.73 -11.28 -16.08
C ASN A 16 40.70 -10.14 -16.34
N ARG A 17 39.42 -10.48 -16.30
CA ARG A 17 38.32 -9.55 -16.57
C ARG A 17 38.42 -8.29 -15.68
N LEU A 18 38.76 -8.51 -14.43
CA LEU A 18 39.15 -7.50 -13.49
C LEU A 18 40.58 -7.73 -13.07
N TYR A 19 41.41 -6.71 -13.10
CA TYR A 19 42.80 -6.86 -12.77
C TYR A 19 42.89 -7.12 -11.32
N VAL A 20 43.78 -8.05 -10.96
CA VAL A 20 44.07 -8.30 -9.57
C VAL A 20 45.30 -7.49 -9.16
N GLY A 21 46.50 -8.06 -9.35
CA GLY A 21 47.73 -7.34 -9.04
C GLY A 21 48.08 -7.43 -7.61
N TRP A 22 49.28 -6.98 -7.27
CA TRP A 22 49.78 -7.10 -5.89
C TRP A 22 49.01 -6.08 -5.00
N PHE A 23 48.77 -4.86 -5.49
CA PHE A 23 47.88 -3.94 -4.70
C PHE A 23 46.50 -4.60 -4.49
N GLY A 24 46.04 -5.31 -5.52
CA GLY A 24 44.82 -6.09 -5.48
C GLY A 24 44.69 -7.16 -4.44
N VAL A 25 45.82 -7.77 -4.07
CA VAL A 25 45.76 -8.81 -3.04
C VAL A 25 45.47 -8.29 -1.65
N ILE A 26 45.90 -7.05 -1.38
CA ILE A 26 45.48 -6.37 -0.19
C ILE A 26 44.05 -5.69 -0.39
N MET A 27 43.82 -5.12 -1.55
CA MET A 27 42.54 -4.36 -1.81
C MET A 27 41.28 -5.22 -1.68
N ILE A 28 41.33 -6.41 -2.30
CA ILE A 28 40.19 -7.31 -2.38
C ILE A 28 39.66 -7.72 -1.02
N PRO A 29 40.51 -8.32 -0.16
CA PRO A 29 39.99 -8.68 1.17
C PRO A 29 39.56 -7.48 2.04
N THR A 30 40.31 -6.38 2.02
CA THR A 30 40.02 -5.22 2.88
C THR A 30 38.73 -4.54 2.40
N LEU A 31 38.55 -4.38 1.11
CA LEU A 31 37.21 -3.81 0.62
C LEU A 31 36.01 -4.70 0.81
N LEU A 32 36.21 -6.01 0.72
CA LEU A 32 35.14 -6.94 0.98
C LEU A 32 34.73 -6.88 2.43
N ALA A 33 35.72 -6.84 3.31
CA ALA A 33 35.40 -6.79 4.72
C ALA A 33 34.68 -5.48 5.08
N ALA A 34 35.19 -4.38 4.56
CA ALA A 34 34.57 -3.02 4.88
C ALA A 34 33.14 -3.00 4.34
N THR A 35 32.96 -3.57 3.15
CA THR A 35 31.64 -3.61 2.49
C THR A 35 30.63 -4.43 3.26
N ILE A 36 31.07 -5.63 3.64
CA ILE A 36 30.17 -6.55 4.31
C ILE A 36 29.81 -6.02 5.66
N CYS A 37 30.80 -5.55 6.41
CA CYS A 37 30.50 -4.98 7.72
C CYS A 37 29.58 -3.75 7.57
N PHE A 38 29.85 -2.88 6.61
CA PHE A 38 29.01 -1.66 6.35
C PHE A 38 27.55 -2.06 6.07
N VAL A 39 27.35 -3.02 5.17
CA VAL A 39 25.97 -3.40 4.79
C VAL A 39 25.18 -3.94 5.98
N ILE A 40 25.78 -4.85 6.72
CA ILE A 40 25.12 -5.40 7.89
C ILE A 40 24.87 -4.39 8.99
N ALA A 41 25.87 -3.54 9.27
CA ALA A 41 25.68 -2.47 10.24
C ALA A 41 24.55 -1.50 9.84
N PHE A 42 24.55 -1.10 8.61
CA PHE A 42 23.61 -0.06 8.13
C PHE A 42 22.21 -0.62 8.26
N ILE A 43 22.04 -1.91 7.98
CA ILE A 43 20.69 -2.55 8.19
C ILE A 43 20.29 -2.84 9.60
N ALA A 44 21.22 -3.34 10.41
CA ALA A 44 20.87 -3.97 11.67
C ALA A 44 21.65 -3.63 12.94
N ALA A 45 22.67 -2.77 12.87
CA ALA A 45 23.37 -2.39 14.10
C ALA A 45 22.47 -1.69 15.09
N PRO A 46 22.63 -2.01 16.39
CA PRO A 46 21.89 -1.22 17.39
C PRO A 46 22.50 0.21 17.61
N PRO A 47 21.84 1.03 18.43
CA PRO A 47 22.37 2.38 18.70
C PRO A 47 23.78 2.45 19.38
N VAL A 48 24.53 3.46 19.00
CA VAL A 48 25.98 3.62 19.32
C VAL A 48 26.20 4.88 20.14
N ASP A 49 26.96 4.73 21.23
CA ASP A 49 27.28 5.88 22.10
C ASP A 49 28.41 6.77 21.56
N ILE A 50 28.14 7.44 20.47
CA ILE A 50 29.14 8.26 19.76
C ILE A 50 29.85 9.26 20.65
N ASP A 51 29.12 10.04 21.46
CA ASP A 51 29.78 11.10 22.26
C ASP A 51 30.22 10.63 23.65
N GLY A 52 30.17 9.32 23.91
CA GLY A 52 30.67 8.76 25.15
C GLY A 52 29.98 9.18 26.43
N ILE A 53 28.71 9.63 26.31
CA ILE A 53 27.93 10.17 27.39
C ILE A 53 26.72 9.28 27.65
N ARG A 54 26.81 8.03 27.22
CA ARG A 54 25.73 7.06 27.44
C ARG A 54 24.40 7.57 26.84
N GLU A 55 24.48 8.08 25.61
CA GLU A 55 23.31 8.62 24.89
C GLU A 55 23.35 8.03 23.49
N PRO A 56 22.91 6.77 23.34
CA PRO A 56 23.26 6.09 22.08
C PRO A 56 22.38 6.54 20.91
N VAL A 57 23.00 6.75 19.76
CA VAL A 57 22.36 7.33 18.56
C VAL A 57 22.06 6.14 17.64
N SER A 58 20.84 6.10 17.18
CA SER A 58 20.40 5.01 16.28
C SER A 58 20.75 5.31 14.86
N GLY A 59 21.52 4.41 14.24
CA GLY A 59 21.94 4.55 12.86
C GLY A 59 21.30 3.63 11.84
N SER A 60 20.75 2.48 12.28
CA SER A 60 20.45 1.45 11.31
C SER A 60 18.98 1.48 10.89
N LEU A 61 18.71 0.89 9.74
CA LEU A 61 17.33 0.82 9.21
C LEU A 61 16.35 0.12 10.14
N LEU A 62 16.75 -1.00 10.69
CA LEU A 62 15.85 -1.75 11.58
C LEU A 62 15.55 -1.07 12.92
N TYR A 63 16.42 -0.16 13.31
CA TYR A 63 16.20 0.63 14.49
C TYR A 63 15.63 2.03 14.26
N GLY A 64 14.84 2.18 13.22
CA GLY A 64 14.00 3.39 13.06
C GLY A 64 14.56 4.40 12.06
N ASN A 65 15.50 4.01 11.16
CA ASN A 65 16.05 5.01 10.22
C ASN A 65 15.53 4.73 8.86
N ASN A 66 15.70 5.73 8.00
CA ASN A 66 15.49 5.50 6.60
C ASN A 66 16.81 5.70 5.90
N ILE A 67 16.81 5.69 4.58
CA ILE A 67 18.02 5.82 3.81
C ILE A 67 18.70 7.18 4.07
N ILE A 68 17.89 8.22 4.21
CA ILE A 68 18.42 9.58 4.42
C ILE A 68 18.93 9.81 5.86
N THR A 69 18.29 9.20 6.86
CA THR A 69 18.71 9.43 8.22
C THR A 69 19.81 8.39 8.68
N GLY A 70 19.85 7.24 8.05
CA GLY A 70 20.68 6.13 8.51
C GLY A 70 22.14 6.40 8.40
N ALA A 71 22.94 5.65 9.17
CA ALA A 71 24.35 5.79 9.19
C ALA A 71 25.02 4.62 9.95
N VAL A 72 26.28 4.40 9.66
CA VAL A 72 27.11 3.70 10.61
C VAL A 72 27.77 4.77 11.46
N VAL A 73 27.50 4.71 12.77
CA VAL A 73 27.84 5.75 13.73
C VAL A 73 29.27 5.65 14.24
N PRO A 74 30.00 6.79 14.30
CA PRO A 74 31.37 6.77 14.73
C PRO A 74 31.54 6.18 16.13
N SER A 75 32.74 5.73 16.40
CA SER A 75 33.07 5.10 17.74
C SER A 75 33.11 6.12 18.85
N SER A 76 32.87 5.61 20.06
CA SER A 76 32.66 6.42 21.28
C SER A 76 33.81 7.35 21.56
N ASN A 77 33.47 8.54 22.01
CA ASN A 77 34.46 9.50 22.48
C ASN A 77 35.29 8.95 23.68
N ALA A 78 34.74 8.01 24.46
CA ALA A 78 35.48 7.39 25.59
C ALA A 78 36.70 6.63 25.07
N ILE A 79 36.58 6.13 23.83
CA ILE A 79 37.67 5.40 23.14
C ILE A 79 38.72 6.36 22.65
N GLY A 80 38.27 7.48 22.11
CA GLY A 80 39.23 8.47 21.52
C GLY A 80 39.91 7.95 20.28
N LEU A 81 41.23 7.99 20.29
CA LEU A 81 42.05 7.39 19.22
C LEU A 81 42.51 5.98 19.53
N HIS A 82 42.03 5.40 20.60
CA HIS A 82 42.45 3.98 20.92
C HIS A 82 41.94 3.03 19.87
N PHE A 83 42.77 2.02 19.58
CA PHE A 83 42.45 0.99 18.63
C PHE A 83 41.41 0.06 19.29
N TYR A 84 40.25 -0.10 18.64
CA TYR A 84 39.16 -0.87 19.22
C TYR A 84 38.72 -2.01 18.26
N PRO A 85 39.61 -3.03 17.97
CA PRO A 85 39.18 -4.14 17.20
C PRO A 85 38.11 -4.97 17.96
N ILE A 86 37.53 -5.96 17.28
CA ILE A 86 36.52 -6.83 17.92
C ILE A 86 37.10 -7.57 19.18
N TRP A 87 38.36 -7.96 19.11
CA TRP A 87 38.95 -8.75 20.16
C TRP A 87 39.32 -7.90 21.36
N GLU A 88 39.18 -6.57 21.30
CA GLU A 88 39.33 -5.72 22.51
C GLU A 88 38.09 -5.66 23.34
N ALA A 89 36.96 -6.05 22.79
CA ALA A 89 35.69 -5.95 23.50
C ALA A 89 35.43 -7.23 24.28
N ALA A 90 34.70 -7.13 25.38
CA ALA A 90 34.36 -8.30 26.16
C ALA A 90 33.31 -9.14 25.44
N SER A 91 32.58 -8.53 24.49
CA SER A 91 31.50 -9.21 23.75
C SER A 91 31.06 -8.31 22.53
N LEU A 92 30.41 -8.96 21.59
CA LEU A 92 29.92 -8.32 20.43
C LEU A 92 28.94 -7.28 20.88
N ASP A 93 28.19 -7.52 21.95
CA ASP A 93 27.26 -6.54 22.46
C ASP A 93 27.93 -5.23 22.86
N GLU A 94 29.04 -5.34 23.53
CA GLU A 94 29.82 -4.16 23.91
C GLU A 94 30.39 -3.46 22.73
N TRP A 95 30.98 -4.26 21.82
CA TRP A 95 31.57 -3.77 20.62
C TRP A 95 30.57 -2.88 19.82
N LEU A 96 29.34 -3.37 19.68
CA LEU A 96 28.25 -2.65 18.98
C LEU A 96 27.89 -1.37 19.73
N TYR A 97 27.72 -1.44 21.05
CA TYR A 97 27.38 -0.26 21.85
C TYR A 97 28.39 0.91 21.65
N ASN A 98 29.66 0.57 21.51
CA ASN A 98 30.74 1.52 21.56
C ASN A 98 31.20 1.93 20.16
N GLY A 99 30.56 1.44 19.15
CA GLY A 99 30.81 1.86 17.77
C GLY A 99 31.97 1.16 17.10
N GLY A 100 32.19 -0.08 17.49
CA GLY A 100 33.23 -0.85 16.84
C GLY A 100 33.10 -0.98 15.32
N PRO A 101 31.87 -1.17 14.79
CA PRO A 101 31.86 -1.30 13.32
C PRO A 101 32.48 -0.14 12.52
N TYR A 102 32.36 1.09 13.02
CA TYR A 102 32.91 2.27 12.33
C TYR A 102 34.40 2.13 12.12
N GLN A 103 35.12 1.83 13.18
CA GLN A 103 36.58 1.62 13.06
C GLN A 103 37.00 0.47 12.12
N LEU A 104 36.31 -0.68 12.19
CA LEU A 104 36.61 -1.78 11.26
C LEU A 104 36.37 -1.36 9.84
N ILE A 105 35.21 -0.71 9.57
CA ILE A 105 34.92 -0.23 8.24
C ILE A 105 35.97 0.77 7.79
N ILE A 106 36.19 1.84 8.55
CA ILE A 106 36.98 2.93 7.93
C ILE A 106 38.46 2.44 7.75
N PHE A 107 38.99 1.67 8.68
CA PHE A 107 40.39 1.25 8.54
C PHE A 107 40.53 0.32 7.35
N HIS A 108 39.58 -0.59 7.16
CA HIS A 108 39.71 -1.50 6.00
C HIS A 108 39.47 -0.71 4.71
N PHE A 109 38.50 0.25 4.75
CA PHE A 109 38.26 1.04 3.55
C PHE A 109 39.46 1.88 3.17
N LEU A 110 40.02 2.68 4.10
CA LEU A 110 41.21 3.53 3.71
C LEU A 110 42.36 2.70 3.19
N LEU A 111 42.57 1.55 3.80
CA LEU A 111 43.65 0.60 3.30
C LEU A 111 43.31 0.11 1.90
N GLY A 112 42.07 -0.31 1.72
CA GLY A 112 41.66 -0.80 0.42
C GLY A 112 41.66 0.27 -0.64
N ALA A 113 41.21 1.50 -0.32
CA ALA A 113 41.18 2.58 -1.32
C ALA A 113 42.59 3.05 -1.71
N SER A 114 43.50 3.01 -0.74
CA SER A 114 44.92 3.28 -0.96
C SER A 114 45.50 2.27 -1.94
N CYS A 115 45.15 1.00 -1.74
CA CYS A 115 45.54 -0.04 -2.73
C CYS A 115 44.82 0.10 -4.06
N TYR A 116 43.58 0.57 -4.06
CA TYR A 116 42.93 0.91 -5.34
C TYR A 116 43.77 1.86 -6.14
N MET A 117 44.32 2.87 -5.48
CA MET A 117 45.15 3.91 -6.14
C MET A 117 46.45 3.27 -6.72
N GLY A 118 47.12 2.51 -5.88
CA GLY A 118 48.32 1.70 -6.35
C GLY A 118 48.02 0.77 -7.52
N ARG A 119 46.86 0.09 -7.45
CA ARG A 119 46.38 -0.80 -8.53
C ARG A 119 46.17 -0.06 -9.84
N GLN A 120 45.79 1.21 -9.76
CA GLN A 120 45.72 2.03 -10.95
C GLN A 120 47.12 2.27 -11.57
N TRP A 121 48.12 2.56 -10.75
CA TRP A 121 49.49 2.69 -11.26
C TRP A 121 49.83 1.32 -11.92
N GLU A 122 49.58 0.26 -11.18
CA GLU A 122 50.03 -1.12 -11.55
C GLU A 122 49.48 -1.57 -12.88
N LEU A 123 48.17 -1.43 -13.11
CA LEU A 123 47.66 -1.82 -14.36
C LEU A 123 48.19 -0.93 -15.49
N SER A 124 48.37 0.33 -15.22
CA SER A 124 48.89 1.23 -16.28
C SER A 124 50.29 0.73 -16.72
N TYR A 125 51.11 0.28 -15.79
CA TYR A 125 52.44 -0.24 -16.13
C TYR A 125 52.27 -1.51 -17.02
N ARG A 126 51.39 -2.42 -16.63
CA ARG A 126 51.23 -3.66 -17.37
C ARG A 126 50.68 -3.37 -18.77
N LEU A 127 49.86 -2.32 -18.96
CA LEU A 127 49.37 -2.03 -20.29
C LEU A 127 50.21 -1.09 -21.17
N GLY A 128 51.36 -0.68 -20.67
CA GLY A 128 52.19 0.28 -21.38
C GLY A 128 51.63 1.69 -21.54
N MET A 129 50.85 2.09 -20.52
CA MET A 129 50.26 3.45 -20.46
C MET A 129 51.18 4.40 -19.69
N ARG A 130 50.95 5.68 -19.88
CA ARG A 130 51.46 6.66 -18.91
C ARG A 130 50.79 6.49 -17.53
N PRO A 131 51.49 6.89 -16.42
CA PRO A 131 51.22 6.36 -15.08
C PRO A 131 50.31 7.19 -14.16
N TRP A 132 49.83 8.32 -14.60
CA TRP A 132 49.30 9.33 -13.65
C TRP A 132 47.75 9.38 -13.42
N ILE A 133 46.97 8.46 -13.94
CA ILE A 133 45.57 8.34 -13.51
C ILE A 133 45.51 8.23 -12.00
N CYS A 134 46.42 7.43 -11.38
CA CYS A 134 46.45 7.29 -9.92
C CYS A 134 46.68 8.61 -9.16
N VAL A 135 47.37 9.55 -9.80
CA VAL A 135 47.53 10.90 -9.25
C VAL A 135 46.22 11.72 -9.22
N ALA A 136 45.40 11.59 -10.25
CA ALA A 136 44.10 12.20 -10.25
C ALA A 136 43.25 11.61 -9.13
N TYR A 137 43.31 10.30 -8.93
CA TYR A 137 42.53 9.63 -7.86
C TYR A 137 43.01 10.00 -6.48
N SER A 138 44.24 10.47 -6.35
CA SER A 138 44.75 10.86 -5.04
C SER A 138 43.94 12.05 -4.44
N ALA A 139 43.23 12.79 -5.27
CA ALA A 139 42.46 13.89 -4.77
C ALA A 139 41.26 13.43 -3.95
N PRO A 140 40.32 12.63 -4.51
CA PRO A 140 39.22 12.14 -3.67
C PRO A 140 39.77 11.25 -2.52
N LEU A 141 40.77 10.49 -2.83
CA LEU A 141 41.34 9.65 -1.73
C LEU A 141 41.81 10.52 -0.57
N ALA A 142 42.57 11.57 -0.85
CA ALA A 142 43.07 12.45 0.21
C ALA A 142 41.94 13.01 1.05
N SER A 143 40.86 13.33 0.36
CA SER A 143 39.66 13.87 0.99
C SER A 143 39.08 12.84 1.94
N ALA A 144 39.10 11.55 1.53
CA ALA A 144 38.54 10.52 2.38
C ALA A 144 39.43 10.40 3.62
N PHE A 145 40.74 10.45 3.44
CA PHE A 145 41.68 10.34 4.59
C PHE A 145 41.37 11.51 5.53
N ALA A 146 41.09 12.67 4.96
CA ALA A 146 40.97 13.89 5.81
C ALA A 146 39.82 13.73 6.79
N VAL A 147 38.65 13.30 6.28
CA VAL A 147 37.44 13.27 7.12
C VAL A 147 37.35 12.00 7.97
N PHE A 148 38.02 10.91 7.58
CA PHE A 148 37.91 9.65 8.36
C PHE A 148 39.08 9.42 9.27
N LEU A 149 40.23 10.02 8.96
CA LEU A 149 41.45 9.76 9.75
C LEU A 149 42.16 11.03 10.28
N ILE A 150 42.50 11.95 9.40
CA ILE A 150 43.34 13.09 9.88
C ILE A 150 42.57 14.01 10.84
N TYR A 151 41.30 14.30 10.52
CA TYR A 151 40.50 15.14 11.44
C TYR A 151 40.36 14.47 12.81
N PRO A 152 39.98 13.18 12.86
CA PRO A 152 40.04 12.51 14.17
C PRO A 152 41.39 12.63 14.88
N ILE A 153 42.48 12.46 14.17
CA ILE A 153 43.80 12.50 14.86
C ILE A 153 43.96 13.89 15.51
N GLY A 154 43.76 14.92 14.74
CA GLY A 154 43.88 16.28 15.24
C GLY A 154 43.03 16.58 16.44
N GLN A 155 41.78 16.15 16.41
CA GLN A 155 40.79 16.50 17.45
C GLN A 155 40.86 15.47 18.61
N GLY A 156 41.60 14.40 18.41
CA GLY A 156 41.81 13.38 19.45
C GLY A 156 40.74 12.29 19.57
N SER A 157 39.90 12.13 18.55
CA SER A 157 38.83 11.09 18.66
C SER A 157 38.21 10.69 17.35
N PHE A 158 38.06 9.38 17.15
CA PHE A 158 37.25 8.91 16.04
C PHE A 158 35.76 9.28 16.13
N SER A 159 35.28 9.66 17.30
CA SER A 159 33.92 10.16 17.39
C SER A 159 33.69 11.46 16.58
N ASP A 160 34.78 12.16 16.22
CA ASP A 160 34.74 13.32 15.35
C ASP A 160 35.04 13.05 13.87
N GLY A 161 35.24 11.78 13.52
CA GLY A 161 35.24 11.37 12.14
C GLY A 161 33.89 11.56 11.46
N MET A 162 33.86 11.72 10.12
CA MET A 162 32.62 11.86 9.46
C MET A 162 31.83 10.55 9.61
N PRO A 163 30.55 10.65 9.96
CA PRO A 163 29.74 9.41 9.95
C PRO A 163 29.50 8.82 8.58
N LEU A 164 29.24 7.49 8.52
CA LEU A 164 29.04 6.79 7.26
C LEU A 164 27.55 6.82 6.96
N GLY A 165 27.01 8.02 6.66
CA GLY A 165 25.62 8.15 6.29
C GLY A 165 25.25 9.57 5.84
N ILE A 166 24.09 9.67 5.22
CA ILE A 166 23.69 10.95 4.52
C ILE A 166 23.50 12.10 5.52
N SER A 167 22.66 11.89 6.55
CA SER A 167 22.36 12.96 7.49
C SER A 167 23.58 13.12 8.42
N GLY A 168 24.32 12.04 8.66
CA GLY A 168 25.51 12.20 9.48
C GLY A 168 26.52 13.11 8.82
N THR A 169 26.64 13.01 7.50
CA THR A 169 27.54 13.84 6.74
C THR A 169 27.17 15.35 6.94
N PHE A 170 25.89 15.65 6.89
CA PHE A 170 25.40 17.04 7.08
C PHE A 170 25.70 17.49 8.51
N ASN A 171 25.53 16.58 9.50
CA ASN A 171 25.86 16.89 10.86
C ASN A 171 27.35 17.27 10.96
N PHE A 172 28.21 16.46 10.35
CA PHE A 172 29.68 16.73 10.38
C PHE A 172 29.99 18.13 9.74
N MET A 173 29.29 18.43 8.66
CA MET A 173 29.50 19.67 7.96
C MET A 173 29.10 20.87 8.81
N ILE A 174 27.96 20.78 9.45
CA ILE A 174 27.43 21.93 10.26
C ILE A 174 28.30 22.22 11.49
N VAL A 175 28.67 21.16 12.20
CA VAL A 175 29.60 21.32 13.34
C VAL A 175 30.93 21.85 12.87
N PHE A 176 31.43 21.34 11.76
CA PHE A 176 32.74 21.83 11.23
C PHE A 176 32.69 23.36 10.98
N GLN A 177 31.57 23.83 10.44
CA GLN A 177 31.40 25.29 10.18
C GLN A 177 31.40 26.07 11.48
N ALA A 178 30.70 25.55 12.48
CA ALA A 178 30.72 26.14 13.83
C ALA A 178 32.07 26.30 14.43
N GLU A 179 32.90 25.25 14.29
CA GLU A 179 34.15 25.15 15.02
C GLU A 179 35.34 25.71 14.22
N HIS A 180 35.23 25.80 12.90
CA HIS A 180 36.36 26.17 12.05
C HIS A 180 36.11 27.31 11.11
N ASN A 181 34.87 27.70 10.98
CA ASN A 181 34.50 28.71 9.94
C ASN A 181 35.03 28.34 8.56
N ILE A 182 34.79 27.07 8.17
CA ILE A 182 35.30 26.54 6.93
C ILE A 182 34.92 27.37 5.70
N LEU A 183 33.72 27.98 5.65
CA LEU A 183 33.38 28.69 4.52
C LEU A 183 34.33 29.87 4.30
N MET A 184 34.89 30.41 5.38
CA MET A 184 35.82 31.56 5.26
C MET A 184 37.31 31.12 5.10
N HIS A 185 37.51 29.83 4.86
CA HIS A 185 38.90 29.27 4.74
C HIS A 185 39.24 29.18 3.23
N PRO A 186 40.36 29.79 2.82
CA PRO A 186 40.60 29.84 1.35
C PRO A 186 40.77 28.51 0.65
N PHE A 187 41.23 27.48 1.36
CA PHE A 187 41.32 26.14 0.78
C PHE A 187 39.98 25.49 0.50
N HIS A 188 38.99 25.71 1.36
CA HIS A 188 37.63 25.28 1.01
C HIS A 188 37.15 26.09 -0.18
N GLN A 189 37.51 27.37 -0.21
CA GLN A 189 37.12 28.24 -1.36
C GLN A 189 37.75 27.76 -2.67
N LEU A 190 39.01 27.34 -2.61
CA LEU A 190 39.65 26.65 -3.72
C LEU A 190 38.90 25.37 -4.09
N GLY A 191 38.43 24.61 -3.09
CA GLY A 191 37.64 23.39 -3.33
C GLY A 191 36.38 23.71 -4.13
N VAL A 192 35.65 24.80 -3.74
CA VAL A 192 34.42 25.12 -4.40
C VAL A 192 34.74 25.51 -5.83
N ALA A 193 35.80 26.33 -6.03
CA ALA A 193 36.23 26.69 -7.39
C ALA A 193 36.62 25.40 -8.18
N GLY A 194 37.25 24.46 -7.50
CA GLY A 194 37.51 23.21 -8.15
C GLY A 194 36.35 22.38 -8.61
N VAL A 195 35.31 22.24 -7.76
CA VAL A 195 34.14 21.45 -8.17
C VAL A 195 33.12 22.18 -9.01
N PHE A 196 32.83 23.44 -8.68
CA PHE A 196 32.02 24.29 -9.59
C PHE A 196 32.71 24.44 -10.93
N GLY A 197 34.00 24.75 -10.93
CA GLY A 197 34.76 24.79 -12.17
C GLY A 197 34.89 23.41 -12.89
N GLY A 198 35.16 22.32 -12.16
CA GLY A 198 35.12 20.97 -12.81
C GLY A 198 33.76 20.69 -13.48
N ALA A 199 32.67 21.09 -12.83
CA ALA A 199 31.35 20.88 -13.42
C ALA A 199 31.19 21.71 -14.65
N LEU A 200 31.58 22.97 -14.54
CA LEU A 200 31.50 23.91 -15.63
C LEU A 200 32.33 23.39 -16.82
N PHE A 201 33.60 23.06 -16.60
CA PHE A 201 34.39 22.62 -17.74
C PHE A 201 33.93 21.27 -18.29
N CYS A 202 33.36 20.42 -17.43
CA CYS A 202 32.73 19.17 -17.82
C CYS A 202 31.62 19.44 -18.79
N ALA A 203 30.76 20.36 -18.45
CA ALA A 203 29.61 20.66 -19.36
C ALA A 203 30.13 21.34 -20.65
N MET A 204 31.09 22.23 -20.49
CA MET A 204 31.70 22.98 -21.63
C MET A 204 32.32 21.99 -22.65
N HIS A 205 33.16 21.13 -22.17
CA HIS A 205 33.85 20.15 -23.04
C HIS A 205 32.90 19.19 -23.72
N GLY A 206 32.01 18.60 -22.92
CA GLY A 206 30.93 17.77 -23.45
C GLY A 206 30.18 18.50 -24.53
N SER A 207 29.90 19.75 -24.29
CA SER A 207 29.00 20.49 -25.24
C SER A 207 29.81 20.86 -26.47
N LEU A 208 31.09 21.12 -26.31
CA LEU A 208 31.84 21.64 -27.49
C LEU A 208 32.14 20.48 -28.44
N VAL A 209 32.56 19.36 -27.88
CA VAL A 209 32.80 18.16 -28.68
C VAL A 209 31.53 17.66 -29.32
N THR A 210 30.44 17.65 -28.56
CA THR A 210 29.15 17.26 -29.10
C THR A 210 28.68 18.23 -30.23
N SER A 211 29.05 19.52 -30.12
N SER A 211 29.03 19.51 -30.11
CA SER A 211 28.64 20.52 -31.10
CA SER A 211 28.58 20.50 -31.08
C SER A 211 29.22 20.25 -32.46
C SER A 211 29.24 20.30 -32.43
N SER A 212 30.35 19.55 -32.48
CA SER A 212 31.21 19.49 -33.65
C SER A 212 31.40 18.07 -34.16
N LEU A 213 30.43 17.21 -33.84
CA LEU A 213 30.48 15.83 -34.28
C LEU A 213 30.34 15.83 -35.79
N ILE A 214 31.17 14.99 -36.43
CA ILE A 214 31.10 14.83 -37.90
C ILE A 214 29.84 14.02 -38.29
N ARG A 215 29.03 14.58 -39.20
CA ARG A 215 27.83 13.91 -39.75
C ARG A 215 28.19 12.55 -40.38
N GLU A 216 27.66 11.49 -39.76
CA GLU A 216 27.94 10.08 -40.11
C GLU A 216 26.71 9.18 -39.99
N THR A 217 25.52 9.79 -39.81
CA THR A 217 24.31 9.05 -39.44
C THR A 217 23.15 9.83 -40.06
N THR A 218 22.02 9.15 -40.21
CA THR A 218 20.77 9.74 -40.74
C THR A 218 19.95 10.27 -39.59
N GLU A 219 18.88 11.01 -39.90
CA GLU A 219 18.00 11.65 -38.87
C GLU A 219 17.22 10.64 -37.96
N THR A 220 17.03 9.41 -38.44
CA THR A 220 16.33 8.34 -37.69
C THR A 220 17.27 7.42 -36.86
N GLU A 221 18.50 7.88 -36.56
N GLU A 221 18.49 7.88 -36.56
CA GLU A 221 19.47 7.14 -35.78
CA GLU A 221 19.43 7.12 -35.76
C GLU A 221 20.18 8.07 -34.79
C GLU A 221 20.20 8.06 -34.80
N SER A 222 20.53 7.52 -33.63
CA SER A 222 21.35 8.26 -32.68
C SER A 222 22.70 8.54 -33.40
N ALA A 223 23.18 9.79 -33.27
CA ALA A 223 24.50 10.19 -33.77
C ALA A 223 25.61 9.33 -33.17
N ASN A 224 25.36 8.70 -32.03
CA ASN A 224 26.41 7.87 -31.38
C ASN A 224 26.86 6.67 -32.24
N TYR A 225 25.98 6.20 -33.12
CA TYR A 225 26.32 5.15 -34.12
C TYR A 225 27.37 5.67 -35.15
N GLY A 226 27.52 7.00 -35.26
CA GLY A 226 28.58 7.60 -36.07
C GLY A 226 30.02 7.38 -35.60
N TYR A 227 30.22 6.87 -34.38
CA TYR A 227 31.58 6.54 -33.83
C TYR A 227 31.62 5.04 -33.62
N LYS A 228 32.71 4.39 -34.03
CA LYS A 228 32.85 2.93 -33.83
C LYS A 228 34.09 2.76 -32.95
N PHE A 229 33.93 2.02 -31.86
CA PHE A 229 34.98 1.75 -30.93
C PHE A 229 36.27 1.28 -31.63
N GLY A 230 37.35 2.01 -31.34
CA GLY A 230 38.67 1.70 -31.91
C GLY A 230 38.98 2.37 -33.24
N GLN A 231 38.04 3.09 -33.86
CA GLN A 231 38.30 3.72 -35.14
C GLN A 231 39.53 4.62 -34.96
N GLU A 232 40.30 4.79 -36.01
CA GLU A 232 41.54 5.58 -35.96
C GLU A 232 41.30 7.09 -36.04
N GLU A 233 40.30 7.50 -36.83
CA GLU A 233 40.00 8.91 -37.09
C GLU A 233 39.22 9.55 -35.91
N GLU A 234 39.56 10.80 -35.54
CA GLU A 234 38.76 11.59 -34.58
C GLU A 234 37.31 11.76 -35.11
N THR A 235 36.36 11.89 -34.18
CA THR A 235 34.92 11.77 -34.51
C THR A 235 34.26 13.14 -34.52
N TYR A 236 35.03 14.14 -34.08
CA TYR A 236 34.62 15.54 -34.10
C TYR A 236 35.74 16.40 -34.74
N ASN A 237 35.36 17.62 -35.14
CA ASN A 237 36.27 18.58 -35.74
C ASN A 237 36.68 19.61 -34.68
N ILE A 238 37.85 19.41 -34.08
CA ILE A 238 38.34 20.29 -33.03
C ILE A 238 38.59 21.74 -33.52
N VAL A 239 38.90 21.88 -34.81
CA VAL A 239 39.10 23.20 -35.41
C VAL A 239 37.77 23.94 -35.47
N ALA A 240 36.69 23.26 -35.83
CA ALA A 240 35.34 23.88 -35.74
C ALA A 240 34.98 24.25 -34.27
N ALA A 241 35.24 23.31 -33.34
CA ALA A 241 35.02 23.57 -31.90
C ALA A 241 35.79 24.85 -31.42
N HIS A 242 37.09 24.90 -31.71
CA HIS A 242 37.95 26.04 -31.37
C HIS A 242 37.48 27.34 -32.06
N GLY A 243 37.07 27.24 -33.32
CA GLY A 243 36.47 28.36 -34.06
C GLY A 243 35.25 28.93 -33.36
N TYR A 244 34.42 28.03 -32.82
CA TYR A 244 33.25 28.43 -32.04
C TYR A 244 33.70 29.11 -30.73
N PHE A 245 34.49 28.41 -29.92
CA PHE A 245 34.71 28.89 -28.54
C PHE A 245 35.60 30.15 -28.51
N GLY A 246 36.59 30.18 -29.39
CA GLY A 246 37.43 31.35 -29.61
C GLY A 246 36.62 32.57 -29.98
N ARG A 247 35.50 32.39 -30.67
CA ARG A 247 34.67 33.55 -30.96
C ARG A 247 33.79 33.93 -29.79
N LEU A 248 33.43 32.90 -29.00
CA LEU A 248 32.53 33.08 -27.83
C LEU A 248 33.19 34.01 -26.87
N ILE A 249 34.43 33.72 -26.58
CA ILE A 249 35.24 34.59 -25.68
C ILE A 249 36.16 35.46 -26.54
N PHE A 250 37.41 35.05 -26.72
CA PHE A 250 38.30 35.57 -27.79
C PHE A 250 39.29 34.43 -28.05
N GLN A 251 39.97 34.51 -29.19
CA GLN A 251 40.68 33.38 -29.81
C GLN A 251 41.61 32.69 -28.83
N TYR A 252 42.37 33.49 -28.07
CA TYR A 252 43.48 32.99 -27.23
C TYR A 252 42.98 32.49 -25.86
N ALA A 253 41.69 32.72 -25.59
CA ALA A 253 41.03 32.09 -24.45
C ALA A 253 40.57 30.63 -24.76
N SER A 254 40.68 30.19 -26.01
CA SER A 254 40.26 28.85 -26.42
C SER A 254 41.47 27.95 -26.71
N PHE A 255 41.32 26.68 -26.42
CA PHE A 255 42.34 25.65 -26.73
C PHE A 255 42.12 25.07 -28.13
N ASN A 256 43.18 25.06 -28.95
CA ASN A 256 43.17 24.24 -30.18
C ASN A 256 43.99 22.94 -30.07
N ASN A 257 44.71 22.81 -28.94
CA ASN A 257 45.53 21.61 -28.69
C ASN A 257 44.81 20.71 -27.66
N SER A 258 44.38 19.57 -28.14
CA SER A 258 43.64 18.57 -27.33
C SER A 258 44.43 18.07 -26.13
N ARG A 259 45.76 17.97 -26.26
CA ARG A 259 46.55 17.53 -25.12
C ARG A 259 46.52 18.60 -24.01
N SER A 260 46.72 19.86 -24.38
CA SER A 260 46.70 20.94 -23.44
C SER A 260 45.32 21.07 -22.75
N LEU A 261 44.27 20.99 -23.55
CA LEU A 261 42.91 21.01 -23.09
C LEU A 261 42.66 19.90 -22.06
N HIS A 262 43.08 18.66 -22.39
CA HIS A 262 42.78 17.56 -21.55
C HIS A 262 43.56 17.62 -20.26
N PHE A 263 44.76 18.21 -20.33
CA PHE A 263 45.58 18.34 -19.12
C PHE A 263 44.86 19.36 -18.18
N PHE A 264 44.33 20.43 -18.75
CA PHE A 264 43.64 21.43 -18.00
C PHE A 264 42.40 20.79 -17.30
N LEU A 265 41.63 19.99 -18.03
CA LEU A 265 40.45 19.27 -17.52
C LEU A 265 40.85 18.39 -16.33
N ALA A 266 42.02 17.77 -16.41
CA ALA A 266 42.53 16.99 -15.28
C ALA A 266 42.92 17.86 -14.12
N ALA A 267 43.73 18.88 -14.44
CA ALA A 267 44.37 19.66 -13.38
C ALA A 267 43.40 20.48 -12.52
N TRP A 268 42.45 21.14 -13.16
CA TRP A 268 41.68 22.12 -12.47
C TRP A 268 40.91 21.49 -11.28
N PRO A 269 40.13 20.41 -11.49
CA PRO A 269 39.47 19.78 -10.31
C PRO A 269 40.43 19.06 -9.34
N VAL A 270 41.43 18.42 -9.87
CA VAL A 270 42.36 17.64 -9.02
C VAL A 270 43.02 18.60 -8.04
N VAL A 271 43.59 19.67 -8.52
CA VAL A 271 44.24 20.66 -7.68
C VAL A 271 43.28 21.30 -6.68
N GLY A 272 42.10 21.72 -7.14
CA GLY A 272 41.16 22.35 -6.21
C GLY A 272 40.78 21.36 -5.10
N VAL A 273 40.55 20.11 -5.49
CA VAL A 273 40.20 19.08 -4.49
C VAL A 273 41.39 18.74 -3.58
N TRP A 274 42.61 18.82 -4.09
CA TRP A 274 43.80 18.63 -3.19
C TRP A 274 43.75 19.76 -2.13
N PHE A 275 43.44 20.97 -2.56
CA PHE A 275 43.34 22.08 -1.57
C PHE A 275 42.24 21.85 -0.55
N THR A 276 41.07 21.39 -0.98
CA THR A 276 39.97 21.21 -0.03
C THR A 276 40.26 20.06 0.94
N ALA A 277 40.93 19.00 0.44
CA ALA A 277 41.40 17.97 1.34
C ALA A 277 42.37 18.52 2.42
N LEU A 278 43.22 19.43 1.98
CA LEU A 278 44.16 20.06 2.86
C LEU A 278 43.47 21.08 3.78
N GLY A 279 42.37 21.71 3.33
CA GLY A 279 41.54 22.54 4.22
C GLY A 279 41.12 21.66 5.42
N ILE A 280 40.51 20.48 5.15
CA ILE A 280 40.03 19.67 6.26
C ILE A 280 41.25 19.20 7.10
N SER A 281 42.33 18.80 6.43
CA SER A 281 43.51 18.23 7.17
C SER A 281 44.30 19.28 7.98
N THR A 282 44.16 20.56 7.65
CA THR A 282 44.80 21.66 8.44
C THR A 282 43.88 22.29 9.48
N MET A 283 42.60 22.35 9.17
CA MET A 283 41.59 22.68 10.22
C MET A 283 41.55 21.57 11.28
N ALA A 284 42.04 20.38 10.92
CA ALA A 284 42.20 19.31 11.89
C ALA A 284 43.07 19.72 13.02
N PHE A 285 44.06 20.58 12.73
CA PHE A 285 44.94 21.13 13.78
C PHE A 285 44.57 22.60 14.13
N ASN A 286 43.31 22.94 13.86
CA ASN A 286 42.65 24.15 14.32
C ASN A 286 43.24 25.46 13.79
N LEU A 287 43.82 25.40 12.61
CA LEU A 287 44.10 26.64 11.89
C LEU A 287 42.89 26.90 11.01
N ASN A 288 42.08 27.89 11.38
CA ASN A 288 40.74 28.03 10.86
C ASN A 288 40.54 29.14 9.87
N GLY A 289 39.32 29.23 9.35
CA GLY A 289 39.02 30.23 8.36
C GLY A 289 39.19 31.64 8.91
N PHE A 290 39.15 32.61 8.01
CA PHE A 290 39.36 33.96 8.40
C PHE A 290 38.30 34.40 9.43
N ASN A 291 38.71 35.19 10.41
CA ASN A 291 37.80 35.72 11.44
C ASN A 291 37.80 37.24 11.38
N PHE A 292 36.78 37.81 10.80
CA PHE A 292 36.60 39.25 10.74
C PHE A 292 35.50 39.69 11.63
N ASN A 293 35.34 38.97 12.75
CA ASN A 293 34.33 39.31 13.71
C ASN A 293 34.68 40.62 14.45
N HIS A 294 33.80 41.58 14.32
CA HIS A 294 34.00 42.92 14.84
C HIS A 294 35.25 43.64 14.22
N SER A 295 35.56 43.37 12.97
CA SER A 295 36.70 44.03 12.30
C SER A 295 36.42 45.53 11.97
N VAL A 296 35.15 45.87 11.76
CA VAL A 296 34.78 47.25 11.37
C VAL A 296 34.13 47.94 12.55
N ILE A 297 34.75 49.06 12.92
CA ILE A 297 34.48 49.85 14.13
C ILE A 297 34.30 51.32 13.71
N ASP A 298 33.35 52.04 14.32
CA ASP A 298 33.09 53.47 13.94
C ASP A 298 33.99 54.40 14.80
N ALA A 299 33.82 55.70 14.63
CA ALA A 299 34.70 56.72 15.27
C ALA A 299 34.63 56.65 16.80
N LYS A 300 33.44 56.38 17.35
CA LYS A 300 33.36 56.20 18.81
C LYS A 300 33.95 54.84 19.28
N GLY A 301 33.90 53.81 18.43
CA GLY A 301 34.21 52.42 18.86
C GLY A 301 32.99 51.51 18.80
N ASN A 302 31.82 52.00 18.33
CA ASN A 302 30.72 51.09 18.05
C ASN A 302 31.13 50.11 16.96
N VAL A 303 30.71 48.87 17.15
CA VAL A 303 30.93 47.84 16.14
C VAL A 303 29.91 48.04 15.05
N ILE A 304 30.41 48.08 13.82
CA ILE A 304 29.61 48.10 12.62
C ILE A 304 29.65 46.72 11.98
N ASN A 305 28.54 46.00 12.08
CA ASN A 305 28.53 44.61 11.58
C ASN A 305 28.79 44.54 10.07
N THR A 306 29.44 43.49 9.63
CA THR A 306 29.50 43.13 8.24
C THR A 306 28.83 41.75 8.08
N TRP A 307 28.71 41.31 6.85
CA TRP A 307 28.21 40.01 6.53
C TRP A 307 29.04 38.96 7.28
N ALA A 308 30.29 39.26 7.67
CA ALA A 308 31.08 38.25 8.47
C ALA A 308 30.47 38.13 9.83
N ASP A 309 29.91 39.24 10.37
CA ASP A 309 29.29 39.15 11.72
C ASP A 309 28.00 38.34 11.72
N ILE A 310 27.25 38.38 10.62
CA ILE A 310 26.04 37.66 10.49
C ILE A 310 26.35 36.13 10.35
N ILE A 311 27.35 35.80 9.57
CA ILE A 311 27.86 34.39 9.55
C ILE A 311 28.10 34.02 11.01
N ASN A 312 28.75 34.91 11.78
CA ASN A 312 29.15 34.56 13.17
C ASN A 312 27.94 34.18 14.04
N ARG A 313 26.82 34.89 13.83
CA ARG A 313 25.65 34.62 14.59
C ARG A 313 25.14 33.21 14.26
N ALA A 314 25.19 32.85 12.98
CA ALA A 314 24.75 31.52 12.56
C ALA A 314 25.61 30.45 13.17
N ASN A 315 26.92 30.66 13.09
CA ASN A 315 27.92 29.74 13.69
C ASN A 315 27.69 29.55 15.19
N LEU A 316 27.32 30.62 15.89
CA LEU A 316 27.04 30.56 17.31
C LEU A 316 25.87 29.61 17.60
N GLY A 317 24.77 29.74 16.86
CA GLY A 317 23.64 28.86 16.98
C GLY A 317 24.00 27.36 16.82
N MET A 318 24.86 27.05 15.87
CA MET A 318 25.37 25.71 15.69
C MET A 318 26.20 25.31 16.88
N GLU A 319 27.09 26.21 17.29
CA GLU A 319 27.97 25.92 18.40
C GLU A 319 27.21 25.58 19.69
N VAL A 320 26.29 26.46 20.10
CA VAL A 320 25.69 26.27 21.43
C VAL A 320 24.77 25.05 21.50
N MET A 321 24.22 24.63 20.35
CA MET A 321 23.28 23.52 20.28
C MET A 321 23.98 22.13 20.07
N HIS A 322 25.11 22.06 19.40
CA HIS A 322 25.68 20.78 19.07
C HIS A 322 26.07 19.98 20.33
N GLU A 323 25.81 18.67 20.27
CA GLU A 323 26.22 17.77 21.38
C GLU A 323 25.82 18.34 22.72
N ARG A 324 24.52 18.66 22.80
CA ARG A 324 23.95 19.46 23.85
C ARG A 324 24.08 18.99 25.33
N ASN A 325 24.48 17.74 25.58
CA ASN A 325 24.73 17.23 26.91
C ASN A 325 26.18 16.85 27.16
N ALA A 326 27.05 17.12 26.20
CA ALA A 326 28.41 16.67 26.28
C ALA A 326 29.36 17.70 26.85
N HIS A 327 29.02 19.00 26.91
CA HIS A 327 30.02 19.97 27.43
C HIS A 327 29.68 20.38 28.89
N ASN A 328 30.69 20.35 29.79
CA ASN A 328 30.54 20.79 31.19
C ASN A 328 31.25 22.10 31.53
N PHE A 329 32.25 22.41 30.71
CA PHE A 329 33.09 23.59 30.86
C PHE A 329 32.93 24.54 29.66
N PRO A 330 33.34 25.83 29.82
CA PRO A 330 32.73 26.85 28.93
C PRO A 330 33.27 26.95 27.49
N LEU A 331 34.44 26.40 27.24
CA LEU A 331 35.08 26.39 25.92
C LEU A 331 35.13 24.98 25.34
N ASP A 332 34.88 24.91 24.04
CA ASP A 332 34.91 23.68 23.32
C ASP A 332 36.30 23.62 22.70
N LEU A 333 37.23 23.01 23.38
CA LEU A 333 38.59 23.07 22.94
C LEU A 333 39.00 21.94 22.00
N ALA A 334 38.07 21.01 21.77
CA ALA A 334 38.25 19.95 20.75
C ALA A 334 36.96 19.28 20.54
N GLY B 1 17.61 1.80 -35.03
CA GLY B 1 16.20 2.30 -35.14
C GLY B 1 16.14 3.59 -34.36
N LEU B 2 14.96 4.15 -34.24
CA LEU B 2 14.80 5.36 -33.40
C LEU B 2 15.14 5.05 -31.93
N PRO B 3 15.92 5.93 -31.29
CA PRO B 3 16.09 5.78 -29.83
C PRO B 3 14.82 6.15 -29.08
N TRP B 4 14.73 5.72 -27.83
CA TRP B 4 13.44 5.84 -27.08
C TRP B 4 12.92 7.26 -26.99
N TYR B 5 13.85 8.21 -26.88
CA TYR B 5 13.51 9.62 -26.69
C TYR B 5 13.08 10.33 -28.00
N ARG B 6 13.07 9.61 -29.13
CA ARG B 6 12.57 10.13 -30.43
C ARG B 6 11.38 9.43 -31.04
N VAL B 7 10.75 8.50 -30.31
CA VAL B 7 9.66 7.72 -30.91
C VAL B 7 8.58 8.57 -31.52
N HIS B 8 8.26 9.70 -30.92
CA HIS B 8 7.09 10.45 -31.43
C HIS B 8 7.38 11.27 -32.66
N THR B 9 8.68 11.35 -33.03
CA THR B 9 9.09 12.03 -34.25
C THR B 9 8.47 11.40 -35.51
N VAL B 10 7.93 10.19 -35.41
CA VAL B 10 7.26 9.63 -36.54
C VAL B 10 6.06 10.47 -36.95
N LEU B 11 5.62 11.38 -36.12
CA LEU B 11 4.42 12.17 -36.46
C LEU B 11 4.70 13.48 -37.28
N ILE B 12 5.96 13.87 -37.41
CA ILE B 12 6.37 15.16 -38.01
C ILE B 12 5.85 15.35 -39.46
N ASN B 13 5.90 14.28 -40.22
CA ASN B 13 5.43 14.21 -41.58
C ASN B 13 4.07 13.60 -41.77
N ASP B 14 3.21 13.55 -40.74
CA ASP B 14 2.00 12.73 -40.82
C ASP B 14 0.92 13.53 -40.16
N PRO B 15 0.35 14.52 -40.90
CA PRO B 15 -0.62 15.38 -40.20
C PRO B 15 -1.78 14.66 -39.54
N GLY B 16 -2.34 13.67 -40.21
CA GLY B 16 -3.49 12.96 -39.68
C GLY B 16 -3.17 12.20 -38.40
N ARG B 17 -1.99 11.62 -38.31
CA ARG B 17 -1.64 10.90 -37.08
C ARG B 17 -1.23 11.87 -35.96
N LEU B 18 -0.75 13.06 -36.34
CA LEU B 18 -0.46 14.13 -35.40
C LEU B 18 -1.74 14.57 -34.77
N ILE B 19 -2.75 14.82 -35.61
CA ILE B 19 -4.05 15.20 -35.11
C ILE B 19 -4.60 14.13 -34.18
N ALA B 20 -4.48 12.85 -34.57
CA ALA B 20 -4.92 11.76 -33.72
C ALA B 20 -4.21 11.78 -32.33
N ALA B 21 -2.92 11.99 -32.34
CA ALA B 21 -2.12 12.04 -31.08
C ALA B 21 -2.58 13.21 -30.26
N HIS B 22 -2.85 14.34 -30.94
CA HIS B 22 -3.44 15.47 -30.26
C HIS B 22 -4.80 15.18 -29.67
N LEU B 23 -5.58 14.42 -30.39
CA LEU B 23 -6.92 14.06 -29.93
C LEU B 23 -6.77 13.13 -28.69
N MET B 24 -5.85 12.21 -28.75
CA MET B 24 -5.59 11.32 -27.62
C MET B 24 -5.16 12.13 -26.38
N HIS B 25 -4.26 13.08 -26.56
CA HIS B 25 -3.82 13.90 -25.45
C HIS B 25 -5.00 14.72 -24.85
N THR B 26 -5.83 15.25 -25.74
CA THR B 26 -6.99 16.05 -25.33
C THR B 26 -7.95 15.16 -24.58
N ALA B 27 -8.16 13.93 -25.05
CA ALA B 27 -9.05 13.00 -24.35
C ALA B 27 -8.54 12.65 -22.93
N LEU B 28 -7.23 12.47 -22.80
CA LEU B 28 -6.60 12.23 -21.53
C LEU B 28 -6.77 13.40 -20.57
N VAL B 29 -6.55 14.62 -21.06
CA VAL B 29 -6.60 15.79 -20.20
C VAL B 29 -8.04 15.99 -19.76
N ALA B 30 -8.98 15.80 -20.67
CA ALA B 30 -10.42 16.00 -20.33
C ALA B 30 -10.92 14.88 -19.42
N GLY B 31 -10.45 13.66 -19.64
CA GLY B 31 -10.74 12.57 -18.70
C GLY B 31 -10.15 12.76 -17.30
N TRP B 32 -8.96 13.33 -17.20
CA TRP B 32 -8.41 13.75 -15.91
C TRP B 32 -9.35 14.74 -15.17
N ALA B 33 -9.85 15.74 -15.91
CA ALA B 33 -10.68 16.76 -15.30
C ALA B 33 -11.91 16.14 -14.72
N GLY B 34 -12.56 15.23 -15.45
CA GLY B 34 -13.78 14.53 -15.02
C GLY B 34 -13.52 13.68 -13.76
N SER B 35 -12.51 12.82 -13.90
CA SER B 35 -12.00 11.89 -12.81
C SER B 35 -11.66 12.69 -11.59
N MET B 36 -10.99 13.81 -11.80
CA MET B 36 -10.57 14.62 -10.66
C MET B 36 -11.79 15.22 -9.92
N ALA B 37 -12.73 15.72 -10.69
CA ALA B 37 -13.91 16.34 -10.08
C ALA B 37 -14.73 15.28 -9.33
N LEU B 38 -14.82 14.07 -9.87
CA LEU B 38 -15.56 13.02 -9.21
C LEU B 38 -14.91 12.60 -7.89
N TYR B 39 -13.58 12.50 -7.87
CA TYR B 39 -12.86 12.17 -6.67
C TYR B 39 -13.11 13.25 -5.66
N GLU B 40 -13.01 14.50 -6.05
CA GLU B 40 -13.25 15.62 -5.12
C GLU B 40 -14.66 15.60 -4.56
N LEU B 41 -15.65 15.35 -5.40
CA LEU B 41 -17.02 15.27 -4.95
C LEU B 41 -17.24 14.09 -3.95
N ALA B 42 -16.55 12.98 -4.17
CA ALA B 42 -16.64 11.81 -3.28
C ALA B 42 -15.97 12.04 -1.94
N THR B 43 -15.06 13.00 -1.83
CA THR B 43 -14.39 13.30 -0.58
C THR B 43 -14.78 14.69 0.06
N PHE B 44 -15.41 15.60 -0.66
CA PHE B 44 -15.63 16.97 -0.14
C PHE B 44 -16.76 17.00 0.89
N ASP B 45 -16.49 17.60 2.04
CA ASP B 45 -17.54 17.93 3.01
C ASP B 45 -18.10 19.35 2.77
N PRO B 46 -19.38 19.45 2.36
CA PRO B 46 -20.01 20.75 2.08
C PRO B 46 -20.70 21.39 3.26
N SER B 47 -20.57 20.82 4.46
CA SER B 47 -21.38 21.27 5.58
C SER B 47 -20.93 22.57 6.27
N ASP B 48 -19.76 23.12 5.95
CA ASP B 48 -19.27 24.28 6.68
C ASP B 48 -18.32 25.15 5.86
N PRO B 49 -18.89 26.06 5.07
CA PRO B 49 -18.01 26.99 4.32
C PRO B 49 -17.25 27.98 5.19
N VAL B 50 -17.55 28.03 6.47
CA VAL B 50 -16.92 29.02 7.34
C VAL B 50 -15.58 28.46 7.82
N LEU B 51 -15.61 27.35 8.54
CA LEU B 51 -14.35 26.76 9.08
C LEU B 51 -13.86 25.51 8.36
N ASN B 52 -14.64 25.01 7.41
CA ASN B 52 -14.15 23.85 6.62
C ASN B 52 -14.37 24.05 5.13
N PRO B 53 -13.92 25.21 4.61
CA PRO B 53 -14.13 25.43 3.16
C PRO B 53 -13.23 24.50 2.31
N MET B 54 -13.48 24.52 1.02
CA MET B 54 -12.81 23.69 0.02
C MET B 54 -11.28 23.72 0.12
N TRP B 55 -10.73 24.88 0.41
CA TRP B 55 -9.32 25.08 0.38
C TRP B 55 -8.63 24.46 1.63
N ARG B 56 -9.39 24.15 2.66
CA ARG B 56 -8.92 23.36 3.80
C ARG B 56 -8.89 21.85 3.50
N GLN B 57 -9.61 21.45 2.47
CA GLN B 57 -9.87 20.04 2.19
C GLN B 57 -9.05 19.48 1.00
N GLY B 58 -8.04 20.18 0.55
CA GLY B 58 -7.18 19.69 -0.55
C GLY B 58 -7.86 19.72 -1.94
N MET B 59 -8.86 20.57 -2.09
CA MET B 59 -9.67 20.62 -3.35
C MET B 59 -8.95 21.53 -4.34
N PHE B 60 -8.69 21.00 -5.52
CA PHE B 60 -7.96 21.64 -6.53
C PHE B 60 -8.84 22.07 -7.74
N VAL B 61 -9.72 21.22 -8.21
CA VAL B 61 -10.57 21.56 -9.37
C VAL B 61 -11.90 22.22 -8.94
N LEU B 62 -12.43 21.83 -7.78
CA LEU B 62 -13.62 22.47 -7.28
C LEU B 62 -13.59 24.02 -7.35
N PRO B 63 -12.52 24.69 -6.85
CA PRO B 63 -12.44 26.16 -6.98
C PRO B 63 -12.49 26.73 -8.43
N PHE B 64 -12.03 25.98 -9.41
CA PHE B 64 -12.13 26.40 -10.80
C PHE B 64 -13.53 26.35 -11.36
N MET B 65 -14.31 25.39 -10.89
CA MET B 65 -15.67 25.25 -11.27
C MET B 65 -16.44 26.43 -10.65
N ALA B 66 -16.18 26.68 -9.39
CA ALA B 66 -16.82 27.77 -8.66
C ALA B 66 -16.47 29.14 -9.22
N ARG B 67 -15.21 29.34 -9.60
CA ARG B 67 -14.75 30.64 -10.09
C ARG B 67 -15.63 31.18 -11.29
N LEU B 68 -16.06 30.29 -12.16
CA LEU B 68 -16.84 30.61 -13.35
C LEU B 68 -18.33 30.33 -13.23
N GLY B 69 -18.82 30.00 -12.06
CA GLY B 69 -20.28 29.94 -11.82
C GLY B 69 -20.90 28.61 -11.45
N VAL B 70 -20.13 27.54 -11.44
CA VAL B 70 -20.65 26.22 -11.01
C VAL B 70 -20.42 26.14 -9.51
N THR B 71 -21.48 26.32 -8.74
CA THR B 71 -21.46 26.37 -7.28
C THR B 71 -22.40 25.38 -6.57
N GLY B 72 -23.23 24.68 -7.30
CA GLY B 72 -24.21 23.75 -6.71
C GLY B 72 -23.99 22.27 -7.08
N SER B 73 -24.53 21.41 -6.25
CA SER B 73 -24.59 19.97 -6.48
C SER B 73 -26.02 19.51 -6.79
N TRP B 74 -26.13 18.47 -7.62
CA TRP B 74 -27.41 17.81 -7.76
C TRP B 74 -28.00 17.29 -6.46
N SER B 75 -27.19 17.05 -5.41
CA SER B 75 -27.69 16.56 -4.16
C SER B 75 -28.28 17.66 -3.28
N GLY B 76 -28.26 18.92 -3.75
CA GLY B 76 -29.03 20.03 -3.12
C GLY B 76 -28.28 21.17 -2.44
N TRP B 77 -26.97 21.05 -2.27
CA TRP B 77 -26.14 22.02 -1.54
C TRP B 77 -25.42 22.94 -2.47
N SER B 78 -25.03 24.13 -1.96
CA SER B 78 -24.17 25.03 -2.71
C SER B 78 -22.92 25.34 -1.92
N ILE B 79 -21.86 25.80 -2.59
CA ILE B 79 -20.63 26.08 -1.86
C ILE B 79 -20.70 27.27 -0.93
N THR B 80 -21.74 28.11 -1.07
CA THR B 80 -21.92 29.18 -0.13
C THR B 80 -22.78 28.78 1.07
N GLY B 81 -23.13 27.50 1.19
CA GLY B 81 -23.85 26.99 2.36
C GLY B 81 -25.36 26.98 2.21
N GLU B 82 -25.87 27.21 1.00
CA GLU B 82 -27.29 27.05 0.74
C GLU B 82 -27.71 25.55 0.72
N THR B 83 -29.02 25.38 0.99
CA THR B 83 -29.78 24.11 0.95
C THR B 83 -30.94 24.32 -0.02
N GLY B 84 -31.47 23.22 -0.56
CA GLY B 84 -32.61 23.25 -1.46
C GLY B 84 -32.42 23.92 -2.81
N ILE B 85 -31.18 24.06 -3.27
CA ILE B 85 -30.95 24.71 -4.59
C ILE B 85 -31.09 23.69 -5.71
N ASP B 86 -31.59 24.19 -6.86
CA ASP B 86 -31.63 23.45 -8.09
C ASP B 86 -30.60 24.05 -9.06
N PRO B 87 -29.43 23.37 -9.23
CA PRO B 87 -28.41 23.94 -10.15
C PRO B 87 -28.69 23.69 -11.63
N GLY B 88 -29.71 22.90 -11.97
CA GLY B 88 -29.86 22.42 -13.34
C GLY B 88 -28.78 21.37 -13.64
N PHE B 89 -28.54 21.14 -14.93
CA PHE B 89 -27.61 20.20 -15.40
C PHE B 89 -26.21 20.54 -14.95
N TRP B 90 -25.87 21.81 -15.01
CA TRP B 90 -24.50 22.26 -14.76
C TRP B 90 -24.11 22.43 -13.26
N SER B 91 -24.34 21.35 -12.52
CA SER B 91 -23.81 21.15 -11.21
C SER B 91 -22.38 20.73 -11.34
N PHE B 92 -21.70 20.59 -10.21
CA PHE B 92 -20.34 19.97 -10.25
C PHE B 92 -20.40 18.65 -10.94
N GLU B 93 -21.43 17.86 -10.63
CA GLU B 93 -21.55 16.52 -11.19
C GLU B 93 -21.79 16.56 -12.73
N GLY B 94 -22.60 17.50 -13.18
CA GLY B 94 -22.81 17.65 -14.62
C GLY B 94 -21.55 18.07 -15.36
N VAL B 95 -20.79 18.98 -14.75
CA VAL B 95 -19.54 19.34 -15.36
C VAL B 95 -18.59 18.08 -15.48
N ALA B 96 -18.53 17.27 -14.45
CA ALA B 96 -17.61 16.08 -14.47
C ALA B 96 -18.07 15.09 -15.54
N LEU B 97 -19.38 14.82 -15.59
CA LEU B 97 -19.96 13.93 -16.64
C LEU B 97 -19.70 14.49 -18.07
N ALA B 98 -19.96 15.80 -18.29
CA ALA B 98 -19.63 16.37 -19.56
C ALA B 98 -18.14 16.08 -19.96
N HIS B 99 -17.19 16.18 -18.99
CA HIS B 99 -15.78 16.01 -19.35
C HIS B 99 -15.44 14.53 -19.68
N ILE B 100 -16.11 13.62 -18.97
CA ILE B 100 -15.99 12.22 -19.26
C ILE B 100 -16.54 11.89 -20.66
N VAL B 101 -17.72 12.40 -20.96
CA VAL B 101 -18.31 12.14 -22.31
C VAL B 101 -17.43 12.70 -23.44
N LEU B 102 -16.95 13.90 -23.22
CA LEU B 102 -16.02 14.53 -24.16
C LEU B 102 -14.77 13.68 -24.35
N SER B 103 -14.18 13.23 -23.25
CA SER B 103 -12.98 12.36 -23.30
C SER B 103 -13.25 11.18 -24.21
N GLY B 104 -14.41 10.54 -24.02
CA GLY B 104 -14.78 9.38 -24.86
C GLY B 104 -14.94 9.69 -26.36
N LEU B 105 -15.60 10.80 -26.67
CA LEU B 105 -15.79 11.17 -28.08
C LEU B 105 -14.44 11.51 -28.73
N LEU B 106 -13.58 12.20 -27.99
CA LEU B 106 -12.26 12.54 -28.47
C LEU B 106 -11.39 11.31 -28.72
N PHE B 107 -11.57 10.31 -27.86
CA PHE B 107 -10.83 8.99 -28.02
C PHE B 107 -11.28 8.30 -29.31
N LEU B 108 -12.60 8.27 -29.55
CA LEU B 108 -13.13 7.71 -30.79
C LEU B 108 -12.62 8.45 -32.04
N ALA B 109 -12.68 9.78 -32.02
CA ALA B 109 -12.12 10.59 -33.11
C ALA B 109 -10.63 10.32 -33.34
N ALA B 110 -9.86 10.12 -32.27
CA ALA B 110 -8.43 9.79 -32.43
C ALA B 110 -8.24 8.51 -33.22
N CYS B 111 -9.08 7.52 -32.90
CA CYS B 111 -9.04 6.23 -33.59
C CYS B 111 -9.30 6.42 -35.10
N TRP B 112 -10.30 7.24 -35.45
CA TRP B 112 -10.63 7.45 -36.86
C TRP B 112 -9.46 8.13 -37.57
N HIS B 113 -8.90 9.14 -36.92
CA HIS B 113 -7.80 9.88 -37.58
C HIS B 113 -6.50 9.07 -37.66
N TRP B 114 -6.30 8.14 -36.74
CA TRP B 114 -5.09 7.26 -36.77
C TRP B 114 -5.14 6.26 -37.96
N VAL B 115 -6.31 5.67 -38.17
CA VAL B 115 -6.56 4.67 -39.22
C VAL B 115 -6.65 5.40 -40.57
N TYR B 116 -7.48 6.46 -40.68
CA TYR B 116 -7.65 7.24 -41.94
C TYR B 116 -6.74 8.45 -41.97
N TRP B 117 -5.45 8.15 -41.89
CA TRP B 117 -4.41 9.17 -41.78
C TRP B 117 -4.12 9.81 -43.15
N ASP B 118 -4.32 9.02 -44.20
CA ASP B 118 -3.84 9.43 -45.54
C ASP B 118 -4.98 10.16 -46.27
N LEU B 119 -5.40 11.29 -45.73
CA LEU B 119 -6.43 12.09 -46.35
C LEU B 119 -5.82 13.08 -47.36
N GLU B 120 -6.51 13.26 -48.49
N GLU B 120 -6.51 13.25 -48.48
CA GLU B 120 -6.00 14.09 -49.60
CA GLU B 120 -5.98 14.10 -49.60
C GLU B 120 -5.78 15.50 -49.08
C GLU B 120 -5.76 15.50 -49.06
N LEU B 121 -6.61 15.93 -48.13
CA LEU B 121 -6.48 17.26 -47.45
C LEU B 121 -5.12 17.57 -46.87
N PHE B 122 -4.38 16.53 -46.43
CA PHE B 122 -3.09 16.75 -45.82
C PHE B 122 -1.92 16.74 -46.84
N ARG B 123 -2.26 16.60 -48.12
CA ARG B 123 -1.25 16.56 -49.20
C ARG B 123 -1.25 17.90 -49.93
N ASP B 124 -0.05 18.37 -50.23
CA ASP B 124 0.15 19.53 -51.06
C ASP B 124 -0.33 19.12 -52.46
N PRO B 125 -1.35 19.84 -52.95
CA PRO B 125 -1.91 19.56 -54.27
C PRO B 125 -0.84 19.59 -55.42
N ARG B 126 0.12 20.51 -55.31
CA ARG B 126 1.25 20.65 -56.24
C ARG B 126 2.27 19.54 -56.20
N THR B 127 2.65 19.05 -55.01
CA THR B 127 3.73 18.01 -54.93
C THR B 127 3.25 16.60 -54.54
N GLY B 128 2.02 16.50 -54.02
CA GLY B 128 1.54 15.29 -53.32
C GLY B 128 2.33 14.85 -52.07
N GLU B 129 3.17 15.73 -51.51
CA GLU B 129 3.88 15.48 -50.27
C GLU B 129 3.00 15.98 -49.12
N PRO B 130 3.17 15.37 -47.93
CA PRO B 130 2.40 15.91 -46.79
C PRO B 130 2.80 17.37 -46.50
N ALA B 131 1.81 18.17 -46.23
CA ALA B 131 2.06 19.59 -46.07
C ALA B 131 0.95 20.27 -45.30
N LEU B 132 1.32 21.11 -44.33
CA LEU B 132 0.41 21.99 -43.67
C LEU B 132 0.76 23.44 -43.89
N ASP B 133 -0.21 24.26 -44.26
CA ASP B 133 0.03 25.70 -44.40
C ASP B 133 -0.10 26.41 -43.04
N LEU B 134 1.03 26.41 -42.31
CA LEU B 134 1.03 26.82 -40.89
C LEU B 134 0.65 28.33 -40.72
N PRO B 135 1.15 29.21 -41.60
CA PRO B 135 0.66 30.61 -41.47
C PRO B 135 -0.82 30.78 -41.54
N LYS B 136 -1.51 30.09 -42.45
CA LYS B 136 -2.95 30.29 -42.56
C LYS B 136 -3.72 29.59 -41.44
N MET B 137 -3.26 28.38 -41.09
CA MET B 137 -3.71 27.68 -39.85
C MET B 137 -3.61 28.64 -38.67
N PHE B 138 -2.48 29.35 -38.55
CA PHE B 138 -2.40 30.31 -37.45
C PHE B 138 -3.54 31.31 -37.46
N GLY B 139 -3.84 31.88 -38.63
CA GLY B 139 -4.88 32.91 -38.69
C GLY B 139 -6.24 32.33 -38.38
N ILE B 140 -6.50 31.14 -38.89
CA ILE B 140 -7.82 30.51 -38.65
C ILE B 140 -8.00 30.29 -37.13
N HIS B 141 -6.94 29.75 -36.50
CA HIS B 141 -7.04 29.44 -35.04
C HIS B 141 -7.10 30.70 -34.18
N LEU B 142 -6.33 31.72 -34.57
CA LEU B 142 -6.38 33.00 -33.85
C LEU B 142 -7.74 33.68 -33.96
N PHE B 143 -8.32 33.65 -35.16
CA PHE B 143 -9.75 34.14 -35.37
C PHE B 143 -10.72 33.40 -34.44
N LEU B 144 -10.66 32.08 -34.47
CA LEU B 144 -11.49 31.26 -33.57
C LEU B 144 -11.27 31.58 -32.08
N ALA B 145 -10.00 31.64 -31.68
CA ALA B 145 -9.67 32.02 -30.30
C ALA B 145 -10.19 33.39 -29.91
N GLY B 146 -10.07 34.34 -30.84
CA GLY B 146 -10.62 35.69 -30.58
C GLY B 146 -12.12 35.65 -30.42
N LEU B 147 -12.79 34.89 -31.27
CA LEU B 147 -14.27 34.83 -31.11
C LEU B 147 -14.64 34.32 -29.74
N LEU B 148 -13.95 33.28 -29.31
CA LEU B 148 -14.33 32.59 -28.03
C LEU B 148 -14.01 33.47 -26.85
N CYS B 149 -12.85 34.11 -26.93
CA CYS B 149 -12.39 35.03 -25.92
C CYS B 149 -13.42 36.20 -25.78
N PHE B 150 -13.83 36.75 -26.91
CA PHE B 150 -14.83 37.86 -26.91
C PHE B 150 -16.12 37.39 -26.31
N GLY B 151 -16.61 36.28 -26.77
CA GLY B 151 -17.89 35.77 -26.26
C GLY B 151 -17.83 35.41 -24.78
N PHE B 152 -16.67 34.90 -24.32
CA PHE B 152 -16.54 34.57 -22.94
C PHE B 152 -16.67 35.82 -22.12
N GLY B 153 -15.92 36.84 -22.52
CA GLY B 153 -16.05 38.16 -21.88
C GLY B 153 -17.43 38.82 -22.00
N ALA B 154 -17.94 38.93 -23.23
CA ALA B 154 -19.24 39.64 -23.49
C ALA B 154 -20.50 38.98 -22.96
N PHE B 155 -20.56 37.64 -23.03
CA PHE B 155 -21.75 36.88 -22.59
C PHE B 155 -21.64 36.20 -21.22
N HIS B 156 -20.56 35.43 -20.98
CA HIS B 156 -20.47 34.68 -19.72
C HIS B 156 -20.18 35.58 -18.55
N LEU B 157 -19.09 36.31 -18.64
CA LEU B 157 -18.64 37.12 -17.51
C LEU B 157 -19.59 38.30 -17.13
N THR B 158 -20.24 38.88 -18.14
CA THR B 158 -21.22 39.95 -17.90
C THR B 158 -22.52 39.47 -17.33
N GLY B 159 -22.82 38.18 -17.47
CA GLY B 159 -24.16 37.67 -17.09
C GLY B 159 -25.22 37.84 -18.19
N LEU B 160 -24.84 38.43 -19.29
CA LEU B 160 -25.77 38.75 -20.35
C LEU B 160 -26.30 37.46 -20.94
N PHE B 161 -25.43 36.48 -21.11
CA PHE B 161 -25.90 35.10 -21.38
C PHE B 161 -24.85 34.15 -20.76
N GLY B 162 -25.02 33.94 -19.46
CA GLY B 162 -24.08 33.22 -18.65
C GLY B 162 -24.20 33.66 -17.20
N PRO B 163 -23.39 33.07 -16.29
CA PRO B 163 -23.59 33.26 -14.86
C PRO B 163 -22.77 34.32 -14.22
N GLY B 164 -21.73 34.81 -14.89
CA GLY B 164 -20.81 35.76 -14.25
C GLY B 164 -19.55 35.06 -13.74
N MET B 165 -18.97 35.59 -12.65
CA MET B 165 -17.75 35.04 -12.06
C MET B 165 -17.79 35.28 -10.58
N TRP B 166 -16.88 34.60 -9.85
CA TRP B 166 -16.84 34.77 -8.39
C TRP B 166 -16.27 36.15 -8.04
N VAL B 167 -16.93 36.82 -7.09
CA VAL B 167 -16.42 38.07 -6.57
C VAL B 167 -16.64 38.06 -5.06
N SER B 168 -15.91 38.91 -4.34
CA SER B 168 -16.13 39.02 -2.92
C SER B 168 -15.80 40.40 -2.40
N ASP B 169 -16.10 40.59 -1.14
CA ASP B 169 -15.61 41.71 -0.42
C ASP B 169 -14.07 41.57 -0.17
N PRO B 170 -13.44 42.66 0.30
CA PRO B 170 -11.98 42.61 0.51
C PRO B 170 -11.46 41.69 1.60
N TYR B 171 -12.34 41.15 2.44
CA TYR B 171 -11.94 40.22 3.52
C TYR B 171 -12.44 38.79 3.27
N GLY B 172 -13.00 38.53 2.10
CA GLY B 172 -13.40 37.17 1.73
C GLY B 172 -14.42 36.52 2.64
N LEU B 173 -15.43 37.32 3.00
CA LEU B 173 -16.53 36.88 3.89
C LEU B 173 -17.82 36.54 3.20
N THR B 174 -18.11 37.11 2.04
CA THR B 174 -19.48 37.00 1.44
C THR B 174 -19.42 36.77 -0.02
N GLY B 175 -18.48 35.90 -0.42
CA GLY B 175 -18.22 35.64 -1.82
C GLY B 175 -19.38 34.97 -2.51
N SER B 176 -19.54 35.29 -3.79
CA SER B 176 -20.62 34.70 -4.61
C SER B 176 -20.33 34.98 -6.10
N VAL B 177 -21.01 34.25 -6.96
CA VAL B 177 -20.92 34.39 -8.36
C VAL B 177 -21.91 35.54 -8.71
N GLN B 178 -21.43 36.54 -9.44
CA GLN B 178 -22.24 37.69 -9.85
C GLN B 178 -21.93 38.08 -11.26
N PRO B 179 -22.90 38.68 -11.95
CA PRO B 179 -22.55 39.36 -13.22
C PRO B 179 -21.55 40.50 -12.99
N VAL B 180 -20.60 40.70 -13.88
CA VAL B 180 -19.60 41.73 -13.67
C VAL B 180 -19.54 42.57 -14.95
N ALA B 181 -19.62 43.88 -14.79
CA ALA B 181 -19.54 44.84 -15.93
C ALA B 181 -18.09 45.17 -16.27
N PRO B 182 -17.76 45.35 -17.54
CA PRO B 182 -16.39 45.74 -17.86
C PRO B 182 -15.98 47.08 -17.28
N GLU B 183 -14.71 47.20 -16.87
CA GLU B 183 -14.09 48.44 -16.46
C GLU B 183 -13.26 48.98 -17.62
N TRP B 184 -13.66 50.14 -18.18
CA TRP B 184 -12.95 50.67 -19.36
C TRP B 184 -11.92 51.75 -19.03
N GLY B 185 -11.87 52.19 -17.78
CA GLY B 185 -10.85 53.14 -17.34
C GLY B 185 -9.55 52.44 -16.89
N PRO B 186 -8.58 53.21 -16.42
CA PRO B 186 -7.29 52.67 -16.04
C PRO B 186 -7.34 51.66 -14.88
N ASP B 187 -8.36 51.73 -14.04
CA ASP B 187 -8.52 50.72 -12.98
C ASP B 187 -8.78 49.28 -13.53
N GLY B 188 -9.01 49.13 -14.82
CA GLY B 188 -9.21 47.87 -15.43
C GLY B 188 -7.93 47.04 -15.42
N PHE B 189 -6.79 47.70 -15.21
CA PHE B 189 -5.47 47.10 -15.23
C PHE B 189 -4.94 46.79 -13.81
N ASN B 190 -5.77 47.08 -12.83
CA ASN B 190 -5.64 46.67 -11.46
C ASN B 190 -6.00 45.18 -11.34
N PRO B 191 -5.01 44.31 -10.93
CA PRO B 191 -5.26 42.84 -10.88
C PRO B 191 -6.40 42.46 -9.95
N TYR B 192 -6.74 43.34 -9.01
CA TYR B 192 -7.80 43.13 -8.04
C TYR B 192 -9.17 43.62 -8.44
N ASN B 193 -9.26 44.26 -9.59
CA ASN B 193 -10.56 44.70 -10.13
C ASN B 193 -11.20 43.70 -11.12
N PRO B 194 -12.31 43.06 -10.75
CA PRO B 194 -12.88 42.06 -11.63
C PRO B 194 -13.36 42.61 -12.98
N GLY B 195 -13.76 43.87 -13.04
CA GLY B 195 -14.29 44.44 -14.33
C GLY B 195 -13.20 44.55 -15.37
N GLY B 196 -11.97 44.65 -14.90
CA GLY B 196 -10.79 44.52 -15.76
C GLY B 196 -10.72 43.19 -16.52
N VAL B 197 -11.13 42.11 -15.85
CA VAL B 197 -11.03 40.78 -16.43
C VAL B 197 -12.05 40.73 -17.54
N VAL B 198 -13.20 41.34 -17.27
CA VAL B 198 -14.29 41.37 -18.28
C VAL B 198 -13.82 42.19 -19.49
N ALA B 199 -13.24 43.34 -19.20
CA ALA B 199 -12.82 44.26 -20.27
C ALA B 199 -11.72 43.58 -21.06
N HIS B 200 -10.79 42.93 -20.33
CA HIS B 200 -9.70 42.16 -21.01
C HIS B 200 -10.27 41.26 -22.07
N HIS B 201 -11.30 40.49 -21.71
CA HIS B 201 -11.73 39.47 -22.64
C HIS B 201 -12.49 40.06 -23.89
N ILE B 202 -13.25 41.11 -23.65
CA ILE B 202 -13.94 41.84 -24.75
C ILE B 202 -12.90 42.47 -25.68
N ALA B 203 -11.98 43.24 -25.13
CA ALA B 203 -10.98 43.91 -25.99
C ALA B 203 -9.95 43.03 -26.67
N ALA B 204 -9.31 42.15 -25.89
CA ALA B 204 -8.38 41.19 -26.46
C ALA B 204 -9.08 40.29 -27.42
N GLY B 205 -10.32 39.94 -27.15
CA GLY B 205 -11.06 39.14 -28.15
C GLY B 205 -11.21 39.81 -29.54
N ILE B 206 -11.67 41.05 -29.53
CA ILE B 206 -11.76 41.85 -30.77
C ILE B 206 -10.40 41.96 -31.43
N VAL B 207 -9.36 42.19 -30.63
CA VAL B 207 -8.04 42.21 -31.21
C VAL B 207 -7.67 40.89 -31.87
N GLY B 208 -8.01 39.77 -31.24
CA GLY B 208 -7.72 38.48 -31.85
C GLY B 208 -8.50 38.25 -33.16
N ILE B 209 -9.75 38.73 -33.20
CA ILE B 209 -10.55 38.59 -34.40
C ILE B 209 -9.85 39.33 -35.54
N ILE B 210 -9.40 40.53 -35.26
CA ILE B 210 -8.77 41.36 -36.29
C ILE B 210 -7.47 40.77 -36.76
N ALA B 211 -6.58 40.46 -35.81
CA ALA B 211 -5.27 39.86 -36.19
C ALA B 211 -5.48 38.55 -36.87
N GLY B 212 -6.49 37.83 -36.43
CA GLY B 212 -6.81 36.57 -37.09
C GLY B 212 -7.14 36.77 -38.59
N LEU B 213 -8.04 37.69 -38.89
CA LEU B 213 -8.37 38.06 -40.31
C LEU B 213 -7.13 38.50 -41.06
N PHE B 214 -6.35 39.37 -40.43
CA PHE B 214 -5.02 39.67 -40.95
C PHE B 214 -4.23 38.44 -41.30
N HIS B 215 -4.17 37.49 -40.39
CA HIS B 215 -3.29 36.31 -40.61
C HIS B 215 -3.89 35.29 -41.61
N ILE B 216 -5.21 35.26 -41.72
CA ILE B 216 -5.83 34.51 -42.80
C ILE B 216 -5.52 35.14 -44.21
N LEU B 217 -5.52 36.47 -44.30
CA LEU B 217 -5.49 37.18 -45.62
C LEU B 217 -4.12 37.60 -46.13
N VAL B 218 -3.16 37.89 -45.24
CA VAL B 218 -1.85 38.38 -45.63
C VAL B 218 -0.76 37.32 -45.35
N ARG B 219 -0.05 36.95 -46.39
CA ARG B 219 1.06 36.06 -46.29
C ARG B 219 2.25 36.67 -45.52
N PRO B 220 3.03 35.79 -44.86
CA PRO B 220 4.24 36.26 -44.26
C PRO B 220 5.28 36.81 -45.25
N PRO B 221 6.09 37.75 -44.80
CA PRO B 221 7.18 38.21 -45.58
C PRO B 221 8.18 37.11 -45.79
N GLN B 222 8.74 37.06 -46.99
CA GLN B 222 9.78 36.07 -47.28
C GLN B 222 10.89 36.14 -46.20
N ARG B 223 11.22 37.34 -45.78
CA ARG B 223 12.27 37.49 -44.82
C ARG B 223 11.95 36.77 -43.47
N LEU B 224 10.71 36.89 -43.01
CA LEU B 224 10.28 36.28 -41.74
C LEU B 224 10.07 34.78 -41.94
N TYR B 225 9.46 34.41 -43.07
CA TYR B 225 9.31 33.00 -43.47
C TYR B 225 10.59 32.20 -43.42
N LYS B 226 11.66 32.73 -43.99
CA LYS B 226 12.94 32.06 -43.98
C LYS B 226 13.59 32.05 -42.56
N ALA B 227 13.62 33.19 -41.91
CA ALA B 227 14.30 33.36 -40.66
C ALA B 227 13.67 32.50 -39.51
N LEU B 228 12.34 32.43 -39.45
CA LEU B 228 11.65 31.63 -38.50
C LEU B 228 11.27 30.23 -38.97
N ARG B 229 11.79 29.83 -40.11
CA ARG B 229 11.56 28.52 -40.72
C ARG B 229 10.07 28.12 -40.74
N MET B 230 9.21 28.98 -41.32
CA MET B 230 7.77 28.78 -41.30
C MET B 230 7.22 27.58 -42.06
N GLY B 231 8.05 26.91 -42.85
CA GLY B 231 7.70 25.61 -43.41
C GLY B 231 7.95 24.44 -42.44
N ASN B 232 8.59 24.71 -41.28
CA ASN B 232 8.94 23.65 -40.32
C ASN B 232 8.01 23.69 -39.12
N ILE B 233 7.12 22.70 -38.99
CA ILE B 233 6.18 22.64 -37.85
C ILE B 233 6.89 22.76 -36.48
N GLU B 234 8.14 22.31 -36.38
CA GLU B 234 8.87 22.49 -35.17
C GLU B 234 9.09 23.95 -34.77
N THR B 235 9.06 24.92 -35.71
CA THR B 235 9.14 26.29 -35.28
C THR B 235 7.94 26.65 -34.44
N VAL B 236 6.79 26.13 -34.84
CA VAL B 236 5.53 26.45 -34.10
C VAL B 236 5.60 25.83 -32.66
N LEU B 237 6.16 24.59 -32.56
CA LEU B 237 6.34 24.00 -31.26
C LEU B 237 7.19 24.92 -30.35
N SER B 238 8.29 25.42 -30.90
N SER B 238 8.29 25.41 -30.90
CA SER B 238 9.16 26.31 -30.16
CA SER B 238 9.21 26.29 -30.20
C SER B 238 8.48 27.55 -29.64
C SER B 238 8.51 27.56 -29.67
N SER B 239 7.79 28.27 -30.53
CA SER B 239 7.20 29.56 -30.11
C SER B 239 6.01 29.23 -29.22
N SER B 240 5.26 28.19 -29.52
CA SER B 240 4.12 27.85 -28.65
C SER B 240 4.58 27.52 -27.20
N ILE B 241 5.69 26.81 -27.09
CA ILE B 241 6.18 26.47 -25.78
C ILE B 241 6.52 27.75 -25.07
N ALA B 242 7.15 28.70 -25.79
CA ALA B 242 7.53 30.00 -25.15
C ALA B 242 6.33 30.70 -24.61
N ALA B 243 5.27 30.77 -25.40
CA ALA B 243 4.06 31.47 -24.94
C ALA B 243 3.49 30.82 -23.70
N VAL B 244 3.50 29.49 -23.69
CA VAL B 244 2.95 28.73 -22.62
C VAL B 244 3.77 28.89 -21.33
N PHE B 245 5.11 28.93 -21.39
CA PHE B 245 5.86 29.19 -20.17
C PHE B 245 5.62 30.61 -19.66
N PHE B 246 5.45 31.54 -20.57
CA PHE B 246 5.10 32.90 -20.15
C PHE B 246 3.82 32.81 -19.36
N ALA B 247 2.81 32.24 -19.95
CA ALA B 247 1.48 32.20 -19.31
C ALA B 247 1.52 31.42 -17.95
N ALA B 248 2.35 30.35 -17.90
CA ALA B 248 2.47 29.54 -16.66
C ALA B 248 3.08 30.39 -15.55
N PHE B 249 4.10 31.19 -15.89
CA PHE B 249 4.65 32.12 -14.90
C PHE B 249 3.61 33.15 -14.38
N VAL B 250 2.79 33.66 -15.28
CA VAL B 250 1.83 34.69 -14.91
C VAL B 250 0.84 34.03 -13.98
N VAL B 251 0.38 32.81 -14.30
CA VAL B 251 -0.67 32.23 -13.41
C VAL B 251 -0.08 31.86 -12.05
N ALA B 252 1.21 31.53 -11.99
CA ALA B 252 1.87 31.28 -10.72
C ALA B 252 1.89 32.55 -9.91
N GLY B 253 2.27 33.65 -10.56
CA GLY B 253 2.43 34.91 -9.83
C GLY B 253 1.11 35.42 -9.29
N THR B 254 0.07 35.36 -10.12
CA THR B 254 -1.26 35.88 -9.63
C THR B 254 -1.85 34.96 -8.60
N MET B 255 -1.53 33.66 -8.67
CA MET B 255 -1.94 32.77 -7.56
C MET B 255 -1.24 33.09 -6.24
N TRP B 256 0.06 33.40 -6.30
CA TRP B 256 0.79 33.61 -5.07
C TRP B 256 0.45 35.00 -4.43
N TYR B 257 0.33 36.03 -5.26
CA TYR B 257 0.03 37.46 -4.79
C TYR B 257 -1.41 37.76 -4.60
N GLY B 258 -2.26 36.97 -5.26
CA GLY B 258 -3.69 37.25 -5.20
C GLY B 258 -4.07 38.13 -6.35
N SER B 259 -5.29 37.94 -6.82
CA SER B 259 -5.96 38.83 -7.81
C SER B 259 -7.46 38.54 -7.78
N ALA B 260 -8.21 39.26 -8.58
CA ALA B 260 -9.64 39.02 -8.79
C ALA B 260 -9.94 37.65 -9.31
N THR B 261 -8.96 36.98 -9.94
CA THR B 261 -9.16 35.61 -10.41
C THR B 261 -8.62 34.50 -9.50
N THR B 262 -8.08 34.87 -8.33
CA THR B 262 -7.65 33.91 -7.33
C THR B 262 -8.20 34.25 -5.93
N PRO B 263 -9.56 34.25 -5.80
CA PRO B 263 -10.17 34.69 -4.56
C PRO B 263 -9.86 33.72 -3.38
N ILE B 264 -9.85 34.30 -2.19
CA ILE B 264 -9.44 33.64 -0.95
C ILE B 264 -10.42 32.59 -0.44
N GLU B 265 -11.67 32.68 -0.84
CA GLU B 265 -12.66 31.68 -0.49
C GLU B 265 -12.61 30.40 -1.31
N LEU B 266 -11.90 30.47 -2.43
CA LEU B 266 -11.72 29.36 -3.30
C LEU B 266 -10.32 28.73 -3.12
N PHE B 267 -9.28 29.53 -2.95
CA PHE B 267 -7.88 29.03 -2.92
C PHE B 267 -7.17 29.19 -1.55
N GLY B 268 -7.85 29.86 -0.64
CA GLY B 268 -7.34 30.26 0.65
C GLY B 268 -6.63 31.60 0.67
N PRO B 269 -6.23 32.05 1.86
CA PRO B 269 -5.61 33.39 1.96
C PRO B 269 -4.20 33.36 1.42
N THR B 270 -3.58 34.54 1.26
CA THR B 270 -2.24 34.57 0.74
C THR B 270 -1.28 34.66 1.90
N ARG B 271 -0.01 34.42 1.64
CA ARG B 271 1.00 34.54 2.70
C ARG B 271 1.19 36.00 3.10
N TYR B 272 0.89 36.92 2.15
CA TYR B 272 1.17 38.36 2.32
C TYR B 272 0.18 38.90 3.32
N GLN B 273 -0.97 38.25 3.40
CA GLN B 273 -2.04 38.75 4.32
C GLN B 273 -1.62 38.46 5.74
N TRP B 274 -0.82 37.39 5.96
CA TRP B 274 -0.20 37.16 7.27
C TRP B 274 0.93 38.13 7.50
N ASP B 275 1.77 38.35 6.47
CA ASP B 275 2.91 39.27 6.57
C ASP B 275 2.53 40.69 7.03
N SER B 276 1.40 41.19 6.51
CA SER B 276 0.99 42.57 6.74
C SER B 276 -0.12 42.62 7.80
N SER B 277 -0.38 41.49 8.47
CA SER B 277 -1.39 41.40 9.47
C SER B 277 -2.72 42.05 8.98
N TYR B 278 -3.08 41.75 7.73
CA TYR B 278 -4.25 42.24 7.03
C TYR B 278 -5.53 41.94 7.77
N PHE B 279 -5.72 40.68 8.18
CA PHE B 279 -6.95 40.35 8.88
C PHE B 279 -6.98 40.85 10.32
N GLN B 280 -5.85 40.82 10.99
CA GLN B 280 -5.74 41.30 12.35
C GLN B 280 -6.10 42.79 12.45
N GLN B 281 -5.62 43.59 11.52
CA GLN B 281 -5.89 45.02 11.46
C GLN B 281 -7.41 45.27 11.31
N GLU B 282 -8.08 44.48 10.46
CA GLU B 282 -9.55 44.66 10.25
C GLU B 282 -10.33 44.20 11.49
N ILE B 283 -9.88 43.12 12.11
CA ILE B 283 -10.50 42.65 13.31
C ILE B 283 -10.41 43.73 14.39
N ASN B 284 -9.23 44.26 14.60
CA ASN B 284 -8.98 45.27 15.64
C ASN B 284 -9.80 46.58 15.33
N ARG B 285 -9.91 46.94 14.06
CA ARG B 285 -10.76 48.07 13.63
C ARG B 285 -12.19 47.87 14.10
N ARG B 286 -12.77 46.71 13.78
N ARG B 286 -12.77 46.72 13.77
CA ARG B 286 -14.16 46.42 14.10
CA ARG B 286 -14.17 46.42 14.11
C ARG B 286 -14.40 46.40 15.60
C ARG B 286 -14.41 46.41 15.61
N VAL B 287 -13.44 45.87 16.36
CA VAL B 287 -13.53 45.81 17.83
C VAL B 287 -13.49 47.22 18.45
N GLN B 288 -12.60 48.07 17.98
CA GLN B 288 -12.48 49.47 18.48
C GLN B 288 -13.74 50.29 18.14
N ALA B 289 -14.33 50.10 16.96
CA ALA B 289 -15.60 50.75 16.61
C ALA B 289 -16.78 50.25 17.49
N SER B 290 -16.78 48.95 17.79
CA SER B 290 -17.73 48.40 18.73
C SER B 290 -17.57 49.07 20.11
N LEU B 291 -16.32 49.20 20.57
CA LEU B 291 -16.03 49.72 21.88
C LEU B 291 -16.43 51.21 21.98
N ALA B 292 -16.15 51.94 20.90
CA ALA B 292 -16.43 53.35 20.82
C ALA B 292 -17.91 53.64 20.80
N SER B 293 -18.72 52.68 20.38
CA SER B 293 -20.15 52.88 20.32
C SER B 293 -20.88 52.28 21.55
N GLY B 294 -20.14 51.95 22.62
CA GLY B 294 -20.76 51.46 23.87
C GLY B 294 -20.57 50.01 24.33
N ALA B 295 -19.92 49.16 23.52
CA ALA B 295 -19.99 47.71 23.73
C ALA B 295 -19.05 47.27 24.86
N THR B 296 -19.41 46.23 25.60
CA THR B 296 -18.41 45.58 26.45
C THR B 296 -17.37 44.89 25.54
N LEU B 297 -16.21 44.60 26.12
CA LEU B 297 -15.15 43.85 25.46
C LEU B 297 -15.74 42.51 24.98
N GLU B 298 -16.49 41.82 25.84
CA GLU B 298 -17.17 40.57 25.47
C GLU B 298 -18.04 40.74 24.24
N GLU B 299 -18.82 41.80 24.22
CA GLU B 299 -19.71 42.02 23.10
C GLU B 299 -18.93 42.32 21.83
N ALA B 300 -17.89 43.15 21.95
CA ALA B 300 -17.16 43.64 20.82
C ALA B 300 -16.44 42.43 20.13
N TRP B 301 -15.82 41.56 20.92
CA TRP B 301 -15.13 40.37 20.40
C TRP B 301 -16.13 39.38 19.88
N SER B 302 -17.26 39.26 20.57
CA SER B 302 -18.36 38.38 20.16
C SER B 302 -19.00 38.82 18.85
N ALA B 303 -18.83 40.06 18.44
CA ALA B 303 -19.35 40.49 17.13
C ALA B 303 -18.37 40.17 15.97
N ILE B 304 -17.16 39.66 16.24
CA ILE B 304 -16.24 39.33 15.12
C ILE B 304 -16.70 38.04 14.45
N PRO B 305 -16.96 38.03 13.11
CA PRO B 305 -17.35 36.72 12.50
C PRO B 305 -16.23 35.64 12.66
N GLU B 306 -16.60 34.38 12.94
CA GLU B 306 -15.65 33.31 13.02
C GLU B 306 -14.80 33.20 11.72
N LYS B 307 -15.39 33.47 10.58
CA LYS B 307 -14.71 33.38 9.32
C LYS B 307 -13.55 34.37 9.21
N LEU B 308 -13.73 35.55 9.78
CA LEU B 308 -12.72 36.61 9.75
C LEU B 308 -11.58 36.26 10.69
N ALA B 309 -11.93 35.76 11.86
CA ALA B 309 -10.91 35.35 12.81
C ALA B 309 -10.05 34.19 12.24
N PHE B 310 -10.70 33.28 11.50
CA PHE B 310 -10.04 32.09 10.97
C PHE B 310 -8.98 32.49 9.94
N TYR B 311 -9.20 33.56 9.19
CA TYR B 311 -8.21 34.04 8.26
C TYR B 311 -7.00 34.61 8.98
N ASP B 312 -7.19 35.01 10.25
CA ASP B 312 -6.11 35.58 11.04
C ASP B 312 -5.42 34.48 11.82
N TYR B 313 -5.08 33.38 11.14
CA TYR B 313 -4.47 32.19 11.78
C TYR B 313 -3.42 31.61 10.79
N ILE B 314 -2.19 31.33 11.29
CA ILE B 314 -1.09 30.98 10.45
C ILE B 314 -1.29 29.62 9.80
N GLY B 315 -2.13 28.77 10.38
CA GLY B 315 -2.40 27.45 9.78
C GLY B 315 -3.13 27.54 8.47
N ASN B 316 -3.68 28.72 8.11
CA ASN B 316 -4.17 28.94 6.79
C ASN B 316 -3.26 29.73 5.81
N ASN B 317 -2.07 30.09 6.28
CA ASN B 317 -1.04 30.71 5.50
C ASN B 317 -0.39 29.66 4.59
N PRO B 318 -0.37 29.89 3.24
CA PRO B 318 0.17 28.88 2.31
C PRO B 318 1.68 28.71 2.33
N ALA B 319 2.37 29.51 3.11
CA ALA B 319 3.78 29.43 3.19
C ALA B 319 4.26 28.68 4.47
N LYS B 320 3.42 27.81 5.01
CA LYS B 320 3.73 27.10 6.20
C LYS B 320 3.92 25.55 5.97
N GLY B 321 3.94 25.11 4.71
CA GLY B 321 3.77 23.76 4.38
C GLY B 321 5.11 23.01 4.26
N GLY B 322 5.04 21.88 3.60
CA GLY B 322 6.26 21.02 3.33
C GLY B 322 6.05 20.25 2.09
N LEU B 323 7.11 19.99 1.35
CA LEU B 323 7.00 19.36 -0.02
C LEU B 323 6.47 17.95 0.02
N PHE B 324 6.75 17.24 1.12
CA PHE B 324 6.24 15.87 1.28
C PHE B 324 5.19 15.71 2.37
N ARG B 325 4.66 16.85 2.84
CA ARG B 325 3.52 16.87 3.77
C ARG B 325 2.27 16.93 2.92
N THR B 326 1.75 15.76 2.61
CA THR B 326 0.74 15.60 1.56
C THR B 326 -0.67 15.71 2.08
N GLY B 327 -1.60 16.05 1.19
CA GLY B 327 -3.01 16.04 1.52
C GLY B 327 -3.61 17.38 1.89
N PRO B 328 -4.82 17.38 2.49
CA PRO B 328 -5.51 18.63 2.84
C PRO B 328 -4.89 19.26 4.05
N MET B 329 -5.10 20.57 4.24
CA MET B 329 -4.61 21.23 5.45
C MET B 329 -5.20 20.59 6.74
N ASN B 330 -6.42 20.05 6.63
CA ASN B 330 -7.10 19.39 7.72
C ASN B 330 -6.28 18.18 8.29
N LYS B 331 -5.42 17.60 7.46
CA LYS B 331 -4.57 16.49 7.90
C LYS B 331 -3.48 16.94 8.87
N GLY B 332 -3.18 18.22 8.90
CA GLY B 332 -2.17 18.74 9.79
C GLY B 332 -2.76 19.20 11.11
N ASP B 333 -3.29 20.43 11.13
CA ASP B 333 -3.80 20.96 12.38
C ASP B 333 -5.18 20.37 12.78
N GLY B 334 -5.89 19.75 11.85
CA GLY B 334 -7.16 19.13 12.12
C GLY B 334 -8.24 19.84 11.36
N ILE B 335 -9.49 19.37 11.52
CA ILE B 335 -10.68 20.03 10.93
C ILE B 335 -11.16 21.08 11.95
N ALA B 336 -11.04 22.34 11.60
CA ALA B 336 -11.46 23.45 12.50
C ALA B 336 -12.94 23.32 12.87
N GLN B 337 -13.25 23.37 14.16
CA GLN B 337 -14.59 23.23 14.66
C GLN B 337 -15.20 24.60 15.09
N ALA B 338 -14.43 25.42 15.76
CA ALA B 338 -14.90 26.68 16.36
C ALA B 338 -13.73 27.53 16.84
N TRP B 339 -13.96 28.83 16.84
CA TRP B 339 -13.08 29.83 17.43
C TRP B 339 -13.12 29.75 18.94
N LYS B 340 -11.99 29.76 19.58
CA LYS B 340 -11.97 29.73 21.03
C LYS B 340 -12.24 31.10 21.65
N GLY B 341 -12.18 32.14 20.85
CA GLY B 341 -12.28 33.47 21.31
C GLY B 341 -10.92 34.11 21.30
N HIS B 342 -10.92 35.43 21.44
CA HIS B 342 -9.70 36.24 21.47
C HIS B 342 -9.02 36.20 22.82
N ALA B 343 -7.77 35.74 22.85
CA ALA B 343 -7.01 35.63 24.12
C ALA B 343 -6.37 36.98 24.49
N VAL B 344 -6.70 37.53 25.67
CA VAL B 344 -5.97 38.66 26.25
C VAL B 344 -5.11 38.17 27.42
N PHE B 345 -3.80 38.45 27.33
CA PHE B 345 -2.87 38.09 28.35
C PHE B 345 -2.63 39.32 29.21
N ARG B 346 -2.47 39.10 30.53
N ARG B 346 -2.47 39.10 30.52
CA ARG B 346 -2.17 40.17 31.47
CA ARG B 346 -2.16 40.16 31.48
C ARG B 346 -1.16 39.66 32.50
C ARG B 346 -1.14 39.66 32.50
N ASN B 347 -0.28 40.54 32.98
CA ASN B 347 0.57 40.19 34.15
C ASN B 347 -0.15 40.57 35.49
N LYS B 348 0.52 40.36 36.62
CA LYS B 348 -0.05 40.57 37.97
C LYS B 348 -0.48 42.03 38.19
N GLU B 349 0.28 42.96 37.63
CA GLU B 349 -0.04 44.35 37.63
C GLU B 349 -1.30 44.68 36.78
N GLY B 350 -1.79 43.71 36.01
CA GLY B 350 -2.94 43.90 35.11
C GLY B 350 -2.64 44.61 33.80
N GLU B 351 -1.38 44.78 33.43
N GLU B 351 -1.36 44.78 33.43
CA GLU B 351 -1.08 45.38 32.12
CA GLU B 351 -1.00 45.35 32.11
C GLU B 351 -1.35 44.34 31.02
C GLU B 351 -1.34 44.34 31.03
N GLU B 352 -1.98 44.80 29.94
CA GLU B 352 -2.20 43.94 28.79
C GLU B 352 -0.83 43.55 28.13
N LEU B 353 -0.64 42.28 27.85
CA LEU B 353 0.57 41.76 27.17
C LEU B 353 0.19 41.05 25.85
N PHE B 354 1.08 41.14 24.86
CA PHE B 354 0.84 40.68 23.50
C PHE B 354 1.87 39.61 23.12
N VAL B 355 1.38 38.43 22.72
CA VAL B 355 2.26 37.35 22.25
C VAL B 355 2.90 37.73 20.93
N ARG B 356 4.21 37.61 20.84
CA ARG B 356 4.89 37.89 19.54
C ARG B 356 4.50 36.78 18.55
N ARG B 357 3.87 37.11 17.42
CA ARG B 357 3.46 36.11 16.41
C ARG B 357 4.63 35.50 15.61
N MET B 358 4.47 34.22 15.22
CA MET B 358 5.41 33.50 14.36
C MET B 358 5.43 34.06 12.94
N PRO B 359 6.56 34.52 12.48
CA PRO B 359 6.61 34.72 11.00
C PRO B 359 6.70 33.40 10.18
N ALA B 360 6.27 33.43 8.93
CA ALA B 360 6.22 32.25 8.11
C ALA B 360 7.56 31.51 7.98
N PHE B 361 8.68 32.22 8.05
CA PHE B 361 9.96 31.60 7.85
C PHE B 361 10.25 30.49 8.87
N PHE B 362 9.64 30.56 10.07
CA PHE B 362 10.08 29.78 11.24
C PHE B 362 9.22 28.54 11.50
N GLU B 363 9.82 27.38 11.41
CA GLU B 363 9.18 26.13 11.78
C GLU B 363 8.82 26.04 13.25
N SER B 364 9.65 26.62 14.11
CA SER B 364 9.40 26.75 15.52
C SER B 364 9.77 28.15 15.96
N PHE B 365 9.21 28.55 17.09
CA PHE B 365 9.35 29.97 17.52
C PHE B 365 9.13 30.08 19.00
N PRO B 366 9.91 30.93 19.68
CA PRO B 366 9.78 30.99 21.13
C PRO B 366 8.58 31.80 21.51
N VAL B 367 8.20 31.70 22.78
CA VAL B 367 7.01 32.44 23.34
C VAL B 367 7.49 33.68 24.13
N ILE B 368 7.27 34.87 23.57
CA ILE B 368 7.69 36.16 24.15
C ILE B 368 6.50 37.13 24.14
N LEU B 369 6.23 37.75 25.29
CA LEU B 369 5.06 38.61 25.52
C LEU B 369 5.62 40.02 25.81
N THR B 370 5.13 40.98 25.06
CA THR B 370 5.53 42.38 25.21
C THR B 370 4.36 43.26 25.67
N ASP B 371 4.66 44.43 26.26
CA ASP B 371 3.57 45.41 26.54
C ASP B 371 3.21 46.14 25.26
N LYS B 372 2.30 47.10 25.32
CA LYS B 372 1.88 47.80 24.09
C LYS B 372 2.98 48.59 23.37
N ASN B 373 4.09 48.92 24.05
CA ASN B 373 5.26 49.59 23.42
C ASN B 373 6.39 48.67 23.02
N GLY B 374 6.14 47.36 22.91
CA GLY B 374 7.17 46.43 22.51
C GLY B 374 8.22 46.09 23.59
N VAL B 375 8.00 46.43 24.85
CA VAL B 375 8.98 46.05 25.89
C VAL B 375 8.64 44.63 26.33
N VAL B 376 9.67 43.79 26.49
CA VAL B 376 9.42 42.42 26.88
C VAL B 376 8.93 42.41 28.33
N LYS B 377 7.89 41.66 28.61
CA LYS B 377 7.38 41.52 29.99
C LYS B 377 7.28 40.11 30.51
N ALA B 378 7.23 39.12 29.62
CA ALA B 378 7.11 37.72 30.03
C ALA B 378 7.56 36.84 28.91
N ASP B 379 8.02 35.62 29.26
CA ASP B 379 8.43 34.65 28.24
C ASP B 379 8.40 33.23 28.76
N ILE B 380 8.66 32.24 27.89
CA ILE B 380 8.80 30.87 28.33
C ILE B 380 10.28 30.54 28.21
N PRO B 381 10.96 30.49 29.33
CA PRO B 381 12.42 30.34 29.22
C PRO B 381 12.85 28.93 28.74
N PHE B 382 14.05 28.84 28.20
CA PHE B 382 14.69 27.61 27.85
C PHE B 382 15.49 27.30 29.11
N ARG B 383 16.68 27.90 29.34
CA ARG B 383 17.38 27.78 30.64
C ARG B 383 16.56 28.46 31.74
N ARG B 384 16.40 27.74 32.85
CA ARG B 384 15.60 28.25 33.96
C ARG B 384 16.40 28.97 35.01
N ALA B 385 17.65 28.59 35.19
CA ALA B 385 18.39 29.09 36.38
C ALA B 385 18.54 30.63 36.48
N GLU B 386 18.46 31.33 35.38
CA GLU B 386 18.58 32.79 35.42
C GLU B 386 17.34 33.39 34.79
N SER B 387 16.24 32.66 34.84
CA SER B 387 14.96 33.20 34.33
C SER B 387 14.49 34.41 35.18
N LYS B 388 14.05 35.46 34.49
CA LYS B 388 13.52 36.70 35.05
C LYS B 388 12.06 36.93 34.64
N TYR B 389 11.63 36.37 33.50
CA TYR B 389 10.36 36.74 32.86
C TYR B 389 9.36 35.60 32.76
N SER B 390 9.54 34.55 33.53
CA SER B 390 8.65 33.42 33.42
C SER B 390 7.23 33.83 33.80
N PHE B 391 6.28 33.05 33.33
CA PHE B 391 4.86 33.30 33.58
C PHE B 391 4.55 33.17 35.08
N GLU B 392 5.27 32.28 35.75
CA GLU B 392 5.18 32.13 37.20
C GLU B 392 5.70 33.36 37.95
N GLN B 393 6.83 33.91 37.53
CA GLN B 393 7.36 35.08 38.20
C GLN B 393 6.47 36.31 37.91
N GLN B 394 5.95 36.44 36.71
CA GLN B 394 5.18 37.67 36.33
C GLN B 394 3.65 37.59 36.58
N GLY B 395 3.22 36.44 37.11
CA GLY B 395 1.83 36.11 37.40
C GLY B 395 0.96 36.29 36.16
N VAL B 396 1.37 35.68 35.04
CA VAL B 396 0.61 35.90 33.76
C VAL B 396 -0.73 35.18 33.76
N THR B 397 -1.80 35.84 33.31
CA THR B 397 -3.09 35.18 33.17
C THR B 397 -3.61 35.43 31.75
N VAL B 398 -4.65 34.70 31.39
CA VAL B 398 -5.29 34.86 30.07
C VAL B 398 -6.79 34.84 30.24
N SER B 399 -7.44 35.81 29.60
CA SER B 399 -8.86 35.89 29.58
C SER B 399 -9.37 35.89 28.12
N PHE B 400 -10.51 35.27 27.87
CA PHE B 400 -11.00 35.12 26.51
C PHE B 400 -12.26 35.92 26.30
N TYR B 401 -12.34 36.53 25.13
CA TYR B 401 -13.50 37.34 24.76
C TYR B 401 -13.96 36.86 23.39
N GLY B 402 -15.25 36.58 23.26
CA GLY B 402 -15.80 35.99 22.06
C GLY B 402 -15.58 34.51 22.07
N GLY B 403 -16.17 33.83 21.09
CA GLY B 403 -16.03 32.36 20.92
C GLY B 403 -16.41 31.48 22.07
N GLU B 404 -15.90 30.27 22.06
CA GLU B 404 -16.33 29.24 23.01
C GLU B 404 -15.94 29.62 24.42
N LEU B 405 -14.77 30.25 24.57
CA LEU B 405 -14.23 30.47 25.90
C LEU B 405 -14.61 31.86 26.42
N ASN B 406 -15.52 32.55 25.71
CA ASN B 406 -15.93 33.88 26.08
C ASN B 406 -16.21 33.97 27.57
N GLY B 407 -15.60 34.99 28.21
CA GLY B 407 -15.83 35.32 29.64
C GLY B 407 -15.02 34.46 30.59
N GLN B 408 -14.17 33.55 30.10
CA GLN B 408 -13.38 32.73 31.01
C GLN B 408 -11.97 33.31 31.22
N THR B 409 -11.38 33.01 32.36
CA THR B 409 -10.05 33.51 32.73
C THR B 409 -9.30 32.30 33.29
N PHE B 410 -8.03 32.14 32.91
CA PHE B 410 -7.17 31.02 33.34
C PHE B 410 -5.90 31.61 34.00
N THR B 411 -5.52 31.04 35.14
CA THR B 411 -4.40 31.51 35.95
C THR B 411 -3.39 30.37 36.22
N ASP B 412 -3.79 29.12 36.07
CA ASP B 412 -2.82 27.97 36.21
C ASP B 412 -1.67 28.15 35.15
N PRO B 413 -0.39 28.37 35.60
CA PRO B 413 0.67 28.65 34.63
C PRO B 413 0.84 27.66 33.42
N PRO B 414 0.69 26.34 33.61
CA PRO B 414 0.78 25.43 32.43
C PRO B 414 -0.32 25.67 31.37
N THR B 415 -1.52 25.93 31.84
CA THR B 415 -2.62 26.26 30.97
C THR B 415 -2.46 27.59 30.23
N VAL B 416 -1.97 28.60 30.94
CA VAL B 416 -1.82 29.93 30.35
C VAL B 416 -0.71 29.79 29.31
N LYS B 417 0.35 29.07 29.64
CA LYS B 417 1.43 28.80 28.71
C LYS B 417 0.99 28.06 27.43
N SER B 418 0.11 27.06 27.58
CA SER B 418 -0.43 26.36 26.44
C SER B 418 -1.20 27.32 25.53
N TYR B 419 -2.01 28.20 26.09
CA TYR B 419 -2.70 29.15 25.24
C TYR B 419 -1.71 30.16 24.61
N ALA B 420 -0.63 30.51 25.30
CA ALA B 420 0.33 31.43 24.72
C ALA B 420 1.04 30.81 23.53
N ARG B 421 1.40 29.50 23.66
CA ARG B 421 1.93 28.72 22.50
C ARG B 421 0.98 28.74 21.29
N LYS B 422 -0.36 28.66 21.47
CA LYS B 422 -1.27 28.81 20.31
C LYS B 422 -1.34 30.21 19.75
N ALA B 423 -1.20 31.21 20.64
CA ALA B 423 -1.27 32.62 20.25
C ALA B 423 -0.15 33.05 19.28
N ILE B 424 0.99 32.34 19.27
CA ILE B 424 1.97 32.67 18.25
C ILE B 424 1.43 32.43 16.83
N PHE B 425 0.43 31.57 16.69
CA PHE B 425 -0.18 31.27 15.43
C PHE B 425 -1.34 32.26 15.09
N GLY B 426 -1.61 33.24 15.93
CA GLY B 426 -2.77 34.18 15.68
C GLY B 426 -3.95 33.78 16.53
N GLU B 427 -5.13 33.90 15.96
CA GLU B 427 -6.34 33.51 16.69
C GLU B 427 -6.41 32.04 16.90
N ILE B 428 -7.01 31.66 18.03
CA ILE B 428 -7.01 30.29 18.54
C ILE B 428 -8.30 29.54 18.23
N PHE B 429 -8.15 28.35 17.65
CA PHE B 429 -9.27 27.47 17.30
C PHE B 429 -9.23 26.14 17.96
N GLU B 430 -10.41 25.56 18.06
CA GLU B 430 -10.60 24.17 18.42
C GLU B 430 -10.69 23.33 17.13
N PHE B 431 -9.98 22.23 17.11
CA PHE B 431 -9.88 21.35 15.95
C PHE B 431 -10.25 19.91 16.32
N ASP B 432 -10.86 19.21 15.38
CA ASP B 432 -11.02 17.77 15.44
C ASP B 432 -9.74 17.14 14.77
N THR B 433 -8.84 16.57 15.58
CA THR B 433 -7.63 15.91 15.11
C THR B 433 -7.81 14.42 14.99
N GLU B 434 -8.98 13.89 15.32
CA GLU B 434 -9.22 12.42 15.31
C GLU B 434 -9.75 11.87 14.01
N THR B 435 -10.76 12.52 13.44
CA THR B 435 -11.37 12.01 12.22
C THR B 435 -10.32 11.68 11.16
N LEU B 436 -9.30 12.54 10.93
CA LEU B 436 -8.34 12.25 9.87
C LEU B 436 -7.03 11.69 10.43
N ASN B 437 -6.99 11.42 11.74
CA ASN B 437 -5.72 11.13 12.39
C ASN B 437 -4.67 12.21 12.05
N SER B 438 -5.01 13.47 12.32
CA SER B 438 -4.17 14.59 11.99
C SER B 438 -2.86 14.49 12.77
N ASP B 439 -1.74 14.97 12.22
CA ASP B 439 -0.46 14.77 12.84
C ASP B 439 0.05 15.97 13.52
N GLY B 440 -0.64 17.07 13.38
CA GLY B 440 -0.17 18.30 14.07
C GLY B 440 0.81 19.24 13.30
N ILE B 441 1.10 18.92 12.04
CA ILE B 441 2.15 19.59 11.33
C ILE B 441 1.52 20.32 10.09
N PHE B 442 1.87 21.57 9.87
CA PHE B 442 1.13 22.43 8.92
C PHE B 442 1.41 21.99 7.47
N ARG B 443 0.37 22.07 6.67
CA ARG B 443 0.40 21.83 5.22
C ARG B 443 -0.03 23.08 4.45
N THR B 444 0.38 23.21 3.20
CA THR B 444 -0.09 24.27 2.35
C THR B 444 -1.46 24.06 1.78
N SER B 445 -1.98 25.10 1.14
CA SER B 445 -3.35 25.04 0.56
C SER B 445 -3.25 24.80 -0.94
N PRO B 446 -4.40 24.75 -1.63
CA PRO B 446 -4.30 24.74 -3.08
C PRO B 446 -3.61 25.94 -3.70
N ARG B 447 -3.63 27.12 -3.07
CA ARG B 447 -2.84 28.27 -3.57
C ARG B 447 -1.34 27.92 -3.65
N GLY B 448 -0.80 27.29 -2.61
CA GLY B 448 0.63 26.90 -2.57
C GLY B 448 0.95 25.79 -3.56
N TRP B 449 0.15 24.74 -3.58
CA TRP B 449 0.39 23.64 -4.53
C TRP B 449 0.28 24.12 -6.00
N PHE B 450 -0.78 24.86 -6.32
CA PHE B 450 -0.90 25.40 -7.66
C PHE B 450 0.33 26.19 -8.04
N THR B 451 0.75 27.06 -7.16
CA THR B 451 1.83 27.94 -7.43
C THR B 451 3.12 27.14 -7.67
N PHE B 452 3.36 26.14 -6.82
CA PHE B 452 4.57 25.33 -6.96
C PHE B 452 4.59 24.63 -8.30
N ALA B 453 3.52 23.92 -8.62
CA ALA B 453 3.52 23.10 -9.84
C ALA B 453 3.65 24.03 -11.08
N HIS B 454 3.00 25.21 -11.05
CA HIS B 454 3.10 26.08 -12.23
C HIS B 454 4.45 26.76 -12.37
N ALA B 455 5.11 27.14 -11.30
CA ALA B 455 6.42 27.69 -11.41
C ALA B 455 7.42 26.65 -11.90
N VAL B 456 7.31 25.43 -11.38
CA VAL B 456 8.24 24.36 -11.80
C VAL B 456 8.04 24.06 -13.26
N PHE B 457 6.78 23.88 -13.69
CA PHE B 457 6.52 23.52 -15.06
C PHE B 457 6.92 24.64 -16.01
N ALA B 458 6.72 25.88 -15.61
CA ALA B 458 7.13 27.02 -16.44
C ALA B 458 8.61 27.01 -16.63
N LEU B 459 9.36 26.77 -15.56
CA LEU B 459 10.82 26.72 -15.71
C LEU B 459 11.26 25.59 -16.63
N LEU B 460 10.65 24.41 -16.45
CA LEU B 460 11.00 23.28 -17.32
C LEU B 460 10.61 23.57 -18.82
N PHE B 461 9.50 24.30 -19.04
CA PHE B 461 9.10 24.61 -20.40
C PHE B 461 10.08 25.61 -21.03
N PHE B 462 10.80 26.39 -20.26
CA PHE B 462 11.91 27.18 -20.80
C PHE B 462 12.93 26.27 -21.54
N PHE B 463 13.24 25.15 -20.94
CA PHE B 463 14.24 24.25 -21.55
C PHE B 463 13.63 23.73 -22.83
N GLY B 464 12.37 23.37 -22.79
CA GLY B 464 11.70 22.89 -24.00
C GLY B 464 11.74 23.92 -25.16
N HIS B 465 11.50 25.17 -24.83
CA HIS B 465 11.58 26.27 -25.79
C HIS B 465 12.96 26.35 -26.44
N ILE B 466 13.99 26.38 -25.63
CA ILE B 466 15.37 26.43 -26.08
C ILE B 466 15.73 25.22 -26.92
N TRP B 467 15.31 24.06 -26.47
CA TRP B 467 15.61 22.82 -27.18
C TRP B 467 14.99 22.79 -28.57
N HIS B 468 13.69 23.13 -28.67
CA HIS B 468 13.01 23.02 -29.91
C HIS B 468 13.35 24.19 -30.88
N GLY B 469 13.56 25.38 -30.32
CA GLY B 469 14.08 26.50 -31.07
C GLY B 469 15.38 26.14 -31.73
N ALA B 470 16.28 25.51 -30.97
CA ALA B 470 17.56 25.10 -31.44
C ALA B 470 17.36 24.08 -32.55
N ARG B 471 16.51 23.07 -32.33
CA ARG B 471 16.28 22.08 -33.35
C ARG B 471 15.72 22.70 -34.67
N THR B 472 14.83 23.67 -34.53
CA THR B 472 14.28 24.38 -35.67
C THR B 472 15.40 25.09 -36.51
N LEU B 473 16.20 25.89 -35.83
CA LEU B 473 17.12 26.75 -36.53
C LEU B 473 18.36 26.02 -37.03
N PHE B 474 18.64 24.88 -36.44
CA PHE B 474 19.82 24.11 -36.75
C PHE B 474 19.43 22.77 -37.32
N ARG B 475 18.25 22.68 -37.92
CA ARG B 475 17.83 21.43 -38.54
C ARG B 475 18.88 20.79 -39.48
N ASP B 476 19.54 21.57 -40.34
CA ASP B 476 20.57 21.02 -41.30
C ASP B 476 21.75 20.30 -40.64
N VAL B 477 22.04 20.65 -39.38
CA VAL B 477 23.19 20.01 -38.67
C VAL B 477 22.70 19.12 -37.55
N PHE B 478 21.41 18.77 -37.51
CA PHE B 478 20.95 17.80 -36.49
C PHE B 478 21.73 16.46 -36.38
N SER B 479 22.23 15.90 -37.46
CA SER B 479 23.02 14.65 -37.40
C SER B 479 24.53 14.85 -37.36
N GLY B 480 24.96 16.10 -37.35
CA GLY B 480 26.39 16.44 -37.32
C GLY B 480 26.74 17.58 -38.27
N ILE B 481 27.97 18.04 -38.18
CA ILE B 481 28.42 19.15 -39.06
C ILE B 481 28.85 18.62 -40.40
N ASP B 482 28.80 19.49 -41.41
CA ASP B 482 29.32 19.13 -42.75
C ASP B 482 30.69 18.40 -42.63
N PRO B 483 30.78 17.13 -43.11
CA PRO B 483 32.09 16.41 -43.06
C PRO B 483 33.28 17.17 -43.75
N GLU B 484 33.01 17.85 -44.86
CA GLU B 484 33.97 18.71 -45.55
C GLU B 484 33.58 20.20 -45.31
N LEU B 485 33.46 20.57 -44.02
CA LEU B 485 33.28 21.97 -43.60
C LEU B 485 34.63 22.63 -43.87
N SER B 486 34.59 23.79 -44.53
CA SER B 486 35.80 24.55 -44.88
C SER B 486 36.60 25.04 -43.62
N PRO B 487 37.88 24.57 -43.41
CA PRO B 487 38.71 25.15 -42.34
C PRO B 487 38.81 26.68 -42.36
N GLU B 488 38.70 27.30 -43.53
CA GLU B 488 38.69 28.78 -43.67
C GLU B 488 37.51 29.48 -42.99
N GLN B 489 36.33 28.82 -42.98
CA GLN B 489 35.12 29.38 -42.34
C GLN B 489 35.19 29.49 -40.79
N VAL B 490 36.03 28.67 -40.19
CA VAL B 490 36.16 28.57 -38.71
C VAL B 490 37.52 29.04 -38.19
N GLU B 491 38.58 28.93 -39.01
CA GLU B 491 39.86 29.59 -38.72
C GLU B 491 39.64 31.10 -38.80
N TRP B 492 40.62 31.89 -38.34
CA TRP B 492 40.55 33.35 -38.37
C TRP B 492 41.39 33.88 -39.56
N GLY B 493 41.13 35.11 -39.99
CA GLY B 493 41.91 35.73 -41.08
C GLY B 493 41.33 35.64 -42.50
N PHE B 494 40.63 34.55 -42.82
CA PHE B 494 40.20 34.24 -44.20
C PHE B 494 38.98 35.05 -44.69
N TYR B 495 37.84 34.96 -43.99
CA TYR B 495 36.64 35.72 -44.33
C TYR B 495 36.56 36.99 -43.48
N GLN B 496 36.14 38.09 -44.07
CA GLN B 496 36.05 39.33 -43.31
C GLN B 496 34.82 39.33 -42.38
N LYS B 497 33.72 38.74 -42.88
CA LYS B 497 32.49 38.57 -42.15
C LYS B 497 32.38 37.07 -41.81
N VAL B 498 32.15 36.77 -40.53
CA VAL B 498 32.14 35.39 -40.02
C VAL B 498 31.05 34.65 -40.76
N GLY B 499 31.40 33.48 -41.32
CA GLY B 499 30.39 32.62 -41.98
C GLY B 499 29.85 33.09 -43.34
N ASP B 500 30.58 33.96 -44.02
CA ASP B 500 30.18 34.47 -45.34
C ASP B 500 31.37 34.32 -46.30
N VAL B 501 31.34 33.27 -47.13
CA VAL B 501 32.43 32.95 -48.09
C VAL B 501 32.71 34.06 -49.15
N THR B 502 31.67 34.83 -49.49
CA THR B 502 31.81 35.99 -50.41
C THR B 502 32.65 37.17 -49.85
N THR B 503 33.02 37.12 -48.55
CA THR B 503 33.86 38.13 -47.92
C THR B 503 35.31 37.66 -47.77
N ARG B 504 35.69 36.62 -48.50
CA ARG B 504 37.11 36.14 -48.55
C ARG B 504 38.13 37.28 -48.81
N ARG B 505 39.33 37.14 -48.20
CA ARG B 505 40.37 38.20 -48.11
C ARG B 505 40.94 38.63 -49.46
N ALA C 5 72.88 27.41 -24.78
CA ALA C 5 71.81 26.40 -25.04
C ALA C 5 72.33 24.91 -25.21
N THR C 6 73.31 24.50 -24.37
CA THR C 6 73.74 23.07 -24.28
C THR C 6 72.56 22.49 -23.53
N ASN C 7 71.55 21.97 -24.24
CA ASN C 7 70.34 21.45 -23.59
C ASN C 7 69.41 22.53 -23.05
N ARG C 8 69.55 23.82 -23.38
CA ARG C 8 68.72 24.88 -22.70
C ARG C 8 67.50 25.41 -23.46
N ASP C 9 66.86 24.52 -24.17
CA ASP C 9 65.58 24.81 -24.80
C ASP C 9 64.86 23.48 -24.99
N GLN C 10 63.59 23.60 -25.37
CA GLN C 10 62.76 22.41 -25.48
C GLN C 10 63.18 21.49 -26.65
N GLU C 11 63.51 22.10 -27.79
CA GLU C 11 63.93 21.39 -29.02
C GLU C 11 65.11 20.41 -28.73
N SER C 12 66.21 20.89 -28.15
CA SER C 12 67.33 20.01 -27.85
C SER C 12 67.18 19.15 -26.62
N SER C 13 66.54 19.63 -25.53
CA SER C 13 66.45 18.82 -24.25
C SER C 13 65.32 17.81 -24.27
N GLY C 14 64.26 18.13 -25.02
CA GLY C 14 62.98 17.36 -24.92
C GLY C 14 62.07 17.78 -23.76
N PHE C 15 62.53 18.71 -22.92
CA PHE C 15 61.73 19.23 -21.78
C PHE C 15 61.35 20.67 -21.92
N ALA C 16 60.07 20.97 -21.74
CA ALA C 16 59.63 22.38 -21.76
C ALA C 16 60.20 23.15 -20.55
N TRP C 17 60.09 24.46 -20.63
CA TRP C 17 60.57 25.40 -19.61
C TRP C 17 60.01 25.06 -18.21
N TRP C 18 58.74 24.64 -18.14
CA TRP C 18 58.14 24.37 -16.86
C TRP C 18 58.64 23.07 -16.29
N ALA C 19 59.29 22.23 -17.10
CA ALA C 19 59.99 21.06 -16.59
C ALA C 19 61.51 21.21 -16.76
N GLY C 20 61.93 22.47 -16.71
CA GLY C 20 63.29 22.88 -17.01
C GLY C 20 64.39 22.17 -16.26
N ASN C 21 64.16 21.92 -14.99
CA ASN C 21 65.15 21.24 -14.16
C ASN C 21 65.42 19.78 -14.50
N ALA C 22 64.52 19.19 -15.27
CA ALA C 22 64.72 17.87 -15.80
C ALA C 22 65.84 17.84 -16.89
N ARG C 23 66.12 19.00 -17.50
CA ARG C 23 67.30 19.19 -18.36
C ARG C 23 68.64 18.91 -17.66
N LEU C 24 68.63 18.79 -16.32
CA LEU C 24 69.82 18.58 -15.55
C LEU C 24 70.15 17.17 -15.20
N ILE C 25 69.29 16.23 -15.59
CA ILE C 25 69.43 14.86 -15.06
C ILE C 25 70.84 14.26 -15.33
N ASN C 26 71.35 14.45 -16.53
CA ASN C 26 72.70 13.95 -16.89
C ASN C 26 73.80 15.04 -16.99
N LEU C 27 73.59 16.17 -16.30
CA LEU C 27 74.58 17.24 -16.20
C LEU C 27 75.08 17.40 -14.81
N SER C 28 76.01 16.54 -14.38
CA SER C 28 76.31 16.41 -12.97
C SER C 28 76.85 17.66 -12.33
N GLY C 29 77.49 18.51 -13.14
CA GLY C 29 78.14 19.70 -12.65
C GLY C 29 77.13 20.79 -12.32
N LYS C 30 76.35 21.19 -13.30
CA LYS C 30 75.24 22.11 -13.07
C LYS C 30 74.24 21.56 -11.98
N LEU C 31 73.97 20.27 -12.00
CA LEU C 31 73.07 19.69 -11.00
C LEU C 31 73.65 19.78 -9.61
N LEU C 32 74.98 19.63 -9.48
CA LEU C 32 75.64 19.90 -8.19
C LEU C 32 75.45 21.39 -7.80
N GLY C 33 75.59 22.28 -8.75
CA GLY C 33 75.28 23.68 -8.51
C GLY C 33 73.87 23.92 -7.92
N ALA C 34 72.87 23.30 -8.56
CA ALA C 34 71.45 23.39 -8.19
C ALA C 34 71.29 22.97 -6.77
N HIS C 35 71.92 21.86 -6.45
CA HIS C 35 71.80 21.34 -5.13
C HIS C 35 72.46 22.23 -4.09
N VAL C 36 73.70 22.67 -4.37
CA VAL C 36 74.45 23.43 -3.39
C VAL C 36 73.76 24.81 -3.17
N ALA C 37 73.32 25.44 -4.25
CA ALA C 37 72.60 26.71 -4.15
C ALA C 37 71.33 26.57 -3.31
N HIS C 38 70.67 25.40 -3.47
CA HIS C 38 69.43 25.11 -2.74
C HIS C 38 69.74 24.92 -1.29
N ALA C 39 70.81 24.18 -0.96
CA ALA C 39 71.22 24.09 0.40
C ALA C 39 71.50 25.47 1.03
N GLY C 40 72.03 26.36 0.23
CA GLY C 40 72.20 27.71 0.65
C GLY C 40 70.90 28.46 0.96
N LEU C 41 69.85 28.25 0.16
CA LEU C 41 68.51 28.83 0.48
C LEU C 41 67.98 28.31 1.82
N ILE C 42 68.22 27.05 2.12
CA ILE C 42 67.71 26.51 3.40
C ILE C 42 68.43 27.18 4.58
N VAL C 43 69.75 27.21 4.48
CA VAL C 43 70.59 27.78 5.50
C VAL C 43 70.32 29.28 5.61
N PHE C 44 70.09 29.93 4.48
CA PHE C 44 69.76 31.33 4.49
C PHE C 44 68.49 31.58 5.36
N TRP C 45 67.44 30.80 5.11
CA TRP C 45 66.17 30.97 5.81
C TRP C 45 66.39 30.70 7.30
N ALA C 46 67.07 29.65 7.64
CA ALA C 46 67.36 29.43 9.08
C ALA C 46 68.02 30.60 9.78
N GLY C 47 69.00 31.18 9.08
CA GLY C 47 69.75 32.30 9.64
C GLY C 47 68.87 33.57 9.70
N ALA C 48 68.25 33.93 8.58
CA ALA C 48 67.50 35.20 8.54
C ALA C 48 66.22 35.18 9.40
N MET C 49 65.50 34.04 9.36
CA MET C 49 64.30 33.86 10.15
C MET C 49 64.66 33.94 11.63
N THR C 50 65.76 33.31 12.06
CA THR C 50 66.18 33.43 13.44
C THR C 50 66.39 34.91 13.89
N LEU C 51 67.07 35.69 13.06
CA LEU C 51 67.36 37.09 13.38
C LEU C 51 66.12 37.93 13.40
N PHE C 52 65.23 37.68 12.44
CA PHE C 52 63.91 38.30 12.45
C PHE C 52 63.20 37.97 13.77
N GLU C 53 63.22 36.69 14.16
CA GLU C 53 62.49 36.25 15.38
C GLU C 53 63.06 37.03 16.56
N LEU C 54 64.40 37.08 16.61
CA LEU C 54 65.12 37.71 17.74
C LEU C 54 64.88 39.19 17.80
N ALA C 55 64.89 39.89 16.67
CA ALA C 55 64.53 41.30 16.61
C ALA C 55 63.12 41.58 17.13
N HIS C 56 62.21 40.62 16.95
CA HIS C 56 60.79 40.84 17.28
C HIS C 56 60.51 40.36 18.72
N PHE C 57 61.49 39.74 19.35
CA PHE C 57 61.28 38.97 20.58
C PHE C 57 61.26 39.84 21.83
N ILE C 58 60.25 39.64 22.67
CA ILE C 58 60.11 40.32 23.95
C ILE C 58 60.26 39.22 24.99
N PRO C 59 61.40 39.18 25.68
CA PRO C 59 61.79 37.96 26.45
C PRO C 59 60.88 37.53 27.62
N GLU C 60 60.16 38.49 28.15
CA GLU C 60 59.20 38.30 29.21
C GLU C 60 57.79 37.80 28.77
N LYS C 61 57.43 37.88 27.48
CA LYS C 61 56.23 37.17 26.99
C LYS C 61 56.63 35.76 26.63
N PRO C 62 55.68 34.81 26.76
CA PRO C 62 56.03 33.46 26.23
C PRO C 62 56.36 33.49 24.77
N MET C 63 57.29 32.63 24.38
CA MET C 63 57.67 32.50 23.00
C MET C 63 56.39 32.24 22.17
N TYR C 64 55.53 31.39 22.72
CA TYR C 64 54.36 30.98 21.99
C TYR C 64 53.32 32.04 21.83
N GLU C 65 53.43 33.17 22.51
CA GLU C 65 52.56 34.34 22.21
C GLU C 65 53.16 35.21 21.11
N GLN C 66 54.27 34.79 20.52
CA GLN C 66 55.06 35.68 19.65
C GLN C 66 55.37 35.11 18.26
N GLY C 67 54.83 33.91 17.97
CA GLY C 67 54.94 33.37 16.62
C GLY C 67 56.31 32.94 16.26
N LEU C 68 56.95 32.29 17.23
CA LEU C 68 58.33 31.82 17.08
C LEU C 68 58.24 30.29 16.92
N ILE C 69 58.95 29.80 15.92
CA ILE C 69 59.18 28.40 15.71
C ILE C 69 60.68 28.04 15.80
N LEU C 70 61.57 28.99 15.51
CA LEU C 70 63.02 28.69 15.58
C LEU C 70 63.66 28.90 16.93
N ILE C 71 63.41 30.02 17.58
CA ILE C 71 63.89 30.21 18.92
C ILE C 71 63.49 29.05 19.79
N PRO C 72 62.21 28.59 19.69
CA PRO C 72 61.84 27.40 20.48
C PRO C 72 62.78 26.16 20.25
N HIS C 73 63.22 25.96 19.02
CA HIS C 73 64.14 24.86 18.72
C HIS C 73 65.48 25.03 19.38
N ILE C 74 65.96 26.28 19.41
CA ILE C 74 67.29 26.57 20.04
C ILE C 74 67.21 26.39 21.54
N ALA C 75 66.13 26.91 22.12
CA ALA C 75 65.91 26.78 23.59
C ALA C 75 65.80 25.33 24.06
N THR C 76 65.10 24.50 23.28
CA THR C 76 64.98 23.11 23.64
C THR C 76 66.36 22.39 23.75
N LEU C 77 67.33 22.84 22.97
CA LEU C 77 68.70 22.34 23.06
C LEU C 77 69.49 22.84 24.29
N GLY C 78 68.84 23.58 25.21
CA GLY C 78 69.50 24.15 26.39
C GLY C 78 70.12 25.56 26.26
N TRP C 79 70.03 26.18 25.10
CA TRP C 79 70.68 27.45 24.88
C TRP C 79 69.74 28.56 25.26
N GLY C 80 70.20 29.45 26.14
CA GLY C 80 69.53 30.74 26.34
C GLY C 80 68.48 30.76 27.42
N VAL C 81 68.26 29.60 28.07
CA VAL C 81 67.14 29.47 29.00
C VAL C 81 67.56 28.83 30.31
N GLY C 82 66.76 29.12 31.35
CA GLY C 82 66.98 28.53 32.69
C GLY C 82 65.73 27.92 33.20
N PRO C 83 65.57 27.90 34.53
CA PRO C 83 64.42 27.18 35.11
C PRO C 83 63.06 27.65 34.60
N GLY C 84 62.14 26.74 34.35
CA GLY C 84 60.81 27.10 33.80
C GLY C 84 60.76 27.54 32.37
N GLY C 85 61.89 27.42 31.67
CA GLY C 85 62.09 27.99 30.34
C GLY C 85 62.21 29.51 30.27
N GLU C 86 62.46 30.18 31.37
CA GLU C 86 62.73 31.63 31.35
C GLU C 86 63.97 31.97 30.53
N VAL C 87 63.90 33.04 29.77
CA VAL C 87 65.06 33.42 28.91
C VAL C 87 66.07 34.16 29.78
N VAL C 88 67.27 33.61 29.89
CA VAL C 88 68.34 34.23 30.64
C VAL C 88 69.38 34.96 29.74
N ASP C 89 69.39 34.71 28.43
CA ASP C 89 70.45 35.19 27.57
C ASP C 89 70.08 35.00 26.12
N THR C 90 69.85 36.07 25.38
CA THR C 90 69.48 35.94 23.97
C THR C 90 70.65 35.72 23.03
N PHE C 91 71.88 35.90 23.49
CA PHE C 91 73.04 35.89 22.61
C PHE C 91 73.22 34.54 21.85
N PRO C 92 73.01 33.40 22.52
CA PRO C 92 73.03 32.14 21.76
C PRO C 92 72.04 32.05 20.57
N PHE C 93 70.89 32.75 20.66
CA PHE C 93 69.98 32.80 19.52
C PHE C 93 70.62 33.60 18.38
N PHE C 94 71.24 34.73 18.75
CA PHE C 94 71.86 35.65 17.78
C PHE C 94 73.01 34.91 17.06
N VAL C 95 73.77 34.15 17.80
CA VAL C 95 74.86 33.40 17.23
C VAL C 95 74.36 32.40 16.20
N VAL C 96 73.36 31.62 16.57
CA VAL C 96 72.79 30.64 15.62
C VAL C 96 72.29 31.33 14.34
N GLY C 97 71.64 32.49 14.49
CA GLY C 97 71.14 33.18 13.34
C GLY C 97 72.27 33.64 12.40
N VAL C 98 73.23 34.35 12.99
CA VAL C 98 74.34 34.94 12.26
C VAL C 98 75.17 33.86 11.61
N VAL C 99 75.50 32.82 12.33
CA VAL C 99 76.36 31.79 11.71
C VAL C 99 75.68 31.08 10.52
N HIS C 100 74.39 30.77 10.62
CA HIS C 100 73.67 30.26 9.43
C HIS C 100 73.65 31.28 8.29
N LEU C 101 73.43 32.53 8.59
CA LEU C 101 73.30 33.52 7.51
C LEU C 101 74.62 33.72 6.76
N ILE C 102 75.73 33.63 7.50
CA ILE C 102 77.06 33.78 6.91
C ILE C 102 77.34 32.54 6.11
N SER C 103 77.17 31.37 6.73
CA SER C 103 77.37 30.11 6.00
C SER C 103 76.56 30.03 4.68
N SER C 104 75.39 30.68 4.61
CA SER C 104 74.56 30.61 3.43
C SER C 104 75.18 31.29 2.24
N ALA C 105 75.92 32.38 2.50
CA ALA C 105 76.71 33.06 1.45
C ALA C 105 77.75 32.10 0.82
N VAL C 106 78.43 31.33 1.65
CA VAL C 106 79.38 30.36 1.13
C VAL C 106 78.72 29.30 0.22
N LEU C 107 77.65 28.69 0.74
CA LEU C 107 76.89 27.71 -0.07
C LEU C 107 76.35 28.34 -1.35
N GLY C 108 75.81 29.55 -1.21
CA GLY C 108 75.33 30.29 -2.37
C GLY C 108 76.40 30.55 -3.42
N PHE C 109 77.62 30.84 -2.93
CA PHE C 109 78.76 31.05 -3.79
C PHE C 109 79.07 29.77 -4.59
N GLY C 110 79.26 28.68 -3.88
CA GLY C 110 79.53 27.40 -4.50
C GLY C 110 78.46 26.98 -5.49
N GLY C 111 77.22 27.28 -5.16
CA GLY C 111 76.12 26.89 -6.02
C GLY C 111 76.13 27.66 -7.31
N VAL C 112 76.31 28.97 -7.21
CA VAL C 112 76.28 29.81 -8.36
C VAL C 112 77.50 29.42 -9.22
N TYR C 113 78.64 29.20 -8.59
CA TYR C 113 79.84 28.82 -9.35
C TYR C 113 79.56 27.55 -10.19
N HIS C 114 79.15 26.47 -9.52
CA HIS C 114 78.90 25.22 -10.24
C HIS C 114 77.78 25.26 -11.30
N ALA C 115 76.79 26.10 -11.06
CA ALA C 115 75.63 26.18 -11.94
C ALA C 115 75.89 26.91 -13.22
N ILE C 116 76.62 28.05 -13.11
CA ILE C 116 76.83 28.87 -14.27
C ILE C 116 78.29 28.93 -14.76
N ARG C 117 79.31 28.58 -13.94
CA ARG C 117 80.73 28.76 -14.34
C ARG C 117 81.55 27.48 -14.47
N GLY C 118 81.48 26.62 -13.47
CA GLY C 118 82.22 25.37 -13.50
C GLY C 118 81.81 24.41 -14.60
N PRO C 119 82.49 23.25 -14.68
CA PRO C 119 82.19 22.30 -15.72
C PRO C 119 80.78 21.70 -15.61
N GLU C 120 80.01 21.73 -16.71
CA GLU C 120 78.64 21.20 -16.74
C GLU C 120 78.48 19.75 -16.33
N THR C 121 79.40 18.92 -16.77
CA THR C 121 79.49 17.51 -16.36
C THR C 121 80.80 17.39 -15.62
N LEU C 122 80.85 16.49 -14.66
CA LEU C 122 82.02 16.30 -13.86
C LEU C 122 82.84 15.09 -14.27
N GLU C 123 82.34 14.25 -15.19
CA GLU C 123 82.93 12.89 -15.39
C GLU C 123 84.32 13.00 -16.11
N GLU C 124 84.45 13.99 -16.99
CA GLU C 124 85.69 14.29 -17.72
C GLU C 124 86.74 14.80 -16.75
N TYR C 125 86.34 15.66 -15.82
CA TYR C 125 87.26 16.28 -14.85
C TYR C 125 87.66 15.34 -13.73
N SER C 126 86.76 14.51 -13.23
CA SER C 126 87.04 13.71 -12.02
C SER C 126 86.22 12.46 -12.01
N SER C 127 86.90 11.35 -11.80
CA SER C 127 86.21 10.07 -11.69
C SER C 127 85.65 9.89 -10.27
N PHE C 128 86.14 10.67 -9.30
CA PHE C 128 85.67 10.59 -7.91
C PHE C 128 84.32 11.36 -7.74
N PHE C 129 84.21 12.54 -8.35
CA PHE C 129 83.04 13.43 -8.22
C PHE C 129 81.98 13.22 -9.30
N GLY C 130 82.40 12.74 -10.46
CA GLY C 130 81.50 12.33 -11.53
C GLY C 130 80.76 11.08 -11.13
N TYR C 131 79.68 10.86 -11.80
CA TYR C 131 78.79 9.72 -11.51
C TYR C 131 77.83 9.49 -12.68
N ASP C 132 77.51 8.20 -12.81
CA ASP C 132 76.45 7.73 -13.69
C ASP C 132 75.34 7.17 -12.76
N TRP C 133 74.11 7.63 -12.96
CA TRP C 133 72.96 7.15 -12.13
C TRP C 133 72.84 5.64 -12.17
N LYS C 134 73.23 5.03 -13.30
CA LYS C 134 73.21 3.55 -13.45
C LYS C 134 74.36 2.79 -12.79
N ASP C 135 75.34 3.49 -12.24
CA ASP C 135 76.49 2.81 -11.60
C ASP C 135 76.05 2.53 -10.17
N LYS C 136 75.63 1.30 -9.95
CA LYS C 136 75.07 0.95 -8.66
C LYS C 136 76.06 1.16 -7.51
N ASN C 137 77.35 0.95 -7.78
CA ASN C 137 78.34 1.01 -6.70
C ASN C 137 78.67 2.48 -6.36
N LYS C 138 78.78 3.31 -7.39
CA LYS C 138 79.02 4.71 -7.11
C LYS C 138 77.81 5.34 -6.30
N MET C 139 76.56 5.01 -6.70
CA MET C 139 75.39 5.49 -6.01
C MET C 139 75.41 5.01 -4.57
N THR C 140 75.63 3.73 -4.28
CA THR C 140 75.72 3.29 -2.85
C THR C 140 76.88 3.94 -2.06
N THR C 141 77.95 4.31 -2.74
CA THR C 141 79.09 4.95 -2.11
C THR C 141 78.75 6.37 -1.66
N ILE C 142 78.15 7.15 -2.57
CA ILE C 142 77.74 8.53 -2.23
C ILE C 142 76.68 8.49 -1.10
N LEU C 143 75.72 7.59 -1.24
CA LEU C 143 74.77 7.30 -0.17
C LEU C 143 75.49 7.10 1.14
N GLY C 144 76.54 6.29 1.10
CA GLY C 144 77.30 5.93 2.29
C GLY C 144 77.97 7.12 2.92
N PHE C 145 78.45 8.04 2.10
CA PHE C 145 79.13 9.23 2.62
C PHE C 145 78.13 10.05 3.42
N HIS C 146 76.96 10.27 2.79
CA HIS C 146 75.86 11.02 3.41
C HIS C 146 75.32 10.35 4.65
N LEU C 147 75.30 9.02 4.68
CA LEU C 147 74.97 8.32 5.93
C LEU C 147 75.91 8.68 7.05
N ILE C 148 77.20 8.68 6.75
CA ILE C 148 78.21 8.95 7.79
C ILE C 148 78.00 10.38 8.27
N VAL C 149 77.77 11.30 7.33
CA VAL C 149 77.53 12.68 7.70
C VAL C 149 76.32 12.80 8.67
N LEU C 150 75.21 12.13 8.34
CA LEU C 150 74.00 12.15 9.17
C LEU C 150 74.27 11.55 10.52
N GLY C 151 75.02 10.45 10.55
CA GLY C 151 75.43 9.83 11.83
C GLY C 151 76.15 10.79 12.76
N ILE C 152 77.04 11.58 12.20
CA ILE C 152 77.80 12.54 12.97
C ILE C 152 76.84 13.61 13.50
N GLY C 153 75.93 14.08 12.66
CA GLY C 153 74.89 15.02 13.11
C GLY C 153 74.14 14.53 14.34
N ALA C 154 73.69 13.27 14.32
CA ALA C 154 72.98 12.73 15.47
C ALA C 154 73.85 12.71 16.71
N LEU C 155 75.15 12.40 16.52
CA LEU C 155 76.08 12.36 17.66
C LEU C 155 76.40 13.74 18.16
N LEU C 156 76.25 14.75 17.32
CA LEU C 156 76.37 16.15 17.87
C LEU C 156 75.29 16.45 18.89
N LEU C 157 74.07 15.90 18.68
CA LEU C 157 72.99 16.12 19.65
C LEU C 157 73.36 15.45 20.95
N VAL C 158 73.85 14.21 20.86
CA VAL C 158 74.35 13.51 22.05
C VAL C 158 75.42 14.36 22.76
N ALA C 159 76.34 14.95 21.98
CA ALA C 159 77.47 15.70 22.53
C ALA C 159 76.95 16.92 23.26
N LYS C 160 76.00 17.65 22.65
CA LYS C 160 75.33 18.75 23.36
C LYS C 160 74.72 18.32 24.68
N ALA C 161 74.04 17.18 24.68
CA ALA C 161 73.25 16.73 25.83
C ALA C 161 74.12 16.23 26.98
N MET C 162 75.20 15.53 26.61
CA MET C 162 76.09 14.83 27.60
C MET C 162 77.33 15.65 28.06
N PHE C 163 77.89 16.43 27.15
CA PHE C 163 79.15 17.17 27.40
C PHE C 163 79.13 18.69 27.22
N PHE C 164 78.08 19.29 26.63
CA PHE C 164 78.14 20.71 26.38
C PHE C 164 76.90 21.42 26.92
N GLY C 165 76.54 21.13 28.17
CA GLY C 165 75.48 21.89 28.84
C GLY C 165 74.13 21.19 29.00
N GLY C 166 73.90 20.11 28.26
CA GLY C 166 72.65 19.34 28.39
C GLY C 166 71.52 19.83 27.49
N LEU C 167 70.29 19.52 27.89
CA LEU C 167 69.05 19.85 27.08
C LEU C 167 67.96 20.43 27.96
N TYR C 168 67.02 21.20 27.41
CA TYR C 168 65.92 21.67 28.25
C TYR C 168 65.04 20.43 28.57
N ASP C 169 64.85 20.13 29.86
CA ASP C 169 64.10 19.00 30.33
C ASP C 169 62.85 19.52 31.05
N THR C 170 61.69 19.45 30.40
CA THR C 170 60.42 19.85 31.00
C THR C 170 60.03 18.99 32.20
N TRP C 171 60.50 17.75 32.22
CA TRP C 171 60.23 16.78 33.32
C TRP C 171 61.19 16.85 34.54
N ALA C 172 62.15 17.78 34.51
CA ALA C 172 63.18 17.83 35.57
C ALA C 172 62.52 17.96 36.98
N PRO C 173 62.96 17.09 37.93
CA PRO C 173 62.31 17.09 39.25
C PRO C 173 62.41 18.45 39.89
N GLY C 174 61.32 18.87 40.50
CA GLY C 174 61.24 20.21 41.04
C GLY C 174 60.94 21.29 40.01
N GLY C 175 60.86 20.96 38.71
CA GLY C 175 60.42 21.97 37.70
C GLY C 175 61.32 21.98 36.50
N GLY C 176 60.77 22.40 35.39
CA GLY C 176 61.50 22.29 34.14
C GLY C 176 62.88 23.01 34.21
N ASP C 177 63.92 22.42 33.64
CA ASP C 177 65.23 23.07 33.63
C ASP C 177 66.20 22.35 32.68
N VAL C 178 67.28 23.06 32.34
CA VAL C 178 68.35 22.52 31.52
C VAL C 178 69.03 21.47 32.42
N ARG C 179 69.38 20.35 31.86
CA ARG C 179 69.94 19.23 32.63
C ARG C 179 70.87 18.44 31.76
N VAL C 180 71.98 18.02 32.37
CA VAL C 180 72.97 17.22 31.66
C VAL C 180 72.52 15.77 31.74
N ILE C 181 72.62 15.08 30.61
CA ILE C 181 72.18 13.69 30.54
C ILE C 181 73.41 12.77 30.69
N THR C 182 73.48 12.07 31.82
CA THR C 182 74.64 11.24 32.15
C THR C 182 74.39 9.75 31.92
N ASN C 183 73.12 9.33 31.97
CA ASN C 183 72.76 7.91 31.84
C ASN C 183 71.81 7.65 30.65
N PRO C 184 72.28 7.90 29.43
CA PRO C 184 71.41 7.67 28.28
C PRO C 184 71.02 6.19 28.16
N THR C 185 69.81 5.94 27.68
CA THR C 185 69.28 4.60 27.57
C THR C 185 69.94 3.89 26.42
N LEU C 186 70.68 2.81 26.73
CA LEU C 186 71.40 2.03 25.66
C LEU C 186 70.77 0.65 25.39
N ASP C 187 69.93 0.19 26.30
CA ASP C 187 69.30 -1.12 26.20
C ASP C 187 68.43 -1.16 24.93
N PRO C 188 68.79 -2.03 23.97
CA PRO C 188 68.06 -2.11 22.71
C PRO C 188 66.60 -2.52 22.86
N ARG C 189 66.27 -3.25 23.91
CA ARG C 189 64.89 -3.55 24.19
C ARG C 189 64.07 -2.28 24.41
N VAL C 190 64.65 -1.23 25.01
CA VAL C 190 63.89 0.01 25.19
C VAL C 190 63.87 0.82 23.87
N ILE C 191 65.04 1.00 23.26
CA ILE C 191 65.18 1.86 22.11
C ILE C 191 64.37 1.32 20.92
N PHE C 192 64.55 0.06 20.60
CA PHE C 192 63.80 -0.58 19.50
C PHE C 192 62.36 -0.96 19.88
N GLY C 193 62.12 -1.20 21.15
CA GLY C 193 60.75 -1.28 21.67
C GLY C 193 59.82 -0.15 21.21
N TYR C 194 60.33 1.09 21.20
CA TYR C 194 59.50 2.21 20.77
C TYR C 194 58.95 2.02 19.35
N LEU C 195 59.76 1.43 18.49
CA LEU C 195 59.40 1.19 17.11
C LEU C 195 58.30 0.14 16.88
N LEU C 196 58.07 -0.73 17.86
CA LEU C 196 57.06 -1.75 17.77
C LEU C 196 55.83 -1.36 18.57
N LYS C 197 55.79 -0.13 19.12
CA LYS C 197 54.59 0.33 19.80
C LYS C 197 53.51 0.76 18.76
N SER C 198 52.30 0.40 19.05
CA SER C 198 51.18 0.77 18.19
C SER C 198 51.19 2.31 18.02
N PRO C 199 50.81 2.81 16.84
CA PRO C 199 50.57 4.29 16.69
C PRO C 199 49.21 4.81 17.22
N PHE C 200 48.38 3.92 17.76
CA PHE C 200 47.02 4.36 18.25
C PHE C 200 47.06 4.89 19.69
N GLY C 201 45.89 5.25 20.22
CA GLY C 201 45.80 6.07 21.42
C GLY C 201 46.32 5.30 22.62
N GLY C 202 47.06 6.00 23.48
CA GLY C 202 47.64 5.42 24.66
C GLY C 202 48.98 4.75 24.36
N GLU C 203 49.41 4.71 23.10
CA GLU C 203 50.63 4.06 22.70
C GLU C 203 51.46 5.08 21.94
N GLY C 204 51.06 5.47 20.72
CA GLY C 204 51.72 6.54 19.98
C GLY C 204 53.11 6.32 19.39
N TRP C 205 53.50 5.05 19.24
CA TRP C 205 54.69 4.71 18.51
C TRP C 205 55.85 5.56 19.08
N ILE C 206 56.69 6.12 18.23
CA ILE C 206 57.87 6.87 18.71
C ILE C 206 57.48 8.24 19.25
N VAL C 207 56.30 8.73 18.87
CA VAL C 207 55.80 10.00 19.36
C VAL C 207 55.61 9.98 20.88
N SER C 208 55.44 8.79 21.47
CA SER C 208 55.31 8.67 22.91
C SER C 208 56.60 8.96 23.74
N VAL C 209 57.75 9.15 23.11
CA VAL C 209 59.02 9.27 23.88
C VAL C 209 58.86 10.40 24.90
N ASN C 210 59.09 10.07 26.16
CA ASN C 210 58.72 10.94 27.27
C ASN C 210 59.84 11.31 28.28
N ASN C 211 61.09 11.04 27.92
CA ASN C 211 62.23 11.34 28.77
C ASN C 211 63.47 11.49 27.91
N LEU C 212 64.36 12.40 28.31
CA LEU C 212 65.55 12.74 27.52
C LEU C 212 66.59 11.60 27.49
N GLU C 213 66.59 10.73 28.48
CA GLU C 213 67.54 9.55 28.46
C GLU C 213 67.26 8.64 27.27
N ASP C 214 65.97 8.34 27.00
CA ASP C 214 65.59 7.64 25.77
C ASP C 214 65.92 8.41 24.53
N VAL C 215 65.64 9.72 24.55
CA VAL C 215 65.96 10.55 23.36
C VAL C 215 67.45 10.50 23.04
N VAL C 216 68.29 10.75 24.06
CA VAL C 216 69.78 10.77 23.83
C VAL C 216 70.28 9.39 23.44
N GLY C 217 69.82 8.39 24.17
CA GLY C 217 70.14 7.00 23.87
C GLY C 217 69.77 6.58 22.47
N GLY C 218 68.63 7.09 21.99
CA GLY C 218 68.19 6.77 20.67
C GLY C 218 69.09 7.37 19.64
N HIS C 219 69.59 8.58 19.89
CA HIS C 219 70.54 9.14 18.91
C HIS C 219 71.94 8.51 18.93
N ILE C 220 72.37 7.96 20.05
CA ILE C 220 73.67 7.20 20.08
C ILE C 220 73.47 6.03 19.11
N TRP C 221 72.39 5.28 19.31
CA TRP C 221 72.05 4.16 18.37
C TRP C 221 71.95 4.53 16.92
N ILE C 222 71.24 5.63 16.60
CA ILE C 222 71.13 6.05 15.20
C ILE C 222 72.46 6.57 14.59
N GLY C 223 73.21 7.30 15.41
CA GLY C 223 74.55 7.75 15.03
C GLY C 223 75.42 6.59 14.58
N LEU C 224 75.47 5.54 15.39
CA LEU C 224 76.30 4.37 15.10
C LEU C 224 75.74 3.51 13.97
N ILE C 225 74.42 3.40 13.94
CA ILE C 225 73.77 2.66 12.85
C ILE C 225 74.06 3.34 11.53
N CYS C 226 73.94 4.67 11.47
CA CYS C 226 74.19 5.37 10.22
C CYS C 226 75.67 5.34 9.79
N ILE C 227 76.59 5.38 10.75
CA ILE C 227 78.04 5.39 10.43
C ILE C 227 78.40 4.00 9.88
N ALA C 228 78.00 2.95 10.59
CA ALA C 228 78.13 1.56 10.15
C ALA C 228 77.52 1.32 8.78
N GLY C 229 76.26 1.73 8.63
CA GLY C 229 75.57 1.54 7.36
C GLY C 229 76.26 2.25 6.26
N GLY C 230 76.79 3.43 6.55
CA GLY C 230 77.54 4.19 5.55
C GLY C 230 78.81 3.48 5.11
N ILE C 231 79.58 2.96 6.07
CA ILE C 231 80.78 2.17 5.79
C ILE C 231 80.38 0.98 4.90
N TRP C 232 79.38 0.24 5.37
CA TRP C 232 78.79 -0.85 4.57
C TRP C 232 78.54 -0.48 3.10
N HIS C 233 77.91 0.66 2.85
CA HIS C 233 77.58 0.99 1.46
C HIS C 233 78.77 1.48 0.65
N ILE C 234 79.78 2.00 1.33
CA ILE C 234 81.05 2.32 0.65
C ILE C 234 81.77 1.03 0.19
N LEU C 235 81.75 0.00 1.03
CA LEU C 235 82.44 -1.25 0.78
C LEU C 235 81.68 -2.31 -0.02
N THR C 236 80.43 -2.03 -0.45
CA THR C 236 79.59 -3.10 -1.06
C THR C 236 78.85 -2.61 -2.28
N THR C 237 78.25 -3.55 -3.00
CA THR C 237 77.43 -3.24 -4.16
C THR C 237 76.11 -3.95 -3.94
N PRO C 238 75.01 -3.43 -4.51
CA PRO C 238 73.73 -4.09 -4.20
C PRO C 238 73.67 -5.60 -4.55
N PHE C 239 73.13 -6.41 -3.64
CA PHE C 239 72.84 -7.80 -3.92
C PHE C 239 71.81 -7.96 -5.04
N GLY C 240 71.78 -9.18 -5.58
CA GLY C 240 70.96 -9.47 -6.74
C GLY C 240 69.48 -9.26 -6.50
N TRP C 241 69.02 -9.62 -5.31
CA TRP C 241 67.60 -9.42 -4.98
C TRP C 241 67.19 -7.93 -4.99
N ALA C 242 68.11 -7.05 -4.56
CA ALA C 242 67.95 -5.60 -4.62
C ALA C 242 68.01 -5.14 -6.06
N ARG C 243 68.96 -5.67 -6.83
CA ARG C 243 69.05 -5.31 -8.26
C ARG C 243 67.74 -5.58 -8.97
N ARG C 244 67.06 -6.67 -8.63
CA ARG C 244 65.84 -7.03 -9.37
C ARG C 244 64.58 -6.29 -8.85
N ALA C 245 64.63 -5.84 -7.61
CA ALA C 245 63.50 -5.19 -6.95
C ALA C 245 63.32 -3.72 -7.38
N PHE C 246 64.41 -3.01 -7.68
CA PHE C 246 64.37 -1.56 -7.89
C PHE C 246 64.53 -1.13 -9.32
N ILE C 247 64.14 0.12 -9.55
CA ILE C 247 64.53 0.83 -10.76
C ILE C 247 65.79 1.64 -10.45
N TRP C 248 66.75 1.65 -11.39
CA TRP C 248 68.08 2.30 -11.19
C TRP C 248 68.23 3.51 -12.12
N SER C 249 67.77 4.67 -11.67
CA SER C 249 67.79 5.91 -12.47
C SER C 249 67.68 7.07 -11.52
N GLY C 250 68.17 8.22 -11.94
CA GLY C 250 68.07 9.45 -11.16
C GLY C 250 66.61 9.72 -10.71
N GLU C 251 65.66 9.64 -11.65
CA GLU C 251 64.24 9.95 -11.31
C GLU C 251 63.69 8.95 -10.31
N ALA C 252 64.09 7.68 -10.42
CA ALA C 252 63.67 6.71 -9.44
C ALA C 252 64.22 7.01 -8.08
N TYR C 253 65.51 7.36 -7.98
CA TYR C 253 66.11 7.63 -6.64
C TYR C 253 65.42 8.87 -6.05
N LEU C 254 65.15 9.87 -6.90
CA LEU C 254 64.39 11.00 -6.40
C LEU C 254 63.06 10.49 -5.77
N SER C 255 62.35 9.59 -6.45
CA SER C 255 61.04 9.16 -5.95
C SER C 255 61.13 8.47 -4.61
N TYR C 256 62.15 7.69 -4.43
CA TYR C 256 62.27 6.96 -3.19
C TYR C 256 62.40 8.00 -2.06
N SER C 257 63.24 8.99 -2.30
CA SER C 257 63.56 9.99 -1.31
C SER C 257 62.29 10.86 -1.01
N LEU C 258 61.49 11.13 -2.04
CA LEU C 258 60.18 11.85 -1.87
C LEU C 258 59.20 11.10 -1.01
N GLY C 259 59.14 9.80 -1.20
CA GLY C 259 58.30 8.96 -0.35
C GLY C 259 58.77 9.01 1.09
N ALA C 260 60.10 8.88 1.27
CA ALA C 260 60.68 8.89 2.64
C ALA C 260 60.42 10.27 3.33
N LEU C 261 60.58 11.35 2.61
CA LEU C 261 60.38 12.69 3.18
C LEU C 261 58.89 12.89 3.52
N SER C 262 57.98 12.38 2.67
CA SER C 262 56.51 12.46 2.95
C SER C 262 56.21 11.77 4.26
N MET C 263 56.72 10.58 4.41
CA MET C 263 56.54 9.84 5.67
C MET C 263 57.02 10.66 6.87
N MET C 264 58.20 11.21 6.72
CA MET C 264 58.85 11.91 7.82
C MET C 264 58.06 13.14 8.15
N GLY C 265 57.55 13.80 7.11
CA GLY C 265 56.69 14.92 7.32
C GLY C 265 55.43 14.60 8.13
N PHE C 266 54.78 13.48 7.83
CA PHE C 266 53.58 13.09 8.59
C PHE C 266 53.95 12.81 10.01
N ILE C 267 55.11 12.17 10.19
CA ILE C 267 55.58 11.87 11.52
C ILE C 267 55.83 13.16 12.29
N ALA C 268 56.49 14.11 11.64
CA ALA C 268 56.81 15.37 12.31
C ALA C 268 55.51 16.09 12.75
N THR C 269 54.48 16.03 11.91
CA THR C 269 53.21 16.60 12.21
C THR C 269 52.68 16.04 13.52
N CYS C 270 52.67 14.74 13.63
CA CYS C 270 52.22 14.09 14.86
C CYS C 270 53.09 14.36 16.09
N PHE C 271 54.40 14.39 15.88
CA PHE C 271 55.32 14.75 16.94
C PHE C 271 54.96 16.10 17.60
N VAL C 272 54.81 17.13 16.80
CA VAL C 272 54.60 18.49 17.37
C VAL C 272 53.18 18.68 17.90
N TRP C 273 52.23 17.86 17.41
CA TRP C 273 50.84 17.96 17.86
C TRP C 273 50.69 17.32 19.23
N PHE C 274 51.38 16.21 19.50
CA PHE C 274 51.14 15.45 20.72
C PHE C 274 52.31 15.45 21.75
N ASN C 275 53.53 15.47 21.25
CA ASN C 275 54.73 15.32 22.12
C ASN C 275 55.10 16.66 22.80
N ASN C 276 55.18 16.62 24.14
CA ASN C 276 55.58 17.77 24.94
C ASN C 276 56.92 17.55 25.70
N THR C 277 57.79 16.65 25.20
CA THR C 277 59.11 16.44 25.75
C THR C 277 60.20 17.09 24.85
N VAL C 278 60.29 16.66 23.60
CA VAL C 278 61.15 17.28 22.64
C VAL C 278 60.54 18.51 21.98
N TYR C 279 59.28 18.78 22.27
CA TYR C 279 58.61 20.10 21.91
C TYR C 279 58.00 20.60 23.25
N PRO C 280 58.83 21.19 24.12
CA PRO C 280 58.40 21.57 25.44
C PRO C 280 57.28 22.62 25.39
N SER C 281 56.23 22.46 26.18
CA SER C 281 55.08 23.35 26.14
C SER C 281 55.43 24.76 26.62
N GLU C 282 56.43 24.83 27.51
CA GLU C 282 57.04 26.14 27.90
C GLU C 282 57.43 26.99 26.72
N PHE C 283 57.89 26.36 25.62
CA PHE C 283 58.32 27.10 24.41
C PHE C 283 57.30 27.04 23.25
N TYR C 284 56.60 25.90 23.05
CA TYR C 284 55.71 25.74 21.92
C TYR C 284 54.22 25.98 22.20
N GLY C 285 53.90 26.16 23.47
CA GLY C 285 52.56 26.21 24.00
C GLY C 285 52.02 24.84 24.29
N PRO C 286 50.87 24.78 25.00
CA PRO C 286 50.27 23.50 25.29
C PRO C 286 49.84 22.71 24.03
N THR C 287 49.85 21.39 24.13
CA THR C 287 49.21 20.52 23.14
C THR C 287 47.68 20.64 23.24
N GLY C 288 47.01 20.23 22.18
CA GLY C 288 45.54 20.27 22.09
C GLY C 288 44.98 19.47 23.27
N PRO C 289 45.44 18.24 23.46
CA PRO C 289 45.04 17.42 24.61
C PRO C 289 45.29 18.12 25.95
N GLU C 290 46.45 18.75 26.03
CA GLU C 290 46.89 19.38 27.25
C GLU C 290 45.95 20.48 27.68
N ALA C 291 45.64 21.36 26.72
CA ALA C 291 44.83 22.53 27.00
C ALA C 291 43.40 22.09 27.39
N SER C 292 42.90 21.02 26.77
CA SER C 292 41.53 20.51 27.09
C SER C 292 41.52 19.92 28.53
N GLN C 293 42.56 19.16 28.86
CA GLN C 293 42.75 18.70 30.25
C GLN C 293 42.88 19.86 31.21
N ALA C 294 43.71 20.83 30.85
CA ALA C 294 43.93 22.00 31.69
C ALA C 294 42.64 22.74 31.96
N GLN C 295 41.70 22.72 31.00
CA GLN C 295 40.35 23.37 31.27
C GLN C 295 39.62 22.65 32.40
N ALA C 296 39.61 21.32 32.32
CA ALA C 296 38.89 20.50 33.31
C ALA C 296 39.52 20.71 34.71
N MET C 297 40.85 20.70 34.76
N MET C 297 40.85 20.70 34.76
CA MET C 297 41.60 20.99 35.99
CA MET C 297 41.60 20.99 35.99
C MET C 297 41.25 22.38 36.54
C MET C 297 41.25 22.38 36.55
N THR C 298 41.20 23.38 35.67
CA THR C 298 40.84 24.74 36.08
C THR C 298 39.46 24.80 36.80
N PHE C 299 38.43 24.20 36.21
CA PHE C 299 37.11 24.29 36.82
C PHE C 299 36.96 23.35 38.01
N LEU C 300 37.63 22.21 37.96
CA LEU C 300 37.69 21.36 39.16
C LEU C 300 38.23 22.23 40.34
N ILE C 301 39.38 22.90 40.13
CA ILE C 301 39.98 23.74 41.16
C ILE C 301 39.04 24.80 41.60
N ARG C 302 38.47 25.51 40.63
CA ARG C 302 37.59 26.61 41.01
C ARG C 302 36.43 26.10 41.84
N ASP C 303 35.79 25.04 41.37
CA ASP C 303 34.52 24.63 41.99
C ASP C 303 34.76 23.97 43.36
N GLN C 304 35.83 23.23 43.45
CA GLN C 304 36.27 22.67 44.75
C GLN C 304 36.55 23.82 45.77
N LYS C 305 37.18 24.91 45.33
CA LYS C 305 37.36 26.08 46.21
C LYS C 305 36.06 26.67 46.68
N LEU C 306 35.00 26.63 45.86
CA LEU C 306 33.68 27.06 46.27
C LEU C 306 32.93 26.07 47.16
N GLY C 307 33.48 24.87 47.34
CA GLY C 307 32.86 23.87 48.22
C GLY C 307 32.38 22.60 47.57
N ALA C 308 32.61 22.42 46.29
CA ALA C 308 32.16 21.22 45.62
C ALA C 308 32.93 20.01 46.01
N ASN C 309 32.21 18.93 46.20
CA ASN C 309 32.81 17.62 46.28
C ASN C 309 32.93 17.01 44.90
N VAL C 310 34.10 17.21 44.31
CA VAL C 310 34.33 16.90 42.90
C VAL C 310 34.31 15.39 42.56
N GLY C 311 34.52 14.57 43.55
CA GLY C 311 34.45 13.10 43.37
C GLY C 311 33.04 12.60 43.19
N SER C 312 32.10 13.24 43.90
CA SER C 312 30.76 12.70 43.94
C SER C 312 29.72 13.52 43.08
N ALA C 313 30.24 14.50 42.39
CA ALA C 313 29.43 15.37 41.56
C ALA C 313 29.11 14.68 40.21
N GLN C 314 27.85 14.31 40.09
CA GLN C 314 27.32 13.63 38.92
C GLN C 314 26.95 14.73 37.94
N GLY C 315 27.46 14.61 36.73
CA GLY C 315 27.08 15.54 35.68
C GLY C 315 25.74 15.19 35.02
N PRO C 316 25.28 16.02 34.08
CA PRO C 316 23.96 15.87 33.47
C PRO C 316 23.71 14.51 32.83
N THR C 317 24.74 13.92 32.24
CA THR C 317 24.61 12.64 31.59
C THR C 317 24.60 11.43 32.57
N GLY C 318 24.96 11.63 33.83
CA GLY C 318 25.17 10.55 34.77
C GLY C 318 26.62 10.23 34.98
N LEU C 319 27.47 10.59 34.02
CA LEU C 319 28.97 10.51 34.25
C LEU C 319 29.39 11.66 35.12
N GLY C 320 30.49 11.44 35.82
CA GLY C 320 31.03 12.46 36.72
C GLY C 320 31.32 13.77 35.99
N LYS C 321 30.93 14.86 36.63
CA LYS C 321 31.10 16.14 36.00
C LYS C 321 32.62 16.53 35.89
N TYR C 322 33.41 16.17 36.90
CA TYR C 322 34.80 16.56 36.95
C TYR C 322 35.67 15.37 36.75
N LEU C 323 35.22 14.22 37.26
CA LEU C 323 36.02 12.97 37.32
C LEU C 323 35.17 11.73 36.96
N MET C 324 35.79 10.81 36.25
CA MET C 324 35.11 9.63 35.77
C MET C 324 36.16 8.55 35.57
N ARG C 325 35.76 7.39 35.05
CA ARG C 325 36.74 6.29 34.70
C ARG C 325 36.99 6.15 33.23
N SER C 326 38.24 5.87 32.85
CA SER C 326 38.55 5.45 31.51
C SER C 326 37.94 4.05 31.27
N PRO C 327 37.91 3.62 30.00
CA PRO C 327 37.35 2.30 29.72
C PRO C 327 38.10 1.12 30.41
N THR C 328 39.35 1.36 30.91
CA THR C 328 40.08 0.36 31.74
C THR C 328 40.11 0.67 33.25
N GLY C 329 39.30 1.64 33.70
CA GLY C 329 39.13 1.86 35.12
C GLY C 329 39.85 3.10 35.70
N GLU C 330 40.90 3.58 35.02
CA GLU C 330 41.74 4.67 35.60
C GLU C 330 40.87 5.89 35.86
N ILE C 331 41.12 6.61 36.95
CA ILE C 331 40.43 7.89 37.20
C ILE C 331 40.96 9.00 36.26
N ILE C 332 40.06 9.68 35.54
CA ILE C 332 40.40 10.67 34.49
C ILE C 332 39.46 11.87 34.60
N PHE C 333 39.83 12.97 33.96
CA PHE C 333 38.90 14.08 33.92
C PHE C 333 37.70 13.76 33.01
N GLY C 334 36.59 14.39 33.36
CA GLY C 334 35.32 14.27 32.70
C GLY C 334 34.99 15.42 31.75
N GLY C 335 33.81 15.33 31.19
CA GLY C 335 33.44 16.16 30.05
C GLY C 335 34.10 15.67 28.78
N GLU C 336 34.12 16.51 27.75
CA GLU C 336 34.59 16.01 26.50
C GLU C 336 36.02 15.52 26.55
N THR C 337 36.79 16.11 27.44
CA THR C 337 38.21 15.73 27.62
C THR C 337 38.45 14.27 28.02
N MET C 338 37.39 13.50 28.27
CA MET C 338 37.56 12.05 28.45
C MET C 338 38.43 11.43 27.37
N ARG C 339 38.37 11.96 26.15
CA ARG C 339 39.15 11.43 25.01
C ARG C 339 40.64 11.66 25.19
N PHE C 340 40.99 12.63 26.01
CA PHE C 340 42.38 13.04 26.15
C PHE C 340 43.10 12.47 27.39
N TRP C 341 42.56 11.41 27.98
CA TRP C 341 43.09 10.88 29.21
C TRP C 341 44.50 10.27 29.16
N ASP C 342 45.00 10.02 27.97
CA ASP C 342 46.38 9.53 27.71
C ASP C 342 47.37 10.68 27.81
N PHE C 343 46.87 11.93 27.85
CA PHE C 343 47.74 13.04 28.09
C PHE C 343 48.58 12.87 29.38
N ARG C 344 49.81 13.35 29.33
CA ARG C 344 50.74 13.37 30.49
C ARG C 344 51.61 14.62 30.38
N GLY C 345 51.69 15.35 31.49
CA GLY C 345 52.46 16.60 31.55
C GLY C 345 52.87 16.95 32.98
N PRO C 346 53.98 17.69 33.15
CA PRO C 346 54.61 17.85 34.50
C PRO C 346 53.74 18.59 35.46
N TRP C 347 52.82 19.44 35.00
CA TRP C 347 51.88 20.12 35.93
C TRP C 347 50.81 19.24 36.51
N LEU C 348 50.59 18.07 35.87
CA LEU C 348 49.46 17.18 36.20
C LEU C 348 49.88 15.91 36.90
N GLU C 349 51.03 15.35 36.49
CA GLU C 349 51.53 14.09 37.12
C GLU C 349 51.60 14.03 38.67
N PRO C 350 51.86 15.14 39.38
CA PRO C 350 51.86 15.05 40.85
C PRO C 350 50.51 14.63 41.42
N LEU C 351 49.43 14.81 40.66
CA LEU C 351 48.07 14.45 41.09
C LEU C 351 47.72 13.00 40.75
N ARG C 352 48.59 12.31 40.04
CA ARG C 352 48.30 10.99 39.52
C ARG C 352 48.94 9.91 40.42
N GLY C 353 48.17 8.91 40.75
CA GLY C 353 48.64 7.78 41.51
C GLY C 353 48.42 6.52 40.70
N PRO C 354 48.63 5.36 41.34
CA PRO C 354 48.63 4.10 40.57
C PRO C 354 47.26 3.77 39.90
N ASN C 355 46.18 4.31 40.43
CA ASN C 355 44.85 4.18 39.85
C ASN C 355 44.34 5.36 38.99
N GLY C 356 45.23 6.31 38.67
CA GLY C 356 44.85 7.48 37.88
C GLY C 356 44.79 8.67 38.81
N LEU C 357 43.99 9.70 38.44
CA LEU C 357 43.97 10.90 39.19
C LEU C 357 43.53 10.52 40.61
N ASP C 358 44.25 11.03 41.60
CA ASP C 358 44.08 10.58 43.04
C ASP C 358 43.28 11.62 43.78
N LEU C 359 42.11 11.24 44.25
CA LEU C 359 41.21 12.19 44.80
C LEU C 359 41.70 12.90 46.09
N ASN C 360 42.43 12.17 46.94
N ASN C 360 42.43 12.17 46.94
CA ASN C 360 43.07 12.74 48.11
CA ASN C 360 43.05 12.78 48.13
C ASN C 360 44.05 13.86 47.69
C ASN C 360 44.04 13.87 47.70
N LYS C 361 44.90 13.55 46.73
CA LYS C 361 45.82 14.53 46.22
C LYS C 361 45.09 15.73 45.59
N ILE C 362 43.98 15.47 44.90
CA ILE C 362 43.20 16.57 44.30
C ILE C 362 42.65 17.48 45.39
N LYS C 363 42.13 16.86 46.43
CA LYS C 363 41.49 17.64 47.52
C LYS C 363 42.46 18.46 48.38
N ASN C 364 43.69 17.98 48.52
CA ASN C 364 44.65 18.55 49.50
C ASN C 364 45.93 19.16 48.92
N ASP C 365 46.39 18.74 47.75
CA ASP C 365 47.75 19.00 47.32
C ASP C 365 47.91 19.81 46.09
N ILE C 366 46.84 20.45 45.61
CA ILE C 366 47.01 21.21 44.33
C ILE C 366 47.68 22.52 44.67
N GLN C 367 48.84 22.77 44.10
CA GLN C 367 49.63 23.95 44.38
C GLN C 367 49.23 25.13 43.51
N PRO C 368 49.44 26.38 44.02
CA PRO C 368 49.16 27.51 43.13
C PRO C 368 49.83 27.47 41.78
N TRP C 369 51.02 26.87 41.68
CA TRP C 369 51.64 26.85 40.42
C TRP C 369 50.93 25.95 39.41
N GLN C 370 50.29 24.90 39.90
CA GLN C 370 49.49 24.00 39.04
C GLN C 370 48.25 24.79 38.58
N GLU C 371 47.56 25.49 39.47
N GLU C 371 47.55 25.49 39.47
CA GLU C 371 46.41 26.36 39.03
CA GLU C 371 46.40 26.35 38.98
C GLU C 371 46.81 27.38 37.93
C GLU C 371 46.80 27.38 37.92
N ARG C 372 47.96 28.02 38.09
CA ARG C 372 48.44 28.97 37.13
C ARG C 372 48.73 28.36 35.79
N ARG C 373 49.48 27.25 35.79
N ARG C 373 49.46 27.27 35.79
CA ARG C 373 49.81 26.53 34.56
CA ARG C 373 49.82 26.53 34.60
C ARG C 373 48.53 26.09 33.83
C ARG C 373 48.54 26.08 33.85
N ALA C 374 47.60 25.49 34.58
CA ALA C 374 46.37 25.03 33.98
C ALA C 374 45.59 26.21 33.32
N ALA C 375 45.57 27.36 33.95
CA ALA C 375 44.81 28.53 33.44
C ALA C 375 45.46 29.13 32.22
N GLU C 376 46.78 29.18 32.28
CA GLU C 376 47.61 29.56 31.13
C GLU C 376 47.36 28.66 29.93
N TYR C 377 47.41 27.34 30.15
CA TYR C 377 47.28 26.40 29.04
C TYR C 377 45.89 26.29 28.46
N MET C 378 44.89 26.37 29.33
CA MET C 378 43.49 26.45 28.93
C MET C 378 43.29 27.66 28.00
N THR C 379 43.97 28.80 28.28
CA THR C 379 43.76 30.07 27.56
C THR C 379 44.72 30.26 26.43
N HIS C 380 45.61 29.27 26.19
CA HIS C 380 46.43 29.23 24.99
C HIS C 380 46.34 27.88 24.26
N ALA C 381 45.13 27.32 24.25
CA ALA C 381 44.85 26.14 23.49
C ALA C 381 45.16 26.45 22.02
N PRO C 382 45.63 25.44 21.26
CA PRO C 382 46.05 25.64 19.89
C PRO C 382 44.82 25.70 18.93
N LEU C 383 44.01 26.75 19.07
CA LEU C 383 42.89 27.04 18.21
C LEU C 383 43.05 28.52 17.80
N GLY C 384 42.84 28.81 16.53
CA GLY C 384 42.79 30.18 16.06
C GLY C 384 42.58 30.30 14.57
N SER C 385 42.35 31.54 14.10
CA SER C 385 42.05 31.80 12.71
C SER C 385 43.27 31.98 11.84
N LEU C 386 43.08 31.93 10.50
CA LEU C 386 44.18 32.08 9.60
C LEU C 386 44.80 33.47 9.70
N ASN C 387 43.97 34.51 9.97
CA ASN C 387 44.51 35.85 10.30
C ASN C 387 45.02 36.03 11.73
N SER C 388 45.21 34.93 12.46
CA SER C 388 45.71 34.94 13.82
C SER C 388 44.87 35.59 14.92
N VAL C 389 43.56 35.39 14.82
CA VAL C 389 42.63 35.72 15.92
C VAL C 389 42.52 34.48 16.78
N GLY C 390 42.99 34.59 18.02
CA GLY C 390 43.08 33.46 18.93
C GLY C 390 41.72 33.02 19.33
N GLY C 391 41.58 31.73 19.57
CA GLY C 391 40.34 31.21 20.10
C GLY C 391 39.49 30.43 19.14
N VAL C 392 38.27 30.16 19.58
CA VAL C 392 37.29 29.41 18.78
C VAL C 392 36.84 30.27 17.61
N ALA C 393 36.24 29.66 16.61
CA ALA C 393 35.91 30.32 15.40
C ALA C 393 34.88 31.46 15.62
N THR C 394 34.10 31.43 16.69
CA THR C 394 33.07 32.48 16.96
C THR C 394 33.60 33.60 17.84
N GLU C 395 34.87 33.49 18.24
CA GLU C 395 35.54 34.51 19.03
C GLU C 395 35.57 35.88 18.37
N ILE C 396 35.51 36.91 19.18
CA ILE C 396 35.69 38.29 18.64
C ILE C 396 37.14 38.59 18.49
N ASN C 397 37.45 39.57 17.65
CA ASN C 397 38.83 40.12 17.55
C ASN C 397 39.25 40.67 18.91
N SER C 398 40.51 40.41 19.28
CA SER C 398 41.20 40.92 20.47
C SER C 398 42.58 40.30 20.66
N VAL C 399 42.64 39.00 20.65
CA VAL C 399 43.88 38.28 21.00
C VAL C 399 44.50 37.81 19.72
N ASN C 400 45.71 38.28 19.46
CA ASN C 400 46.51 37.92 18.25
C ASN C 400 47.29 36.67 18.67
N PHE C 401 46.77 35.48 18.37
CA PHE C 401 47.45 34.19 18.73
C PHE C 401 47.04 33.07 17.77
N VAL C 402 48.03 32.41 17.13
CA VAL C 402 47.89 31.01 16.68
C VAL C 402 49.12 30.22 17.21
N SER C 403 48.86 29.10 17.89
CA SER C 403 49.94 28.30 18.47
C SER C 403 50.97 27.95 17.45
N PRO C 404 52.25 28.02 17.84
CA PRO C 404 53.28 27.35 17.06
C PRO C 404 53.00 25.87 16.71
N ARG C 405 52.29 25.17 17.55
CA ARG C 405 51.94 23.74 17.26
C ARG C 405 51.03 23.62 16.09
N SER C 406 50.09 24.56 15.94
CA SER C 406 49.23 24.54 14.80
C SER C 406 49.96 24.90 13.54
N TRP C 407 50.82 25.92 13.60
CA TRP C 407 51.53 26.37 12.39
C TRP C 407 52.44 25.22 11.92
N LEU C 408 53.10 24.59 12.86
CA LEU C 408 54.07 23.57 12.53
C LEU C 408 53.38 22.27 12.04
N ALA C 409 52.25 21.90 12.65
CA ALA C 409 51.53 20.71 12.22
C ALA C 409 50.89 20.90 10.82
N THR C 410 50.27 22.03 10.59
CA THR C 410 49.58 22.26 9.38
C THR C 410 50.51 22.35 8.19
N SER C 411 51.52 23.19 8.34
CA SER C 411 52.56 23.36 7.29
C SER C 411 53.09 21.96 6.87
N HIS C 412 53.42 21.16 7.86
CA HIS C 412 54.09 19.87 7.58
C HIS C 412 53.17 18.78 7.08
N PHE C 413 51.89 18.87 7.42
CA PHE C 413 50.90 18.01 6.76
C PHE C 413 50.79 18.41 5.27
N VAL C 414 50.72 19.71 5.00
CA VAL C 414 50.61 20.17 3.63
C VAL C 414 51.83 19.66 2.82
N LEU C 415 53.02 19.84 3.37
CA LEU C 415 54.23 19.48 2.67
C LEU C 415 54.32 17.97 2.53
N ALA C 416 54.04 17.23 3.58
CA ALA C 416 54.08 15.74 3.48
C ALA C 416 53.13 15.21 2.44
N PHE C 417 51.96 15.85 2.32
CA PHE C 417 50.98 15.39 1.38
C PHE C 417 51.48 15.60 -0.02
N PHE C 418 51.86 16.85 -0.36
CA PHE C 418 52.32 17.11 -1.72
C PHE C 418 53.59 16.27 -2.07
N PHE C 419 54.39 15.96 -1.07
CA PHE C 419 55.53 15.06 -1.27
C PHE C 419 55.13 13.63 -1.56
N LEU C 420 54.02 13.15 -0.95
CA LEU C 420 53.42 11.86 -1.39
C LEU C 420 53.02 11.92 -2.83
N VAL C 421 52.35 13.04 -3.24
CA VAL C 421 51.99 13.16 -4.60
C VAL C 421 53.22 13.08 -5.54
N GLY C 422 54.29 13.78 -5.15
CA GLY C 422 55.52 13.83 -5.91
C GLY C 422 56.14 12.45 -6.01
N HIS C 423 56.09 11.71 -4.90
CA HIS C 423 56.54 10.32 -4.92
C HIS C 423 55.80 9.51 -5.98
N LEU C 424 54.47 9.64 -6.05
CA LEU C 424 53.72 8.88 -7.04
C LEU C 424 54.01 9.36 -8.46
N TRP C 425 54.03 10.67 -8.64
CA TRP C 425 54.36 11.23 -9.94
C TRP C 425 55.70 10.70 -10.46
N HIS C 426 56.73 10.83 -9.65
CA HIS C 426 58.06 10.46 -10.10
C HIS C 426 58.30 8.95 -10.12
N ALA C 427 57.70 8.22 -9.18
CA ALA C 427 57.83 6.76 -9.21
C ALA C 427 57.15 6.14 -10.43
N GLY C 428 55.95 6.62 -10.72
CA GLY C 428 55.21 6.17 -11.93
C GLY C 428 55.95 6.54 -13.18
N ARG C 429 56.47 7.78 -13.19
CA ARG C 429 57.26 8.24 -14.35
C ARG C 429 58.56 7.39 -14.52
N ALA C 430 59.28 7.14 -13.43
CA ALA C 430 60.54 6.42 -13.53
C ALA C 430 60.32 5.03 -14.07
N ARG C 431 59.28 4.36 -13.61
CA ARG C 431 58.90 3.05 -14.11
C ARG C 431 58.59 3.09 -15.55
N ALA C 432 57.75 4.05 -15.97
CA ALA C 432 57.41 4.10 -17.38
C ALA C 432 58.67 4.36 -18.30
N ALA C 433 59.56 5.27 -17.87
CA ALA C 433 60.71 5.68 -18.67
C ALA C 433 61.76 4.56 -18.72
N ALA C 434 61.93 3.82 -17.63
CA ALA C 434 62.80 2.66 -17.66
C ALA C 434 62.29 1.62 -18.66
N ALA C 435 60.98 1.51 -18.83
CA ALA C 435 60.41 0.49 -19.70
C ALA C 435 60.16 1.02 -21.12
N GLY C 436 60.36 2.32 -21.30
CA GLY C 436 60.25 2.90 -22.62
C GLY C 436 58.91 3.38 -23.11
N PHE C 437 57.92 3.69 -22.24
CA PHE C 437 56.62 4.21 -22.76
C PHE C 437 56.15 5.51 -22.04
N GLU C 438 57.11 6.27 -21.52
CA GLU C 438 56.78 7.54 -20.84
C GLU C 438 56.32 8.65 -21.76
N LYS C 439 56.56 8.54 -23.06
CA LYS C 439 56.10 9.60 -24.02
C LYS C 439 54.85 9.25 -24.77
N GLY C 440 54.30 8.06 -24.46
CA GLY C 440 53.06 7.58 -25.06
C GLY C 440 53.22 6.18 -25.68
N ILE C 441 52.13 5.70 -26.20
CA ILE C 441 51.95 4.37 -26.73
C ILE C 441 52.41 4.43 -28.20
N ASP C 442 53.22 3.47 -28.59
CA ASP C 442 53.64 3.28 -29.99
C ASP C 442 52.43 2.85 -30.80
N ARG C 443 52.00 3.68 -31.76
CA ARG C 443 50.79 3.40 -32.52
C ARG C 443 50.86 2.06 -33.27
N GLU C 444 52.07 1.64 -33.69
CA GLU C 444 52.20 0.39 -34.44
C GLU C 444 52.53 -0.80 -33.54
N SER C 445 52.80 -0.57 -32.26
N SER C 445 52.80 -0.57 -32.26
CA SER C 445 52.95 -1.69 -31.30
CA SER C 445 52.97 -1.69 -31.30
C SER C 445 52.18 -1.43 -30.00
C SER C 445 52.18 -1.43 -29.99
N GLU C 446 50.90 -1.10 -30.15
CA GLU C 446 50.02 -0.81 -29.02
C GLU C 446 49.78 -2.07 -28.24
N PRO C 447 50.33 -2.22 -27.01
CA PRO C 447 50.25 -3.59 -26.44
C PRO C 447 48.85 -4.22 -26.32
N VAL C 448 47.83 -3.38 -26.08
CA VAL C 448 46.47 -3.90 -25.87
C VAL C 448 45.94 -4.61 -27.13
N LEU C 449 46.36 -4.14 -28.31
CA LEU C 449 45.96 -4.79 -29.56
C LEU C 449 46.57 -6.24 -29.71
N SER C 450 47.60 -6.59 -28.97
CA SER C 450 48.11 -7.99 -28.97
C SER C 450 47.56 -8.81 -27.84
N MET C 451 46.61 -8.28 -27.06
CA MET C 451 46.10 -9.07 -25.95
C MET C 451 44.76 -9.68 -26.35
N PRO C 452 44.47 -10.87 -25.85
CA PRO C 452 43.09 -11.31 -26.05
C PRO C 452 42.03 -10.36 -25.45
N SER C 453 40.84 -10.40 -26.03
CA SER C 453 39.68 -9.67 -25.51
C SER C 453 39.30 -10.11 -24.16
N LEU C 454 38.74 -9.19 -23.36
CA LEU C 454 38.30 -9.59 -22.04
C LEU C 454 37.02 -10.44 -22.15
N ASP C 455 36.27 -10.25 -23.22
CA ASP C 455 35.01 -10.93 -23.36
C ASP C 455 34.59 -10.81 -24.80
N GLU D 1 22.48 48.55 -54.76
CA GLU D 1 22.36 48.89 -53.30
C GLU D 1 21.60 47.80 -52.49
N ARG D 2 22.30 47.15 -51.55
CA ARG D 2 21.69 46.29 -50.47
C ARG D 2 21.09 47.15 -49.36
N GLY D 3 20.19 46.58 -48.57
CA GLY D 3 19.50 47.37 -47.50
C GLY D 3 20.33 47.68 -46.24
N TRP D 4 19.89 48.66 -45.49
CA TRP D 4 20.58 49.04 -44.28
C TRP D 4 20.71 47.89 -43.23
N PHE D 5 19.65 47.07 -43.13
CA PHE D 5 19.63 45.95 -42.22
C PHE D 5 20.81 45.04 -42.56
N ASP D 6 20.91 44.70 -43.82
CA ASP D 6 21.99 43.81 -44.28
C ASP D 6 23.36 44.39 -44.14
N ILE D 7 23.46 45.71 -44.32
CA ILE D 7 24.72 46.40 -44.10
C ILE D 7 25.11 46.36 -42.58
N LEU D 8 24.14 46.61 -41.71
CA LEU D 8 24.38 46.50 -40.27
C LEU D 8 24.77 45.08 -39.86
N ASP D 9 24.08 44.10 -40.43
CA ASP D 9 24.45 42.69 -40.24
C ASP D 9 25.89 42.39 -40.58
N ASP D 10 26.35 42.89 -41.73
CA ASP D 10 27.81 42.72 -42.13
C ASP D 10 28.72 43.24 -41.06
N TRP D 11 28.45 44.45 -40.63
CA TRP D 11 29.31 45.11 -39.71
C TRP D 11 29.26 44.43 -38.32
N LEU D 12 28.05 44.08 -37.87
CA LEU D 12 27.93 43.32 -36.58
C LEU D 12 28.72 42.00 -36.60
N LYS D 13 28.77 41.35 -37.77
CA LYS D 13 29.38 40.00 -37.90
C LYS D 13 30.74 39.93 -38.49
N ARG D 14 31.41 41.09 -38.56
CA ARG D 14 32.82 41.09 -38.92
C ARG D 14 33.64 40.22 -37.97
N ASP D 15 34.57 39.44 -38.51
CA ASP D 15 35.50 38.70 -37.70
C ASP D 15 36.46 39.69 -37.01
N ARG D 16 36.35 39.84 -35.71
CA ARG D 16 37.23 40.73 -34.95
C ARG D 16 37.67 40.04 -33.67
N PHE D 17 38.55 40.68 -32.91
CA PHE D 17 39.08 40.12 -31.71
C PHE D 17 37.99 39.68 -30.70
N VAL D 18 37.01 40.56 -30.52
CA VAL D 18 35.82 40.33 -29.76
C VAL D 18 34.67 40.40 -30.73
N PHE D 19 34.08 39.23 -31.01
CA PHE D 19 32.89 39.14 -31.83
C PHE D 19 31.82 39.99 -31.17
N VAL D 20 30.98 40.60 -31.99
CA VAL D 20 29.91 41.44 -31.51
C VAL D 20 28.57 40.79 -31.78
N GLY D 21 28.17 40.74 -33.03
CA GLY D 21 26.82 40.20 -33.42
C GLY D 21 25.63 41.03 -33.00
N TRP D 22 24.46 40.64 -33.46
CA TRP D 22 23.23 41.28 -33.02
C TRP D 22 23.02 41.03 -31.51
N SER D 23 23.45 39.85 -31.04
CA SER D 23 23.36 39.51 -29.60
C SER D 23 24.15 40.46 -28.75
N GLY D 24 25.27 40.94 -29.30
CA GLY D 24 26.18 41.93 -28.64
C GLY D 24 25.47 43.20 -28.17
N ILE D 25 24.42 43.59 -28.88
CA ILE D 25 23.71 44.85 -28.55
C ILE D 25 23.00 44.72 -27.16
N LEU D 26 22.45 43.52 -26.88
CA LEU D 26 21.87 43.18 -25.54
C LEU D 26 23.03 42.82 -24.57
N LEU D 27 23.92 41.91 -24.99
CA LEU D 27 24.91 41.36 -24.09
C LEU D 27 25.85 42.40 -23.46
N PHE D 28 26.54 43.15 -24.31
CA PHE D 28 27.57 44.04 -23.84
C PHE D 28 27.15 45.11 -22.84
N PRO D 29 26.11 45.84 -23.10
CA PRO D 29 25.73 46.85 -22.12
C PRO D 29 25.26 46.19 -20.79
N CYS D 30 24.50 45.09 -20.84
CA CYS D 30 23.92 44.48 -19.62
C CYS D 30 25.00 43.83 -18.79
N ALA D 31 25.92 43.15 -19.46
CA ALA D 31 27.03 42.55 -18.78
C ALA D 31 27.91 43.59 -18.16
N TYR D 32 28.24 44.63 -18.92
CA TYR D 32 29.12 45.67 -18.43
C TYR D 32 28.50 46.39 -17.25
N LEU D 33 27.20 46.72 -17.32
CA LEU D 33 26.56 47.38 -16.19
C LEU D 33 26.44 46.45 -14.95
N ALA D 34 26.21 45.13 -15.15
CA ALA D 34 26.07 44.25 -13.99
C ALA D 34 27.40 44.25 -13.31
N LEU D 35 28.46 44.06 -14.07
CA LEU D 35 29.80 43.94 -13.51
C LEU D 35 30.22 45.28 -12.93
N GLY D 36 29.94 46.36 -13.62
CA GLY D 36 30.37 47.69 -13.13
C GLY D 36 29.59 48.10 -11.88
N GLY D 37 28.31 47.71 -11.84
CA GLY D 37 27.50 47.98 -10.68
C GLY D 37 28.02 47.22 -9.47
N TRP D 38 28.50 45.99 -9.66
CA TRP D 38 29.03 45.25 -8.55
C TRP D 38 30.34 45.85 -8.02
N LEU D 39 31.25 46.16 -8.94
CA LEU D 39 32.53 46.81 -8.59
C LEU D 39 32.26 48.18 -7.92
N THR D 40 31.29 48.94 -8.44
CA THR D 40 30.98 50.26 -7.82
C THR D 40 30.41 50.12 -6.40
N GLY D 41 29.39 49.29 -6.26
CA GLY D 41 28.78 49.10 -4.96
C GLY D 41 29.76 48.55 -3.96
N THR D 42 30.49 47.48 -4.30
CA THR D 42 31.42 46.88 -3.33
C THR D 42 32.58 47.82 -2.93
N THR D 43 32.95 48.71 -3.83
CA THR D 43 34.00 49.66 -3.55
C THR D 43 33.50 50.84 -2.68
N PHE D 44 32.31 51.34 -2.97
CA PHE D 44 31.87 52.63 -2.42
C PHE D 44 30.59 52.65 -1.62
N VAL D 45 29.71 51.64 -1.74
CA VAL D 45 28.30 51.78 -1.28
C VAL D 45 28.02 50.99 -0.01
N THR D 46 27.27 51.57 0.90
CA THR D 46 27.02 50.97 2.21
C THR D 46 25.82 50.03 2.14
N SER D 47 25.56 49.37 3.28
CA SER D 47 24.24 48.69 3.50
C SER D 47 23.66 49.05 4.85
N TRP D 48 24.10 50.19 5.39
CA TRP D 48 23.67 50.64 6.69
C TRP D 48 22.14 50.83 6.78
N TYR D 49 21.56 51.37 5.75
CA TYR D 49 20.10 51.75 5.80
C TYR D 49 19.15 50.62 5.44
N THR D 50 19.66 49.59 4.73
CA THR D 50 18.89 48.44 4.32
C THR D 50 19.02 47.19 5.28
N HIS D 51 20.21 46.99 5.83
CA HIS D 51 20.59 45.91 6.65
C HIS D 51 21.23 46.30 7.97
N GLY D 52 21.71 47.55 8.11
CA GLY D 52 22.53 47.87 9.23
C GLY D 52 23.91 47.17 9.13
N LEU D 53 24.49 47.12 7.94
CA LEU D 53 25.85 46.54 7.77
C LEU D 53 26.70 47.53 6.96
N ALA D 54 27.99 47.53 7.25
CA ALA D 54 29.02 48.03 6.31
C ALA D 54 29.34 46.96 5.23
N SER D 55 29.51 47.40 3.97
CA SER D 55 29.60 46.49 2.82
C SER D 55 30.56 46.88 1.64
N SER D 56 31.38 47.91 1.84
CA SER D 56 32.26 48.46 0.80
C SER D 56 33.66 48.61 1.31
N TYR D 57 34.61 48.64 0.39
CA TYR D 57 36.04 48.88 0.76
C TYR D 57 36.15 50.25 1.48
N LEU D 58 35.36 51.20 1.04
CA LEU D 58 35.34 52.54 1.63
C LEU D 58 35.11 52.51 3.13
N GLU D 59 34.21 51.62 3.57
CA GLU D 59 33.89 51.51 5.00
C GLU D 59 34.88 50.62 5.78
N GLY D 60 35.78 49.97 5.09
CA GLY D 60 36.75 49.06 5.72
C GLY D 60 36.57 47.57 5.48
N CYS D 61 35.62 47.15 4.66
CA CYS D 61 35.47 45.68 4.39
C CYS D 61 36.59 45.23 3.42
N ASN D 62 36.85 43.91 3.40
CA ASN D 62 37.83 43.31 2.50
C ASN D 62 37.11 42.57 1.37
N PHE D 63 37.84 41.99 0.45
CA PHE D 63 37.19 41.27 -0.68
C PHE D 63 36.22 40.17 -0.24
N LEU D 64 36.52 39.51 0.88
CA LEU D 64 35.60 38.47 1.42
C LEU D 64 34.32 39.06 1.98
N THR D 65 34.35 40.26 2.55
CA THR D 65 33.16 40.75 3.25
C THR D 65 32.34 41.79 2.51
N VAL D 66 32.86 42.36 1.43
CA VAL D 66 32.11 43.37 0.67
C VAL D 66 30.96 42.74 0.00
N ALA D 67 29.92 43.51 -0.28
CA ALA D 67 28.82 43.04 -1.06
C ALA D 67 27.98 44.24 -1.65
N VAL D 68 27.16 43.99 -2.67
CA VAL D 68 26.02 44.81 -2.95
C VAL D 68 24.83 44.11 -2.36
N SER D 69 24.28 44.70 -1.30
CA SER D 69 23.30 44.00 -0.49
C SER D 69 21.91 44.27 -1.01
N THR D 70 20.97 43.39 -0.66
CA THR D 70 19.62 43.51 -1.07
C THR D 70 18.95 44.75 -0.46
N PRO D 71 17.85 45.18 -1.04
CA PRO D 71 17.10 46.29 -0.44
C PRO D 71 16.41 45.90 0.89
N ALA D 72 15.96 46.88 1.67
CA ALA D 72 15.21 46.64 2.90
C ALA D 72 13.94 45.88 2.63
N ASN D 73 13.49 45.11 3.63
CA ASN D 73 12.27 44.37 3.50
C ASN D 73 11.05 45.19 3.17
N SER D 74 11.01 46.43 3.66
CA SER D 74 9.84 47.36 3.41
C SER D 74 9.74 47.76 1.96
N MET D 75 10.83 47.55 1.16
CA MET D 75 10.74 47.75 -0.27
C MET D 75 9.88 46.71 -1.01
N GLY D 76 9.52 45.60 -0.37
CA GLY D 76 8.86 44.50 -1.05
C GLY D 76 9.65 44.00 -2.23
N HIS D 77 8.94 43.79 -3.35
CA HIS D 77 9.57 43.41 -4.63
C HIS D 77 9.61 44.58 -5.63
N SER D 78 9.73 45.80 -5.12
CA SER D 78 9.88 46.99 -5.99
C SER D 78 11.04 46.76 -6.96
N LEU D 79 10.77 47.10 -8.21
CA LEU D 79 11.83 47.21 -9.24
C LEU D 79 12.90 48.18 -8.83
N LEU D 80 12.50 49.14 -7.98
CA LEU D 80 13.43 50.11 -7.45
C LEU D 80 14.18 50.83 -8.60
N LEU D 81 13.43 51.28 -9.61
CA LEU D 81 14.05 52.00 -10.75
C LEU D 81 14.62 53.36 -10.27
N LEU D 82 15.72 53.88 -10.82
CA LEU D 82 16.30 55.15 -10.39
C LEU D 82 15.21 56.27 -10.37
N TRP D 83 14.39 56.26 -11.38
CA TRP D 83 13.29 57.22 -11.61
C TRP D 83 11.95 56.81 -11.06
N GLY D 84 11.95 55.70 -10.32
CA GLY D 84 10.78 55.24 -9.67
C GLY D 84 10.39 56.01 -8.43
N PRO D 85 9.28 55.59 -7.82
CA PRO D 85 8.65 56.40 -6.78
C PRO D 85 9.34 56.30 -5.44
N GLU D 86 10.37 55.46 -5.30
CA GLU D 86 11.06 55.36 -4.04
C GLU D 86 12.25 56.33 -4.08
N ALA D 87 13.07 56.24 -5.11
CA ALA D 87 14.24 57.11 -5.17
C ALA D 87 13.91 58.47 -5.81
N GLN D 88 12.93 58.52 -6.72
CA GLN D 88 12.50 59.75 -7.44
C GLN D 88 13.63 60.52 -8.15
N GLY D 89 14.58 59.78 -8.70
CA GLY D 89 15.64 60.34 -9.51
C GLY D 89 16.92 60.67 -8.74
N ASP D 90 16.91 60.51 -7.43
CA ASP D 90 18.02 60.86 -6.59
C ASP D 90 18.98 59.63 -6.49
N PHE D 91 20.10 59.72 -7.21
CA PHE D 91 21.14 58.68 -7.29
C PHE D 91 21.66 58.28 -5.94
N THR D 92 21.87 59.27 -5.10
CA THR D 92 22.46 59.02 -3.77
C THR D 92 21.45 58.20 -2.92
N ARG D 93 20.16 58.61 -2.93
CA ARG D 93 19.16 57.94 -2.18
C ARG D 93 18.95 56.52 -2.73
N TRP D 94 18.88 56.42 -4.05
CA TRP D 94 18.77 55.16 -4.75
C TRP D 94 19.82 54.16 -4.22
N CYS D 95 21.07 54.61 -4.17
CA CYS D 95 22.16 53.75 -3.66
C CYS D 95 21.88 53.31 -2.21
N GLN D 96 21.43 54.24 -1.41
CA GLN D 96 21.18 53.98 0.00
C GLN D 96 19.97 53.02 0.23
N LEU D 97 19.03 53.02 -0.71
CA LEU D 97 17.85 52.19 -0.66
C LEU D 97 18.09 50.76 -1.24
N GLY D 98 19.27 50.47 -1.77
CA GLY D 98 19.54 49.18 -2.42
C GLY D 98 19.24 49.08 -3.89
N GLY D 99 19.02 50.23 -4.55
CA GLY D 99 18.80 50.27 -5.99
C GLY D 99 19.85 49.57 -6.81
N LEU D 100 21.09 49.51 -6.34
CA LEU D 100 22.06 48.75 -7.11
C LEU D 100 21.83 47.23 -7.13
N TRP D 101 21.12 46.71 -6.12
CA TRP D 101 20.76 45.28 -6.09
C TRP D 101 19.90 44.94 -7.30
N THR D 102 18.77 45.57 -7.43
CA THR D 102 17.91 45.31 -8.57
C THR D 102 18.58 45.67 -9.89
N PHE D 103 19.43 46.70 -9.88
CA PHE D 103 20.18 47.10 -11.08
C PHE D 103 21.04 45.91 -11.49
N ILE D 104 21.86 45.37 -10.58
CA ILE D 104 22.71 44.26 -10.94
C ILE D 104 21.90 43.00 -11.30
N ALA D 105 20.86 42.69 -10.54
CA ALA D 105 20.13 41.47 -10.82
C ALA D 105 19.43 41.53 -12.17
N LEU D 106 18.81 42.65 -12.50
CA LEU D 106 18.02 42.70 -13.76
C LEU D 106 18.96 42.84 -14.97
N HIS D 107 20.02 43.64 -14.89
CA HIS D 107 20.97 43.79 -16.03
C HIS D 107 21.67 42.44 -16.15
N GLY D 108 21.99 41.77 -15.01
CA GLY D 108 22.63 40.45 -15.09
C GLY D 108 21.74 39.43 -15.78
N ALA D 109 20.45 39.45 -15.48
CA ALA D 109 19.52 38.56 -16.15
C ALA D 109 19.49 38.82 -17.65
N PHE D 110 19.32 40.08 -18.07
CA PHE D 110 19.29 40.40 -19.51
C PHE D 110 20.62 40.06 -20.17
N GLY D 111 21.72 40.25 -19.47
CA GLY D 111 23.01 39.85 -19.97
C GLY D 111 23.19 38.35 -20.18
N LEU D 112 22.68 37.56 -19.26
CA LEU D 112 22.68 36.08 -19.46
C LEU D 112 21.83 35.71 -20.64
N ILE D 113 20.68 36.35 -20.83
CA ILE D 113 19.94 36.15 -22.08
C ILE D 113 20.84 36.46 -23.31
N GLY D 114 21.55 37.57 -23.23
CA GLY D 114 22.39 37.99 -24.34
C GLY D 114 23.54 37.06 -24.61
N PHE D 115 24.10 36.54 -23.52
CA PHE D 115 25.17 35.52 -23.66
C PHE D 115 24.75 34.22 -24.36
N MET D 116 23.56 33.74 -24.03
CA MET D 116 23.08 32.50 -24.62
C MET D 116 22.62 32.81 -26.05
N LEU D 117 22.07 34.00 -26.28
CA LEU D 117 21.81 34.37 -27.71
C LEU D 117 23.13 34.42 -28.50
N ARG D 118 24.19 34.94 -27.90
CA ARG D 118 25.52 34.90 -28.50
C ARG D 118 25.95 33.48 -28.83
N GLN D 119 25.69 32.57 -27.93
CA GLN D 119 26.08 31.14 -28.17
C GLN D 119 25.32 30.56 -29.38
N PHE D 120 24.03 30.89 -29.50
CA PHE D 120 23.26 30.47 -30.67
C PHE D 120 23.79 31.18 -31.95
N GLU D 121 23.96 32.50 -31.89
CA GLU D 121 24.45 33.31 -33.03
C GLU D 121 25.78 32.82 -33.55
N ILE D 122 26.77 32.63 -32.67
CA ILE D 122 28.06 32.13 -33.14
C ILE D 122 27.97 30.72 -33.70
N ALA D 123 27.17 29.88 -33.06
CA ALA D 123 27.08 28.45 -33.50
C ALA D 123 26.54 28.43 -34.93
N ARG D 124 25.52 29.25 -35.20
CA ARG D 124 24.96 29.28 -36.50
C ARG D 124 25.98 29.75 -37.58
N LEU D 125 26.75 30.81 -37.27
CA LEU D 125 27.70 31.37 -38.24
C LEU D 125 28.86 30.43 -38.55
N VAL D 126 29.35 29.74 -37.55
N VAL D 126 29.37 29.74 -37.55
CA VAL D 126 30.45 28.78 -37.74
CA VAL D 126 30.48 28.79 -37.76
C VAL D 126 30.01 27.42 -38.26
C VAL D 126 30.02 27.42 -38.25
N GLY D 127 28.72 27.14 -38.21
CA GLY D 127 28.19 25.89 -38.71
C GLY D 127 28.22 24.70 -37.73
N VAL D 128 28.08 24.94 -36.41
CA VAL D 128 28.01 23.84 -35.42
C VAL D 128 26.65 23.75 -34.77
N ARG D 129 26.44 22.62 -34.12
CA ARG D 129 25.12 22.34 -33.43
C ARG D 129 25.22 23.11 -32.10
N PRO D 130 24.13 23.72 -31.67
CA PRO D 130 24.16 24.63 -30.52
C PRO D 130 24.06 23.95 -29.12
N TYR D 131 24.85 22.91 -28.86
CA TYR D 131 24.83 22.26 -27.54
C TYR D 131 25.40 23.12 -26.43
N ASN D 132 26.35 23.98 -26.73
CA ASN D 132 26.89 24.86 -25.72
C ASN D 132 25.81 25.83 -25.20
N ALA D 133 25.03 26.41 -26.09
CA ALA D 133 23.89 27.21 -25.63
C ALA D 133 22.94 26.39 -24.73
N ILE D 134 22.65 25.15 -25.16
CA ILE D 134 21.73 24.30 -24.46
C ILE D 134 22.26 24.01 -23.04
N ALA D 135 23.55 23.72 -22.93
CA ALA D 135 24.18 23.51 -21.63
C ALA D 135 24.11 24.73 -20.74
N PHE D 136 24.14 25.92 -21.35
CA PHE D 136 24.09 27.13 -20.59
C PHE D 136 22.71 27.38 -19.94
N SER D 137 21.70 26.63 -20.34
CA SER D 137 20.34 26.75 -19.71
C SER D 137 20.39 26.42 -18.23
N ALA D 138 21.35 25.60 -17.82
CA ALA D 138 21.52 25.27 -16.42
C ALA D 138 21.89 26.48 -15.56
N PRO D 139 23.04 27.14 -15.87
CA PRO D 139 23.32 28.41 -15.18
C PRO D 139 22.16 29.40 -15.24
N ILE D 140 21.41 29.40 -16.31
CA ILE D 140 20.24 30.32 -16.32
C ILE D 140 19.17 29.89 -15.35
N ALA D 141 18.84 28.62 -15.35
CA ALA D 141 17.85 28.13 -14.41
C ALA D 141 18.27 28.40 -12.98
N VAL D 142 19.56 28.23 -12.68
CA VAL D 142 20.02 28.55 -11.36
C VAL D 142 19.88 30.05 -11.06
N PHE D 143 20.37 30.92 -11.94
CA PHE D 143 20.31 32.35 -11.64
C PHE D 143 18.85 32.81 -11.44
N VAL D 144 17.97 32.39 -12.33
CA VAL D 144 16.56 32.79 -12.28
C VAL D 144 15.85 32.25 -11.05
N SER D 145 16.06 30.97 -10.71
CA SER D 145 15.38 30.38 -9.53
C SER D 145 15.82 31.03 -8.21
N VAL D 146 17.12 31.29 -8.10
CA VAL D 146 17.69 31.75 -6.86
C VAL D 146 17.57 33.30 -6.68
N PHE D 147 17.95 34.07 -7.70
CA PHE D 147 17.98 35.56 -7.61
C PHE D 147 16.65 36.20 -7.84
N LEU D 148 15.74 35.47 -8.52
CA LEU D 148 14.43 36.03 -8.90
C LEU D 148 13.22 35.32 -8.28
N ILE D 149 13.02 34.08 -8.63
CA ILE D 149 11.83 33.32 -8.17
C ILE D 149 11.83 33.20 -6.67
N TYR D 150 12.99 32.88 -6.08
CA TYR D 150 13.02 32.66 -4.65
C TYR D 150 12.58 33.85 -3.84
N PRO D 151 13.21 35.04 -4.08
CA PRO D 151 12.70 36.26 -3.41
C PRO D 151 11.30 36.65 -3.78
N LEU D 152 10.90 36.41 -5.03
CA LEU D 152 9.50 36.69 -5.42
C LEU D 152 8.47 35.89 -4.65
N GLY D 153 8.87 34.71 -4.17
CA GLY D 153 7.98 33.90 -3.32
C GLY D 153 7.98 34.34 -1.89
N GLN D 154 9.07 34.96 -1.48
CA GLN D 154 9.21 35.38 -0.14
C GLN D 154 8.64 36.84 0.03
N SER D 155 8.86 37.46 1.16
CA SER D 155 8.26 38.75 1.51
C SER D 155 8.77 39.87 0.60
N SER D 156 10.06 39.74 0.17
CA SER D 156 10.74 40.81 -0.50
C SER D 156 12.08 40.40 -1.05
N TRP D 157 12.64 41.29 -1.87
CA TRP D 157 14.01 41.12 -2.35
C TRP D 157 15.05 40.99 -1.23
N PHE D 158 14.77 41.54 -0.07
CA PHE D 158 15.67 41.41 1.08
C PHE D 158 16.26 39.99 1.25
N PHE D 159 15.41 38.99 1.05
CA PHE D 159 15.80 37.57 1.27
C PHE D 159 16.38 36.89 0.07
N ALA D 160 16.54 37.60 -1.09
CA ALA D 160 17.48 37.15 -2.12
C ALA D 160 18.93 37.10 -1.63
N PRO D 161 19.80 36.39 -2.35
CA PRO D 161 21.21 36.46 -2.01
C PRO D 161 21.73 37.90 -2.31
N SER D 162 22.55 38.43 -1.42
CA SER D 162 23.25 39.68 -1.66
C SER D 162 24.54 39.30 -2.43
N PHE D 163 25.02 40.21 -3.31
CA PHE D 163 26.14 39.94 -4.19
C PHE D 163 27.44 40.16 -3.52
N GLY D 164 27.90 39.13 -2.83
CA GLY D 164 29.17 39.21 -2.12
C GLY D 164 29.61 37.84 -1.57
N VAL D 165 30.88 37.73 -1.26
CA VAL D 165 31.45 36.41 -0.92
C VAL D 165 30.86 35.93 0.44
N ALA D 166 31.07 36.73 1.51
CA ALA D 166 30.49 36.42 2.80
C ALA D 166 28.99 36.43 2.80
N ALA D 167 28.38 37.33 2.00
CA ALA D 167 26.94 37.39 1.95
C ALA D 167 26.33 36.08 1.42
N ILE D 168 27.01 35.49 0.45
CA ILE D 168 26.54 34.25 -0.12
C ILE D 168 26.68 33.13 0.93
N PHE D 169 27.80 33.11 1.63
CA PHE D 169 27.96 32.15 2.75
C PHE D 169 26.79 32.27 3.71
N ARG D 170 26.35 33.51 4.00
CA ARG D 170 25.22 33.71 4.89
C ARG D 170 24.01 33.08 4.29
N PHE D 171 23.86 33.20 2.98
CA PHE D 171 22.68 32.63 2.27
C PHE D 171 22.64 31.07 2.40
N LEU D 172 23.80 30.44 2.28
CA LEU D 172 23.94 29.00 2.54
C LEU D 172 23.43 28.61 3.93
N LEU D 173 23.97 29.29 4.95
CA LEU D 173 23.72 28.93 6.34
C LEU D 173 22.22 29.21 6.70
N PHE D 174 21.68 30.28 6.16
CA PHE D 174 20.20 30.56 6.30
C PHE D 174 19.41 29.40 5.73
N PHE D 175 19.80 28.94 4.55
CA PHE D 175 19.07 27.87 3.92
C PHE D 175 19.15 26.60 4.80
N GLN D 176 20.26 26.39 5.47
CA GLN D 176 20.35 25.16 6.35
C GLN D 176 19.40 25.33 7.54
N GLY D 177 19.54 26.46 8.26
CA GLY D 177 18.73 26.73 9.45
C GLY D 177 17.25 26.85 9.25
N PHE D 178 16.86 27.52 8.17
CA PHE D 178 15.42 27.72 7.95
C PHE D 178 14.73 26.67 7.06
N HIS D 179 15.38 26.24 6.01
CA HIS D 179 14.78 25.40 5.04
C HIS D 179 15.24 23.93 5.16
N ASN D 180 16.22 23.68 5.99
CA ASN D 180 16.88 22.33 6.03
C ASN D 180 17.24 21.84 4.66
N TRP D 181 17.89 22.72 3.89
CA TRP D 181 18.02 22.51 2.44
C TRP D 181 18.89 21.33 2.12
N THR D 182 19.86 20.98 2.99
CA THR D 182 20.62 19.76 2.78
C THR D 182 19.73 18.47 2.69
N LEU D 183 18.57 18.50 3.35
CA LEU D 183 17.69 17.33 3.37
C LEU D 183 16.89 17.21 2.08
N ASN D 184 17.03 18.17 1.17
CA ASN D 184 16.08 18.23 0.07
C ASN D 184 16.61 17.38 -1.08
N PRO D 185 15.81 16.44 -1.61
CA PRO D 185 16.36 15.58 -2.66
C PRO D 185 16.67 16.27 -3.99
N PHE D 186 16.07 17.45 -4.26
CA PHE D 186 16.44 18.23 -5.42
C PHE D 186 17.82 18.87 -5.24
N HIS D 187 18.16 19.27 -4.03
CA HIS D 187 19.53 19.70 -3.73
C HIS D 187 20.55 18.55 -3.85
N MET D 188 20.14 17.40 -3.36
CA MET D 188 21.00 16.21 -3.37
C MET D 188 21.38 15.80 -4.81
N MET D 189 20.42 15.84 -5.72
CA MET D 189 20.66 15.62 -7.14
C MET D 189 21.57 16.69 -7.71
N GLY D 190 21.42 17.95 -7.27
CA GLY D 190 22.38 18.99 -7.67
C GLY D 190 23.80 18.62 -7.25
N VAL D 191 23.95 18.21 -6.00
CA VAL D 191 25.31 17.89 -5.48
C VAL D 191 25.90 16.77 -6.33
N ALA D 192 25.12 15.74 -6.60
CA ALA D 192 25.59 14.59 -7.41
C ALA D 192 25.97 15.09 -8.82
N GLY D 193 25.23 16.03 -9.39
CA GLY D 193 25.60 16.52 -10.71
C GLY D 193 26.85 17.38 -10.74
N VAL D 194 27.08 18.14 -9.68
CA VAL D 194 28.26 18.96 -9.61
C VAL D 194 29.48 18.11 -9.28
N LEU D 195 29.40 17.31 -8.24
CA LEU D 195 30.59 16.41 -7.86
C LEU D 195 30.83 15.32 -8.92
N GLY D 196 29.75 14.78 -9.51
CA GLY D 196 29.87 13.85 -10.63
C GLY D 196 30.50 14.51 -11.88
N GLY D 197 30.15 15.74 -12.10
CA GLY D 197 30.75 16.53 -13.20
C GLY D 197 32.21 16.83 -13.02
N ALA D 198 32.56 17.15 -11.82
CA ALA D 198 33.96 17.43 -11.49
C ALA D 198 34.75 16.11 -11.58
N LEU D 199 34.12 15.01 -11.19
CA LEU D 199 34.71 13.64 -11.30
C LEU D 199 34.95 13.32 -12.79
N LEU D 200 33.95 13.54 -13.65
CA LEU D 200 34.09 13.26 -15.05
C LEU D 200 35.19 14.11 -15.70
N CYS D 201 35.25 15.37 -15.30
CA CYS D 201 36.24 16.36 -15.82
C CYS D 201 37.63 15.85 -15.50
N ALA D 202 37.85 15.43 -14.26
CA ALA D 202 39.17 14.99 -13.80
C ALA D 202 39.58 13.64 -14.46
N ILE D 203 38.63 12.70 -14.52
CA ILE D 203 38.90 11.35 -14.92
C ILE D 203 39.07 11.33 -16.44
N HIS D 204 38.27 12.12 -17.15
CA HIS D 204 38.42 12.14 -18.58
C HIS D 204 39.74 12.83 -18.99
N GLY D 205 40.05 13.99 -18.39
CA GLY D 205 41.32 14.68 -18.73
C GLY D 205 42.51 13.78 -18.43
N ALA D 206 42.48 13.12 -17.26
CA ALA D 206 43.57 12.24 -16.84
C ALA D 206 43.70 11.02 -17.77
N THR D 207 42.58 10.49 -18.24
CA THR D 207 42.59 9.25 -19.04
C THR D 207 43.25 9.53 -20.40
N VAL D 208 42.79 10.59 -21.06
CA VAL D 208 43.38 11.00 -22.34
C VAL D 208 44.85 11.29 -22.19
N GLU D 209 45.24 11.96 -21.12
CA GLU D 209 46.64 12.28 -20.90
C GLU D 209 47.51 11.07 -20.61
N ASN D 210 46.91 9.96 -20.17
CA ASN D 210 47.67 8.73 -19.84
C ASN D 210 47.51 7.53 -20.77
N THR D 211 46.85 7.77 -21.90
CA THR D 211 46.70 6.84 -22.99
C THR D 211 47.10 7.51 -24.30
N LEU D 212 47.88 8.59 -24.24
CA LEU D 212 48.34 9.32 -25.44
C LEU D 212 49.18 8.40 -26.30
N PHE D 213 49.08 8.61 -27.60
CA PHE D 213 50.04 7.93 -28.53
C PHE D 213 51.35 8.70 -28.54
N GLN D 214 52.46 7.98 -28.63
CA GLN D 214 53.75 8.67 -28.82
C GLN D 214 53.83 9.23 -30.22
N ASP D 215 53.57 10.52 -30.39
CA ASP D 215 53.58 11.14 -31.69
C ASP D 215 54.71 12.18 -31.85
N GLY D 216 55.75 12.07 -31.01
CA GLY D 216 56.85 13.06 -31.01
C GLY D 216 57.97 12.47 -30.22
N GLU D 217 59.13 13.12 -30.28
CA GLU D 217 60.28 12.65 -29.45
C GLU D 217 60.34 13.35 -28.08
N GLY D 218 59.68 14.54 -27.94
CA GLY D 218 59.64 15.26 -26.66
C GLY D 218 59.17 14.43 -25.47
N ALA D 219 59.93 14.50 -24.36
CA ALA D 219 59.40 14.13 -23.01
C ALA D 219 58.20 15.03 -22.52
N SER D 220 58.15 16.28 -22.99
CA SER D 220 56.98 17.13 -22.81
C SER D 220 56.15 16.88 -24.08
N THR D 221 54.97 16.27 -23.90
CA THR D 221 54.19 15.62 -24.96
C THR D 221 53.14 16.49 -25.68
N PHE D 222 52.98 17.74 -25.24
CA PHE D 222 51.95 18.66 -25.80
C PHE D 222 52.18 19.06 -27.25
N ARG D 223 53.47 19.18 -27.61
CA ARG D 223 53.84 19.58 -28.99
C ARG D 223 53.45 18.56 -30.03
N ALA D 224 53.44 17.27 -29.65
CA ALA D 224 53.08 16.15 -30.53
C ALA D 224 51.57 16.02 -30.81
N PHE D 225 50.91 17.13 -31.10
CA PHE D 225 49.52 17.15 -31.53
C PHE D 225 49.39 18.29 -32.57
N ASN D 226 48.62 18.08 -33.64
CA ASN D 226 48.31 19.14 -34.60
C ASN D 226 46.78 19.26 -34.73
N PRO D 227 46.22 20.49 -34.55
CA PRO D 227 44.74 20.61 -34.60
C PRO D 227 44.06 20.00 -35.82
N THR D 228 44.72 20.10 -36.98
CA THR D 228 44.14 19.58 -38.22
C THR D 228 44.38 18.08 -38.40
N GLN D 229 45.18 17.42 -37.54
CA GLN D 229 45.39 15.96 -37.70
C GLN D 229 44.03 15.20 -37.70
N ALA D 230 43.92 14.23 -38.60
CA ALA D 230 42.76 13.38 -38.69
C ALA D 230 42.67 12.32 -37.54
N GLU D 231 43.81 11.88 -36.96
CA GLU D 231 43.87 10.72 -36.06
C GLU D 231 43.61 11.11 -34.59
N GLU D 232 42.99 10.19 -33.86
CA GLU D 232 42.86 10.29 -32.42
C GLU D 232 44.24 10.42 -31.79
N THR D 233 44.37 11.32 -30.83
CA THR D 233 45.68 11.54 -30.16
C THR D 233 45.96 10.58 -29.01
N TYR D 234 44.93 9.84 -28.58
CA TYR D 234 45.06 8.86 -27.46
C TYR D 234 44.32 7.61 -27.86
N SER D 235 44.62 6.50 -27.21
CA SER D 235 44.03 5.23 -27.53
C SER D 235 42.74 4.94 -26.73
N MET D 236 41.61 5.07 -27.39
CA MET D 236 40.35 4.62 -26.84
C MET D 236 40.35 3.13 -26.50
N VAL D 237 40.97 2.30 -27.33
CA VAL D 237 40.98 0.88 -27.03
C VAL D 237 41.69 0.65 -25.73
N THR D 238 42.88 1.25 -25.53
CA THR D 238 43.64 1.01 -24.30
C THR D 238 42.91 1.61 -23.08
N ALA D 239 42.35 2.82 -23.24
CA ALA D 239 41.62 3.45 -22.14
C ALA D 239 40.50 2.53 -21.69
N ASN D 240 39.80 1.98 -22.67
CA ASN D 240 38.64 1.06 -22.38
C ASN D 240 39.07 -0.18 -21.64
N ARG D 241 40.22 -0.74 -22.01
CA ARG D 241 40.64 -1.94 -21.32
C ARG D 241 40.98 -1.61 -19.89
N PHE D 242 41.72 -0.51 -19.71
CA PHE D 242 42.13 -0.09 -18.40
C PHE D 242 40.92 0.03 -17.42
N TRP D 243 39.92 0.80 -17.84
CA TRP D 243 38.85 1.10 -16.95
C TRP D 243 38.00 -0.19 -16.75
N SER D 244 37.91 -1.04 -17.79
CA SER D 244 37.10 -2.26 -17.70
C SER D 244 37.67 -3.17 -16.62
N GLN D 245 38.99 -3.17 -16.55
CA GLN D 245 39.75 -4.04 -15.59
C GLN D 245 39.88 -3.43 -14.17
N ILE D 246 39.90 -2.10 -14.11
CA ILE D 246 40.03 -1.40 -12.85
C ILE D 246 38.67 -1.28 -12.14
N PHE D 247 37.67 -0.77 -12.87
CA PHE D 247 36.35 -0.35 -12.28
C PHE D 247 35.19 -1.28 -12.67
N GLY D 248 35.42 -2.11 -13.69
CA GLY D 248 34.43 -3.08 -14.15
C GLY D 248 33.69 -2.63 -15.42
N ILE D 249 33.45 -1.33 -15.59
CA ILE D 249 32.91 -0.80 -16.80
C ILE D 249 33.77 0.38 -17.32
N ALA D 250 33.56 0.70 -18.59
CA ALA D 250 34.30 1.72 -19.27
C ALA D 250 33.47 2.28 -20.40
N PHE D 251 33.76 3.51 -20.80
CA PHE D 251 33.19 4.01 -22.05
C PHE D 251 33.82 3.21 -23.21
N SER D 252 33.04 2.98 -24.25
CA SER D 252 33.55 2.47 -25.53
C SER D 252 33.15 3.41 -26.65
N ASN D 253 32.16 4.29 -26.43
CA ASN D 253 31.70 5.21 -27.48
C ASN D 253 32.05 6.63 -27.05
N LYS D 254 32.90 7.29 -27.82
CA LYS D 254 33.37 8.68 -27.55
C LYS D 254 32.25 9.72 -27.69
N ARG D 255 31.27 9.46 -28.55
CA ARG D 255 30.17 10.41 -28.66
C ARG D 255 29.27 10.34 -27.43
N TRP D 256 28.95 9.14 -27.00
CA TRP D 256 28.23 8.96 -25.72
C TRP D 256 29.00 9.60 -24.58
N LEU D 257 30.29 9.36 -24.48
CA LEU D 257 31.11 9.95 -23.40
C LEU D 257 30.88 11.50 -23.27
N HIS D 258 31.00 12.19 -24.38
CA HIS D 258 31.01 13.61 -24.37
C HIS D 258 29.60 14.11 -24.18
N PHE D 259 28.63 13.40 -24.69
CA PHE D 259 27.26 13.76 -24.37
C PHE D 259 26.99 13.64 -22.87
N PHE D 260 27.52 12.58 -22.25
CA PHE D 260 27.25 12.32 -20.82
C PHE D 260 27.84 13.41 -19.96
N MET D 261 29.01 13.89 -20.39
CA MET D 261 29.67 15.04 -19.77
C MET D 261 28.85 16.36 -19.80
N LEU D 262 28.07 16.56 -20.85
CA LEU D 262 27.09 17.62 -20.85
C LEU D 262 25.94 17.27 -19.90
N PHE D 263 25.38 16.07 -20.05
CA PHE D 263 24.17 15.68 -19.36
C PHE D 263 24.23 15.82 -17.81
N VAL D 264 25.32 15.33 -17.21
CA VAL D 264 25.43 15.15 -15.76
C VAL D 264 25.35 16.49 -14.99
N PRO D 265 26.28 17.44 -15.23
CA PRO D 265 26.25 18.65 -14.46
C PRO D 265 25.10 19.57 -14.88
N VAL D 266 24.71 19.53 -16.14
CA VAL D 266 23.50 20.37 -16.60
C VAL D 266 22.26 19.86 -15.90
N THR D 267 22.04 18.55 -15.91
CA THR D 267 20.85 17.97 -15.22
C THR D 267 20.83 18.23 -13.71
N GLY D 268 22.00 18.11 -13.09
CA GLY D 268 22.11 18.40 -11.65
C GLY D 268 21.71 19.83 -11.30
N LEU D 269 22.21 20.80 -12.07
CA LEU D 269 21.85 22.22 -11.79
C LEU D 269 20.38 22.46 -11.96
N TRP D 270 19.79 21.85 -12.98
CA TRP D 270 18.37 21.98 -13.23
C TRP D 270 17.57 21.42 -12.05
N MET D 271 18.00 20.28 -11.48
CA MET D 271 17.31 19.70 -10.31
C MET D 271 17.40 20.61 -9.10
N SER D 272 18.57 21.22 -8.87
CA SER D 272 18.72 22.13 -7.78
C SER D 272 17.78 23.35 -7.93
N ALA D 273 17.59 23.87 -9.16
CA ALA D 273 16.69 25.00 -9.41
C ALA D 273 15.26 24.66 -9.06
N ILE D 274 14.85 23.42 -9.36
CA ILE D 274 13.49 23.01 -9.00
C ILE D 274 13.27 23.02 -7.48
N GLY D 275 14.26 22.52 -6.72
CA GLY D 275 14.17 22.61 -5.27
C GLY D 275 14.02 24.06 -4.70
N VAL D 276 14.74 25.02 -5.31
CA VAL D 276 14.74 26.38 -4.84
C VAL D 276 13.36 26.99 -5.22
N VAL D 277 12.77 26.58 -6.35
CA VAL D 277 11.34 27.06 -6.67
C VAL D 277 10.43 26.65 -5.51
N GLY D 278 10.62 25.43 -5.01
CA GLY D 278 9.84 24.97 -3.83
C GLY D 278 10.09 25.81 -2.57
N LEU D 279 11.37 26.04 -2.26
CA LEU D 279 11.74 26.89 -1.16
C LEU D 279 11.20 28.35 -1.26
N ALA D 280 10.96 28.86 -2.48
CA ALA D 280 10.34 30.20 -2.65
C ALA D 280 9.03 30.30 -1.84
N LEU D 281 8.36 29.16 -1.76
CA LEU D 281 7.12 28.99 -1.12
C LEU D 281 7.16 28.38 0.30
N ASN D 282 8.38 28.29 0.84
CA ASN D 282 8.67 27.46 2.04
C ASN D 282 8.21 26.01 1.92
N LEU D 283 8.07 25.52 0.70
CA LEU D 283 7.66 24.17 0.50
C LEU D 283 8.97 23.32 0.57
N ARG D 284 9.40 23.07 1.79
CA ARG D 284 10.69 22.43 2.10
C ARG D 284 10.62 20.90 2.23
N SER D 285 11.78 20.20 2.12
CA SER D 285 11.89 18.86 2.75
C SER D 285 12.52 19.17 4.06
N TYR D 286 11.69 19.49 5.05
CA TYR D 286 12.19 19.98 6.36
C TYR D 286 12.25 18.75 7.27
N ASP D 287 11.18 17.97 7.26
CA ASP D 287 11.01 16.89 8.23
C ASP D 287 10.71 15.53 7.63
N PHE D 288 10.84 14.50 8.49
CA PHE D 288 10.28 13.16 8.23
C PHE D 288 9.28 13.01 9.36
N ILE D 289 8.00 12.91 9.00
CA ILE D 289 6.96 12.90 9.97
C ILE D 289 7.11 11.67 10.92
N SER D 290 7.41 10.51 10.39
CA SER D 290 7.51 9.33 11.21
C SER D 290 8.58 9.44 12.29
N GLN D 291 9.69 10.08 11.96
CA GLN D 291 10.79 10.38 12.86
C GLN D 291 10.26 11.26 13.98
N GLU D 292 9.45 12.28 13.62
CA GLU D 292 8.98 13.20 14.63
C GLU D 292 8.00 12.53 15.59
N ILE D 293 7.10 11.70 15.07
CA ILE D 293 6.15 10.99 15.92
C ILE D 293 6.92 10.12 16.94
N ARG D 294 7.84 9.32 16.46
CA ARG D 294 8.63 8.46 17.36
C ARG D 294 9.37 9.25 18.38
N ALA D 295 10.12 10.28 17.94
CA ALA D 295 10.98 11.06 18.84
C ALA D 295 10.19 11.81 19.93
N ALA D 296 9.02 12.29 19.58
CA ALA D 296 8.13 12.95 20.51
C ALA D 296 7.59 12.03 21.61
N GLU D 297 7.29 10.79 21.25
CA GLU D 297 6.75 9.80 22.17
C GLU D 297 7.85 9.09 22.91
N ASP D 298 9.04 9.02 22.28
CA ASP D 298 10.15 8.18 22.83
C ASP D 298 11.37 9.07 23.07
N PRO D 299 11.56 9.53 24.33
CA PRO D 299 12.74 10.38 24.58
C PRO D 299 14.09 9.67 24.60
N GLU D 300 14.16 8.40 24.29
CA GLU D 300 15.51 7.77 24.08
C GLU D 300 15.84 7.54 22.62
N PHE D 301 14.93 7.94 21.72
CA PHE D 301 15.16 7.75 20.27
C PHE D 301 15.90 8.98 19.68
N GLU D 302 17.07 8.74 19.14
CA GLU D 302 17.91 9.82 18.55
C GLU D 302 18.51 9.38 17.23
N THR D 303 18.46 10.25 16.23
CA THR D 303 19.19 9.96 14.95
C THR D 303 20.01 11.17 14.50
N PHE D 304 20.82 11.03 13.45
CA PHE D 304 21.51 12.21 12.95
C PHE D 304 20.45 13.23 12.44
N TYR D 305 19.29 12.79 11.98
CA TYR D 305 18.25 13.73 11.52
C TYR D 305 17.79 14.62 12.67
N THR D 306 17.48 14.04 13.85
CA THR D 306 17.02 14.84 15.00
C THR D 306 18.14 15.79 15.54
N LYS D 307 19.38 15.34 15.47
CA LYS D 307 20.52 16.16 15.82
C LYS D 307 20.62 17.41 14.97
N ASN D 308 20.42 17.25 13.68
CA ASN D 308 20.59 18.38 12.77
C ASN D 308 19.50 19.40 12.99
N LEU D 309 18.30 18.95 13.34
CA LEU D 309 17.23 19.88 13.62
C LEU D 309 17.55 20.78 14.84
N LEU D 310 18.25 20.24 15.87
CA LEU D 310 18.66 21.00 17.02
C LEU D 310 19.63 22.11 16.57
N LEU D 311 20.50 21.76 15.64
CA LEU D 311 21.45 22.76 15.04
C LEU D 311 20.62 23.86 14.34
N ASN D 312 19.64 23.46 13.58
CA ASN D 312 18.81 24.47 12.81
C ASN D 312 18.09 25.44 13.74
N GLU D 313 17.54 24.90 14.82
CA GLU D 313 16.90 25.66 15.84
C GLU D 313 17.84 26.70 16.50
N GLY D 314 19.07 26.32 16.71
CA GLY D 314 20.13 27.20 17.18
C GLY D 314 20.40 28.28 16.13
N ILE D 315 20.62 27.89 14.88
CA ILE D 315 20.90 28.87 13.82
C ILE D 315 19.74 29.94 13.80
N ARG D 316 18.50 29.49 13.79
CA ARG D 316 17.39 30.46 13.61
C ARG D 316 17.35 31.44 14.76
N ALA D 317 17.47 30.94 16.01
CA ALA D 317 17.30 31.79 17.19
C ALA D 317 18.45 32.76 17.31
N TRP D 318 19.65 32.30 17.04
CA TRP D 318 20.82 33.09 17.24
C TRP D 318 21.07 34.10 16.08
N MET D 319 20.65 33.78 14.87
CA MET D 319 20.91 34.64 13.75
C MET D 319 19.75 35.63 13.45
N ALA D 320 18.53 35.27 13.76
CA ALA D 320 17.41 36.02 13.22
C ALA D 320 17.42 37.57 13.61
N PRO D 321 17.76 37.92 14.87
CA PRO D 321 17.65 39.31 15.32
C PRO D 321 18.50 40.27 14.51
N GLN D 322 19.75 39.91 14.24
CA GLN D 322 20.67 40.70 13.39
C GLN D 322 20.45 40.48 11.90
N ASP D 323 19.98 39.29 11.49
CA ASP D 323 19.80 38.98 10.03
C ASP D 323 18.48 39.48 9.48
N GLN D 324 17.51 39.73 10.37
CA GLN D 324 16.20 40.16 9.99
C GLN D 324 15.77 41.42 10.81
N PRO D 325 16.53 42.52 10.68
CA PRO D 325 16.41 43.69 11.58
C PRO D 325 15.03 44.33 11.46
C HSK D 326 11.97 44.06 11.14
O HSK D 326 10.89 44.58 11.33
CA HSK D 326 12.98 44.71 10.23
CA HSK D 326 12.98 44.71 10.23
N HSK D 326 14.35 44.16 10.33
CB HSK D 326 12.53 44.59 8.77
CB HSK D 326 12.51 44.58 8.78
CG HSK D 326 12.65 43.16 8.26
CG HSK D 326 12.57 43.15 8.28
CD2 HSK D 326 11.63 42.24 8.21
CD2 HSK D 326 11.56 42.22 8.22
NE2 HSK D 326 12.18 41.13 7.71
NE2 HSK D 326 12.10 41.07 7.72
CE1 HSK D 326 13.49 41.33 7.48
CE1 HSK D 326 13.42 41.26 7.48
ND1 HSK D 326 13.76 42.58 7.80
ND1 HSK D 326 13.61 42.49 7.81
OM HSK D 326 14.89 43.05 7.70
N GLU D 327 12.28 42.88 11.71
CA GLU D 327 11.38 42.11 12.57
C GLU D 327 11.43 42.70 14.00
N ASN D 328 12.44 43.55 14.30
CA ASN D 328 12.67 44.07 15.66
C ASN D 328 12.66 42.98 16.73
N PHE D 329 13.30 41.85 16.45
CA PHE D 329 13.28 40.77 17.41
C PHE D 329 14.15 41.16 18.62
N VAL D 330 13.62 40.94 19.81
CA VAL D 330 14.38 40.92 21.06
C VAL D 330 14.14 39.55 21.74
N PHE D 331 15.17 38.75 21.83
CA PHE D 331 15.05 37.40 22.36
C PHE D 331 15.84 37.48 23.68
N PRO D 332 15.15 37.52 24.82
CA PRO D 332 15.88 37.56 26.09
C PRO D 332 16.81 36.36 26.24
N GLU D 333 17.95 36.56 26.88
N GLU D 333 17.94 36.54 26.88
CA GLU D 333 18.95 35.51 27.03
CA GLU D 333 18.89 35.46 27.07
C GLU D 333 18.29 34.16 27.47
C GLU D 333 18.24 34.14 27.44
N GLU D 334 17.33 34.22 28.39
CA GLU D 334 16.64 33.05 28.90
C GLU D 334 15.86 32.18 27.92
N VAL D 335 15.37 32.76 26.82
CA VAL D 335 14.73 31.97 25.80
C VAL D 335 15.66 31.35 24.75
N LEU D 336 16.90 31.78 24.66
CA LEU D 336 17.77 31.24 23.60
C LEU D 336 18.02 29.73 23.81
N PRO D 337 17.79 28.90 22.77
CA PRO D 337 18.21 27.46 22.88
C PRO D 337 19.75 27.28 22.97
N ARG D 338 20.18 26.53 23.98
CA ARG D 338 21.60 26.22 24.23
C ARG D 338 21.67 24.87 24.89
N GLY D 339 22.73 24.16 24.62
CA GLY D 339 23.03 22.94 25.35
C GLY D 339 23.72 23.33 26.64
N ASN D 340 24.29 22.33 27.32
CA ASN D 340 25.00 22.55 28.57
C ASN D 340 26.30 23.32 28.32
N ALA D 341 26.56 24.24 29.22
CA ALA D 341 27.85 25.00 29.30
C ALA D 341 28.06 26.05 28.20
N LEU D 342 27.89 25.66 26.96
CA LEU D 342 28.19 26.52 25.83
C LEU D 342 27.08 27.57 25.70
N THR E 1 44.59 35.44 -37.51
CA THR E 1 44.29 36.70 -36.74
C THR E 1 43.17 37.53 -37.42
N THR E 2 42.72 38.55 -36.70
CA THR E 2 41.58 39.39 -37.10
C THR E 2 41.91 40.86 -37.52
N GLY E 3 43.18 41.20 -37.68
CA GLY E 3 43.56 42.49 -38.29
C GLY E 3 44.00 43.58 -37.32
N GLU E 4 43.71 43.43 -36.02
CA GLU E 4 44.10 44.46 -35.03
C GLU E 4 45.56 44.19 -34.77
N ARG E 5 46.26 45.23 -34.32
CA ARG E 5 47.66 45.11 -34.00
C ARG E 5 47.84 44.18 -32.82
N PRO E 6 48.84 43.27 -32.88
CA PRO E 6 49.14 42.48 -31.68
C PRO E 6 49.39 43.31 -30.40
N PHE E 7 48.81 42.89 -29.27
CA PHE E 7 49.04 43.55 -27.96
C PHE E 7 50.52 43.63 -27.66
N SER E 8 51.27 42.58 -28.02
CA SER E 8 52.70 42.54 -27.70
C SER E 8 53.51 43.61 -28.46
N ASP E 9 53.13 43.89 -29.71
N ASP E 9 53.13 43.90 -29.69
CA ASP E 9 53.71 45.00 -30.46
CA ASP E 9 53.70 45.00 -30.44
C ASP E 9 53.39 46.32 -29.71
C ASP E 9 53.39 46.33 -29.73
N ILE E 10 52.13 46.51 -29.32
CA ILE E 10 51.67 47.78 -28.75
C ILE E 10 52.38 48.13 -27.41
N ILE E 11 52.30 47.21 -26.47
CA ILE E 11 52.81 47.45 -25.13
C ILE E 11 54.34 47.35 -25.00
N THR E 12 55.05 46.96 -26.06
CA THR E 12 56.50 47.14 -26.08
C THR E 12 56.97 48.36 -26.90
N SER E 13 56.04 49.24 -27.32
CA SER E 13 56.39 50.39 -28.15
C SER E 13 56.55 51.61 -27.27
N VAL E 14 57.41 52.52 -27.72
CA VAL E 14 57.70 53.75 -26.99
C VAL E 14 56.48 54.68 -26.99
N ARG E 15 55.81 54.81 -28.13
CA ARG E 15 54.63 55.65 -28.21
C ARG E 15 53.58 55.26 -27.18
N TYR E 16 53.37 53.94 -26.98
CA TYR E 16 52.34 53.48 -26.02
C TYR E 16 52.70 53.98 -24.62
N TRP E 17 53.96 53.78 -24.24
CA TRP E 17 54.45 54.23 -22.93
C TRP E 17 54.51 55.76 -22.74
N VAL E 18 54.73 56.51 -23.81
CA VAL E 18 54.66 57.98 -23.71
C VAL E 18 53.23 58.43 -23.34
N ILE E 19 52.25 57.88 -24.05
CA ILE E 19 50.84 58.13 -23.74
C ILE E 19 50.48 57.63 -22.35
N HIS E 20 50.81 56.40 -22.04
CA HIS E 20 50.29 55.76 -20.82
C HIS E 20 51.04 56.05 -19.52
N SER E 21 52.27 56.58 -19.64
CA SER E 21 52.98 57.06 -18.45
C SER E 21 52.34 58.39 -17.98
N ILE E 22 51.53 59.04 -18.83
CA ILE E 22 50.63 60.14 -18.39
C ILE E 22 49.20 59.67 -17.91
N THR E 23 48.51 58.88 -18.72
CA THR E 23 47.09 58.57 -18.49
C THR E 23 46.84 57.65 -17.30
N ILE E 24 47.71 56.65 -17.13
CA ILE E 24 47.63 55.71 -16.03
C ILE E 24 47.80 56.45 -14.67
N PRO E 25 48.95 57.16 -14.44
CA PRO E 25 49.05 57.92 -13.17
C PRO E 25 47.95 58.93 -12.99
N ALA E 26 47.56 59.63 -14.05
CA ALA E 26 46.53 60.63 -13.87
C ALA E 26 45.23 59.99 -13.31
N LEU E 27 44.83 58.86 -13.91
CA LEU E 27 43.57 58.18 -13.47
C LEU E 27 43.70 57.70 -12.03
N PHE E 28 44.85 57.12 -11.69
CA PHE E 28 45.13 56.67 -10.34
C PHE E 28 44.97 57.80 -9.32
N ILE E 29 45.50 58.98 -9.65
CA ILE E 29 45.53 60.09 -8.74
C ILE E 29 44.14 60.63 -8.64
N ALA E 30 43.43 60.71 -9.76
CA ALA E 30 42.03 61.12 -9.70
C ALA E 30 41.15 60.21 -8.78
N GLY E 31 41.41 58.90 -8.78
CA GLY E 31 40.64 57.97 -7.95
C GLY E 31 40.97 58.17 -6.48
N TRP E 32 42.27 58.32 -6.22
CA TRP E 32 42.78 58.70 -4.91
C TRP E 32 42.07 59.94 -4.33
N LEU E 33 42.06 61.01 -5.10
CA LEU E 33 41.38 62.26 -4.69
C LEU E 33 39.89 62.18 -4.54
N PHE E 34 39.25 61.37 -5.39
CA PHE E 34 37.81 61.02 -5.18
C PHE E 34 37.54 60.55 -3.72
N VAL E 35 38.47 59.78 -3.15
CA VAL E 35 38.35 59.34 -1.76
C VAL E 35 38.92 60.39 -0.80
N SER E 36 40.17 60.83 -1.01
CA SER E 36 40.82 61.77 -0.09
C SER E 36 40.08 63.08 0.14
N THR E 37 39.38 63.61 -0.86
CA THR E 37 38.55 64.79 -0.65
C THR E 37 37.21 64.53 0.00
N GLY E 38 36.85 63.25 0.23
CA GLY E 38 35.53 62.95 0.81
C GLY E 38 34.38 62.97 -0.14
N LEU E 39 34.65 63.22 -1.40
CA LEU E 39 33.58 63.26 -2.39
C LEU E 39 32.83 61.90 -2.56
N ALA E 40 33.60 60.79 -2.54
CA ALA E 40 33.02 59.44 -2.61
C ALA E 40 31.90 59.27 -1.60
N TYR E 41 32.11 59.72 -0.38
CA TYR E 41 31.03 59.66 0.64
C TYR E 41 29.76 60.28 0.22
N ASP E 42 29.87 61.44 -0.37
CA ASP E 42 28.66 62.20 -0.69
C ASP E 42 27.96 61.81 -1.98
N VAL E 43 28.72 61.38 -2.98
CA VAL E 43 28.09 60.86 -4.20
C VAL E 43 27.20 59.64 -3.87
N PHE E 44 27.75 58.72 -3.09
CA PHE E 44 27.10 57.39 -2.83
C PHE E 44 26.28 57.30 -1.53
N GLY E 45 26.44 58.29 -0.66
CA GLY E 45 25.64 58.42 0.58
C GLY E 45 26.15 57.47 1.68
N THR E 46 27.42 57.13 1.61
CA THR E 46 28.07 56.23 2.52
C THR E 46 28.49 56.98 3.78
N PRO E 47 28.14 56.45 4.98
CA PRO E 47 28.57 57.15 6.20
C PRO E 47 30.06 57.17 6.41
N ARG E 48 30.56 58.32 6.88
CA ARG E 48 31.92 58.44 7.40
C ARG E 48 32.00 57.76 8.78
N PRO E 49 33.23 57.48 9.28
CA PRO E 49 33.29 56.81 10.54
C PRO E 49 32.51 57.48 11.66
N ASP E 50 32.29 58.79 11.55
CA ASP E 50 31.56 59.53 12.59
C ASP E 50 30.10 59.73 12.31
N SER E 51 29.54 59.09 11.29
CA SER E 51 28.15 59.38 10.94
C SER E 51 27.26 58.17 10.86
N TYR E 52 27.66 57.04 11.49
CA TYR E 52 26.75 55.84 11.55
C TYR E 52 25.67 56.01 12.57
N TYR E 53 26.02 56.66 13.67
CA TYR E 53 25.11 56.89 14.81
C TYR E 53 25.24 58.35 15.33
N ALA E 54 24.14 58.95 15.79
CA ALA E 54 24.24 60.13 16.71
C ALA E 54 24.95 59.74 18.02
N GLN E 55 25.38 60.73 18.79
CA GLN E 55 26.25 60.47 19.96
C GLN E 55 25.73 59.48 21.05
N GLU E 56 24.43 59.53 21.33
CA GLU E 56 23.82 58.72 22.40
C GLU E 56 22.82 57.62 21.95
N GLN E 57 22.42 57.59 20.68
CA GLN E 57 21.64 56.43 20.17
C GLN E 57 22.50 55.18 19.95
N ARG E 58 21.90 54.02 20.22
CA ARG E 58 22.33 52.69 19.69
C ARG E 58 21.04 52.09 19.06
N SER E 59 20.52 52.80 18.06
CA SER E 59 19.45 52.30 17.17
C SER E 59 19.82 52.56 15.70
N ILE E 60 19.91 51.49 14.92
CA ILE E 60 20.24 51.58 13.51
C ILE E 60 19.15 52.32 12.69
N PRO E 61 19.56 53.22 11.77
CA PRO E 61 18.57 53.98 10.97
C PRO E 61 18.01 53.15 9.81
N LEU E 62 17.33 52.08 10.18
CA LEU E 62 16.75 51.17 9.17
C LEU E 62 15.53 51.80 8.48
N VAL E 63 15.49 51.69 7.16
CA VAL E 63 14.37 52.16 6.36
C VAL E 63 13.17 51.24 6.52
N THR E 64 12.01 51.81 6.82
CA THR E 64 10.78 51.01 7.19
C THR E 64 9.53 51.32 6.35
N ASP E 65 9.65 52.22 5.39
CA ASP E 65 8.52 52.70 4.62
C ASP E 65 8.99 52.83 3.16
N ARG E 66 8.39 52.03 2.29
CA ARG E 66 8.68 52.03 0.87
C ARG E 66 8.72 53.41 0.20
N PHE E 67 7.65 54.19 0.35
CA PHE E 67 7.43 55.38 -0.48
C PHE E 67 7.92 56.71 0.11
N GLU E 68 8.26 56.73 1.39
CA GLU E 68 8.94 57.87 1.96
C GLU E 68 10.24 57.42 2.68
N ALA E 69 10.85 56.35 2.15
CA ALA E 69 12.18 55.91 2.60
C ALA E 69 13.22 57.00 2.32
N LYS E 70 13.05 57.69 1.18
CA LYS E 70 13.88 58.83 0.81
C LYS E 70 13.89 59.88 1.97
N GLN E 71 12.68 60.30 2.40
CA GLN E 71 12.49 61.23 3.54
C GLN E 71 12.98 60.64 4.88
N GLN E 72 12.80 59.34 5.11
CA GLN E 72 13.30 58.72 6.36
C GLN E 72 14.80 58.81 6.46
N VAL E 73 15.47 58.54 5.33
CA VAL E 73 16.92 58.73 5.28
C VAL E 73 17.24 60.23 5.53
N GLU E 74 16.54 61.14 4.82
N GLU E 74 16.54 61.16 4.83
CA GLU E 74 16.72 62.60 5.01
CA GLU E 74 16.78 62.63 5.02
C GLU E 74 16.67 62.99 6.50
C GLU E 74 16.67 63.00 6.52
N THR E 75 15.60 62.55 7.17
CA THR E 75 15.40 62.75 8.62
C THR E 75 16.43 62.09 9.53
N PHE E 76 16.83 60.87 9.18
CA PHE E 76 17.90 60.17 9.90
C PHE E 76 19.18 61.01 9.81
N LEU E 77 19.44 61.59 8.62
CA LEU E 77 20.63 62.44 8.39
C LEU E 77 20.60 63.79 9.11
N GLU E 78 19.46 64.49 9.08
CA GLU E 78 19.27 65.73 9.88
C GLU E 78 19.49 65.49 11.39
N GLN E 79 19.05 64.34 11.91
CA GLN E 79 19.22 63.97 13.33
C GLN E 79 20.64 63.46 13.75
N LEU E 80 21.67 63.71 12.93
CA LEU E 80 23.10 63.54 13.33
C LEU E 80 23.72 64.90 13.64
N SER F 1 49.80 49.77 -41.93
CA SER F 1 48.40 50.31 -41.88
C SER F 1 47.47 49.61 -40.83
N TYR F 2 47.93 49.47 -39.56
CA TYR F 2 47.07 48.99 -38.40
C TYR F 2 46.17 50.12 -37.80
N PRO F 3 44.82 49.95 -37.82
CA PRO F 3 43.99 51.03 -37.19
C PRO F 3 44.12 51.11 -35.66
N ILE F 4 43.72 52.23 -35.07
CA ILE F 4 43.75 52.43 -33.62
C ILE F 4 42.34 52.33 -32.97
N PHE F 5 41.39 53.19 -33.34
CA PHE F 5 39.95 52.95 -33.03
C PHE F 5 39.46 51.61 -33.65
N THR F 6 39.21 50.66 -32.76
CA THR F 6 38.59 49.36 -33.06
C THR F 6 37.62 49.04 -31.91
N VAL F 7 36.75 48.07 -32.14
CA VAL F 7 35.84 47.57 -31.10
C VAL F 7 36.74 47.07 -29.94
N ARG F 8 37.82 46.37 -30.26
CA ARG F 8 38.73 45.87 -29.21
C ARG F 8 39.29 46.98 -28.35
N TRP F 9 39.76 48.06 -28.97
CA TRP F 9 40.28 49.21 -28.23
C TRP F 9 39.22 49.77 -27.26
N VAL F 10 38.00 49.89 -27.73
CA VAL F 10 36.94 50.45 -26.91
C VAL F 10 36.73 49.47 -25.71
N ALA F 11 36.64 48.17 -26.01
CA ALA F 11 36.36 47.16 -25.01
C ALA F 11 37.43 47.23 -23.90
N VAL F 12 38.69 47.27 -24.30
CA VAL F 12 39.84 47.37 -23.38
C VAL F 12 39.72 48.57 -22.47
N HIS F 13 39.35 49.70 -23.01
CA HIS F 13 39.29 50.94 -22.22
C HIS F 13 38.07 51.04 -21.30
N THR F 14 36.91 50.52 -21.71
CA THR F 14 35.76 50.49 -20.84
C THR F 14 36.10 49.72 -19.52
N LEU F 15 37.03 48.80 -19.57
CA LEU F 15 37.48 48.10 -18.37
C LEU F 15 38.72 48.73 -17.72
N ALA F 16 39.74 49.04 -18.52
CA ALA F 16 41.03 49.52 -17.99
C ALA F 16 40.92 50.87 -17.33
N VAL F 17 40.08 51.74 -17.87
CA VAL F 17 40.01 53.07 -17.35
C VAL F 17 39.42 53.06 -15.93
N PRO F 18 38.18 52.56 -15.76
CA PRO F 18 37.63 52.52 -14.40
C PRO F 18 38.51 51.73 -13.45
N THR F 19 39.09 50.63 -13.91
CA THR F 19 39.89 49.81 -13.07
C THR F 19 40.99 50.64 -12.40
N ILE F 20 41.70 51.47 -13.17
CA ILE F 20 42.84 52.23 -12.61
C ILE F 20 42.31 53.33 -11.66
N PHE F 21 41.20 53.97 -12.04
CA PHE F 21 40.61 54.94 -11.17
C PHE F 21 40.30 54.25 -9.81
N PHE F 22 39.63 53.09 -9.87
CA PHE F 22 39.19 52.39 -8.67
C PHE F 22 40.39 51.95 -7.84
N LEU F 23 41.44 51.50 -8.50
CA LEU F 23 42.60 51.05 -7.73
C LEU F 23 43.23 52.22 -6.95
N GLY F 24 43.13 53.44 -7.51
CA GLY F 24 43.64 54.62 -6.82
C GLY F 24 42.76 54.99 -5.64
N ALA F 25 41.46 54.92 -5.87
CA ALA F 25 40.52 55.14 -4.77
C ALA F 25 40.74 54.16 -3.61
N ILE F 26 40.92 52.88 -3.93
CA ILE F 26 41.08 51.85 -2.91
C ILE F 26 42.42 51.98 -2.25
N ALA F 27 43.44 52.42 -2.97
CA ALA F 27 44.79 52.68 -2.37
C ALA F 27 44.63 53.79 -1.34
N ALA F 28 43.89 54.83 -1.70
CA ALA F 28 43.69 55.91 -0.73
C ALA F 28 43.04 55.40 0.57
N MET F 29 42.12 54.48 0.42
CA MET F 29 41.27 54.07 1.55
C MET F 29 42.10 53.42 2.63
N GLN F 30 43.25 52.89 2.24
CA GLN F 30 44.11 52.23 3.18
C GLN F 30 44.74 53.19 4.20
N PHE F 31 44.59 54.50 4.02
CA PHE F 31 45.15 55.45 4.95
C PHE F 31 44.06 56.08 5.79
N ILE F 32 42.81 55.70 5.58
CA ILE F 32 41.69 56.24 6.35
C ILE F 32 41.68 55.57 7.72
N GLN F 33 41.45 56.36 8.75
CA GLN F 33 41.42 55.90 10.16
C GLN F 33 40.09 56.30 10.67
N ARG F 34 39.59 55.55 11.64
CA ARG F 34 38.30 55.85 12.22
C ARG F 34 38.43 57.10 13.14
N ALA G 1 -4.04 9.15 -51.76
CA ALA G 1 -4.77 9.81 -50.65
C ALA G 1 -6.29 9.83 -50.87
N ARG G 2 -7.03 9.88 -49.77
CA ARG G 2 -8.44 9.69 -49.76
C ARG G 2 -9.13 11.04 -49.72
N ARG G 3 -10.04 11.22 -50.65
CA ARG G 3 -10.93 12.37 -50.64
C ARG G 3 -12.15 12.15 -49.78
N THR G 4 -12.66 13.22 -49.15
CA THR G 4 -13.92 13.12 -48.41
C THR G 4 -14.68 14.41 -48.66
N TRP G 5 -15.97 14.38 -48.39
CA TRP G 5 -16.79 15.57 -48.50
C TRP G 5 -16.14 16.74 -47.74
N LEU G 6 -15.81 16.53 -46.45
CA LEU G 6 -15.30 17.64 -45.65
C LEU G 6 -13.90 17.99 -46.05
N GLY G 7 -13.10 17.01 -46.48
CA GLY G 7 -11.77 17.32 -46.98
C GLY G 7 -11.83 18.22 -48.24
N ASP G 8 -12.82 17.96 -49.12
CA ASP G 8 -13.00 18.73 -50.38
C ASP G 8 -13.35 20.15 -50.02
N ILE G 9 -14.26 20.32 -49.07
CA ILE G 9 -14.62 21.65 -48.59
C ILE G 9 -13.48 22.40 -47.96
N LEU G 10 -12.64 21.73 -47.16
CA LEU G 10 -11.51 22.43 -46.50
C LEU G 10 -10.28 22.63 -47.38
N ARG G 11 -10.15 21.85 -48.45
N ARG G 11 -10.16 21.85 -48.45
CA ARG G 11 -8.98 21.84 -49.34
CA ARG G 11 -8.99 21.85 -49.35
C ARG G 11 -8.31 23.20 -49.60
C ARG G 11 -8.32 23.21 -49.60
N PRO G 12 -9.10 24.26 -49.92
CA PRO G 12 -8.45 25.58 -50.18
C PRO G 12 -7.72 26.20 -48.97
N LEU G 13 -8.20 25.89 -47.77
CA LEU G 13 -7.56 26.40 -46.54
C LEU G 13 -6.18 25.74 -46.32
N ASN G 14 -5.88 24.59 -46.92
CA ASN G 14 -4.53 23.94 -46.82
C ASN G 14 -3.87 23.79 -48.18
N SER G 15 -3.93 24.87 -48.97
CA SER G 15 -3.46 24.85 -50.36
C SER G 15 -2.31 25.81 -50.66
N GLU G 16 -1.99 26.74 -49.76
CA GLU G 16 -0.92 27.70 -50.01
C GLU G 16 0.39 27.45 -49.23
N TYR G 17 0.73 26.19 -49.00
CA TYR G 17 2.03 25.86 -48.30
C TYR G 17 3.15 26.65 -49.00
N GLY G 18 4.00 27.32 -48.24
CA GLY G 18 5.21 27.94 -48.78
C GLY G 18 5.02 29.35 -49.35
N LYS G 19 3.78 29.79 -49.45
CA LYS G 19 3.49 31.10 -50.01
C LYS G 19 3.87 32.29 -49.13
N VAL G 20 4.65 33.19 -49.70
CA VAL G 20 5.17 34.37 -49.02
C VAL G 20 4.87 35.67 -49.77
N ALA G 21 4.73 36.77 -49.02
CA ALA G 21 4.79 38.12 -49.54
C ALA G 21 6.24 38.54 -49.85
N PRO G 22 6.45 39.36 -50.90
CA PRO G 22 7.82 39.75 -51.31
C PRO G 22 8.67 40.45 -50.23
N GLY G 23 9.94 40.05 -50.09
CA GLY G 23 10.89 40.84 -49.25
C GLY G 23 10.51 40.97 -47.75
N TRP G 24 10.53 42.19 -47.24
CA TRP G 24 10.22 42.53 -45.85
C TRP G 24 8.74 42.65 -45.57
N GLY G 25 7.94 42.70 -46.63
CA GLY G 25 6.46 42.92 -46.49
C GLY G 25 6.02 43.79 -45.33
N THR G 26 5.13 43.25 -44.49
CA THR G 26 4.63 43.99 -43.32
C THR G 26 5.52 43.98 -42.03
N THR G 27 6.75 43.50 -42.12
CA THR G 27 7.65 43.53 -41.00
C THR G 27 7.64 44.85 -40.16
N PRO G 28 7.73 46.04 -40.81
CA PRO G 28 7.81 47.29 -40.02
C PRO G 28 6.60 47.58 -39.16
N LEU G 29 5.44 47.31 -39.71
CA LEU G 29 4.19 47.42 -38.98
C LEU G 29 4.16 46.38 -37.80
N MET G 30 4.62 45.15 -38.04
CA MET G 30 4.70 44.10 -37.01
C MET G 30 5.56 44.66 -35.86
N ALA G 31 6.72 45.25 -36.22
CA ALA G 31 7.62 45.87 -35.25
C ALA G 31 6.94 46.92 -34.40
N VAL G 32 6.06 47.70 -34.98
CA VAL G 32 5.39 48.74 -34.21
C VAL G 32 4.46 48.07 -33.19
N PHE G 33 3.70 47.07 -33.62
CA PHE G 33 2.78 46.36 -32.69
C PHE G 33 3.56 45.64 -31.54
N MET G 34 4.74 45.08 -31.86
CA MET G 34 5.68 44.52 -30.88
C MET G 34 6.12 45.54 -29.85
N GLY G 35 6.52 46.71 -30.34
CA GLY G 35 6.94 47.83 -29.49
C GLY G 35 5.84 48.27 -28.59
N LEU G 36 4.64 48.47 -29.15
CA LEU G 36 3.47 48.80 -28.36
C LEU G 36 3.14 47.72 -27.30
N PHE G 37 3.32 46.45 -27.65
CA PHE G 37 2.93 45.34 -26.74
C PHE G 37 3.94 45.34 -25.55
N LEU G 38 5.21 45.56 -25.86
CA LEU G 38 6.27 45.70 -24.87
C LEU G 38 5.91 46.80 -23.86
N VAL G 39 5.41 47.95 -24.35
CA VAL G 39 5.13 49.07 -23.46
C VAL G 39 3.90 48.71 -22.62
N PHE G 40 2.91 48.06 -23.26
CA PHE G 40 1.75 47.56 -22.53
C PHE G 40 2.18 46.62 -21.34
N LEU G 41 3.03 45.65 -21.63
CA LEU G 41 3.47 44.71 -20.58
C LEU G 41 4.21 45.42 -19.51
N LEU G 42 5.00 46.41 -19.90
CA LEU G 42 5.70 47.20 -18.90
C LEU G 42 4.73 47.96 -18.00
N ILE G 43 3.66 48.50 -18.61
CA ILE G 43 2.68 49.24 -17.80
C ILE G 43 2.02 48.28 -16.82
N ILE G 44 1.49 47.13 -17.29
CA ILE G 44 0.69 46.30 -16.35
C ILE G 44 1.65 45.68 -15.26
N LEU G 45 2.90 45.42 -15.61
CA LEU G 45 3.86 45.02 -14.61
C LEU G 45 4.10 46.08 -13.56
N GLU G 46 4.39 47.30 -14.02
CA GLU G 46 4.67 48.40 -13.11
C GLU G 46 3.49 48.78 -12.22
N ILE G 47 2.29 48.60 -12.73
CA ILE G 47 1.12 48.80 -11.87
C ILE G 47 1.05 47.77 -10.76
N TYR G 48 1.21 46.49 -11.14
CA TYR G 48 1.13 45.38 -10.14
C TYR G 48 2.24 45.58 -9.10
N ASN G 49 3.39 46.06 -9.57
CA ASN G 49 4.63 46.17 -8.74
C ASN G 49 4.57 47.37 -7.83
N SER G 50 3.55 48.22 -8.04
CA SER G 50 3.46 49.52 -7.35
C SER G 50 4.65 50.50 -7.71
N THR G 51 5.26 50.30 -8.87
CA THR G 51 6.26 51.22 -9.38
C THR G 51 5.51 52.37 -10.19
N LEU G 52 4.34 52.06 -10.77
CA LEU G 52 3.46 53.02 -11.47
C LEU G 52 2.16 53.03 -10.71
N ILE G 53 1.89 54.17 -10.09
CA ILE G 53 0.76 54.35 -9.20
C ILE G 53 -0.14 55.46 -9.82
N LEU G 54 -1.39 55.11 -10.08
CA LEU G 54 -2.34 55.90 -10.87
C LEU G 54 -3.52 56.29 -10.02
N ASP G 55 -4.05 57.50 -10.22
CA ASP G 55 -5.25 57.98 -9.48
C ASP G 55 -6.44 57.07 -9.72
N GLY G 56 -7.13 56.73 -8.65
CA GLY G 56 -8.29 55.80 -8.70
C GLY G 56 -7.92 54.30 -8.89
N VAL G 57 -6.64 53.96 -8.79
CA VAL G 57 -6.15 52.57 -9.02
C VAL G 57 -5.42 52.11 -7.77
N ASN G 58 -6.20 51.53 -6.84
CA ASN G 58 -5.68 51.06 -5.55
C ASN G 58 -5.41 49.53 -5.67
N VAL G 59 -4.13 49.19 -5.84
CA VAL G 59 -3.71 47.77 -6.10
C VAL G 59 -3.71 46.98 -4.76
N SER G 60 -4.90 46.52 -4.41
CA SER G 60 -5.09 45.84 -3.14
C SER G 60 -6.42 45.18 -3.18
N TRP G 61 -6.61 44.20 -2.29
CA TRP G 61 -7.95 43.59 -2.11
C TRP G 61 -9.00 44.68 -1.77
N LYS G 62 -8.60 45.77 -1.09
CA LYS G 62 -9.51 46.96 -0.86
C LYS G 62 -9.89 47.84 -2.10
N ALA G 63 -9.67 47.31 -3.30
CA ALA G 63 -10.43 47.71 -4.50
C ALA G 63 -10.65 46.52 -5.43
N FME H 1 37.39 -14.46 21.72
CN FME H 1 37.23 -15.50 20.87
O1 FME H 1 38.00 -15.66 19.91
CA FME H 1 38.20 -13.29 21.30
CB FME H 1 38.06 -12.13 22.30
CG FME H 1 36.63 -11.55 22.34
SD FME H 1 35.85 -11.17 20.75
CE FME H 1 34.46 -10.25 21.34
C FME H 1 39.66 -13.58 21.04
O FME H 1 40.18 -13.11 20.05
N GLU H 2 40.35 -14.28 21.91
CA GLU H 2 41.79 -14.65 21.66
C GLU H 2 41.94 -15.44 20.37
N THR H 3 41.02 -16.33 20.11
CA THR H 3 41.05 -17.06 18.83
C THR H 3 40.77 -16.19 17.59
N LEU H 4 39.82 -15.26 17.72
CA LEU H 4 39.55 -14.31 16.66
C LEU H 4 40.79 -13.51 16.35
N LYS H 5 41.45 -13.04 17.39
CA LYS H 5 42.67 -12.28 17.25
C LYS H 5 43.75 -13.03 16.50
N ILE H 6 43.98 -14.28 16.90
CA ILE H 6 45.05 -15.08 16.28
C ILE H 6 44.73 -15.34 14.86
N THR H 7 43.47 -15.67 14.60
CA THR H 7 43.01 -15.92 13.21
C THR H 7 43.25 -14.72 12.33
N VAL H 8 42.81 -13.54 12.78
CA VAL H 8 43.02 -12.35 11.97
C VAL H 8 44.49 -12.02 11.82
N TYR H 9 45.28 -12.13 12.88
CA TYR H 9 46.79 -11.95 12.74
C TYR H 9 47.41 -12.88 11.66
N ILE H 10 46.94 -14.13 11.59
CA ILE H 10 47.47 -15.04 10.59
C ILE H 10 47.02 -14.68 9.19
N VAL H 11 45.73 -14.42 9.05
CA VAL H 11 45.17 -13.92 7.77
C VAL H 11 45.94 -12.68 7.23
N VAL H 12 46.16 -11.71 8.10
CA VAL H 12 46.75 -10.43 7.67
C VAL H 12 48.19 -10.68 7.26
N THR H 13 48.93 -11.41 8.10
CA THR H 13 50.31 -11.82 7.79
C THR H 13 50.40 -12.52 6.45
N PHE H 14 49.51 -13.45 6.21
CA PHE H 14 49.51 -14.12 4.91
C PHE H 14 49.38 -13.15 3.71
N PHE H 15 48.37 -12.27 3.71
CA PHE H 15 48.24 -11.36 2.58
C PHE H 15 49.37 -10.34 2.48
N VAL H 16 49.87 -9.89 3.60
CA VAL H 16 51.01 -8.98 3.58
C VAL H 16 52.25 -9.64 2.93
N LEU H 17 52.50 -10.89 3.29
CA LEU H 17 53.61 -11.66 2.68
C LEU H 17 53.41 -11.86 1.21
N LEU H 18 52.17 -12.16 0.78
CA LEU H 18 51.92 -12.18 -0.66
C LEU H 18 52.30 -10.87 -1.32
N PHE H 19 51.89 -9.74 -0.72
CA PHE H 19 52.19 -8.45 -1.30
C PHE H 19 53.70 -8.18 -1.43
N VAL H 20 54.43 -8.46 -0.37
CA VAL H 20 55.87 -8.23 -0.34
C VAL H 20 56.62 -9.16 -1.26
N PHE H 21 56.35 -10.46 -1.16
CA PHE H 21 57.02 -11.41 -2.05
C PHE H 21 56.62 -11.21 -3.51
N GLY H 22 55.34 -10.91 -3.73
CA GLY H 22 54.84 -10.66 -5.06
C GLY H 22 55.56 -9.55 -5.75
N PHE H 23 55.73 -8.44 -5.03
CA PHE H 23 56.46 -7.31 -5.62
C PHE H 23 57.97 -7.54 -5.76
N LEU H 24 58.53 -8.46 -4.99
CA LEU H 24 59.93 -8.86 -5.14
C LEU H 24 60.11 -9.82 -6.31
N SER H 25 59.06 -10.41 -6.83
CA SER H 25 59.18 -11.42 -7.90
C SER H 25 59.27 -10.82 -9.33
N GLY H 26 60.32 -10.03 -9.57
CA GLY H 26 60.64 -9.59 -10.91
C GLY H 26 59.66 -8.58 -11.45
N ASP H 27 59.17 -7.70 -10.57
CA ASP H 27 58.09 -6.78 -10.94
C ASP H 27 58.46 -5.83 -12.07
N PRO H 28 59.67 -5.21 -12.01
CA PRO H 28 60.04 -4.36 -13.15
C PRO H 28 59.90 -5.03 -14.52
N ALA H 29 60.19 -6.33 -14.59
CA ALA H 29 60.06 -7.10 -15.84
C ALA H 29 58.60 -7.33 -16.39
N ARG H 30 57.57 -7.11 -15.57
CA ARG H 30 56.20 -7.43 -15.97
C ARG H 30 55.57 -6.18 -16.56
N ASN H 31 55.97 -5.89 -17.77
CA ASN H 31 55.44 -4.77 -18.55
C ASN H 31 55.51 -5.23 -20.01
N PRO H 32 54.79 -4.56 -20.94
CA PRO H 32 54.80 -5.02 -22.32
C PRO H 32 56.04 -4.66 -23.18
N LYS H 33 56.91 -3.72 -22.77
CA LYS H 33 58.07 -3.26 -23.60
C LYS H 33 59.43 -3.74 -23.00
N ARG H 34 60.34 -2.83 -22.58
CA ARG H 34 61.72 -3.21 -22.15
C ARG H 34 61.76 -3.97 -20.84
N LYS H 35 62.39 -5.15 -20.84
CA LYS H 35 62.57 -5.95 -19.62
C LYS H 35 63.98 -6.61 -19.53
N GLU I 4 56.34 53.39 -31.72
CA GLU I 4 56.18 52.14 -32.54
C GLU I 4 57.24 51.02 -32.24
N GLY I 5 57.02 49.87 -32.89
CA GLY I 5 58.00 48.76 -32.94
C GLY I 5 57.97 47.72 -31.82
N GLY I 6 59.16 47.23 -31.47
CA GLY I 6 59.38 46.40 -30.28
C GLY I 6 60.58 46.92 -29.48
N ARG I 7 60.56 48.21 -29.13
CA ARG I 7 61.65 48.83 -28.37
C ARG I 7 61.79 48.35 -26.93
N ILE I 8 60.70 48.33 -26.15
CA ILE I 8 60.78 48.05 -24.71
C ILE I 8 60.50 46.55 -24.59
N PRO I 9 61.52 45.73 -24.33
CA PRO I 9 61.32 44.28 -24.32
C PRO I 9 60.24 43.77 -23.36
N LEU I 10 59.51 42.76 -23.83
CA LEU I 10 58.33 42.25 -23.16
C LEU I 10 58.65 41.72 -21.77
N TRP I 11 59.80 41.09 -21.60
CA TRP I 11 60.21 40.62 -20.30
C TRP I 11 60.31 41.70 -19.23
N ILE I 12 60.67 42.90 -19.64
CA ILE I 12 60.80 44.03 -18.69
C ILE I 12 59.42 44.56 -18.34
N VAL I 13 58.58 44.69 -19.35
CA VAL I 13 57.21 45.13 -19.18
C VAL I 13 56.50 44.20 -18.18
N ALA I 14 56.57 42.90 -18.46
CA ALA I 14 56.04 41.88 -17.59
C ALA I 14 56.60 42.00 -16.15
N THR I 15 57.91 42.12 -15.99
CA THR I 15 58.52 42.16 -14.69
C THR I 15 58.08 43.42 -13.94
N VAL I 16 58.00 44.55 -14.63
CA VAL I 16 57.69 45.82 -13.97
C VAL I 16 56.21 45.84 -13.58
N ALA I 17 55.34 45.47 -14.51
CA ALA I 17 53.92 45.37 -14.25
C ALA I 17 53.59 44.34 -13.14
N GLY I 18 54.24 43.19 -13.15
CA GLY I 18 54.11 42.22 -12.06
C GLY I 18 54.50 42.79 -10.69
N MET I 19 55.59 43.56 -10.64
CA MET I 19 56.03 44.21 -9.39
C MET I 19 55.03 45.26 -8.93
N GLY I 20 54.46 45.97 -9.88
CA GLY I 20 53.34 46.91 -9.61
C GLY I 20 52.20 46.22 -8.86
N VAL I 21 51.77 45.07 -9.39
CA VAL I 21 50.65 44.28 -8.84
C VAL I 21 50.97 43.85 -7.39
N ILE I 22 52.19 43.41 -7.18
CA ILE I 22 52.63 42.99 -5.87
C ILE I 22 52.60 44.18 -4.87
N VAL I 23 53.09 45.33 -5.31
CA VAL I 23 53.07 46.50 -4.45
C VAL I 23 51.62 46.91 -4.05
N ILE I 24 50.71 46.99 -5.00
CA ILE I 24 49.34 47.44 -4.72
C ILE I 24 48.57 46.40 -3.83
N VAL I 25 48.67 45.13 -4.17
CA VAL I 25 48.14 44.09 -3.34
C VAL I 25 48.80 44.09 -1.94
N GLY I 26 50.12 44.20 -1.84
CA GLY I 26 50.79 44.35 -0.55
C GLY I 26 50.20 45.52 0.24
N LEU I 27 49.95 46.64 -0.43
CA LEU I 27 49.36 47.79 0.26
C LEU I 27 47.98 47.43 0.88
N PHE I 28 47.16 46.70 0.13
CA PHE I 28 45.84 46.26 0.59
C PHE I 28 45.95 45.32 1.81
N PHE I 29 46.94 44.47 1.81
CA PHE I 29 47.19 43.65 2.99
C PHE I 29 47.62 44.47 4.18
N TYR I 30 48.47 45.49 3.94
CA TYR I 30 48.83 46.42 5.00
C TYR I 30 47.59 47.05 5.64
N GLY I 31 46.68 47.51 4.81
CA GLY I 31 45.46 48.14 5.27
C GLY I 31 44.56 47.23 6.10
N ALA I 32 44.67 45.91 5.94
CA ALA I 32 43.88 44.98 6.75
C ALA I 32 44.25 45.13 8.24
N TYR I 33 45.48 45.58 8.50
CA TYR I 33 46.03 45.72 9.83
C TYR I 33 46.09 47.15 10.43
N ALA I 34 45.60 48.15 9.71
CA ALA I 34 45.70 49.55 10.13
C ALA I 34 44.50 50.31 9.60
N GLY I 35 43.99 51.24 10.39
CA GLY I 35 42.82 52.02 10.03
C GLY I 35 41.55 51.19 10.03
N LEU I 36 40.64 51.55 9.13
CA LEU I 36 39.36 50.91 9.02
C LEU I 36 39.52 49.44 8.67
N GLY I 37 38.74 48.58 9.33
CA GLY I 37 38.76 47.16 9.09
C GLY I 37 39.82 46.40 9.82
N SER I 38 40.50 47.11 10.70
CA SER I 38 41.62 46.50 11.41
C SER I 38 41.24 45.84 12.72
N SER I 39 40.00 46.04 13.08
CA SER I 39 39.41 45.67 14.35
C SER I 39 39.86 46.55 15.53
N LEU I 40 40.82 47.46 15.29
CA LEU I 40 41.45 48.23 16.36
C LEU I 40 40.77 49.60 16.46
N LYS J 1 64.90 41.62 21.24
CA LYS J 1 65.50 42.67 20.36
C LYS J 1 66.86 42.17 19.87
N LEU J 2 67.39 42.74 18.81
CA LEU J 2 68.84 42.54 18.56
C LEU J 2 69.66 43.34 19.60
N PRO J 3 70.89 42.88 19.91
CA PRO J 3 71.80 43.68 20.77
C PRO J 3 71.86 45.09 20.22
N GLU J 4 71.86 46.10 21.09
CA GLU J 4 71.73 47.54 20.71
C GLU J 4 72.62 48.02 19.59
N ALA J 5 73.86 47.52 19.55
CA ALA J 5 74.82 47.91 18.48
C ALA J 5 74.30 47.64 17.05
N TYR J 6 73.45 46.60 16.89
CA TYR J 6 72.92 46.18 15.61
C TYR J 6 71.55 46.82 15.29
N ALA J 7 71.00 47.55 16.23
CA ALA J 7 69.68 48.19 16.11
C ALA J 7 69.46 48.97 14.82
N ILE J 8 70.46 49.68 14.32
CA ILE J 8 70.27 50.44 13.08
C ILE J 8 69.94 49.52 11.89
N PHE J 9 70.36 48.27 11.98
CA PHE J 9 70.07 47.28 10.95
C PHE J 9 68.71 46.56 11.12
N ASP J 10 67.92 46.89 12.16
CA ASP J 10 66.57 46.31 12.35
C ASP J 10 65.73 46.20 11.10
N PRO J 11 65.54 47.33 10.35
CA PRO J 11 64.71 47.35 9.13
C PRO J 11 65.20 46.40 8.05
N LEU J 12 66.51 46.24 7.95
CA LEU J 12 67.06 45.32 6.99
C LEU J 12 66.68 43.87 7.41
N VAL J 13 66.89 43.56 8.70
CA VAL J 13 66.54 42.28 9.32
C VAL J 13 65.08 41.92 9.13
N ASP J 14 64.19 42.92 9.16
CA ASP J 14 62.81 42.71 8.88
C ASP J 14 62.49 42.17 7.51
N VAL J 15 63.34 42.43 6.51
N VAL J 15 63.32 42.45 6.50
CA VAL J 15 63.05 42.06 5.13
CA VAL J 15 63.03 42.05 5.13
C VAL J 15 63.80 40.80 4.66
C VAL J 15 63.80 40.81 4.65
N LEU J 16 64.91 40.49 5.29
CA LEU J 16 65.73 39.40 4.82
C LEU J 16 64.95 38.06 4.66
N PRO J 17 64.05 37.70 5.60
CA PRO J 17 63.34 36.41 5.48
C PRO J 17 62.59 36.16 4.16
N VAL J 18 62.09 37.19 3.50
CA VAL J 18 61.41 37.09 2.22
C VAL J 18 62.35 36.80 1.01
N ILE J 19 63.66 36.93 1.15
CA ILE J 19 64.55 36.82 -0.02
C ILE J 19 64.42 35.49 -0.77
N PRO J 20 64.21 34.39 -0.03
CA PRO J 20 64.12 33.10 -0.75
C PRO J 20 62.96 33.11 -1.77
N VAL J 21 61.85 33.75 -1.44
CA VAL J 21 60.75 33.85 -2.36
C VAL J 21 61.13 34.60 -3.62
N LEU J 22 61.98 35.60 -3.46
CA LEU J 22 62.45 36.37 -4.59
C LEU J 22 63.30 35.51 -5.56
N PHE J 23 64.01 34.51 -5.05
CA PHE J 23 64.69 33.55 -5.94
C PHE J 23 63.75 32.77 -6.85
N LEU J 24 62.60 32.31 -6.33
CA LEU J 24 61.60 31.64 -7.19
C LEU J 24 61.08 32.60 -8.28
N ALA J 25 60.80 33.83 -7.88
CA ALA J 25 60.29 34.84 -8.81
C ALA J 25 61.34 35.19 -9.88
N LEU J 26 62.62 35.19 -9.47
CA LEU J 26 63.75 35.47 -10.35
C LEU J 26 63.83 34.42 -11.46
N ALA J 27 63.56 33.14 -11.13
CA ALA J 27 63.54 32.12 -12.14
C ALA J 27 62.61 32.48 -13.29
N PHE J 28 61.50 33.17 -13.00
CA PHE J 28 60.55 33.57 -14.06
C PHE J 28 60.96 34.78 -14.88
N VAL J 29 61.68 35.70 -14.25
CA VAL J 29 62.21 36.86 -14.92
C VAL J 29 63.26 36.36 -15.93
N TRP J 30 64.13 35.50 -15.44
CA TRP J 30 65.18 34.89 -16.27
C TRP J 30 64.50 34.20 -17.42
N GLN J 31 63.52 33.32 -17.15
CA GLN J 31 62.89 32.60 -18.27
C GLN J 31 62.19 33.55 -19.25
N ALA J 32 61.56 34.61 -18.76
CA ALA J 32 60.94 35.56 -19.71
C ALA J 32 62.01 36.21 -20.64
N ALA J 33 63.21 36.48 -20.10
CA ALA J 33 64.31 37.07 -20.84
C ALA J 33 64.86 36.15 -21.94
N VAL J 34 64.74 34.83 -21.78
CA VAL J 34 65.07 33.89 -22.86
C VAL J 34 63.84 33.28 -23.54
N GLY J 35 62.72 33.99 -23.52
CA GLY J 35 61.51 33.55 -24.18
C GLY J 35 60.93 32.19 -23.81
N PHE J 36 61.17 31.72 -22.58
CA PHE J 36 60.65 30.44 -22.13
C PHE J 36 60.94 29.30 -23.13
N ARG J 37 62.14 29.33 -23.67
CA ARG J 37 62.51 28.46 -24.77
C ARG J 37 62.66 26.99 -24.35
N GLU K 1 -4.11 -0.28 -45.46
CA GLU K 1 -2.73 -0.58 -44.94
C GLU K 1 -1.62 0.44 -45.42
N PRO K 2 -0.32 0.10 -45.20
CA PRO K 2 1.08 0.63 -45.25
C PRO K 2 1.25 2.17 -44.97
N ASN K 3 1.45 2.54 -43.68
CA ASN K 3 1.90 3.91 -43.30
C ASN K 3 3.42 4.00 -43.43
N PRO K 4 3.89 4.85 -44.35
CA PRO K 4 5.35 4.88 -44.62
C PRO K 4 6.17 5.63 -43.54
N ASN K 5 5.49 6.22 -42.54
CA ASN K 5 6.17 6.99 -41.48
C ASN K 5 6.65 6.10 -40.32
N ARG K 6 6.20 4.84 -40.26
CA ARG K 6 6.63 3.83 -39.26
C ARG K 6 8.12 3.72 -39.26
N GLN K 7 8.69 3.45 -38.08
CA GLN K 7 10.16 3.26 -37.90
C GLN K 7 10.37 2.25 -36.77
N PRO K 8 11.37 1.35 -36.88
CA PRO K 8 11.62 0.55 -35.67
C PRO K 8 12.22 1.41 -34.52
N VAL K 9 12.04 0.92 -33.31
CA VAL K 9 12.54 1.54 -32.12
C VAL K 9 13.59 0.61 -31.55
N GLU K 10 14.55 1.19 -30.87
CA GLU K 10 15.60 0.42 -30.20
C GLU K 10 15.99 0.94 -28.80
N LEU K 11 16.52 0.00 -27.99
CA LEU K 11 17.18 0.29 -26.74
C LEU K 11 18.24 -0.80 -26.55
N ASN K 12 19.51 -0.45 -26.65
CA ASN K 12 20.60 -1.42 -26.55
C ASN K 12 20.82 -1.82 -25.11
N ARG K 13 21.65 -2.83 -24.91
CA ARG K 13 21.85 -3.35 -23.58
C ARG K 13 22.39 -2.31 -22.60
N THR K 14 23.36 -1.57 -23.06
CA THR K 14 23.99 -0.59 -22.21
C THR K 14 22.91 0.43 -21.75
N SER K 15 22.04 0.83 -22.68
CA SER K 15 21.00 1.79 -22.36
C SER K 15 20.04 1.24 -21.32
N LEU K 16 19.67 -0.03 -21.46
CA LEU K 16 18.88 -0.70 -20.44
C LEU K 16 19.56 -0.58 -19.12
N TYR K 17 20.86 -0.97 -19.04
CA TYR K 17 21.51 -0.90 -17.75
C TYR K 17 21.54 0.56 -17.16
N LEU K 18 21.81 1.56 -18.00
CA LEU K 18 21.88 2.92 -17.56
C LEU K 18 20.51 3.34 -17.04
N GLY K 19 19.43 2.98 -17.77
CA GLY K 19 18.10 3.40 -17.39
C GLY K 19 17.65 2.76 -16.11
N LEU K 20 17.96 1.48 -15.94
CA LEU K 20 17.62 0.78 -14.70
C LEU K 20 18.38 1.32 -13.52
N LEU K 21 19.63 1.69 -13.70
CA LEU K 21 20.42 2.31 -12.65
C LEU K 21 19.78 3.70 -12.23
N LEU K 22 19.41 4.49 -13.22
CA LEU K 22 18.77 5.81 -12.97
C LEU K 22 17.52 5.58 -12.12
N ILE K 23 16.66 4.66 -12.57
N ILE K 23 16.66 4.66 -12.57
CA ILE K 23 15.35 4.42 -11.91
CA ILE K 23 15.34 4.41 -11.92
C ILE K 23 15.53 3.90 -10.49
C ILE K 23 15.53 3.90 -10.49
N LEU K 24 16.41 2.94 -10.34
CA LEU K 24 16.62 2.33 -9.05
C LEU K 24 17.22 3.34 -8.12
N VAL K 25 18.14 4.15 -8.61
CA VAL K 25 18.80 5.10 -7.75
C VAL K 25 17.83 6.21 -7.38
N LEU K 26 16.98 6.64 -8.32
CA LEU K 26 15.99 7.65 -7.98
C LEU K 26 15.11 7.09 -6.95
N ALA K 27 14.78 5.79 -7.08
CA ALA K 27 13.84 5.17 -6.09
C ALA K 27 14.48 5.08 -4.71
N LEU K 28 15.71 4.71 -4.69
CA LEU K 28 16.43 4.67 -3.41
C LEU K 28 16.52 6.07 -2.76
N LEU K 29 16.63 7.12 -3.58
CA LEU K 29 16.70 8.47 -3.10
C LEU K 29 15.32 8.96 -2.60
N PHE K 30 14.27 8.75 -3.40
CA PHE K 30 12.95 9.34 -3.15
C PHE K 30 12.08 8.54 -2.21
N SER K 31 12.34 7.25 -2.07
CA SER K 31 11.52 6.38 -1.25
C SER K 31 11.38 6.88 0.21
N SER K 32 12.46 7.38 0.83
CA SER K 32 12.40 7.84 2.21
C SER K 32 11.33 8.98 2.34
N TYR K 33 11.20 9.77 1.29
CA TYR K 33 10.29 10.93 1.31
C TYR K 33 8.88 10.49 1.07
N PHE K 34 8.75 9.41 0.31
CA PHE K 34 7.41 8.81 0.09
C PHE K 34 6.88 8.13 1.34
N PHE K 35 7.74 7.49 2.12
CA PHE K 35 7.32 6.91 3.36
C PHE K 35 7.17 7.99 4.42
N ASN K 36 8.04 8.98 4.38
CA ASN K 36 7.93 10.16 5.26
C ASN K 36 7.94 9.75 6.75
N FME L 1 7.59 2.40 13.20
CN FME L 1 7.33 2.30 14.56
O1 FME L 1 8.00 2.88 15.46
CA FME L 1 7.60 3.74 12.54
CB FME L 1 8.84 4.00 11.69
CG FME L 1 10.24 3.78 12.36
SD FME L 1 10.52 4.68 13.85
CE FME L 1 11.05 6.28 13.25
C FME L 1 6.29 4.00 11.78
O FME L 1 5.90 3.24 10.93
N GLU L 2 5.59 5.07 12.10
CA GLU L 2 4.35 5.46 11.46
C GLU L 2 4.56 6.15 10.13
N VAL L 3 4.92 5.36 9.15
CA VAL L 3 5.14 5.83 7.82
C VAL L 3 3.81 5.96 7.09
N ASN L 4 3.84 6.79 6.06
CA ASN L 4 2.78 6.94 5.13
C ASN L 4 2.48 5.59 4.40
N GLN L 5 1.19 5.32 4.33
CA GLN L 5 0.61 4.04 3.89
C GLN L 5 0.72 3.92 2.35
N LEU L 6 0.76 5.04 1.66
CA LEU L 6 0.95 5.05 0.24
C LEU L 6 2.40 5.02 -0.20
N GLY L 7 3.32 5.02 0.75
CA GLY L 7 4.72 5.04 0.43
C GLY L 7 5.16 3.80 -0.26
N LEU L 8 4.59 2.66 0.12
CA LEU L 8 4.98 1.40 -0.47
C LEU L 8 4.50 1.34 -1.90
N ILE L 9 3.21 1.62 -2.13
CA ILE L 9 2.67 1.53 -3.53
C ILE L 9 3.37 2.58 -4.43
N ALA L 10 3.65 3.75 -3.86
CA ALA L 10 4.28 4.79 -4.65
C ALA L 10 5.66 4.34 -5.04
N THR L 11 6.42 3.77 -4.10
CA THR L 11 7.79 3.38 -4.43
C THR L 11 7.77 2.25 -5.44
N ALA L 12 6.83 1.33 -5.24
CA ALA L 12 6.78 0.12 -6.07
C ALA L 12 6.44 0.49 -7.50
N LEU L 13 5.46 1.33 -7.70
CA LEU L 13 5.14 1.76 -9.08
C LEU L 13 6.21 2.62 -9.72
N PHE L 14 6.85 3.46 -8.91
CA PHE L 14 7.96 4.29 -9.39
C PHE L 14 9.06 3.45 -9.98
N VAL L 15 9.35 2.34 -9.34
CA VAL L 15 10.39 1.42 -9.88
C VAL L 15 9.87 0.64 -11.05
N LEU L 16 8.71 0.00 -10.87
N LEU L 16 8.71 0.02 -10.88
CA LEU L 16 8.24 -0.98 -11.83
CA LEU L 16 8.21 -0.95 -11.84
C LEU L 16 7.77 -0.35 -13.14
C LEU L 16 7.78 -0.34 -13.14
N VAL L 17 7.03 0.74 -13.13
CA VAL L 17 6.50 1.25 -14.38
C VAL L 17 7.66 1.64 -15.39
N PRO L 18 8.61 2.46 -15.00
CA PRO L 18 9.61 2.77 -15.99
C PRO L 18 10.55 1.62 -16.26
N SER L 19 10.85 0.82 -15.24
CA SER L 19 11.72 -0.32 -15.47
C SER L 19 11.15 -1.30 -16.51
N VAL L 20 9.84 -1.60 -16.41
CA VAL L 20 9.22 -2.50 -17.34
C VAL L 20 9.17 -1.90 -18.77
N PHE L 21 8.97 -0.58 -18.85
CA PHE L 21 9.05 0.15 -20.11
C PHE L 21 10.40 -0.12 -20.82
N LEU L 22 11.51 0.00 -20.07
CA LEU L 22 12.82 -0.24 -20.61
C LEU L 22 13.03 -1.68 -21.02
N ILE L 23 12.55 -2.58 -20.19
CA ILE L 23 12.68 -4.06 -20.47
C ILE L 23 11.93 -4.44 -21.71
N ILE L 24 10.73 -3.90 -21.86
CA ILE L 24 9.97 -4.10 -23.08
C ILE L 24 10.78 -3.67 -24.28
N LEU L 25 11.33 -2.45 -24.23
CA LEU L 25 12.03 -1.94 -25.38
C LEU L 25 13.32 -2.77 -25.66
N TYR L 26 14.03 -3.14 -24.60
CA TYR L 26 15.29 -3.92 -24.77
C TYR L 26 15.05 -5.27 -25.46
N VAL L 27 14.05 -5.99 -24.99
CA VAL L 27 13.83 -7.35 -25.45
C VAL L 27 13.41 -7.33 -26.90
N GLN L 28 12.52 -6.40 -27.30
CA GLN L 28 12.08 -6.37 -28.64
C GLN L 28 13.20 -5.82 -29.59
N THR L 29 14.25 -5.16 -29.04
CA THR L 29 15.42 -4.81 -29.82
C THR L 29 16.27 -6.09 -30.09
N GLU L 30 16.48 -6.91 -29.08
CA GLU L 30 17.22 -8.16 -29.26
C GLU L 30 16.53 -9.11 -30.22
N SER L 31 15.21 -9.15 -30.22
CA SER L 31 14.50 -10.04 -31.09
C SER L 31 14.44 -9.54 -32.55
N GLN L 32 14.92 -8.33 -32.84
CA GLN L 32 15.03 -7.87 -34.24
C GLN L 32 16.13 -8.63 -35.04
N GLN L 33 16.00 -8.69 -36.37
CA GLN L 33 16.93 -9.43 -37.28
C GLN L 33 18.22 -8.67 -37.55
N THR M 1 56.37 -1.92 44.53
CA THR M 1 54.91 -1.66 44.36
C THR M 1 54.56 -1.08 42.95
N LEU M 2 53.32 -1.30 42.53
CA LEU M 2 52.90 -0.93 41.16
C LEU M 2 52.77 0.60 40.98
N THR M 3 53.31 1.14 39.88
CA THR M 3 53.02 2.55 39.50
C THR M 3 51.86 2.63 38.44
N TYR M 4 51.41 3.86 38.17
CA TYR M 4 50.46 4.15 37.08
C TYR M 4 50.80 3.45 35.79
N ASP M 5 52.05 3.58 35.37
CA ASP M 5 52.47 2.95 34.12
C ASP M 5 52.48 1.42 34.11
N ASP M 6 52.56 0.77 35.28
CA ASP M 6 52.37 -0.72 35.35
C ASP M 6 50.90 -1.13 35.18
N ILE M 7 49.99 -0.28 35.60
CA ILE M 7 48.58 -0.57 35.72
C ILE M 7 47.80 -0.16 34.44
N VAL M 8 48.26 0.90 33.78
CA VAL M 8 47.43 1.64 32.81
C VAL M 8 47.03 0.75 31.67
N GLY M 9 45.71 0.65 31.41
CA GLY M 9 45.25 -0.21 30.30
C GLY M 9 45.05 -1.71 30.62
N THR M 10 45.39 -2.16 31.83
CA THR M 10 45.33 -3.60 32.15
C THR M 10 43.96 -4.02 32.63
N GLY M 11 43.19 -3.10 33.21
CA GLY M 11 41.98 -3.49 33.91
C GLY M 11 42.06 -3.40 35.42
N LEU M 12 43.28 -3.39 35.97
CA LEU M 12 43.45 -3.40 37.44
C LEU M 12 42.93 -2.16 38.10
N ALA M 13 42.85 -1.01 37.39
CA ALA M 13 42.30 0.22 38.05
C ALA M 13 40.85 0.13 38.38
N ASN M 14 40.13 -0.80 37.72
CA ASN M 14 38.72 -1.03 38.10
C ASN M 14 38.51 -2.13 39.16
N LYS M 15 39.60 -2.71 39.67
CA LYS M 15 39.53 -3.76 40.71
C LYS M 15 39.83 -3.22 42.11
N CYS M 16 39.03 -3.62 43.10
CA CYS M 16 39.35 -3.21 44.49
C CYS M 16 40.57 -4.02 45.03
N PRO M 17 41.33 -3.42 45.97
CA PRO M 17 42.39 -4.25 46.63
C PRO M 17 41.81 -5.50 47.34
N THR M 18 42.63 -6.54 47.35
CA THR M 18 42.34 -7.79 48.04
C THR M 18 43.28 -7.95 49.25
N LEU M 19 42.91 -8.83 50.17
CA LEU M 19 43.74 -9.19 51.33
C LEU M 19 44.14 -10.67 51.19
N ASP M 20 45.29 -11.08 51.74
CA ASP M 20 45.76 -12.51 51.65
C ASP M 20 44.86 -13.46 52.43
N ASP M 21 44.92 -14.75 52.11
CA ASP M 21 44.22 -15.78 52.90
C ASP M 21 44.60 -15.79 54.42
N THR M 22 45.76 -15.26 54.80
CA THR M 22 46.15 -15.13 56.21
C THR M 22 45.37 -14.08 56.98
N ALA M 23 44.62 -13.21 56.29
CA ALA M 23 43.88 -12.13 56.94
C ALA M 23 42.57 -12.59 57.53
N ARG M 24 42.67 -13.26 58.70
CA ARG M 24 41.52 -13.83 59.41
C ARG M 24 41.37 -13.27 60.83
N GLY M 25 41.92 -12.09 60.99
CA GLY M 25 42.15 -11.47 62.27
C GLY M 25 40.95 -10.75 62.82
N ALA M 26 41.22 -9.82 63.73
CA ALA M 26 40.20 -9.08 64.49
C ALA M 26 40.73 -7.68 64.73
N TYR M 27 39.93 -6.66 64.41
CA TYR M 27 40.38 -5.28 64.53
C TYR M 27 39.64 -4.69 65.71
N PRO M 28 40.38 -4.31 66.78
CA PRO M 28 39.66 -3.90 68.00
C PRO M 28 39.02 -2.53 67.91
N ILE M 29 37.87 -2.42 68.54
CA ILE M 29 37.15 -1.17 68.63
C ILE M 29 37.08 -0.74 70.07
N ASP M 30 37.64 0.44 70.28
CA ASP M 30 37.59 1.13 71.52
C ASP M 30 36.39 2.10 71.49
N SER M 31 35.34 1.80 72.26
CA SER M 31 34.13 2.65 72.27
C SER M 31 34.32 4.11 72.68
N SER M 32 35.48 4.46 73.20
CA SER M 32 35.82 5.86 73.51
C SER M 32 36.58 6.57 72.35
N GLN M 33 37.16 5.80 71.43
CA GLN M 33 37.83 6.38 70.24
C GLN M 33 36.78 6.70 69.12
N THR M 34 37.09 7.71 68.32
CA THR M 34 36.33 7.98 67.09
C THR M 34 37.06 7.39 65.89
N TYR M 35 36.28 7.00 64.89
CA TYR M 35 36.81 6.24 63.76
C TYR M 35 36.25 6.77 62.46
N ARG M 36 36.93 6.42 61.39
CA ARG M 36 36.44 6.66 60.06
C ARG M 36 36.85 5.52 59.14
N ILE M 37 36.04 5.34 58.11
CA ILE M 37 36.44 4.59 56.92
C ILE M 37 37.16 5.58 56.03
N ALA M 38 38.44 5.33 55.85
CA ALA M 38 39.29 6.23 55.04
C ALA M 38 39.12 5.94 53.53
N ARG M 39 38.84 4.68 53.20
CA ARG M 39 38.61 4.26 51.85
C ARG M 39 37.73 3.04 51.81
N LEU M 40 36.57 3.18 51.16
CA LEU M 40 35.69 2.05 50.80
C LEU M 40 35.66 1.91 49.27
N CYS M 41 35.84 0.69 48.80
CA CYS M 41 35.88 0.33 47.41
C CYS M 41 34.89 -0.82 47.14
N LEU M 42 34.14 -0.72 46.06
CA LEU M 42 33.03 -1.65 45.70
C LEU M 42 33.23 -1.97 44.24
N GLN M 43 33.55 -3.24 43.93
CA GLN M 43 33.80 -3.72 42.59
C GLN M 43 32.71 -4.72 42.22
N PRO M 44 31.79 -4.34 41.30
CA PRO M 44 30.72 -5.27 40.91
C PRO M 44 31.24 -6.37 40.03
N THR M 45 30.76 -7.58 40.28
CA THR M 45 31.14 -8.74 39.45
C THR M 45 29.94 -9.31 38.72
N THR M 46 28.72 -9.00 39.18
CA THR M 46 27.50 -9.46 38.51
C THR M 46 26.42 -8.39 38.63
N PHE M 47 25.70 -8.14 37.53
CA PHE M 47 24.53 -7.31 37.52
C PHE M 47 23.39 -8.19 37.10
N LEU M 48 22.29 -8.19 37.87
CA LEU M 48 21.16 -8.96 37.53
C LEU M 48 19.98 -8.01 37.51
N VAL M 49 18.99 -8.32 36.69
CA VAL M 49 17.79 -7.46 36.52
C VAL M 49 16.54 -8.32 36.60
N LYS M 50 15.60 -7.86 37.38
CA LYS M 50 14.37 -8.60 37.62
C LYS M 50 13.50 -8.48 36.37
N GLU M 51 13.11 -9.63 35.86
CA GLU M 51 12.19 -9.71 34.71
C GLU M 51 10.85 -9.17 35.13
N GLU M 52 10.13 -8.59 34.20
CA GLU M 52 8.79 -8.08 34.46
C GLU M 52 7.80 -8.93 33.66
N PRO M 53 7.26 -10.03 34.25
CA PRO M 53 6.33 -10.89 33.49
C PRO M 53 4.98 -10.23 33.22
N LYS M 54 4.25 -10.79 32.27
CA LYS M 54 2.94 -10.27 31.86
C LYS M 54 1.83 -10.53 32.90
N ASN M 55 1.95 -11.67 33.62
CA ASN M 55 1.01 -12.07 34.68
C ASN M 55 1.72 -12.30 36.00
N LYS M 56 1.08 -11.89 37.10
CA LYS M 56 1.67 -11.98 38.43
C LYS M 56 1.56 -13.40 39.02
N ARG M 57 1.12 -14.37 38.19
CA ARG M 57 1.26 -15.82 38.42
C ARG M 57 2.47 -16.22 39.29
N GLN M 58 3.68 -16.17 38.70
CA GLN M 58 4.91 -16.56 39.40
C GLN M 58 5.63 -15.33 40.00
N GLU M 59 6.54 -15.58 40.94
CA GLU M 59 7.47 -14.56 41.42
C GLU M 59 8.45 -14.29 40.25
N ALA M 60 8.58 -13.04 39.86
CA ALA M 60 9.55 -12.66 38.83
C ALA M 60 10.96 -12.93 39.35
N GLU M 61 11.86 -13.43 38.50
CA GLU M 61 13.24 -13.72 38.89
C GLU M 61 14.25 -12.70 38.37
N PHE M 62 15.39 -12.68 39.04
CA PHE M 62 16.55 -11.88 38.65
C PHE M 62 17.37 -12.67 37.65
N VAL M 63 17.67 -12.07 36.48
CA VAL M 63 18.37 -12.77 35.39
C VAL M 63 19.71 -12.10 35.03
N PRO M 64 20.68 -12.88 34.52
CA PRO M 64 21.99 -12.31 34.13
C PRO M 64 21.86 -11.38 32.95
N THR M 65 22.81 -10.47 32.89
CA THR M 65 22.90 -9.41 31.94
C THR M 65 24.33 -9.29 31.46
N LYS M 66 24.51 -8.70 30.28
CA LYS M 66 25.84 -8.46 29.70
C LYS M 66 26.20 -6.96 29.86
N LEU M 67 27.38 -6.71 30.41
CA LEU M 67 27.88 -5.35 30.65
C LEU M 67 28.37 -4.76 29.34
N VAL M 68 27.85 -3.59 28.93
CA VAL M 68 28.33 -3.00 27.65
C VAL M 68 29.16 -1.71 27.76
N THR M 69 29.29 -1.17 28.97
CA THR M 69 30.05 0.05 29.18
C THR M 69 31.53 -0.16 29.73
N ARG M 70 32.04 -1.39 29.62
CA ARG M 70 33.47 -1.65 29.87
C ARG M 70 33.86 -1.49 31.37
N GLU M 71 35.16 -1.41 31.70
N GLU M 71 35.16 -1.42 31.69
CA GLU M 71 35.61 -1.52 33.10
CA GLU M 71 35.62 -1.53 33.09
C GLU M 71 35.53 -0.17 33.79
C GLU M 71 35.54 -0.18 33.78
N THR M 72 34.31 0.30 34.01
CA THR M 72 34.02 1.69 34.42
C THR M 72 33.01 1.66 35.53
N THR M 73 32.95 0.53 36.24
CA THR M 73 31.81 0.23 37.11
C THR M 73 32.08 0.39 38.61
N SER M 74 33.34 0.46 39.07
CA SER M 74 33.62 0.44 40.52
C SER M 74 33.49 1.74 41.24
N LEU M 75 33.03 1.60 42.48
CA LEU M 75 32.96 2.74 43.40
C LEU M 75 34.22 2.69 44.26
N ASP M 76 34.78 3.87 44.52
CA ASP M 76 36.07 3.95 45.23
C ASP M 76 36.32 5.31 45.80
N GLN M 77 37.30 5.31 46.70
CA GLN M 77 37.76 6.54 47.41
C GLN M 77 36.64 7.11 48.23
N ILE M 78 35.76 6.22 48.65
CA ILE M 78 34.64 6.61 49.49
C ILE M 78 35.07 6.62 50.98
N GLN M 79 34.51 7.58 51.71
CA GLN M 79 34.92 7.81 53.04
C GLN M 79 33.83 8.39 53.87
N GLY M 80 34.01 8.21 55.16
CA GLY M 80 33.12 8.84 56.13
C GLY M 80 33.27 8.32 57.53
N GLU M 81 32.43 8.87 58.39
CA GLU M 81 32.50 8.58 59.84
C GLU M 81 32.03 7.15 60.11
N LEU M 82 32.78 6.43 60.96
CA LEU M 82 32.37 5.14 61.52
C LEU M 82 32.07 5.34 62.99
N LYS M 83 30.80 5.63 63.30
CA LYS M 83 30.32 5.84 64.71
C LYS M 83 30.21 4.53 65.50
N VAL M 84 30.54 4.60 66.80
CA VAL M 84 30.19 3.51 67.75
C VAL M 84 28.92 3.93 68.48
N ASN M 85 27.88 3.10 68.41
CA ASN M 85 26.61 3.46 69.06
C ASN M 85 26.56 2.85 70.47
N SER M 86 25.61 3.33 71.29
CA SER M 86 25.50 2.90 72.72
C SER M 86 25.47 1.39 72.88
N ASP M 87 24.78 0.69 71.97
CA ASP M 87 24.73 -0.79 72.00
C ASP M 87 25.94 -1.49 71.43
N GLY M 88 27.03 -0.76 71.13
CA GLY M 88 28.26 -1.39 70.55
C GLY M 88 28.23 -1.77 69.05
N SER M 89 27.12 -1.45 68.35
CA SER M 89 27.13 -1.62 66.88
C SER M 89 27.91 -0.42 66.29
N LEU M 90 28.43 -0.63 65.10
CA LEU M 90 29.03 0.46 64.27
C LEU M 90 28.06 0.98 63.19
N THR M 91 28.03 2.29 62.95
CA THR M 91 27.29 2.89 61.82
C THR M 91 28.24 3.70 60.93
N PHE M 92 28.36 3.27 59.67
CA PHE M 92 29.09 4.05 58.63
C PHE M 92 28.12 5.05 58.04
N VAL M 93 28.53 6.32 58.06
CA VAL M 93 27.80 7.44 57.44
C VAL M 93 28.71 7.99 56.30
N GLU M 94 28.37 7.68 55.06
CA GLU M 94 29.14 8.11 53.86
C GLU M 94 29.08 9.63 53.72
N GLU M 95 30.25 10.26 53.57
CA GLU M 95 30.38 11.73 53.37
C GLU M 95 30.73 12.06 51.91
N ASP M 96 31.65 11.32 51.28
N ASP M 96 31.64 11.32 51.28
CA ASP M 96 32.15 11.72 49.97
CA ASP M 96 32.07 11.67 49.94
C ASP M 96 32.84 10.55 49.29
C ASP M 96 32.82 10.53 49.28
N GLY M 97 33.16 10.73 48.01
CA GLY M 97 33.93 9.79 47.23
C GLY M 97 33.39 9.66 45.80
N ILE M 98 34.01 8.74 45.07
CA ILE M 98 33.53 8.32 43.79
C ILE M 98 32.47 7.25 44.08
N ASP M 99 31.26 7.74 44.40
CA ASP M 99 30.21 6.98 45.00
C ASP M 99 29.02 6.64 44.05
N PHE M 100 29.29 6.77 42.76
CA PHE M 100 28.30 6.41 41.70
C PHE M 100 29.05 6.11 40.44
N GLN M 101 28.45 5.24 39.61
CA GLN M 101 28.87 5.02 38.22
C GLN M 101 27.65 4.74 37.35
N PRO M 102 27.48 5.51 36.23
CA PRO M 102 26.53 5.02 35.26
C PRO M 102 26.99 3.75 34.65
N VAL M 103 26.05 2.81 34.48
CA VAL M 103 26.35 1.49 33.92
C VAL M 103 25.22 1.11 33.00
N THR M 104 25.55 0.51 31.90
CA THR M 104 24.54 -0.10 31.08
C THR M 104 24.76 -1.56 30.88
N VAL M 105 23.73 -2.32 31.16
CA VAL M 105 23.78 -3.71 30.92
C VAL M 105 22.64 -4.07 29.95
N GLN M 106 22.84 -5.22 29.31
CA GLN M 106 21.95 -5.70 28.23
C GLN M 106 21.31 -7.07 28.59
N MET M 107 20.00 -7.13 28.55
CA MET M 107 19.25 -8.40 28.74
C MET M 107 19.44 -9.27 27.49
N ALA M 108 19.14 -10.56 27.66
CA ALA M 108 18.96 -11.45 26.52
C ALA M 108 17.89 -10.84 25.58
N GLY M 109 18.18 -10.83 24.29
CA GLY M 109 17.35 -10.17 23.30
C GLY M 109 17.64 -8.69 23.03
N GLY M 110 18.53 -8.07 23.81
CA GLY M 110 19.07 -6.74 23.50
C GLY M 110 18.59 -5.55 24.30
N GLU M 111 17.54 -5.67 25.11
CA GLU M 111 17.04 -4.48 25.86
C GLU M 111 18.11 -3.96 26.78
N ARG M 112 18.44 -2.68 26.62
CA ARG M 112 19.47 -2.01 27.42
C ARG M 112 18.85 -1.44 28.66
N ILE M 113 19.53 -1.72 29.79
CA ILE M 113 19.16 -1.25 31.12
C ILE M 113 20.31 -0.38 31.65
N PRO M 114 20.17 0.93 31.51
CA PRO M 114 21.07 1.88 32.22
C PRO M 114 20.68 2.04 33.67
N LEU M 115 21.67 2.14 34.53
CA LEU M 115 21.44 2.40 35.95
C LEU M 115 22.59 3.26 36.55
N LEU M 116 22.22 4.03 37.56
CA LEU M 116 23.20 4.76 38.34
C LEU M 116 23.62 3.87 39.52
N PHE M 117 24.56 3.03 39.26
CA PHE M 117 25.11 2.19 40.33
C PHE M 117 25.76 3.06 41.40
N THR M 118 25.20 3.04 42.62
CA THR M 118 25.56 3.98 43.65
C THR M 118 25.43 3.51 45.14
N VAL M 119 26.16 4.22 46.02
CA VAL M 119 25.91 4.21 47.48
C VAL M 119 25.75 5.60 48.07
N LYS M 120 25.26 6.56 47.28
CA LYS M 120 25.16 7.93 47.75
C LYS M 120 24.38 8.03 49.04
N ASN M 121 24.98 8.76 49.99
CA ASN M 121 24.40 9.02 51.29
C ASN M 121 24.17 7.69 52.05
N LEU M 122 25.04 6.70 51.88
CA LEU M 122 24.90 5.44 52.57
C LEU M 122 24.96 5.65 54.09
N VAL M 123 24.01 5.04 54.79
CA VAL M 123 24.04 4.89 56.25
C VAL M 123 23.88 3.38 56.49
N ALA M 124 24.97 2.73 56.89
CA ALA M 124 24.98 1.29 57.08
C ALA M 124 25.48 0.94 58.51
N SER M 125 24.87 -0.08 59.13
CA SER M 125 25.13 -0.44 60.54
C SER M 125 25.37 -1.93 60.69
N THR M 126 26.25 -2.29 61.62
CA THR M 126 26.53 -3.70 61.99
C THR M 126 25.55 -4.24 63.03
N GLN M 127 25.74 -5.51 63.41
N GLN M 127 25.70 -5.51 63.40
CA GLN M 127 25.11 -6.11 64.61
CA GLN M 127 25.00 -6.07 64.59
C GLN M 127 25.45 -5.33 65.89
C GLN M 127 25.43 -5.34 65.88
N PRO M 128 24.68 -5.53 66.98
CA PRO M 128 25.15 -4.99 68.32
C PRO M 128 26.51 -5.56 68.85
N ASN M 129 27.14 -4.84 69.78
CA ASN M 129 28.34 -5.35 70.50
C ASN M 129 29.50 -5.82 69.61
N VAL M 130 30.05 -4.92 68.78
CA VAL M 130 31.18 -5.24 67.91
C VAL M 130 32.40 -4.70 68.64
N THR M 131 32.91 -5.52 69.57
CA THR M 131 34.12 -5.16 70.35
C THR M 131 35.32 -5.26 69.47
N SER M 132 35.25 -6.17 68.51
CA SER M 132 36.19 -6.25 67.39
C SER M 132 35.45 -6.46 66.04
N ILE M 133 35.98 -5.86 64.96
CA ILE M 133 35.58 -6.23 63.62
C ILE M 133 36.25 -7.55 63.23
N THR M 134 35.47 -8.54 62.86
CA THR M 134 35.98 -9.90 62.51
C THR M 134 35.27 -10.39 61.26
N THR M 135 35.66 -11.60 60.80
CA THR M 135 34.96 -12.23 59.67
C THR M 135 33.50 -12.60 59.91
N SER M 136 32.89 -12.23 61.03
CA SER M 136 31.45 -12.44 61.26
C SER M 136 30.72 -11.14 61.34
N THR M 137 31.44 -10.01 61.25
CA THR M 137 30.77 -8.71 61.16
C THR M 137 30.06 -8.54 59.78
N ASP M 138 28.92 -7.86 59.78
CA ASP M 138 28.12 -7.54 58.59
C ASP M 138 27.71 -6.09 58.70
N PHE M 139 27.54 -5.39 57.57
CA PHE M 139 26.83 -4.10 57.55
C PHE M 139 25.58 -4.21 56.68
N LYS M 140 24.51 -3.52 57.07
CA LYS M 140 23.31 -3.43 56.30
C LYS M 140 22.87 -2.02 56.39
N GLY M 141 22.47 -1.46 55.25
CA GLY M 141 21.95 -0.13 55.27
C GLY M 141 21.25 0.27 53.98
N GLU M 142 20.91 1.53 53.93
CA GLU M 142 20.19 2.16 52.84
C GLU M 142 20.97 3.35 52.29
N PHE M 143 20.68 3.68 51.02
CA PHE M 143 21.30 4.79 50.32
C PHE M 143 20.33 5.40 49.35
N ASN M 144 20.64 6.59 48.86
CA ASN M 144 19.75 7.34 47.92
C ASN M 144 20.16 7.09 46.48
N VAL M 145 19.17 7.06 45.62
CA VAL M 145 19.37 6.81 44.18
C VAL M 145 18.72 7.98 43.49
N PRO M 146 19.49 9.01 43.21
CA PRO M 146 18.90 10.08 42.43
C PRO M 146 18.78 9.75 40.92
N SER M 147 18.02 10.58 40.21
CA SER M 147 17.84 10.41 38.77
C SER M 147 19.17 10.19 38.08
N TYR M 148 19.23 9.20 37.18
CA TYR M 148 20.41 8.87 36.39
C TYR M 148 20.95 10.05 35.55
N ARG M 149 20.06 10.82 34.93
CA ARG M 149 20.41 12.11 34.32
C ARG M 149 20.09 13.22 35.34
N THR M 150 20.85 14.30 35.39
CA THR M 150 20.56 15.43 36.31
C THR M 150 19.75 16.49 35.52
N ALA M 151 19.39 17.58 36.16
CA ALA M 151 18.23 18.33 35.72
C ALA M 151 18.39 19.09 34.35
N ASN M 152 19.64 19.36 33.97
CA ASN M 152 19.97 20.01 32.70
C ASN M 152 19.85 19.09 31.47
N PHE M 153 19.78 17.77 31.68
CA PHE M 153 19.89 16.84 30.55
C PHE M 153 18.74 17.02 29.54
N LEU M 154 19.10 17.18 28.27
CA LEU M 154 18.10 17.50 27.22
C LEU M 154 17.87 16.26 26.36
N ASP M 155 16.62 15.89 26.16
CA ASP M 155 16.33 14.77 25.28
C ASP M 155 16.65 15.11 23.79
N PRO M 156 16.52 14.13 22.88
CA PRO M 156 16.85 14.34 21.47
C PRO M 156 16.01 15.32 20.69
N LYS M 157 14.90 15.73 21.28
CA LYS M 157 14.11 16.78 20.74
C LYS M 157 14.30 18.04 21.55
N GLY M 158 15.33 18.08 22.42
CA GLY M 158 15.64 19.31 23.12
C GLY M 158 14.82 19.61 24.40
N ARG M 159 14.00 18.67 24.89
CA ARG M 159 13.12 18.89 26.08
C ARG M 159 13.87 18.50 27.30
N GLY M 160 13.70 19.27 28.36
CA GLY M 160 14.34 18.93 29.67
C GLY M 160 13.62 19.51 30.88
N LEU M 161 14.23 19.34 32.05
CA LEU M 161 13.62 19.83 33.31
C LEU M 161 14.06 21.25 33.70
N ALA M 162 15.34 21.43 33.99
CA ALA M 162 15.91 22.74 34.32
C ALA M 162 16.36 23.54 33.06
N SER M 163 16.35 22.90 31.90
CA SER M 163 16.55 23.58 30.62
C SER M 163 15.62 22.94 29.57
N GLY M 164 15.63 23.48 28.36
CA GLY M 164 15.02 22.79 27.24
C GLY M 164 13.62 23.26 26.94
N TYR M 165 13.04 22.77 25.83
CA TYR M 165 11.64 23.11 25.46
C TYR M 165 10.73 22.35 26.40
N ASP M 166 9.52 22.82 26.49
CA ASP M 166 8.50 22.18 27.35
C ASP M 166 7.40 21.53 26.51
N SER M 167 7.57 21.49 25.18
CA SER M 167 6.61 20.82 24.28
C SER M 167 7.35 20.12 23.15
N ALA M 168 6.57 19.44 22.33
CA ALA M 168 7.07 18.72 21.17
C ALA M 168 6.97 19.66 20.00
N ILE M 169 8.04 20.43 19.80
CA ILE M 169 7.98 21.57 18.88
C ILE M 169 7.86 21.13 17.42
N ALA M 170 8.23 19.87 17.10
CA ALA M 170 8.04 19.40 15.74
C ALA M 170 6.56 19.09 15.36
N LEU M 171 5.64 19.12 16.32
CA LEU M 171 4.26 18.77 16.13
C LEU M 171 3.47 19.97 16.65
N PRO M 172 3.66 21.10 16.03
CA PRO M 172 3.14 22.35 16.62
C PRO M 172 1.66 22.36 17.02
N GLN M 173 0.80 21.65 16.29
CA GLN M 173 -0.65 21.65 16.61
C GLN M 173 -1.13 20.29 17.06
N ALA M 174 -0.23 19.42 17.60
CA ALA M 174 -0.73 18.13 18.16
C ALA M 174 -1.37 18.42 19.50
N LYS M 175 -2.27 17.55 19.92
CA LYS M 175 -2.87 17.61 21.29
C LYS M 175 -1.79 17.28 22.34
N GLU M 176 -1.62 18.10 23.37
CA GLU M 176 -0.48 17.95 24.31
C GLU M 176 -0.65 16.88 25.34
N GLU M 177 -1.91 16.46 25.58
CA GLU M 177 -2.28 15.60 26.71
C GLU M 177 -1.59 14.28 26.61
N GLU M 178 -1.60 13.72 25.41
CA GLU M 178 -1.00 12.39 25.10
C GLU M 178 0.52 12.34 25.21
N LEU M 179 1.14 13.52 25.09
CA LEU M 179 2.54 13.66 25.16
C LEU M 179 3.05 14.16 26.50
N ALA M 180 2.13 14.27 27.47
CA ALA M 180 2.46 14.89 28.76
C ALA M 180 3.63 14.12 29.46
N ARG M 181 3.61 12.83 29.42
CA ARG M 181 4.69 12.06 30.14
C ARG M 181 6.08 12.23 29.52
N ALA M 182 6.12 12.41 28.18
CA ALA M 182 7.38 12.64 27.49
C ALA M 182 7.83 14.12 27.55
N ASN M 183 6.86 15.03 27.59
CA ASN M 183 7.12 16.48 27.61
C ASN M 183 7.49 17.07 28.97
N VAL M 184 6.90 16.54 30.04
CA VAL M 184 7.08 17.07 31.37
C VAL M 184 8.04 16.18 32.06
N LYS M 185 9.27 16.66 32.19
CA LYS M 185 10.35 15.85 32.77
C LYS M 185 10.30 15.82 34.30
N ARG M 186 10.60 14.67 34.89
CA ARG M 186 10.55 14.48 36.34
C ARG M 186 11.83 13.91 36.87
N PHE M 187 12.16 14.30 38.10
CA PHE M 187 13.45 13.97 38.70
C PHE M 187 13.23 12.92 39.82
N SER M 188 13.59 11.70 39.53
CA SER M 188 13.43 10.59 40.48
C SER M 188 14.39 10.74 41.68
N LEU M 189 13.92 10.32 42.85
CA LEU M 189 14.77 10.04 44.01
C LEU M 189 14.18 8.86 44.79
N THR M 190 14.91 7.75 44.85
CA THR M 190 14.40 6.52 45.45
C THR M 190 15.50 5.90 46.39
N LYS M 191 15.18 4.83 47.10
CA LYS M 191 16.07 4.25 48.10
C LYS M 191 16.55 2.96 47.56
N GLY M 192 17.80 2.65 47.83
CA GLY M 192 18.35 1.32 47.59
C GLY M 192 18.84 0.74 48.93
N GLN M 193 19.23 -0.54 48.90
CA GLN M 193 19.58 -1.30 50.10
C GLN M 193 20.83 -2.06 49.78
N ILE M 194 21.74 -2.18 50.74
CA ILE M 194 22.97 -2.95 50.59
C ILE M 194 23.39 -3.71 51.86
N SER M 195 24.02 -4.85 51.63
CA SER M 195 24.64 -5.70 52.63
C SER M 195 26.06 -5.95 52.28
N LEU M 196 26.93 -5.87 53.29
CA LEU M 196 28.36 -6.04 53.17
C LEU M 196 28.68 -7.18 54.16
N ASN M 197 29.24 -8.22 53.65
CA ASN M 197 29.60 -9.36 54.44
C ASN M 197 31.13 -9.44 54.48
N VAL M 198 31.75 -9.21 55.65
CA VAL M 198 33.21 -9.24 55.83
C VAL M 198 33.66 -10.71 55.76
N ALA M 199 34.63 -10.97 54.92
CA ALA M 199 35.27 -12.29 54.80
C ALA M 199 36.73 -12.28 55.24
N LYS M 200 37.34 -11.10 55.34
CA LYS M 200 38.75 -11.00 55.65
C LYS M 200 39.00 -9.76 56.47
N VAL M 201 39.87 -9.88 57.49
CA VAL M 201 40.31 -8.76 58.37
C VAL M 201 41.80 -8.88 58.64
N ASP M 202 42.51 -7.77 58.49
CA ASP M 202 43.87 -7.62 58.97
C ASP M 202 43.75 -6.69 60.18
N GLY M 203 43.77 -7.29 61.37
CA GLY M 203 43.71 -6.58 62.66
C GLY M 203 44.79 -5.52 62.84
N ARG M 204 45.96 -5.78 62.27
CA ARG M 204 47.11 -4.94 62.38
C ARG M 204 46.91 -3.64 61.56
N THR M 205 46.50 -3.76 60.29
CA THR M 205 46.38 -2.61 59.38
C THR M 205 45.04 -1.87 59.42
N GLY M 206 43.98 -2.45 60.00
CA GLY M 206 42.63 -1.87 59.94
C GLY M 206 41.87 -2.14 58.59
N GLU M 207 42.40 -3.04 57.77
CA GLU M 207 41.82 -3.34 56.48
C GLU M 207 40.85 -4.51 56.57
N ILE M 208 39.71 -4.36 55.88
CA ILE M 208 38.71 -5.41 55.72
C ILE M 208 38.29 -5.55 54.24
N ALA M 209 37.83 -6.75 53.90
CA ALA M 209 37.43 -7.12 52.57
C ALA M 209 36.33 -8.15 52.67
N GLY M 210 35.47 -8.15 51.68
CA GLY M 210 34.39 -9.11 51.62
C GLY M 210 33.52 -9.01 50.38
N THR M 211 32.25 -9.38 50.52
CA THR M 211 31.33 -9.50 49.39
C THR M 211 30.17 -8.58 49.72
N PHE M 212 29.50 -8.12 48.69
CA PHE M 212 28.32 -7.22 48.91
C PHE M 212 27.22 -7.64 47.97
N GLU M 213 26.02 -7.24 48.31
CA GLU M 213 24.89 -7.35 47.46
C GLU M 213 24.10 -6.09 47.70
N SER M 214 23.72 -5.39 46.62
N SER M 214 23.70 -5.41 46.62
CA SER M 214 22.82 -4.24 46.75
CA SER M 214 22.84 -4.25 46.70
C SER M 214 21.62 -4.37 45.79
C SER M 214 21.62 -4.36 45.78
N GLU M 215 20.55 -3.62 46.10
CA GLU M 215 19.32 -3.64 45.29
C GLU M 215 18.91 -2.17 45.11
N GLN M 216 18.59 -1.81 43.89
CA GLN M 216 18.14 -0.45 43.56
C GLN M 216 17.43 -0.46 42.23
N LEU M 217 16.70 0.62 42.00
CA LEU M 217 16.08 0.87 40.70
C LEU M 217 17.06 1.38 39.60
N SER M 218 16.72 1.12 38.33
CA SER M 218 17.50 1.58 37.17
C SER M 218 16.97 2.98 36.71
N ASP M 219 17.47 3.47 35.57
CA ASP M 219 17.08 4.75 35.00
C ASP M 219 15.62 4.73 34.56
N ASP M 220 14.89 5.72 34.99
CA ASP M 220 13.55 5.90 34.48
C ASP M 220 13.41 6.97 33.32
N ASP M 221 14.55 7.45 32.84
CA ASP M 221 14.65 8.42 31.76
C ASP M 221 13.82 9.64 32.07
N MET M 222 14.09 10.25 33.24
CA MET M 222 13.39 11.44 33.65
C MET M 222 11.89 11.31 33.64
N GLY M 223 11.43 10.12 34.01
CA GLY M 223 9.99 9.87 34.15
C GLY M 223 9.26 9.37 32.93
N ALA M 224 9.97 9.10 31.84
CA ALA M 224 9.32 8.70 30.59
C ALA M 224 8.88 7.24 30.65
N HIS M 225 9.53 6.41 31.49
CA HIS M 225 9.11 5.02 31.62
C HIS M 225 9.43 4.46 33.05
N GLU M 226 8.98 3.23 33.32
CA GLU M 226 9.09 2.65 34.64
C GLU M 226 10.50 2.07 34.71
N PRO M 227 11.19 2.25 35.84
CA PRO M 227 12.53 1.65 35.98
C PRO M 227 12.39 0.16 36.24
N HIS M 228 13.51 -0.55 36.23
CA HIS M 228 13.60 -1.96 36.52
C HIS M 228 14.35 -2.10 37.82
N GLU M 229 14.15 -3.24 38.43
CA GLU M 229 14.79 -3.54 39.69
C GLU M 229 16.06 -4.23 39.38
N VAL M 230 17.14 -3.74 39.99
CA VAL M 230 18.46 -4.30 39.71
C VAL M 230 19.09 -4.89 41.00
N LYS M 231 19.88 -5.94 40.82
CA LYS M 231 20.64 -6.52 41.93
C LYS M 231 22.07 -6.57 41.54
N ILE M 232 22.93 -5.95 42.37
CA ILE M 232 24.36 -5.94 42.10
C ILE M 232 25.14 -6.77 43.16
N GLN M 233 26.06 -7.56 42.69
CA GLN M 233 26.89 -8.37 43.57
C GLN M 233 28.32 -8.14 43.21
N GLY M 234 29.18 -8.15 44.23
CA GLY M 234 30.58 -7.86 44.00
C GLY M 234 31.44 -8.10 45.25
N VAL M 235 32.68 -7.64 45.21
CA VAL M 235 33.58 -7.65 46.32
C VAL M 235 33.81 -6.23 46.80
N PHE M 236 34.19 -6.09 48.07
CA PHE M 236 34.54 -4.78 48.61
C PHE M 236 35.84 -4.85 49.38
N TYR M 237 36.38 -3.66 49.65
CA TYR M 237 37.55 -3.44 50.47
C TYR M 237 37.28 -2.17 51.25
N ALA M 238 37.64 -2.18 52.53
CA ALA M 238 37.65 -0.94 53.29
C ALA M 238 38.90 -0.81 54.21
N SER M 239 39.31 0.43 54.42
CA SER M 239 40.40 0.83 55.29
C SER M 239 39.78 1.65 56.42
N ILE M 240 39.92 1.13 57.63
CA ILE M 240 39.40 1.78 58.84
C ILE M 240 40.57 2.39 59.59
N GLU M 241 40.34 3.58 60.13
CA GLU M 241 41.33 4.30 60.85
C GLU M 241 40.75 5.05 62.00
N PRO M 242 41.57 5.26 63.04
CA PRO M 242 41.25 6.23 64.09
C PRO M 242 41.26 7.62 63.48
N ALA M 243 40.44 8.51 64.01
CA ALA M 243 40.41 9.89 63.50
C ALA M 243 39.92 10.89 64.52
N FME N 1 8.02 -3.02 6.55
CN FME N 1 9.20 -3.37 7.11
O1 FME N 1 10.20 -3.63 6.43
CA FME N 1 7.78 -2.82 5.14
CB FME N 1 6.29 -2.43 4.93
CG FME N 1 5.96 -1.03 4.35
SD FME N 1 4.26 -0.44 4.59
CE FME N 1 3.25 -1.85 4.99
C FME N 1 8.82 -1.85 4.52
O FME N 1 9.30 -2.10 3.43
N GLU N 2 9.20 -0.81 5.28
CA GLU N 2 10.01 0.25 4.76
C GLU N 2 11.38 -0.34 4.66
N THR N 3 11.82 -1.00 5.73
CA THR N 3 13.20 -1.61 5.71
C THR N 3 13.36 -2.60 4.58
N ILE N 4 12.32 -3.43 4.38
CA ILE N 4 12.36 -4.46 3.28
C ILE N 4 12.47 -3.71 1.95
N THR N 5 11.67 -2.63 1.81
CA THR N 5 11.71 -1.88 0.56
C THR N 5 13.09 -1.28 0.29
N TYR N 6 13.71 -0.65 1.30
CA TYR N 6 15.02 0.01 1.07
C TYR N 6 16.07 -1.09 0.74
N VAL N 7 16.00 -2.21 1.44
CA VAL N 7 16.98 -3.34 1.21
C VAL N 7 16.78 -4.01 -0.16
N PHE N 8 15.54 -4.14 -0.57
CA PHE N 8 15.22 -4.67 -1.85
C PHE N 8 15.76 -3.85 -3.01
N ILE N 9 15.54 -2.52 -2.95
CA ILE N 9 16.09 -1.64 -3.97
C ILE N 9 17.62 -1.75 -3.98
N PHE N 10 18.24 -1.64 -2.83
CA PHE N 10 19.72 -1.80 -2.76
C PHE N 10 20.18 -3.10 -3.44
N ALA N 11 19.52 -4.21 -3.10
CA ALA N 11 19.90 -5.56 -3.59
C ALA N 11 19.77 -5.60 -5.10
N CYS N 12 18.73 -4.93 -5.63
CA CYS N 12 18.57 -4.84 -7.07
C CYS N 12 19.69 -4.09 -7.73
N ILE N 13 20.15 -3.00 -7.11
CA ILE N 13 21.27 -2.22 -7.62
C ILE N 13 22.56 -3.12 -7.64
N ILE N 14 22.79 -3.91 -6.59
CA ILE N 14 23.99 -4.77 -6.53
C ILE N 14 23.96 -5.85 -7.61
N ALA N 15 22.76 -6.41 -7.83
CA ALA N 15 22.54 -7.33 -8.93
C ALA N 15 22.79 -6.64 -10.31
N LEU N 16 22.30 -5.42 -10.47
CA LEU N 16 22.52 -4.68 -11.70
C LEU N 16 24.01 -4.48 -11.96
N PHE N 17 24.79 -4.22 -10.92
CA PHE N 17 26.23 -4.08 -11.05
C PHE N 17 26.87 -5.37 -11.63
N PHE N 18 26.46 -6.50 -11.09
CA PHE N 18 26.94 -7.81 -11.55
C PHE N 18 26.61 -8.03 -13.04
N PHE N 19 25.37 -7.77 -13.47
CA PHE N 19 25.07 -7.94 -14.87
C PHE N 19 25.75 -6.93 -15.76
N ALA N 20 25.87 -5.69 -15.31
CA ALA N 20 26.46 -4.60 -16.14
C ALA N 20 27.95 -4.81 -16.37
N ILE N 21 28.57 -5.48 -15.41
CA ILE N 21 29.97 -5.85 -15.51
C ILE N 21 30.18 -7.14 -16.29
N PHE N 22 29.66 -8.25 -15.78
CA PHE N 22 29.93 -9.54 -16.38
C PHE N 22 29.01 -9.93 -17.54
N PHE N 23 27.84 -9.27 -17.68
CA PHE N 23 27.00 -9.49 -18.86
C PHE N 23 26.79 -8.26 -19.67
N ARG N 24 27.89 -7.54 -19.80
CA ARG N 24 27.91 -6.37 -20.68
C ARG N 24 27.92 -6.77 -22.12
N GLU N 25 27.55 -5.81 -22.96
CA GLU N 25 27.78 -5.81 -24.37
C GLU N 25 29.30 -5.66 -24.60
N PRO N 26 29.95 -6.70 -25.18
CA PRO N 26 31.38 -6.65 -25.28
C PRO N 26 31.85 -5.54 -26.20
N PRO N 27 32.83 -4.73 -25.78
CA PRO N 27 33.43 -3.80 -26.72
C PRO N 27 34.14 -4.57 -27.90
N ARG N 28 33.79 -4.17 -29.12
CA ARG N 28 34.26 -4.88 -30.35
C ARG N 28 35.03 -3.89 -31.22
N ILE N 29 36.29 -4.21 -31.45
CA ILE N 29 37.27 -3.27 -32.03
C ILE N 29 37.03 -3.11 -33.54
N THR N 30 36.61 -4.21 -34.18
CA THR N 30 36.24 -4.25 -35.59
C THR N 30 34.84 -3.56 -35.78
N GLU O 1 -2.04 15.32 37.58
CA GLU O 1 -1.09 15.73 36.48
C GLU O 1 0.42 15.63 36.89
N LEU O 2 1.21 15.66 35.83
CA LEU O 2 2.66 15.73 35.83
C LEU O 2 3.02 17.22 35.77
N VAL O 3 4.02 17.62 36.54
CA VAL O 3 4.36 19.03 36.72
C VAL O 3 5.88 19.21 36.60
N ASN O 4 6.34 20.28 35.94
CA ASN O 4 7.76 20.63 35.97
C ASN O 4 8.08 21.29 37.31
N VAL O 5 8.91 20.65 38.14
CA VAL O 5 9.13 21.14 39.49
C VAL O 5 10.00 22.41 39.53
N VAL O 6 10.91 22.57 38.55
CA VAL O 6 11.66 23.83 38.47
C VAL O 6 10.77 25.06 38.11
N ASP O 7 9.89 24.88 37.14
CA ASP O 7 8.99 25.93 36.78
C ASP O 7 8.09 26.37 37.94
N GLU O 8 7.55 25.38 38.62
CA GLU O 8 6.74 25.62 39.82
C GLU O 8 7.51 26.42 40.88
N LYS O 9 8.77 26.06 41.13
CA LYS O 9 9.62 26.79 42.07
C LYS O 9 9.75 28.29 41.67
N LEU O 10 9.73 28.57 40.38
CA LEU O 10 9.81 29.95 39.94
C LEU O 10 8.64 30.81 40.41
N GLY O 11 7.53 30.17 40.76
CA GLY O 11 6.36 30.93 41.30
C GLY O 11 6.38 31.08 42.82
N THR O 12 7.44 30.58 43.50
CA THR O 12 7.62 30.78 44.94
C THR O 12 8.63 31.97 45.10
N ALA O 13 9.00 32.28 46.33
CA ALA O 13 10.04 33.25 46.65
C ALA O 13 11.41 32.84 46.03
N TYR O 14 11.60 31.58 45.62
CA TYR O 14 12.82 31.18 44.87
C TYR O 14 12.96 32.05 43.59
N GLY O 15 11.84 32.47 43.01
CA GLY O 15 11.87 33.35 41.85
C GLY O 15 12.04 34.83 42.10
N GLU O 16 12.13 35.21 43.37
CA GLU O 16 12.26 36.62 43.77
C GLU O 16 13.55 36.89 44.52
N LYS O 17 14.13 35.93 45.23
CA LYS O 17 15.26 36.19 46.12
C LYS O 17 16.25 35.04 46.07
N ILE O 18 17.38 35.18 46.73
CA ILE O 18 18.34 34.05 46.84
C ILE O 18 17.77 33.10 47.89
N ASP O 19 17.45 31.89 47.47
CA ASP O 19 16.86 30.87 48.32
C ASP O 19 18.05 30.12 48.87
N LEU O 20 18.29 30.26 50.16
CA LEU O 20 19.50 29.66 50.78
C LEU O 20 19.54 28.16 50.74
N ASN O 21 18.39 27.56 50.48
CA ASN O 21 18.31 26.09 50.36
C ASN O 21 18.49 25.46 48.97
N ASN O 22 18.43 26.27 47.92
CA ASN O 22 18.39 25.79 46.53
C ASN O 22 19.26 26.53 45.49
N THR O 23 19.38 27.85 45.64
CA THR O 23 19.88 28.70 44.61
C THR O 23 21.32 28.43 44.39
N ASN O 24 21.71 28.42 43.09
CA ASN O 24 23.12 28.18 42.76
C ASN O 24 24.01 29.34 43.32
N ILE O 25 25.23 28.99 43.71
CA ILE O 25 26.16 29.86 44.40
C ILE O 25 26.54 31.17 43.70
N ALA O 26 26.45 31.21 42.37
CA ALA O 26 26.79 32.39 41.62
C ALA O 26 25.83 33.54 41.88
N ALA O 27 24.62 33.24 42.34
CA ALA O 27 23.64 34.28 42.65
C ALA O 27 24.07 35.22 43.78
N PHE O 28 25.01 34.78 44.64
CA PHE O 28 25.51 35.58 45.75
C PHE O 28 26.38 36.76 45.29
N ILE O 29 26.83 36.72 44.03
CA ILE O 29 27.57 37.83 43.42
C ILE O 29 26.64 39.09 43.25
N GLN O 30 25.33 38.95 43.37
CA GLN O 30 24.43 40.13 43.16
C GLN O 30 24.54 41.26 44.22
N TYR O 31 25.08 40.95 45.40
CA TYR O 31 25.10 41.87 46.54
C TYR O 31 26.51 41.94 47.10
N ARG O 32 26.88 43.09 47.67
CA ARG O 32 28.23 43.25 48.19
C ARG O 32 28.59 42.32 49.35
N GLY O 33 29.77 41.78 49.31
CA GLY O 33 30.33 41.01 50.41
C GLY O 33 30.01 39.55 50.62
N LEU O 34 29.12 39.01 49.79
CA LEU O 34 28.72 37.61 49.94
C LEU O 34 29.57 36.56 49.27
N TYR O 35 30.33 36.91 48.23
CA TYR O 35 31.00 35.86 47.43
C TYR O 35 32.48 36.10 47.44
N PRO O 36 33.29 35.08 47.55
CA PRO O 36 32.89 33.68 47.59
C PRO O 36 32.75 33.16 49.04
N THR O 37 33.22 33.91 50.04
CA THR O 37 33.54 33.30 51.39
C THR O 37 32.29 32.92 52.14
N LEU O 38 31.35 33.85 52.22
CA LEU O 38 30.11 33.56 52.86
C LEU O 38 29.21 32.59 52.03
N ALA O 39 29.19 32.77 50.71
CA ALA O 39 28.43 31.92 49.80
C ALA O 39 28.83 30.47 50.00
N LYS O 40 30.13 30.22 50.06
CA LYS O 40 30.60 28.87 50.31
C LYS O 40 29.99 28.32 51.64
N LEU O 41 30.10 29.10 52.71
CA LEU O 41 29.62 28.69 54.04
C LEU O 41 28.09 28.50 54.06
N ILE O 42 27.39 29.35 53.34
CA ILE O 42 25.94 29.25 53.30
C ILE O 42 25.49 27.96 52.60
N VAL O 43 26.09 27.68 51.45
CA VAL O 43 25.65 26.53 50.65
C VAL O 43 26.02 25.32 51.45
N LYS O 44 27.24 25.29 52.01
CA LYS O 44 27.73 24.15 52.77
C LYS O 44 26.92 23.76 54.02
N ASN O 45 26.32 24.74 54.67
CA ASN O 45 25.62 24.50 55.92
C ASN O 45 24.13 24.43 55.68
N ALA O 46 23.64 24.50 54.44
CA ALA O 46 22.18 24.45 54.15
C ALA O 46 21.69 23.02 54.37
N PRO O 47 20.40 22.78 54.55
CA PRO O 47 19.26 23.72 54.53
C PRO O 47 19.01 24.39 55.88
N TYR O 48 18.25 25.46 55.82
CA TYR O 48 17.92 26.30 56.93
C TYR O 48 16.37 26.31 57.03
N GLU O 49 15.86 26.27 58.28
CA GLU O 49 14.41 26.41 58.59
C GLU O 49 13.97 27.82 58.39
N SER O 50 14.86 28.75 58.64
CA SER O 50 14.48 30.13 58.34
C SER O 50 15.73 30.87 57.99
N VAL O 51 15.52 32.02 57.41
CA VAL O 51 16.62 32.83 56.90
C VAL O 51 17.63 33.25 57.99
N GLU O 52 17.09 33.57 59.18
CA GLU O 52 17.90 34.04 60.33
C GLU O 52 18.88 32.97 60.75
N ASP O 53 18.55 31.72 60.49
CA ASP O 53 19.50 30.64 60.85
C ASP O 53 20.81 30.73 60.18
N VAL O 54 20.91 31.52 59.10
CA VAL O 54 22.19 31.66 58.49
C VAL O 54 23.24 32.23 59.45
N LEU O 55 22.81 33.00 60.45
CA LEU O 55 23.68 33.60 61.49
C LEU O 55 24.30 32.58 62.47
N ASN O 56 23.84 31.33 62.48
CA ASN O 56 24.40 30.28 63.36
C ASN O 56 25.51 29.45 62.77
N ILE O 57 25.97 29.77 61.57
CA ILE O 57 27.10 29.04 61.02
C ILE O 57 28.34 29.32 61.91
N PRO O 58 29.08 28.29 62.36
CA PRO O 58 30.26 28.52 63.23
C PRO O 58 31.41 29.28 62.56
N GLY O 59 32.23 29.91 63.40
CA GLY O 59 33.51 30.52 63.04
C GLY O 59 33.45 31.91 62.37
N LEU O 60 32.25 32.50 62.22
CA LEU O 60 32.08 33.75 61.45
C LEU O 60 32.78 34.88 62.20
N THR O 61 33.33 35.83 61.47
CA THR O 61 33.85 37.05 62.06
C THR O 61 32.65 37.93 62.37
N GLU O 62 32.88 38.92 63.22
CA GLU O 62 31.85 39.93 63.47
C GLU O 62 31.43 40.64 62.20
N ARG O 63 32.39 41.02 61.36
N ARG O 63 32.39 41.02 61.36
CA ARG O 63 32.06 41.67 60.09
CA ARG O 63 32.07 41.67 60.08
C ARG O 63 31.19 40.75 59.21
C ARG O 63 31.19 40.74 59.21
N GLN O 64 31.51 39.45 59.16
CA GLN O 64 30.70 38.47 58.42
C GLN O 64 29.25 38.43 58.87
N LYS O 65 29.06 38.38 60.18
CA LYS O 65 27.72 38.36 60.74
C LYS O 65 26.93 39.58 60.38
N GLN O 66 27.60 40.74 60.38
CA GLN O 66 26.89 41.97 60.04
C GLN O 66 26.54 41.99 58.57
N ILE O 67 27.47 41.54 57.71
CA ILE O 67 27.18 41.49 56.26
C ILE O 67 25.92 40.59 56.08
N LEU O 68 25.90 39.41 56.74
CA LEU O 68 24.69 38.58 56.69
C LEU O 68 23.43 39.31 57.16
N ARG O 69 23.54 40.02 58.28
CA ARG O 69 22.38 40.80 58.77
C ARG O 69 21.86 41.79 57.75
N GLU O 70 22.78 42.54 57.16
CA GLU O 70 22.45 43.51 56.11
C GLU O 70 21.75 42.90 54.88
N ASN O 71 21.97 41.59 54.61
CA ASN O 71 21.45 40.95 53.43
C ASN O 71 20.30 39.98 53.68
N LEU O 72 19.87 39.79 54.93
CA LEU O 72 18.69 38.93 55.19
C LEU O 72 17.48 39.32 54.35
N GLU O 73 17.23 40.61 54.13
CA GLU O 73 16.07 41.01 53.30
C GLU O 73 16.11 40.54 51.80
N HIS O 74 17.30 40.14 51.32
CA HIS O 74 17.47 39.58 49.98
C HIS O 74 17.47 38.06 49.94
N PHE O 75 17.34 37.44 51.10
CA PHE O 75 17.30 35.98 51.22
C PHE O 75 15.91 35.48 51.43
N THR O 76 15.73 34.19 51.14
CA THR O 76 14.52 33.45 51.46
C THR O 76 14.91 32.03 51.67
N VAL O 77 13.94 31.26 52.15
CA VAL O 77 14.07 29.79 52.21
C VAL O 77 12.78 29.18 51.72
N THR O 78 12.94 28.12 50.93
CA THR O 78 11.86 27.23 50.53
C THR O 78 12.39 25.80 50.72
N GLU O 79 11.52 24.85 50.59
CA GLU O 79 11.83 23.43 50.72
C GLU O 79 12.91 23.05 49.69
N VAL O 80 13.79 22.17 50.10
CA VAL O 80 14.86 21.69 49.27
C VAL O 80 14.23 20.99 48.07
N GLU O 81 14.65 21.34 46.85
CA GLU O 81 14.21 20.66 45.61
C GLU O 81 15.35 19.85 45.15
N THR O 82 15.15 18.54 45.18
CA THR O 82 16.15 17.55 44.75
C THR O 82 16.80 17.92 43.38
N ALA O 83 15.98 18.37 42.43
CA ALA O 83 16.45 18.64 41.06
C ALA O 83 17.47 19.82 40.99
N LEU O 84 17.37 20.75 41.94
CA LEU O 84 18.25 21.88 42.03
C LEU O 84 19.53 21.62 42.86
N VAL O 85 19.55 20.59 43.71
CA VAL O 85 20.73 20.39 44.58
C VAL O 85 21.52 19.16 44.27
N GLU O 86 20.95 18.23 43.49
CA GLU O 86 21.79 17.08 43.04
C GLU O 86 22.78 17.52 42.00
N GLY O 87 23.72 16.62 41.68
CA GLY O 87 24.72 16.87 40.72
C GLY O 87 25.76 17.96 41.01
N GLY O 88 25.91 18.38 42.26
CA GLY O 88 26.72 19.53 42.60
C GLY O 88 26.20 20.83 41.97
N ASP O 89 24.92 20.84 41.57
CA ASP O 89 24.46 21.92 40.74
C ASP O 89 24.48 23.26 41.49
N ARG O 90 24.48 23.24 42.84
CA ARG O 90 24.57 24.50 43.58
C ARG O 90 25.93 25.19 43.44
N TYR O 91 26.97 24.41 43.17
CA TYR O 91 28.29 24.88 42.94
C TYR O 91 28.61 25.17 41.45
N ASN O 92 27.98 24.44 40.55
CA ASN O 92 28.16 24.66 39.08
C ASN O 92 26.92 24.10 38.40
N ASN O 93 25.98 24.98 37.95
CA ASN O 93 24.76 24.51 37.37
C ASN O 93 24.80 24.48 35.81
N GLY O 94 25.99 24.38 35.22
CA GLY O 94 26.16 24.32 33.77
C GLY O 94 25.95 25.64 33.01
N LEU O 95 25.65 26.76 33.69
CA LEU O 95 25.52 28.08 33.11
C LEU O 95 26.81 28.89 33.30
N TYR O 96 27.33 29.41 32.18
CA TYR O 96 28.47 30.33 32.22
C TYR O 96 27.94 31.63 31.65
N LYS O 97 28.70 32.36 30.87
CA LYS O 97 28.07 33.55 30.21
C LYS O 97 27.16 33.09 29.04
N ALA P 1 29.08 59.41 15.55
CA ALA P 1 29.34 59.46 16.98
C ALA P 1 30.84 59.51 17.11
N GLU P 2 31.32 59.91 18.30
CA GLU P 2 32.73 60.15 18.48
C GLU P 2 33.18 59.73 19.83
N LEU P 3 34.48 59.49 19.96
CA LEU P 3 35.11 59.21 21.22
C LEU P 3 35.48 60.58 21.80
N THR P 4 34.49 61.21 22.44
CA THR P 4 34.66 62.55 23.02
C THR P 4 35.32 62.61 24.44
N PRO P 5 35.73 63.84 24.89
CA PRO P 5 36.27 63.97 26.25
C PRO P 5 35.34 63.47 27.36
N GLU P 6 34.07 63.73 27.21
CA GLU P 6 33.00 63.19 28.03
C GLU P 6 32.98 61.62 28.11
N VAL P 7 33.03 60.95 26.96
CA VAL P 7 33.10 59.48 26.93
C VAL P 7 34.33 59.10 27.74
N LEU P 8 35.42 59.85 27.55
CA LEU P 8 36.70 59.55 28.22
C LEU P 8 36.85 60.03 29.67
N THR P 9 35.79 60.59 30.22
CA THR P 9 35.77 61.03 31.62
C THR P 9 35.14 59.94 32.49
N VAL P 10 35.90 59.42 33.42
CA VAL P 10 35.55 58.30 34.27
C VAL P 10 35.88 58.59 35.73
N PRO P 11 35.35 57.77 36.66
CA PRO P 11 35.68 58.06 38.07
C PRO P 11 37.09 57.73 38.43
N LEU P 12 37.73 58.66 39.13
CA LEU P 12 39.06 58.45 39.65
C LEU P 12 39.00 57.72 40.96
N ASN P 13 38.02 58.08 41.81
CA ASN P 13 37.99 57.44 43.15
C ASN P 13 36.62 57.21 43.62
N SER P 14 36.49 56.62 44.80
CA SER P 14 35.15 56.36 45.42
C SER P 14 34.44 57.62 45.88
N GLU P 15 35.18 58.70 46.07
CA GLU P 15 34.62 59.96 46.61
C GLU P 15 33.98 60.84 45.52
N GLY P 16 33.81 60.33 44.29
CA GLY P 16 33.18 61.08 43.20
C GLY P 16 34.06 61.95 42.29
N LYS P 17 35.36 62.01 42.51
CA LYS P 17 36.26 62.75 41.62
C LYS P 17 36.47 61.98 40.29
N THR P 18 36.52 62.71 39.19
CA THR P 18 36.71 62.19 37.87
C THR P 18 38.03 62.64 37.29
N ILE P 19 38.42 61.95 36.23
CA ILE P 19 39.61 62.18 35.46
C ILE P 19 39.21 61.99 33.98
N THR P 20 39.67 62.91 33.13
CA THR P 20 39.42 62.89 31.71
C THR P 20 40.64 62.37 31.05
N LEU P 21 40.54 61.17 30.45
CA LEU P 21 41.71 60.53 29.85
C LEU P 21 41.88 61.12 28.47
N THR P 22 43.13 61.07 27.99
CA THR P 22 43.40 61.44 26.60
C THR P 22 43.15 60.28 25.67
N GLU P 23 43.01 60.63 24.40
CA GLU P 23 42.82 59.66 23.35
C GLU P 23 44.03 58.75 23.24
N LYS P 24 45.22 59.28 23.50
CA LYS P 24 46.45 58.51 23.51
C LYS P 24 46.38 57.50 24.68
N GLN P 25 45.79 57.92 25.80
CA GLN P 25 45.64 57.04 26.96
C GLN P 25 44.68 55.87 26.69
N TYR P 26 43.55 56.17 26.04
CA TYR P 26 42.56 55.21 25.60
C TYR P 26 43.22 54.11 24.73
N LEU P 27 43.91 54.54 23.69
CA LEU P 27 44.65 53.63 22.84
C LEU P 27 45.75 52.88 23.53
N GLU P 28 46.50 53.51 24.42
CA GLU P 28 47.47 52.75 25.20
C GLU P 28 46.81 51.67 26.08
N GLY P 29 45.67 52.03 26.66
CA GLY P 29 44.93 51.10 27.57
C GLY P 29 44.42 49.82 26.86
N LYS P 30 43.88 49.99 25.63
CA LYS P 30 43.48 48.91 24.79
C LYS P 30 44.69 48.03 24.45
N ARG P 31 45.76 48.64 24.02
CA ARG P 31 46.94 47.91 23.66
C ARG P 31 47.45 47.09 24.85
N LEU P 32 47.55 47.73 25.99
CA LEU P 32 48.10 47.08 27.20
C LEU P 32 47.17 46.00 27.80
N PHE P 33 45.88 46.25 27.71
CA PHE P 33 44.83 45.28 28.09
C PHE P 33 45.02 44.02 27.20
N GLN P 34 45.20 44.23 25.89
CA GLN P 34 45.49 43.12 24.97
C GLN P 34 46.74 42.39 25.35
N TYR P 35 47.79 43.14 25.61
CA TYR P 35 49.08 42.56 25.99
C TYR P 35 49.00 41.64 27.19
N ALA P 36 48.38 42.14 28.26
CA ALA P 36 48.48 41.50 29.56
C ALA P 36 47.18 40.78 30.11
N CYS P 37 46.01 41.12 29.58
CA CYS P 37 44.74 40.73 30.16
C CYS P 37 43.74 40.01 29.27
N ALA P 38 43.75 40.27 27.96
CA ALA P 38 42.69 39.81 27.07
C ALA P 38 42.67 38.28 26.97
N SER P 39 43.80 37.61 27.19
CA SER P 39 43.84 36.16 27.08
C SER P 39 42.77 35.56 27.96
N CYS P 40 42.50 36.18 29.10
CA CYS P 40 41.34 35.75 29.94
C CYS P 40 40.16 36.68 29.88
N HIS P 41 40.39 37.98 29.63
CA HIS P 41 39.27 38.96 29.79
C HIS P 41 38.80 39.56 28.49
N VAL P 42 39.11 38.93 27.37
CA VAL P 42 38.56 39.40 26.11
C VAL P 42 37.10 39.81 26.22
N GLY P 43 36.77 41.00 25.77
CA GLY P 43 35.33 41.42 25.73
C GLY P 43 34.67 41.68 27.07
N GLY P 44 35.46 41.74 28.14
CA GLY P 44 34.95 42.05 29.47
C GLY P 44 34.45 40.84 30.31
N ILE P 45 34.62 39.58 29.84
CA ILE P 45 34.25 38.41 30.60
C ILE P 45 35.51 37.86 31.27
N THR P 46 35.41 36.70 31.90
CA THR P 46 36.57 36.07 32.45
C THR P 46 36.52 34.54 32.12
N LYS P 47 37.38 34.12 31.20
CA LYS P 47 37.32 32.76 30.68
C LYS P 47 37.53 31.70 31.73
N THR P 48 38.39 31.95 32.71
CA THR P 48 38.72 30.98 33.73
C THR P 48 37.79 31.08 34.96
N ASN P 49 36.87 32.04 34.94
CA ASN P 49 35.88 32.14 35.94
C ASN P 49 34.70 33.02 35.49
N PRO P 50 33.77 32.46 34.73
CA PRO P 50 32.76 33.32 34.05
C PRO P 50 31.77 34.04 34.95
N SER P 51 31.71 33.64 36.21
CA SER P 51 30.81 34.29 37.19
C SER P 51 31.20 35.76 37.47
N LEU P 52 32.50 36.11 37.28
CA LEU P 52 33.00 37.46 37.52
C LEU P 52 33.39 38.16 36.23
N ASP P 53 32.72 39.27 35.95
CA ASP P 53 33.00 40.00 34.72
C ASP P 53 33.62 41.40 35.02
N LEU P 54 33.87 42.22 33.98
CA LEU P 54 34.43 43.56 34.15
C LEU P 54 33.42 44.63 33.89
N ARG P 55 32.14 44.31 34.02
N ARG P 55 32.14 44.32 34.02
CA ARG P 55 31.10 45.32 33.94
CA ARG P 55 31.10 45.34 33.95
C ARG P 55 31.25 46.32 35.09
C ARG P 55 31.24 46.32 35.09
N THR P 56 30.92 47.57 34.81
CA THR P 56 31.11 48.64 35.79
C THR P 56 30.24 48.37 37.07
N GLU P 57 29.05 47.91 36.85
CA GLU P 57 28.11 47.63 37.98
C GLU P 57 28.64 46.46 38.80
N THR P 58 29.28 45.47 38.16
CA THR P 58 29.87 44.35 38.94
C THR P 58 31.01 44.89 39.77
N LEU P 59 31.81 45.76 39.14
CA LEU P 59 32.94 46.33 39.78
C LEU P 59 32.51 47.20 40.97
N ALA P 60 31.38 47.88 40.86
CA ALA P 60 30.94 48.74 41.96
C ALA P 60 30.63 47.92 43.17
N LEU P 61 30.17 46.66 43.00
CA LEU P 61 29.72 45.80 44.14
C LEU P 61 30.83 44.95 44.66
N ALA P 62 31.97 45.01 44.03
CA ALA P 62 33.17 44.36 44.59
C ALA P 62 33.59 45.06 45.90
N THR P 63 34.39 44.37 46.70
CA THR P 63 34.98 44.88 47.93
C THR P 63 36.50 44.67 47.87
N PRO P 64 37.32 45.75 48.00
CA PRO P 64 36.84 47.13 47.98
C PRO P 64 36.26 47.49 46.61
N PRO P 65 35.56 48.61 46.52
CA PRO P 65 34.97 48.94 45.20
C PRO P 65 36.07 49.03 44.07
N ARG P 66 35.76 48.46 42.90
CA ARG P 66 36.64 48.46 41.79
C ARG P 66 36.12 49.27 40.58
N ASP P 67 35.05 50.03 40.77
CA ASP P 67 34.51 50.88 39.70
C ASP P 67 35.16 52.29 39.58
N ASN P 68 36.48 52.35 39.71
CA ASN P 68 37.21 53.60 39.63
C ASN P 68 38.66 53.30 39.44
N ILE P 69 39.36 54.33 38.97
CA ILE P 69 40.77 54.17 38.61
C ILE P 69 41.59 53.60 39.76
N GLU P 70 41.36 54.18 40.95
CA GLU P 70 42.22 53.81 42.11
C GLU P 70 41.99 52.34 42.54
N GLY P 71 40.72 51.94 42.48
CA GLY P 71 40.31 50.55 42.81
C GLY P 71 40.91 49.53 41.84
N LEU P 72 40.89 49.89 40.54
CA LEU P 72 41.52 49.08 39.50
C LEU P 72 43.00 49.00 39.57
N VAL P 73 43.64 50.16 39.74
CA VAL P 73 45.12 50.16 39.88
C VAL P 73 45.54 49.31 41.10
N ASP P 74 44.86 49.50 42.22
CA ASP P 74 45.13 48.70 43.42
C ASP P 74 44.93 47.15 43.12
N TYR P 75 43.85 46.81 42.40
CA TYR P 75 43.59 45.41 41.95
C TYR P 75 44.76 44.84 41.23
N MET P 76 45.31 45.65 40.31
CA MET P 76 46.55 45.22 39.54
C MET P 76 47.83 45.09 40.33
N LYS P 77 47.87 45.70 41.51
CA LYS P 77 49.02 45.50 42.43
C LYS P 77 48.80 44.39 43.39
N ASN P 78 47.54 44.28 43.88
CA ASN P 78 47.22 43.36 45.00
C ASN P 78 45.80 42.82 44.84
N PRO P 79 45.61 41.91 43.85
CA PRO P 79 44.27 41.38 43.57
C PRO P 79 43.67 40.53 44.70
N THR P 80 42.38 40.75 44.93
CA THR P 80 41.58 40.03 45.89
C THR P 80 40.37 39.31 45.25
N THR P 81 39.78 38.38 46.04
CA THR P 81 38.47 37.82 45.71
C THR P 81 37.43 38.94 45.76
N TYR P 82 36.22 38.64 45.33
CA TYR P 82 35.22 39.64 45.14
C TYR P 82 34.78 40.28 46.47
N ASP P 83 34.93 39.54 47.57
CA ASP P 83 34.54 40.00 48.89
C ASP P 83 35.75 40.67 49.63
N GLY P 84 36.89 40.78 48.98
CA GLY P 84 38.05 41.41 49.58
C GLY P 84 38.76 40.50 50.57
N GLU P 85 38.29 39.25 50.78
CA GLU P 85 38.78 38.40 51.92
C GLU P 85 40.06 37.68 51.69
N GLN P 86 40.39 37.48 50.43
CA GLN P 86 41.57 36.65 50.10
C GLN P 86 42.40 37.36 49.04
N GLU P 87 43.72 37.31 49.22
CA GLU P 87 44.67 37.88 48.31
C GLU P 87 45.08 36.80 47.31
N ILE P 88 44.94 37.09 46.01
CA ILE P 88 45.09 36.05 45.01
C ILE P 88 46.21 36.26 44.03
N ALA P 89 47.18 37.09 44.39
CA ALA P 89 48.31 37.39 43.54
C ALA P 89 49.00 36.14 43.03
N GLU P 90 48.96 35.06 43.81
CA GLU P 90 49.66 33.81 43.40
C GLU P 90 49.03 33.10 42.18
N VAL P 91 47.78 33.42 41.88
CA VAL P 91 47.06 32.84 40.75
C VAL P 91 46.43 33.92 39.84
N HIS P 92 46.68 35.20 40.11
CA HIS P 92 46.18 36.27 39.24
C HIS P 92 47.34 37.25 39.01
N PRO P 93 47.54 37.64 37.74
CA PRO P 93 48.64 38.56 37.47
C PRO P 93 48.54 39.90 38.24
N SER P 94 49.67 40.29 38.83
CA SER P 94 49.80 41.57 39.53
C SER P 94 51.24 42.01 39.54
N LEU P 95 51.46 43.24 39.96
CA LEU P 95 52.87 43.72 40.20
C LEU P 95 53.57 42.96 41.30
N ARG P 96 52.78 42.60 42.27
CA ARG P 96 53.28 41.80 43.38
C ARG P 96 53.72 40.38 42.97
N SER P 97 53.14 39.85 41.89
CA SER P 97 53.47 38.47 41.41
C SER P 97 54.14 38.51 40.04
N ALA P 98 54.77 39.64 39.72
CA ALA P 98 55.56 39.76 38.47
C ALA P 98 56.65 38.74 38.29
N ASP P 99 57.15 38.15 39.38
CA ASP P 99 58.09 37.05 39.22
C ASP P 99 57.46 35.85 38.48
N ILE P 100 56.18 35.56 38.74
CA ILE P 100 55.51 34.39 38.15
C ILE P 100 54.57 34.75 37.02
N PHE P 101 54.26 36.04 36.86
CA PHE P 101 53.49 36.52 35.71
C PHE P 101 54.35 37.55 35.00
N PRO P 102 55.32 37.06 34.24
CA PRO P 102 56.38 37.98 33.75
C PRO P 102 55.91 39.10 32.84
N LYS P 103 54.71 39.04 32.28
CA LYS P 103 54.25 40.16 31.47
C LYS P 103 53.98 41.40 32.31
N MET P 104 53.93 41.22 33.62
CA MET P 104 53.60 42.33 34.51
C MET P 104 54.91 43.07 34.88
N ARG P 105 56.10 42.44 34.66
CA ARG P 105 57.45 43.01 34.96
C ARG P 105 57.79 44.41 34.42
N ASN P 106 57.27 44.79 33.28
N ASN P 106 57.23 44.76 33.28
CA ASN P 106 57.59 46.13 32.75
CA ASN P 106 57.51 46.00 32.59
C ASN P 106 56.38 47.03 32.64
C ASN P 106 56.38 47.00 32.63
N LEU P 107 55.34 46.72 33.42
CA LEU P 107 54.21 47.61 33.49
C LEU P 107 54.54 48.66 34.55
N THR P 108 54.45 49.91 34.10
CA THR P 108 54.71 51.09 34.94
C THR P 108 53.38 51.48 35.55
N GLU P 109 53.42 52.39 36.52
CA GLU P 109 52.18 52.99 37.09
C GLU P 109 51.31 53.60 36.04
N LYS P 110 51.92 54.30 35.09
CA LYS P 110 51.13 54.95 34.02
C LYS P 110 50.33 53.91 33.19
N ASP P 111 50.98 52.77 32.99
CA ASP P 111 50.37 51.66 32.26
C ASP P 111 49.14 51.13 32.96
N LEU P 112 49.25 50.94 34.29
CA LEU P 112 48.08 50.54 35.11
C LEU P 112 46.89 51.53 34.93
N VAL P 113 47.20 52.81 34.96
CA VAL P 113 46.10 53.80 34.86
C VAL P 113 45.45 53.64 33.51
N ALA P 114 46.26 53.46 32.46
CA ALA P 114 45.77 53.30 31.10
C ALA P 114 44.83 52.07 30.94
N ILE P 115 45.28 50.94 31.48
CA ILE P 115 44.50 49.74 31.50
C ILE P 115 43.21 49.95 32.32
N ALA P 116 43.31 50.51 33.52
CA ALA P 116 42.10 50.85 34.29
C ALA P 116 41.16 51.67 33.50
N GLY P 117 41.70 52.60 32.75
CA GLY P 117 40.78 53.50 31.98
C GLY P 117 40.08 52.83 30.83
N HIS P 118 40.77 51.85 30.22
CA HIS P 118 40.19 51.03 29.16
C HIS P 118 38.97 50.27 29.71
N ILE P 119 39.20 49.62 30.85
CA ILE P 119 38.14 48.87 31.55
C ILE P 119 36.93 49.73 31.85
N LEU P 120 37.13 50.98 32.23
CA LEU P 120 35.97 51.86 32.53
C LEU P 120 35.32 52.48 31.31
N VAL P 121 36.12 52.77 30.29
CA VAL P 121 35.59 53.43 29.11
C VAL P 121 34.80 52.46 28.21
N GLU P 122 35.30 51.24 28.07
CA GLU P 122 34.76 50.30 27.04
C GLU P 122 33.27 50.03 27.16
N PRO P 123 32.77 49.87 28.38
CA PRO P 123 31.31 49.76 28.51
C PRO P 123 30.53 50.97 28.12
N LYS P 124 31.12 52.15 28.27
CA LYS P 124 30.41 53.42 27.88
C LYS P 124 30.27 53.46 26.36
N ILE P 125 31.17 52.77 25.66
CA ILE P 125 31.08 52.61 24.19
C ILE P 125 30.16 51.44 23.83
N LEU P 126 30.41 50.28 24.41
CA LEU P 126 29.79 49.04 23.92
C LEU P 126 28.51 48.60 24.62
N GLY P 127 28.17 49.21 25.75
CA GLY P 127 27.07 48.81 26.60
C GLY P 127 27.16 47.37 27.11
N ASP P 128 26.03 46.72 27.11
CA ASP P 128 25.82 45.29 27.47
C ASP P 128 26.78 44.30 26.78
N LYS P 129 27.26 44.66 25.60
CA LYS P 129 28.25 43.84 24.96
C LYS P 129 29.50 43.64 25.84
N TRP P 130 29.89 44.68 26.60
CA TRP P 130 31.05 44.62 27.48
C TRP P 130 30.61 43.74 28.66
N GLY P 131 31.28 42.62 28.79
CA GLY P 131 30.91 41.63 29.79
C GLY P 131 29.75 40.73 29.48
N GLY P 132 29.20 40.83 28.28
CA GLY P 132 28.02 40.08 27.89
C GLY P 132 28.32 38.64 27.42
N GLY P 133 29.51 38.39 26.89
CA GLY P 133 29.84 37.09 26.35
C GLY P 133 29.16 36.86 24.98
N LYS P 134 29.18 35.61 24.51
CA LYS P 134 28.73 35.30 23.13
C LYS P 134 27.32 35.76 22.76
N VAL P 135 26.44 35.79 23.71
CA VAL P 135 25.04 36.22 23.45
C VAL P 135 25.09 37.56 22.75
N TYR P 136 26.09 38.40 23.04
CA TYR P 136 26.03 39.80 22.48
C TYR P 136 27.00 39.95 21.35
N TYR P 137 27.69 38.90 20.93
CA TYR P 137 28.62 39.08 19.82
C TYR P 137 27.96 39.63 18.55
N VAL Q 1 57.41 52.41 7.30
CA VAL Q 1 58.70 53.15 7.51
C VAL Q 1 59.55 53.15 6.20
N ILE Q 2 60.18 54.29 5.93
CA ILE Q 2 60.99 54.53 4.73
C ILE Q 2 62.17 53.54 4.62
N ALA Q 3 62.72 53.16 5.77
CA ALA Q 3 63.89 52.32 5.82
C ALA Q 3 63.62 50.89 5.34
N GLN Q 4 62.49 50.32 5.73
CA GLN Q 4 62.09 48.94 5.34
C GLN Q 4 61.76 48.89 3.84
N LEU Q 5 60.95 49.87 3.38
CA LEU Q 5 60.59 49.99 1.97
C LEU Q 5 61.82 50.19 1.05
N THR Q 6 62.78 50.99 1.54
CA THR Q 6 64.00 51.25 0.79
C THR Q 6 64.89 49.98 0.68
N MET Q 7 65.05 49.24 1.79
CA MET Q 7 65.80 48.00 1.75
C MET Q 7 65.11 47.06 0.79
N ILE Q 8 63.79 46.88 0.94
CA ILE Q 8 63.07 45.91 0.08
C ILE Q 8 63.09 46.33 -1.42
N ALA Q 9 63.08 47.63 -1.71
CA ALA Q 9 63.23 48.12 -3.10
C ALA Q 9 64.62 47.75 -3.69
N MET Q 10 65.69 48.00 -2.94
N MET Q 10 65.69 48.00 -2.94
CA MET Q 10 67.06 47.69 -3.38
CA MET Q 10 67.05 47.70 -3.38
C MET Q 10 67.31 46.19 -3.53
C MET Q 10 67.31 46.19 -3.52
N ILE Q 11 66.88 45.41 -2.53
CA ILE Q 11 66.98 43.94 -2.59
C ILE Q 11 66.10 43.39 -3.74
N GLY Q 12 64.95 44.00 -3.99
CA GLY Q 12 64.06 43.54 -5.06
C GLY Q 12 64.49 43.87 -6.50
N ILE Q 13 65.27 44.93 -6.65
CA ILE Q 13 65.80 45.35 -7.95
C ILE Q 13 67.01 44.46 -8.29
N ALA Q 14 67.78 44.00 -7.27
CA ALA Q 14 69.02 43.28 -7.55
C ALA Q 14 68.87 42.13 -8.53
N GLY Q 15 67.80 41.32 -8.39
CA GLY Q 15 67.59 40.16 -9.23
C GLY Q 15 67.36 40.51 -10.68
N PRO Q 16 66.37 41.35 -10.94
CA PRO Q 16 66.15 41.79 -12.31
C PRO Q 16 67.33 42.56 -12.91
N MET Q 17 68.09 43.27 -12.07
CA MET Q 17 69.27 44.04 -12.53
C MET Q 17 70.32 43.07 -13.06
N ILE Q 18 70.54 41.97 -12.34
CA ILE Q 18 71.47 40.95 -12.82
C ILE Q 18 71.05 40.50 -14.23
N ILE Q 19 69.75 40.28 -14.43
CA ILE Q 19 69.28 39.82 -15.73
C ILE Q 19 69.44 40.91 -16.79
N PHE Q 20 69.15 42.14 -16.43
CA PHE Q 20 69.20 43.27 -17.36
C PHE Q 20 70.63 43.55 -17.80
N LEU Q 21 71.54 43.52 -16.85
CA LEU Q 21 72.94 43.70 -17.16
C LEU Q 21 73.43 42.63 -18.11
N LEU Q 22 73.15 41.36 -17.82
CA LEU Q 22 73.61 40.28 -18.71
C LEU Q 22 72.99 40.31 -20.13
N ALA Q 23 71.74 40.73 -20.25
CA ALA Q 23 71.07 40.82 -21.53
C ALA Q 23 71.66 41.94 -22.41
N VAL Q 24 72.00 43.07 -21.78
CA VAL Q 24 72.64 44.20 -22.41
C VAL Q 24 73.99 43.75 -22.97
N ARG Q 25 74.79 43.14 -22.13
CA ARG Q 25 76.10 42.62 -22.53
C ARG Q 25 76.12 41.26 -23.26
N ARG Q 26 74.98 40.85 -23.81
CA ARG Q 26 74.84 39.59 -24.54
C ARG Q 26 75.50 38.40 -23.85
N GLY Q 27 75.25 38.30 -22.54
CA GLY Q 27 75.80 37.23 -21.70
C GLY Q 27 75.10 35.87 -21.85
N ASN Q 28 75.64 34.92 -21.13
CA ASN Q 28 75.23 33.55 -21.16
C ASN Q 28 73.93 33.27 -20.33
N LEU Q 29 72.85 34.00 -20.63
CA LEU Q 29 71.53 33.70 -20.10
C LEU Q 29 71.03 32.31 -20.60
N THR R 1 -5.19 62.65 -13.68
CA THR R 1 -3.96 63.48 -13.55
C THR R 1 -2.71 62.66 -13.88
N ILE R 2 -1.60 63.37 -13.99
CA ILE R 2 -0.31 62.76 -14.19
C ILE R 2 0.36 62.70 -12.81
N THR R 3 0.36 61.50 -12.22
CA THR R 3 0.91 61.33 -10.87
C THR R 3 2.42 61.51 -11.00
N PRO R 4 3.11 61.76 -9.91
CA PRO R 4 4.56 61.80 -10.04
C PRO R 4 5.15 60.47 -10.64
N SER R 5 4.53 59.32 -10.34
CA SER R 5 5.09 58.03 -10.84
C SER R 5 4.76 57.87 -12.31
N LEU R 6 3.62 58.39 -12.77
CA LEU R 6 3.39 58.32 -14.24
C LEU R 6 4.38 59.21 -15.00
N LYS R 7 4.70 60.36 -14.41
CA LYS R 7 5.73 61.22 -15.00
C LYS R 7 7.08 60.50 -14.99
N GLY R 8 7.42 59.92 -13.83
CA GLY R 8 8.63 59.04 -13.79
C GLY R 8 8.58 57.93 -14.87
N PHE R 9 7.45 57.25 -15.00
CA PHE R 9 7.31 56.27 -16.06
C PHE R 9 7.69 56.80 -17.47
N PHE R 10 7.15 57.99 -17.80
CA PHE R 10 7.50 58.65 -19.07
C PHE R 10 8.97 58.97 -19.18
N ILE R 11 9.54 59.42 -18.09
CA ILE R 11 10.98 59.68 -18.10
C ILE R 11 11.77 58.41 -18.37
N GLY R 12 11.42 57.31 -17.69
CA GLY R 12 12.15 56.04 -17.98
C GLY R 12 11.96 55.63 -19.44
N LEU R 13 10.73 55.78 -19.92
CA LEU R 13 10.43 55.39 -21.28
C LEU R 13 11.20 56.19 -22.33
N LEU R 14 11.24 57.51 -22.14
N LEU R 14 11.23 57.51 -22.13
CA LEU R 14 12.04 58.39 -23.02
CA LEU R 14 12.00 58.40 -23.01
C LEU R 14 13.49 58.06 -22.94
C LEU R 14 13.49 58.08 -22.94
N SER R 15 14.01 57.91 -21.73
CA SER R 15 15.44 57.56 -21.55
C SER R 15 15.84 56.28 -22.24
N GLY R 16 14.97 55.28 -22.14
CA GLY R 16 15.26 54.04 -22.82
C GLY R 16 15.24 54.21 -24.32
N ALA R 17 14.24 54.93 -24.81
CA ALA R 17 14.13 55.18 -26.30
C ALA R 17 15.36 55.92 -26.80
N VAL R 18 15.83 56.91 -26.02
CA VAL R 18 17.05 57.63 -26.38
C VAL R 18 18.25 56.71 -26.45
N VAL R 19 18.47 55.90 -25.41
CA VAL R 19 19.63 54.99 -25.40
C VAL R 19 19.57 54.06 -26.61
N LEU R 20 18.40 53.50 -26.89
CA LEU R 20 18.24 52.63 -28.07
C LEU R 20 18.38 53.35 -29.43
N GLY R 21 17.67 54.46 -29.58
CA GLY R 21 17.75 55.33 -30.76
C GLY R 21 19.18 55.70 -31.06
N LEU R 22 19.89 56.23 -30.06
CA LEU R 22 21.30 56.60 -30.25
C LEU R 22 22.20 55.42 -30.59
N THR R 23 21.96 54.29 -29.93
CA THR R 23 22.81 53.08 -30.15
C THR R 23 22.65 52.62 -31.60
N PHE R 24 21.41 52.53 -32.06
CA PHE R 24 21.16 52.10 -33.44
C PHE R 24 21.60 53.17 -34.48
N ALA R 25 21.34 54.45 -34.25
CA ALA R 25 21.83 55.52 -35.18
C ALA R 25 23.35 55.39 -35.36
N VAL R 26 24.05 55.28 -34.25
CA VAL R 26 25.52 55.21 -34.32
C VAL R 26 25.99 53.94 -35.06
N LEU R 27 25.39 52.79 -34.77
CA LEU R 27 25.88 51.53 -35.37
C LEU R 27 25.54 51.50 -36.87
N ILE R 28 24.36 52.00 -37.22
CA ILE R 28 23.94 52.14 -38.62
C ILE R 28 24.94 53.03 -39.36
N ALA R 29 25.18 54.23 -38.82
CA ALA R 29 26.19 55.16 -39.38
C ALA R 29 27.54 54.49 -39.54
N ILE R 30 28.02 53.84 -38.50
CA ILE R 30 29.32 53.23 -38.59
C ILE R 30 29.28 52.18 -39.67
N SER R 31 28.19 51.40 -39.75
CA SER R 31 28.15 50.34 -40.74
C SER R 31 28.17 50.86 -42.20
N GLN R 32 27.53 52.01 -42.41
CA GLN R 32 27.45 52.67 -43.75
C GLN R 32 28.82 53.19 -44.23
N ILE R 33 29.58 53.71 -43.30
CA ILE R 33 30.88 54.29 -43.52
C ILE R 33 31.94 53.21 -43.66
N ASP R 34 31.77 52.09 -42.97
CA ASP R 34 32.86 51.13 -42.74
C ASP R 34 32.39 49.79 -43.26
N LYS R 35 32.32 49.66 -44.58
CA LYS R 35 31.71 48.49 -45.25
C LYS R 35 32.64 47.29 -45.48
N VAL R 36 32.05 46.09 -45.60
CA VAL R 36 32.80 44.86 -45.85
C VAL R 36 33.02 44.77 -47.37
N GLN R 37 34.22 44.36 -47.79
CA GLN R 37 34.55 44.24 -49.20
C GLN R 37 34.13 42.83 -49.63
N ARG R 38 33.36 42.75 -50.71
CA ARG R 38 33.10 41.49 -51.43
C ARG R 38 33.81 41.51 -52.82
N SER R 39 35.05 41.04 -52.88
CA SER R 39 35.89 41.02 -54.10
C SER R 39 36.34 39.60 -54.43
N MET S 1 85.24 52.39 19.39
CA MET S 1 84.89 51.08 18.75
C MET S 1 83.48 51.06 18.18
N THR S 2 82.51 51.65 18.88
CA THR S 2 81.13 51.76 18.39
C THR S 2 80.89 52.51 17.03
N ILE S 3 81.95 53.04 16.39
CA ILE S 3 81.86 53.45 14.96
C ILE S 3 82.74 52.57 14.05
N LEU S 4 83.96 52.24 14.47
CA LEU S 4 84.82 51.30 13.73
C LEU S 4 84.12 49.91 13.53
N PHE S 5 83.15 49.60 14.40
CA PHE S 5 82.29 48.44 14.28
C PHE S 5 81.15 48.69 13.27
N GLN S 6 80.47 49.82 13.41
CA GLN S 6 79.34 50.15 12.56
C GLN S 6 79.72 50.41 11.09
N LEU S 7 80.94 50.88 10.87
CA LEU S 7 81.47 51.02 9.53
C LEU S 7 81.86 49.66 8.99
N ALA S 8 82.53 48.85 9.81
CA ALA S 8 82.97 47.54 9.37
C ALA S 8 81.72 46.74 8.89
N LEU S 9 80.61 46.85 9.63
CA LEU S 9 79.37 46.15 9.30
C LEU S 9 78.68 46.76 8.06
N ALA S 10 78.58 48.08 8.01
CA ALA S 10 78.05 48.75 6.80
C ALA S 10 78.94 48.44 5.57
N ALA S 11 80.24 48.27 5.79
CA ALA S 11 81.16 47.88 4.70
C ALA S 11 80.84 46.45 4.22
N LEU S 12 80.68 45.53 5.18
CA LEU S 12 80.25 44.14 4.88
C LEU S 12 78.92 44.06 4.12
N VAL S 13 77.93 44.85 4.53
CA VAL S 13 76.63 44.92 3.84
C VAL S 13 76.74 45.42 2.40
N ILE S 14 77.52 46.48 2.18
CA ILE S 14 77.65 47.12 0.86
C ILE S 14 78.43 46.21 -0.08
N LEU S 15 79.52 45.65 0.40
CA LEU S 15 80.29 44.73 -0.40
C LEU S 15 79.39 43.50 -0.77
N SER S 16 78.58 43.05 0.19
CA SER S 16 77.74 41.89 -0.03
C SER S 16 76.79 42.18 -1.19
N PHE S 17 76.12 43.34 -1.16
CA PHE S 17 75.23 43.77 -2.26
C PHE S 17 75.98 43.86 -3.61
N VAL S 18 77.23 44.35 -3.60
CA VAL S 18 78.02 44.46 -4.83
C VAL S 18 78.38 43.06 -5.39
N MET S 19 78.76 42.16 -4.51
CA MET S 19 79.08 40.78 -4.89
C MET S 19 77.77 40.05 -5.38
N VAL S 20 76.65 40.36 -4.76
CA VAL S 20 75.40 39.69 -5.06
C VAL S 20 75.06 39.95 -6.51
N ILE S 21 75.30 41.18 -6.95
CA ILE S 21 75.09 41.53 -8.39
C ILE S 21 76.29 41.11 -9.27
N GLY S 22 77.50 41.35 -8.79
CA GLY S 22 78.70 41.26 -9.60
C GLY S 22 79.16 39.87 -9.93
N VAL S 23 79.07 38.98 -8.95
CA VAL S 23 79.53 37.60 -9.19
C VAL S 23 78.76 36.86 -10.31
N PRO S 24 77.40 36.82 -10.26
CA PRO S 24 76.68 36.19 -11.37
C PRO S 24 76.92 36.83 -12.73
N VAL S 25 76.92 38.16 -12.77
CA VAL S 25 77.15 38.89 -14.02
C VAL S 25 78.54 38.56 -14.61
N ALA S 26 79.58 38.67 -13.80
CA ALA S 26 80.91 38.20 -14.17
C ALA S 26 80.94 36.72 -14.65
N TYR S 27 80.35 35.80 -13.90
CA TYR S 27 80.47 34.38 -14.28
C TYR S 27 79.83 34.02 -15.61
N ALA S 28 78.83 34.81 -16.03
CA ALA S 28 78.10 34.60 -17.25
C ALA S 28 78.42 35.67 -18.30
N SER S 29 79.48 36.44 -18.07
CA SER S 29 79.94 37.43 -19.04
C SER S 29 81.04 36.83 -19.93
N PRO S 30 80.97 37.12 -21.26
CA PRO S 30 81.85 36.36 -22.17
C PRO S 30 83.30 36.85 -22.06
N GLN S 31 83.54 38.10 -22.48
CA GLN S 31 84.81 38.78 -22.35
C GLN S 31 85.01 39.32 -20.93
N ASP S 32 86.15 40.01 -20.73
CA ASP S 32 86.50 40.68 -19.47
C ASP S 32 86.64 39.72 -18.27
N TRP S 33 86.75 38.42 -18.55
CA TRP S 33 86.78 37.39 -17.52
C TRP S 33 88.10 37.36 -16.69
N ASP S 34 89.22 37.76 -17.29
CA ASP S 34 90.52 37.78 -16.57
C ASP S 34 90.53 38.86 -15.45
N ARG S 35 90.06 40.08 -15.78
CA ARG S 35 89.84 41.15 -14.77
C ARG S 35 88.71 40.82 -13.74
N SER S 36 87.74 39.99 -14.14
CA SER S 36 86.65 39.54 -13.24
C SER S 36 87.15 38.57 -12.19
N LYS S 37 87.84 37.52 -12.64
CA LYS S 37 88.38 36.52 -11.75
C LYS S 37 89.26 37.13 -10.63
N GLN S 38 89.99 38.20 -10.97
CA GLN S 38 90.86 38.89 -10.01
C GLN S 38 89.98 39.52 -8.95
N LEU S 39 89.05 40.36 -9.38
CA LEU S 39 88.12 41.07 -8.49
C LEU S 39 87.27 40.13 -7.57
N ILE S 40 86.84 38.98 -8.12
CA ILE S 40 86.05 37.99 -7.37
C ILE S 40 86.90 37.41 -6.24
N PHE S 41 88.14 37.05 -6.54
CA PHE S 41 89.10 36.67 -5.50
C PHE S 41 89.32 37.78 -4.45
N LEU S 42 89.42 39.02 -4.91
CA LEU S 42 89.61 40.18 -4.03
C LEU S 42 88.37 40.45 -3.13
N GLY S 43 87.24 40.71 -3.76
CA GLY S 43 85.91 40.71 -3.09
C GLY S 43 85.78 39.61 -2.04
N SER S 44 86.10 38.38 -2.42
CA SER S 44 85.92 37.24 -1.53
C SER S 44 86.78 37.35 -0.32
N GLY S 45 88.08 37.61 -0.52
CA GLY S 45 89.04 37.68 0.62
C GLY S 45 88.67 38.82 1.53
N LEU S 46 88.23 39.92 0.93
CA LEU S 46 87.83 41.07 1.69
C LEU S 46 86.54 40.78 2.53
N TRP S 47 85.54 40.15 1.92
CA TRP S 47 84.29 39.75 2.60
C TRP S 47 84.59 38.85 3.79
N ILE S 48 85.41 37.85 3.56
CA ILE S 48 85.82 36.97 4.68
C ILE S 48 86.43 37.77 5.83
N ALA S 49 87.33 38.70 5.50
CA ALA S 49 88.05 39.49 6.52
C ALA S 49 87.10 40.33 7.32
N LEU S 50 86.22 41.02 6.60
CA LEU S 50 85.21 41.85 7.23
C LEU S 50 84.28 41.10 8.18
N VAL S 51 83.96 39.85 7.84
CA VAL S 51 83.15 39.00 8.72
C VAL S 51 83.96 38.80 9.99
N LEU S 52 85.22 38.41 9.86
CA LEU S 52 86.08 38.20 11.06
C LEU S 52 86.21 39.49 11.90
N VAL S 53 86.28 40.63 11.22
CA VAL S 53 86.40 41.92 11.91
C VAL S 53 85.13 42.25 12.69
N VAL S 54 83.97 42.22 12.00
CA VAL S 54 82.70 42.44 12.67
C VAL S 54 82.51 41.44 13.82
N GLY S 55 82.88 40.19 13.60
CA GLY S 55 82.78 39.18 14.66
C GLY S 55 83.60 39.45 15.90
N VAL S 56 84.81 39.94 15.70
CA VAL S 56 85.75 40.19 16.85
C VAL S 56 85.25 41.48 17.55
N LEU S 57 85.00 42.48 16.75
CA LEU S 57 84.51 43.77 17.25
C LEU S 57 83.15 43.69 18.00
N ASN S 58 82.33 42.71 17.61
CA ASN S 58 81.10 42.41 18.32
C ASN S 58 81.33 42.42 19.81
N PHE S 59 82.41 41.79 20.28
CA PHE S 59 82.62 41.65 21.73
C PHE S 59 83.09 42.93 22.46
N PHE S 60 83.39 43.98 21.72
CA PHE S 60 83.77 45.28 22.28
C PHE S 60 82.62 46.30 22.21
N VAL S 61 81.46 45.93 21.65
CA VAL S 61 80.28 46.80 21.61
C VAL S 61 78.97 46.17 22.20
N VAL S 62 79.10 44.91 22.62
CA VAL S 62 78.07 44.12 23.30
C VAL S 62 78.78 43.60 24.57
N ALA T 1 -29.94 6.11 -54.69
CA ALA T 1 -31.39 5.88 -54.38
C ALA T 1 -31.99 6.91 -53.38
N ASN T 2 -33.30 6.74 -53.14
CA ASN T 2 -34.11 7.18 -51.97
C ASN T 2 -33.36 7.11 -50.60
N LEU T 3 -33.46 8.14 -49.78
CA LEU T 3 -32.81 8.17 -48.45
C LEU T 3 -33.19 6.97 -47.51
N TRP T 4 -34.49 6.67 -47.44
CA TRP T 4 -35.00 5.48 -46.73
C TRP T 4 -34.39 4.13 -47.20
N GLU T 5 -34.30 3.95 -48.51
CA GLU T 5 -33.72 2.77 -49.13
C GLU T 5 -32.25 2.59 -48.78
N ARG T 6 -31.52 3.71 -48.75
CA ARG T 6 -30.10 3.72 -48.42
C ARG T 6 -29.90 3.36 -46.93
N PHE T 7 -30.76 3.91 -46.08
CA PHE T 7 -30.77 3.62 -44.68
C PHE T 7 -31.04 2.12 -44.42
N CYS T 8 -32.10 1.60 -45.04
CA CYS T 8 -32.40 0.16 -44.97
C CYS T 8 -31.24 -0.72 -45.43
N ASN T 9 -30.54 -0.33 -46.48
CA ASN T 9 -29.41 -1.11 -46.95
C ASN T 9 -28.26 -1.06 -45.99
N TRP T 10 -28.05 0.09 -45.39
CA TRP T 10 -27.01 0.20 -44.37
C TRP T 10 -27.40 -0.61 -43.08
N VAL T 11 -28.65 -0.49 -42.62
CA VAL T 11 -29.11 -1.20 -41.41
C VAL T 11 -28.88 -2.69 -41.61
N THR T 12 -29.26 -3.20 -42.78
CA THR T 12 -29.17 -4.63 -43.04
C THR T 12 -27.88 -5.04 -43.73
N SER T 13 -26.87 -4.18 -43.80
CA SER T 13 -25.71 -4.54 -44.61
C SER T 13 -24.95 -5.71 -43.95
N THR T 14 -24.52 -6.65 -44.76
CA THR T 14 -23.66 -7.79 -44.37
C THR T 14 -22.19 -7.38 -44.19
N ASP T 15 -21.88 -6.12 -44.43
CA ASP T 15 -20.48 -5.64 -44.43
C ASP T 15 -20.11 -4.71 -43.28
N ASN T 16 -21.08 -4.33 -42.45
CA ASN T 16 -20.73 -3.65 -41.19
C ASN T 16 -19.96 -4.63 -40.20
N ARG T 17 -18.92 -4.14 -39.57
CA ARG T 17 -18.05 -4.93 -38.66
C ARG T 17 -18.85 -5.63 -37.58
N LEU T 18 -19.84 -4.90 -37.05
CA LEU T 18 -20.92 -5.44 -36.22
C LEU T 18 -22.23 -5.26 -36.95
N TYR T 19 -22.99 -6.34 -37.06
CA TYR T 19 -24.24 -6.30 -37.77
C TYR T 19 -25.19 -5.47 -36.96
N VAL T 20 -25.97 -4.62 -37.66
CA VAL T 20 -27.02 -3.81 -37.00
C VAL T 20 -28.32 -4.57 -37.14
N GLY T 21 -29.01 -4.40 -38.28
CA GLY T 21 -30.28 -5.05 -38.48
C GLY T 21 -31.45 -4.33 -37.80
N TRP T 22 -32.67 -4.80 -38.09
CA TRP T 22 -33.83 -4.20 -37.49
C TRP T 22 -33.92 -4.62 -35.99
N PHE T 23 -33.67 -5.88 -35.65
CA PHE T 23 -33.56 -6.23 -34.21
C PHE T 23 -32.51 -5.35 -33.49
N GLY T 24 -31.43 -5.05 -34.20
CA GLY T 24 -30.41 -4.15 -33.74
C GLY T 24 -30.79 -2.74 -33.43
N VAL T 25 -31.76 -2.19 -34.16
CA VAL T 25 -32.21 -0.79 -33.94
C VAL T 25 -32.91 -0.64 -32.57
N ILE T 26 -33.54 -1.72 -32.09
CA ILE T 26 -34.07 -1.78 -30.73
C ILE T 26 -32.99 -2.24 -29.70
N MET T 27 -32.17 -3.20 -30.09
CA MET T 27 -31.13 -3.77 -29.20
C MET T 27 -30.10 -2.77 -28.72
N ILE T 28 -29.57 -2.01 -29.66
CA ILE T 28 -28.52 -1.06 -29.40
C ILE T 28 -28.88 0.02 -28.35
N PRO T 29 -29.99 0.76 -28.55
CA PRO T 29 -30.28 1.77 -27.54
C PRO T 29 -30.67 1.15 -26.14
N THR T 30 -31.37 0.02 -26.12
CA THR T 30 -31.85 -0.56 -24.90
C THR T 30 -30.70 -1.16 -24.10
N LEU T 31 -29.80 -1.89 -24.75
CA LEU T 31 -28.58 -2.37 -24.07
C LEU T 31 -27.65 -1.27 -23.59
N LEU T 32 -27.58 -0.18 -24.33
CA LEU T 32 -26.72 0.92 -23.92
C LEU T 32 -27.31 1.58 -22.69
N ALA T 33 -28.61 1.76 -22.67
CA ALA T 33 -29.26 2.38 -21.52
C ALA T 33 -29.12 1.47 -20.23
N ALA T 34 -29.36 0.19 -20.39
CA ALA T 34 -29.22 -0.79 -19.30
C ALA T 34 -27.82 -0.84 -18.78
N THR T 35 -26.87 -0.81 -19.70
CA THR T 35 -25.46 -0.83 -19.35
C THR T 35 -24.99 0.37 -18.59
N ILE T 36 -25.32 1.51 -19.13
CA ILE T 36 -24.96 2.76 -18.53
C ILE T 36 -25.62 2.91 -17.14
N CYS T 37 -26.91 2.65 -17.04
CA CYS T 37 -27.56 2.77 -15.78
C CYS T 37 -26.94 1.78 -14.76
N PHE T 38 -26.70 0.52 -15.17
CA PHE T 38 -26.08 -0.46 -14.33
C PHE T 38 -24.72 0.02 -13.80
N VAL T 39 -23.86 0.54 -14.68
CA VAL T 39 -22.48 0.87 -14.24
C VAL T 39 -22.53 2.01 -13.22
N ILE T 40 -23.35 3.05 -13.51
CA ILE T 40 -23.46 4.17 -12.57
C ILE T 40 -24.06 3.76 -11.24
N ALA T 41 -25.12 2.95 -11.29
CA ALA T 41 -25.75 2.43 -10.06
C ALA T 41 -24.79 1.58 -9.20
N PHE T 42 -24.08 0.69 -9.84
CA PHE T 42 -23.24 -0.25 -9.13
C PHE T 42 -22.16 0.52 -8.44
N ILE T 43 -21.64 1.55 -9.07
CA ILE T 43 -20.63 2.38 -8.39
C ILE T 43 -21.17 3.33 -7.31
N ALA T 44 -22.30 4.00 -7.59
CA ALA T 44 -22.70 5.18 -6.82
C ALA T 44 -24.11 5.27 -6.24
N ALA T 45 -24.96 4.30 -6.50
CA ALA T 45 -26.32 4.44 -6.04
C ALA T 45 -26.37 4.35 -4.52
N PRO T 46 -27.24 5.16 -3.88
CA PRO T 46 -27.43 5.02 -2.47
C PRO T 46 -28.23 3.81 -2.09
N PRO T 47 -28.39 3.58 -0.75
CA PRO T 47 -29.12 2.40 -0.33
C PRO T 47 -30.61 2.37 -0.73
N VAL T 48 -31.13 1.15 -0.98
CA VAL T 48 -32.45 0.95 -1.59
C VAL T 48 -33.31 0.17 -0.61
N ASP T 49 -34.54 0.63 -0.43
CA ASP T 49 -35.54 -0.08 0.41
C ASP T 49 -36.24 -1.24 -0.26
N ILE T 50 -35.47 -2.30 -0.47
CA ILE T 50 -35.94 -3.47 -1.22
C ILE T 50 -37.19 -4.09 -0.64
N ASP T 51 -37.23 -4.34 0.65
CA ASP T 51 -38.40 -5.02 1.24
C ASP T 51 -39.53 -4.10 1.69
N GLY T 52 -39.48 -2.84 1.31
CA GLY T 52 -40.59 -1.89 1.59
C GLY T 52 -40.88 -1.60 3.07
N ILE T 53 -39.88 -1.82 3.94
CA ILE T 53 -39.99 -1.73 5.38
C ILE T 53 -39.02 -0.67 5.88
N ARG T 54 -38.64 0.27 4.99
CA ARG T 54 -37.82 1.38 5.37
C ARG T 54 -36.53 0.88 6.04
N GLU T 55 -35.91 -0.11 5.40
CA GLU T 55 -34.69 -0.73 5.85
C GLU T 55 -33.79 -0.76 4.62
N PRO T 56 -33.14 0.34 4.31
CA PRO T 56 -32.47 0.34 2.98
C PRO T 56 -31.16 -0.44 2.94
N VAL T 57 -30.98 -1.23 1.89
CA VAL T 57 -29.83 -2.09 1.68
C VAL T 57 -28.86 -1.42 0.76
N SER T 58 -27.61 -1.35 1.21
CA SER T 58 -26.55 -0.67 0.43
C SER T 58 -26.01 -1.66 -0.63
N GLY T 59 -26.11 -1.27 -1.90
CA GLY T 59 -25.53 -2.06 -3.00
C GLY T 59 -24.28 -1.57 -3.72
N SER T 60 -23.97 -0.29 -3.63
CA SER T 60 -22.98 0.30 -4.50
C SER T 60 -21.60 0.35 -3.83
N LEU T 61 -20.57 0.41 -4.65
CA LEU T 61 -19.19 0.44 -4.20
C LEU T 61 -18.90 1.61 -3.29
N LEU T 62 -19.37 2.80 -3.67
CA LEU T 62 -19.06 4.03 -2.89
C LEU T 62 -19.74 4.05 -1.51
N TYR T 63 -20.82 3.28 -1.38
CA TYR T 63 -21.52 3.09 -0.11
C TYR T 63 -21.15 1.84 0.67
N GLY T 64 -19.90 1.40 0.55
CA GLY T 64 -19.36 0.38 1.43
C GLY T 64 -19.35 -1.04 0.89
N ASN T 65 -19.51 -1.25 -0.41
CA ASN T 65 -19.43 -2.66 -0.93
C ASN T 65 -18.10 -2.92 -1.63
N ASN T 66 -17.86 -4.21 -1.87
CA ASN T 66 -16.83 -4.57 -2.80
C ASN T 66 -17.47 -5.25 -4.00
N ILE T 67 -16.64 -5.81 -4.88
CA ILE T 67 -17.15 -6.46 -6.10
C ILE T 67 -18.07 -7.64 -5.75
N ILE T 68 -17.74 -8.35 -4.69
CA ILE T 68 -18.51 -9.56 -4.35
C ILE T 68 -19.83 -9.19 -3.66
N THR T 69 -19.82 -8.14 -2.84
CA THR T 69 -21.01 -7.84 -2.04
C THR T 69 -21.94 -6.85 -2.78
N GLY T 70 -21.40 -6.12 -3.74
CA GLY T 70 -22.15 -5.09 -4.47
C GLY T 70 -23.28 -5.60 -5.32
N ALA T 71 -24.28 -4.73 -5.52
CA ALA T 71 -25.38 -5.08 -6.37
C ALA T 71 -26.16 -3.81 -6.78
N VAL T 72 -26.93 -3.93 -7.84
CA VAL T 72 -28.10 -3.02 -8.01
C VAL T 72 -29.28 -3.70 -7.37
N VAL T 73 -29.83 -3.06 -6.34
CA VAL T 73 -30.85 -3.66 -5.50
C VAL T 73 -32.24 -3.59 -6.10
N PRO T 74 -33.00 -4.70 -6.10
CA PRO T 74 -34.38 -4.70 -6.55
C PRO T 74 -35.32 -3.67 -5.96
N SER T 75 -36.35 -3.30 -6.74
CA SER T 75 -37.25 -2.23 -6.34
C SER T 75 -38.16 -2.64 -5.17
N SER T 76 -38.64 -1.63 -4.45
CA SER T 76 -39.33 -1.77 -3.18
C SER T 76 -40.53 -2.68 -3.27
N ASN T 77 -40.70 -3.52 -2.26
CA ASN T 77 -41.94 -4.26 -2.14
C ASN T 77 -43.23 -3.38 -2.07
N ALA T 78 -43.14 -2.14 -1.62
CA ALA T 78 -44.30 -1.22 -1.62
C ALA T 78 -44.82 -0.93 -3.04
N ILE T 79 -43.90 -1.01 -4.02
CA ILE T 79 -44.17 -0.89 -5.44
C ILE T 79 -44.86 -2.14 -5.97
N GLY T 80 -44.37 -3.27 -5.56
CA GLY T 80 -44.89 -4.51 -6.11
C GLY T 80 -44.56 -4.63 -7.60
N LEU T 81 -45.57 -4.93 -8.41
CA LEU T 81 -45.47 -4.98 -9.85
C LEU T 81 -45.84 -3.67 -10.54
N HIS T 82 -46.01 -2.60 -9.78
CA HIS T 82 -46.29 -1.32 -10.44
C HIS T 82 -45.14 -0.87 -11.26
N PHE T 83 -45.45 -0.20 -12.36
CA PHE T 83 -44.44 0.35 -13.24
C PHE T 83 -43.89 1.63 -12.60
N TYR T 84 -42.58 1.70 -12.44
CA TYR T 84 -41.95 2.79 -11.72
C TYR T 84 -40.83 3.44 -12.55
N PRO T 85 -41.18 4.09 -13.66
CA PRO T 85 -40.18 4.85 -14.40
C PRO T 85 -39.73 6.08 -13.63
N ILE T 86 -38.69 6.75 -14.11
CA ILE T 86 -38.18 7.90 -13.46
C ILE T 86 -39.32 8.95 -13.28
N TRP T 87 -40.14 9.10 -14.29
CA TRP T 87 -41.14 10.24 -14.28
C TRP T 87 -42.30 9.97 -13.33
N GLU T 88 -42.41 8.75 -12.78
CA GLU T 88 -43.38 8.49 -11.70
C GLU T 88 -42.92 9.04 -10.34
N ALA T 89 -41.62 9.31 -10.18
CA ALA T 89 -41.08 9.71 -8.90
C ALA T 89 -41.17 11.21 -8.79
N ALA T 90 -41.31 11.71 -7.56
CA ALA T 90 -41.30 13.16 -7.35
C ALA T 90 -39.90 13.75 -7.50
N SER T 91 -38.86 12.89 -7.41
CA SER T 91 -37.49 13.32 -7.51
C SER T 91 -36.58 12.10 -7.78
N LEU T 92 -35.41 12.39 -8.29
CA LEU T 92 -34.39 11.39 -8.42
C LEU T 92 -34.06 10.78 -7.07
N ASP T 93 -34.09 11.58 -5.99
CA ASP T 93 -33.84 11.06 -4.64
C ASP T 93 -34.83 10.03 -4.21
N GLU T 94 -36.10 10.28 -4.53
CA GLU T 94 -37.11 9.25 -4.27
C GLU T 94 -36.86 7.99 -5.09
N TRP T 95 -36.61 8.20 -6.38
CA TRP T 95 -36.50 7.15 -7.34
C TRP T 95 -35.39 6.17 -6.88
N LEU T 96 -34.26 6.73 -6.47
CA LEU T 96 -33.15 5.99 -5.91
C LEU T 96 -33.46 5.24 -4.62
N TYR T 97 -34.12 5.90 -3.66
CA TYR T 97 -34.55 5.21 -2.43
C TYR T 97 -35.36 3.98 -2.69
N ASN T 98 -36.24 4.08 -3.70
CA ASN T 98 -37.24 3.04 -3.96
C ASN T 98 -36.80 1.94 -4.96
N GLY T 99 -35.59 2.04 -5.47
CA GLY T 99 -35.01 1.03 -6.35
C GLY T 99 -35.40 1.20 -7.81
N GLY T 100 -35.63 2.43 -8.24
CA GLY T 100 -35.91 2.71 -9.63
C GLY T 100 -34.86 2.19 -10.63
N PRO T 101 -33.55 2.31 -10.32
CA PRO T 101 -32.65 1.82 -11.31
C PRO T 101 -32.88 0.36 -11.71
N TYR T 102 -33.31 -0.49 -10.78
CA TYR T 102 -33.38 -1.98 -11.04
C TYR T 102 -34.37 -2.19 -12.15
N GLN T 103 -35.53 -1.55 -12.04
CA GLN T 103 -36.55 -1.67 -13.07
C GLN T 103 -36.06 -1.14 -14.45
N LEU T 104 -35.38 -0.02 -14.49
CA LEU T 104 -34.94 0.56 -15.73
C LEU T 104 -33.95 -0.45 -16.35
N ILE T 105 -33.01 -0.95 -15.56
CA ILE T 105 -32.04 -1.90 -16.05
C ILE T 105 -32.68 -3.17 -16.53
N ILE T 106 -33.53 -3.80 -15.73
CA ILE T 106 -33.96 -5.14 -16.14
C ILE T 106 -34.92 -5.04 -17.33
N PHE T 107 -35.75 -4.01 -17.40
CA PHE T 107 -36.68 -3.95 -18.54
C PHE T 107 -35.92 -3.65 -19.85
N HIS T 108 -34.94 -2.77 -19.80
CA HIS T 108 -34.19 -2.50 -21.01
C HIS T 108 -33.36 -3.75 -21.38
N PHE T 109 -32.76 -4.40 -20.38
CA PHE T 109 -31.95 -5.60 -20.64
C PHE T 109 -32.78 -6.69 -21.28
N LEU T 110 -33.91 -7.07 -20.68
CA LEU T 110 -34.74 -8.14 -21.30
C LEU T 110 -35.22 -7.82 -22.74
N LEU T 111 -35.54 -6.54 -22.97
CA LEU T 111 -35.91 -6.12 -24.31
C LEU T 111 -34.70 -6.27 -25.27
N GLY T 112 -33.56 -5.80 -24.82
CA GLY T 112 -32.41 -5.80 -25.64
C GLY T 112 -31.93 -7.20 -25.89
N ALA T 113 -32.05 -8.10 -24.89
CA ALA T 113 -31.52 -9.46 -25.07
C ALA T 113 -32.43 -10.26 -25.99
N SER T 114 -33.72 -10.00 -25.89
CA SER T 114 -34.73 -10.55 -26.81
C SER T 114 -34.44 -10.16 -28.27
N CYS T 115 -34.11 -8.90 -28.50
CA CYS T 115 -33.62 -8.45 -29.78
C CYS T 115 -32.23 -9.05 -30.17
N TYR T 116 -31.35 -9.28 -29.20
CA TYR T 116 -30.07 -10.06 -29.50
C TYR T 116 -30.44 -11.36 -30.12
N MET T 117 -31.47 -12.02 -29.60
CA MET T 117 -31.86 -13.34 -30.08
C MET T 117 -32.38 -13.25 -31.55
N GLY T 118 -33.26 -12.29 -31.79
CA GLY T 118 -33.76 -12.04 -33.13
C GLY T 118 -32.68 -11.67 -34.11
N ARG T 119 -31.77 -10.81 -33.66
CA ARG T 119 -30.61 -10.41 -34.44
C ARG T 119 -29.80 -11.64 -34.89
N GLN T 120 -29.75 -12.66 -34.05
CA GLN T 120 -29.06 -13.90 -34.44
C GLN T 120 -29.81 -14.61 -35.56
N TRP T 121 -31.17 -14.66 -35.50
CA TRP T 121 -31.96 -15.17 -36.64
C TRP T 121 -31.61 -14.31 -37.88
N GLU T 122 -31.72 -13.00 -37.71
CA GLU T 122 -31.61 -12.04 -38.81
C GLU T 122 -30.26 -12.16 -39.56
N LEU T 123 -29.12 -12.14 -38.86
CA LEU T 123 -27.84 -12.21 -39.58
C LEU T 123 -27.71 -13.59 -40.25
N SER T 124 -28.24 -14.62 -39.62
CA SER T 124 -28.16 -15.94 -40.25
C SER T 124 -28.93 -15.90 -41.63
N TYR T 125 -30.04 -15.15 -41.73
CA TYR T 125 -30.83 -15.13 -42.97
C TYR T 125 -29.99 -14.38 -44.01
N ARG T 126 -29.32 -13.30 -43.59
CA ARG T 126 -28.54 -12.51 -44.51
C ARG T 126 -27.34 -13.29 -45.03
N LEU T 127 -26.76 -14.17 -44.21
CA LEU T 127 -25.53 -14.90 -44.63
C LEU T 127 -25.80 -16.18 -45.37
N GLY T 128 -27.08 -16.51 -45.55
CA GLY T 128 -27.47 -17.82 -46.09
C GLY T 128 -27.14 -19.04 -45.24
N MET T 129 -27.27 -18.89 -43.91
CA MET T 129 -27.06 -19.96 -42.95
C MET T 129 -28.36 -20.58 -42.58
N ARG T 130 -28.28 -21.73 -41.95
CA ARG T 130 -29.44 -22.30 -41.29
C ARG T 130 -29.73 -21.43 -40.03
N PRO T 131 -30.99 -21.46 -39.53
CA PRO T 131 -31.52 -20.37 -38.71
C PRO T 131 -31.50 -20.56 -37.19
N TRP T 132 -31.05 -21.70 -36.70
CA TRP T 132 -31.36 -22.08 -35.32
C TRP T 132 -30.32 -21.81 -34.15
N ILE T 133 -29.23 -21.13 -34.41
CA ILE T 133 -28.40 -20.60 -33.36
C ILE T 133 -29.25 -19.82 -32.35
N CYS T 134 -30.19 -19.00 -32.84
CA CYS T 134 -31.08 -18.23 -31.94
C CYS T 134 -31.90 -19.12 -31.01
N VAL T 135 -32.17 -20.35 -31.43
CA VAL T 135 -32.90 -21.32 -30.61
C VAL T 135 -32.06 -21.81 -29.45
N ALA T 136 -30.77 -21.98 -29.68
CA ALA T 136 -29.86 -22.32 -28.60
C ALA T 136 -29.80 -21.18 -27.59
N TYR T 137 -29.75 -19.93 -28.06
CA TYR T 137 -29.62 -18.78 -27.19
C TYR T 137 -30.90 -18.62 -26.35
N SER T 138 -32.00 -19.20 -26.81
CA SER T 138 -33.28 -19.03 -26.11
C SER T 138 -33.23 -19.68 -24.74
N ALA T 139 -32.28 -20.60 -24.53
CA ALA T 139 -32.19 -21.25 -23.24
C ALA T 139 -31.69 -20.28 -22.13
N PRO T 140 -30.49 -19.66 -22.26
CA PRO T 140 -30.10 -18.67 -21.27
C PRO T 140 -31.10 -17.49 -21.24
N LEU T 141 -31.55 -17.07 -22.38
CA LEU T 141 -32.53 -15.93 -22.43
C LEU T 141 -33.77 -16.25 -21.57
N ALA T 142 -34.30 -17.45 -21.75
CA ALA T 142 -35.47 -17.88 -20.95
C ALA T 142 -35.18 -17.84 -19.46
N SER T 143 -33.99 -18.33 -19.08
CA SER T 143 -33.51 -18.29 -17.73
C SER T 143 -33.46 -16.83 -17.18
N ALA T 144 -32.99 -15.86 -17.99
CA ALA T 144 -32.91 -14.50 -17.52
C ALA T 144 -34.36 -13.98 -17.31
N PHE T 145 -35.28 -14.27 -18.24
CA PHE T 145 -36.71 -13.87 -18.07
C PHE T 145 -37.29 -14.48 -16.78
N ALA T 146 -36.93 -15.71 -16.49
CA ALA T 146 -37.48 -16.39 -15.32
C ALA T 146 -37.14 -15.62 -14.04
N VAL T 147 -35.87 -15.27 -13.85
CA VAL T 147 -35.44 -14.70 -12.59
C VAL T 147 -35.74 -13.20 -12.49
N PHE T 148 -35.83 -12.51 -13.61
CA PHE T 148 -36.02 -11.07 -13.58
C PHE T 148 -37.45 -10.65 -13.79
N LEU T 149 -38.27 -11.50 -14.41
CA LEU T 149 -39.68 -11.12 -14.76
C LEU T 149 -40.73 -12.11 -14.31
N ILE T 150 -40.56 -13.40 -14.63
CA ILE T 150 -41.67 -14.31 -14.37
C ILE T 150 -41.82 -14.52 -12.83
N TYR T 151 -40.69 -14.70 -12.12
CA TYR T 151 -40.73 -14.98 -10.69
C TYR T 151 -41.37 -13.78 -9.95
N PRO T 152 -40.95 -12.53 -10.26
CA PRO T 152 -41.65 -11.41 -9.74
C PRO T 152 -43.18 -11.43 -10.06
N ILE T 153 -43.58 -11.74 -11.29
CA ILE T 153 -45.02 -11.70 -11.64
C ILE T 153 -45.77 -12.66 -10.72
N GLY T 154 -45.28 -13.89 -10.63
CA GLY T 154 -45.90 -14.86 -9.79
C GLY T 154 -45.99 -14.55 -8.31
N GLN T 155 -44.95 -13.93 -7.78
CA GLN T 155 -44.90 -13.65 -6.38
C GLN T 155 -45.53 -12.28 -6.10
N GLY T 156 -45.78 -11.52 -7.14
CA GLY T 156 -46.41 -10.19 -7.00
C GLY T 156 -45.48 -9.01 -6.75
N SER T 157 -44.17 -9.18 -6.98
CA SER T 157 -43.24 -8.07 -6.70
C SER T 157 -41.89 -8.20 -7.38
N PHE T 158 -41.45 -7.11 -7.99
CA PHE T 158 -40.06 -7.00 -8.43
C PHE T 158 -39.04 -7.05 -7.29
N SER T 159 -39.44 -6.85 -6.04
CA SER T 159 -38.51 -7.01 -4.89
C SER T 159 -38.07 -8.44 -4.71
N ASP T 160 -38.80 -9.35 -5.33
CA ASP T 160 -38.42 -10.76 -5.37
C ASP T 160 -37.70 -11.19 -6.67
N GLY T 161 -37.43 -10.25 -7.58
CA GLY T 161 -36.52 -10.49 -8.72
C GLY T 161 -35.09 -10.77 -8.25
N MET T 162 -34.27 -11.51 -9.04
CA MET T 162 -32.90 -11.70 -8.66
C MET T 162 -32.17 -10.35 -8.63
N PRO T 163 -31.39 -10.09 -7.55
CA PRO T 163 -30.61 -8.84 -7.60
C PRO T 163 -29.51 -8.86 -8.65
N LEU T 164 -29.03 -7.69 -9.04
CA LEU T 164 -27.99 -7.59 -10.04
C LEU T 164 -26.68 -7.48 -9.33
N GLY T 165 -26.25 -8.61 -8.74
CA GLY T 165 -24.97 -8.64 -8.07
C GLY T 165 -24.64 -10.06 -7.56
N ILE T 166 -23.39 -10.23 -7.22
CA ILE T 166 -22.86 -11.59 -6.87
C ILE T 166 -23.47 -12.12 -5.59
N SER T 167 -23.37 -11.35 -4.49
CA SER T 167 -23.91 -11.84 -3.22
C SER T 167 -25.46 -11.79 -3.29
N GLY T 168 -26.02 -10.84 -4.04
CA GLY T 168 -27.50 -10.82 -4.19
C GLY T 168 -28.05 -12.04 -4.91
N THR T 169 -27.30 -12.57 -5.86
CA THR T 169 -27.66 -13.80 -6.50
C THR T 169 -27.74 -14.98 -5.46
N PHE T 170 -26.74 -15.07 -4.58
CA PHE T 170 -26.67 -16.20 -3.64
C PHE T 170 -27.85 -16.04 -2.63
N ASN T 171 -28.17 -14.79 -2.28
CA ASN T 171 -29.34 -14.52 -1.45
C ASN T 171 -30.58 -15.05 -2.09
N PHE T 172 -30.75 -14.76 -3.38
CA PHE T 172 -31.96 -15.18 -4.13
C PHE T 172 -32.04 -16.69 -4.13
N MET T 173 -30.90 -17.33 -4.37
CA MET T 173 -30.86 -18.78 -4.44
C MET T 173 -31.26 -19.40 -3.10
N ILE T 174 -30.73 -18.89 -2.00
CA ILE T 174 -30.98 -19.50 -0.64
C ILE T 174 -32.50 -19.33 -0.23
N VAL T 175 -33.01 -18.13 -0.41
CA VAL T 175 -34.45 -17.89 -0.14
C VAL T 175 -35.27 -18.82 -1.05
N PHE T 176 -34.88 -18.94 -2.31
CA PHE T 176 -35.64 -19.81 -3.25
C PHE T 176 -35.70 -21.23 -2.75
N GLN T 177 -34.60 -21.72 -2.23
CA GLN T 177 -34.58 -23.06 -1.67
C GLN T 177 -35.52 -23.20 -0.45
N ALA T 178 -35.49 -22.20 0.42
CA ALA T 178 -36.37 -22.15 1.58
C ALA T 178 -37.84 -22.22 1.22
N GLU T 179 -38.21 -21.52 0.15
CA GLU T 179 -39.61 -21.28 -0.21
C GLU T 179 -40.17 -22.30 -1.24
N HIS T 180 -39.30 -22.99 -1.95
CA HIS T 180 -39.70 -23.87 -3.06
C HIS T 180 -39.04 -25.25 -3.08
N ASN T 181 -38.05 -25.47 -2.19
CA ASN T 181 -37.29 -26.71 -2.18
C ASN T 181 -36.78 -27.07 -3.59
N ILE T 182 -36.17 -26.07 -4.24
CA ILE T 182 -35.78 -26.20 -5.65
C ILE T 182 -34.88 -27.42 -5.87
N LEU T 183 -34.02 -27.75 -4.92
CA LEU T 183 -33.17 -28.88 -5.12
C LEU T 183 -33.97 -30.16 -5.39
N MET T 184 -35.18 -30.26 -4.77
CA MET T 184 -35.99 -31.46 -4.91
C MET T 184 -36.98 -31.35 -6.07
N HIS T 185 -36.79 -30.35 -6.92
CA HIS T 185 -37.69 -30.16 -8.10
C HIS T 185 -37.03 -30.80 -9.35
N PRO T 186 -37.73 -31.69 -10.05
CA PRO T 186 -37.03 -32.40 -11.14
C PRO T 186 -36.54 -31.52 -12.27
N PHE T 187 -37.19 -30.38 -12.55
CA PHE T 187 -36.72 -29.50 -13.56
C PHE T 187 -35.37 -28.82 -13.22
N HIS T 188 -35.13 -28.48 -11.95
CA HIS T 188 -33.80 -28.02 -11.54
C HIS T 188 -32.83 -29.16 -11.65
N GLN T 189 -33.32 -30.37 -11.35
CA GLN T 189 -32.43 -31.59 -11.47
C GLN T 189 -32.00 -31.82 -12.95
N LEU T 190 -32.93 -31.56 -13.88
CA LEU T 190 -32.67 -31.58 -15.31
C LEU T 190 -31.66 -30.48 -15.71
N GLY T 191 -31.79 -29.32 -15.08
CA GLY T 191 -30.85 -28.24 -15.22
C GLY T 191 -29.44 -28.66 -14.86
N VAL T 192 -29.28 -29.31 -13.71
CA VAL T 192 -27.94 -29.68 -13.26
C VAL T 192 -27.39 -30.72 -14.26
N ALA T 193 -28.20 -31.70 -14.66
CA ALA T 193 -27.73 -32.72 -15.63
C ALA T 193 -27.37 -32.00 -16.95
N GLY T 194 -28.14 -30.97 -17.30
CA GLY T 194 -27.78 -30.18 -18.44
C GLY T 194 -26.44 -29.45 -18.41
N VAL T 195 -26.12 -28.80 -17.27
CA VAL T 195 -24.85 -28.08 -17.15
C VAL T 195 -23.64 -28.93 -16.79
N PHE T 196 -23.81 -29.84 -15.88
CA PHE T 196 -22.79 -30.84 -15.60
C PHE T 196 -22.51 -31.67 -16.85
N GLY T 197 -23.59 -32.17 -17.49
CA GLY T 197 -23.44 -32.84 -18.77
C GLY T 197 -22.87 -31.98 -19.90
N GLY T 198 -23.34 -30.75 -20.05
CA GLY T 198 -22.69 -29.82 -21.03
C GLY T 198 -21.15 -29.68 -20.78
N ALA T 199 -20.74 -29.56 -19.52
CA ALA T 199 -19.33 -29.39 -19.18
C ALA T 199 -18.57 -30.65 -19.52
N LEU T 200 -19.16 -31.78 -19.17
CA LEU T 200 -18.56 -33.11 -19.43
C LEU T 200 -18.41 -33.31 -20.91
N PHE T 201 -19.47 -33.06 -21.69
CA PHE T 201 -19.34 -33.25 -23.13
C PHE T 201 -18.42 -32.23 -23.84
N CYS T 202 -18.39 -31.01 -23.33
CA CYS T 202 -17.45 -29.98 -23.74
C CYS T 202 -16.03 -30.47 -23.58
N ALA T 203 -15.70 -31.01 -22.43
CA ALA T 203 -14.32 -31.48 -22.20
C ALA T 203 -14.01 -32.71 -23.07
N MET T 204 -15.00 -33.58 -23.19
CA MET T 204 -14.90 -34.82 -23.96
C MET T 204 -14.63 -34.53 -25.44
N HIS T 205 -15.47 -33.68 -26.03
CA HIS T 205 -15.32 -33.34 -27.42
C HIS T 205 -13.98 -32.63 -27.71
N GLY T 206 -13.68 -31.62 -26.91
CA GLY T 206 -12.45 -30.92 -27.00
C GLY T 206 -11.29 -31.94 -26.94
N SER T 207 -11.35 -32.83 -25.99
CA SER T 207 -10.20 -33.76 -25.77
C SER T 207 -10.14 -34.76 -26.92
N LEU T 208 -11.30 -35.15 -27.50
CA LEU T 208 -11.28 -36.20 -28.53
C LEU T 208 -10.75 -35.68 -29.83
N VAL T 209 -11.22 -34.51 -30.20
CA VAL T 209 -10.71 -33.84 -31.42
C VAL T 209 -9.24 -33.48 -31.29
N THR T 210 -8.86 -32.94 -30.14
CA THR T 210 -7.46 -32.62 -29.86
C THR T 210 -6.58 -33.90 -29.88
N SER T 211 -7.13 -35.02 -29.44
N SER T 211 -7.11 -35.01 -29.39
CA SER T 211 -6.37 -36.30 -29.42
CA SER T 211 -6.33 -36.26 -29.38
C SER T 211 -5.97 -36.78 -30.81
C SER T 211 -5.95 -36.74 -30.80
N SER T 212 -6.73 -36.34 -31.81
CA SER T 212 -6.73 -36.88 -33.15
C SER T 212 -6.28 -35.89 -34.18
N LEU T 213 -5.61 -34.82 -33.74
CA LEU T 213 -5.09 -33.81 -34.69
C LEU T 213 -4.03 -34.44 -35.60
N ILE T 214 -4.14 -34.16 -36.89
CA ILE T 214 -3.14 -34.65 -37.87
C ILE T 214 -1.81 -33.89 -37.69
N ARG T 215 -0.71 -34.64 -37.58
CA ARG T 215 0.66 -34.09 -37.49
C ARG T 215 0.96 -33.16 -38.68
N GLU T 216 1.14 -31.87 -38.39
CA GLU T 216 1.38 -30.82 -39.40
C GLU T 216 2.44 -29.79 -38.95
N THR T 217 3.13 -30.07 -37.83
CA THR T 217 3.93 -29.08 -37.13
C THR T 217 5.08 -29.85 -36.47
N THR T 218 6.15 -29.14 -36.16
CA THR T 218 7.32 -29.72 -35.44
C THR T 218 7.11 -29.58 -33.95
N GLU T 219 8.00 -30.18 -33.13
CA GLU T 219 7.91 -30.12 -31.62
C GLU T 219 8.09 -28.69 -30.98
N THR T 220 8.79 -27.80 -31.70
CA THR T 220 9.03 -26.45 -31.21
C THR T 220 7.95 -25.41 -31.68
N GLU T 221 6.76 -25.87 -32.08
N GLU T 221 6.76 -25.90 -32.07
CA GLU T 221 5.70 -24.98 -32.50
CA GLU T 221 5.67 -25.06 -32.59
C GLU T 221 4.35 -25.51 -31.98
C GLU T 221 4.34 -25.53 -31.98
N SER T 222 3.44 -24.58 -31.67
CA SER T 222 2.12 -24.95 -31.24
C SER T 222 1.55 -25.75 -32.41
N ALA T 223 0.92 -26.89 -32.08
CA ALA T 223 0.10 -27.64 -33.03
C ALA T 223 -1.02 -26.82 -33.68
N ASN T 224 -1.44 -25.71 -33.05
CA ASN T 224 -2.50 -24.85 -33.65
C ASN T 224 -2.13 -24.22 -35.00
N TYR T 225 -0.83 -24.02 -35.22
CA TYR T 225 -0.33 -23.59 -36.55
C TYR T 225 -0.61 -24.62 -37.66
N GLY T 226 -0.89 -25.87 -37.26
CA GLY T 226 -1.24 -26.93 -38.22
C GLY T 226 -2.59 -26.78 -38.89
N TYR T 227 -3.41 -25.81 -38.46
CA TYR T 227 -4.74 -25.53 -39.08
C TYR T 227 -4.69 -24.11 -39.60
N LYS T 228 -5.17 -23.88 -40.83
CA LYS T 228 -5.16 -22.57 -41.45
C LYS T 228 -6.61 -22.24 -41.68
N PHE T 229 -7.00 -21.04 -41.24
CA PHE T 229 -8.34 -20.57 -41.33
C PHE T 229 -8.86 -20.70 -42.78
N GLY T 230 -9.97 -21.41 -42.93
CA GLY T 230 -10.62 -21.60 -44.23
C GLY T 230 -10.14 -22.80 -45.02
N GLN T 231 -9.14 -23.55 -44.55
CA GLN T 231 -8.66 -24.73 -45.29
C GLN T 231 -9.84 -25.68 -45.54
N GLU T 232 -9.79 -26.39 -46.66
CA GLU T 232 -10.94 -27.25 -47.08
C GLU T 232 -10.94 -28.58 -46.32
N GLU T 233 -9.74 -29.12 -46.02
CA GLU T 233 -9.58 -30.45 -45.39
C GLU T 233 -9.78 -30.39 -43.86
N GLU T 234 -10.44 -31.40 -43.30
CA GLU T 234 -10.56 -31.53 -41.85
C GLU T 234 -9.13 -31.64 -41.23
N THR T 235 -9.00 -31.20 -39.98
CA THR T 235 -7.68 -31.02 -39.33
C THR T 235 -7.39 -32.15 -38.36
N TYR T 236 -8.40 -33.00 -38.13
CA TYR T 236 -8.30 -34.20 -37.27
C TYR T 236 -8.93 -35.41 -38.00
N ASN T 237 -8.59 -36.58 -37.50
CA ASN T 237 -9.04 -37.87 -38.03
C ASN T 237 -10.19 -38.39 -37.14
N ILE T 238 -11.43 -38.12 -37.53
CA ILE T 238 -12.62 -38.54 -36.75
C ILE T 238 -12.72 -40.08 -36.62
N VAL T 239 -12.17 -40.81 -37.60
CA VAL T 239 -12.17 -42.26 -37.55
C VAL T 239 -11.22 -42.76 -36.45
N ALA T 240 -10.07 -42.12 -36.30
CA ALA T 240 -9.17 -42.41 -35.15
C ALA T 240 -9.87 -42.04 -33.81
N ALA T 241 -10.52 -40.87 -33.78
CA ALA T 241 -11.25 -40.41 -32.56
C ALA T 241 -12.32 -41.43 -32.17
N HIS T 242 -13.14 -41.83 -33.15
CA HIS T 242 -14.19 -42.83 -32.95
C HIS T 242 -13.57 -44.20 -32.50
N GLY T 243 -12.50 -44.62 -33.17
CA GLY T 243 -11.77 -45.88 -32.82
C GLY T 243 -11.34 -45.87 -31.36
N TYR T 244 -10.90 -44.69 -30.88
CA TYR T 244 -10.57 -44.51 -29.47
C TYR T 244 -11.87 -44.62 -28.60
N PHE T 245 -12.86 -43.76 -28.84
CA PHE T 245 -13.93 -43.60 -27.85
C PHE T 245 -14.84 -44.85 -27.84
N GLY T 246 -15.06 -45.40 -29.04
CA GLY T 246 -15.74 -46.68 -29.20
C GLY T 246 -15.07 -47.84 -28.45
N ARG T 247 -13.75 -47.83 -28.30
CA ARG T 247 -13.11 -48.83 -27.41
C ARG T 247 -13.18 -48.45 -25.91
N LEU T 248 -13.20 -47.14 -25.61
CA LEU T 248 -13.29 -46.64 -24.23
C LEU T 248 -14.55 -47.15 -23.56
N ILE T 249 -15.66 -47.00 -24.27
CA ILE T 249 -16.96 -47.49 -23.80
C ILE T 249 -17.30 -48.79 -24.57
N PHE T 250 -18.08 -48.69 -25.63
CA PHE T 250 -18.14 -49.74 -26.67
C PHE T 250 -18.53 -49.00 -27.95
N GLN T 251 -18.39 -49.69 -29.08
CA GLN T 251 -18.43 -49.08 -30.41
C GLN T 251 -19.65 -48.19 -30.65
N TYR T 252 -20.83 -48.70 -30.28
CA TYR T 252 -22.11 -48.06 -30.59
C TYR T 252 -22.45 -46.90 -29.61
N ALA T 253 -21.65 -46.77 -28.54
CA ALA T 253 -21.75 -45.61 -27.64
C ALA T 253 -21.01 -44.41 -28.20
N SER T 254 -20.23 -44.60 -29.28
CA SER T 254 -19.47 -43.51 -29.88
C SER T 254 -20.11 -43.02 -31.18
N PHE T 255 -19.98 -41.73 -31.44
CA PHE T 255 -20.44 -41.11 -32.70
C PHE T 255 -19.33 -41.17 -33.76
N ASN T 256 -19.64 -41.68 -34.94
CA ASN T 256 -18.75 -41.50 -36.12
C ASN T 256 -19.28 -40.43 -37.11
N ASN T 257 -20.51 -39.95 -36.87
CA ASN T 257 -21.13 -38.94 -37.68
C ASN T 257 -21.08 -37.59 -36.95
N SER T 258 -20.28 -36.69 -37.52
CA SER T 258 -20.02 -35.38 -36.94
C SER T 258 -21.31 -34.53 -36.82
N ARG T 259 -22.23 -34.70 -37.74
CA ARG T 259 -23.46 -33.89 -37.70
C ARG T 259 -24.33 -34.35 -36.53
N SER T 260 -24.55 -35.64 -36.39
CA SER T 260 -25.20 -36.20 -35.21
C SER T 260 -24.53 -35.81 -33.87
N LEU T 261 -23.20 -35.88 -33.81
CA LEU T 261 -22.46 -35.49 -32.65
C LEU T 261 -22.79 -34.03 -32.28
N HIS T 262 -22.68 -33.13 -33.27
CA HIS T 262 -22.74 -31.74 -32.99
C HIS T 262 -24.17 -31.31 -32.64
N PHE T 263 -25.15 -32.05 -33.16
CA PHE T 263 -26.54 -31.88 -32.77
C PHE T 263 -26.68 -32.25 -31.27
N PHE T 264 -26.08 -33.36 -30.87
CA PHE T 264 -26.17 -33.79 -29.51
C PHE T 264 -25.57 -32.70 -28.58
N LEU T 265 -24.43 -32.15 -28.96
CA LEU T 265 -23.72 -31.15 -28.16
C LEU T 265 -24.60 -29.93 -28.00
N ALA T 266 -25.32 -29.55 -29.04
CA ALA T 266 -26.31 -28.51 -28.94
C ALA T 266 -27.47 -28.84 -27.99
N ALA T 267 -28.05 -30.02 -28.20
CA ALA T 267 -29.31 -30.35 -27.62
C ALA T 267 -29.24 -30.58 -26.14
N TRP T 268 -28.21 -31.30 -25.68
CA TRP T 268 -28.19 -31.71 -24.33
C TRP T 268 -28.27 -30.49 -23.35
N PRO T 269 -27.36 -29.51 -23.48
CA PRO T 269 -27.41 -28.39 -22.53
C PRO T 269 -28.60 -27.43 -22.79
N VAL T 270 -28.98 -27.27 -24.04
CA VAL T 270 -30.09 -26.37 -24.36
C VAL T 270 -31.35 -26.93 -23.70
N VAL T 271 -31.66 -28.20 -23.91
CA VAL T 271 -32.83 -28.81 -23.33
C VAL T 271 -32.82 -28.77 -21.78
N GLY T 272 -31.71 -29.17 -21.16
CA GLY T 272 -31.61 -29.15 -19.73
C GLY T 272 -31.80 -27.73 -19.17
N VAL T 273 -31.25 -26.71 -19.85
CA VAL T 273 -31.43 -25.33 -19.45
C VAL T 273 -32.86 -24.80 -19.70
N TRP T 274 -33.51 -25.25 -20.77
CA TRP T 274 -34.96 -24.93 -20.97
C TRP T 274 -35.74 -25.45 -19.75
N PHE T 275 -35.40 -26.65 -19.29
CA PHE T 275 -36.08 -27.19 -18.15
C PHE T 275 -35.85 -26.40 -16.88
N THR T 276 -34.61 -26.01 -16.63
CA THR T 276 -34.32 -25.26 -15.40
C THR T 276 -34.97 -23.90 -15.44
N ALA T 277 -35.03 -23.30 -16.62
CA ALA T 277 -35.75 -22.04 -16.78
C ALA T 277 -37.23 -22.20 -16.45
N LEU T 278 -37.76 -23.32 -16.83
CA LEU T 278 -39.16 -23.61 -16.56
C LEU T 278 -39.34 -24.04 -15.09
N GLY T 279 -38.30 -24.65 -14.44
CA GLY T 279 -38.35 -24.84 -12.97
C GLY T 279 -38.61 -23.47 -12.25
N ILE T 280 -37.80 -22.47 -12.54
CA ILE T 280 -37.97 -21.25 -11.86
C ILE T 280 -39.36 -20.67 -12.27
N SER T 281 -39.67 -20.74 -13.56
CA SER T 281 -40.95 -20.12 -14.05
C SER T 281 -42.25 -20.83 -13.52
N THR T 282 -42.14 -22.07 -13.07
CA THR T 282 -43.27 -22.78 -12.51
C THR T 282 -43.32 -22.73 -10.98
N MET T 283 -42.14 -22.71 -10.35
CA MET T 283 -42.05 -22.39 -8.93
C MET T 283 -42.51 -20.94 -8.72
N ALA T 284 -42.49 -20.14 -9.77
CA ALA T 284 -43.06 -18.79 -9.71
C ALA T 284 -44.51 -18.80 -9.28
N PHE T 285 -45.22 -19.86 -9.63
CA PHE T 285 -46.61 -20.02 -9.29
C PHE T 285 -46.76 -21.11 -8.25
N ASN T 286 -45.68 -21.34 -7.52
CA ASN T 286 -45.66 -22.08 -6.27
C ASN T 286 -46.02 -23.54 -6.41
N LEU T 287 -45.73 -24.11 -7.58
CA LEU T 287 -45.72 -25.55 -7.66
C LEU T 287 -44.31 -25.97 -7.41
N ASN T 288 -44.04 -26.56 -6.24
CA ASN T 288 -42.69 -26.69 -5.69
C ASN T 288 -42.08 -28.07 -5.77
N GLY T 289 -40.83 -28.21 -5.27
CA GLY T 289 -40.14 -29.46 -5.34
C GLY T 289 -40.84 -30.50 -4.51
N PHE T 290 -40.39 -31.74 -4.64
CA PHE T 290 -41.02 -32.81 -3.92
C PHE T 290 -40.88 -32.59 -2.39
N ASN T 291 -41.89 -32.98 -1.63
CA ASN T 291 -41.93 -32.83 -0.16
C ASN T 291 -42.13 -34.20 0.43
N PHE T 292 -41.06 -34.80 0.92
CA PHE T 292 -41.11 -36.06 1.61
C PHE T 292 -40.89 -35.90 3.11
N ASN T 293 -41.34 -34.78 3.63
CA ASN T 293 -41.19 -34.49 5.03
C ASN T 293 -42.12 -35.40 5.86
N HIS T 294 -41.50 -36.21 6.69
CA HIS T 294 -42.19 -37.19 7.53
C HIS T 294 -42.89 -38.23 6.67
N SER T 295 -42.32 -38.56 5.52
CA SER T 295 -42.91 -39.56 4.64
C SER T 295 -42.73 -41.00 5.23
N VAL T 296 -41.67 -41.21 5.99
CA VAL T 296 -41.36 -42.53 6.56
C VAL T 296 -41.69 -42.54 8.05
N ILE T 297 -42.60 -43.48 8.39
CA ILE T 297 -43.26 -43.66 9.70
C ILE T 297 -43.15 -45.12 10.16
N ASP T 298 -42.89 -45.33 11.45
CA ASP T 298 -42.64 -46.73 11.92
C ASP T 298 -44.02 -47.34 12.31
N ALA T 299 -44.01 -48.54 12.82
CA ALA T 299 -45.26 -49.29 13.19
C ALA T 299 -46.10 -48.56 14.25
N LYS T 300 -45.47 -47.89 15.23
CA LYS T 300 -46.25 -47.12 16.17
C LYS T 300 -46.78 -45.82 15.58
N GLY T 301 -46.05 -45.26 14.63
CA GLY T 301 -46.37 -43.90 14.13
C GLY T 301 -45.25 -42.92 14.40
N ASN T 302 -44.11 -43.37 14.98
CA ASN T 302 -42.93 -42.48 15.14
C ASN T 302 -42.41 -42.11 13.74
N VAL T 303 -42.04 -40.86 13.57
CA VAL T 303 -41.39 -40.43 12.36
C VAL T 303 -39.97 -40.96 12.37
N ILE T 304 -39.62 -41.58 11.26
CA ILE T 304 -38.26 -41.99 10.97
C ILE T 304 -37.66 -41.05 9.89
N ASN T 305 -36.72 -40.20 10.29
CA ASN T 305 -36.22 -39.16 9.38
C ASN T 305 -35.48 -39.77 8.23
N THR T 306 -35.56 -39.12 7.09
CA THR T 306 -34.67 -39.44 5.97
C THR T 306 -33.83 -38.21 5.67
N TRP T 307 -32.95 -38.33 4.67
CA TRP T 307 -32.18 -37.19 4.21
C TRP T 307 -33.11 -36.07 3.78
N ALA T 308 -34.33 -36.37 3.35
CA ALA T 308 -35.29 -35.27 3.02
C ALA T 308 -35.62 -34.44 4.22
N ASP T 309 -35.72 -35.10 5.41
CA ASP T 309 -36.05 -34.37 6.65
C ASP T 309 -34.89 -33.46 7.09
N ILE T 310 -33.65 -33.88 6.82
CA ILE T 310 -32.50 -33.04 7.16
C ILE T 310 -32.45 -31.80 6.24
N ILE T 311 -32.71 -31.98 4.95
CA ILE T 311 -32.87 -30.83 4.05
C ILE T 311 -33.89 -29.89 4.69
N ASN T 312 -35.02 -30.45 5.15
CA ASN T 312 -36.14 -29.60 5.68
C ASN T 312 -35.66 -28.73 6.86
N ARG T 313 -34.80 -29.30 7.69
CA ARG T 313 -34.23 -28.54 8.82
C ARG T 313 -33.38 -27.36 8.34
N ALA T 314 -32.54 -27.63 7.33
CA ALA T 314 -31.80 -26.51 6.69
C ALA T 314 -32.71 -25.45 6.12
N ASN T 315 -33.75 -25.88 5.39
CA ASN T 315 -34.71 -24.94 4.79
C ASN T 315 -35.42 -24.08 5.83
N LEU T 316 -35.72 -24.69 6.98
CA LEU T 316 -36.33 -23.97 8.10
C LEU T 316 -35.46 -22.85 8.60
N GLY T 317 -34.17 -23.12 8.80
CA GLY T 317 -33.23 -22.07 9.15
C GLY T 317 -33.18 -20.86 8.19
N MET T 318 -33.26 -21.14 6.90
CA MET T 318 -33.33 -20.06 5.86
C MET T 318 -34.61 -19.31 5.98
N GLU T 319 -35.68 -20.08 6.06
CA GLU T 319 -37.00 -19.51 6.18
C GLU T 319 -37.16 -18.55 7.36
N VAL T 320 -36.85 -19.03 8.55
CA VAL T 320 -37.12 -18.19 9.74
C VAL T 320 -36.30 -16.91 9.79
N MET T 321 -35.11 -16.94 9.20
CA MET T 321 -34.14 -15.82 9.22
C MET T 321 -34.34 -14.81 8.10
N HIS T 322 -34.81 -15.22 6.94
CA HIS T 322 -34.82 -14.28 5.77
C HIS T 322 -35.76 -13.11 6.04
N GLU T 323 -35.32 -11.94 5.64
CA GLU T 323 -36.16 -10.73 5.73
C GLU T 323 -36.79 -10.63 7.12
N ARG T 324 -35.87 -10.57 8.11
CA ARG T 324 -36.17 -10.81 9.49
C ARG T 324 -37.13 -9.80 10.15
N ASN T 325 -37.42 -8.65 9.53
CA ASN T 325 -38.32 -7.68 10.05
C ASN T 325 -39.54 -7.47 9.21
N ALA T 326 -39.71 -8.29 8.19
CA ALA T 326 -40.75 -8.02 7.21
C ALA T 326 -42.05 -8.75 7.45
N HIS T 327 -42.00 -9.86 8.17
CA HIS T 327 -43.23 -10.68 8.33
C HIS T 327 -43.90 -10.35 9.69
N ASN T 328 -45.21 -10.10 9.67
CA ASN T 328 -46.06 -9.89 10.87
C ASN T 328 -47.01 -11.03 11.20
N PHE T 329 -47.34 -11.84 10.19
CA PHE T 329 -48.28 -12.93 10.34
C PHE T 329 -47.55 -14.27 10.11
N PRO T 330 -48.14 -15.39 10.55
CA PRO T 330 -47.29 -16.63 10.70
C PRO T 330 -46.89 -17.39 9.43
N LEU T 331 -47.58 -17.17 8.33
CA LEU T 331 -47.26 -17.83 7.05
C LEU T 331 -46.69 -16.84 6.05
N ASP T 332 -45.65 -17.29 5.35
CA ASP T 332 -45.01 -16.50 4.26
C ASP T 332 -45.73 -16.98 2.99
N LEU T 333 -46.77 -16.28 2.56
CA LEU T 333 -47.63 -16.72 1.46
C LEU T 333 -47.24 -16.13 0.09
N ALA T 334 -46.19 -15.31 0.09
CA ALA T 334 -45.50 -14.86 -1.11
C ALA T 334 -44.23 -14.18 -0.73
N GLY U 1 7.57 -19.63 -33.24
CA GLY U 1 8.66 -19.94 -32.23
C GLY U 1 8.01 -20.78 -31.12
N LEU U 2 8.74 -21.01 -30.04
CA LEU U 2 8.15 -21.65 -28.89
C LEU U 2 7.02 -20.80 -28.22
N PRO U 3 5.89 -21.42 -27.89
CA PRO U 3 4.92 -20.75 -27.09
C PRO U 3 5.41 -20.54 -25.65
N TRP U 4 4.77 -19.59 -24.94
CA TRP U 4 5.28 -19.14 -23.64
C TRP U 4 5.43 -20.30 -22.67
N TYR U 5 4.51 -21.26 -22.76
CA TYR U 5 4.46 -22.38 -21.78
C TYR U 5 5.50 -23.49 -22.09
N ARG U 6 6.31 -23.34 -23.14
CA ARG U 6 7.40 -24.35 -23.47
C ARG U 6 8.80 -23.80 -23.47
N VAL U 7 8.99 -22.57 -22.97
CA VAL U 7 10.30 -21.91 -23.08
C VAL U 7 11.40 -22.73 -22.42
N HIS U 8 11.09 -23.40 -21.33
CA HIS U 8 12.15 -24.15 -20.65
C HIS U 8 12.53 -25.49 -21.28
N THR U 9 11.80 -25.89 -22.30
CA THR U 9 12.14 -27.11 -23.05
C THR U 9 13.49 -26.99 -23.72
N VAL U 10 14.02 -25.80 -23.89
CA VAL U 10 15.35 -25.70 -24.53
C VAL U 10 16.42 -26.41 -23.68
N LEU U 11 16.10 -26.82 -22.45
CA LEU U 11 17.08 -27.48 -21.59
C LEU U 11 17.14 -29.02 -21.72
N ILE U 12 16.18 -29.61 -22.40
CA ILE U 12 16.05 -31.11 -22.48
C ILE U 12 17.30 -31.84 -23.01
N ASN U 13 17.91 -31.29 -24.04
CA ASN U 13 19.12 -31.80 -24.66
C ASN U 13 20.38 -31.10 -24.23
N ASP U 14 20.40 -30.45 -23.06
CA ASP U 14 21.52 -29.57 -22.67
C ASP U 14 21.84 -29.79 -21.22
N PRO U 15 22.59 -30.86 -20.93
CA PRO U 15 22.76 -31.19 -19.53
C PRO U 15 23.40 -30.11 -18.69
N GLY U 16 24.35 -29.38 -19.24
CA GLY U 16 25.04 -28.34 -18.46
C GLY U 16 24.11 -27.18 -18.09
N ARG U 17 23.25 -26.78 -19.03
CA ARG U 17 22.35 -25.68 -18.79
C ARG U 17 21.18 -26.13 -17.90
N LEU U 18 20.88 -27.44 -17.91
CA LEU U 18 19.89 -28.01 -17.00
C LEU U 18 20.39 -27.92 -15.63
N ILE U 19 21.64 -28.33 -15.45
CA ILE U 19 22.29 -28.20 -14.15
C ILE U 19 22.28 -26.71 -13.70
N ALA U 20 22.60 -25.78 -14.59
CA ALA U 20 22.61 -24.36 -14.23
C ALA U 20 21.23 -23.83 -13.75
N ALA U 21 20.18 -24.30 -14.41
CA ALA U 21 18.82 -24.00 -14.03
C ALA U 21 18.50 -24.60 -12.68
N HIS U 22 18.89 -25.83 -12.48
CA HIS U 22 18.76 -26.46 -11.18
C HIS U 22 19.55 -25.78 -10.10
N LEU U 23 20.73 -25.28 -10.43
CA LEU U 23 21.51 -24.48 -9.48
C LEU U 23 20.73 -23.15 -9.16
N MET U 24 20.21 -22.49 -10.16
CA MET U 24 19.47 -21.25 -9.93
C MET U 24 18.29 -21.49 -9.02
N HIS U 25 17.54 -22.57 -9.27
CA HIS U 25 16.38 -22.90 -8.46
C HIS U 25 16.79 -23.14 -7.04
N THR U 26 17.91 -23.84 -6.89
CA THR U 26 18.42 -24.17 -5.57
C THR U 26 18.89 -22.93 -4.83
N ALA U 27 19.52 -22.02 -5.55
CA ALA U 27 19.91 -20.74 -4.95
C ALA U 27 18.67 -19.94 -4.47
N LEU U 28 17.62 -19.93 -5.29
CA LEU U 28 16.42 -19.20 -4.97
C LEU U 28 15.78 -19.80 -3.70
N VAL U 29 15.72 -21.12 -3.63
CA VAL U 29 15.09 -21.78 -2.49
C VAL U 29 15.88 -21.57 -1.21
N ALA U 30 17.20 -21.67 -1.32
CA ALA U 30 18.05 -21.43 -0.15
C ALA U 30 18.00 -19.93 0.29
N GLY U 31 17.93 -19.02 -0.66
CA GLY U 31 17.81 -17.60 -0.33
C GLY U 31 16.50 -17.28 0.34
N TRP U 32 15.41 -17.93 -0.09
CA TRP U 32 14.14 -17.85 0.58
C TRP U 32 14.26 -18.23 2.06
N ALA U 33 14.93 -19.34 2.29
CA ALA U 33 15.01 -19.86 3.63
C ALA U 33 15.72 -18.86 4.54
N GLY U 34 16.86 -18.33 4.08
CA GLY U 34 17.64 -17.30 4.82
C GLY U 34 16.79 -16.02 5.11
N SER U 35 16.16 -15.52 4.06
CA SER U 35 15.33 -14.31 4.05
C SER U 35 14.21 -14.51 5.00
N MET U 36 13.55 -15.66 4.85
CA MET U 36 12.40 -15.94 5.73
C MET U 36 12.80 -15.98 7.18
N ALA U 37 13.93 -16.63 7.46
CA ALA U 37 14.37 -16.72 8.87
C ALA U 37 14.71 -15.31 9.44
N LEU U 38 15.36 -14.49 8.61
CA LEU U 38 15.70 -13.13 9.05
C LEU U 38 14.42 -12.29 9.35
N TYR U 39 13.41 -12.41 8.50
CA TYR U 39 12.15 -11.65 8.68
C TYR U 39 11.53 -12.14 9.97
N GLU U 40 11.51 -13.45 10.18
CA GLU U 40 10.97 -13.99 11.44
C GLU U 40 11.72 -13.50 12.63
N LEU U 41 13.06 -13.55 12.59
CA LEU U 41 13.85 -13.02 13.74
C LEU U 41 13.55 -11.52 14.02
N ALA U 42 13.28 -10.74 12.98
CA ALA U 42 13.06 -9.30 13.12
C ALA U 42 11.70 -9.03 13.73
N THR U 43 10.79 -10.01 13.71
CA THR U 43 9.45 -9.82 14.19
C THR U 43 9.11 -10.73 15.37
N PHE U 44 9.88 -11.78 15.64
CA PHE U 44 9.55 -12.68 16.75
C PHE U 44 9.77 -12.08 18.12
N ASP U 45 8.76 -12.16 19.00
CA ASP U 45 8.92 -11.86 20.42
C ASP U 45 9.26 -13.12 21.26
N PRO U 46 10.50 -13.19 21.81
CA PRO U 46 10.94 -14.37 22.57
C PRO U 46 10.65 -14.35 24.08
N SER U 47 9.87 -13.39 24.56
CA SER U 47 9.75 -13.16 25.97
C SER U 47 8.73 -14.02 26.68
N ASP U 48 7.93 -14.83 25.95
CA ASP U 48 6.94 -15.65 26.61
C ASP U 48 6.59 -16.95 25.88
N PRO U 49 7.37 -18.02 26.11
CA PRO U 49 7.02 -19.31 25.49
C PRO U 49 5.76 -19.93 26.05
N VAL U 50 5.20 -19.39 27.11
CA VAL U 50 4.02 -19.95 27.70
C VAL U 50 2.78 -19.43 26.96
N LEU U 51 2.53 -18.11 26.98
CA LEU U 51 1.32 -17.57 26.31
C LEU U 51 1.57 -16.88 24.98
N ASN U 52 2.84 -16.74 24.61
CA ASN U 52 3.17 -16.17 23.32
C ASN U 52 4.22 -16.91 22.59
N PRO U 53 4.03 -18.24 22.46
CA PRO U 53 4.99 -19.01 21.72
C PRO U 53 4.96 -18.72 20.20
N MET U 54 5.96 -19.25 19.51
CA MET U 54 6.19 -19.01 18.10
C MET U 54 4.94 -19.26 17.21
N TRP U 55 4.13 -20.22 17.58
CA TRP U 55 3.04 -20.65 16.73
C TRP U 55 1.84 -19.68 16.87
N ARG U 56 1.85 -18.84 17.88
CA ARG U 56 0.90 -17.71 18.03
C ARG U 56 1.29 -16.50 17.15
N GLN U 57 2.54 -16.53 16.68
CA GLN U 57 3.14 -15.33 16.05
C GLN U 57 3.33 -15.48 14.55
N GLY U 58 2.72 -16.51 13.96
CA GLY U 58 2.79 -16.72 12.52
C GLY U 58 4.12 -17.18 12.04
N MET U 59 4.91 -17.76 12.96
CA MET U 59 6.24 -18.23 12.61
C MET U 59 6.18 -19.57 11.86
N PHE U 60 6.87 -19.67 10.72
CA PHE U 60 6.82 -20.82 9.84
C PHE U 60 8.11 -21.57 9.75
N VAL U 61 9.23 -20.86 9.62
CA VAL U 61 10.54 -21.54 9.53
C VAL U 61 11.19 -21.75 10.91
N LEU U 62 10.90 -20.86 11.85
CA LEU U 62 11.45 -20.98 13.19
C LEU U 62 11.23 -22.40 13.80
N PRO U 63 10.00 -22.96 13.71
CA PRO U 63 9.78 -24.34 14.21
C PRO U 63 10.64 -25.46 13.58
N PHE U 64 10.97 -25.31 12.31
CA PHE U 64 11.84 -26.25 11.65
C PHE U 64 13.27 -26.22 12.12
N MET U 65 13.75 -25.03 12.46
CA MET U 65 15.07 -24.88 13.00
C MET U 65 15.09 -25.54 14.41
N ALA U 66 14.07 -25.24 15.23
CA ALA U 66 13.96 -25.76 16.56
C ALA U 66 13.79 -27.27 16.60
N ARG U 67 13.07 -27.82 15.62
CA ARG U 67 12.81 -29.28 15.53
C ARG U 67 14.10 -30.08 15.55
N LEU U 68 15.11 -29.59 14.82
CA LEU U 68 16.39 -30.30 14.67
C LEU U 68 17.53 -29.78 15.56
N GLY U 69 17.23 -28.91 16.53
CA GLY U 69 18.26 -28.52 17.50
C GLY U 69 18.71 -27.07 17.54
N VAL U 70 18.24 -26.23 16.61
CA VAL U 70 18.57 -24.81 16.69
C VAL U 70 17.50 -24.12 17.51
N THR U 71 17.83 -23.78 18.76
CA THR U 71 16.91 -23.21 19.70
C THR U 71 17.34 -21.85 20.29
N GLY U 72 18.57 -21.42 20.02
CA GLY U 72 19.11 -20.21 20.63
C GLY U 72 19.38 -19.09 19.64
N SER U 73 19.38 -17.87 20.15
CA SER U 73 19.83 -16.66 19.43
C SER U 73 21.21 -16.18 19.91
N TRP U 74 21.98 -15.61 19.00
CA TRP U 74 23.16 -14.91 19.40
C TRP U 74 22.89 -13.80 20.41
N SER U 75 21.67 -13.26 20.50
CA SER U 75 21.37 -12.23 21.45
C SER U 75 21.08 -12.71 22.83
N GLY U 76 21.17 -14.01 23.06
CA GLY U 76 21.21 -14.54 24.42
C GLY U 76 20.01 -15.36 24.89
N TRP U 77 18.93 -15.39 24.10
CA TRP U 77 17.69 -16.06 24.52
C TRP U 77 17.57 -17.43 23.87
N SER U 78 16.75 -18.31 24.47
CA SER U 78 16.41 -19.58 23.84
C SER U 78 14.90 -19.71 23.69
N ILE U 79 14.43 -20.57 22.79
CA ILE U 79 12.97 -20.71 22.62
C ILE U 79 12.28 -21.39 23.80
N THR U 80 13.04 -22.03 24.69
CA THR U 80 12.43 -22.54 25.92
C THR U 80 12.37 -21.49 27.05
N GLY U 81 12.75 -20.24 26.77
CA GLY U 81 12.73 -19.18 27.78
C GLY U 81 14.00 -18.97 28.60
N GLU U 82 15.09 -19.65 28.23
CA GLU U 82 16.37 -19.42 28.90
C GLU U 82 16.97 -18.02 28.50
N THR U 83 17.81 -17.56 29.45
CA THR U 83 18.63 -16.36 29.37
C THR U 83 20.08 -16.80 29.55
N GLY U 84 21.01 -15.98 29.05
CA GLY U 84 22.43 -16.24 29.18
C GLY U 84 22.99 -17.45 28.42
N ILE U 85 22.30 -17.92 27.38
CA ILE U 85 22.84 -19.08 26.62
C ILE U 85 23.82 -18.63 25.52
N ASP U 86 24.80 -19.49 25.27
CA ASP U 86 25.71 -19.36 24.16
C ASP U 86 25.41 -20.51 23.17
N PRO U 87 24.71 -20.20 22.07
CA PRO U 87 24.41 -21.22 21.10
C PRO U 87 25.56 -21.58 20.16
N GLY U 88 26.70 -20.88 20.20
CA GLY U 88 27.74 -21.03 19.20
C GLY U 88 27.30 -20.36 17.90
N PHE U 89 27.94 -20.77 16.80
CA PHE U 89 27.63 -20.29 15.52
C PHE U 89 26.18 -20.59 15.09
N TRP U 90 25.73 -21.79 15.40
CA TRP U 90 24.46 -22.32 14.93
C TRP U 90 23.28 -21.89 15.76
N SER U 91 23.18 -20.57 15.92
CA SER U 91 21.95 -19.95 16.38
C SER U 91 20.98 -19.83 15.20
N PHE U 92 19.78 -19.28 15.45
CA PHE U 92 18.84 -18.97 14.33
C PHE U 92 19.49 -18.02 13.32
N GLU U 93 20.24 -17.03 13.80
CA GLU U 93 20.90 -16.09 12.91
C GLU U 93 22.02 -16.80 12.10
N GLY U 94 22.79 -17.66 12.75
CA GLY U 94 23.83 -18.37 11.97
C GLY U 94 23.24 -19.24 10.87
N VAL U 95 22.16 -19.94 11.20
CA VAL U 95 21.51 -20.77 10.17
C VAL U 95 21.10 -19.89 9.00
N ALA U 96 20.50 -18.73 9.29
CA ALA U 96 20.02 -17.86 8.18
C ALA U 96 21.20 -17.37 7.35
N LEU U 97 22.28 -16.94 8.00
CA LEU U 97 23.49 -16.53 7.28
C LEU U 97 24.06 -17.63 6.41
N ALA U 98 24.20 -18.85 6.99
CA ALA U 98 24.66 -19.96 6.19
C ALA U 98 23.81 -20.12 4.89
N HIS U 99 22.49 -19.99 5.00
CA HIS U 99 21.65 -20.18 3.79
C HIS U 99 21.85 -19.11 2.76
N ILE U 100 21.98 -17.85 3.23
CA ILE U 100 22.31 -16.74 2.35
C ILE U 100 23.64 -16.95 1.61
N VAL U 101 24.69 -17.32 2.33
CA VAL U 101 25.98 -17.58 1.69
C VAL U 101 25.89 -18.72 0.67
N LEU U 102 25.23 -19.81 1.07
CA LEU U 102 24.95 -20.93 0.14
C LEU U 102 24.21 -20.47 -1.11
N SER U 103 23.17 -19.65 -0.94
CA SER U 103 22.45 -19.09 -2.07
C SER U 103 23.40 -18.42 -3.04
N GLY U 104 24.26 -17.57 -2.49
CA GLY U 104 25.22 -16.85 -3.35
C GLY U 104 26.16 -17.76 -4.13
N LEU U 105 26.71 -18.74 -3.42
CA LEU U 105 27.64 -19.68 -4.06
C LEU U 105 26.98 -20.49 -5.17
N LEU U 106 25.73 -20.91 -4.92
CA LEU U 106 24.94 -21.59 -5.91
C LEU U 106 24.67 -20.75 -7.13
N PHE U 107 24.44 -19.45 -6.92
CA PHE U 107 24.16 -18.52 -8.01
C PHE U 107 25.39 -18.37 -8.87
N LEU U 108 26.54 -18.26 -8.25
CA LEU U 108 27.82 -18.23 -9.01
C LEU U 108 28.05 -19.53 -9.81
N ALA U 109 27.88 -20.68 -9.17
CA ALA U 109 27.96 -21.99 -9.86
C ALA U 109 27.01 -22.13 -11.02
N ALA U 110 25.81 -21.53 -10.89
CA ALA U 110 24.87 -21.55 -12.04
C ALA U 110 25.42 -20.78 -13.24
N CYS U 111 26.03 -19.60 -12.94
CA CYS U 111 26.62 -18.82 -14.00
C CYS U 111 27.71 -19.63 -14.76
N TRP U 112 28.58 -20.33 -14.02
CA TRP U 112 29.68 -21.06 -14.65
C TRP U 112 29.11 -22.14 -15.53
N HIS U 113 28.17 -22.90 -15.00
CA HIS U 113 27.59 -23.98 -15.79
C HIS U 113 26.76 -23.51 -16.98
N TRP U 114 26.18 -22.31 -16.90
CA TRP U 114 25.42 -21.75 -18.03
C TRP U 114 26.34 -21.41 -19.22
N VAL U 115 27.48 -20.78 -18.90
CA VAL U 115 28.46 -20.33 -19.88
C VAL U 115 29.24 -21.55 -20.42
N TYR U 116 29.76 -22.39 -19.54
CA TYR U 116 30.54 -23.60 -19.91
C TYR U 116 29.68 -24.85 -19.96
N TRP U 117 28.68 -24.79 -20.80
CA TRP U 117 27.63 -25.80 -20.91
C TRP U 117 28.10 -26.99 -21.73
N ASP U 118 29.06 -26.74 -22.64
CA ASP U 118 29.52 -27.79 -23.56
C ASP U 118 30.72 -28.54 -23.00
N LEU U 119 30.51 -29.27 -21.95
CA LEU U 119 31.57 -30.10 -21.36
C LEU U 119 31.59 -31.51 -21.95
N GLU U 120 32.80 -32.07 -22.09
CA GLU U 120 32.95 -33.38 -22.80
C GLU U 120 32.21 -34.45 -22.00
N LEU U 121 32.19 -34.28 -20.67
CA LEU U 121 31.45 -35.17 -19.78
C LEU U 121 29.98 -35.41 -20.15
N PHE U 122 29.32 -34.41 -20.76
CA PHE U 122 27.92 -34.49 -21.11
C PHE U 122 27.68 -35.13 -22.49
N ARG U 123 28.75 -35.54 -23.16
CA ARG U 123 28.68 -36.14 -24.47
C ARG U 123 28.90 -37.66 -24.36
N ASP U 124 28.13 -38.40 -25.16
CA ASP U 124 28.30 -39.84 -25.31
C ASP U 124 29.61 -40.03 -26.11
N PRO U 125 30.59 -40.74 -25.50
CA PRO U 125 31.89 -40.98 -26.17
C PRO U 125 31.77 -41.71 -27.53
N ARG U 126 30.81 -42.64 -27.62
CA ARG U 126 30.49 -43.36 -28.86
C ARG U 126 29.79 -42.49 -29.97
N THR U 127 28.83 -41.60 -29.64
CA THR U 127 28.12 -40.79 -30.68
C THR U 127 28.49 -39.31 -30.74
N GLY U 128 29.13 -38.79 -29.68
CA GLY U 128 29.27 -37.34 -29.47
C GLY U 128 27.97 -36.51 -29.37
N GLU U 129 26.84 -37.17 -29.12
CA GLU U 129 25.57 -36.51 -28.85
C GLU U 129 25.47 -36.26 -27.33
N PRO U 130 24.74 -35.20 -26.93
CA PRO U 130 24.49 -35.06 -25.48
C PRO U 130 23.77 -36.30 -24.91
N ALA U 131 24.25 -36.76 -23.78
CA ALA U 131 23.74 -37.97 -23.23
C ALA U 131 23.98 -38.03 -21.76
N LEU U 132 22.95 -38.39 -21.01
CA LEU U 132 23.07 -38.72 -19.59
C LEU U 132 22.68 -40.16 -19.32
N ASP U 133 23.51 -40.90 -18.59
CA ASP U 133 23.18 -42.25 -18.23
C ASP U 133 22.31 -42.27 -16.98
N LEU U 134 21.00 -42.13 -17.22
CA LEU U 134 20.09 -41.91 -16.09
C LEU U 134 20.00 -43.08 -15.11
N PRO U 135 20.08 -44.34 -15.62
CA PRO U 135 20.05 -45.45 -14.62
C PRO U 135 21.20 -45.45 -13.65
N LYS U 136 22.40 -45.16 -14.11
CA LYS U 136 23.53 -45.07 -13.19
C LYS U 136 23.49 -43.81 -12.28
N MET U 137 23.17 -42.66 -12.86
CA MET U 137 22.89 -41.43 -12.08
C MET U 137 21.90 -41.76 -10.99
N PHE U 138 20.86 -42.55 -11.30
CA PHE U 138 19.98 -42.94 -10.19
C PHE U 138 20.71 -43.63 -9.04
N GLY U 139 21.60 -44.58 -9.36
CA GLY U 139 22.27 -45.33 -8.34
C GLY U 139 23.26 -44.49 -7.56
N ILE U 140 24.00 -43.65 -8.27
CA ILE U 140 24.91 -42.73 -7.59
C ILE U 140 24.12 -41.84 -6.58
N HIS U 141 23.02 -41.25 -7.04
CA HIS U 141 22.25 -40.33 -6.14
C HIS U 141 21.61 -41.06 -5.01
N LEU U 142 21.12 -42.28 -5.29
CA LEU U 142 20.45 -43.07 -4.22
C LEU U 142 21.48 -43.46 -3.15
N PHE U 143 22.65 -43.91 -3.60
CA PHE U 143 23.76 -44.18 -2.69
C PHE U 143 24.06 -42.96 -1.80
N LEU U 144 24.22 -41.81 -2.43
CA LEU U 144 24.52 -40.54 -1.68
C LEU U 144 23.42 -40.21 -0.70
N ALA U 145 22.18 -40.36 -1.18
CA ALA U 145 21.03 -40.12 -0.29
C ALA U 145 21.00 -41.06 0.89
N GLY U 146 21.37 -42.32 0.63
CA GLY U 146 21.37 -43.33 1.71
C GLY U 146 22.43 -43.03 2.74
N LEU U 147 23.60 -42.63 2.28
CA LEU U 147 24.65 -42.24 3.20
C LEU U 147 24.18 -41.08 4.10
N LEU U 148 23.52 -40.08 3.50
CA LEU U 148 23.16 -38.90 4.30
C LEU U 148 22.06 -39.21 5.29
N CYS U 149 21.09 -39.98 4.82
CA CYS U 149 19.98 -40.44 5.62
C CYS U 149 20.47 -41.24 6.82
N PHE U 150 21.39 -42.17 6.56
CA PHE U 150 22.00 -42.99 7.65
C PHE U 150 22.71 -42.08 8.63
N GLY U 151 23.59 -41.22 8.13
CA GLY U 151 24.35 -40.32 9.01
C GLY U 151 23.43 -39.38 9.81
N PHE U 152 22.32 -38.96 9.20
CA PHE U 152 21.41 -38.07 9.89
C PHE U 152 20.86 -38.82 11.07
N GLY U 153 20.41 -40.05 10.80
CA GLY U 153 19.87 -40.91 11.85
C GLY U 153 20.89 -41.32 12.92
N ALA U 154 22.02 -41.87 12.48
CA ALA U 154 23.04 -42.44 13.42
C ALA U 154 23.83 -41.40 14.23
N PHE U 155 24.13 -40.24 13.62
CA PHE U 155 24.87 -39.17 14.32
C PHE U 155 24.02 -37.99 14.87
N HIS U 156 23.18 -37.37 14.01
CA HIS U 156 22.50 -36.14 14.46
C HIS U 156 21.44 -36.50 15.46
N LEU U 157 20.50 -37.34 15.06
CA LEU U 157 19.32 -37.59 15.90
C LEU U 157 19.60 -38.35 17.20
N THR U 158 20.61 -39.24 17.16
CA THR U 158 21.06 -39.91 18.41
C THR U 158 21.76 -39.02 19.40
N GLY U 159 22.30 -37.88 18.94
CA GLY U 159 23.19 -37.08 19.80
C GLY U 159 24.66 -37.58 19.83
N LEU U 160 24.94 -38.66 19.11
CA LEU U 160 26.28 -39.25 19.10
C LEU U 160 27.26 -38.27 18.48
N PHE U 161 26.86 -37.63 17.40
CA PHE U 161 27.60 -36.45 16.89
C PHE U 161 26.57 -35.47 16.26
N GLY U 162 25.95 -34.69 17.12
CA GLY U 162 24.84 -33.84 16.77
C GLY U 162 23.95 -33.60 17.96
N PRO U 163 22.88 -32.79 17.82
CA PRO U 163 22.15 -32.27 19.00
C PRO U 163 20.91 -33.05 19.35
N GLY U 164 20.44 -33.95 18.50
CA GLY U 164 19.19 -34.66 18.75
C GLY U 164 17.99 -34.01 18.00
N MET U 165 16.80 -34.10 18.61
CA MET U 165 15.56 -33.56 18.03
C MET U 165 14.68 -33.13 19.11
N TRP U 166 13.70 -32.29 18.76
CA TRP U 166 12.77 -31.84 19.78
C TRP U 166 11.88 -33.03 20.26
N VAL U 167 11.65 -33.11 21.57
CA VAL U 167 10.73 -34.06 22.20
C VAL U 167 9.99 -33.38 23.31
N SER U 168 8.81 -33.91 23.66
CA SER U 168 8.10 -33.37 24.77
C SER U 168 7.27 -34.43 25.51
N ASP U 169 6.72 -34.02 26.63
CA ASP U 169 5.70 -34.77 27.30
C ASP U 169 4.37 -34.72 26.48
N PRO U 170 3.39 -35.58 26.85
CA PRO U 170 2.23 -35.73 26.01
C PRO U 170 1.31 -34.51 25.98
N TYR U 171 1.55 -33.55 26.85
CA TYR U 171 0.72 -32.31 26.95
C TYR U 171 1.49 -31.07 26.53
N GLY U 172 2.68 -31.28 25.93
CA GLY U 172 3.47 -30.18 25.35
C GLY U 172 3.80 -29.04 26.31
N LEU U 173 4.22 -29.42 27.52
CA LEU U 173 4.58 -28.49 28.60
C LEU U 173 6.07 -28.29 28.80
N THR U 174 6.89 -29.25 28.47
CA THR U 174 8.35 -29.23 28.86
C THR U 174 9.20 -29.65 27.74
N GLY U 175 8.86 -29.18 26.53
CA GLY U 175 9.58 -29.55 25.34
C GLY U 175 10.98 -29.06 25.30
N SER U 176 11.84 -29.84 24.64
CA SER U 176 13.26 -29.53 24.56
C SER U 176 13.92 -30.45 23.55
N VAL U 177 15.11 -30.10 23.13
CA VAL U 177 15.89 -30.89 22.17
C VAL U 177 16.70 -31.89 23.01
N GLN U 178 16.66 -33.16 22.62
CA GLN U 178 17.33 -34.23 23.36
C GLN U 178 17.85 -35.24 22.41
N PRO U 179 18.92 -35.96 22.80
CA PRO U 179 19.32 -37.15 22.02
C PRO U 179 18.19 -38.20 22.07
N VAL U 180 17.97 -38.90 20.98
CA VAL U 180 16.91 -39.90 20.97
C VAL U 180 17.52 -41.21 20.46
N ALA U 181 17.25 -42.30 21.17
CA ALA U 181 17.74 -43.64 20.76
C ALA U 181 16.77 -44.30 19.81
N PRO U 182 17.26 -45.10 18.87
CA PRO U 182 16.35 -45.79 17.95
C PRO U 182 15.44 -46.82 18.66
N GLU U 183 14.20 -46.95 18.21
CA GLU U 183 13.25 -47.96 18.68
C GLU U 183 13.23 -49.06 17.62
N TRP U 184 13.71 -50.26 17.96
CA TRP U 184 13.79 -51.34 16.99
C TRP U 184 12.62 -52.37 17.11
N GLY U 185 11.76 -52.22 18.09
CA GLY U 185 10.51 -52.99 18.12
C GLY U 185 9.35 -52.36 17.32
N PRO U 186 8.19 -53.02 17.33
CA PRO U 186 7.06 -52.55 16.54
C PRO U 186 6.59 -51.12 16.92
N ASP U 187 6.81 -50.69 18.16
CA ASP U 187 6.47 -49.30 18.53
C ASP U 187 7.25 -48.21 17.74
N GLY U 188 8.25 -48.61 16.95
CA GLY U 188 8.98 -47.74 16.08
C GLY U 188 8.13 -47.24 14.92
N PHE U 189 6.98 -47.88 14.66
CA PHE U 189 6.01 -47.53 13.57
C PHE U 189 4.79 -46.75 14.08
N ASN U 190 4.77 -46.50 15.38
CA ASN U 190 3.92 -45.55 16.04
C ASN U 190 4.39 -44.12 15.66
N PRO U 191 3.53 -43.35 14.92
CA PRO U 191 3.96 -41.98 14.51
C PRO U 191 4.38 -41.07 15.67
N TYR U 192 3.82 -41.31 16.85
CA TYR U 192 4.04 -40.50 18.01
C TYR U 192 5.31 -40.88 18.78
N ASN U 193 6.01 -41.93 18.33
CA ASN U 193 7.27 -42.34 18.98
C ASN U 193 8.50 -41.79 18.31
N PRO U 194 9.21 -40.85 18.97
CA PRO U 194 10.42 -40.30 18.34
C PRO U 194 11.53 -41.32 17.97
N GLY U 195 11.67 -42.39 18.76
CA GLY U 195 12.77 -43.40 18.46
C GLY U 195 12.54 -44.09 17.14
N GLY U 196 11.27 -44.17 16.74
CA GLY U 196 10.91 -44.63 15.37
C GLY U 196 11.49 -43.79 14.26
N VAL U 197 11.58 -42.48 14.51
CA VAL U 197 12.11 -41.58 13.49
C VAL U 197 13.60 -41.90 13.36
N VAL U 198 14.23 -42.14 14.50
CA VAL U 198 15.70 -42.41 14.49
C VAL U 198 15.95 -43.73 13.76
N ALA U 199 15.14 -44.72 14.11
CA ALA U 199 15.32 -46.09 13.54
C ALA U 199 15.02 -46.05 12.07
N HIS U 200 13.94 -45.30 11.70
CA HIS U 200 13.66 -45.06 10.24
C HIS U 200 14.91 -44.63 9.52
N HIS U 201 15.60 -43.61 10.06
CA HIS U 201 16.69 -43.04 9.24
C HIS U 201 17.92 -43.98 9.12
N ILE U 202 18.22 -44.66 10.22
CA ILE U 202 19.32 -45.68 10.24
C ILE U 202 18.98 -46.81 9.29
N ALA U 203 17.80 -47.40 9.45
CA ALA U 203 17.43 -48.55 8.54
C ALA U 203 17.18 -48.22 7.08
N ALA U 204 16.37 -47.20 6.83
CA ALA U 204 16.15 -46.76 5.45
C ALA U 204 17.45 -46.26 4.84
N GLY U 205 18.35 -45.68 5.64
CA GLY U 205 19.66 -45.26 5.09
C GLY U 205 20.50 -46.42 4.55
N ILE U 206 20.61 -47.46 5.36
CA ILE U 206 21.34 -48.69 4.95
C ILE U 206 20.67 -49.27 3.74
N VAL U 207 19.32 -49.24 3.73
CA VAL U 207 18.62 -49.78 2.54
C VAL U 207 18.92 -48.98 1.31
N GLY U 208 18.99 -47.66 1.45
CA GLY U 208 19.41 -46.84 0.32
C GLY U 208 20.83 -47.03 -0.15
N ILE U 209 21.75 -47.28 0.79
CA ILE U 209 23.15 -47.55 0.40
C ILE U 209 23.16 -48.84 -0.47
N ILE U 210 22.47 -49.87 -0.01
CA ILE U 210 22.47 -51.17 -0.72
C ILE U 210 21.82 -51.07 -2.10
N ALA U 211 20.60 -50.50 -2.15
CA ALA U 211 19.93 -50.35 -3.45
C ALA U 211 20.70 -49.44 -4.31
N GLY U 212 21.37 -48.47 -3.70
CA GLY U 212 22.21 -47.59 -4.50
C GLY U 212 23.31 -48.38 -5.22
N LEU U 213 24.03 -49.22 -4.45
CA LEU U 213 25.12 -50.07 -5.02
C LEU U 213 24.54 -50.96 -6.10
N PHE U 214 23.39 -51.60 -5.78
CA PHE U 214 22.64 -52.31 -6.83
C PHE U 214 22.45 -51.49 -8.10
N HIS U 215 21.97 -50.26 -7.93
CA HIS U 215 21.64 -49.44 -9.12
C HIS U 215 22.84 -48.87 -9.82
N ILE U 216 23.94 -48.74 -9.11
CA ILE U 216 25.23 -48.46 -9.78
C ILE U 216 25.73 -49.66 -10.63
N LEU U 217 25.62 -50.87 -10.10
CA LEU U 217 26.29 -52.06 -10.66
C LEU U 217 25.48 -52.90 -11.64
N VAL U 218 24.16 -52.92 -11.53
CA VAL U 218 23.29 -53.69 -12.42
C VAL U 218 22.44 -52.82 -13.38
N ARG U 219 22.60 -53.06 -14.66
CA ARG U 219 21.84 -52.47 -15.70
C ARG U 219 20.34 -52.84 -15.71
N PRO U 220 19.48 -51.89 -16.14
CA PRO U 220 18.08 -52.21 -16.29
C PRO U 220 17.78 -53.26 -17.31
N PRO U 221 16.81 -54.10 -17.02
CA PRO U 221 16.31 -54.96 -18.08
C PRO U 221 15.90 -54.17 -19.32
N GLN U 222 16.20 -54.73 -20.48
CA GLN U 222 15.75 -54.15 -21.73
C GLN U 222 14.22 -53.90 -21.71
N ARG U 223 13.49 -54.82 -21.13
CA ARG U 223 12.03 -54.72 -21.10
C ARG U 223 11.57 -53.47 -20.30
N LEU U 224 12.23 -53.17 -19.17
CA LEU U 224 11.88 -52.03 -18.34
C LEU U 224 12.40 -50.73 -18.97
N TYR U 225 13.62 -50.77 -19.47
CA TYR U 225 14.23 -49.68 -20.23
C TYR U 225 13.37 -49.16 -21.35
N LYS U 226 12.78 -50.05 -22.13
CA LYS U 226 11.89 -49.67 -23.23
C LYS U 226 10.55 -49.14 -22.69
N ALA U 227 9.96 -49.87 -21.75
CA ALA U 227 8.61 -49.60 -21.27
C ALA U 227 8.52 -48.24 -20.51
N LEU U 228 9.53 -47.92 -19.72
CA LEU U 228 9.61 -46.68 -18.99
C LEU U 228 10.47 -45.61 -19.67
N ARG U 229 10.86 -45.84 -20.90
CA ARG U 229 11.62 -44.91 -21.73
C ARG U 229 12.83 -44.30 -21.01
N MET U 230 13.69 -45.18 -20.49
CA MET U 230 14.82 -44.80 -19.70
C MET U 230 15.93 -44.00 -20.40
N GLY U 231 15.87 -43.87 -21.71
CA GLY U 231 16.65 -42.88 -22.43
C GLY U 231 16.05 -41.48 -22.45
N ASN U 232 14.82 -41.32 -21.92
CA ASN U 232 14.13 -40.02 -21.99
C ASN U 232 14.12 -39.37 -20.59
N ILE U 233 14.88 -38.30 -20.38
CA ILE U 233 14.91 -37.65 -19.07
C ILE U 233 13.52 -37.27 -18.54
N GLU U 234 12.55 -37.05 -19.43
CA GLU U 234 11.22 -36.74 -19.01
C GLU U 234 10.55 -37.88 -18.28
N THR U 235 11.00 -39.13 -18.44
CA THR U 235 10.48 -40.21 -17.59
C THR U 235 10.82 -39.97 -16.18
N VAL U 236 12.05 -39.52 -15.94
CA VAL U 236 12.48 -39.26 -14.56
C VAL U 236 11.63 -38.11 -13.95
N LEU U 237 11.37 -37.07 -14.75
CA LEU U 237 10.51 -35.99 -14.26
C LEU U 237 9.13 -36.54 -13.80
N SER U 238 8.53 -37.39 -14.63
CA SER U 238 7.28 -38.02 -14.30
C SER U 238 7.28 -38.80 -12.98
N SER U 239 8.22 -39.72 -12.84
CA SER U 239 8.21 -40.53 -11.64
C SER U 239 8.67 -39.71 -10.43
N SER U 240 9.62 -38.80 -10.59
CA SER U 240 10.00 -37.95 -9.49
C SER U 240 8.81 -37.05 -8.97
N ILE U 241 8.00 -36.54 -9.90
CA ILE U 241 6.82 -35.72 -9.49
C ILE U 241 5.90 -36.60 -8.70
N ALA U 242 5.73 -37.88 -9.09
CA ALA U 242 4.85 -38.80 -8.34
C ALA U 242 5.37 -39.02 -6.93
N ALA U 243 6.65 -39.31 -6.79
CA ALA U 243 7.22 -39.50 -5.43
C ALA U 243 7.03 -38.27 -4.56
N VAL U 244 7.21 -37.11 -5.15
CA VAL U 244 7.11 -35.85 -4.41
C VAL U 244 5.64 -35.58 -4.00
N PHE U 245 4.65 -35.86 -4.84
CA PHE U 245 3.23 -35.65 -4.37
C PHE U 245 2.85 -36.65 -3.27
N PHE U 246 3.39 -37.84 -3.36
CA PHE U 246 3.22 -38.82 -2.26
C PHE U 246 3.80 -38.24 -0.98
N ALA U 247 5.06 -37.80 -1.01
CA ALA U 247 5.68 -37.19 0.19
C ALA U 247 4.91 -35.96 0.71
N ALA U 248 4.41 -35.16 -0.22
CA ALA U 248 3.66 -33.90 0.17
C ALA U 248 2.40 -34.26 0.89
N PHE U 249 1.72 -35.30 0.44
CA PHE U 249 0.50 -35.78 1.13
C PHE U 249 0.79 -36.35 2.49
N VAL U 250 1.90 -37.08 2.62
CA VAL U 250 2.26 -37.61 3.89
C VAL U 250 2.57 -36.46 4.87
N VAL U 251 3.32 -35.44 4.42
CA VAL U 251 3.68 -34.41 5.39
C VAL U 251 2.43 -33.58 5.76
N ALA U 252 1.48 -33.42 4.83
CA ALA U 252 0.24 -32.73 5.17
C ALA U 252 -0.51 -33.51 6.26
N GLY U 253 -0.58 -34.84 6.09
CA GLY U 253 -1.35 -35.63 7.07
C GLY U 253 -0.75 -35.65 8.42
N THR U 254 0.58 -35.83 8.51
CA THR U 254 1.23 -35.85 9.85
C THR U 254 1.24 -34.48 10.50
N MET U 255 1.23 -33.43 9.69
CA MET U 255 0.98 -32.10 10.28
C MET U 255 -0.43 -31.94 10.88
N TRP U 256 -1.45 -32.42 10.18
CA TRP U 256 -2.82 -32.18 10.62
C TRP U 256 -3.20 -33.08 11.82
N TYR U 257 -2.76 -34.34 11.80
CA TYR U 257 -3.02 -35.34 12.89
C TYR U 257 -2.06 -35.29 14.05
N GLY U 258 -0.86 -34.76 13.81
CA GLY U 258 0.17 -34.77 14.83
C GLY U 258 1.03 -36.01 14.67
N SER U 259 2.31 -35.86 14.97
CA SER U 259 3.27 -36.89 15.13
C SER U 259 4.44 -36.36 15.97
N ALA U 260 5.40 -37.24 16.25
CA ALA U 260 6.60 -36.89 16.93
C ALA U 260 7.35 -35.83 16.18
N THR U 261 7.15 -35.72 14.85
CA THR U 261 7.83 -34.69 14.07
C THR U 261 7.05 -33.39 13.86
N THR U 262 5.86 -33.30 14.46
CA THR U 262 5.09 -32.07 14.44
C THR U 262 4.59 -31.74 15.83
N PRO U 263 5.53 -31.41 16.76
CA PRO U 263 5.18 -31.17 18.14
C PRO U 263 4.40 -29.89 18.31
N ILE U 264 3.57 -29.89 19.35
CA ILE U 264 2.60 -28.85 19.59
C ILE U 264 3.21 -27.53 20.09
N GLU U 265 4.40 -27.59 20.68
CA GLU U 265 5.10 -26.38 21.11
C GLU U 265 5.74 -25.60 19.94
N LEU U 266 5.86 -26.28 18.80
CA LEU U 266 6.46 -25.68 17.63
C LEU U 266 5.38 -25.29 16.60
N PHE U 267 4.33 -26.10 16.41
CA PHE U 267 3.31 -25.86 15.37
C PHE U 267 1.94 -25.51 15.91
N GLY U 268 1.79 -25.65 17.24
CA GLY U 268 0.55 -25.48 17.94
C GLY U 268 -0.23 -26.77 18.11
N PRO U 269 -1.30 -26.71 18.91
CA PRO U 269 -2.13 -27.90 19.11
C PRO U 269 -2.91 -28.35 17.84
N THR U 270 -3.48 -29.56 17.84
CA THR U 270 -4.18 -30.05 16.66
C THR U 270 -5.62 -29.80 16.89
N ARG U 271 -6.41 -29.89 15.81
CA ARG U 271 -7.86 -29.69 15.96
C ARG U 271 -8.50 -30.85 16.79
N TYR U 272 -7.87 -32.01 16.73
CA TYR U 272 -8.41 -33.27 17.29
C TYR U 272 -8.29 -33.19 18.79
N GLN U 273 -7.29 -32.40 19.30
CA GLN U 273 -7.18 -32.24 20.74
C GLN U 273 -8.37 -31.46 21.30
N TRP U 274 -8.89 -30.53 20.53
CA TRP U 274 -10.17 -29.86 20.91
C TRP U 274 -11.33 -30.84 20.78
N ASP U 275 -11.36 -31.61 19.68
CA ASP U 275 -12.48 -32.58 19.42
C ASP U 275 -12.70 -33.57 20.54
N SER U 276 -11.60 -34.10 21.08
CA SER U 276 -11.60 -35.10 22.13
C SER U 276 -11.43 -34.48 23.53
N SER U 277 -11.50 -33.13 23.63
CA SER U 277 -11.29 -32.44 24.86
C SER U 277 -10.07 -33.00 25.65
N TYR U 278 -9.00 -33.25 24.91
CA TYR U 278 -7.73 -33.82 25.39
C TYR U 278 -7.13 -33.01 26.52
N PHE U 279 -7.04 -31.67 26.35
CA PHE U 279 -6.49 -30.90 27.41
C PHE U 279 -7.44 -30.76 28.59
N GLN U 280 -8.72 -30.53 28.32
CA GLN U 280 -9.71 -30.37 29.39
C GLN U 280 -9.72 -31.60 30.32
N GLN U 281 -9.55 -32.80 29.75
CA GLN U 281 -9.55 -34.05 30.55
C GLN U 281 -8.35 -34.08 31.50
N GLU U 282 -7.19 -33.69 31.00
CA GLU U 282 -5.97 -33.70 31.80
C GLU U 282 -6.05 -32.62 32.90
N ILE U 283 -6.64 -31.48 32.57
CA ILE U 283 -6.81 -30.44 33.56
C ILE U 283 -7.71 -30.94 34.71
N ASN U 284 -8.87 -31.50 34.36
N ASN U 284 -8.88 -31.50 34.38
CA ASN U 284 -9.86 -32.00 35.33
CA ASN U 284 -9.81 -32.02 35.40
C ASN U 284 -9.22 -33.18 36.17
C ASN U 284 -9.17 -33.16 36.21
N ARG U 285 -8.42 -34.03 35.55
CA ARG U 285 -7.68 -35.08 36.27
C ARG U 285 -6.79 -34.49 37.35
N ARG U 286 -5.93 -33.51 36.99
CA ARG U 286 -5.02 -32.85 37.92
C ARG U 286 -5.76 -32.16 39.07
N VAL U 287 -6.87 -31.51 38.75
CA VAL U 287 -7.71 -30.84 39.75
C VAL U 287 -8.31 -31.84 40.76
N GLN U 288 -8.88 -32.93 40.28
CA GLN U 288 -9.51 -33.93 41.13
C GLN U 288 -8.45 -34.58 42.05
N ALA U 289 -7.27 -34.85 41.54
CA ALA U 289 -6.19 -35.40 42.36
C ALA U 289 -5.75 -34.41 43.45
N SER U 290 -5.73 -33.12 43.09
CA SER U 290 -5.44 -32.08 44.05
C SER U 290 -6.50 -32.09 45.16
N LEU U 291 -7.79 -32.16 44.77
CA LEU U 291 -8.92 -32.10 45.68
C LEU U 291 -8.90 -33.35 46.65
N ALA U 292 -8.60 -34.50 46.08
CA ALA U 292 -8.56 -35.76 46.80
C ALA U 292 -7.44 -35.79 47.82
N SER U 293 -6.39 -35.00 47.61
CA SER U 293 -5.27 -34.99 48.55
C SER U 293 -5.33 -33.79 49.54
N GLY U 294 -6.50 -33.14 49.67
CA GLY U 294 -6.73 -32.08 50.64
C GLY U 294 -6.95 -30.64 50.19
N ALA U 295 -6.81 -30.34 48.89
CA ALA U 295 -6.61 -28.94 48.45
C ALA U 295 -7.95 -28.22 48.47
N THR U 296 -7.97 -26.93 48.76
CA THR U 296 -9.18 -26.15 48.40
C THR U 296 -9.32 -26.08 46.79
N LEU U 297 -10.51 -25.78 46.33
CA LEU U 297 -10.83 -25.52 44.94
C LEU U 297 -9.88 -24.41 44.41
N GLU U 298 -9.72 -23.32 45.17
CA GLU U 298 -8.71 -22.29 44.82
C GLU U 298 -7.31 -22.87 44.58
N GLU U 299 -6.88 -23.72 45.48
CA GLU U 299 -5.51 -24.24 45.38
C GLU U 299 -5.38 -25.18 44.23
N ALA U 300 -6.36 -26.04 44.06
CA ALA U 300 -6.36 -27.07 43.04
C ALA U 300 -6.31 -26.43 41.62
N TRP U 301 -7.18 -25.44 41.38
CA TRP U 301 -7.16 -24.70 40.11
C TRP U 301 -5.87 -23.87 39.95
N SER U 302 -5.38 -23.29 41.06
CA SER U 302 -4.14 -22.48 41.07
C SER U 302 -2.94 -23.29 40.81
N ALA U 303 -3.04 -24.61 40.98
CA ALA U 303 -1.88 -25.44 40.59
C ALA U 303 -1.88 -25.83 39.07
N ILE U 304 -2.91 -25.50 38.29
CA ILE U 304 -2.88 -25.89 36.87
C ILE U 304 -1.90 -24.91 36.16
N PRO U 305 -0.88 -25.41 35.46
CA PRO U 305 -0.01 -24.46 34.71
C PRO U 305 -0.82 -23.61 33.69
N GLU U 306 -0.52 -22.32 33.57
N GLU U 306 -0.52 -22.31 33.61
CA GLU U 306 -1.15 -21.49 32.54
CA GLU U 306 -1.01 -21.42 32.54
C GLU U 306 -0.97 -22.09 31.12
C GLU U 306 -0.96 -22.07 31.16
N LYS U 307 0.16 -22.72 30.85
CA LYS U 307 0.39 -23.28 29.53
C LYS U 307 -0.65 -24.38 29.18
N LEU U 308 -1.03 -25.16 30.19
CA LEU U 308 -1.92 -26.27 29.99
C LEU U 308 -3.32 -25.71 29.73
N ALA U 309 -3.70 -24.74 30.52
CA ALA U 309 -4.99 -24.13 30.35
C ALA U 309 -5.12 -23.44 28.96
N PHE U 310 -4.00 -22.89 28.49
CA PHE U 310 -3.98 -22.19 27.19
C PHE U 310 -4.21 -23.14 26.04
N TYR U 311 -3.72 -24.37 26.14
CA TYR U 311 -4.04 -25.37 25.15
C TYR U 311 -5.54 -25.71 25.08
N ASP U 312 -6.25 -25.53 26.18
CA ASP U 312 -7.65 -25.88 26.26
C ASP U 312 -8.51 -24.71 25.89
N TYR U 313 -8.16 -24.07 24.78
CA TYR U 313 -8.83 -22.80 24.32
C TYR U 313 -8.96 -22.86 22.81
N ILE U 314 -10.15 -22.61 22.29
CA ILE U 314 -10.44 -22.82 20.88
C ILE U 314 -9.68 -21.84 19.97
N GLY U 315 -9.24 -20.71 20.48
CA GLY U 315 -8.48 -19.77 19.69
C GLY U 315 -7.14 -20.30 19.31
N ASN U 316 -6.72 -21.41 19.90
CA ASN U 316 -5.50 -22.13 19.44
C ASN U 316 -5.70 -23.39 18.60
N ASN U 317 -6.96 -23.69 18.34
CA ASN U 317 -7.39 -24.75 17.44
C ASN U 317 -7.16 -24.32 15.99
N PRO U 318 -6.37 -25.09 15.21
CA PRO U 318 -6.09 -24.70 13.83
C PRO U 318 -7.27 -24.72 12.83
N ALA U 319 -8.42 -25.21 13.25
CA ALA U 319 -9.57 -25.34 12.36
C ALA U 319 -10.56 -24.24 12.66
N LYS U 320 -10.10 -23.14 13.23
CA LYS U 320 -10.95 -21.99 13.51
C LYS U 320 -10.65 -20.76 12.62
N GLY U 321 -9.87 -20.94 11.56
CA GLY U 321 -9.39 -19.84 10.77
C GLY U 321 -10.22 -19.47 9.55
N GLY U 322 -9.59 -18.74 8.63
CA GLY U 322 -10.21 -18.31 7.40
C GLY U 322 -9.11 -18.15 6.36
N LEU U 323 -9.45 -18.41 5.09
CA LEU U 323 -8.43 -18.39 4.00
C LEU U 323 -7.77 -17.05 3.79
N PHE U 324 -8.53 -15.98 4.02
CA PHE U 324 -8.03 -14.62 3.86
C PHE U 324 -7.85 -13.82 5.14
N ARG U 325 -7.94 -14.53 6.27
CA ARG U 325 -7.67 -13.94 7.56
C ARG U 325 -6.20 -14.18 7.79
N THR U 326 -5.43 -13.17 7.43
CA THR U 326 -3.97 -13.32 7.26
C THR U 326 -3.24 -13.00 8.54
N GLY U 327 -2.05 -13.59 8.69
CA GLY U 327 -1.12 -13.19 9.70
C GLY U 327 -1.08 -14.13 10.92
N PRO U 328 -0.50 -13.66 12.00
CA PRO U 328 -0.36 -14.48 13.21
C PRO U 328 -1.70 -14.64 13.91
N MET U 329 -1.87 -15.71 14.69
CA MET U 329 -3.10 -15.80 15.52
C MET U 329 -3.33 -14.58 16.40
N ASN U 330 -2.23 -13.96 16.86
CA ASN U 330 -2.29 -12.80 17.73
C ASN U 330 -3.06 -11.63 17.13
N LYS U 331 -3.08 -11.57 15.80
CA LYS U 331 -3.87 -10.55 15.07
C LYS U 331 -5.37 -10.71 15.23
N GLY U 332 -5.84 -11.91 15.58
CA GLY U 332 -7.25 -12.11 15.81
C GLY U 332 -7.67 -11.86 17.23
N ASP U 333 -7.51 -12.86 18.09
CA ASP U 333 -7.95 -12.70 19.47
C ASP U 333 -7.05 -11.78 20.34
N GLY U 334 -5.82 -11.54 19.91
CA GLY U 334 -4.92 -10.63 20.62
C GLY U 334 -3.73 -11.40 21.11
N ILE U 335 -2.79 -10.70 21.76
CA ILE U 335 -1.57 -11.39 22.35
C ILE U 335 -1.99 -11.82 23.76
N ALA U 336 -2.00 -13.12 24.03
CA ALA U 336 -2.51 -13.61 25.34
C ALA U 336 -1.56 -13.09 26.45
N GLN U 337 -2.14 -12.56 27.51
CA GLN U 337 -1.40 -11.97 28.60
C GLN U 337 -1.40 -12.89 29.86
N ALA U 338 -2.55 -13.42 30.21
CA ALA U 338 -2.70 -14.22 31.42
C ALA U 338 -4.01 -14.99 31.38
N TRP U 339 -4.01 -16.15 32.07
CA TRP U 339 -5.23 -16.92 32.37
C TRP U 339 -6.11 -16.15 33.35
N LYS U 340 -7.38 -16.03 33.06
CA LYS U 340 -8.26 -15.39 34.03
C LYS U 340 -8.61 -16.28 35.23
N GLY U 341 -8.31 -17.58 35.13
CA GLY U 341 -8.83 -18.55 36.03
C GLY U 341 -9.97 -19.35 35.45
N HIS U 342 -10.28 -20.46 36.12
CA HIS U 342 -11.37 -21.35 35.76
C HIS U 342 -12.69 -20.80 36.23
N ALA U 343 -13.62 -20.57 35.31
CA ALA U 343 -14.97 -20.06 35.63
C ALA U 343 -15.95 -21.23 36.02
N VAL U 344 -16.52 -21.15 37.21
CA VAL U 344 -17.59 -22.05 37.65
C VAL U 344 -18.89 -21.28 37.72
N PHE U 345 -19.87 -21.75 36.97
CA PHE U 345 -21.17 -21.10 36.91
C PHE U 345 -22.10 -21.89 37.88
N ARG U 346 -22.97 -21.17 38.56
N ARG U 346 -22.95 -21.17 38.59
CA ARG U 346 -23.94 -21.78 39.47
CA ARG U 346 -23.90 -21.75 39.59
C ARG U 346 -25.27 -21.04 39.32
C ARG U 346 -25.24 -21.06 39.35
N ASN U 347 -26.37 -21.76 39.48
CA ASN U 347 -27.69 -21.07 39.54
C ASN U 347 -28.00 -20.70 41.00
N LYS U 348 -29.15 -20.11 41.22
CA LYS U 348 -29.59 -19.61 42.56
C LYS U 348 -29.62 -20.73 43.62
N GLU U 349 -30.06 -21.90 43.18
CA GLU U 349 -30.13 -23.07 44.01
C GLU U 349 -28.67 -23.57 44.35
N GLY U 350 -27.61 -23.00 43.75
CA GLY U 350 -26.19 -23.43 43.92
C GLY U 350 -25.70 -24.66 43.15
N GLU U 351 -26.48 -25.17 42.21
N GLU U 351 -26.46 -25.21 42.22
CA GLU U 351 -26.03 -26.30 41.35
CA GLU U 351 -25.90 -26.31 41.43
C GLU U 351 -24.94 -25.78 40.38
C GLU U 351 -24.91 -25.76 40.42
N GLU U 352 -23.84 -26.51 40.21
CA GLU U 352 -22.85 -26.22 39.23
C GLU U 352 -23.42 -26.43 37.82
N LEU U 353 -23.20 -25.46 36.94
CA LEU U 353 -23.67 -25.49 35.54
C LEU U 353 -22.45 -25.38 34.63
N PHE U 354 -22.55 -26.02 33.46
CA PHE U 354 -21.44 -26.15 32.51
C PHE U 354 -21.85 -25.52 31.15
N VAL U 355 -21.02 -24.58 30.67
CA VAL U 355 -21.27 -23.92 29.36
C VAL U 355 -20.99 -24.90 28.23
N ARG U 356 -21.91 -25.05 27.32
CA ARG U 356 -21.73 -25.94 26.22
C ARG U 356 -20.65 -25.33 25.29
N ARG U 357 -19.56 -26.04 25.03
CA ARG U 357 -18.46 -25.55 24.21
C ARG U 357 -18.76 -25.56 22.70
N MET U 358 -18.18 -24.57 21.99
CA MET U 358 -18.27 -24.43 20.54
C MET U 358 -17.51 -25.50 19.84
N PRO U 359 -18.19 -26.24 18.99
CA PRO U 359 -17.35 -27.15 18.13
C PRO U 359 -16.70 -26.35 16.97
N ALA U 360 -15.59 -26.88 16.44
CA ALA U 360 -14.87 -26.16 15.40
C ALA U 360 -15.72 -25.77 14.22
N PHE U 361 -16.76 -26.53 13.89
CA PHE U 361 -17.50 -26.30 12.68
C PHE U 361 -18.18 -24.93 12.69
N PHE U 362 -18.44 -24.36 13.88
CA PHE U 362 -19.38 -23.22 14.05
C PHE U 362 -18.66 -21.84 14.19
N GLU U 363 -18.93 -20.93 13.28
CA GLU U 363 -18.42 -19.55 13.36
C GLU U 363 -19.06 -18.78 14.50
N SER U 364 -20.30 -19.08 14.79
CA SER U 364 -20.97 -18.57 15.96
C SER U 364 -21.72 -19.73 16.64
N PHE U 365 -22.06 -19.51 17.89
CA PHE U 365 -22.69 -20.60 18.70
C PHE U 365 -23.45 -20.01 19.89
N PRO U 366 -24.64 -20.53 20.19
CA PRO U 366 -25.46 -19.92 21.29
C PRO U 366 -24.87 -20.28 22.67
N VAL U 367 -25.32 -19.57 23.71
CA VAL U 367 -24.85 -19.80 25.05
C VAL U 367 -25.88 -20.65 25.82
N ILE U 368 -25.50 -21.89 26.13
CA ILE U 368 -26.42 -22.88 26.81
C ILE U 368 -25.67 -23.56 27.94
N LEU U 369 -26.30 -23.62 29.12
CA LEU U 369 -25.68 -24.12 30.37
C LEU U 369 -26.50 -25.30 30.81
N THR U 370 -25.81 -26.41 31.08
CA THR U 370 -26.41 -27.67 31.51
C THR U 370 -25.88 -28.08 32.89
N ASP U 371 -26.65 -28.93 33.59
CA ASP U 371 -26.15 -29.50 34.89
C ASP U 371 -25.22 -30.62 34.56
N LYS U 372 -24.66 -31.29 35.56
CA LYS U 372 -23.71 -32.36 35.29
C LYS U 372 -24.26 -33.54 34.48
N ASN U 373 -25.59 -33.69 34.39
CA ASN U 373 -26.23 -34.75 33.57
C ASN U 373 -26.72 -34.30 32.22
N GLY U 374 -26.25 -33.16 31.73
CA GLY U 374 -26.71 -32.66 30.44
C GLY U 374 -28.09 -31.99 30.40
N VAL U 375 -28.77 -31.75 31.51
CA VAL U 375 -30.08 -31.15 31.47
C VAL U 375 -29.87 -29.63 31.36
N VAL U 376 -30.63 -28.98 30.48
CA VAL U 376 -30.45 -27.55 30.29
C VAL U 376 -30.96 -26.86 31.52
N LYS U 377 -30.19 -25.91 32.05
CA LYS U 377 -30.60 -25.11 33.21
C LYS U 377 -30.57 -23.64 33.00
N ALA U 378 -29.82 -23.15 31.99
CA ALA U 378 -29.82 -21.69 31.71
C ALA U 378 -29.35 -21.45 30.27
N ASP U 379 -29.71 -20.30 29.72
CA ASP U 379 -29.22 -19.92 28.39
C ASP U 379 -29.32 -18.44 28.17
N ILE U 380 -28.80 -17.97 27.03
CA ILE U 380 -29.04 -16.60 26.66
C ILE U 380 -30.10 -16.64 25.54
N PRO U 381 -31.30 -16.10 25.81
CA PRO U 381 -32.30 -16.27 24.79
C PRO U 381 -32.09 -15.33 23.60
N PHE U 382 -32.67 -15.68 22.47
CA PHE U 382 -32.75 -14.84 21.31
C PHE U 382 -34.08 -14.11 21.49
N ARG U 383 -35.21 -14.72 21.15
CA ARG U 383 -36.56 -14.15 21.54
C ARG U 383 -36.67 -14.19 23.10
N ARG U 384 -37.10 -13.07 23.65
CA ARG U 384 -37.30 -12.90 25.09
C ARG U 384 -38.69 -13.22 25.58
N ALA U 385 -39.70 -13.03 24.77
CA ALA U 385 -41.06 -13.08 25.31
C ALA U 385 -41.48 -14.40 25.92
N GLU U 386 -40.87 -15.51 25.57
CA GLU U 386 -41.21 -16.80 26.15
C GLU U 386 -40.01 -17.42 26.76
N SER U 387 -39.07 -16.57 27.17
CA SER U 387 -37.86 -17.08 27.81
C SER U 387 -38.20 -17.73 29.17
N LYS U 388 -37.60 -18.88 29.43
CA LYS U 388 -37.74 -19.64 30.68
C LYS U 388 -36.36 -19.86 31.37
N TYR U 389 -35.25 -19.78 30.64
CA TYR U 389 -33.94 -20.14 31.18
C TYR U 389 -32.93 -19.01 31.28
N SER U 390 -33.37 -17.76 31.18
CA SER U 390 -32.41 -16.66 31.18
C SER U 390 -31.59 -16.65 32.46
N PHE U 391 -30.43 -16.01 32.40
CA PHE U 391 -29.55 -15.92 33.52
C PHE U 391 -30.26 -15.14 34.68
N GLU U 392 -31.05 -14.14 34.30
CA GLU U 392 -31.83 -13.36 35.23
C GLU U 392 -32.88 -14.25 35.96
N GLN U 393 -33.61 -15.10 35.23
CA GLN U 393 -34.62 -15.94 35.87
C GLN U 393 -33.94 -17.01 36.74
N GLN U 394 -32.79 -17.50 36.35
CA GLN U 394 -32.17 -18.63 37.08
C GLN U 394 -31.14 -18.19 38.13
N GLY U 395 -30.95 -16.86 38.25
CA GLY U 395 -29.98 -16.22 39.13
C GLY U 395 -28.57 -16.75 38.94
N VAL U 396 -28.11 -16.80 37.68
CA VAL U 396 -26.80 -17.44 37.39
C VAL U 396 -25.66 -16.53 37.87
N THR U 397 -24.65 -17.13 38.52
CA THR U 397 -23.47 -16.41 38.97
C THR U 397 -22.25 -17.16 38.48
N VAL U 398 -21.11 -16.49 38.54
CA VAL U 398 -19.89 -17.13 38.14
C VAL U 398 -18.80 -16.84 39.17
N SER U 399 -18.01 -17.86 39.47
CA SER U 399 -16.91 -17.69 40.39
C SER U 399 -15.66 -18.21 39.74
N PHE U 400 -14.54 -17.56 39.97
CA PHE U 400 -13.31 -17.98 39.34
C PHE U 400 -12.36 -18.62 40.33
N TYR U 401 -11.65 -19.64 39.89
CA TYR U 401 -10.65 -20.32 40.72
C TYR U 401 -9.35 -20.45 39.89
N GLY U 402 -8.21 -20.08 40.48
CA GLY U 402 -6.93 -19.95 39.76
C GLY U 402 -6.88 -18.65 38.96
N GLY U 403 -5.70 -18.35 38.40
CA GLY U 403 -5.45 -17.14 37.60
C GLY U 403 -5.80 -15.80 38.21
N GLU U 404 -5.98 -14.79 37.36
CA GLU U 404 -6.09 -13.42 37.78
C GLU U 404 -7.33 -13.18 38.61
N LEU U 405 -8.42 -13.88 38.32
CA LEU U 405 -9.67 -13.60 38.97
C LEU U 405 -9.92 -14.57 40.12
N ASN U 406 -8.89 -15.34 40.52
CA ASN U 406 -8.99 -16.27 41.61
C ASN U 406 -9.68 -15.70 42.83
N GLY U 407 -10.70 -16.41 43.30
CA GLY U 407 -11.46 -16.04 44.47
C GLY U 407 -12.52 -15.01 44.24
N GLN U 408 -12.76 -14.58 43.02
CA GLN U 408 -13.82 -13.57 42.79
C GLN U 408 -15.13 -14.19 42.32
N THR U 409 -16.25 -13.49 42.55
CA THR U 409 -17.57 -13.97 42.22
C THR U 409 -18.29 -12.79 41.60
N PHE U 410 -19.01 -13.03 40.49
CA PHE U 410 -19.76 -11.99 39.77
C PHE U 410 -21.23 -12.46 39.75
N THR U 411 -22.14 -11.53 40.01
CA THR U 411 -23.56 -11.76 40.04
C THR U 411 -24.35 -10.80 39.11
N ASP U 412 -23.78 -9.68 38.70
CA ASP U 412 -24.43 -8.77 37.69
C ASP U 412 -24.71 -9.52 36.34
N PRO U 413 -25.99 -9.62 35.90
CA PRO U 413 -26.24 -10.58 34.79
C PRO U 413 -25.48 -10.26 33.44
N PRO U 414 -25.28 -8.99 33.07
CA PRO U 414 -24.46 -8.72 31.85
C PRO U 414 -23.03 -9.22 31.97
N THR U 415 -22.44 -9.05 33.13
CA THR U 415 -21.09 -9.54 33.38
C THR U 415 -20.97 -11.08 33.34
N VAL U 416 -21.93 -11.74 33.94
CA VAL U 416 -21.89 -13.20 34.05
C VAL U 416 -22.13 -13.73 32.63
N LYS U 417 -23.07 -13.12 31.91
CA LYS U 417 -23.24 -13.43 30.49
C LYS U 417 -21.97 -13.25 29.61
N SER U 418 -21.23 -12.17 29.81
CA SER U 418 -19.99 -11.97 29.09
C SER U 418 -18.98 -13.06 29.34
N TYR U 419 -18.83 -13.47 30.59
CA TYR U 419 -17.95 -14.60 30.85
C TYR U 419 -18.49 -15.87 30.29
N ALA U 420 -19.84 -16.03 30.23
CA ALA U 420 -20.36 -17.29 29.66
C ALA U 420 -20.07 -17.37 28.12
N ARG U 421 -20.21 -16.21 27.45
CA ARG U 421 -19.81 -16.08 26.04
C ARG U 421 -18.33 -16.48 25.83
N LYS U 422 -17.43 -16.14 26.74
CA LYS U 422 -16.04 -16.64 26.62
C LYS U 422 -15.86 -18.09 26.87
N ALA U 423 -16.68 -18.63 27.78
CA ALA U 423 -16.57 -20.03 28.15
C ALA U 423 -16.91 -21.02 27.03
N ILE U 424 -17.71 -20.60 26.04
CA ILE U 424 -17.87 -21.47 24.90
C ILE U 424 -16.53 -21.82 24.23
N PHE U 425 -15.51 -20.96 24.40
CA PHE U 425 -14.24 -21.15 23.76
C PHE U 425 -13.31 -21.96 24.63
N GLY U 426 -13.76 -22.41 25.80
CA GLY U 426 -12.85 -23.15 26.74
C GLY U 426 -12.38 -22.26 27.85
N GLU U 427 -11.13 -22.49 28.30
CA GLU U 427 -10.56 -21.63 29.32
C GLU U 427 -10.42 -20.15 28.85
N ILE U 428 -10.59 -19.21 29.80
CA ILE U 428 -10.71 -17.78 29.56
C ILE U 428 -9.41 -17.04 29.83
N PHE U 429 -8.98 -16.30 28.84
CA PHE U 429 -7.75 -15.52 28.89
C PHE U 429 -7.99 -14.02 28.73
N GLU U 430 -7.02 -13.27 29.27
CA GLU U 430 -6.89 -11.86 29.05
C GLU U 430 -5.92 -11.66 27.89
N PHE U 431 -6.31 -10.79 26.95
CA PHE U 431 -5.50 -10.52 25.76
C PHE U 431 -5.17 -9.04 25.62
N ASP U 432 -4.02 -8.78 25.05
CA ASP U 432 -3.70 -7.41 24.52
C ASP U 432 -4.17 -7.31 23.06
N THR U 433 -5.30 -6.63 22.83
CA THR U 433 -5.83 -6.46 21.50
C THR U 433 -5.36 -5.13 20.86
N GLU U 434 -4.51 -4.33 21.55
CA GLU U 434 -4.11 -2.98 21.09
C GLU U 434 -2.82 -2.98 20.32
N THR U 435 -1.82 -3.68 20.79
CA THR U 435 -0.53 -3.63 20.15
C THR U 435 -0.61 -3.98 18.68
N LEU U 436 -1.38 -5.00 18.27
CA LEU U 436 -1.43 -5.37 16.87
C LEU U 436 -2.71 -4.83 16.20
N ASN U 437 -3.47 -4.01 16.88
CA ASN U 437 -4.85 -3.68 16.43
C ASN U 437 -5.65 -4.91 16.05
N SER U 438 -5.75 -5.87 16.99
CA SER U 438 -6.38 -7.13 16.74
C SER U 438 -7.84 -6.95 16.43
N ASP U 439 -8.39 -7.77 15.57
CA ASP U 439 -9.79 -7.52 15.09
C ASP U 439 -10.84 -8.44 15.74
N GLY U 440 -10.40 -9.39 16.58
CA GLY U 440 -11.33 -10.25 17.28
C GLY U 440 -11.69 -11.56 16.59
N ILE U 441 -11.12 -11.82 15.42
CA ILE U 441 -11.63 -12.87 14.53
C ILE U 441 -10.56 -13.93 14.38
N PHE U 442 -10.91 -15.18 14.59
CA PHE U 442 -9.91 -16.23 14.78
C PHE U 442 -9.15 -16.54 13.50
N ARG U 443 -7.86 -16.83 13.66
CA ARG U 443 -6.97 -17.24 12.56
C ARG U 443 -6.39 -18.61 12.85
N THR U 444 -5.91 -19.27 11.83
CA THR U 444 -5.16 -20.55 12.02
C THR U 444 -3.72 -20.38 12.39
N SER U 445 -3.10 -21.50 12.76
CA SER U 445 -1.71 -21.48 13.19
C SER U 445 -0.81 -21.97 12.04
N PRO U 446 0.49 -22.04 12.27
CA PRO U 446 1.32 -22.64 11.21
C PRO U 446 1.02 -24.09 10.91
N ARG U 447 0.40 -24.82 11.83
CA ARG U 447 -0.09 -26.17 11.52
C ARG U 447 -1.14 -26.15 10.39
N GLY U 448 -2.08 -25.25 10.49
CA GLY U 448 -3.13 -25.11 9.47
C GLY U 448 -2.55 -24.66 8.13
N TRP U 449 -1.72 -23.60 8.14
CA TRP U 449 -1.21 -23.03 6.89
C TRP U 449 -0.27 -24.09 6.21
N PHE U 450 0.57 -24.72 6.99
CA PHE U 450 1.45 -25.79 6.39
C PHE U 450 0.63 -26.85 5.69
N THR U 451 -0.37 -27.34 6.42
CA THR U 451 -1.27 -28.40 5.94
C THR U 451 -1.98 -27.95 4.65
N PHE U 452 -2.53 -26.75 4.65
CA PHE U 452 -3.23 -26.24 3.44
C PHE U 452 -2.31 -26.18 2.21
N ALA U 453 -1.18 -25.52 2.35
CA ALA U 453 -0.31 -25.35 1.22
C ALA U 453 0.15 -26.74 0.70
N HIS U 454 0.44 -27.67 1.61
CA HIS U 454 1.03 -28.98 1.17
C HIS U 454 -0.02 -29.91 0.55
N ALA U 455 -1.25 -29.84 1.01
CA ALA U 455 -2.31 -30.63 0.39
C ALA U 455 -2.56 -30.09 -1.00
N VAL U 456 -2.61 -28.76 -1.11
CA VAL U 456 -2.92 -28.13 -2.40
C VAL U 456 -1.84 -28.43 -3.39
N PHE U 457 -0.59 -28.23 -2.97
CA PHE U 457 0.52 -28.49 -3.86
C PHE U 457 0.59 -29.97 -4.28
N ALA U 458 0.23 -30.83 -3.39
CA ALA U 458 0.33 -32.28 -3.67
C ALA U 458 -0.73 -32.61 -4.72
N LEU U 459 -1.92 -32.06 -4.56
CA LEU U 459 -2.95 -32.29 -5.58
C LEU U 459 -2.54 -31.78 -6.95
N LEU U 460 -1.99 -30.57 -6.98
CA LEU U 460 -1.56 -30.02 -8.24
C LEU U 460 -0.42 -30.89 -8.87
N PHE U 461 0.48 -31.41 -8.04
CA PHE U 461 1.59 -32.20 -8.55
C PHE U 461 1.07 -33.50 -9.16
N PHE U 462 -0.11 -33.98 -8.73
CA PHE U 462 -0.77 -35.12 -9.41
C PHE U 462 -0.99 -34.80 -10.90
N PHE U 463 -1.47 -33.62 -11.19
CA PHE U 463 -1.60 -33.26 -12.57
C PHE U 463 -0.23 -33.27 -13.29
N GLY U 464 0.78 -32.66 -12.68
CA GLY U 464 2.09 -32.62 -13.25
C GLY U 464 2.61 -34.04 -13.61
N HIS U 465 2.37 -34.97 -12.70
CA HIS U 465 2.72 -36.38 -12.93
C HIS U 465 2.03 -36.94 -14.14
N ILE U 466 0.74 -36.83 -14.19
CA ILE U 466 -0.07 -37.30 -15.33
C ILE U 466 0.35 -36.66 -16.64
N TRP U 467 0.63 -35.37 -16.59
CA TRP U 467 1.02 -34.61 -17.80
C TRP U 467 2.36 -35.11 -18.35
N HIS U 468 3.36 -35.24 -17.48
CA HIS U 468 4.73 -35.59 -17.93
C HIS U 468 4.87 -37.11 -18.22
N GLY U 469 4.14 -37.93 -17.50
CA GLY U 469 3.98 -39.32 -17.80
C GLY U 469 3.41 -39.54 -19.16
N ALA U 470 2.38 -38.79 -19.49
CA ALA U 470 1.79 -38.83 -20.80
C ALA U 470 2.82 -38.40 -21.79
N ARG U 471 3.53 -37.29 -21.55
CA ARG U 471 4.46 -36.79 -22.55
C ARG U 471 5.59 -37.82 -22.83
N THR U 472 6.01 -38.53 -21.78
CA THR U 472 7.05 -39.49 -21.89
C THR U 472 6.58 -40.66 -22.80
N LEU U 473 5.39 -41.19 -22.52
CA LEU U 473 4.93 -42.40 -23.18
C LEU U 473 4.36 -42.19 -24.56
N PHE U 474 3.94 -40.97 -24.87
CA PHE U 474 3.35 -40.58 -26.13
C PHE U 474 4.22 -39.56 -26.84
N ARG U 475 5.53 -39.57 -26.56
CA ARG U 475 6.45 -38.66 -27.23
C ARG U 475 6.35 -38.69 -28.74
N ASP U 476 6.28 -39.86 -29.37
CA ASP U 476 6.13 -39.97 -30.89
C ASP U 476 4.92 -39.23 -31.52
N VAL U 477 3.89 -39.00 -30.72
CA VAL U 477 2.68 -38.38 -31.25
C VAL U 477 2.48 -36.97 -30.66
N PHE U 478 3.49 -36.41 -29.99
CA PHE U 478 3.32 -35.08 -29.38
C PHE U 478 2.82 -33.97 -30.33
N SER U 479 3.19 -33.99 -31.63
CA SER U 479 2.77 -32.95 -32.61
C SER U 479 1.56 -33.35 -33.47
N GLY U 480 1.04 -34.53 -33.23
CA GLY U 480 -0.11 -35.03 -33.96
C GLY U 480 0.03 -36.47 -34.30
N ILE U 481 -1.08 -37.04 -34.78
CA ILE U 481 -1.08 -38.48 -35.15
C ILE U 481 -0.51 -38.67 -36.55
N ASP U 482 0.06 -39.85 -36.79
CA ASP U 482 0.55 -40.20 -38.13
C ASP U 482 -0.46 -39.77 -39.23
N PRO U 483 -0.03 -38.90 -40.19
CA PRO U 483 -0.96 -38.42 -41.24
C PRO U 483 -1.59 -39.57 -42.08
N GLU U 484 -0.78 -40.62 -42.34
CA GLU U 484 -1.24 -41.88 -42.96
C GLU U 484 -1.29 -43.01 -41.90
N LEU U 485 -2.04 -42.75 -40.83
CA LEU U 485 -2.37 -43.78 -39.82
C LEU U 485 -3.34 -44.69 -40.54
N SER U 486 -3.07 -46.01 -40.46
CA SER U 486 -3.88 -47.03 -41.12
C SER U 486 -5.34 -47.04 -40.60
N PRO U 487 -6.35 -46.73 -41.47
CA PRO U 487 -7.77 -46.88 -41.04
C PRO U 487 -8.12 -48.26 -40.44
N GLU U 488 -7.40 -49.32 -40.86
CA GLU U 488 -7.56 -50.67 -40.31
C GLU U 488 -7.21 -50.81 -38.79
N GLN U 489 -6.20 -50.05 -38.32
CA GLN U 489 -5.77 -50.07 -36.91
C GLN U 489 -6.81 -49.51 -35.90
N VAL U 490 -7.68 -48.62 -36.40
CA VAL U 490 -8.68 -47.90 -35.59
C VAL U 490 -10.14 -48.28 -35.91
N GLU U 491 -10.41 -48.70 -37.16
CA GLU U 491 -11.68 -49.39 -37.49
C GLU U 491 -11.71 -50.74 -36.75
N TRP U 492 -12.87 -51.40 -36.77
CA TRP U 492 -13.06 -52.73 -36.14
C TRP U 492 -13.03 -53.82 -37.22
N GLY U 493 -12.76 -55.07 -36.84
CA GLY U 493 -12.80 -56.20 -37.79
C GLY U 493 -11.46 -56.65 -38.34
N PHE U 494 -10.51 -55.70 -38.51
CA PHE U 494 -9.26 -55.97 -39.24
C PHE U 494 -8.16 -56.70 -38.42
N TYR U 495 -7.74 -56.14 -37.28
CA TYR U 495 -6.70 -56.79 -36.43
C TYR U 495 -7.38 -57.56 -35.28
N GLN U 496 -6.87 -58.75 -34.96
CA GLN U 496 -7.45 -59.54 -33.87
C GLN U 496 -7.08 -58.88 -32.50
N LYS U 497 -5.86 -58.37 -32.41
CA LYS U 497 -5.32 -57.71 -31.21
C LYS U 497 -5.22 -56.23 -31.58
N VAL U 498 -5.80 -55.38 -30.73
CA VAL U 498 -5.88 -53.93 -30.99
C VAL U 498 -4.43 -53.41 -31.12
N GLY U 499 -4.15 -52.67 -32.19
CA GLY U 499 -2.85 -52.01 -32.37
C GLY U 499 -1.67 -52.92 -32.71
N ASP U 500 -1.95 -54.13 -33.22
CA ASP U 500 -0.88 -55.07 -33.59
C ASP U 500 -1.17 -55.53 -35.04
N VAL U 501 -0.43 -54.94 -36.01
CA VAL U 501 -0.57 -55.21 -37.46
C VAL U 501 -0.29 -56.71 -37.84
N THR U 502 0.60 -57.39 -37.07
CA THR U 502 0.89 -58.83 -37.23
C THR U 502 -0.28 -59.78 -36.89
N THR U 503 -1.36 -59.25 -36.29
CA THR U 503 -2.60 -60.01 -36.01
C THR U 503 -3.72 -59.76 -37.06
N ARG U 504 -3.35 -59.16 -38.20
CA ARG U 504 -4.28 -58.92 -39.34
C ARG U 504 -4.66 -60.26 -39.99
N ASN V 1 -42.46 -57.34 -51.45
CA ASN V 1 -42.21 -55.93 -51.89
C ASN V 1 -41.27 -55.22 -50.91
N SER V 2 -40.53 -54.18 -51.36
CA SER V 2 -39.58 -53.46 -50.47
C SER V 2 -40.30 -52.70 -49.33
N ILE V 3 -39.67 -52.63 -48.15
CA ILE V 3 -40.01 -51.60 -47.10
C ILE V 3 -40.07 -50.20 -47.71
N PHE V 4 -39.18 -49.93 -48.66
CA PHE V 4 -38.97 -48.61 -49.21
C PHE V 4 -39.87 -48.26 -50.38
N ALA V 5 -41.03 -48.93 -50.50
CA ALA V 5 -41.81 -48.89 -51.74
C ALA V 5 -43.04 -48.00 -51.79
N THR V 6 -43.48 -47.49 -50.63
CA THR V 6 -44.46 -46.39 -50.49
C THR V 6 -43.74 -45.02 -50.45
N ASN V 7 -44.53 -43.93 -50.42
CA ASN V 7 -44.00 -42.58 -50.19
C ASN V 7 -43.71 -42.13 -48.66
N ARG V 8 -43.96 -43.05 -47.73
CA ARG V 8 -43.80 -42.93 -46.27
C ARG V 8 -42.46 -43.46 -45.79
N ASP V 9 -41.39 -42.84 -46.25
CA ASP V 9 -40.06 -43.18 -45.83
C ASP V 9 -39.16 -42.01 -46.11
N GLN V 10 -37.93 -42.14 -45.62
CA GLN V 10 -37.00 -41.02 -45.75
C GLN V 10 -36.58 -40.80 -47.21
N GLU V 11 -36.36 -41.93 -47.93
CA GLU V 11 -35.91 -41.94 -49.34
C GLU V 11 -36.85 -41.16 -50.30
N SER V 12 -38.15 -41.38 -50.21
CA SER V 12 -39.12 -40.60 -51.01
C SER V 12 -39.38 -39.19 -50.51
N SER V 13 -39.55 -39.03 -49.19
CA SER V 13 -40.05 -37.74 -48.62
C SER V 13 -38.94 -36.71 -48.37
N GLY V 14 -37.70 -37.18 -48.14
CA GLY V 14 -36.63 -36.30 -47.70
C GLY V 14 -36.66 -36.03 -46.17
N PHE V 15 -37.65 -36.57 -45.45
CA PHE V 15 -37.75 -36.40 -43.99
C PHE V 15 -37.57 -37.74 -43.29
N ALA V 16 -36.77 -37.73 -42.23
CA ALA V 16 -36.66 -38.87 -41.35
C ALA V 16 -37.91 -39.08 -40.52
N TRP V 17 -37.98 -40.26 -39.94
CA TRP V 17 -39.12 -40.71 -39.17
C TRP V 17 -39.48 -39.68 -38.06
N TRP V 18 -38.46 -39.08 -37.41
CA TRP V 18 -38.70 -38.18 -36.30
C TRP V 18 -39.24 -36.88 -36.76
N ALA V 19 -39.14 -36.60 -38.07
CA ALA V 19 -39.82 -35.48 -38.67
C ALA V 19 -40.95 -35.91 -39.61
N GLY V 20 -41.50 -37.07 -39.28
CA GLY V 20 -42.44 -37.77 -40.12
C GLY V 20 -43.63 -36.96 -40.58
N ASN V 21 -44.17 -36.12 -39.70
CA ASN V 21 -45.35 -35.33 -40.04
C ASN V 21 -45.10 -34.21 -41.02
N ALA V 22 -43.85 -33.87 -41.24
CA ALA V 22 -43.45 -32.97 -42.30
C ALA V 22 -43.68 -33.59 -43.74
N ARG V 23 -43.76 -34.92 -43.80
CA ARG V 23 -44.15 -35.65 -45.04
C ARG V 23 -45.54 -35.27 -45.55
N LEU V 24 -46.33 -34.61 -44.68
CA LEU V 24 -47.72 -34.31 -44.98
C LEU V 24 -47.93 -32.96 -45.56
N ILE V 25 -46.88 -32.16 -45.70
CA ILE V 25 -47.09 -30.76 -46.02
C ILE V 25 -47.92 -30.58 -47.32
N ASN V 26 -47.60 -31.36 -48.36
CA ASN V 26 -48.31 -31.31 -49.64
C ASN V 26 -49.23 -32.51 -49.91
N LEU V 27 -49.71 -33.14 -48.84
CA LEU V 27 -50.73 -34.19 -48.91
C LEU V 27 -52.01 -33.77 -48.18
N SER V 28 -52.85 -32.99 -48.85
CA SER V 28 -53.94 -32.31 -48.20
C SER V 28 -54.99 -33.21 -47.60
N GLY V 29 -55.09 -34.45 -48.14
CA GLY V 29 -56.07 -35.40 -47.66
C GLY V 29 -55.70 -36.06 -46.37
N LYS V 30 -54.54 -36.72 -46.36
CA LYS V 30 -53.99 -37.24 -45.12
C LYS V 30 -53.80 -36.14 -44.04
N LEU V 31 -53.33 -34.98 -44.44
CA LEU V 31 -53.15 -33.89 -43.48
C LEU V 31 -54.48 -33.48 -42.88
N LEU V 32 -55.57 -33.47 -43.68
CA LEU V 32 -56.90 -33.24 -43.11
C LEU V 32 -57.20 -34.35 -42.09
N GLY V 33 -56.84 -35.56 -42.42
CA GLY V 33 -57.04 -36.64 -41.46
C GLY V 33 -56.37 -36.36 -40.12
N ALA V 34 -55.11 -35.93 -40.20
CA ALA V 34 -54.24 -35.69 -39.04
C ALA V 34 -54.92 -34.68 -38.18
N HIS V 35 -55.43 -33.65 -38.82
CA HIS V 35 -56.07 -32.62 -38.10
C HIS V 35 -57.29 -33.08 -37.42
N VAL V 36 -58.15 -33.80 -38.16
CA VAL V 36 -59.49 -34.11 -37.66
C VAL V 36 -59.34 -35.11 -36.52
N ALA V 37 -58.48 -36.09 -36.71
CA ALA V 37 -58.15 -37.06 -35.62
C ALA V 37 -57.65 -36.33 -34.35
N HIS V 38 -56.86 -35.28 -34.57
CA HIS V 38 -56.24 -34.56 -33.46
C HIS V 38 -57.34 -33.80 -32.73
N ALA V 39 -58.25 -33.20 -33.47
CA ALA V 39 -59.37 -32.54 -32.87
C ALA V 39 -60.15 -33.52 -32.02
N GLY V 40 -60.22 -34.75 -32.49
CA GLY V 40 -60.88 -35.75 -31.73
C GLY V 40 -60.19 -36.02 -30.40
N LEU V 41 -58.86 -36.04 -30.39
CA LEU V 41 -58.08 -36.26 -29.12
C LEU V 41 -58.43 -35.16 -28.12
N ILE V 42 -58.56 -33.93 -28.58
CA ILE V 42 -58.85 -32.83 -27.69
C ILE V 42 -60.25 -33.00 -27.05
N VAL V 43 -61.22 -33.28 -27.91
CA VAL V 43 -62.57 -33.51 -27.50
C VAL V 43 -62.65 -34.75 -26.61
N PHE V 44 -61.92 -35.79 -26.97
CA PHE V 44 -61.90 -36.97 -26.15
C PHE V 44 -61.51 -36.65 -24.72
N TRP V 45 -60.40 -35.91 -24.58
CA TRP V 45 -59.87 -35.55 -23.28
C TRP V 45 -60.91 -34.69 -22.52
N ALA V 46 -61.47 -33.66 -23.14
CA ALA V 46 -62.53 -32.88 -22.45
C ALA V 46 -63.67 -33.75 -21.88
N GLY V 47 -64.07 -34.74 -22.68
CA GLY V 47 -65.20 -35.61 -22.30
C GLY V 47 -64.77 -36.56 -21.23
N ALA V 48 -63.71 -37.31 -21.47
CA ALA V 48 -63.29 -38.32 -20.47
C ALA V 48 -62.82 -37.71 -19.11
N MET V 49 -62.06 -36.62 -19.19
CA MET V 49 -61.51 -35.97 -18.00
C MET V 49 -62.67 -35.41 -17.17
N THR V 50 -63.69 -34.84 -17.83
CA THR V 50 -64.91 -34.41 -17.09
C THR V 50 -65.60 -35.54 -16.33
N LEU V 51 -65.71 -36.70 -16.97
CA LEU V 51 -66.35 -37.84 -16.31
C LEU V 51 -65.53 -38.35 -15.15
N PHE V 52 -64.22 -38.38 -15.33
CA PHE V 52 -63.29 -38.78 -14.24
C PHE V 52 -63.45 -37.81 -13.07
N GLU V 53 -63.45 -36.51 -13.37
CA GLU V 53 -63.62 -35.50 -12.37
C GLU V 53 -64.94 -35.79 -11.60
N LEU V 54 -66.03 -35.98 -12.36
CA LEU V 54 -67.36 -36.18 -11.78
C LEU V 54 -67.43 -37.44 -10.98
N ALA V 55 -66.88 -38.54 -11.46
CA ALA V 55 -66.81 -39.78 -10.65
C ALA V 55 -66.09 -39.59 -9.32
N HIS V 56 -65.10 -38.68 -9.29
CA HIS V 56 -64.25 -38.49 -8.09
C HIS V 56 -64.83 -37.43 -7.17
N PHE V 57 -65.82 -36.71 -7.65
CA PHE V 57 -66.31 -35.48 -7.03
C PHE V 57 -67.19 -35.75 -5.80
N ILE V 58 -66.88 -35.05 -4.71
CA ILE V 58 -67.66 -35.07 -3.49
C ILE V 58 -68.23 -33.68 -3.42
N PRO V 59 -69.55 -33.52 -3.68
CA PRO V 59 -70.12 -32.16 -3.92
C PRO V 59 -70.09 -31.14 -2.78
N GLU V 60 -70.02 -31.64 -1.57
CA GLU V 60 -69.89 -30.82 -0.36
C GLU V 60 -68.44 -30.42 0.03
N LYS V 61 -67.38 -30.96 -0.60
CA LYS V 61 -66.05 -30.34 -0.48
C LYS V 61 -65.94 -29.26 -1.56
N PRO V 62 -65.19 -28.18 -1.29
CA PRO V 62 -64.87 -27.31 -2.43
C PRO V 62 -64.21 -28.08 -3.60
N MET V 63 -64.54 -27.64 -4.81
CA MET V 63 -63.94 -28.19 -6.03
C MET V 63 -62.40 -28.10 -5.91
N TYR V 64 -61.92 -26.95 -5.41
CA TYR V 64 -60.49 -26.68 -5.30
C TYR V 64 -59.75 -27.52 -4.31
N GLU V 65 -60.46 -28.30 -3.47
CA GLU V 65 -59.81 -29.30 -2.68
C GLU V 65 -59.69 -30.61 -3.38
N GLN V 66 -60.17 -30.68 -4.62
CA GLN V 66 -60.40 -31.98 -5.26
C GLN V 66 -59.72 -32.15 -6.60
N GLY V 67 -58.90 -31.16 -6.97
CA GLY V 67 -58.04 -31.31 -8.18
C GLY V 67 -58.82 -31.26 -9.44
N LEU V 68 -59.79 -30.34 -9.50
CA LEU V 68 -60.69 -30.21 -10.62
C LEU V 68 -60.33 -28.92 -11.33
N ILE V 69 -60.26 -29.03 -12.65
CA ILE V 69 -60.06 -27.87 -13.53
C ILE V 69 -61.22 -27.75 -14.54
N LEU V 70 -61.86 -28.86 -14.87
CA LEU V 70 -62.98 -28.80 -15.86
C LEU V 70 -64.37 -28.50 -15.26
N ILE V 71 -64.76 -29.20 -14.22
CA ILE V 71 -65.98 -28.86 -13.51
C ILE V 71 -66.01 -27.35 -13.15
N PRO V 72 -64.87 -26.78 -12.67
CA PRO V 72 -64.87 -25.34 -12.50
C PRO V 72 -65.23 -24.48 -13.70
N HIS V 73 -64.78 -24.88 -14.89
CA HIS V 73 -65.15 -24.17 -16.11
C HIS V 73 -66.67 -24.23 -16.43
N ILE V 74 -67.26 -25.40 -16.17
CA ILE V 74 -68.70 -25.61 -16.42
C ILE V 74 -69.52 -24.80 -15.42
N ALA V 75 -69.15 -24.87 -14.14
CA ALA V 75 -69.82 -24.09 -13.07
C ALA V 75 -69.77 -22.60 -13.31
N THR V 76 -68.64 -22.09 -13.80
CA THR V 76 -68.53 -20.66 -14.08
C THR V 76 -69.55 -20.19 -15.13
N LEU V 77 -69.93 -21.10 -16.01
CA LEU V 77 -70.95 -20.79 -17.02
C LEU V 77 -72.41 -20.83 -16.47
N GLY V 78 -72.58 -21.05 -15.17
CA GLY V 78 -73.90 -21.12 -14.52
C GLY V 78 -74.51 -22.49 -14.39
N TRP V 79 -73.85 -23.54 -14.90
CA TRP V 79 -74.41 -24.86 -14.86
C TRP V 79 -74.09 -25.56 -13.57
N GLY V 80 -75.11 -26.06 -12.90
CA GLY V 80 -74.94 -27.01 -11.80
C GLY V 80 -74.80 -26.37 -10.41
N VAL V 81 -74.84 -25.04 -10.33
CA VAL V 81 -74.53 -24.36 -9.08
C VAL V 81 -75.56 -23.31 -8.73
N GLY V 82 -75.61 -22.99 -7.43
CA GLY V 82 -76.45 -21.89 -6.90
C GLY V 82 -75.67 -20.87 -6.08
N PRO V 83 -76.33 -20.24 -5.09
CA PRO V 83 -75.64 -19.20 -4.27
C PRO V 83 -74.35 -19.67 -3.56
N GLY V 84 -73.32 -18.83 -3.59
CA GLY V 84 -72.02 -19.15 -3.03
C GLY V 84 -71.24 -20.25 -3.77
N GLY V 85 -71.70 -20.64 -4.95
CA GLY V 85 -71.13 -21.70 -5.74
C GLY V 85 -71.47 -23.11 -5.29
N GLU V 86 -72.40 -23.24 -4.38
CA GLU V 86 -72.82 -24.57 -3.92
C GLU V 86 -73.35 -25.42 -5.10
N VAL V 87 -72.99 -26.70 -5.13
CA VAL V 87 -73.43 -27.57 -6.19
C VAL V 87 -74.85 -28.02 -5.89
N VAL V 88 -75.77 -27.66 -6.78
CA VAL V 88 -77.18 -28.06 -6.69
C VAL V 88 -77.54 -29.26 -7.58
N ASP V 89 -76.72 -29.58 -8.57
CA ASP V 89 -77.10 -30.58 -9.57
C ASP V 89 -75.87 -30.97 -10.39
N THR V 90 -75.40 -32.21 -10.27
CA THR V 90 -74.25 -32.66 -11.04
C THR V 90 -74.56 -33.07 -12.47
N PHE V 91 -75.84 -33.15 -12.83
CA PHE V 91 -76.20 -33.69 -14.13
C PHE V 91 -75.70 -32.88 -15.33
N PRO V 92 -75.78 -31.54 -15.28
CA PRO V 92 -75.13 -30.77 -16.34
C PRO V 92 -73.61 -31.09 -16.59
N PHE V 93 -72.88 -31.49 -15.55
CA PHE V 93 -71.44 -31.84 -15.70
C PHE V 93 -71.35 -33.16 -16.48
N PHE V 94 -72.24 -34.09 -16.11
CA PHE V 94 -72.33 -35.42 -16.75
C PHE V 94 -72.66 -35.26 -18.23
N VAL V 95 -73.57 -34.36 -18.54
CA VAL V 95 -73.98 -34.13 -19.91
C VAL V 95 -72.82 -33.57 -20.73
N VAL V 96 -72.14 -32.56 -20.22
CA VAL V 96 -70.98 -32.01 -20.90
C VAL V 96 -69.94 -33.10 -21.16
N GLY V 97 -69.70 -33.93 -20.18
CA GLY V 97 -68.67 -35.00 -20.32
C GLY V 97 -69.05 -35.99 -21.41
N VAL V 98 -70.28 -36.53 -21.31
CA VAL V 98 -70.81 -37.55 -22.22
C VAL V 98 -70.87 -36.99 -23.65
N VAL V 99 -71.37 -35.78 -23.83
CA VAL V 99 -71.50 -35.29 -25.18
C VAL V 99 -70.13 -35.08 -25.85
N HIS V 100 -69.13 -34.55 -25.13
CA HIS V 100 -67.77 -34.44 -25.72
C HIS V 100 -67.26 -35.83 -26.04
N LEU V 101 -67.46 -36.77 -25.13
CA LEU V 101 -66.85 -38.11 -25.36
C LEU V 101 -67.45 -38.83 -26.60
N ILE V 102 -68.77 -38.67 -26.78
CA ILE V 102 -69.50 -39.24 -27.92
C ILE V 102 -69.06 -38.52 -29.16
N SER V 103 -69.08 -37.17 -29.16
CA SER V 103 -68.54 -36.40 -30.31
C SER V 103 -67.10 -36.78 -30.74
N SER V 104 -66.28 -37.27 -29.80
CA SER V 104 -64.89 -37.56 -30.08
C SER V 104 -64.75 -38.77 -30.99
N ALA V 105 -65.66 -39.72 -30.80
CA ALA V 105 -65.79 -40.92 -31.67
C ALA V 105 -66.07 -40.55 -33.14
N VAL V 106 -66.91 -39.57 -33.36
CA VAL V 106 -67.17 -39.12 -34.68
C VAL V 106 -65.95 -38.48 -35.32
N LEU V 107 -65.33 -37.53 -34.61
CA LEU V 107 -64.09 -36.86 -35.12
C LEU V 107 -63.00 -37.89 -35.36
N GLY V 108 -62.87 -38.81 -34.43
CA GLY V 108 -61.90 -39.89 -34.55
C GLY V 108 -62.14 -40.76 -35.79
N PHE V 109 -63.42 -41.04 -36.08
CA PHE V 109 -63.85 -41.76 -37.28
C PHE V 109 -63.41 -41.02 -38.54
N GLY V 110 -63.82 -39.77 -38.66
CA GLY V 110 -63.42 -38.94 -39.77
C GLY V 110 -61.92 -38.83 -39.94
N GLY V 111 -61.20 -38.77 -38.82
CA GLY V 111 -59.76 -38.59 -38.89
C GLY V 111 -59.10 -39.83 -39.41
N VAL V 112 -59.50 -40.96 -38.86
CA VAL V 112 -58.90 -42.22 -39.26
C VAL V 112 -59.24 -42.44 -40.75
N TYR V 113 -60.50 -42.12 -41.16
CA TYR V 113 -60.91 -42.27 -42.55
C TYR V 113 -59.99 -41.48 -43.49
N HIS V 114 -59.90 -40.18 -43.27
CA HIS V 114 -59.08 -39.36 -44.12
C HIS V 114 -57.58 -39.66 -44.11
N ALA V 115 -57.08 -40.14 -42.98
CA ALA V 115 -55.66 -40.42 -42.80
C ALA V 115 -55.19 -41.67 -43.49
N ILE V 116 -55.99 -42.71 -43.39
CA ILE V 116 -55.65 -44.02 -43.94
C ILE V 116 -56.40 -44.46 -45.21
N ARG V 117 -57.65 -44.00 -45.42
CA ARG V 117 -58.51 -44.56 -46.47
C ARG V 117 -58.85 -43.61 -47.60
N GLY V 118 -59.30 -42.41 -47.27
CA GLY V 118 -59.67 -41.43 -48.26
C GLY V 118 -58.52 -40.99 -49.12
N PRO V 119 -58.81 -40.09 -50.07
CA PRO V 119 -57.76 -39.70 -51.00
C PRO V 119 -56.65 -38.91 -50.30
N GLU V 120 -55.39 -39.25 -50.56
CA GLU V 120 -54.24 -38.58 -50.00
C GLU V 120 -54.14 -37.11 -50.26
N THR V 121 -54.46 -36.71 -51.49
CA THR V 121 -54.51 -35.31 -51.89
C THR V 121 -55.94 -35.07 -52.28
N LEU V 122 -56.41 -33.86 -52.08
CA LEU V 122 -57.80 -33.56 -52.31
C LEU V 122 -58.01 -32.79 -53.60
N GLU V 123 -56.92 -32.34 -54.25
CA GLU V 123 -57.04 -31.33 -55.33
C GLU V 123 -57.70 -31.98 -56.59
N GLU V 124 -57.41 -33.27 -56.81
CA GLU V 124 -57.97 -34.05 -57.93
C GLU V 124 -59.47 -34.28 -57.70
N TYR V 125 -59.85 -34.58 -56.47
CA TYR V 125 -61.27 -34.84 -56.14
C TYR V 125 -62.14 -33.56 -56.06
N SER V 126 -61.59 -32.45 -55.57
CA SER V 126 -62.44 -31.26 -55.28
C SER V 126 -61.64 -30.00 -55.30
N SER V 127 -62.11 -29.03 -56.05
CA SER V 127 -61.47 -27.74 -56.10
C SER V 127 -61.85 -26.90 -54.87
N PHE V 128 -62.93 -27.27 -54.17
CA PHE V 128 -63.39 -26.51 -53.00
C PHE V 128 -62.56 -26.89 -51.76
N PHE V 129 -62.33 -28.20 -51.55
CA PHE V 129 -61.61 -28.74 -50.41
C PHE V 129 -60.08 -28.82 -50.59
N GLY V 130 -59.62 -28.94 -51.83
CA GLY V 130 -58.24 -28.90 -52.14
C GLY V 130 -57.70 -27.51 -52.02
N TYR V 131 -56.37 -27.43 -51.90
CA TYR V 131 -55.71 -26.16 -51.67
C TYR V 131 -54.20 -26.31 -51.94
N ASP V 132 -53.64 -25.21 -52.36
CA ASP V 132 -52.26 -25.00 -52.50
C ASP V 132 -51.86 -23.91 -51.45
N TRP V 133 -50.85 -24.22 -50.60
CA TRP V 133 -50.38 -23.23 -49.61
C TRP V 133 -50.04 -21.86 -50.24
N LYS V 134 -49.54 -21.87 -51.48
CA LYS V 134 -49.18 -20.63 -52.17
C LYS V 134 -50.38 -19.84 -52.79
N ASP V 135 -51.58 -20.39 -52.75
CA ASP V 135 -52.73 -19.70 -53.28
C ASP V 135 -53.25 -18.76 -52.19
N LYS V 136 -52.86 -17.50 -52.32
CA LYS V 136 -53.16 -16.53 -51.27
C LYS V 136 -54.66 -16.36 -51.04
N ASN V 137 -55.47 -16.51 -52.10
CA ASN V 137 -56.90 -16.28 -51.97
C ASN V 137 -57.59 -17.49 -51.32
N LYS V 138 -57.18 -18.70 -51.68
CA LYS V 138 -57.75 -19.87 -51.06
C LYS V 138 -57.42 -19.85 -49.50
N MET V 139 -56.16 -19.53 -49.15
CA MET V 139 -55.73 -19.47 -47.74
C MET V 139 -56.55 -18.40 -46.98
N THR V 140 -56.69 -17.18 -47.49
CA THR V 140 -57.59 -16.21 -46.83
C THR V 140 -59.04 -16.65 -46.74
N THR V 141 -59.49 -17.47 -47.66
CA THR V 141 -60.88 -17.94 -47.66
C THR V 141 -61.13 -18.95 -46.55
N ILE V 142 -60.24 -19.93 -46.44
CA ILE V 142 -60.35 -20.94 -45.37
C ILE V 142 -60.21 -20.23 -43.98
N LEU V 143 -59.25 -19.33 -43.86
CA LEU V 143 -59.09 -18.47 -42.69
C LEU V 143 -60.42 -17.86 -42.34
N GLY V 144 -61.08 -17.32 -43.38
CA GLY V 144 -62.36 -16.60 -43.20
C GLY V 144 -63.45 -17.47 -42.67
N PHE V 145 -63.50 -18.72 -43.17
CA PHE V 145 -64.51 -19.66 -42.69
C PHE V 145 -64.34 -19.88 -41.19
N HIS V 146 -63.09 -20.19 -40.80
CA HIS V 146 -62.74 -20.42 -39.42
C HIS V 146 -63.01 -19.17 -38.55
N LEU V 147 -62.71 -17.98 -39.04
CA LEU V 147 -63.09 -16.73 -38.33
C LEU V 147 -64.58 -16.69 -38.02
N ILE V 148 -65.41 -17.04 -39.01
CA ILE V 148 -66.87 -17.02 -38.80
C ILE V 148 -67.22 -18.05 -37.75
N VAL V 149 -66.62 -19.24 -37.85
CA VAL V 149 -66.88 -20.28 -36.84
C VAL V 149 -66.57 -19.76 -35.39
N LEU V 150 -65.42 -19.11 -35.23
CA LEU V 150 -64.99 -18.58 -33.94
C LEU V 150 -65.91 -17.48 -33.44
N GLY V 151 -66.36 -16.62 -34.35
CA GLY V 151 -67.35 -15.59 -34.05
C GLY V 151 -68.62 -16.15 -33.42
N ILE V 152 -69.07 -17.27 -33.98
CA ILE V 152 -70.28 -17.90 -33.53
C ILE V 152 -70.04 -18.42 -32.14
N GLY V 153 -68.88 -19.06 -31.94
CA GLY V 153 -68.53 -19.55 -30.60
C GLY V 153 -68.65 -18.45 -29.54
N ALA V 154 -68.09 -17.30 -29.83
CA ALA V 154 -68.16 -16.21 -28.89
C ALA V 154 -69.61 -15.81 -28.61
N LEU V 155 -70.44 -15.81 -29.65
CA LEU V 155 -71.85 -15.42 -29.49
C LEU V 155 -72.60 -16.47 -28.72
N LEU V 156 -72.11 -17.72 -28.70
CA LEU V 156 -72.74 -18.73 -27.83
C LEU V 156 -72.59 -18.38 -26.35
N LEU V 157 -71.45 -17.78 -25.99
CA LEU V 157 -71.24 -17.39 -24.61
C LEU V 157 -72.22 -16.30 -24.28
N VAL V 158 -72.38 -15.33 -25.17
CA VAL V 158 -73.34 -14.26 -25.00
C VAL V 158 -74.72 -14.86 -24.82
N ALA V 159 -75.03 -15.88 -25.63
CA ALA V 159 -76.35 -16.52 -25.57
C ALA V 159 -76.59 -17.15 -24.21
N LYS V 160 -75.60 -17.92 -23.74
CA LYS V 160 -75.71 -18.51 -22.41
C LYS V 160 -75.96 -17.46 -21.36
N ALA V 161 -75.24 -16.35 -21.47
CA ALA V 161 -75.25 -15.32 -20.43
C ALA V 161 -76.56 -14.51 -20.40
N MET V 162 -77.04 -14.18 -21.60
CA MET V 162 -78.25 -13.29 -21.79
C MET V 162 -79.62 -14.04 -21.84
N PHE V 163 -79.64 -15.23 -22.44
CA PHE V 163 -80.89 -15.95 -22.72
C PHE V 163 -81.00 -17.33 -22.13
N PHE V 164 -79.92 -17.94 -21.63
CA PHE V 164 -80.04 -19.34 -21.24
C PHE V 164 -79.52 -19.60 -19.84
N GLY V 165 -79.93 -18.76 -18.90
CA GLY V 165 -79.61 -19.00 -17.48
C GLY V 165 -78.52 -18.12 -16.85
N GLY V 166 -77.76 -17.41 -17.68
CA GLY V 166 -76.74 -16.47 -17.19
C GLY V 166 -75.39 -17.12 -16.88
N LEU V 167 -74.63 -16.48 -15.99
CA LEU V 167 -73.26 -16.95 -15.62
C LEU V 167 -73.09 -16.92 -14.13
N TYR V 168 -72.13 -17.69 -13.58
CA TYR V 168 -71.83 -17.53 -12.14
C TYR V 168 -71.12 -16.18 -11.92
N ASP V 169 -71.73 -15.31 -11.10
CA ASP V 169 -71.26 -13.94 -10.83
C ASP V 169 -70.82 -13.84 -9.39
N THR V 170 -69.50 -13.86 -9.14
CA THR V 170 -68.92 -13.83 -7.79
C THR V 170 -69.22 -12.48 -7.13
N TRP V 171 -69.41 -11.43 -7.94
CA TRP V 171 -69.70 -10.08 -7.51
C TRP V 171 -71.23 -9.77 -7.31
N ALA V 172 -72.10 -10.77 -7.46
CA ALA V 172 -73.57 -10.52 -7.34
C ALA V 172 -73.94 -9.90 -5.97
N PRO V 173 -74.68 -8.75 -5.99
CA PRO V 173 -75.04 -8.09 -4.72
C PRO V 173 -75.71 -9.05 -3.77
N GLY V 174 -75.27 -9.02 -2.51
CA GLY V 174 -75.75 -9.97 -1.51
C GLY V 174 -75.04 -11.31 -1.54
N GLY V 175 -74.14 -11.56 -2.49
CA GLY V 175 -73.31 -12.78 -2.44
C GLY V 175 -73.25 -13.43 -3.78
N GLY V 176 -72.21 -14.24 -3.99
CA GLY V 176 -72.00 -14.86 -5.31
C GLY V 176 -73.17 -15.70 -5.76
N ASP V 177 -73.59 -15.56 -7.02
CA ASP V 177 -74.71 -16.36 -7.55
C ASP V 177 -74.77 -16.30 -9.08
N VAL V 178 -75.47 -17.28 -9.63
CA VAL V 178 -75.81 -17.25 -11.06
C VAL V 178 -76.66 -15.99 -11.31
N ARG V 179 -76.38 -15.28 -12.40
CA ARG V 179 -77.15 -14.08 -12.75
C ARG V 179 -77.26 -13.93 -14.25
N VAL V 180 -78.44 -13.50 -14.70
CA VAL V 180 -78.68 -13.23 -16.10
C VAL V 180 -78.15 -11.86 -16.42
N ILE V 181 -77.45 -11.73 -17.55
CA ILE V 181 -76.85 -10.46 -17.93
C ILE V 181 -77.76 -9.79 -18.96
N THR V 182 -78.37 -8.68 -18.58
CA THR V 182 -79.32 -7.95 -19.44
C THR V 182 -78.74 -6.68 -20.08
N ASN V 183 -77.69 -6.09 -19.47
CA ASN V 183 -77.13 -4.83 -19.96
C ASN V 183 -75.63 -4.95 -20.27
N PRO V 184 -75.27 -5.81 -21.25
CA PRO V 184 -73.86 -5.95 -21.61
C PRO V 184 -73.26 -4.65 -22.07
N THR V 185 -71.98 -4.46 -21.76
CA THR V 185 -71.30 -3.22 -22.10
C THR V 185 -70.99 -3.20 -23.59
N LEU V 186 -71.51 -2.19 -24.28
CA LEU V 186 -71.30 -2.07 -25.70
C LEU V 186 -70.41 -0.94 -26.08
N ASP V 187 -70.26 0.01 -25.19
CA ASP V 187 -69.52 1.25 -25.45
C ASP V 187 -68.07 0.86 -25.81
N PRO V 188 -67.64 1.16 -27.03
CA PRO V 188 -66.28 0.81 -27.45
C PRO V 188 -65.18 1.46 -26.61
N ARG V 189 -65.43 2.63 -26.04
CA ARG V 189 -64.48 3.28 -25.16
C ARG V 189 -64.18 2.37 -23.95
N VAL V 190 -65.14 1.57 -23.46
CA VAL V 190 -64.85 0.66 -22.35
C VAL V 190 -64.17 -0.61 -22.89
N ILE V 191 -64.76 -1.21 -23.90
CA ILE V 191 -64.32 -2.52 -24.40
C ILE V 191 -62.88 -2.45 -24.94
N PHE V 192 -62.60 -1.46 -25.78
CA PHE V 192 -61.26 -1.27 -26.36
C PHE V 192 -60.33 -0.57 -25.38
N GLY V 193 -60.88 0.22 -24.47
CA GLY V 193 -60.11 0.73 -23.34
C GLY V 193 -59.28 -0.32 -22.58
N TYR V 194 -59.88 -1.49 -22.36
CA TYR V 194 -59.17 -2.54 -21.68
C TYR V 194 -57.84 -2.90 -22.40
N LEU V 195 -57.87 -2.86 -23.74
CA LEU V 195 -56.71 -3.21 -24.56
C LEU V 195 -55.58 -2.24 -24.53
N LEU V 196 -55.86 -1.01 -24.14
CA LEU V 196 -54.79 0.00 -24.01
C LEU V 196 -54.37 0.22 -22.52
N LYS V 197 -54.84 -0.62 -21.57
CA LYS V 197 -54.39 -0.53 -20.19
C LYS V 197 -53.00 -1.18 -20.07
N SER V 198 -52.15 -0.56 -19.26
CA SER V 198 -50.86 -1.08 -18.94
C SER V 198 -51.00 -2.47 -18.34
N PRO V 199 -50.11 -3.40 -18.70
CA PRO V 199 -50.08 -4.69 -18.02
C PRO V 199 -49.45 -4.72 -16.60
N PHE V 200 -48.99 -3.58 -16.11
CA PHE V 200 -48.27 -3.51 -14.84
C PHE V 200 -49.26 -3.37 -13.66
N GLY V 201 -48.72 -3.36 -12.45
CA GLY V 201 -49.50 -3.49 -11.21
C GLY V 201 -50.54 -2.36 -11.10
N GLY V 202 -51.73 -2.75 -10.69
CA GLY V 202 -52.83 -1.82 -10.50
C GLY V 202 -53.58 -1.55 -11.79
N GLU V 203 -53.14 -2.15 -12.91
CA GLU V 203 -53.74 -1.91 -14.24
C GLU V 203 -54.06 -3.25 -14.82
N GLY V 204 -53.07 -4.06 -15.20
CA GLY V 204 -53.29 -5.49 -15.57
C GLY V 204 -53.95 -5.78 -16.93
N TRP V 205 -54.01 -4.78 -17.79
CA TRP V 205 -54.47 -4.99 -19.16
C TRP V 205 -55.85 -5.65 -19.14
N ILE V 206 -56.07 -6.65 -19.95
CA ILE V 206 -57.39 -7.30 -20.05
C ILE V 206 -57.62 -8.23 -18.87
N VAL V 207 -56.54 -8.63 -18.18
CA VAL V 207 -56.67 -9.49 -17.00
C VAL V 207 -57.47 -8.75 -15.87
N SER V 208 -57.51 -7.43 -15.92
CA SER V 208 -58.31 -6.65 -14.95
C SER V 208 -59.84 -6.73 -15.07
N VAL V 209 -60.37 -7.40 -16.09
CA VAL V 209 -61.85 -7.35 -16.30
C VAL V 209 -62.55 -7.89 -15.04
N ASN V 210 -63.39 -7.05 -14.46
CA ASN V 210 -63.92 -7.26 -13.10
C ASN V 210 -65.46 -7.29 -12.96
N ASN V 211 -66.18 -7.43 -14.06
CA ASN V 211 -67.64 -7.56 -14.05
C ASN V 211 -68.13 -8.26 -15.34
N LEU V 212 -69.16 -9.07 -15.20
CA LEU V 212 -69.68 -9.88 -16.30
C LEU V 212 -70.27 -9.04 -17.45
N GLU V 213 -70.75 -7.83 -17.18
CA GLU V 213 -71.26 -6.95 -18.26
C GLU V 213 -70.15 -6.63 -19.29
N ASP V 214 -68.94 -6.30 -18.82
CA ASP V 214 -67.81 -6.08 -19.70
C ASP V 214 -67.43 -7.39 -20.41
N VAL V 215 -67.45 -8.49 -19.69
CA VAL V 215 -67.12 -9.76 -20.29
C VAL V 215 -68.08 -10.07 -21.44
N VAL V 216 -69.39 -10.01 -21.18
CA VAL V 216 -70.39 -10.36 -22.19
C VAL V 216 -70.34 -9.39 -23.35
N GLY V 217 -70.29 -8.12 -23.03
CA GLY V 217 -70.11 -7.10 -24.04
C GLY V 217 -68.89 -7.29 -24.93
N GLY V 218 -67.79 -7.75 -24.33
CA GLY V 218 -66.59 -7.96 -25.08
C GLY V 218 -66.76 -9.10 -26.05
N HIS V 219 -67.51 -10.13 -25.69
CA HIS V 219 -67.74 -11.21 -26.62
C HIS V 219 -68.75 -10.83 -27.77
N ILE V 220 -69.65 -9.88 -27.53
CA ILE V 220 -70.53 -9.40 -28.61
C ILE V 220 -69.61 -8.75 -29.64
N TRP V 221 -68.77 -7.82 -29.18
CA TRP V 221 -67.80 -7.21 -30.07
C TRP V 221 -66.87 -8.21 -30.83
N ILE V 222 -66.34 -9.21 -30.17
CA ILE V 222 -65.44 -10.17 -30.81
C ILE V 222 -66.16 -11.06 -31.79
N GLY V 223 -67.33 -11.49 -31.39
CA GLY V 223 -68.22 -12.24 -32.27
C GLY V 223 -68.44 -11.55 -33.61
N LEU V 224 -68.84 -10.29 -33.56
CA LEU V 224 -69.07 -9.50 -34.75
C LEU V 224 -67.80 -9.16 -35.53
N ILE V 225 -66.73 -8.83 -34.80
CA ILE V 225 -65.44 -8.56 -35.42
C ILE V 225 -64.95 -9.79 -36.19
N CYS V 226 -65.09 -10.98 -35.61
CA CYS V 226 -64.65 -12.18 -36.29
C CYS V 226 -65.54 -12.55 -37.49
N ILE V 227 -66.85 -12.32 -37.39
CA ILE V 227 -67.80 -12.68 -38.46
C ILE V 227 -67.55 -11.76 -39.62
N ALA V 228 -67.46 -10.45 -39.35
CA ALA V 228 -67.07 -9.45 -40.33
C ALA V 228 -65.75 -9.73 -41.00
N GLY V 229 -64.73 -9.93 -40.18
CA GLY V 229 -63.38 -10.21 -40.70
C GLY V 229 -63.36 -11.46 -41.56
N GLY V 230 -64.14 -12.47 -41.18
CA GLY V 230 -64.26 -13.69 -41.95
C GLY V 230 -64.87 -13.45 -43.34
N ILE V 231 -65.97 -12.69 -43.39
CA ILE V 231 -66.60 -12.31 -44.64
C ILE V 231 -65.54 -11.56 -45.49
N TRP V 232 -64.91 -10.56 -44.90
CA TRP V 232 -63.84 -9.82 -45.54
C TRP V 232 -62.81 -10.74 -46.21
N HIS V 233 -62.34 -11.77 -45.50
CA HIS V 233 -61.29 -12.61 -46.07
C HIS V 233 -61.80 -13.58 -47.15
N ILE V 234 -63.08 -13.93 -47.07
CA ILE V 234 -63.71 -14.70 -48.14
C ILE V 234 -63.79 -13.88 -49.46
N LEU V 235 -64.09 -12.59 -49.34
CA LEU V 235 -64.30 -11.71 -50.47
C LEU V 235 -63.05 -10.99 -51.00
N THR V 236 -61.88 -11.22 -50.40
CA THR V 236 -60.68 -10.43 -50.76
C THR V 236 -59.42 -11.26 -50.90
N THR V 237 -58.38 -10.62 -51.38
CA THR V 237 -57.09 -11.26 -51.51
C THR V 237 -56.08 -10.29 -50.87
N PRO V 238 -54.95 -10.83 -50.36
CA PRO V 238 -54.04 -9.91 -49.69
C PRO V 238 -53.57 -8.73 -50.53
N PHE V 239 -53.58 -7.53 -49.96
CA PHE V 239 -52.96 -6.38 -50.58
C PHE V 239 -51.47 -6.56 -50.79
N GLY V 240 -50.93 -5.71 -51.65
CA GLY V 240 -49.54 -5.79 -52.03
C GLY V 240 -48.57 -5.63 -50.88
N TRP V 241 -48.87 -4.72 -49.95
CA TRP V 241 -48.02 -4.54 -48.78
C TRP V 241 -47.91 -5.82 -47.92
N ALA V 242 -48.99 -6.58 -47.82
CA ALA V 242 -49.04 -7.86 -47.12
C ALA V 242 -48.29 -8.92 -47.91
N ARG V 243 -48.51 -8.96 -49.22
CA ARG V 243 -47.76 -9.87 -50.06
C ARG V 243 -46.26 -9.72 -49.87
N ARG V 244 -45.78 -8.49 -49.75
CA ARG V 244 -44.34 -8.28 -49.65
C ARG V 244 -43.78 -8.51 -48.21
N ALA V 245 -44.66 -8.40 -47.22
CA ALA V 245 -44.26 -8.50 -45.82
C ALA V 245 -44.06 -9.93 -45.33
N PHE V 246 -44.84 -10.88 -45.85
CA PHE V 246 -44.90 -12.27 -45.34
C PHE V 246 -44.20 -13.30 -46.21
N ILE V 247 -43.99 -14.46 -45.61
CA ILE V 247 -43.66 -15.68 -46.30
C ILE V 247 -44.93 -16.48 -46.51
N TRP V 248 -45.09 -17.03 -47.71
CA TRP V 248 -46.34 -17.72 -48.10
C TRP V 248 -46.05 -19.21 -48.27
N SER V 249 -46.15 -19.97 -47.18
CA SER V 249 -45.90 -21.43 -47.19
C SER V 249 -46.58 -22.02 -46.00
N GLY V 250 -46.85 -23.33 -46.08
CA GLY V 250 -47.48 -24.06 -45.00
C GLY V 250 -46.69 -23.89 -43.69
N GLU V 251 -45.37 -23.99 -43.76
CA GLU V 251 -44.56 -23.93 -42.56
C GLU V 251 -44.60 -22.55 -41.97
N ALA V 252 -44.63 -21.55 -42.81
CA ALA V 252 -44.72 -20.17 -42.34
C ALA V 252 -46.03 -19.92 -41.64
N TYR V 253 -47.15 -20.40 -42.20
CA TYR V 253 -48.44 -20.20 -41.57
C TYR V 253 -48.44 -20.93 -40.24
N LEU V 254 -47.87 -22.13 -40.21
CA LEU V 254 -47.79 -22.83 -38.92
C LEU V 254 -47.06 -21.89 -37.89
N SER V 255 -45.98 -21.25 -38.30
CA SER V 255 -45.18 -20.48 -37.37
C SER V 255 -45.94 -19.27 -36.85
N TYR V 256 -46.71 -18.64 -37.71
CA TYR V 256 -47.46 -17.47 -37.25
C TYR V 256 -48.45 -17.92 -36.14
N SER V 257 -49.12 -19.03 -36.39
CA SER V 257 -50.10 -19.56 -35.46
C SER V 257 -49.46 -19.98 -34.12
N LEU V 258 -48.25 -20.52 -34.18
CA LEU V 258 -47.48 -20.90 -32.97
C LEU V 258 -47.15 -19.67 -32.12
N GLY V 259 -46.77 -18.60 -32.78
CA GLY V 259 -46.49 -17.38 -32.08
C GLY V 259 -47.73 -16.81 -31.39
N ALA V 260 -48.85 -16.84 -32.11
CA ALA V 260 -50.14 -16.41 -31.55
C ALA V 260 -50.54 -17.28 -30.37
N LEU V 261 -50.35 -18.60 -30.46
CA LEU V 261 -50.76 -19.50 -29.38
C LEU V 261 -49.87 -19.31 -28.13
N SER V 262 -48.57 -19.06 -28.33
CA SER V 262 -47.64 -18.78 -27.24
C SER V 262 -48.11 -17.53 -26.49
N MET V 263 -48.35 -16.46 -27.21
CA MET V 263 -48.86 -15.22 -26.61
C MET V 263 -50.15 -15.48 -25.77
N MET V 264 -51.07 -16.24 -26.36
CA MET V 264 -52.30 -16.55 -25.71
C MET V 264 -52.06 -17.39 -24.45
N GLY V 265 -51.18 -18.38 -24.54
CA GLY V 265 -50.85 -19.19 -23.39
C GLY V 265 -50.31 -18.34 -22.23
N PHE V 266 -49.40 -17.41 -22.50
CA PHE V 266 -48.86 -16.54 -21.48
C PHE V 266 -50.03 -15.69 -20.88
N ILE V 267 -50.91 -15.24 -21.74
CA ILE V 267 -52.08 -14.45 -21.28
C ILE V 267 -52.93 -15.30 -20.39
N ALA V 268 -53.11 -16.57 -20.75
CA ALA V 268 -53.98 -17.42 -19.94
C ALA V 268 -53.40 -17.62 -18.56
N THR V 269 -52.07 -17.78 -18.50
CA THR V 269 -51.36 -17.99 -17.26
C THR V 269 -51.65 -16.84 -16.32
N CYS V 270 -51.47 -15.62 -16.80
CA CYS V 270 -51.80 -14.42 -15.99
C CYS V 270 -53.30 -14.37 -15.55
N PHE V 271 -54.19 -14.73 -16.47
CA PHE V 271 -55.64 -14.67 -16.22
C PHE V 271 -56.04 -15.53 -15.03
N VAL V 272 -55.61 -16.78 -15.02
CA VAL V 272 -55.97 -17.65 -13.98
C VAL V 272 -55.21 -17.34 -12.64
N TRP V 273 -54.04 -16.72 -12.73
CA TRP V 273 -53.25 -16.42 -11.53
C TRP V 273 -53.86 -15.19 -10.80
N PHE V 274 -54.31 -14.16 -11.53
CA PHE V 274 -54.76 -12.91 -10.92
C PHE V 274 -56.29 -12.67 -10.94
N ASN V 275 -56.98 -13.18 -11.97
CA ASN V 275 -58.39 -12.84 -12.20
C ASN V 275 -59.29 -13.75 -11.36
N ASN V 276 -60.14 -13.14 -10.54
CA ASN V 276 -61.13 -13.88 -9.78
C ASN V 276 -62.61 -13.60 -10.20
N THR V 277 -62.83 -13.10 -11.41
CA THR V 277 -64.17 -12.87 -11.95
C THR V 277 -64.59 -14.00 -12.95
N VAL V 278 -63.83 -14.15 -14.04
CA VAL V 278 -64.04 -15.29 -14.96
C VAL V 278 -63.40 -16.56 -14.50
N TYR V 279 -62.59 -16.49 -13.43
CA TYR V 279 -62.08 -17.69 -12.69
C TYR V 279 -62.48 -17.46 -11.21
N PRO V 280 -63.74 -17.78 -10.87
CA PRO V 280 -64.26 -17.46 -9.53
C PRO V 280 -63.51 -18.22 -8.44
N SER V 281 -63.15 -17.54 -7.34
CA SER V 281 -62.39 -18.21 -6.25
C SER V 281 -63.17 -19.31 -5.55
N GLU V 282 -64.51 -19.19 -5.56
CA GLU V 282 -65.42 -20.31 -5.10
C GLU V 282 -65.12 -21.63 -5.78
N PHE V 283 -64.68 -21.60 -7.06
CA PHE V 283 -64.41 -22.85 -7.82
C PHE V 283 -62.91 -23.14 -7.99
N TYR V 284 -62.11 -22.10 -8.20
CA TYR V 284 -60.67 -22.29 -8.48
C TYR V 284 -59.74 -22.07 -7.28
N GLY V 285 -60.32 -21.65 -6.14
CA GLY V 285 -59.58 -21.28 -4.95
C GLY V 285 -59.12 -19.89 -5.00
N PRO V 286 -58.58 -19.41 -3.88
CA PRO V 286 -58.16 -17.99 -3.87
C PRO V 286 -56.93 -17.76 -4.78
N THR V 287 -56.79 -16.56 -5.31
CA THR V 287 -55.53 -16.12 -5.94
C THR V 287 -54.43 -15.93 -4.87
N GLY V 288 -53.19 -15.87 -5.32
CA GLY V 288 -52.00 -15.70 -4.48
C GLY V 288 -52.15 -14.42 -3.71
N PRO V 289 -52.42 -13.31 -4.40
CA PRO V 289 -52.72 -12.06 -3.72
C PRO V 289 -53.84 -12.18 -2.65
N GLU V 290 -54.90 -12.86 -3.03
CA GLU V 290 -56.13 -12.99 -2.24
C GLU V 290 -55.90 -13.66 -0.93
N ALA V 291 -55.21 -14.78 -0.98
CA ALA V 291 -54.85 -15.53 0.20
C ALA V 291 -53.91 -14.78 1.15
N SER V 292 -52.97 -14.02 0.58
CA SER V 292 -52.07 -13.19 1.36
C SER V 292 -52.86 -12.10 2.07
N GLN V 293 -53.74 -11.43 1.31
CA GLN V 293 -54.60 -10.42 1.91
C GLN V 293 -55.50 -11.04 3.00
N ALA V 294 -56.05 -12.22 2.71
CA ALA V 294 -56.92 -12.92 3.63
C ALA V 294 -56.18 -13.26 4.94
N GLN V 295 -54.87 -13.51 4.88
CA GLN V 295 -54.10 -13.76 6.14
C GLN V 295 -54.08 -12.52 7.02
N ALA V 296 -53.82 -11.39 6.40
CA ALA V 296 -53.81 -10.11 7.11
C ALA V 296 -55.19 -9.80 7.74
N MET V 297 -56.25 -10.00 6.97
N MET V 297 -56.27 -10.04 6.98
CA MET V 297 -57.62 -9.84 7.46
CA MET V 297 -57.65 -9.88 7.48
C MET V 297 -57.91 -10.78 8.65
C MET V 297 -57.88 -10.79 8.68
N THR V 298 -57.46 -12.02 8.55
CA THR V 298 -57.63 -13.01 9.62
C THR V 298 -57.02 -12.53 10.95
N PHE V 299 -55.80 -12.03 10.93
CA PHE V 299 -55.20 -11.64 12.15
C PHE V 299 -55.67 -10.26 12.61
N LEU V 300 -56.00 -9.36 11.69
CA LEU V 300 -56.62 -8.13 12.07
C LEU V 300 -57.88 -8.50 12.92
N ILE V 301 -58.71 -9.40 12.42
CA ILE V 301 -59.96 -9.80 13.06
C ILE V 301 -59.70 -10.39 14.40
N ARG V 302 -58.81 -11.35 14.44
CA ARG V 302 -58.53 -11.97 15.70
C ARG V 302 -58.01 -10.99 16.75
N ASP V 303 -57.08 -10.13 16.37
CA ASP V 303 -56.39 -9.30 17.37
C ASP V 303 -57.31 -8.15 17.84
N GLN V 304 -58.10 -7.62 16.92
CA GLN V 304 -59.09 -6.68 17.25
C GLN V 304 -60.14 -7.25 18.25
N LYS V 305 -60.56 -8.50 18.04
CA LYS V 305 -61.40 -9.15 19.00
C LYS V 305 -60.75 -9.23 20.39
N LEU V 306 -59.44 -9.43 20.47
CA LEU V 306 -58.73 -9.46 21.76
C LEU V 306 -58.51 -8.07 22.39
N GLY V 307 -58.86 -7.01 21.68
CA GLY V 307 -58.77 -5.66 22.20
C GLY V 307 -57.81 -4.70 21.49
N ALA V 308 -57.12 -5.13 20.40
CA ALA V 308 -56.19 -4.26 19.68
C ALA V 308 -56.89 -3.15 18.92
N ASN V 309 -56.27 -1.99 19.01
CA ASN V 309 -56.57 -0.90 18.15
C ASN V 309 -55.70 -1.01 16.91
N VAL V 310 -56.26 -1.65 15.90
CA VAL V 310 -55.55 -2.02 14.67
C VAL V 310 -55.07 -0.84 13.83
N GLY V 311 -55.70 0.30 14.00
CA GLY V 311 -55.36 1.50 13.30
C GLY V 311 -54.07 2.10 13.82
N SER V 312 -53.83 2.00 15.12
CA SER V 312 -52.75 2.74 15.76
C SER V 312 -51.58 1.81 16.13
N ALA V 313 -51.73 0.52 15.84
CA ALA V 313 -50.68 -0.44 16.15
C ALA V 313 -49.51 -0.31 15.12
N GLN V 314 -48.39 0.20 15.64
CA GLN V 314 -47.15 0.32 14.94
C GLN V 314 -46.39 -1.03 14.99
N GLY V 315 -46.02 -1.50 13.82
CA GLY V 315 -45.25 -2.76 13.72
C GLY V 315 -43.77 -2.50 13.98
N PRO V 316 -42.96 -3.56 13.97
CA PRO V 316 -41.53 -3.45 14.32
C PRO V 316 -40.72 -2.48 13.46
N THR V 317 -41.10 -2.33 12.20
CA THR V 317 -40.39 -1.47 11.28
C THR V 317 -40.81 -0.05 11.37
N GLY V 318 -41.92 0.22 12.05
CA GLY V 318 -42.43 1.59 12.11
C GLY V 318 -43.67 1.73 11.24
N LEU V 319 -43.79 0.87 10.22
CA LEU V 319 -45.02 0.81 9.47
C LEU V 319 -46.09 0.10 10.33
N GLY V 320 -47.33 0.41 10.01
CA GLY V 320 -48.46 -0.24 10.71
C GLY V 320 -48.40 -1.78 10.60
N LYS V 321 -48.66 -2.42 11.71
CA LYS V 321 -48.69 -3.85 11.74
C LYS V 321 -49.86 -4.42 10.95
N TYR V 322 -51.04 -3.77 10.97
CA TYR V 322 -52.21 -4.34 10.33
C TYR V 322 -52.53 -3.53 9.13
N LEU V 323 -52.37 -2.21 9.24
CA LEU V 323 -52.83 -1.24 8.28
C LEU V 323 -51.73 -0.18 8.00
N MET V 324 -51.61 0.24 6.72
CA MET V 324 -50.62 1.22 6.30
C MET V 324 -51.14 1.91 5.08
N ARG V 325 -50.36 2.82 4.51
CA ARG V 325 -50.69 3.47 3.24
C ARG V 325 -49.93 2.86 2.02
N SER V 326 -50.60 2.75 0.88
CA SER V 326 -49.95 2.48 -0.37
C SER V 326 -49.11 3.71 -0.72
N PRO V 327 -48.30 3.59 -1.80
CA PRO V 327 -47.49 4.74 -2.21
C PRO V 327 -48.29 5.95 -2.70
N THR V 328 -49.61 5.76 -3.01
CA THR V 328 -50.47 6.88 -3.32
C THR V 328 -51.50 7.24 -2.23
N GLY V 329 -51.34 6.70 -1.03
CA GLY V 329 -52.14 7.19 0.13
C GLY V 329 -53.21 6.25 0.58
N GLU V 330 -53.66 5.35 -0.29
CA GLU V 330 -54.81 4.51 0.06
C GLU V 330 -54.50 3.66 1.29
N ILE V 331 -55.48 3.42 2.16
CA ILE V 331 -55.29 2.56 3.32
C ILE V 331 -55.35 1.11 2.89
N ILE V 332 -54.33 0.33 3.25
CA ILE V 332 -54.17 -1.04 2.75
C ILE V 332 -53.70 -1.91 3.93
N PHE V 333 -53.70 -3.23 3.78
CA PHE V 333 -53.13 -4.09 4.75
C PHE V 333 -51.61 -4.03 4.79
N GLY V 334 -51.07 -4.32 5.98
CA GLY V 334 -49.65 -4.30 6.25
C GLY V 334 -48.99 -5.65 6.27
N GLY V 335 -47.72 -5.64 6.64
CA GLY V 335 -46.86 -6.79 6.43
C GLY V 335 -46.48 -6.95 4.96
N GLU V 336 -46.01 -8.14 4.60
CA GLU V 336 -45.56 -8.31 3.23
C GLU V 336 -46.62 -8.14 2.20
N THR V 337 -47.85 -8.42 2.58
CA THR V 337 -49.01 -8.16 1.71
C THR V 337 -49.20 -6.76 1.23
N MET V 338 -48.37 -5.81 1.68
CA MET V 338 -48.42 -4.49 1.08
C MET V 338 -48.33 -4.54 -0.47
N ARG V 339 -47.63 -5.55 -1.01
CA ARG V 339 -47.48 -5.66 -2.45
C ARG V 339 -48.76 -6.04 -3.16
N PHE V 340 -49.72 -6.60 -2.41
CA PHE V 340 -50.93 -7.15 -2.97
C PHE V 340 -52.12 -6.19 -2.81
N TRP V 341 -51.85 -4.91 -2.61
CA TRP V 341 -52.97 -3.97 -2.32
C TRP V 341 -53.93 -3.70 -3.48
N ASP V 342 -53.56 -4.10 -4.71
CA ASP V 342 -54.38 -3.95 -5.92
C ASP V 342 -55.42 -5.04 -5.98
N PHE V 343 -55.30 -6.06 -5.10
CA PHE V 343 -56.29 -7.07 -4.97
C PHE V 343 -57.69 -6.49 -4.67
N ARG V 344 -58.70 -7.10 -5.31
CA ARG V 344 -60.11 -6.80 -5.06
C ARG V 344 -60.88 -8.08 -5.11
N GLY V 345 -61.74 -8.27 -4.12
CA GLY V 345 -62.58 -9.48 -4.03
C GLY V 345 -63.83 -9.22 -3.20
N PRO V 346 -64.93 -9.98 -3.44
CA PRO V 346 -66.27 -9.65 -2.83
C PRO V 346 -66.33 -9.77 -1.32
N TRP V 347 -65.48 -10.60 -0.70
CA TRP V 347 -65.40 -10.66 0.75
C TRP V 347 -64.75 -9.47 1.43
N LEU V 348 -64.00 -8.69 0.66
CA LEU V 348 -63.23 -7.56 1.18
C LEU V 348 -63.82 -6.18 0.86
N GLU V 349 -64.36 -6.02 -0.34
CA GLU V 349 -64.93 -4.73 -0.78
C GLU V 349 -65.96 -4.03 0.15
N PRO V 350 -66.78 -4.76 0.91
CA PRO V 350 -67.65 -4.06 1.88
C PRO V 350 -66.87 -3.23 2.93
N LEU V 351 -65.59 -3.60 3.21
CA LEU V 351 -64.71 -2.85 4.14
C LEU V 351 -63.98 -1.70 3.51
N ARG V 352 -64.17 -1.51 2.21
CA ARG V 352 -63.44 -0.46 1.47
C ARG V 352 -64.27 0.79 1.20
N GLY V 353 -63.66 1.95 1.37
CA GLY V 353 -64.30 3.21 1.08
C GLY V 353 -63.44 4.00 0.15
N PRO V 354 -63.78 5.27 -0.03
CA PRO V 354 -63.09 6.08 -0.97
C PRO V 354 -61.59 6.28 -0.69
N ASN V 355 -61.16 6.12 0.57
CA ASN V 355 -59.77 6.24 0.94
C ASN V 355 -59.02 4.93 1.06
N GLY V 356 -59.71 3.82 0.79
CA GLY V 356 -59.15 2.50 0.97
C GLY V 356 -59.85 1.87 2.10
N LEU V 357 -59.16 0.98 2.81
CA LEU V 357 -59.80 0.23 3.85
C LEU V 357 -60.26 1.24 4.89
N ASP V 358 -61.49 1.04 5.35
CA ASP V 358 -62.18 2.04 6.18
C ASP V 358 -62.18 1.60 7.62
N LEU V 359 -61.55 2.39 8.47
CA LEU V 359 -61.32 1.90 9.84
C LEU V 359 -62.59 1.73 10.72
N ASN V 360 -63.59 2.61 10.50
CA ASN V 360 -64.92 2.43 11.11
C ASN V 360 -65.57 1.14 10.70
N LYS V 361 -65.58 0.87 9.40
CA LYS V 361 -66.16 -0.38 8.91
C LYS V 361 -65.42 -1.58 9.42
N ILE V 362 -64.09 -1.48 9.52
CA ILE V 362 -63.29 -2.59 10.11
C ILE V 362 -63.66 -2.84 11.54
N LYS V 363 -63.82 -1.75 12.29
CA LYS V 363 -64.12 -1.86 13.75
C LYS V 363 -65.51 -2.42 14.06
N ASN V 364 -66.49 -2.07 13.22
CA ASN V 364 -67.94 -2.31 13.49
C ASN V 364 -68.69 -3.29 12.56
N ASP V 365 -68.24 -3.50 11.32
CA ASP V 365 -69.06 -4.16 10.33
C ASP V 365 -68.53 -5.47 9.82
N ILE V 366 -67.53 -6.08 10.44
CA ILE V 366 -66.99 -7.30 9.83
C ILE V 366 -67.89 -8.44 10.21
N GLN V 367 -68.48 -9.11 9.23
CA GLN V 367 -69.41 -10.19 9.45
C GLN V 367 -68.74 -11.51 9.64
N PRO V 368 -69.40 -12.43 10.36
CA PRO V 368 -68.87 -13.78 10.41
C PRO V 368 -68.56 -14.45 9.08
N TRP V 369 -69.36 -14.19 8.05
CA TRP V 369 -69.06 -14.78 6.77
C TRP V 369 -67.70 -14.28 6.18
N GLN V 370 -67.35 -13.03 6.43
CA GLN V 370 -66.11 -12.49 5.98
C GLN V 370 -64.95 -13.15 6.74
N GLU V 371 -65.09 -13.34 8.05
CA GLU V 371 -64.11 -14.09 8.81
C GLU V 371 -63.91 -15.47 8.29
N ARG V 372 -65.00 -16.16 8.00
CA ARG V 372 -64.92 -17.53 7.46
C ARG V 372 -64.18 -17.59 6.10
N ARG V 373 -64.56 -16.70 5.18
N ARG V 373 -64.53 -16.70 5.19
CA ARG V 373 -63.97 -16.61 3.86
CA ARG V 373 -63.95 -16.72 3.88
C ARG V 373 -62.48 -16.35 3.95
C ARG V 373 -62.47 -16.38 3.96
N ALA V 374 -62.10 -15.36 4.75
CA ALA V 374 -60.67 -15.01 4.93
C ALA V 374 -59.84 -16.18 5.50
N ALA V 375 -60.41 -16.95 6.43
CA ALA V 375 -59.75 -18.08 7.01
C ALA V 375 -59.58 -19.22 6.04
N GLU V 376 -60.66 -19.47 5.33
CA GLU V 376 -60.67 -20.45 4.22
C GLU V 376 -59.55 -20.11 3.19
N TYR V 377 -59.50 -18.86 2.76
CA TYR V 377 -58.59 -18.48 1.71
C TYR V 377 -57.13 -18.43 2.15
N MET V 378 -56.90 -17.96 3.36
CA MET V 378 -55.61 -17.98 3.97
C MET V 378 -55.08 -19.41 4.02
N THR V 379 -55.95 -20.40 4.30
CA THR V 379 -55.52 -21.80 4.44
C THR V 379 -55.60 -22.63 3.16
N HIS V 380 -56.02 -22.01 2.06
CA HIS V 380 -55.96 -22.62 0.72
C HIS V 380 -55.20 -21.71 -0.25
N ALA V 381 -54.18 -20.99 0.27
CA ALA V 381 -53.30 -20.21 -0.58
C ALA V 381 -52.67 -21.17 -1.64
N PRO V 382 -52.39 -20.65 -2.85
CA PRO V 382 -51.90 -21.51 -3.94
C PRO V 382 -50.40 -21.81 -3.80
N LEU V 383 -50.04 -22.56 -2.78
CA LEU V 383 -48.69 -23.02 -2.53
C LEU V 383 -48.76 -24.47 -2.24
N GLY V 384 -47.82 -25.26 -2.80
CA GLY V 384 -47.77 -26.68 -2.54
C GLY V 384 -46.66 -27.41 -3.34
N SER V 385 -46.40 -28.67 -2.99
CA SER V 385 -45.37 -29.48 -3.64
C SER V 385 -45.87 -30.19 -4.92
N LEU V 386 -44.91 -30.67 -5.72
CA LEU V 386 -45.23 -31.35 -6.92
C LEU V 386 -46.02 -32.66 -6.61
N ASN V 387 -45.70 -33.34 -5.50
CA ASN V 387 -46.51 -34.49 -5.01
C ASN V 387 -47.80 -34.09 -4.27
N SER V 388 -48.24 -32.84 -4.43
CA SER V 388 -49.46 -32.33 -3.82
C SER V 388 -49.54 -32.36 -2.26
N VAL V 389 -48.45 -31.97 -1.60
CA VAL V 389 -48.44 -31.67 -0.20
C VAL V 389 -48.66 -30.18 -0.06
N GLY V 390 -49.78 -29.84 0.53
CA GLY V 390 -50.26 -28.46 0.57
C GLY V 390 -49.40 -27.64 1.53
N GLY V 391 -49.27 -26.36 1.22
CA GLY V 391 -48.49 -25.46 2.05
C GLY V 391 -47.09 -25.08 1.59
N VAL V 392 -46.40 -24.40 2.49
CA VAL V 392 -45.04 -23.92 2.25
C VAL V 392 -44.12 -25.18 2.14
N ALA V 393 -42.95 -25.00 1.60
CA ALA V 393 -42.04 -26.07 1.29
C ALA V 393 -41.54 -26.80 2.55
N THR V 394 -41.55 -26.13 3.72
CA THR V 394 -41.12 -26.79 4.97
C THR V 394 -42.28 -27.50 5.73
N GLU V 395 -43.47 -27.44 5.18
CA GLU V 395 -44.62 -28.10 5.73
C GLU V 395 -44.43 -29.59 5.86
N ILE V 396 -44.96 -30.17 6.93
CA ILE V 396 -45.02 -31.65 7.02
C ILE V 396 -46.17 -32.22 6.17
N ASN V 397 -46.04 -33.48 5.80
CA ASN V 397 -47.15 -34.23 5.17
C ASN V 397 -48.41 -34.21 6.04
N SER V 398 -49.58 -34.00 5.40
CA SER V 398 -50.90 -34.03 5.99
C SER V 398 -51.99 -33.63 5.04
N VAL V 399 -51.85 -32.47 4.41
CA VAL V 399 -52.90 -31.92 3.58
C VAL V 399 -52.51 -32.15 2.12
N ASN V 400 -53.40 -32.84 1.39
CA ASN V 400 -53.23 -33.17 0.01
C ASN V 400 -53.88 -32.01 -0.79
N PHE V 401 -53.11 -31.00 -1.19
CA PHE V 401 -53.67 -29.79 -1.93
C PHE V 401 -52.60 -29.13 -2.77
N VAL V 402 -52.87 -28.98 -4.06
CA VAL V 402 -52.24 -27.92 -4.89
C VAL V 402 -53.42 -27.20 -5.60
N SER V 403 -53.42 -25.88 -5.56
CA SER V 403 -54.48 -25.10 -6.11
C SER V 403 -54.60 -25.37 -7.61
N PRO V 404 -55.84 -25.48 -8.13
CA PRO V 404 -56.06 -25.42 -9.57
C PRO V 404 -55.43 -24.21 -10.24
N ARG V 405 -55.32 -23.07 -9.57
CA ARG V 405 -54.64 -21.91 -10.16
C ARG V 405 -53.15 -22.21 -10.44
N SER V 406 -52.50 -22.93 -9.56
CA SER V 406 -51.12 -23.27 -9.75
C SER V 406 -50.94 -24.31 -10.86
N TRP V 407 -51.76 -25.35 -10.86
CA TRP V 407 -51.73 -26.33 -11.96
C TRP V 407 -51.97 -25.67 -13.36
N LEU V 408 -52.95 -24.80 -13.42
CA LEU V 408 -53.32 -24.17 -14.65
C LEU V 408 -52.27 -23.16 -15.09
N ALA V 409 -51.69 -22.41 -14.14
CA ALA V 409 -50.69 -21.39 -14.48
C ALA V 409 -49.38 -22.02 -14.97
N THR V 410 -48.91 -23.04 -14.26
CA THR V 410 -47.69 -23.65 -14.55
C THR V 410 -47.71 -24.39 -15.90
N SER V 411 -48.73 -25.25 -16.07
CA SER V 411 -48.98 -25.95 -17.30
C SER V 411 -48.95 -25.05 -18.51
N HIS V 412 -49.67 -23.97 -18.40
CA HIS V 412 -49.74 -23.04 -19.52
C HIS V 412 -48.54 -22.17 -19.74
N PHE V 413 -47.77 -21.90 -18.69
CA PHE V 413 -46.46 -21.22 -18.90
C PHE V 413 -45.51 -22.17 -19.67
N VAL V 414 -45.47 -23.42 -19.23
CA VAL V 414 -44.63 -24.43 -19.89
C VAL V 414 -45.02 -24.55 -21.36
N LEU V 415 -46.32 -24.66 -21.64
CA LEU V 415 -46.81 -24.76 -23.02
C LEU V 415 -46.57 -23.50 -23.84
N ALA V 416 -46.90 -22.32 -23.30
CA ALA V 416 -46.59 -21.11 -23.99
C ALA V 416 -45.09 -20.97 -24.38
N PHE V 417 -44.21 -21.40 -23.48
CA PHE V 417 -42.80 -21.21 -23.68
C PHE V 417 -42.37 -22.09 -24.86
N PHE V 418 -42.68 -23.37 -24.76
CA PHE V 418 -42.24 -24.29 -25.84
C PHE V 418 -42.90 -23.90 -27.18
N PHE V 419 -44.10 -23.30 -27.13
CA PHE V 419 -44.70 -22.77 -28.33
C PHE V 419 -43.96 -21.58 -28.89
N LEU V 420 -43.38 -20.76 -28.01
CA LEU V 420 -42.49 -19.69 -28.50
C LEU V 420 -41.29 -20.31 -29.20
N VAL V 421 -40.69 -21.33 -28.60
CA VAL V 421 -39.57 -21.98 -29.24
C VAL V 421 -39.95 -22.56 -30.62
N GLY V 422 -41.13 -23.15 -30.71
CA GLY V 422 -41.68 -23.70 -31.96
C GLY V 422 -41.88 -22.63 -33.00
N HIS V 423 -42.42 -21.50 -32.58
CA HIS V 423 -42.51 -20.34 -33.48
C HIS V 423 -41.17 -20.00 -34.05
N LEU V 424 -40.11 -19.91 -33.21
CA LEU V 424 -38.80 -19.48 -33.74
C LEU V 424 -38.25 -20.57 -34.70
N TRP V 425 -38.34 -21.81 -34.27
CA TRP V 425 -37.85 -22.91 -35.06
C TRP V 425 -38.51 -22.88 -36.44
N HIS V 426 -39.83 -22.86 -36.46
CA HIS V 426 -40.55 -22.92 -37.74
C HIS V 426 -40.43 -21.66 -38.54
N ALA V 427 -40.38 -20.51 -37.88
CA ALA V 427 -40.31 -19.26 -38.60
C ALA V 427 -38.94 -19.11 -39.29
N GLY V 428 -37.90 -19.42 -38.54
CA GLY V 428 -36.55 -19.42 -39.08
C GLY V 428 -36.43 -20.44 -40.23
N ARG V 429 -37.00 -21.62 -40.04
CA ARG V 429 -36.98 -22.65 -41.04
C ARG V 429 -37.77 -22.20 -42.33
N ALA V 430 -38.93 -21.63 -42.17
CA ALA V 430 -39.73 -21.25 -43.30
C ALA V 430 -39.00 -20.21 -44.12
N ARG V 431 -38.36 -19.26 -43.47
CA ARG V 431 -37.59 -18.24 -44.15
C ARG V 431 -36.47 -18.88 -44.93
N ALA V 432 -35.73 -19.75 -44.28
CA ALA V 432 -34.58 -20.36 -44.93
C ALA V 432 -35.01 -21.20 -46.17
N ALA V 433 -36.10 -21.92 -46.05
CA ALA V 433 -36.59 -22.82 -47.10
C ALA V 433 -37.19 -22.01 -48.27
N ALA V 434 -37.85 -20.92 -47.98
CA ALA V 434 -38.33 -20.04 -49.03
C ALA V 434 -37.18 -19.48 -49.84
N ALA V 435 -36.06 -19.20 -49.19
CA ALA V 435 -34.92 -18.58 -49.85
C ALA V 435 -33.98 -19.63 -50.45
N GLY V 436 -34.22 -20.90 -50.16
CA GLY V 436 -33.41 -21.95 -50.76
C GLY V 436 -32.14 -22.38 -50.02
N PHE V 437 -31.96 -22.15 -48.70
CA PHE V 437 -30.69 -22.60 -48.04
C PHE V 437 -30.94 -23.35 -46.69
N GLU V 438 -32.11 -23.96 -46.57
CA GLU V 438 -32.48 -24.73 -45.39
C GLU V 438 -31.73 -26.03 -45.26
N LYS V 439 -31.14 -26.54 -46.33
CA LYS V 439 -30.36 -27.84 -46.26
C LYS V 439 -28.85 -27.65 -46.15
N GLY V 440 -28.41 -26.39 -46.10
CA GLY V 440 -27.02 -26.01 -45.91
C GLY V 440 -26.55 -25.02 -46.97
N ILE V 441 -25.28 -24.68 -46.86
CA ILE V 441 -24.63 -23.72 -47.70
C ILE V 441 -24.12 -24.41 -48.98
N ASP V 442 -24.39 -23.80 -50.13
CA ASP V 442 -23.90 -24.31 -51.44
C ASP V 442 -22.38 -24.14 -51.50
N ARG V 443 -21.65 -25.27 -51.48
CA ARG V 443 -20.20 -25.24 -51.48
C ARG V 443 -19.63 -24.45 -52.66
N GLU V 444 -20.29 -24.47 -53.82
CA GLU V 444 -19.77 -23.75 -55.01
C GLU V 444 -20.29 -22.30 -55.08
N SER V 445 -21.25 -21.91 -54.24
CA SER V 445 -21.71 -20.54 -54.19
C SER V 445 -21.91 -20.05 -52.73
N GLU V 446 -20.89 -20.22 -51.90
CA GLU V 446 -20.93 -19.84 -50.48
C GLU V 446 -21.01 -18.32 -50.41
N PRO V 447 -22.16 -17.74 -50.00
CA PRO V 447 -22.22 -16.27 -50.09
C PRO V 447 -21.11 -15.47 -49.41
N VAL V 448 -20.61 -15.95 -48.26
CA VAL V 448 -19.61 -15.19 -47.50
C VAL V 448 -18.33 -15.03 -48.27
N LEU V 449 -17.99 -16.00 -49.10
CA LEU V 449 -16.78 -15.91 -49.94
C LEU V 449 -16.88 -14.77 -51.02
N SER V 450 -18.08 -14.31 -51.34
CA SER V 450 -18.25 -13.13 -52.24
C SER V 450 -18.42 -11.82 -51.52
N MET V 451 -18.25 -11.78 -50.19
CA MET V 451 -18.46 -10.53 -49.45
C MET V 451 -17.10 -9.99 -49.15
N PRO V 452 -16.99 -8.68 -49.06
CA PRO V 452 -15.70 -8.14 -48.59
C PRO V 452 -15.37 -8.60 -47.14
N SER V 453 -14.08 -8.63 -46.83
CA SER V 453 -13.60 -8.84 -45.46
C SER V 453 -14.13 -7.80 -44.53
N LEU V 454 -14.35 -8.19 -43.26
CA LEU V 454 -14.76 -7.19 -42.28
C LEU V 454 -13.60 -6.27 -41.95
N ASP V 455 -12.39 -6.82 -42.01
CA ASP V 455 -11.22 -6.08 -41.64
C ASP V 455 -9.99 -6.72 -42.27
N GLU W 1 8.90 -70.35 -28.83
CA GLU W 1 7.97 -70.29 -27.65
C GLU W 1 8.04 -68.91 -26.97
N ARG W 2 6.93 -68.13 -27.08
CA ARG W 2 6.79 -66.83 -26.41
C ARG W 2 6.39 -66.99 -24.96
N GLY W 3 6.67 -65.97 -24.16
CA GLY W 3 6.45 -66.03 -22.72
C GLY W 3 5.01 -65.81 -22.30
N TRP W 4 4.71 -66.24 -21.09
CA TRP W 4 3.36 -66.13 -20.59
C TRP W 4 2.85 -64.66 -20.51
N PHE W 5 3.73 -63.75 -20.16
CA PHE W 5 3.39 -62.33 -20.06
C PHE W 5 2.88 -61.86 -21.41
N ASP W 6 3.66 -62.15 -22.46
CA ASP W 6 3.28 -61.75 -23.83
C ASP W 6 2.01 -62.40 -24.34
N ILE W 7 1.80 -63.66 -23.94
CA ILE W 7 0.59 -64.38 -24.28
C ILE W 7 -0.61 -63.72 -23.54
N LEU W 8 -0.43 -63.37 -22.28
CA LEU W 8 -1.49 -62.67 -21.54
C LEU W 8 -1.80 -61.28 -22.16
N ASP W 9 -0.75 -60.58 -22.56
CA ASP W 9 -0.90 -59.28 -23.22
C ASP W 9 -1.74 -59.35 -24.48
N ASP W 10 -1.47 -60.37 -25.31
CA ASP W 10 -2.32 -60.65 -26.49
C ASP W 10 -3.80 -60.79 -26.14
N TRP W 11 -4.05 -61.69 -25.20
CA TRP W 11 -5.39 -61.97 -24.83
C TRP W 11 -6.09 -60.72 -24.20
N LEU W 12 -5.40 -60.02 -23.31
CA LEU W 12 -5.99 -58.76 -22.67
C LEU W 12 -6.37 -57.71 -23.72
N LYS W 13 -5.60 -57.66 -24.81
CA LYS W 13 -5.76 -56.63 -25.86
C LYS W 13 -6.49 -57.03 -27.14
N ARG W 14 -7.12 -58.20 -27.13
CA ARG W 14 -7.96 -58.61 -28.23
C ARG W 14 -9.05 -57.55 -28.49
N ASP W 15 -9.28 -57.24 -29.75
CA ASP W 15 -10.40 -56.40 -30.10
C ASP W 15 -11.69 -57.18 -29.79
N ARG W 16 -12.45 -56.76 -28.80
CA ARG W 16 -13.73 -57.38 -28.46
C ARG W 16 -14.71 -56.29 -28.16
N PHE W 17 -15.96 -56.67 -27.90
CA PHE W 17 -17.03 -55.69 -27.76
C PHE W 17 -16.72 -54.70 -26.61
N VAL W 18 -16.22 -55.26 -25.51
CA VAL W 18 -15.76 -54.54 -24.35
C VAL W 18 -14.31 -54.82 -24.24
N PHE W 19 -13.53 -53.79 -24.57
CA PHE W 19 -12.05 -53.87 -24.42
C PHE W 19 -11.71 -54.11 -22.97
N VAL W 20 -10.67 -54.88 -22.71
CA VAL W 20 -10.31 -55.26 -21.38
C VAL W 20 -8.99 -54.58 -20.97
N GLY W 21 -7.90 -55.03 -21.54
CA GLY W 21 -6.56 -54.51 -21.25
C GLY W 21 -6.03 -54.88 -19.92
N TRP W 22 -4.76 -54.54 -19.67
CA TRP W 22 -4.21 -54.70 -18.33
C TRP W 22 -4.97 -53.77 -17.34
N SER W 23 -5.39 -52.59 -17.81
CA SER W 23 -6.14 -51.67 -16.96
C SER W 23 -7.41 -52.30 -16.40
N GLY W 24 -8.00 -53.18 -17.21
CA GLY W 24 -9.29 -53.85 -16.94
C GLY W 24 -9.27 -54.65 -15.66
N ILE W 25 -8.09 -55.15 -15.33
CA ILE W 25 -7.90 -55.96 -14.12
C ILE W 25 -8.17 -55.14 -12.84
N LEU W 26 -7.79 -53.86 -12.87
CA LEU W 26 -8.12 -52.91 -11.79
C LEU W 26 -9.54 -52.32 -12.00
N LEU W 27 -9.83 -51.84 -13.20
CA LEU W 27 -11.06 -51.11 -13.43
C LEU W 27 -12.32 -51.94 -13.14
N PHE W 28 -12.44 -53.08 -13.81
CA PHE W 28 -13.72 -53.82 -13.78
C PHE W 28 -14.19 -54.29 -12.41
N PRO W 29 -13.34 -54.94 -11.63
CA PRO W 29 -13.78 -55.23 -10.30
C PRO W 29 -14.12 -53.99 -9.43
N CYS W 30 -13.31 -52.92 -9.48
CA CYS W 30 -13.52 -51.78 -8.54
C CYS W 30 -14.79 -51.01 -8.95
N ALA W 31 -14.99 -50.84 -10.26
CA ALA W 31 -16.16 -50.13 -10.78
C ALA W 31 -17.41 -50.94 -10.46
N TYR W 32 -17.32 -52.26 -10.63
CA TYR W 32 -18.46 -53.14 -10.37
C TYR W 32 -18.82 -53.17 -8.91
N LEU W 33 -17.83 -53.26 -8.04
CA LEU W 33 -18.12 -53.24 -6.61
C LEU W 33 -18.61 -51.87 -6.11
N ALA W 34 -18.09 -50.76 -6.66
CA ALA W 34 -18.60 -49.47 -6.24
C ALA W 34 -20.04 -49.36 -6.61
N LEU W 35 -20.35 -49.67 -7.85
CA LEU W 35 -21.73 -49.50 -8.35
C LEU W 35 -22.64 -50.52 -7.64
N GLY W 36 -22.14 -51.75 -7.41
CA GLY W 36 -22.99 -52.78 -6.80
C GLY W 36 -23.21 -52.49 -5.33
N GLY W 37 -22.18 -51.96 -4.69
CA GLY W 37 -22.34 -51.54 -3.30
C GLY W 37 -23.38 -50.42 -3.15
N TRP W 38 -23.43 -49.50 -4.10
CA TRP W 38 -24.43 -48.41 -4.01
C TRP W 38 -25.85 -48.92 -4.22
N LEU W 39 -26.04 -49.75 -5.24
CA LEU W 39 -27.36 -50.38 -5.52
C LEU W 39 -27.81 -51.25 -4.34
N THR W 40 -26.90 -52.05 -3.76
CA THR W 40 -27.20 -52.86 -2.59
C THR W 40 -27.58 -52.05 -1.37
N GLY W 41 -26.74 -51.06 -1.01
CA GLY W 41 -27.05 -50.26 0.15
C GLY W 41 -28.35 -49.46 -0.03
N THR W 42 -28.50 -48.79 -1.16
CA THR W 42 -29.74 -48.00 -1.35
C THR W 42 -31.01 -48.85 -1.36
N THR W 43 -30.88 -50.10 -1.80
CA THR W 43 -32.02 -51.01 -1.88
C THR W 43 -32.37 -51.64 -0.50
N PHE W 44 -31.33 -52.04 0.24
CA PHE W 44 -31.52 -52.81 1.42
C PHE W 44 -31.02 -52.25 2.78
N VAL W 45 -30.08 -51.29 2.81
CA VAL W 45 -29.30 -51.00 4.05
C VAL W 45 -29.77 -49.73 4.73
N THR W 46 -29.83 -49.74 6.08
CA THR W 46 -30.37 -48.61 6.85
C THR W 46 -29.23 -47.62 7.16
N SER W 47 -29.59 -46.48 7.73
CA SER W 47 -28.60 -45.58 8.36
C SER W 47 -29.06 -45.22 9.78
N TRP W 48 -29.88 -46.06 10.37
CA TRP W 48 -30.43 -45.82 11.71
C TRP W 48 -29.34 -45.70 12.77
N TYR W 49 -28.34 -46.55 12.71
CA TYR W 49 -27.31 -46.63 13.75
C TYR W 49 -26.16 -45.62 13.56
N THR W 50 -25.95 -45.11 12.35
CA THR W 50 -24.91 -44.09 12.09
C THR W 50 -25.44 -42.65 12.16
N HIS W 51 -26.69 -42.44 11.71
CA HIS W 51 -27.30 -41.15 11.54
C HIS W 51 -28.66 -41.01 12.14
N GLY W 52 -29.31 -42.12 12.55
CA GLY W 52 -30.72 -42.05 12.90
C GLY W 52 -31.65 -41.76 11.70
N LEU W 53 -31.35 -42.32 10.54
CA LEU W 53 -32.13 -42.11 9.33
C LEU W 53 -32.44 -43.44 8.66
N ALA W 54 -33.60 -43.48 8.05
CA ALA W 54 -33.91 -44.47 7.02
C ALA W 54 -33.30 -44.03 5.68
N SER W 55 -32.75 -45.00 4.94
CA SER W 55 -31.99 -44.71 3.71
C SER W 55 -32.04 -45.76 2.55
N SER W 56 -32.95 -46.73 2.66
CA SER W 56 -33.14 -47.76 1.63
C SER W 56 -34.60 -47.81 1.11
N TYR W 57 -34.77 -48.36 -0.08
CA TYR W 57 -36.14 -48.71 -0.60
C TYR W 57 -36.88 -49.65 0.39
N LEU W 58 -36.15 -50.56 1.02
CA LEU W 58 -36.72 -51.51 2.02
C LEU W 58 -37.45 -50.79 3.15
N GLU W 59 -36.94 -49.64 3.58
CA GLU W 59 -37.51 -48.90 4.67
C GLU W 59 -38.60 -47.97 4.24
N GLY W 60 -38.77 -47.82 2.94
CA GLY W 60 -39.73 -46.84 2.42
C GLY W 60 -39.22 -45.61 1.71
N CYS W 61 -37.91 -45.45 1.58
CA CYS W 61 -37.43 -44.26 0.83
C CYS W 61 -37.70 -44.45 -0.67
N ASN W 62 -37.65 -43.35 -1.40
CA ASN W 62 -37.73 -43.35 -2.89
C ASN W 62 -36.35 -42.99 -3.52
N PHE W 63 -36.27 -42.92 -4.86
CA PHE W 63 -34.97 -42.76 -5.53
C PHE W 63 -34.26 -41.44 -5.12
N LEU W 64 -35.06 -40.40 -4.87
CA LEU W 64 -34.53 -39.12 -4.39
C LEU W 64 -33.99 -39.21 -2.97
N THR W 65 -34.54 -40.07 -2.10
CA THR W 65 -34.16 -40.00 -0.70
C THR W 65 -33.21 -41.11 -0.22
N VAL W 66 -33.03 -42.14 -1.01
CA VAL W 66 -32.17 -43.25 -0.58
C VAL W 66 -30.72 -42.83 -0.63
N ALA W 67 -29.85 -43.55 0.10
CA ALA W 67 -28.42 -43.24 0.13
C ALA W 67 -27.65 -44.40 0.75
N VAL W 68 -26.38 -44.45 0.47
CA VAL W 68 -25.43 -45.16 1.32
C VAL W 68 -24.76 -44.05 2.17
N SER W 69 -25.07 -44.03 3.47
CA SER W 69 -24.70 -42.95 4.31
C SER W 69 -23.33 -43.20 4.94
N THR W 70 -22.66 -42.11 5.31
CA THR W 70 -21.37 -42.20 5.95
C THR W 70 -21.44 -42.89 7.30
N PRO W 71 -20.30 -43.42 7.77
CA PRO W 71 -20.25 -44.00 9.15
C PRO W 71 -20.48 -42.97 10.26
N ALA W 72 -20.82 -43.45 11.46
CA ALA W 72 -20.99 -42.56 12.60
C ALA W 72 -19.67 -41.79 12.90
N ASN W 73 -19.81 -40.61 13.51
CA ASN W 73 -18.62 -39.76 13.83
C ASN W 73 -17.61 -40.47 14.73
N SER W 74 -18.09 -41.39 15.57
CA SER W 74 -17.24 -42.12 16.54
C SER W 74 -16.33 -43.10 15.86
N MET W 75 -16.61 -43.42 14.61
CA MET W 75 -15.68 -44.20 13.82
C MET W 75 -14.39 -43.46 13.38
N GLY W 76 -14.34 -42.14 13.56
CA GLY W 76 -13.22 -41.36 12.99
C GLY W 76 -13.03 -41.55 11.50
N HIS W 77 -11.78 -41.79 11.10
CA HIS W 77 -11.43 -42.10 9.73
C HIS W 77 -11.06 -43.54 9.55
N SER W 78 -11.72 -44.41 10.31
CA SER W 78 -11.45 -45.86 10.18
C SER W 78 -11.67 -46.26 8.72
N LEU W 79 -10.76 -47.05 8.20
CA LEU W 79 -10.93 -47.77 6.95
C LEU W 79 -12.19 -48.62 6.97
N LEU W 80 -12.59 -49.05 8.17
CA LEU W 80 -13.80 -49.84 8.38
C LEU W 80 -13.79 -51.10 7.49
N LEU W 81 -12.65 -51.79 7.45
CA LEU W 81 -12.52 -53.01 6.62
C LEU W 81 -13.49 -54.12 7.19
N LEU W 82 -14.06 -55.00 6.36
CA LEU W 82 -14.96 -56.05 6.87
C LEU W 82 -14.33 -56.84 8.04
N TRP W 83 -13.07 -57.19 7.88
CA TRP W 83 -12.26 -57.90 8.84
C TRP W 83 -11.49 -57.05 9.84
N GLY W 84 -11.76 -55.74 9.83
CA GLY W 84 -11.16 -54.87 10.81
C GLY W 84 -11.74 -54.98 12.23
N PRO W 85 -11.20 -54.18 13.15
CA PRO W 85 -11.54 -54.28 14.57
C PRO W 85 -12.88 -53.75 14.95
N GLU W 86 -13.60 -53.12 14.03
CA GLU W 86 -14.90 -52.60 14.36
C GLU W 86 -15.94 -53.67 14.03
N ALA W 87 -15.91 -54.17 12.81
CA ALA W 87 -16.90 -55.15 12.41
C ALA W 87 -16.46 -56.60 12.73
N GLN W 88 -15.16 -56.86 12.80
CA GLN W 88 -14.61 -58.17 13.14
C GLN W 88 -15.15 -59.34 12.31
N GLY W 89 -15.42 -59.08 11.04
CA GLY W 89 -15.85 -60.11 10.13
C GLY W 89 -17.31 -60.32 9.98
N ASP W 90 -18.10 -59.57 10.72
CA ASP W 90 -19.52 -59.75 10.70
C ASP W 90 -20.12 -58.80 9.65
N PHE W 91 -20.53 -59.36 8.53
CA PHE W 91 -21.15 -58.60 7.40
C PHE W 91 -22.30 -57.74 7.83
N THR W 92 -23.14 -58.28 8.69
CA THR W 92 -24.36 -57.55 9.05
C THR W 92 -23.98 -56.29 9.85
N ARG W 93 -23.08 -56.46 10.81
CA ARG W 93 -22.67 -55.38 11.70
C ARG W 93 -21.90 -54.32 10.88
N TRP W 94 -21.03 -54.79 9.99
CA TRP W 94 -20.34 -53.98 9.03
C TRP W 94 -21.31 -53.03 8.27
N CYS W 95 -22.37 -53.58 7.71
CA CYS W 95 -23.42 -52.75 7.07
C CYS W 95 -24.00 -51.73 8.03
N GLN W 96 -24.27 -52.18 9.25
CA GLN W 96 -24.89 -51.31 10.26
C GLN W 96 -23.99 -50.17 10.75
N LEU W 97 -22.69 -50.41 10.71
CA LEU W 97 -21.70 -49.46 11.07
C LEU W 97 -21.32 -48.43 9.93
N GLY W 98 -21.88 -48.56 8.73
CA GLY W 98 -21.44 -47.77 7.58
C GLY W 98 -20.29 -48.27 6.75
N GLY W 99 -19.91 -49.52 6.95
CA GLY W 99 -18.85 -50.12 6.15
C GLY W 99 -19.04 -50.04 4.65
N LEU W 100 -20.28 -50.00 4.15
CA LEU W 100 -20.46 -49.85 2.72
C LEU W 100 -19.99 -48.48 2.20
N TRP W 101 -19.99 -47.44 3.07
CA TRP W 101 -19.51 -46.10 2.68
C TRP W 101 -18.04 -46.18 2.30
N THR W 102 -17.18 -46.66 3.20
CA THR W 102 -15.79 -46.79 2.82
C THR W 102 -15.58 -47.72 1.70
N PHE W 103 -16.42 -48.76 1.63
CA PHE W 103 -16.31 -49.76 0.52
C PHE W 103 -16.51 -49.06 -0.79
N ILE W 104 -17.58 -48.32 -0.92
CA ILE W 104 -17.85 -47.66 -2.15
C ILE W 104 -16.76 -46.57 -2.43
N ALA W 105 -16.37 -45.79 -1.42
CA ALA W 105 -15.44 -44.70 -1.68
C ALA W 105 -14.10 -45.20 -2.15
N LEU W 106 -13.59 -46.27 -1.52
CA LEU W 106 -12.24 -46.74 -1.83
C LEU W 106 -12.24 -47.56 -3.14
N HIS W 107 -13.25 -48.40 -3.36
CA HIS W 107 -13.33 -49.13 -4.64
C HIS W 107 -13.58 -48.08 -5.74
N GLY W 108 -14.40 -47.05 -5.45
CA GLY W 108 -14.64 -46.02 -6.47
C GLY W 108 -13.36 -45.25 -6.82
N ALA W 109 -12.51 -45.01 -5.83
CA ALA W 109 -11.24 -44.36 -6.09
C ALA W 109 -10.36 -45.21 -6.95
N PHE W 110 -10.16 -46.47 -6.56
CA PHE W 110 -9.34 -47.37 -7.40
C PHE W 110 -9.94 -47.61 -8.78
N GLY W 111 -11.28 -47.58 -8.90
CA GLY W 111 -11.88 -47.66 -10.21
C GLY W 111 -11.65 -46.45 -11.13
N LEU W 112 -11.68 -45.22 -10.54
CA LEU W 112 -11.33 -44.03 -11.29
C LEU W 112 -9.88 -44.13 -11.75
N ILE W 113 -8.98 -44.62 -10.90
CA ILE W 113 -7.58 -44.85 -11.35
C ILE W 113 -7.58 -45.79 -12.56
N GLY W 114 -8.34 -46.87 -12.46
CA GLY W 114 -8.38 -47.87 -13.53
C GLY W 114 -8.96 -47.28 -14.82
N PHE W 115 -9.99 -46.44 -14.69
CA PHE W 115 -10.58 -45.83 -15.87
C PHE W 115 -9.60 -44.92 -16.63
N MET W 116 -8.83 -44.13 -15.88
N MET W 116 -8.86 -44.11 -15.87
CA MET W 116 -7.87 -43.23 -16.50
CA MET W 116 -7.86 -43.24 -16.46
C MET W 116 -6.67 -44.03 -17.06
C MET W 116 -6.69 -44.04 -17.04
N LEU W 117 -6.29 -45.11 -16.37
CA LEU W 117 -5.29 -46.02 -16.96
C LEU W 117 -5.84 -46.62 -18.27
N ARG W 118 -7.15 -46.96 -18.32
CA ARG W 118 -7.77 -47.41 -19.53
C ARG W 118 -7.66 -46.38 -20.65
N GLN W 119 -7.97 -45.12 -20.32
CA GLN W 119 -7.88 -44.03 -21.30
C GLN W 119 -6.50 -43.93 -21.90
N PHE W 120 -5.48 -44.04 -21.05
CA PHE W 120 -4.10 -44.06 -21.54
C PHE W 120 -3.81 -45.33 -22.40
N GLU W 121 -4.23 -46.49 -21.90
CA GLU W 121 -3.97 -47.80 -22.55
C GLU W 121 -4.58 -47.80 -23.94
N ILE W 122 -5.84 -47.44 -24.05
CA ILE W 122 -6.47 -47.42 -25.36
C ILE W 122 -5.88 -46.37 -26.29
N ALA W 123 -5.58 -45.19 -25.75
CA ALA W 123 -5.00 -44.15 -26.60
C ALA W 123 -3.69 -44.68 -27.23
N ARG W 124 -2.84 -45.30 -26.43
CA ARG W 124 -1.56 -45.79 -26.92
C ARG W 124 -1.77 -46.84 -28.04
N LEU W 125 -2.73 -47.77 -27.85
CA LEU W 125 -2.95 -48.86 -28.82
C LEU W 125 -3.47 -48.38 -30.14
N VAL W 126 -4.37 -47.40 -30.10
CA VAL W 126 -4.93 -46.81 -31.34
C VAL W 126 -4.02 -45.74 -32.02
N GLY W 127 -3.03 -45.24 -31.30
CA GLY W 127 -2.12 -44.22 -31.81
C GLY W 127 -2.61 -42.77 -31.69
N VAL W 128 -3.42 -42.44 -30.66
CA VAL W 128 -3.81 -41.04 -30.46
C VAL W 128 -3.13 -40.44 -29.25
N ARG W 129 -3.16 -39.11 -29.19
CA ARG W 129 -2.58 -38.39 -28.03
C ARG W 129 -3.59 -38.50 -26.88
N PRO W 130 -3.12 -38.63 -25.63
CA PRO W 130 -3.95 -38.95 -24.53
C PRO W 130 -4.64 -37.74 -23.82
N TYR W 131 -5.24 -36.81 -24.59
CA TYR W 131 -5.91 -35.70 -23.99
C TYR W 131 -7.11 -36.09 -23.18
N ASN W 132 -7.83 -37.13 -23.58
CA ASN W 132 -9.04 -37.54 -22.86
C ASN W 132 -8.65 -37.98 -21.48
N ALA W 133 -7.58 -38.74 -21.34
CA ALA W 133 -7.07 -39.07 -19.99
C ALA W 133 -6.75 -37.81 -19.15
N ILE W 134 -6.07 -36.87 -19.79
CA ILE W 134 -5.70 -35.63 -19.15
C ILE W 134 -6.92 -34.83 -18.68
N ALA W 135 -7.96 -34.76 -19.52
CA ALA W 135 -9.20 -34.10 -19.13
C ALA W 135 -9.85 -34.80 -17.94
N PHE W 136 -9.62 -36.12 -17.83
CA PHE W 136 -10.27 -36.91 -16.76
C PHE W 136 -9.64 -36.64 -15.38
N SER W 137 -8.49 -35.95 -15.34
CA SER W 137 -7.89 -35.56 -14.08
C SER W 137 -8.80 -34.62 -13.28
N ALA W 138 -9.70 -33.92 -13.93
CA ALA W 138 -10.61 -33.00 -13.25
C ALA W 138 -11.59 -33.77 -12.41
N PRO W 139 -12.32 -34.73 -13.02
CA PRO W 139 -13.21 -35.60 -12.18
C PRO W 139 -12.44 -36.33 -11.08
N ILE W 140 -11.22 -36.70 -11.36
CA ILE W 140 -10.42 -37.30 -10.25
C ILE W 140 -10.09 -36.32 -9.14
N ALA W 141 -9.68 -35.10 -9.50
CA ALA W 141 -9.44 -34.10 -8.49
C ALA W 141 -10.68 -33.78 -7.66
N VAL W 142 -11.82 -33.71 -8.31
CA VAL W 142 -13.07 -33.49 -7.58
C VAL W 142 -13.38 -34.65 -6.65
N PHE W 143 -13.24 -35.90 -7.12
CA PHE W 143 -13.63 -37.01 -6.28
C PHE W 143 -12.73 -37.06 -5.05
N VAL W 144 -11.45 -36.94 -5.28
CA VAL W 144 -10.42 -37.10 -4.21
C VAL W 144 -10.57 -35.96 -3.19
N SER W 145 -10.79 -34.72 -3.64
CA SER W 145 -10.86 -33.58 -2.72
C SER W 145 -12.08 -33.65 -1.83
N VAL W 146 -13.20 -34.01 -2.45
CA VAL W 146 -14.49 -34.00 -1.80
C VAL W 146 -14.77 -35.28 -0.93
N PHE W 147 -14.50 -36.47 -1.47
CA PHE W 147 -14.86 -37.73 -0.79
C PHE W 147 -13.74 -38.25 0.10
N LEU W 148 -12.52 -37.75 -0.09
CA LEU W 148 -11.38 -38.16 0.72
C LEU W 148 -10.66 -37.09 1.57
N ILE W 149 -10.09 -36.10 0.92
CA ILE W 149 -9.40 -35.01 1.61
C ILE W 149 -10.30 -34.22 2.54
N TYR W 150 -11.48 -33.87 2.06
CA TYR W 150 -12.36 -33.07 2.93
C TYR W 150 -12.67 -33.75 4.27
N PRO W 151 -13.19 -35.02 4.24
CA PRO W 151 -13.47 -35.70 5.51
C PRO W 151 -12.18 -35.99 6.31
N LEU W 152 -11.07 -36.24 5.63
CA LEU W 152 -9.80 -36.44 6.36
C LEU W 152 -9.35 -35.23 7.12
N GLY W 153 -9.78 -34.04 6.67
CA GLY W 153 -9.47 -32.82 7.42
C GLY W 153 -10.39 -32.65 8.60
N GLN W 154 -11.59 -33.14 8.45
CA GLN W 154 -12.66 -32.96 9.43
C GLN W 154 -12.53 -34.07 10.52
N SER W 155 -13.49 -34.13 11.45
CA SER W 155 -13.47 -35.07 12.58
C SER W 155 -13.49 -36.54 12.14
N SER W 156 -14.19 -36.82 11.05
CA SER W 156 -14.44 -38.19 10.61
C SER W 156 -15.09 -38.26 9.24
N TRP W 157 -15.18 -39.50 8.74
CA TRP W 157 -15.91 -39.78 7.51
C TRP W 157 -17.37 -39.31 7.56
N PHE W 158 -17.96 -39.27 8.75
CA PHE W 158 -19.40 -38.78 8.89
C PHE W 158 -19.72 -37.54 8.06
N PHE W 159 -18.76 -36.62 8.00
CA PHE W 159 -18.97 -35.34 7.30
C PHE W 159 -18.57 -35.34 5.82
N ALA W 160 -18.08 -36.47 5.28
CA ALA W 160 -18.10 -36.67 3.84
C ALA W 160 -19.51 -36.62 3.23
N PRO W 161 -19.60 -36.47 1.90
CA PRO W 161 -20.92 -36.64 1.31
C PRO W 161 -21.36 -38.10 1.44
N SER W 162 -22.62 -38.28 1.78
CA SER W 162 -23.22 -39.61 1.67
C SER W 162 -23.64 -39.80 0.21
N PHE W 163 -23.62 -41.05 -0.25
CA PHE W 163 -23.96 -41.40 -1.63
C PHE W 163 -25.46 -41.52 -1.82
N GLY W 164 -26.08 -40.39 -2.15
CA GLY W 164 -27.48 -40.37 -2.45
C GLY W 164 -27.93 -38.99 -2.92
N VAL W 165 -29.09 -38.94 -3.55
CA VAL W 165 -29.50 -37.72 -4.18
C VAL W 165 -29.78 -36.61 -3.13
N ALA W 166 -30.75 -36.85 -2.25
CA ALA W 166 -31.12 -35.92 -1.21
C ALA W 166 -29.96 -35.70 -0.26
N ALA W 167 -29.18 -36.74 0.01
CA ALA W 167 -28.01 -36.63 0.85
C ALA W 167 -26.95 -35.63 0.30
N ILE W 168 -26.76 -35.65 -1.02
CA ILE W 168 -25.91 -34.67 -1.68
C ILE W 168 -26.49 -33.25 -1.55
N PHE W 169 -27.81 -33.12 -1.71
CA PHE W 169 -28.43 -31.82 -1.51
C PHE W 169 -28.13 -31.29 -0.09
N ARG W 170 -28.21 -32.17 0.91
CA ARG W 170 -27.86 -31.83 2.25
C ARG W 170 -26.40 -31.33 2.36
N PHE W 171 -25.52 -31.97 1.64
CA PHE W 171 -24.09 -31.59 1.63
C PHE W 171 -23.93 -30.14 1.08
N LEU W 172 -24.64 -29.83 0.00
CA LEU W 172 -24.64 -28.49 -0.56
C LEU W 172 -25.04 -27.45 0.55
N LEU W 173 -26.14 -27.73 1.24
CA LEU W 173 -26.75 -26.75 2.14
C LEU W 173 -25.90 -26.58 3.38
N PHE W 174 -25.29 -27.67 3.84
CA PHE W 174 -24.34 -27.65 4.90
C PHE W 174 -23.20 -26.71 4.49
N PHE W 175 -22.71 -26.87 3.25
CA PHE W 175 -21.55 -26.07 2.81
C PHE W 175 -21.95 -24.58 2.78
N GLN W 176 -23.18 -24.30 2.43
CA GLN W 176 -23.61 -22.89 2.48
C GLN W 176 -23.62 -22.36 3.97
N GLY W 177 -24.36 -23.06 4.85
CA GLY W 177 -24.51 -22.66 6.22
C GLY W 177 -23.24 -22.63 7.07
N PHE W 178 -22.39 -23.62 6.92
CA PHE W 178 -21.20 -23.69 7.72
C PHE W 178 -19.94 -23.02 7.09
N HIS W 179 -19.75 -23.20 5.79
CA HIS W 179 -18.56 -22.76 5.13
C HIS W 179 -18.75 -21.47 4.28
N ASN W 180 -19.98 -21.03 4.11
CA ASN W 180 -20.30 -19.92 3.19
C ASN W 180 -19.59 -20.16 1.83
N TRP W 181 -19.75 -21.39 1.30
CA TRP W 181 -18.97 -21.85 0.15
C TRP W 181 -19.24 -21.06 -1.11
N THR W 182 -20.48 -20.46 -1.24
CA THR W 182 -20.73 -19.66 -2.38
C THR W 182 -19.84 -18.42 -2.44
N LEU W 183 -19.33 -17.98 -1.27
CA LEU W 183 -18.47 -16.78 -1.20
C LEU W 183 -17.07 -17.06 -1.65
N ASN W 184 -16.77 -18.32 -1.91
CA ASN W 184 -15.37 -18.71 -2.07
C ASN W 184 -14.97 -18.55 -3.53
N PRO W 185 -13.83 -17.87 -3.80
CA PRO W 185 -13.49 -17.61 -5.18
C PRO W 185 -13.06 -18.85 -5.94
N PHE W 186 -12.61 -19.89 -5.23
CA PHE W 186 -12.31 -21.15 -5.95
C PHE W 186 -13.59 -21.81 -6.42
N HIS W 187 -14.65 -21.72 -5.61
CA HIS W 187 -15.95 -22.25 -6.03
C HIS W 187 -16.49 -21.48 -7.23
N MET W 188 -16.34 -20.19 -7.15
CA MET W 188 -16.76 -19.30 -8.21
C MET W 188 -16.05 -19.61 -9.57
N MET W 189 -14.74 -19.83 -9.55
CA MET W 189 -14.06 -20.27 -10.75
C MET W 189 -14.63 -21.61 -11.21
N GLY W 190 -14.92 -22.53 -10.28
CA GLY W 190 -15.58 -23.78 -10.68
C GLY W 190 -16.91 -23.49 -11.43
N VAL W 191 -17.70 -22.57 -10.89
CA VAL W 191 -19.02 -22.32 -11.51
C VAL W 191 -18.79 -21.80 -12.94
N ALA W 192 -17.85 -20.87 -13.09
CA ALA W 192 -17.55 -20.30 -14.40
C ALA W 192 -17.10 -21.42 -15.36
N GLY W 193 -16.31 -22.35 -14.90
CA GLY W 193 -15.85 -23.45 -15.78
C GLY W 193 -16.96 -24.42 -16.18
N VAL W 194 -17.89 -24.66 -15.26
CA VAL W 194 -19.00 -25.55 -15.57
C VAL W 194 -20.01 -24.85 -16.49
N LEU W 195 -20.44 -23.64 -16.14
CA LEU W 195 -21.40 -22.94 -16.96
C LEU W 195 -20.77 -22.47 -18.30
N GLY W 196 -19.54 -22.00 -18.29
CA GLY W 196 -18.82 -21.72 -19.50
C GLY W 196 -18.65 -22.96 -20.40
N GLY W 197 -18.34 -24.11 -19.79
CA GLY W 197 -18.30 -25.40 -20.55
C GLY W 197 -19.63 -25.74 -21.21
N ALA W 198 -20.72 -25.58 -20.46
CA ALA W 198 -22.00 -25.94 -20.98
C ALA W 198 -22.32 -24.95 -22.11
N LEU W 199 -21.91 -23.68 -21.94
CA LEU W 199 -22.12 -22.63 -22.94
C LEU W 199 -21.35 -23.03 -24.26
N LEU W 200 -20.08 -23.37 -24.12
CA LEU W 200 -19.28 -23.80 -25.27
C LEU W 200 -19.89 -25.01 -25.97
N CYS W 201 -20.34 -25.98 -25.18
CA CYS W 201 -20.94 -27.22 -25.71
C CYS W 201 -22.13 -26.86 -26.58
N ALA W 202 -22.98 -25.96 -26.07
CA ALA W 202 -24.21 -25.61 -26.78
C ALA W 202 -23.90 -24.78 -28.03
N ILE W 203 -23.02 -23.81 -27.89
CA ILE W 203 -22.81 -22.82 -28.91
C ILE W 203 -22.01 -23.49 -30.04
N HIS W 204 -21.07 -24.40 -29.70
CA HIS W 204 -20.34 -25.04 -30.73
C HIS W 204 -21.28 -25.95 -31.52
N GLY W 205 -22.05 -26.77 -30.82
CA GLY W 205 -22.90 -27.75 -31.52
C GLY W 205 -23.88 -27.02 -32.43
N ALA W 206 -24.46 -25.94 -31.91
CA ALA W 206 -25.41 -25.15 -32.67
C ALA W 206 -24.76 -24.49 -33.86
N THR W 207 -23.50 -24.04 -33.71
CA THR W 207 -22.81 -23.31 -34.77
C THR W 207 -22.49 -24.21 -35.97
N VAL W 208 -21.94 -25.39 -35.69
CA VAL W 208 -21.71 -26.41 -36.72
C VAL W 208 -22.97 -26.83 -37.40
N GLU W 209 -24.04 -27.04 -36.64
CA GLU W 209 -25.30 -27.39 -37.19
C GLU W 209 -25.96 -26.33 -38.07
N ASN W 210 -25.62 -25.07 -37.90
CA ASN W 210 -26.21 -24.00 -38.65
C ASN W 210 -25.34 -23.35 -39.70
N THR W 211 -24.21 -23.97 -39.96
CA THR W 211 -23.25 -23.55 -40.98
C THR W 211 -22.82 -24.77 -41.80
N LEU W 212 -23.62 -25.83 -41.76
CA LEU W 212 -23.39 -27.05 -42.54
C LEU W 212 -23.41 -26.69 -44.01
N PHE W 213 -22.56 -27.39 -44.75
CA PHE W 213 -22.65 -27.32 -46.21
C PHE W 213 -23.78 -28.23 -46.70
N GLN W 214 -24.50 -27.81 -47.76
CA GLN W 214 -25.49 -28.71 -48.35
C GLN W 214 -24.82 -29.85 -49.12
N ASP W 215 -24.73 -31.03 -48.53
CA ASP W 215 -23.96 -32.13 -49.13
C ASP W 215 -24.89 -33.31 -49.49
N GLY W 216 -26.19 -33.04 -49.58
CA GLY W 216 -27.21 -34.06 -49.84
C GLY W 216 -28.51 -33.33 -50.21
N GLU W 217 -29.50 -34.06 -50.69
CA GLU W 217 -30.84 -33.48 -51.01
C GLU W 217 -31.87 -33.61 -49.87
N GLY W 218 -31.61 -34.47 -48.88
CA GLY W 218 -32.45 -34.57 -47.66
C GLY W 218 -32.72 -33.23 -46.91
N ALA W 219 -33.99 -32.97 -46.60
CA ALA W 219 -34.37 -32.02 -45.58
C ALA W 219 -33.83 -32.39 -44.16
N SER W 220 -33.69 -33.70 -43.88
CA SER W 220 -32.98 -34.17 -42.71
C SER W 220 -31.51 -34.37 -43.17
N THR W 221 -30.60 -33.58 -42.57
CA THR W 221 -29.22 -33.33 -43.08
C THR W 221 -28.11 -34.25 -42.55
N PHE W 222 -28.45 -35.13 -41.62
CA PHE W 222 -27.48 -36.00 -40.96
C PHE W 222 -26.81 -36.97 -41.92
N ARG W 223 -27.61 -37.44 -42.88
CA ARG W 223 -27.15 -38.47 -43.85
C ARG W 223 -26.04 -37.99 -44.77
N ALA W 224 -26.06 -36.69 -45.10
CA ALA W 224 -25.05 -36.04 -45.92
C ALA W 224 -23.67 -35.83 -45.22
N PHE W 225 -23.16 -36.85 -44.54
CA PHE W 225 -21.81 -36.85 -43.97
C PHE W 225 -21.26 -38.28 -44.08
N ASN W 226 -19.98 -38.43 -44.44
CA ASN W 226 -19.31 -39.74 -44.38
C ASN W 226 -18.06 -39.64 -43.48
N PRO W 227 -17.92 -40.55 -42.47
CA PRO W 227 -16.76 -40.43 -41.55
C PRO W 227 -15.38 -40.30 -42.23
N THR W 228 -15.19 -41.01 -43.35
CA THR W 228 -13.91 -40.98 -44.04
C THR W 228 -13.75 -39.77 -44.98
N GLN W 229 -14.81 -38.96 -45.20
CA GLN W 229 -14.66 -37.77 -46.07
C GLN W 229 -13.51 -36.86 -45.57
N ALA W 230 -12.75 -36.34 -46.52
CA ALA W 230 -11.63 -35.42 -46.23
C ALA W 230 -12.10 -33.99 -45.90
N GLU W 231 -13.26 -33.55 -46.42
CA GLU W 231 -13.71 -32.14 -46.34
C GLU W 231 -14.48 -31.82 -45.04
N GLU W 232 -14.32 -30.59 -44.58
CA GLU W 232 -15.11 -30.06 -43.48
C GLU W 232 -16.59 -30.13 -43.87
N THR W 233 -17.39 -30.57 -42.92
CA THR W 233 -18.84 -30.67 -43.13
C THR W 233 -19.59 -29.33 -42.90
N TYR W 234 -18.91 -28.32 -42.32
CA TYR W 234 -19.54 -26.98 -42.10
C TYR W 234 -18.55 -25.94 -42.51
N SER W 235 -18.98 -24.70 -42.67
CA SER W 235 -18.13 -23.60 -43.07
C SER W 235 -17.57 -22.79 -41.90
N MET W 236 -16.29 -23.02 -41.60
CA MET W 236 -15.59 -22.18 -40.65
C MET W 236 -15.58 -20.72 -41.04
N VAL W 237 -15.47 -20.45 -42.33
CA VAL W 237 -15.42 -19.07 -42.81
C VAL W 237 -16.74 -18.36 -42.50
N THR W 238 -17.86 -18.98 -42.82
CA THR W 238 -19.13 -18.39 -42.53
C THR W 238 -19.43 -18.29 -40.96
N ALA W 239 -19.16 -19.35 -40.20
CA ALA W 239 -19.28 -19.33 -38.77
C ALA W 239 -18.52 -18.14 -38.19
N ASN W 240 -17.26 -18.00 -38.61
CA ASN W 240 -16.41 -16.88 -38.15
C ASN W 240 -17.05 -15.50 -38.42
N ARG W 241 -17.63 -15.34 -39.60
CA ARG W 241 -18.14 -14.03 -39.95
C ARG W 241 -19.30 -13.75 -39.07
N PHE W 242 -20.19 -14.75 -38.98
CA PHE W 242 -21.35 -14.64 -38.15
C PHE W 242 -21.06 -14.13 -36.72
N TRP W 243 -20.18 -14.85 -36.03
CA TRP W 243 -19.88 -14.55 -34.67
C TRP W 243 -19.13 -13.27 -34.54
N SER W 244 -18.26 -12.96 -35.51
CA SER W 244 -17.52 -11.66 -35.49
C SER W 244 -18.49 -10.47 -35.52
N GLN W 245 -19.55 -10.61 -36.30
CA GLN W 245 -20.55 -9.53 -36.49
C GLN W 245 -21.60 -9.47 -35.36
N ILE W 246 -21.91 -10.63 -34.76
CA ILE W 246 -22.92 -10.72 -33.71
C ILE W 246 -22.33 -10.32 -32.33
N PHE W 247 -21.21 -10.94 -31.98
CA PHE W 247 -20.59 -10.87 -30.67
C PHE W 247 -19.28 -10.09 -30.59
N GLY W 248 -18.68 -9.81 -31.76
CA GLY W 248 -17.55 -8.97 -31.81
C GLY W 248 -16.27 -9.78 -32.02
N ILE W 249 -16.22 -10.99 -31.49
CA ILE W 249 -15.11 -11.86 -31.79
C ILE W 249 -15.62 -13.25 -32.14
N ALA W 250 -14.70 -14.06 -32.70
CA ALA W 250 -15.05 -15.40 -33.13
C ALA W 250 -13.82 -16.27 -33.11
N PHE W 251 -14.00 -17.57 -33.07
CA PHE W 251 -12.88 -18.48 -33.37
C PHE W 251 -12.53 -18.38 -34.87
N SER W 252 -11.26 -18.43 -35.18
CA SER W 252 -10.77 -18.68 -36.54
C SER W 252 -9.90 -19.97 -36.63
N ASN W 253 -9.40 -20.46 -35.53
CA ASN W 253 -8.59 -21.66 -35.52
C ASN W 253 -9.33 -22.82 -34.81
N LYS W 254 -9.64 -23.88 -35.56
CA LYS W 254 -10.36 -25.07 -35.06
C LYS W 254 -9.59 -25.82 -34.02
N ARG W 255 -8.26 -25.86 -34.11
CA ARG W 255 -7.52 -26.56 -33.12
C ARG W 255 -7.59 -25.84 -31.78
N TRP W 256 -7.42 -24.51 -31.82
CA TRP W 256 -7.59 -23.71 -30.62
C TRP W 256 -8.98 -23.93 -30.06
N LEU W 257 -10.00 -23.85 -30.90
CA LEU W 257 -11.36 -24.01 -30.43
C LEU W 257 -11.48 -25.28 -29.54
N HIS W 258 -10.99 -26.40 -30.04
CA HIS W 258 -11.25 -27.68 -29.41
C HIS W 258 -10.35 -27.82 -28.20
N PHE W 259 -9.16 -27.26 -28.26
CA PHE W 259 -8.37 -27.22 -27.04
C PHE W 259 -9.05 -26.40 -25.93
N PHE W 260 -9.63 -25.26 -26.28
CA PHE W 260 -10.24 -24.38 -25.29
C PHE W 260 -11.42 -25.09 -24.63
N MET W 261 -12.20 -25.82 -25.42
CA MET W 261 -13.27 -26.70 -24.90
C MET W 261 -12.77 -27.73 -23.83
N LEU W 262 -11.58 -28.22 -23.98
CA LEU W 262 -10.95 -29.08 -22.91
C LEU W 262 -10.58 -28.18 -21.74
N PHE W 263 -9.91 -27.04 -22.05
CA PHE W 263 -9.38 -26.18 -21.02
C PHE W 263 -10.43 -25.64 -19.97
N VAL W 264 -11.58 -25.16 -20.45
CA VAL W 264 -12.47 -24.40 -19.63
C VAL W 264 -13.07 -25.24 -18.48
N PRO W 265 -13.80 -26.34 -18.78
CA PRO W 265 -14.44 -27.08 -17.69
C PRO W 265 -13.38 -27.86 -16.88
N VAL W 266 -12.29 -28.29 -17.51
CA VAL W 266 -11.23 -29.06 -16.74
C VAL W 266 -10.57 -28.11 -15.71
N THR W 267 -10.21 -26.91 -16.14
CA THR W 267 -9.65 -25.93 -15.20
C THR W 267 -10.62 -25.50 -14.06
N GLY W 268 -11.88 -25.29 -14.42
CA GLY W 268 -12.89 -24.99 -13.44
C GLY W 268 -13.01 -26.01 -12.35
N LEU W 269 -13.10 -27.27 -12.74
CA LEU W 269 -13.24 -28.33 -11.74
C LEU W 269 -12.00 -28.40 -10.84
N TRP W 270 -10.82 -28.20 -11.41
CA TRP W 270 -9.57 -28.16 -10.62
C TRP W 270 -9.55 -27.06 -9.58
N MET W 271 -10.04 -25.88 -9.97
CA MET W 271 -10.11 -24.77 -9.05
C MET W 271 -11.08 -25.13 -7.89
N SER W 272 -12.25 -25.71 -8.20
CA SER W 272 -13.17 -26.05 -7.16
C SER W 272 -12.54 -27.00 -6.16
N ALA W 273 -11.76 -28.01 -6.66
CA ALA W 273 -11.12 -28.96 -5.78
C ALA W 273 -10.23 -28.23 -4.79
N ILE W 274 -9.52 -27.21 -5.27
CA ILE W 274 -8.58 -26.49 -4.39
C ILE W 274 -9.31 -25.82 -3.23
N GLY W 275 -10.44 -25.19 -3.55
CA GLY W 275 -11.24 -24.67 -2.49
C GLY W 275 -11.76 -25.66 -1.43
N VAL W 276 -12.14 -26.86 -1.84
CA VAL W 276 -12.62 -27.89 -0.93
C VAL W 276 -11.41 -28.35 -0.09
N VAL W 277 -10.21 -28.43 -0.65
CA VAL W 277 -9.01 -28.78 0.21
C VAL W 277 -8.94 -27.74 1.39
N GLY W 278 -9.20 -26.46 1.09
CA GLY W 278 -9.25 -25.41 2.11
C GLY W 278 -10.31 -25.69 3.15
N LEU W 279 -11.52 -25.93 2.66
CA LEU W 279 -12.60 -26.27 3.53
C LEU W 279 -12.37 -27.51 4.41
N ALA W 280 -11.49 -28.44 3.99
CA ALA W 280 -11.15 -29.57 4.84
C ALA W 280 -10.62 -29.12 6.21
N LEU W 281 -9.92 -27.99 6.20
CA LEU W 281 -9.32 -27.36 7.37
C LEU W 281 -10.16 -26.21 7.99
N ASN W 282 -11.40 -26.08 7.55
CA ASN W 282 -12.22 -24.87 7.76
C ASN W 282 -11.59 -23.55 7.34
N LEU W 283 -10.75 -23.58 6.32
CA LEU W 283 -10.12 -22.36 5.84
C LEU W 283 -11.05 -21.86 4.78
N ARG W 284 -12.07 -21.15 5.25
CA ARG W 284 -13.18 -20.72 4.42
C ARG W 284 -12.91 -19.30 3.90
N SER W 285 -13.63 -18.94 2.83
CA SER W 285 -13.90 -17.50 2.59
C SER W 285 -15.27 -17.24 3.22
N TYR W 286 -15.28 -17.01 4.52
CA TYR W 286 -16.54 -16.93 5.29
C TYR W 286 -16.86 -15.49 5.34
N ASP W 287 -15.85 -14.65 5.63
CA ASP W 287 -16.19 -13.22 5.94
C ASP W 287 -15.38 -12.21 5.16
N PHE W 288 -15.89 -10.97 5.12
CA PHE W 288 -15.10 -9.82 4.75
C PHE W 288 -14.97 -9.01 6.04
N ILE W 289 -13.74 -8.88 6.54
CA ILE W 289 -13.50 -8.26 7.83
C ILE W 289 -13.99 -6.78 7.86
N SER W 290 -13.68 -6.02 6.80
CA SER W 290 -14.10 -4.61 6.74
C SER W 290 -15.63 -4.43 6.84
N GLN W 291 -16.37 -5.33 6.21
CA GLN W 291 -17.84 -5.42 6.32
C GLN W 291 -18.29 -5.67 7.76
N GLU W 292 -17.59 -6.54 8.46
CA GLU W 292 -17.97 -6.87 9.83
C GLU W 292 -17.66 -5.75 10.80
N ILE W 293 -16.54 -5.08 10.62
CA ILE W 293 -16.24 -3.94 11.45
C ILE W 293 -17.28 -2.83 11.25
N ARG W 294 -17.55 -2.47 10.00
CA ARG W 294 -18.60 -1.44 9.73
C ARG W 294 -19.99 -1.80 10.32
N ALA W 295 -20.45 -3.02 10.05
CA ALA W 295 -21.79 -3.46 10.45
C ALA W 295 -21.96 -3.52 11.98
N ALA W 296 -20.89 -3.93 12.67
CA ALA W 296 -20.89 -3.98 14.12
C ALA W 296 -20.99 -2.62 14.78
N GLU W 297 -20.32 -1.64 14.19
CA GLU W 297 -20.32 -0.25 14.66
C GLU W 297 -21.51 0.55 14.18
N ASP W 298 -22.06 0.15 13.02
CA ASP W 298 -23.13 0.95 12.37
C ASP W 298 -24.38 0.09 12.12
N PRO W 299 -25.37 0.16 13.06
CA PRO W 299 -26.57 -0.68 12.86
C PRO W 299 -27.52 -0.29 11.72
N GLU W 300 -27.20 0.73 10.97
CA GLU W 300 -28.01 1.00 9.74
C GLU W 300 -27.34 0.49 8.44
N PHE W 301 -26.14 -0.09 8.55
CA PHE W 301 -25.39 -0.60 7.41
C PHE W 301 -25.77 -2.07 7.10
N GLU W 302 -26.34 -2.29 5.93
CA GLU W 302 -26.76 -3.61 5.52
C GLU W 302 -26.37 -3.86 4.06
N THR W 303 -25.85 -5.06 3.79
CA THR W 303 -25.60 -5.46 2.40
C THR W 303 -26.10 -6.87 2.14
N PHE W 304 -26.02 -7.35 0.88
CA PHE W 304 -26.46 -8.71 0.63
C PHE W 304 -25.53 -9.71 1.37
N TYR W 305 -24.29 -9.34 1.57
CA TYR W 305 -23.31 -10.15 2.32
C TYR W 305 -23.76 -10.38 3.82
N THR W 306 -24.12 -9.34 4.55
CA THR W 306 -24.69 -9.47 5.88
C THR W 306 -26.01 -10.27 5.91
N LYS W 307 -26.89 -10.04 4.92
CA LYS W 307 -28.16 -10.78 4.82
C LYS W 307 -27.90 -12.27 4.72
N ASN W 308 -26.90 -12.66 3.89
CA ASN W 308 -26.64 -14.10 3.70
C ASN W 308 -26.08 -14.74 4.94
N LEU W 309 -25.28 -14.01 5.71
CA LEU W 309 -24.77 -14.56 7.00
C LEU W 309 -25.91 -14.87 7.98
N LEU W 310 -26.96 -14.05 8.00
CA LEU W 310 -28.14 -14.36 8.83
C LEU W 310 -28.79 -15.69 8.43
N LEU W 311 -28.87 -15.93 7.11
CA LEU W 311 -29.38 -17.17 6.58
C LEU W 311 -28.52 -18.31 7.03
N ASN W 312 -27.23 -18.11 6.99
CA ASN W 312 -26.29 -19.22 7.41
C ASN W 312 -26.47 -19.57 8.89
N GLU W 313 -26.64 -18.51 9.70
CA GLU W 313 -26.91 -18.63 11.13
C GLU W 313 -28.17 -19.44 11.42
N GLY W 314 -29.22 -19.20 10.63
CA GLY W 314 -30.43 -19.96 10.66
C GLY W 314 -30.09 -21.44 10.32
N ILE W 315 -29.44 -21.69 9.20
CA ILE W 315 -29.21 -23.04 8.78
C ILE W 315 -28.51 -23.76 9.93
N ARG W 316 -27.46 -23.18 10.47
CA ARG W 316 -26.62 -23.92 11.43
C ARG W 316 -27.44 -24.31 12.65
N ALA W 317 -28.21 -23.36 13.17
CA ALA W 317 -28.94 -23.58 14.44
C ALA W 317 -30.08 -24.58 14.23
N TRP W 318 -30.77 -24.47 13.08
CA TRP W 318 -31.96 -25.27 12.84
C TRP W 318 -31.62 -26.66 12.30
N MET W 319 -30.45 -26.87 11.69
CA MET W 319 -30.07 -28.18 11.18
C MET W 319 -29.13 -28.98 12.07
N ALA W 320 -28.31 -28.32 12.87
CA ALA W 320 -27.27 -29.05 13.56
C ALA W 320 -27.75 -30.24 14.50
N PRO W 321 -28.83 -30.07 15.26
CA PRO W 321 -29.23 -31.11 16.24
C PRO W 321 -29.56 -32.46 15.61
N GLN W 322 -30.30 -32.45 14.50
CA GLN W 322 -30.64 -33.65 13.70
C GLN W 322 -29.51 -34.06 12.76
N ASP W 323 -28.74 -33.09 12.22
CA ASP W 323 -27.65 -33.43 11.25
C ASP W 323 -26.39 -33.93 11.93
N GLN W 324 -26.19 -33.55 13.20
CA GLN W 324 -24.97 -33.91 13.94
C GLN W 324 -25.38 -34.61 15.29
N PRO W 325 -26.09 -35.75 15.20
CA PRO W 325 -26.70 -36.41 16.39
C PRO W 325 -25.66 -36.82 17.42
C HSK W 326 -23.02 -36.25 18.95
O HSK W 326 -22.43 -36.47 19.97
CA HSK W 326 -23.39 -37.38 17.99
CA HSK W 326 -23.38 -37.38 17.99
N HSK W 326 -24.43 -37.05 17.01
CB HSK W 326 -22.12 -37.81 17.27
CB HSK W 326 -22.11 -37.84 17.28
CG HSK W 326 -21.65 -36.76 16.28
CG HSK W 326 -21.58 -36.75 16.38
CD2 HSK W 326 -20.67 -35.79 16.49
CD2 HSK W 326 -20.58 -35.79 16.64
NE2 HSK W 326 -20.58 -35.07 15.35
NE2 HSK W 326 -20.46 -35.01 15.55
CE1 HSK W 326 -21.50 -35.58 14.46
CE1 HSK W 326 -21.36 -35.45 14.60
ND1 HSK W 326 -22.13 -36.60 15.03
ND1 HSK W 326 -22.01 -36.48 15.15
OM HSK W 326 -23.04 -37.24 14.46
N GLU W 327 -23.39 -35.01 18.66
CA GLU W 327 -23.18 -33.80 19.46
C GLU W 327 -24.21 -33.68 20.61
N ASN W 328 -25.31 -34.42 20.53
CA ASN W 328 -26.41 -34.28 21.49
C ASN W 328 -26.81 -32.87 21.75
N PHE W 329 -27.02 -32.12 20.69
CA PHE W 329 -27.43 -30.75 20.86
C PHE W 329 -28.88 -30.69 21.34
N VAL W 330 -29.12 -29.92 22.39
CA VAL W 330 -30.43 -29.44 22.74
C VAL W 330 -30.42 -27.95 22.72
N PHE W 331 -31.19 -27.35 21.80
CA PHE W 331 -31.22 -25.93 21.65
C PHE W 331 -32.64 -25.52 22.04
N PRO W 332 -32.81 -24.96 23.26
CA PRO W 332 -34.15 -24.60 23.68
C PRO W 332 -34.79 -23.60 22.73
N GLU W 333 -36.09 -23.65 22.57
CA GLU W 333 -36.75 -22.79 21.60
C GLU W 333 -36.23 -21.36 21.66
N GLU W 334 -36.10 -20.86 22.89
CA GLU W 334 -35.76 -19.48 23.12
C GLU W 334 -34.41 -19.04 22.54
N VAL W 335 -33.48 -19.96 22.32
CA VAL W 335 -32.22 -19.60 21.76
C VAL W 335 -32.17 -19.66 20.22
N LEU W 336 -33.15 -20.26 19.58
CA LEU W 336 -33.12 -20.37 18.12
C LEU W 336 -33.24 -19.00 17.44
N PRO W 337 -32.31 -18.64 16.53
CA PRO W 337 -32.41 -17.40 15.77
C PRO W 337 -33.62 -17.46 14.82
N ARG W 338 -34.43 -16.44 14.88
CA ARG W 338 -35.66 -16.33 14.04
C ARG W 338 -35.95 -14.88 13.87
N GLY W 339 -36.46 -14.51 12.69
CA GLY W 339 -36.98 -13.15 12.48
C GLY W 339 -38.36 -13.04 13.08
N ASN W 340 -39.05 -11.92 12.80
CA ASN W 340 -40.39 -11.70 13.26
C ASN W 340 -41.39 -12.68 12.63
N ALA W 341 -42.30 -13.16 13.48
CA ALA W 341 -43.48 -13.98 13.11
C ALA W 341 -43.13 -15.42 12.67
N LEU W 342 -42.16 -15.58 11.79
CA LEU W 342 -41.85 -16.89 11.24
C LEU W 342 -41.09 -17.72 12.26
N THR X 1 -17.46 -54.78 -36.85
CA THR X 1 -17.87 -55.87 -35.88
C THR X 1 -16.64 -56.45 -35.18
N THR X 2 -16.79 -56.93 -33.94
CA THR X 2 -15.67 -57.51 -33.11
C THR X 2 -15.65 -59.06 -32.97
N GLY X 3 -16.57 -59.77 -33.67
CA GLY X 3 -16.57 -61.25 -33.74
C GLY X 3 -17.75 -61.97 -33.09
N GLU X 4 -18.47 -61.29 -32.20
CA GLU X 4 -19.63 -61.85 -31.54
C GLU X 4 -20.91 -61.41 -32.27
N ARG X 5 -21.96 -62.14 -32.00
CA ARG X 5 -23.22 -61.95 -32.66
C ARG X 5 -23.89 -60.67 -32.22
N PRO X 6 -24.54 -60.02 -33.18
CA PRO X 6 -25.32 -58.84 -32.82
C PRO X 6 -26.40 -59.08 -31.75
N PHE X 7 -26.52 -58.18 -30.76
CA PHE X 7 -27.61 -58.24 -29.76
C PHE X 7 -28.98 -58.39 -30.42
N SER X 8 -29.20 -57.72 -31.55
CA SER X 8 -30.48 -57.74 -32.23
C SER X 8 -30.79 -59.14 -32.84
N ASP X 9 -29.79 -59.85 -33.32
CA ASP X 9 -29.97 -61.27 -33.68
C ASP X 9 -30.35 -62.13 -32.46
N ILE X 10 -29.63 -61.94 -31.36
CA ILE X 10 -29.83 -62.77 -30.15
C ILE X 10 -31.22 -62.59 -29.55
N ILE X 11 -31.58 -61.35 -29.25
CA ILE X 11 -32.86 -61.10 -28.59
C ILE X 11 -34.10 -61.22 -29.47
N THR X 12 -33.94 -61.45 -30.76
CA THR X 12 -35.08 -61.81 -31.59
C THR X 12 -35.12 -63.32 -31.93
N SER X 13 -34.32 -64.16 -31.22
CA SER X 13 -34.23 -65.58 -31.53
C SER X 13 -35.06 -66.33 -30.54
N VAL X 14 -35.54 -67.49 -30.97
CA VAL X 14 -36.44 -68.31 -30.16
C VAL X 14 -35.64 -68.90 -29.00
N ARG X 15 -34.44 -69.37 -29.27
CA ARG X 15 -33.65 -69.93 -28.18
C ARG X 15 -33.48 -68.97 -27.02
N TYR X 16 -33.24 -67.69 -27.33
CA TYR X 16 -32.96 -66.68 -26.28
C TYR X 16 -34.20 -66.56 -25.37
N TRP X 17 -35.38 -66.42 -26.00
CA TRP X 17 -36.64 -66.38 -25.28
C TRP X 17 -37.05 -67.66 -24.56
N VAL X 18 -36.64 -68.83 -25.06
CA VAL X 18 -36.86 -70.07 -24.33
C VAL X 18 -36.10 -70.04 -23.01
N ILE X 19 -34.82 -69.70 -23.08
CA ILE X 19 -33.99 -69.58 -21.88
C ILE X 19 -34.52 -68.48 -20.94
N HIS X 20 -34.76 -67.30 -21.48
CA HIS X 20 -35.03 -66.15 -20.64
C HIS X 20 -36.45 -66.01 -20.13
N SER X 21 -37.41 -66.73 -20.77
CA SER X 21 -38.77 -66.75 -20.24
C SER X 21 -38.80 -67.62 -18.96
N ILE X 22 -37.77 -68.44 -18.73
CA ILE X 22 -37.56 -69.10 -17.42
C ILE X 22 -36.67 -68.26 -16.42
N THR X 23 -35.51 -67.78 -16.88
CA THR X 23 -34.50 -67.21 -15.96
C THR X 23 -34.94 -65.86 -15.39
N ILE X 24 -35.56 -65.04 -16.22
CA ILE X 24 -36.00 -63.72 -15.85
C ILE X 24 -37.08 -63.84 -14.75
N PRO X 25 -38.20 -64.55 -15.00
CA PRO X 25 -39.17 -64.71 -13.91
C PRO X 25 -38.59 -65.35 -12.67
N ALA X 26 -37.75 -66.36 -12.84
CA ALA X 26 -37.17 -67.00 -11.69
C ALA X 26 -36.38 -66.01 -10.79
N LEU X 27 -35.54 -65.19 -11.41
CA LEU X 27 -34.79 -64.15 -10.67
C LEU X 27 -35.70 -63.13 -10.02
N PHE X 28 -36.75 -62.71 -10.74
CA PHE X 28 -37.77 -61.74 -10.20
C PHE X 28 -38.43 -62.30 -8.96
N ILE X 29 -38.76 -63.60 -8.98
CA ILE X 29 -39.51 -64.24 -7.90
C ILE X 29 -38.56 -64.45 -6.75
N ALA X 30 -37.33 -64.87 -7.05
CA ALA X 30 -36.35 -65.00 -5.98
C ALA X 30 -36.09 -63.64 -5.21
N GLY X 31 -36.18 -62.50 -5.93
CA GLY X 31 -35.90 -61.21 -5.29
C GLY X 31 -37.10 -60.86 -4.42
N TRP X 32 -38.29 -61.08 -4.98
CA TRP X 32 -39.55 -60.94 -4.31
C TRP X 32 -39.53 -61.68 -2.96
N LEU X 33 -39.15 -62.94 -3.00
CA LEU X 33 -39.11 -63.77 -1.79
C LEU X 33 -38.05 -63.36 -0.79
N PHE X 34 -36.91 -62.92 -1.31
CA PHE X 34 -35.86 -62.29 -0.44
C PHE X 34 -36.47 -61.19 0.49
N VAL X 35 -37.40 -60.41 -0.01
CA VAL X 35 -38.08 -59.41 0.81
C VAL X 35 -39.26 -60.07 1.55
N SER X 36 -40.16 -60.80 0.83
CA SER X 36 -41.44 -61.29 1.41
C SER X 36 -41.25 -62.29 2.55
N THR X 37 -40.20 -63.10 2.52
CA THR X 37 -39.83 -63.89 3.70
C THR X 37 -39.13 -63.14 4.85
N GLY X 38 -38.82 -61.83 4.71
CA GLY X 38 -38.09 -61.07 5.73
C GLY X 38 -36.60 -61.32 5.81
N LEU X 39 -36.09 -62.15 4.92
CA LEU X 39 -34.65 -62.46 4.96
C LEU X 39 -33.73 -61.22 4.72
N ALA X 40 -34.16 -60.33 3.82
CA ALA X 40 -33.43 -59.09 3.53
C ALA X 40 -33.12 -58.33 4.82
N TYR X 41 -34.12 -58.18 5.70
CA TYR X 41 -33.93 -57.51 6.99
C TYR X 41 -32.75 -58.10 7.76
N ASP X 42 -32.66 -59.41 7.78
CA ASP X 42 -31.65 -60.03 8.67
C ASP X 42 -30.28 -60.09 8.06
N VAL X 43 -30.19 -60.22 6.75
CA VAL X 43 -28.89 -60.24 6.10
C VAL X 43 -28.15 -58.90 6.31
N PHE X 44 -28.91 -57.84 6.16
CA PHE X 44 -28.36 -56.48 6.14
C PHE X 44 -28.47 -55.74 7.48
N GLY X 45 -29.35 -56.21 8.38
CA GLY X 45 -29.48 -55.66 9.68
C GLY X 45 -30.34 -54.43 9.71
N THR X 46 -31.28 -54.39 8.79
CA THR X 46 -32.17 -53.28 8.63
C THR X 46 -33.39 -53.47 9.55
N PRO X 47 -33.79 -52.42 10.28
CA PRO X 47 -34.97 -52.59 11.08
C PRO X 47 -36.25 -52.78 10.29
N ARG X 48 -37.12 -53.66 10.80
CA ARG X 48 -38.54 -53.73 10.39
C ARG X 48 -39.30 -52.56 10.96
N PRO X 49 -40.52 -52.33 10.47
CA PRO X 49 -41.26 -51.18 11.02
C PRO X 49 -41.43 -51.15 12.53
N ASP X 50 -41.37 -52.32 13.18
CA ASP X 50 -41.54 -52.40 14.63
C ASP X 50 -40.23 -52.50 15.39
N SER X 51 -39.10 -52.31 14.73
CA SER X 51 -37.84 -52.49 15.43
C SER X 51 -36.91 -51.26 15.37
N TYR X 52 -37.44 -50.05 15.11
CA TYR X 52 -36.61 -48.84 15.20
C TYR X 52 -36.37 -48.39 16.64
N TYR X 53 -37.41 -48.56 17.46
CA TYR X 53 -37.47 -48.12 18.86
C TYR X 53 -38.11 -49.23 19.75
N ALA X 54 -37.64 -49.41 20.99
CA ALA X 54 -38.47 -50.07 22.04
C ALA X 54 -39.75 -49.28 22.30
N GLN X 55 -40.72 -49.88 22.98
CA GLN X 55 -42.06 -49.28 23.07
C GLN X 55 -42.17 -47.86 23.68
N GLU X 56 -41.36 -47.56 24.70
CA GLU X 56 -41.41 -46.29 25.45
C GLU X 56 -40.18 -45.37 25.33
N GLN X 57 -39.08 -45.83 24.73
CA GLN X 57 -37.99 -44.89 24.37
C GLN X 57 -38.34 -44.00 23.16
N ARG X 58 -37.85 -42.74 23.23
CA ARG X 58 -37.65 -41.86 22.06
C ARG X 58 -36.16 -41.39 22.18
N SER X 59 -35.24 -42.36 22.12
CA SER X 59 -33.80 -42.12 21.94
C SER X 59 -33.18 -43.04 20.85
N ILE X 60 -32.62 -42.42 19.82
CA ILE X 60 -32.07 -43.18 18.70
C ILE X 60 -30.84 -44.02 19.13
N PRO X 61 -30.75 -45.29 18.69
CA PRO X 61 -29.60 -46.12 19.03
C PRO X 61 -28.35 -45.78 18.26
N LEU X 62 -27.86 -44.57 18.48
CA LEU X 62 -26.64 -44.12 17.81
C LEU X 62 -25.39 -44.79 18.39
N VAL X 63 -24.51 -45.25 17.50
CA VAL X 63 -23.24 -45.83 17.88
C VAL X 63 -22.26 -44.72 18.34
N THR X 64 -21.60 -44.91 19.49
CA THR X 64 -20.75 -43.88 20.12
C THR X 64 -19.34 -44.30 20.44
N ASP X 65 -18.98 -45.53 20.11
CA ASP X 65 -17.72 -46.14 20.48
C ASP X 65 -17.22 -46.93 19.29
N ARG X 66 -16.10 -46.50 18.74
CA ARG X 66 -15.48 -47.16 17.61
C ARG X 66 -15.29 -48.68 17.75
N PHE X 67 -14.64 -49.09 18.82
CA PHE X 67 -14.15 -50.48 18.93
C PHE X 67 -15.11 -51.49 19.57
N GLU X 68 -16.18 -51.04 20.18
CA GLU X 68 -17.24 -51.93 20.64
C GLU X 68 -18.61 -51.46 20.14
N ALA X 69 -18.59 -50.82 18.97
CA ALA X 69 -19.82 -50.46 18.28
C ALA X 69 -20.61 -51.73 17.93
N LYS X 70 -19.90 -52.80 17.58
CA LYS X 70 -20.50 -54.09 17.29
C LYS X 70 -21.39 -54.52 18.47
N GLN X 71 -20.80 -54.50 19.69
CA GLN X 71 -21.50 -54.83 20.96
C GLN X 71 -22.60 -53.83 21.27
N GLN X 72 -22.40 -52.53 20.99
CA GLN X 72 -23.44 -51.53 21.26
C GLN X 72 -24.66 -51.81 20.43
N VAL X 73 -24.44 -52.15 19.15
CA VAL X 73 -25.56 -52.54 18.28
C VAL X 73 -26.20 -53.81 18.90
N GLU X 74 -25.38 -54.82 19.24
CA GLU X 74 -25.87 -56.08 19.87
C GLU X 74 -26.81 -55.75 21.06
N THR X 75 -26.32 -54.91 21.98
CA THR X 75 -27.09 -54.44 23.14
C THR X 75 -28.34 -53.63 22.79
N PHE X 76 -28.23 -52.74 21.80
CA PHE X 76 -29.40 -51.98 21.35
C PHE X 76 -30.46 -52.98 20.85
N LEU X 77 -30.02 -54.04 20.14
CA LEU X 77 -30.94 -55.08 19.63
C LEU X 77 -31.57 -55.98 20.72
N GLU X 78 -30.78 -56.41 21.72
CA GLU X 78 -31.31 -57.12 22.91
C GLU X 78 -32.35 -56.30 23.71
N GLN X 79 -32.16 -54.98 23.81
CA GLN X 79 -33.12 -54.12 24.51
C GLN X 79 -34.42 -53.79 23.71
N LEU X 80 -34.75 -54.53 22.62
CA LEU X 80 -35.94 -54.19 21.82
C LEU X 80 -37.29 -54.88 22.24
N LYS X 81 -37.50 -56.16 21.91
CA LYS X 81 -38.73 -56.90 22.28
C LYS X 81 -38.37 -58.06 23.19
N PRO Y 3 -18.48 -75.88 -22.23
CA PRO Y 3 -19.41 -74.69 -22.43
C PRO Y 3 -18.59 -73.40 -22.72
N ILE Y 4 -18.90 -72.63 -23.77
CA ILE Y 4 -18.02 -71.53 -24.25
C ILE Y 4 -18.63 -70.17 -24.04
N PHE Y 5 -17.87 -69.27 -23.40
CA PHE Y 5 -18.38 -67.97 -22.96
C PHE Y 5 -17.72 -66.87 -23.80
N THR Y 6 -18.15 -65.62 -23.61
CA THR Y 6 -17.38 -64.47 -24.11
C THR Y 6 -17.35 -63.43 -23.01
N VAL Y 7 -16.39 -62.52 -23.13
CA VAL Y 7 -16.25 -61.42 -22.16
C VAL Y 7 -17.54 -60.59 -22.16
N ARG Y 8 -18.08 -60.37 -23.35
CA ARG Y 8 -19.33 -59.66 -23.45
C ARG Y 8 -20.50 -60.31 -22.67
N TRP Y 9 -20.69 -61.61 -22.87
CA TRP Y 9 -21.72 -62.36 -22.21
C TRP Y 9 -21.55 -62.27 -20.67
N VAL Y 10 -20.33 -62.41 -20.19
CA VAL Y 10 -20.10 -62.28 -18.74
C VAL Y 10 -20.47 -60.86 -18.26
N ALA Y 11 -20.00 -59.85 -18.98
CA ALA Y 11 -20.27 -58.45 -18.63
C ALA Y 11 -21.76 -58.21 -18.52
N VAL Y 12 -22.50 -58.61 -19.56
CA VAL Y 12 -23.95 -58.41 -19.59
C VAL Y 12 -24.62 -59.02 -18.37
N HIS Y 13 -24.18 -60.24 -17.99
CA HIS Y 13 -24.86 -60.96 -16.92
C HIS Y 13 -24.51 -60.47 -15.52
N THR Y 14 -23.28 -60.01 -15.32
CA THR Y 14 -22.93 -59.40 -14.02
C THR Y 14 -23.87 -58.18 -13.71
N LEU Y 15 -24.40 -57.54 -14.72
CA LEU Y 15 -25.38 -56.46 -14.53
C LEU Y 15 -26.84 -56.87 -14.59
N ALA Y 16 -27.20 -57.65 -15.60
CA ALA Y 16 -28.59 -58.05 -15.83
C ALA Y 16 -29.15 -58.97 -14.74
N VAL Y 17 -28.34 -59.86 -14.23
CA VAL Y 17 -28.84 -60.82 -13.27
C VAL Y 17 -29.24 -60.15 -11.96
N PRO Y 18 -28.28 -59.49 -11.30
CA PRO Y 18 -28.71 -58.77 -10.08
C PRO Y 18 -29.83 -57.80 -10.32
N THR Y 19 -29.79 -57.10 -11.45
CA THR Y 19 -30.79 -56.09 -11.74
C THR Y 19 -32.20 -56.69 -11.62
N ILE Y 20 -32.40 -57.86 -12.22
CA ILE Y 20 -33.75 -58.49 -12.22
C ILE Y 20 -34.11 -58.94 -10.79
N PHE Y 21 -33.15 -59.52 -10.08
CA PHE Y 21 -33.33 -59.91 -8.70
C PHE Y 21 -33.78 -58.67 -7.88
N PHE Y 22 -33.08 -57.55 -8.07
CA PHE Y 22 -33.37 -56.33 -7.31
C PHE Y 22 -34.70 -55.80 -7.66
N LEU Y 23 -35.02 -55.84 -8.93
CA LEU Y 23 -36.36 -55.31 -9.33
C LEU Y 23 -37.52 -56.08 -8.70
N GLY Y 24 -37.30 -57.38 -8.52
CA GLY Y 24 -38.32 -58.23 -7.87
C GLY Y 24 -38.45 -57.93 -6.40
N ALA Y 25 -37.29 -57.80 -5.74
CA ALA Y 25 -37.24 -57.34 -4.35
C ALA Y 25 -37.98 -56.03 -4.15
N ILE Y 26 -37.72 -55.06 -4.99
CA ILE Y 26 -38.32 -53.74 -4.85
C ILE Y 26 -39.78 -53.76 -5.18
N ALA Y 27 -40.18 -54.61 -6.12
CA ALA Y 27 -41.64 -54.82 -6.39
C ALA Y 27 -42.35 -55.33 -5.13
N ALA Y 28 -41.75 -56.31 -4.50
CA ALA Y 28 -42.30 -56.83 -3.24
C ALA Y 28 -42.48 -55.71 -2.18
N MET Y 29 -41.50 -54.77 -2.13
CA MET Y 29 -41.49 -53.79 -1.03
C MET Y 29 -42.70 -52.87 -1.09
N GLN Y 30 -43.30 -52.73 -2.27
CA GLN Y 30 -44.44 -51.87 -2.45
C GLN Y 30 -45.71 -52.38 -1.72
N PHE Y 31 -45.69 -53.61 -1.25
CA PHE Y 31 -46.84 -54.19 -0.54
C PHE Y 31 -46.59 -54.27 0.99
N ILE Y 32 -45.43 -53.83 1.47
CA ILE Y 32 -45.12 -53.79 2.89
C ILE Y 32 -45.90 -52.64 3.52
N GLN Y 33 -46.47 -52.91 4.69
CA GLN Y 33 -47.24 -51.97 5.49
C GLN Y 33 -46.50 -51.88 6.81
N ARG Y 34 -46.58 -50.70 7.42
CA ARG Y 34 -45.96 -50.48 8.70
C ARG Y 34 -46.82 -51.17 9.80
N ALA Z 1 33.72 -30.19 -27.65
CA ALA Z 1 33.43 -30.14 -26.19
C ALA Z 1 34.71 -30.04 -25.36
N ARG Z 2 34.57 -29.51 -24.17
CA ARG Z 2 35.68 -29.13 -23.33
C ARG Z 2 35.92 -30.18 -22.25
N ARG Z 3 37.17 -30.62 -22.18
CA ARG Z 3 37.62 -31.51 -21.14
C ARG Z 3 38.09 -30.74 -19.95
N THR Z 4 37.90 -31.29 -18.76
CA THR Z 4 38.45 -30.69 -17.58
C THR Z 4 38.97 -31.82 -16.69
N TRP Z 5 39.78 -31.45 -15.73
CA TRP Z 5 40.27 -32.40 -14.76
C TRP Z 5 39.10 -33.20 -14.13
N LEU Z 6 38.08 -32.52 -13.59
CA LEU Z 6 37.00 -33.23 -12.91
C LEU Z 6 36.13 -33.99 -13.91
N GLY Z 7 36.01 -33.50 -15.13
CA GLY Z 7 35.26 -34.23 -16.13
C GLY Z 7 35.95 -35.57 -16.53
N ASP Z 8 37.27 -35.53 -16.60
CA ASP Z 8 38.06 -36.73 -16.93
C ASP Z 8 37.88 -37.73 -15.82
N ILE Z 9 37.92 -37.28 -14.57
CA ILE Z 9 37.68 -38.19 -13.44
C ILE Z 9 36.27 -38.83 -13.42
N LEU Z 10 35.24 -38.04 -13.75
CA LEU Z 10 33.87 -38.52 -13.73
C LEU Z 10 33.44 -39.27 -14.98
N ARG Z 11 34.18 -39.12 -16.07
CA ARG Z 11 33.92 -39.79 -17.36
C ARG Z 11 33.30 -41.22 -17.32
N PRO Z 12 33.91 -42.16 -16.56
CA PRO Z 12 33.33 -43.52 -16.56
C PRO Z 12 31.90 -43.61 -15.98
N LEU Z 13 31.58 -42.73 -15.03
CA LEU Z 13 30.25 -42.68 -14.44
C LEU Z 13 29.17 -42.24 -15.47
N ASN Z 14 29.56 -41.60 -16.56
CA ASN Z 14 28.62 -41.22 -17.62
C ASN Z 14 29.05 -41.76 -18.98
N SER Z 15 29.40 -43.04 -18.99
CA SER Z 15 29.86 -43.72 -20.21
C SER Z 15 28.97 -44.86 -20.74
N GLU Z 16 27.99 -45.34 -19.98
CA GLU Z 16 27.17 -46.46 -20.41
C GLU Z 16 25.73 -46.08 -20.82
N TYR Z 17 25.54 -44.90 -21.39
CA TYR Z 17 24.17 -44.50 -21.89
C TYR Z 17 23.62 -45.64 -22.77
N GLY Z 18 22.36 -46.03 -22.58
CA GLY Z 18 21.66 -47.02 -23.45
C GLY Z 18 21.89 -48.52 -23.13
N LYS Z 19 22.82 -48.80 -22.23
CA LYS Z 19 23.17 -50.17 -21.87
C LYS Z 19 22.12 -50.87 -21.01
N VAL Z 20 21.73 -52.07 -21.46
CA VAL Z 20 20.70 -52.86 -20.81
C VAL Z 20 21.15 -54.29 -20.58
N ALA Z 21 20.60 -54.91 -19.54
CA ALA Z 21 20.62 -56.34 -19.36
C ALA Z 21 19.60 -57.03 -20.28
N PRO Z 22 19.94 -58.21 -20.84
CA PRO Z 22 18.99 -58.95 -21.72
C PRO Z 22 17.57 -59.21 -21.18
N GLY Z 23 16.55 -58.95 -21.99
CA GLY Z 23 15.18 -59.38 -21.66
C GLY Z 23 14.60 -58.82 -20.36
N TRP Z 24 14.08 -59.71 -19.51
CA TRP Z 24 13.45 -59.34 -18.25
C TRP Z 24 14.41 -59.09 -17.12
N GLY Z 25 15.68 -59.48 -17.29
CA GLY Z 25 16.67 -59.43 -16.19
C GLY Z 25 16.19 -59.58 -14.77
N THR Z 26 16.48 -58.60 -13.90
CA THR Z 26 16.04 -58.66 -12.50
C THR Z 26 14.56 -58.21 -12.23
N THR Z 27 13.73 -58.06 -13.25
CA THR Z 27 12.30 -57.75 -13.03
C THR Z 27 11.61 -58.54 -11.92
N PRO Z 28 11.79 -59.90 -11.86
CA PRO Z 28 11.02 -60.68 -10.85
C PRO Z 28 11.35 -60.36 -9.43
N LEU Z 29 12.63 -60.14 -9.20
CA LEU Z 29 13.12 -59.71 -7.89
C LEU Z 29 12.54 -58.29 -7.55
N MET Z 30 12.52 -57.40 -8.54
CA MET Z 30 12.00 -56.06 -8.34
C MET Z 30 10.56 -56.18 -7.89
N ALA Z 31 9.78 -57.02 -8.59
CA ALA Z 31 8.38 -57.31 -8.22
C ALA Z 31 8.21 -57.78 -6.81
N VAL Z 32 9.14 -58.60 -6.32
CA VAL Z 32 9.05 -59.04 -4.93
C VAL Z 32 9.23 -57.85 -3.97
N PHE Z 33 10.25 -57.02 -4.23
CA PHE Z 33 10.51 -55.87 -3.32
C PHE Z 33 9.32 -54.86 -3.34
N MET Z 34 8.69 -54.69 -4.53
CA MET Z 34 7.49 -53.90 -4.70
C MET Z 34 6.40 -54.42 -3.85
N GLY Z 35 6.19 -55.73 -3.91
CA GLY Z 35 5.15 -56.38 -3.11
C GLY Z 35 5.36 -56.23 -1.67
N LEU Z 36 6.60 -56.49 -1.24
CA LEU Z 36 6.95 -56.21 0.17
C LEU Z 36 6.74 -54.74 0.62
N PHE Z 37 7.08 -53.80 -0.25
CA PHE Z 37 6.95 -52.36 0.10
C PHE Z 37 5.44 -52.00 0.25
N LEU Z 38 4.60 -52.49 -0.68
CA LEU Z 38 3.15 -52.35 -0.60
C LEU Z 38 2.62 -52.83 0.75
N VAL Z 39 3.11 -53.96 1.23
CA VAL Z 39 2.63 -54.52 2.49
C VAL Z 39 3.10 -53.63 3.64
N PHE Z 40 4.36 -53.17 3.56
CA PHE Z 40 4.90 -52.24 4.52
C PHE Z 40 4.03 -50.99 4.63
N LEU Z 41 3.71 -50.38 3.49
CA LEU Z 41 2.86 -49.18 3.53
C LEU Z 41 1.51 -49.47 4.12
N LEU Z 42 0.95 -50.62 3.79
CA LEU Z 42 -0.34 -51.02 4.34
C LEU Z 42 -0.26 -51.18 5.85
N ILE Z 43 0.86 -51.75 6.36
CA ILE Z 43 1.02 -51.86 7.81
C ILE Z 43 1.11 -50.49 8.49
N ILE Z 44 2.00 -49.63 8.04
CA ILE Z 44 2.14 -48.33 8.73
C ILE Z 44 0.84 -47.47 8.57
N LEU Z 45 0.16 -47.60 7.45
CA LEU Z 45 -1.16 -46.94 7.35
C LEU Z 45 -2.17 -47.46 8.35
N GLU Z 46 -2.23 -48.80 8.46
CA GLU Z 46 -3.25 -49.41 9.35
C GLU Z 46 -2.96 -49.19 10.82
N ILE Z 47 -1.68 -49.12 11.17
CA ILE Z 47 -1.32 -48.67 12.53
C ILE Z 47 -1.77 -47.19 12.84
N TYR Z 48 -1.46 -46.27 11.94
CA TYR Z 48 -1.82 -44.83 12.16
C TYR Z 48 -3.34 -44.71 12.19
N ASN Z 49 -4.01 -45.57 11.38
CA ASN Z 49 -5.51 -45.55 11.23
C ASN Z 49 -6.24 -46.23 12.40
N SER Z 50 -5.47 -46.88 13.27
CA SER Z 50 -6.02 -47.72 14.36
C SER Z 50 -6.92 -48.89 13.82
N THR Z 51 -6.59 -49.37 12.62
CA THR Z 51 -7.17 -50.62 12.06
C THR Z 51 -6.31 -51.83 12.47
N LEU Z 52 -5.01 -51.61 12.64
CA LEU Z 52 -4.07 -52.59 13.12
C LEU Z 52 -3.54 -52.05 14.45
N ILE Z 53 -3.89 -52.73 15.53
CA ILE Z 53 -3.62 -52.33 16.87
C ILE Z 53 -2.69 -53.42 17.49
N LEU Z 54 -1.50 -53.02 17.90
CA LEU Z 54 -0.44 -53.90 18.31
C LEU Z 54 -0.12 -53.69 19.76
N ASP Z 55 0.16 -54.78 20.49
N ASP Z 55 0.31 -54.76 20.41
CA ASP Z 55 0.52 -54.68 21.93
CA ASP Z 55 0.67 -54.76 21.81
C ASP Z 55 1.78 -53.83 22.12
C ASP Z 55 1.87 -53.84 22.12
N GLY Z 56 1.71 -52.94 23.08
CA GLY Z 56 2.78 -51.95 23.38
C GLY Z 56 2.86 -50.77 22.41
N VAL Z 57 1.86 -50.61 21.52
CA VAL Z 57 1.88 -49.57 20.48
C VAL Z 57 0.63 -48.75 20.67
N ASN Z 58 0.74 -47.72 21.52
CA ASN Z 58 -0.35 -46.77 21.81
C ASN Z 58 -0.21 -45.53 20.87
N VAL Z 59 -1.05 -45.49 19.82
CA VAL Z 59 -0.98 -44.45 18.79
C VAL Z 59 -1.67 -43.21 19.29
N SER Z 60 -0.90 -42.47 20.06
CA SER Z 60 -1.44 -41.27 20.74
C SER Z 60 -0.26 -40.47 21.25
N TRP Z 61 -0.50 -39.19 21.49
CA TRP Z 61 0.49 -38.39 22.18
C TRP Z 61 0.91 -39.03 23.51
N LYS Z 62 -0.01 -39.75 24.19
CA LYS Z 62 0.33 -40.56 25.39
C LYS Z 62 1.20 -41.85 25.20
N ALA Z 63 1.86 -42.01 24.03
CA ALA Z 63 3.05 -42.90 23.79
C ALA Z 63 3.43 -42.74 22.30
N FME AA 1 -39.95 16.19 -14.83
CN FME AA 1 -39.18 16.76 -15.75
O1 FME AA 1 -39.15 16.35 -16.90
CA FME AA 1 -40.51 14.85 -15.06
CB FME AA 1 -41.16 14.29 -13.79
CG FME AA 1 -40.17 14.06 -12.63
SD FME AA 1 -38.66 13.15 -13.05
CE FME AA 1 -38.00 12.77 -11.44
C FME AA 1 -41.45 14.72 -16.23
O FME AA 1 -41.32 13.78 -16.98
N GLU AA 2 -42.40 15.62 -16.41
CA GLU AA 2 -43.29 15.58 -17.59
C GLU AA 2 -42.45 15.69 -18.91
N THR AA 3 -41.44 16.54 -18.92
CA THR AA 3 -40.56 16.66 -20.06
C THR AA 3 -39.71 15.39 -20.33
N LEU AA 4 -39.24 14.74 -19.26
CA LEU AA 4 -38.54 13.49 -19.40
C LEU AA 4 -39.44 12.47 -20.03
N LYS AA 5 -40.64 12.38 -19.50
CA LYS AA 5 -41.65 11.44 -20.02
C LYS AA 5 -41.90 11.62 -21.51
N ILE AA 6 -42.08 12.87 -21.90
CA ILE AA 6 -42.39 13.15 -23.32
C ILE AA 6 -41.22 12.83 -24.20
N THR AA 7 -40.05 13.23 -23.74
CA THR AA 7 -38.83 12.89 -24.45
C THR AA 7 -38.67 11.38 -24.64
N VAL AA 8 -38.82 10.62 -23.58
CA VAL AA 8 -38.62 9.18 -23.72
C VAL AA 8 -39.75 8.61 -24.64
N TYR AA 9 -40.97 9.04 -24.48
CA TYR AA 9 -42.08 8.56 -25.40
C TYR AA 9 -41.74 8.82 -26.91
N ILE AA 10 -41.15 9.97 -27.21
CA ILE AA 10 -40.80 10.30 -28.57
C ILE AA 10 -39.68 9.44 -29.06
N VAL AA 11 -38.63 9.31 -28.25
CA VAL AA 11 -37.52 8.42 -28.53
C VAL AA 11 -37.93 6.98 -28.81
N VAL AA 12 -38.76 6.43 -27.95
CA VAL AA 12 -39.18 5.06 -28.06
C VAL AA 12 -40.01 4.92 -29.35
N THR AA 13 -41.01 5.79 -29.54
CA THR AA 13 -41.86 5.79 -30.75
C THR AA 13 -41.01 5.84 -32.03
N PHE AA 14 -40.01 6.69 -32.05
CA PHE AA 14 -39.10 6.73 -33.17
C PHE AA 14 -38.44 5.36 -33.51
N PHE AA 15 -37.83 4.69 -32.52
CA PHE AA 15 -37.13 3.44 -32.80
C PHE AA 15 -38.13 2.38 -33.17
N VAL AA 16 -39.27 2.36 -32.50
CA VAL AA 16 -40.25 1.34 -32.79
C VAL AA 16 -40.73 1.45 -34.27
N LEU AA 17 -40.91 2.68 -34.74
CA LEU AA 17 -41.30 2.89 -36.13
C LEU AA 17 -40.20 2.44 -37.08
N LEU AA 18 -38.94 2.75 -36.78
CA LEU AA 18 -37.84 2.23 -37.60
C LEU AA 18 -37.91 0.70 -37.69
N PHE AA 19 -38.15 0.02 -36.56
CA PHE AA 19 -38.26 -1.44 -36.56
C PHE AA 19 -39.40 -1.93 -37.47
N VAL AA 20 -40.56 -1.32 -37.33
CA VAL AA 20 -41.73 -1.80 -38.06
C VAL AA 20 -41.58 -1.52 -39.55
N PHE AA 21 -41.27 -0.30 -39.90
CA PHE AA 21 -41.19 0.07 -41.30
C PHE AA 21 -40.01 -0.60 -41.96
N GLY AA 22 -38.92 -0.73 -41.21
CA GLY AA 22 -37.75 -1.46 -41.65
C GLY AA 22 -38.08 -2.88 -42.05
N PHE AA 23 -38.80 -3.60 -41.21
CA PHE AA 23 -39.17 -4.99 -41.54
C PHE AA 23 -40.24 -5.11 -42.62
N LEU AA 24 -41.05 -4.08 -42.84
CA LEU AA 24 -41.99 -4.02 -43.95
C LEU AA 24 -41.29 -3.66 -45.29
N SER AA 25 -40.07 -3.13 -45.27
CA SER AA 25 -39.35 -2.78 -46.49
C SER AA 25 -38.63 -3.95 -47.24
N GLY AA 26 -39.39 -4.95 -47.65
CA GLY AA 26 -38.89 -5.98 -48.57
C GLY AA 26 -37.94 -6.94 -47.90
N ASP AA 27 -38.22 -7.26 -46.65
CA ASP AA 27 -37.29 -7.98 -45.82
C ASP AA 27 -37.03 -9.40 -46.34
N PRO AA 28 -38.09 -10.11 -46.76
CA PRO AA 28 -37.81 -11.45 -47.34
C PRO AA 28 -36.76 -11.44 -48.48
N ALA AA 29 -36.74 -10.38 -49.29
CA ALA AA 29 -35.78 -10.23 -50.38
C ALA AA 29 -34.32 -9.95 -49.99
N ARG AA 30 -34.06 -9.59 -48.73
CA ARG AA 30 -32.68 -9.31 -48.28
C ARG AA 30 -32.08 -10.61 -47.74
N ASN AA 31 -31.69 -11.48 -48.69
CA ASN AA 31 -30.91 -12.69 -48.41
C ASN AA 31 -29.98 -12.92 -49.63
N PRO AA 32 -28.95 -13.78 -49.52
CA PRO AA 32 -28.03 -13.94 -50.64
C PRO AA 32 -28.51 -14.84 -51.81
N LYS AA 33 -29.58 -15.64 -51.67
CA LYS AA 33 -30.08 -16.58 -52.71
C LYS AA 33 -31.44 -16.09 -53.36
N ARG AA 34 -32.55 -16.86 -53.26
CA ARG AA 34 -33.79 -16.53 -53.97
C ARG AA 34 -34.31 -15.22 -53.37
N LYS AA 35 -34.07 -14.11 -54.08
CA LYS AA 35 -34.34 -12.74 -53.55
C LYS AA 35 -35.33 -11.89 -54.38
N ASP AA 36 -36.46 -12.50 -54.76
CA ASP AA 36 -37.61 -11.73 -55.27
C ASP AA 36 -38.92 -12.52 -55.11
N LEU AA 37 -40.04 -11.86 -55.37
N MET BA 1 -36.17 -73.98 -31.16
CA MET BA 1 -35.11 -73.59 -30.17
C MET BA 1 -33.84 -73.36 -30.96
N MET BA 2 -33.99 -72.50 -31.98
CA MET BA 2 -32.91 -72.06 -32.79
C MET BA 2 -32.43 -70.62 -32.41
N SER BA 3 -31.21 -70.40 -32.86
CA SER BA 3 -30.47 -69.18 -32.74
C SER BA 3 -30.68 -68.18 -33.86
N GLU BA 4 -31.46 -68.50 -34.91
CA GLU BA 4 -31.66 -67.48 -36.00
C GLU BA 4 -32.23 -66.17 -35.41
N GLY BA 5 -31.67 -65.00 -35.77
CA GLY BA 5 -32.34 -63.69 -35.48
C GLY BA 5 -33.53 -63.40 -36.38
N GLY BA 6 -34.41 -62.45 -36.03
CA GLY BA 6 -35.64 -62.15 -36.84
C GLY BA 6 -36.91 -62.95 -36.57
N ARG BA 7 -36.79 -64.08 -35.87
CA ARG BA 7 -37.93 -64.95 -35.60
C ARG BA 7 -38.97 -64.36 -34.65
N ILE BA 8 -38.57 -63.69 -33.57
CA ILE BA 8 -39.50 -62.83 -32.80
C ILE BA 8 -39.15 -61.43 -33.19
N PRO BA 9 -39.99 -60.79 -34.01
CA PRO BA 9 -39.61 -59.48 -34.54
C PRO BA 9 -39.27 -58.42 -33.46
N LEU BA 10 -38.30 -57.57 -33.78
CA LEU BA 10 -37.75 -56.62 -32.87
C LEU BA 10 -38.80 -55.62 -32.41
N TRP BA 11 -39.72 -55.21 -33.29
CA TRP BA 11 -40.75 -54.31 -32.87
C TRP BA 11 -41.63 -54.81 -31.74
N ILE BA 12 -41.85 -56.13 -31.71
CA ILE BA 12 -42.67 -56.77 -30.67
C ILE BA 12 -41.90 -56.89 -29.36
N VAL BA 13 -40.62 -57.26 -29.45
CA VAL BA 13 -39.73 -57.30 -28.31
C VAL BA 13 -39.69 -55.91 -27.62
N ALA BA 14 -39.39 -54.89 -28.41
CA ALA BA 14 -39.34 -53.52 -27.94
C ALA BA 14 -40.67 -53.12 -27.27
N THR BA 15 -41.82 -53.38 -27.92
CA THR BA 15 -43.11 -52.97 -27.41
C THR BA 15 -43.42 -53.71 -26.10
N VAL BA 16 -43.12 -54.99 -26.02
CA VAL BA 16 -43.47 -55.76 -24.87
C VAL BA 16 -42.57 -55.35 -23.70
N ALA BA 17 -41.26 -55.31 -23.92
CA ALA BA 17 -40.30 -54.87 -22.90
C ALA BA 17 -40.63 -53.46 -22.40
N GLY BA 18 -40.96 -52.54 -23.29
CA GLY BA 18 -41.40 -51.20 -22.92
C GLY BA 18 -42.60 -51.21 -21.99
N MET BA 19 -43.57 -52.07 -22.28
CA MET BA 19 -44.76 -52.21 -21.44
C MET BA 19 -44.40 -52.79 -20.07
N GLY BA 20 -43.47 -53.72 -20.05
CA GLY BA 20 -42.91 -54.24 -18.81
C GLY BA 20 -42.34 -53.14 -17.90
N VAL BA 21 -41.51 -52.28 -18.48
CA VAL BA 21 -40.90 -51.15 -17.80
C VAL BA 21 -42.00 -50.20 -17.22
N ILE BA 22 -43.03 -49.92 -18.01
CA ILE BA 22 -44.10 -49.03 -17.61
C ILE BA 22 -44.85 -49.65 -16.43
N VAL BA 23 -45.05 -50.96 -16.47
CA VAL BA 23 -45.75 -51.63 -15.41
C VAL BA 23 -44.94 -51.54 -14.13
N ILE BA 24 -43.68 -51.93 -14.18
CA ILE BA 24 -42.85 -51.96 -12.94
C ILE BA 24 -42.68 -50.53 -12.33
N VAL BA 25 -42.41 -49.53 -13.16
CA VAL BA 25 -42.32 -48.15 -12.72
C VAL BA 25 -43.64 -47.68 -12.16
N GLY BA 26 -44.74 -47.95 -12.85
CA GLY BA 26 -46.08 -47.63 -12.35
C GLY BA 26 -46.32 -48.26 -10.99
N LEU BA 27 -45.89 -49.51 -10.82
CA LEU BA 27 -46.00 -50.13 -9.52
C LEU BA 27 -45.26 -49.29 -8.41
N PHE BA 28 -44.06 -48.81 -8.73
CA PHE BA 28 -43.22 -48.05 -7.78
C PHE BA 28 -43.91 -46.74 -7.43
N PHE BA 29 -44.55 -46.13 -8.41
CA PHE BA 29 -45.32 -44.97 -8.11
C PHE BA 29 -46.50 -45.25 -7.23
N TYR BA 30 -47.19 -46.38 -7.48
CA TYR BA 30 -48.30 -46.78 -6.61
C TYR BA 30 -47.83 -46.87 -5.18
N GLY BA 31 -46.68 -47.50 -4.97
CA GLY BA 31 -46.14 -47.66 -3.66
C GLY BA 31 -45.75 -46.36 -2.95
N ALA BA 32 -45.52 -45.30 -3.69
CA ALA BA 32 -45.26 -43.99 -3.08
C ALA BA 32 -46.49 -43.52 -2.27
N TYR BA 33 -47.67 -44.03 -2.62
CA TYR BA 33 -48.94 -43.66 -1.95
C TYR BA 33 -49.56 -44.70 -0.99
N ALA BA 34 -48.89 -45.82 -0.74
CA ALA BA 34 -49.43 -46.91 0.06
C ALA BA 34 -48.31 -47.58 0.78
N GLY BA 35 -48.56 -48.02 2.01
CA GLY BA 35 -47.56 -48.71 2.81
C GLY BA 35 -46.45 -47.74 3.19
N LEU BA 36 -45.26 -48.30 3.27
CA LEU BA 36 -44.11 -47.57 3.73
C LEU BA 36 -43.79 -46.45 2.79
N GLY BA 37 -43.42 -45.29 3.35
CA GLY BA 37 -43.03 -44.11 2.54
C GLY BA 37 -44.18 -43.26 2.13
N SER BA 38 -45.39 -43.66 2.57
CA SER BA 38 -46.60 -43.01 2.10
C SER BA 38 -47.00 -41.82 2.95
N SER BA 39 -46.34 -41.67 4.08
CA SER BA 39 -46.62 -40.71 5.16
C SER BA 39 -47.94 -40.95 5.95
N LEU BA 40 -48.58 -42.09 5.76
CA LEU BA 40 -49.85 -42.36 6.43
C LEU BA 40 -49.64 -43.45 7.42
N LYS CA 1 -69.94 -38.08 -7.56
CA LYS CA 1 -70.01 -39.49 -8.10
C LYS CA 1 -70.76 -39.44 -9.43
N LEU CA 2 -70.63 -40.49 -10.23
CA LEU CA 2 -71.53 -40.64 -11.39
C LEU CA 2 -72.92 -41.01 -10.83
N PRO CA 3 -74.01 -40.63 -11.56
CA PRO CA 3 -75.37 -41.14 -11.20
C PRO CA 3 -75.34 -42.65 -10.98
N GLU CA 4 -76.05 -43.15 -9.97
CA GLU CA 4 -75.95 -44.57 -9.48
C GLU CA 4 -76.03 -45.65 -10.57
N ALA CA 5 -76.84 -45.41 -11.60
CA ALA CA 5 -77.03 -46.37 -12.69
C ALA CA 5 -75.72 -46.71 -13.45
N TYR CA 6 -74.82 -45.72 -13.51
CA TYR CA 6 -73.55 -45.85 -14.21
C TYR CA 6 -72.39 -46.33 -13.32
N ALA CA 7 -72.66 -46.46 -12.03
CA ALA CA 7 -71.65 -46.83 -11.05
C ALA CA 7 -70.79 -48.01 -11.43
N ILE CA 8 -71.36 -49.04 -12.03
CA ILE CA 8 -70.57 -50.25 -12.35
C ILE CA 8 -69.44 -49.91 -13.34
N PHE CA 9 -69.64 -48.83 -14.09
CA PHE CA 9 -68.66 -48.37 -15.05
C PHE CA 9 -67.56 -47.47 -14.46
N ASP CA 10 -67.61 -47.19 -13.15
CA ASP CA 10 -66.61 -46.32 -12.50
C ASP CA 10 -65.18 -46.63 -12.88
N PRO CA 11 -64.75 -47.90 -12.72
CA PRO CA 11 -63.38 -48.31 -13.02
C PRO CA 11 -62.96 -48.03 -14.45
N LEU CA 12 -63.90 -48.11 -15.38
CA LEU CA 12 -63.60 -47.84 -16.77
C LEU CA 12 -63.39 -46.34 -16.94
N VAL CA 13 -64.29 -45.54 -16.35
CA VAL CA 13 -64.18 -44.09 -16.33
C VAL CA 13 -62.86 -43.59 -15.71
N ASP CA 14 -62.37 -44.30 -14.71
CA ASP CA 14 -61.07 -44.00 -14.13
C ASP CA 14 -59.88 -44.08 -15.08
N VAL CA 15 -59.94 -44.94 -16.12
CA VAL CA 15 -58.78 -45.17 -16.98
C VAL CA 15 -58.88 -44.40 -18.31
N LEU CA 16 -60.09 -44.00 -18.71
CA LEU CA 16 -60.25 -43.35 -20.02
C LEU CA 16 -59.32 -42.17 -20.22
N PRO CA 17 -59.15 -41.30 -19.22
CA PRO CA 17 -58.31 -40.09 -19.42
C PRO CA 17 -56.89 -40.33 -19.95
N VAL CA 18 -56.27 -41.48 -19.63
CA VAL CA 18 -54.95 -41.79 -20.09
C VAL CA 18 -54.86 -42.17 -21.59
N ILE CA 19 -55.98 -42.45 -22.26
CA ILE CA 19 -55.92 -42.99 -23.60
C ILE CA 19 -55.18 -42.10 -24.59
N PRO CA 20 -55.40 -40.78 -24.54
CA PRO CA 20 -54.60 -39.90 -25.43
C PRO CA 20 -53.08 -40.11 -25.36
N VAL CA 21 -52.55 -40.38 -24.19
CA VAL CA 21 -51.12 -40.72 -24.07
C VAL CA 21 -50.76 -41.99 -24.82
N LEU CA 22 -51.67 -42.95 -24.81
CA LEU CA 22 -51.45 -44.23 -25.52
C LEU CA 22 -51.36 -44.02 -27.05
N PHE CA 23 -52.05 -43.00 -27.59
CA PHE CA 23 -51.90 -42.64 -29.00
C PHE CA 23 -50.49 -42.20 -29.36
N LEU CA 24 -49.88 -41.37 -28.52
CA LEU CA 24 -48.47 -40.99 -28.76
C LEU CA 24 -47.58 -42.22 -28.75
N ALA CA 25 -47.80 -43.09 -27.78
CA ALA CA 25 -46.97 -44.28 -27.66
C ALA CA 25 -47.18 -45.26 -28.86
N LEU CA 26 -48.43 -45.32 -29.34
CA LEU CA 26 -48.79 -46.13 -30.48
C LEU CA 26 -48.03 -45.72 -31.70
N ALA CA 27 -47.82 -44.41 -31.86
CA ALA CA 27 -47.06 -43.91 -33.00
C ALA CA 27 -45.70 -44.59 -33.08
N PHE CA 28 -45.09 -44.89 -31.92
CA PHE CA 28 -43.75 -45.49 -31.90
C PHE CA 28 -43.78 -46.97 -32.18
N VAL CA 29 -44.83 -47.65 -31.73
CA VAL CA 29 -45.06 -49.08 -32.03
C VAL CA 29 -45.21 -49.27 -33.55
N TRP CA 30 -46.08 -48.46 -34.14
CA TRP CA 30 -46.28 -48.40 -35.55
C TRP CA 30 -44.94 -48.16 -36.24
N GLN CA 31 -44.24 -47.07 -35.89
CA GLN CA 31 -42.95 -46.79 -36.54
C GLN CA 31 -41.93 -47.94 -36.36
N ALA CA 32 -41.91 -48.58 -35.20
CA ALA CA 32 -40.96 -49.73 -35.04
C ALA CA 32 -41.32 -50.88 -36.03
N ALA CA 33 -42.61 -51.11 -36.25
CA ALA CA 33 -43.11 -52.14 -37.12
C ALA CA 33 -42.71 -51.89 -38.59
N VAL CA 34 -42.52 -50.62 -38.99
CA VAL CA 34 -42.02 -50.31 -40.33
C VAL CA 34 -40.56 -49.89 -40.35
N GLY CA 35 -39.80 -50.31 -39.36
CA GLY CA 35 -38.38 -50.00 -39.24
C GLY CA 35 -37.95 -48.54 -39.24
N PHE CA 36 -38.82 -47.63 -38.77
CA PHE CA 36 -38.47 -46.22 -38.71
C PHE CA 36 -37.92 -45.73 -40.08
N ARG CA 37 -38.51 -46.23 -41.14
CA ARG CA 37 -38.05 -45.98 -42.52
C ARG CA 37 -38.31 -44.52 -42.94
N PRO DA 2 29.03 -21.11 -28.95
CA PRO DA 2 27.66 -20.68 -29.32
C PRO DA 2 26.60 -21.81 -29.19
N ASN DA 3 25.45 -21.58 -28.50
CA ASN DA 3 24.55 -22.71 -28.05
C ASN DA 3 23.44 -23.09 -29.03
N PRO DA 4 23.47 -24.33 -29.57
CA PRO DA 4 22.52 -24.69 -30.64
C PRO DA 4 21.10 -25.05 -30.11
N ASN DA 5 20.93 -25.06 -28.78
CA ASN DA 5 19.62 -25.36 -28.16
C ASN DA 5 18.66 -24.15 -28.06
N ARG DA 6 19.19 -22.92 -28.29
CA ARG DA 6 18.37 -21.68 -28.27
C ARG DA 6 17.23 -21.79 -29.28
N GLN DA 7 16.12 -21.10 -28.99
CA GLN DA 7 14.90 -21.07 -29.82
C GLN DA 7 14.21 -19.73 -29.65
N PRO DA 8 13.66 -19.14 -30.72
CA PRO DA 8 12.85 -17.95 -30.44
C PRO DA 8 11.54 -18.30 -29.70
N VAL DA 9 10.99 -17.31 -29.03
N VAL DA 9 11.01 -17.33 -28.96
CA VAL DA 9 9.77 -17.46 -28.27
CA VAL DA 9 9.77 -17.46 -28.18
C VAL DA 9 8.74 -16.55 -28.91
C VAL DA 9 8.74 -16.53 -28.83
N GLU DA 10 7.46 -16.91 -28.80
CA GLU DA 10 6.33 -16.07 -29.43
C GLU DA 10 5.09 -15.99 -28.54
N LEU DA 11 4.36 -14.88 -28.73
CA LEU DA 11 3.05 -14.68 -28.19
C LEU DA 11 2.31 -13.81 -29.22
N ASN DA 12 1.29 -14.35 -29.87
CA ASN DA 12 0.59 -13.66 -30.90
C ASN DA 12 -0.47 -12.71 -30.25
N ARG DA 13 -1.10 -11.88 -31.06
CA ARG DA 13 -1.98 -10.85 -30.52
C ARG DA 13 -3.16 -11.46 -29.75
N THR DA 14 -3.71 -12.51 -30.30
CA THR DA 14 -4.83 -13.14 -29.69
C THR DA 14 -4.47 -13.71 -28.33
N SER DA 15 -3.27 -14.28 -28.22
CA SER DA 15 -2.80 -14.77 -26.97
C SER DA 15 -2.61 -13.66 -25.93
N LEU DA 16 -2.02 -12.54 -26.33
CA LEU DA 16 -1.94 -11.42 -25.47
C LEU DA 16 -3.35 -11.05 -24.95
N TYR DA 17 -4.32 -10.91 -25.85
CA TYR DA 17 -5.67 -10.47 -25.38
C TYR DA 17 -6.33 -11.49 -24.44
N LEU DA 18 -6.11 -12.78 -24.71
CA LEU DA 18 -6.63 -13.84 -23.87
C LEU DA 18 -5.96 -13.82 -22.50
N GLY DA 19 -4.62 -13.63 -22.48
CA GLY DA 19 -3.85 -13.58 -21.23
C GLY DA 19 -4.21 -12.34 -20.37
N LEU DA 20 -4.38 -11.19 -21.00
CA LEU DA 20 -4.73 -9.99 -20.27
C LEU DA 20 -6.14 -10.12 -19.67
N LEU DA 21 -7.05 -10.73 -20.41
CA LEU DA 21 -8.40 -10.94 -19.96
C LEU DA 21 -8.42 -11.85 -18.69
N LEU DA 22 -7.68 -12.94 -18.75
CA LEU DA 22 -7.49 -13.84 -17.65
C LEU DA 22 -6.99 -13.10 -16.43
N ILE DA 23 -5.90 -12.37 -16.59
N ILE DA 23 -5.90 -12.36 -16.59
CA ILE DA 23 -5.28 -11.68 -15.48
CA ILE DA 23 -5.26 -11.67 -15.51
C ILE DA 23 -6.24 -10.62 -14.86
C ILE DA 23 -6.16 -10.57 -14.88
N LEU DA 24 -6.81 -9.80 -15.72
CA LEU DA 24 -7.64 -8.68 -15.22
C LEU DA 24 -8.88 -9.28 -14.56
N VAL DA 25 -9.43 -10.36 -15.11
CA VAL DA 25 -10.62 -10.98 -14.52
C VAL DA 25 -10.28 -11.68 -13.20
N LEU DA 26 -9.12 -12.34 -13.12
CA LEU DA 26 -8.68 -12.91 -11.87
C LEU DA 26 -8.48 -11.83 -10.84
N ALA DA 27 -7.87 -10.72 -11.26
CA ALA DA 27 -7.70 -9.57 -10.35
C ALA DA 27 -9.03 -8.98 -9.84
N LEU DA 28 -9.98 -8.84 -10.75
CA LEU DA 28 -11.30 -8.31 -10.39
C LEU DA 28 -12.02 -9.26 -9.42
N LEU DA 29 -11.80 -10.55 -9.58
CA LEU DA 29 -12.35 -11.55 -8.68
C LEU DA 29 -11.66 -11.58 -7.31
N PHE DA 30 -10.33 -11.61 -7.30
CA PHE DA 30 -9.57 -11.79 -6.06
C PHE DA 30 -9.35 -10.51 -5.27
N SER DA 31 -9.41 -9.34 -5.92
CA SER DA 31 -9.13 -8.09 -5.20
C SER DA 31 -9.95 -7.88 -3.94
N SER DA 32 -11.24 -8.19 -4.02
CA SER DA 32 -12.12 -8.04 -2.84
C SER DA 32 -11.56 -8.84 -1.61
N TYR DA 33 -10.97 -9.98 -1.85
CA TYR DA 33 -10.49 -10.84 -0.80
C TYR DA 33 -9.15 -10.34 -0.29
N PHE DA 34 -8.36 -9.77 -1.19
CA PHE DA 34 -7.11 -9.10 -0.78
C PHE DA 34 -7.39 -7.89 0.10
N PHE DA 35 -8.46 -7.12 -0.19
CA PHE DA 35 -8.77 -6.00 0.69
C PHE DA 35 -9.45 -6.47 1.95
N ASN DA 36 -10.26 -7.52 1.84
CA ASN DA 36 -10.99 -8.10 2.94
C ASN DA 36 -11.83 -7.09 3.73
N FME EA 1 -14.35 2.30 5.13
CN FME EA 1 -14.97 3.00 6.14
O1 FME EA 1 -16.12 2.76 6.57
CA FME EA 1 -14.17 0.82 5.22
CB FME EA 1 -14.64 0.03 3.99
CG FME EA 1 -16.07 0.27 3.49
SD FME EA 1 -17.31 0.04 4.74
CE FME EA 1 -17.67 -1.69 4.65
C FME EA 1 -12.74 0.48 5.63
O FME EA 1 -11.79 0.85 4.97
N GLU EA 2 -12.58 -0.26 6.71
CA GLU EA 2 -11.25 -0.64 7.21
C GLU EA 2 -10.73 -1.87 6.50
N VAL EA 3 -10.35 -1.65 5.26
CA VAL EA 3 -9.75 -2.68 4.44
C VAL EA 3 -8.30 -2.88 4.83
N ASN EA 4 -7.80 -4.08 4.53
CA ASN EA 4 -6.40 -4.44 4.68
C ASN EA 4 -5.48 -3.53 3.78
N GLN EA 5 -4.42 -3.11 4.41
CA GLN EA 5 -3.50 -2.07 3.92
C GLN EA 5 -2.60 -2.64 2.79
N LEU EA 6 -2.38 -3.95 2.79
CA LEU EA 6 -1.67 -4.62 1.74
C LEU EA 6 -2.53 -5.05 0.57
N GLY EA 7 -3.82 -4.79 0.63
CA GLY EA 7 -4.70 -5.15 -0.44
C GLY EA 7 -4.34 -4.43 -1.74
N LEU EA 8 -3.99 -3.15 -1.65
CA LEU EA 8 -3.75 -2.32 -2.82
C LEU EA 8 -2.49 -2.77 -3.52
N ILE EA 9 -1.42 -2.92 -2.77
CA ILE EA 9 -0.16 -3.36 -3.38
C ILE EA 9 -0.34 -4.76 -3.98
N ALA EA 10 -1.06 -5.59 -3.26
CA ALA EA 10 -1.17 -7.00 -3.72
C ALA EA 10 -1.93 -7.02 -5.02
N THR EA 11 -3.03 -6.25 -5.10
CA THR EA 11 -3.80 -6.24 -6.31
C THR EA 11 -2.95 -5.71 -7.47
N ALA EA 12 -2.20 -4.66 -7.19
CA ALA EA 12 -1.54 -3.91 -8.21
C ALA EA 12 -0.45 -4.81 -8.77
N LEU EA 13 0.30 -5.50 -7.92
CA LEU EA 13 1.34 -6.41 -8.42
C LEU EA 13 0.78 -7.62 -9.14
N PHE EA 14 -0.35 -8.12 -8.65
CA PHE EA 14 -1.07 -9.23 -9.28
C PHE EA 14 -1.46 -8.89 -10.69
N VAL EA 15 -1.95 -7.65 -10.94
CA VAL EA 15 -2.23 -7.22 -12.27
C VAL EA 15 -0.96 -6.96 -13.09
N LEU EA 16 -0.06 -6.14 -12.56
N LEU EA 16 -0.07 -6.16 -12.51
CA LEU EA 16 1.03 -5.62 -13.36
CA LEU EA 16 1.05 -5.59 -13.24
C LEU EA 16 2.11 -6.66 -13.69
C LEU EA 16 2.09 -6.63 -13.66
N VAL EA 17 2.49 -7.52 -12.74
CA VAL EA 17 3.57 -8.47 -13.06
C VAL EA 17 3.24 -9.44 -14.21
N PRO EA 18 2.16 -10.24 -14.12
CA PRO EA 18 1.91 -11.06 -15.26
C PRO EA 18 1.51 -10.26 -16.51
N SER EA 19 0.79 -9.14 -16.41
CA SER EA 19 0.41 -8.39 -17.62
C SER EA 19 1.69 -7.95 -18.40
N VAL EA 20 2.68 -7.48 -17.67
CA VAL EA 20 3.93 -7.02 -18.28
C VAL EA 20 4.72 -8.15 -18.92
N PHE EA 21 4.70 -9.29 -18.24
CA PHE EA 21 5.26 -10.47 -18.80
C PHE EA 21 4.70 -10.72 -20.20
N LEU EA 22 3.39 -10.64 -20.33
CA LEU EA 22 2.75 -10.90 -21.63
C LEU EA 22 3.11 -9.85 -22.66
N ILE EA 23 3.00 -8.59 -22.25
CA ILE EA 23 3.38 -7.45 -23.09
C ILE EA 23 4.80 -7.57 -23.62
N ILE EA 24 5.74 -7.88 -22.75
CA ILE EA 24 7.11 -8.11 -23.19
C ILE EA 24 7.13 -9.16 -24.29
N LEU EA 25 6.46 -10.30 -24.07
CA LEU EA 25 6.48 -11.37 -25.07
C LEU EA 25 5.79 -10.99 -26.37
N TYR EA 26 4.68 -10.29 -26.28
CA TYR EA 26 4.00 -9.87 -27.50
C TYR EA 26 4.86 -8.93 -28.38
N VAL EA 27 5.43 -7.89 -27.76
CA VAL EA 27 6.06 -6.80 -28.54
C VAL EA 27 7.31 -7.37 -29.19
N GLN EA 28 8.06 -8.20 -28.48
CA GLN EA 28 9.23 -8.84 -29.09
C GLN EA 28 8.88 -9.93 -30.14
N THR EA 29 7.62 -10.43 -30.15
CA THR EA 29 7.16 -11.24 -31.25
C THR EA 29 6.91 -10.35 -32.50
N GLU EA 30 6.24 -9.23 -32.33
CA GLU EA 30 5.97 -8.33 -33.45
C GLU EA 30 7.27 -7.79 -34.09
N SER EA 31 8.26 -7.54 -33.30
CA SER EA 31 9.50 -6.99 -33.80
C SER EA 31 10.38 -8.04 -34.51
N GLN EA 32 10.02 -9.31 -34.47
CA GLN EA 32 10.79 -10.33 -35.20
C GLN EA 32 10.59 -10.18 -36.71
N GLN EA 33 11.65 -10.57 -37.46
CA GLN EA 33 11.65 -10.53 -38.95
C GLN EA 33 10.42 -11.32 -39.49
N LYS EA 34 9.56 -10.61 -40.25
CA LYS EA 34 8.25 -11.07 -40.68
C LYS EA 34 8.30 -11.51 -42.15
N THR FA 1 -70.66 10.86 -3.99
CA THR FA 1 -69.56 11.71 -4.52
C THR FA 1 -68.39 10.75 -5.01
N LEU FA 2 -67.12 10.97 -4.70
CA LEU FA 2 -66.03 10.08 -5.24
C LEU FA 2 -65.99 8.68 -4.63
N THR FA 3 -65.84 7.64 -5.46
CA THR FA 3 -65.59 6.29 -4.98
C THR FA 3 -64.07 5.95 -4.95
N TYR FA 4 -63.75 4.80 -4.34
CA TYR FA 4 -62.40 4.22 -4.44
C TYR FA 4 -61.81 4.25 -5.83
N ASP FA 5 -62.56 3.76 -6.79
CA ASP FA 5 -62.05 3.71 -8.18
C ASP FA 5 -61.86 5.05 -8.84
N ASP FA 6 -62.54 6.11 -8.38
CA ASP FA 6 -62.21 7.50 -8.83
C ASP FA 6 -60.88 8.03 -8.26
N ILE FA 7 -60.51 7.57 -7.08
CA ILE FA 7 -59.39 8.08 -6.29
C ILE FA 7 -58.06 7.28 -6.47
N VAL FA 8 -58.20 5.99 -6.69
CA VAL FA 8 -57.08 5.05 -6.57
C VAL FA 8 -55.92 5.44 -7.49
N GLY FA 9 -54.75 5.64 -6.91
CA GLY FA 9 -53.58 5.99 -7.73
C GLY FA 9 -53.37 7.46 -8.03
N THR FA 10 -54.32 8.35 -7.64
CA THR FA 10 -54.22 9.76 -7.98
C THR FA 10 -53.36 10.53 -7.01
N GLY FA 11 -53.23 10.05 -5.79
CA GLY FA 11 -52.63 10.87 -4.75
C GLY FA 11 -53.65 11.45 -3.75
N LEU FA 12 -54.93 11.52 -4.14
CA LEU FA 12 -55.94 12.14 -3.31
C LEU FA 12 -56.16 11.40 -1.99
N ALA FA 13 -55.92 10.07 -1.91
CA ALA FA 13 -56.07 9.36 -0.65
C ALA FA 13 -55.10 9.85 0.47
N ASN FA 14 -53.99 10.50 0.09
CA ASN FA 14 -53.11 11.10 1.10
C ASN FA 14 -53.42 12.53 1.46
N LYS FA 15 -54.50 13.08 0.89
CA LYS FA 15 -54.94 14.47 1.18
C LYS FA 15 -56.10 14.54 2.15
N CYS FA 16 -56.08 15.49 3.10
CA CYS FA 16 -57.25 15.67 4.00
C CYS FA 16 -58.42 16.39 3.28
N PRO FA 17 -59.67 16.14 3.68
CA PRO FA 17 -60.77 16.99 3.14
C PRO FA 17 -60.59 18.47 3.44
N THR FA 18 -61.05 19.28 2.50
CA THR FA 18 -61.05 20.74 2.63
C THR FA 18 -62.49 21.27 2.84
N LEU FA 19 -62.61 22.55 3.24
CA LEU FA 19 -63.89 23.25 3.32
C LEU FA 19 -63.85 24.43 2.36
N ASP FA 20 -64.99 24.86 1.84
CA ASP FA 20 -65.04 26.02 0.90
C ASP FA 20 -64.61 27.34 1.55
N ASP FA 21 -64.21 28.32 0.75
CA ASP FA 21 -63.98 29.70 1.23
C ASP FA 21 -65.20 30.36 1.98
N THR FA 22 -66.43 29.89 1.74
CA THR FA 22 -67.59 30.36 2.48
C THR FA 22 -67.65 29.90 3.93
N ALA FA 23 -66.82 28.94 4.33
CA ALA FA 23 -66.90 28.35 5.67
C ALA FA 23 -66.16 29.23 6.68
N ARG FA 24 -66.81 30.32 7.08
CA ARG FA 24 -66.26 31.32 8.01
C ARG FA 24 -67.17 31.47 9.27
N GLY FA 25 -67.88 30.39 9.59
CA GLY FA 25 -68.97 30.37 10.55
C GLY FA 25 -68.51 30.11 11.98
N ALA FA 26 -69.43 29.59 12.80
CA ALA FA 26 -69.22 29.43 14.23
C ALA FA 26 -70.00 28.25 14.68
N TYR FA 27 -69.36 27.33 15.40
CA TYR FA 27 -70.01 26.11 15.78
C TYR FA 27 -70.26 26.18 17.28
N PRO FA 28 -71.55 26.18 17.70
CA PRO FA 28 -71.81 26.46 19.10
C PRO FA 28 -71.50 25.32 20.03
N ILE FA 29 -71.02 25.69 21.21
CA ILE FA 29 -70.72 24.70 22.23
C ILE FA 29 -71.66 24.93 23.41
N ASP FA 30 -72.42 23.88 23.73
CA ASP FA 30 -73.28 23.79 24.90
C ASP FA 30 -72.48 23.12 26.02
N SER FA 31 -72.06 23.86 27.03
CA SER FA 31 -71.26 23.29 28.12
C SER FA 31 -71.90 22.15 28.92
N SER FA 32 -73.20 21.91 28.72
CA SER FA 32 -73.92 20.78 29.32
C SER FA 32 -73.87 19.52 28.43
N GLN FA 33 -73.64 19.70 27.13
CA GLN FA 33 -73.48 18.57 26.18
C GLN FA 33 -72.04 17.97 26.23
N THR FA 34 -71.95 16.67 25.94
CA THR FA 34 -70.65 16.03 25.70
C THR FA 34 -70.40 15.96 24.19
N TYR FA 35 -69.12 16.02 23.82
CA TYR FA 35 -68.68 16.09 22.43
C TYR FA 35 -67.52 15.13 22.13
N ARG FA 36 -67.34 14.89 20.83
CA ARG FA 36 -66.25 14.09 20.31
C ARG FA 36 -65.75 14.68 19.01
N ILE FA 37 -64.46 14.47 18.74
CA ILE FA 37 -63.92 14.58 17.38
C ILE FA 37 -64.11 13.20 16.77
N ALA FA 38 -64.95 13.15 15.72
CA ALA FA 38 -65.26 11.89 15.06
C ALA FA 38 -64.18 11.53 14.04
N ARG FA 39 -63.57 12.55 13.45
CA ARG FA 39 -62.47 12.37 12.54
C ARG FA 39 -61.56 13.56 12.56
N LEU FA 40 -60.26 13.33 12.90
CA LEU FA 40 -59.19 14.32 12.69
C LEU FA 40 -58.22 13.76 11.63
N CYS FA 41 -57.83 14.64 10.72
CA CYS FA 41 -56.90 14.35 9.64
C CYS FA 41 -55.80 15.40 9.61
N LEU FA 42 -54.57 14.97 9.35
CA LEU FA 42 -53.38 15.83 9.35
C LEU FA 42 -52.51 15.46 8.15
N GLN FA 43 -52.28 16.43 7.26
CA GLN FA 43 -51.63 16.22 6.00
C GLN FA 43 -50.43 17.12 6.00
N PRO FA 44 -49.24 16.55 6.14
CA PRO FA 44 -48.01 17.35 6.07
C PRO FA 44 -47.68 17.86 4.66
N THR FA 45 -47.29 19.12 4.58
CA THR FA 45 -46.91 19.72 3.32
C THR FA 45 -45.43 20.07 3.33
N THR FA 46 -44.82 20.18 4.49
CA THR FA 46 -43.39 20.52 4.59
C THR FA 46 -42.82 19.81 5.79
N PHE FA 47 -41.65 19.20 5.60
CA PHE FA 47 -40.83 18.66 6.67
C PHE FA 47 -39.57 19.51 6.73
N LEU FA 48 -39.24 20.05 7.91
CA LEU FA 48 -38.00 20.78 8.06
C LEU FA 48 -37.23 20.11 9.17
N VAL FA 49 -35.90 20.20 9.11
CA VAL FA 49 -35.01 19.56 10.07
C VAL FA 49 -33.97 20.58 10.54
N LYS FA 50 -33.76 20.62 11.84
CA LYS FA 50 -32.87 21.56 12.41
C LYS FA 50 -31.46 21.04 12.18
N GLU FA 51 -30.66 21.89 11.57
CA GLU FA 51 -29.27 21.61 11.31
C GLU FA 51 -28.52 21.59 12.65
N GLU FA 52 -27.47 20.80 12.73
CA GLU FA 52 -26.65 20.71 13.95
C GLU FA 52 -25.29 21.28 13.65
N PRO FA 53 -25.08 22.60 13.87
CA PRO FA 53 -23.77 23.19 13.57
C PRO FA 53 -22.68 22.73 14.54
N LYS FA 54 -21.43 22.91 14.14
CA LYS FA 54 -20.28 22.45 14.92
C LYS FA 54 -20.04 23.29 16.18
N ASN FA 55 -20.37 24.59 16.10
CA ASN FA 55 -20.25 25.53 17.23
C ASN FA 55 -21.59 26.18 17.54
N LYS FA 56 -21.86 26.38 18.84
CA LYS FA 56 -23.13 26.97 19.29
C LYS FA 56 -23.15 28.50 19.16
N ARG FA 57 -22.12 29.06 18.50
CA ARG FA 57 -22.11 30.43 17.92
C ARG FA 57 -23.50 30.97 17.56
N GLN FA 58 -24.05 30.51 16.44
CA GLN FA 58 -25.35 30.96 15.96
C GLN FA 58 -26.50 30.01 16.42
N GLU FA 59 -27.73 30.50 16.36
CA GLU FA 59 -28.92 29.67 16.54
C GLU FA 59 -28.98 28.76 15.30
N ALA FA 60 -29.05 27.45 15.51
CA ALA FA 60 -29.25 26.50 14.41
C ALA FA 60 -30.62 26.71 13.76
N GLU FA 61 -30.69 26.63 12.43
CA GLU FA 61 -31.95 26.85 11.72
C GLU FA 61 -32.57 25.55 11.22
N PHE FA 62 -33.87 25.62 11.00
CA PHE FA 62 -34.61 24.57 10.37
C PHE FA 62 -34.47 24.73 8.85
N VAL FA 63 -34.09 23.65 8.14
CA VAL FA 63 -33.89 23.67 6.68
C VAL FA 63 -34.81 22.69 5.94
N PRO FA 64 -35.15 23.01 4.66
CA PRO FA 64 -35.98 22.13 3.85
C PRO FA 64 -35.32 20.82 3.57
N THR FA 65 -36.16 19.81 3.34
CA THR FA 65 -35.78 18.45 3.08
C THR FA 65 -36.58 17.91 1.93
N LYS FA 66 -36.10 16.81 1.34
CA LYS FA 66 -36.83 16.12 0.24
C LYS FA 66 -37.45 14.82 0.76
N LEU FA 67 -38.75 14.64 0.49
CA LEU FA 67 -39.47 13.49 0.91
C LEU FA 67 -39.13 12.34 -0.04
N VAL FA 68 -38.71 11.17 0.49
CA VAL FA 68 -38.38 10.03 -0.37
C VAL FA 68 -39.28 8.81 -0.25
N THR FA 69 -40.21 8.84 0.71
CA THR FA 69 -41.10 7.70 0.95
C THR FA 69 -42.55 7.93 0.35
N ARG FA 70 -42.69 8.90 -0.55
CA ARG FA 70 -43.95 9.01 -1.43
C ARG FA 70 -45.19 9.48 -0.61
N GLU FA 71 -46.41 9.32 -1.15
N GLU FA 71 -46.41 9.38 -1.17
CA GLU FA 71 -47.58 9.89 -0.54
CA GLU FA 71 -47.58 9.95 -0.58
C GLU FA 71 -48.18 9.00 0.53
C GLU FA 71 -48.17 9.02 0.50
N THR FA 72 -47.44 8.86 1.62
CA THR FA 72 -47.66 7.87 2.64
C THR FA 72 -47.57 8.55 4.05
N THR FA 73 -47.78 9.85 4.07
CA THR FA 73 -47.40 10.69 5.17
C THR FA 73 -48.53 11.15 6.09
N SER FA 74 -49.81 11.02 5.68
CA SER FA 74 -50.92 11.64 6.42
C SER FA 74 -51.40 10.83 7.59
N LEU FA 75 -51.86 11.59 8.61
CA LEU FA 75 -52.57 10.97 9.77
C LEU FA 75 -54.07 11.16 9.54
N ASP FA 76 -54.85 10.14 9.91
CA ASP FA 76 -56.29 10.17 9.66
C ASP FA 76 -57.06 9.17 10.45
N GLN FA 77 -58.38 9.37 10.43
N GLN FA 77 -58.37 9.38 10.39
CA GLN FA 77 -59.36 8.52 11.12
CA GLN FA 77 -59.35 8.50 10.98
C GLN FA 77 -59.11 8.52 12.60
C GLN FA 77 -59.07 8.49 12.50
N ILE FA 78 -58.57 9.64 13.02
CA ILE FA 78 -58.25 9.86 14.44
C ILE FA 78 -59.51 10.39 15.15
N GLN FA 79 -59.72 9.90 16.37
CA GLN FA 79 -60.90 10.23 17.10
C GLN FA 79 -60.67 10.23 18.61
N GLY FA 80 -61.55 10.96 19.28
CA GLY FA 80 -61.57 10.97 20.73
C GLY FA 80 -62.47 12.03 21.33
N GLU FA 81 -62.43 12.06 22.65
CA GLU FA 81 -63.31 12.93 23.46
C GLU FA 81 -62.87 14.39 23.30
N LEU FA 82 -63.85 15.26 23.07
CA LEU FA 82 -63.68 16.70 23.13
C LEU FA 82 -64.39 17.23 24.41
N LYS FA 83 -63.65 17.32 25.52
CA LYS FA 83 -64.16 17.83 26.82
C LYS FA 83 -64.34 19.34 26.85
N VAL FA 84 -65.40 19.79 27.53
CA VAL FA 84 -65.55 21.22 27.90
C VAL FA 84 -65.06 21.37 29.36
N ASN FA 85 -64.07 22.23 29.57
CA ASN FA 85 -63.53 22.42 30.91
C ASN FA 85 -64.25 23.57 31.62
N SER FA 86 -64.08 23.63 32.94
CA SER FA 86 -64.78 24.64 33.78
C SER FA 86 -64.61 26.05 33.26
N ASP FA 87 -63.41 26.37 32.74
CA ASP FA 87 -63.12 27.70 32.16
C ASP FA 87 -63.59 27.93 30.75
N GLY FA 88 -64.38 27.00 30.20
CA GLY FA 88 -64.90 27.13 28.82
C GLY FA 88 -63.90 26.81 27.69
N SER FA 89 -62.68 26.37 28.02
CA SER FA 89 -61.76 25.84 26.99
C SER FA 89 -62.18 24.42 26.64
N LEU FA 90 -61.84 23.99 25.43
CA LEU FA 90 -62.00 22.59 25.01
C LEU FA 90 -60.68 21.81 25.11
N THR FA 91 -60.74 20.56 25.52
CA THR FA 91 -59.57 19.66 25.47
C THR FA 91 -59.88 18.41 24.65
N PHE FA 92 -59.12 18.23 23.56
CA PHE FA 92 -59.19 16.98 22.77
C PHE FA 92 -58.25 15.97 23.39
N VAL FA 93 -58.76 14.78 23.70
CA VAL FA 93 -57.98 13.65 24.21
C VAL FA 93 -58.08 12.51 23.15
N GLU FA 94 -57.01 12.32 22.40
CA GLU FA 94 -56.94 11.31 21.34
C GLU FA 94 -57.06 9.91 21.95
N GLU FA 95 -58.00 9.09 21.41
CA GLU FA 95 -58.17 7.68 21.82
C GLU FA 95 -57.58 6.70 20.79
N ASP FA 96 -57.79 6.93 19.50
CA ASP FA 96 -57.44 5.93 18.49
C ASP FA 96 -57.37 6.58 17.12
N GLY FA 97 -56.86 5.81 16.17
CA GLY FA 97 -56.77 6.18 14.76
C GLY FA 97 -55.43 5.85 14.13
N ILE FA 98 -55.31 6.22 12.87
CA ILE FA 98 -54.08 6.09 12.10
C ILE FA 98 -53.28 7.33 12.44
N ASP FA 99 -52.58 7.23 13.58
CA ASP FA 99 -52.05 8.38 14.28
C ASP FA 99 -50.52 8.46 14.24
N PHE FA 100 -49.96 7.75 13.27
CA PHE FA 100 -48.52 7.79 13.02
C PHE FA 100 -48.27 7.39 11.55
N GLN FA 101 -47.15 7.89 11.01
CA GLN FA 101 -46.59 7.38 9.78
C GLN FA 101 -45.05 7.46 9.87
N PRO FA 102 -44.35 6.33 9.53
CA PRO FA 102 -42.92 6.53 9.28
C PRO FA 102 -42.71 7.34 8.03
N VAL FA 103 -41.72 8.22 8.07
CA VAL FA 103 -41.38 9.07 6.94
C VAL FA 103 -39.88 9.20 6.87
N THR FA 104 -39.31 9.20 5.66
CA THR FA 104 -37.97 9.57 5.49
C THR FA 104 -37.80 10.72 4.59
N VAL FA 105 -37.04 11.69 5.08
CA VAL FA 105 -36.71 12.83 4.29
C VAL FA 105 -35.21 12.87 4.18
N GLN FA 106 -34.78 13.61 3.16
CA GLN FA 106 -33.35 13.72 2.80
C GLN FA 106 -32.89 15.17 2.84
N MET FA 107 -31.83 15.42 3.61
N MET FA 107 -31.87 15.44 3.63
CA MET FA 107 -31.19 16.75 3.63
CA MET FA 107 -31.29 16.80 3.62
C MET FA 107 -30.44 17.00 2.34
C MET FA 107 -30.39 17.01 2.39
N ALA FA 108 -30.13 18.27 2.09
CA ALA FA 108 -29.17 18.60 1.06
C ALA FA 108 -27.84 17.82 1.32
N GLY FA 109 -27.29 17.18 0.29
CA GLY FA 109 -26.11 16.34 0.43
C GLY FA 109 -26.38 14.86 0.69
N GLY FA 110 -27.64 14.51 0.91
CA GLY FA 110 -28.06 13.11 0.95
C GLY FA 110 -28.39 12.44 2.29
N GLU FA 111 -28.08 13.06 3.42
CA GLU FA 111 -28.31 12.39 4.70
C GLU FA 111 -29.80 12.14 4.85
N ARG FA 112 -30.14 10.89 5.11
CA ARG FA 112 -31.52 10.48 5.33
C ARG FA 112 -31.92 10.57 6.80
N ILE FA 113 -33.08 11.20 7.02
CA ILE FA 113 -33.70 11.45 8.37
C ILE FA 113 -35.06 10.75 8.41
N PRO FA 114 -35.07 9.56 8.94
CA PRO FA 114 -36.32 8.89 9.23
C PRO FA 114 -36.97 9.44 10.51
N LEU FA 115 -38.29 9.54 10.52
CA LEU FA 115 -39.03 9.92 11.71
C LEU FA 115 -40.36 9.23 11.78
N LEU FA 116 -40.85 9.10 13.01
CA LEU FA 116 -42.20 8.59 13.25
C LEU FA 116 -43.14 9.83 13.40
N PHE FA 117 -43.57 10.32 12.27
CA PHE FA 117 -44.54 11.46 12.27
C PHE FA 117 -45.82 11.03 12.98
N THR FA 118 -46.10 11.62 14.12
CA THR FA 118 -47.18 11.16 14.99
C THR FA 118 -47.93 12.23 15.84
N VAL FA 119 -49.15 11.87 16.28
CA VAL FA 119 -49.86 12.54 17.36
C VAL FA 119 -50.32 11.56 18.41
N LYS FA 120 -49.61 10.45 18.59
CA LYS FA 120 -50.02 9.45 19.58
C LYS FA 120 -50.24 10.07 20.98
N ASN FA 121 -51.40 9.75 21.58
CA ASN FA 121 -51.78 10.20 22.94
C ASN FA 121 -51.85 11.72 23.00
N LEU FA 122 -52.26 12.37 21.91
CA LEU FA 122 -52.39 13.82 21.90
C LEU FA 122 -53.42 14.27 23.00
N VAL FA 123 -53.07 15.32 23.72
CA VAL FA 123 -53.98 16.05 24.58
C VAL FA 123 -53.72 17.47 24.21
N ALA FA 124 -54.72 18.08 23.59
CA ALA FA 124 -54.58 19.44 23.10
C ALA FA 124 -55.79 20.27 23.55
N SER FA 125 -55.54 21.55 23.89
CA SER FA 125 -56.56 22.42 24.51
C SER FA 125 -56.62 23.76 23.84
N THR FA 126 -57.84 24.34 23.77
CA THR FA 126 -58.03 25.69 23.22
C THR FA 126 -57.79 26.76 24.28
N GLN FA 127 -57.94 28.02 23.86
N GLN FA 127 -57.85 28.03 23.91
CA GLN FA 127 -58.10 29.17 24.77
CA GLN FA 127 -57.82 29.11 24.90
C GLN FA 127 -59.26 29.00 25.74
C GLN FA 127 -59.20 29.16 25.63
N PRO FA 128 -59.28 29.79 26.84
CA PRO FA 128 -60.55 29.81 27.66
C PRO FA 128 -61.82 30.33 26.95
N ASN FA 129 -63.00 30.01 27.49
CA ASN FA 129 -64.28 30.59 27.00
C ASN FA 129 -64.59 30.43 25.49
N VAL FA 130 -64.67 29.19 25.02
CA VAL FA 130 -64.97 28.93 23.63
C VAL FA 130 -66.46 28.57 23.63
N THR FA 131 -67.27 29.61 23.58
CA THR FA 131 -68.75 29.45 23.53
C THR FA 131 -69.13 28.94 22.17
N SER FA 132 -68.36 29.39 21.17
CA SER FA 132 -68.37 28.82 19.83
C SER FA 132 -66.93 28.52 19.31
N ILE FA 133 -66.77 27.44 18.53
CA ILE FA 133 -65.56 27.25 17.70
C ILE FA 133 -65.64 28.13 16.48
N THR FA 134 -64.63 29.00 16.31
CA THR FA 134 -64.60 29.96 15.20
C THR FA 134 -63.20 29.98 14.60
N THR FA 135 -63.02 30.79 13.55
CA THR FA 135 -61.70 30.99 12.96
C THR FA 135 -60.63 31.63 13.83
N SER FA 136 -60.91 31.89 15.11
CA SER FA 136 -59.92 32.41 16.05
C SER FA 136 -59.57 31.35 17.09
N THR FA 137 -60.26 30.21 17.07
CA THR FA 137 -59.93 29.11 17.96
C THR FA 137 -58.57 28.46 17.53
N ASP FA 138 -57.79 28.02 18.52
CA ASP FA 138 -56.51 27.35 18.35
C ASP FA 138 -56.50 26.21 19.29
N PHE FA 139 -55.80 25.13 18.94
CA PHE FA 139 -55.45 24.11 19.91
C PHE FA 139 -53.95 24.05 20.08
N LYS FA 140 -53.48 23.81 21.31
CA LYS FA 140 -52.04 23.65 21.61
C LYS FA 140 -51.98 22.47 22.54
N GLY FA 141 -51.12 21.52 22.23
CA GLY FA 141 -50.95 20.38 23.10
C GLY FA 141 -49.69 19.61 22.83
N GLU FA 142 -49.57 18.50 23.55
CA GLU FA 142 -48.43 17.64 23.51
C GLU FA 142 -48.88 16.23 23.18
N PHE FA 143 -47.92 15.41 22.69
CA PHE FA 143 -48.17 14.03 22.34
C PHE FA 143 -46.90 13.23 22.60
N ASN FA 144 -47.01 11.91 22.55
CA ASN FA 144 -45.88 11.04 22.76
C ASN FA 144 -45.24 10.61 21.42
N VAL FA 145 -43.93 10.38 21.45
CA VAL FA 145 -43.18 9.91 20.27
C VAL FA 145 -42.41 8.67 20.70
N PRO FA 146 -43.01 7.49 20.52
CA PRO FA 146 -42.23 6.29 20.85
C PRO FA 146 -41.14 5.98 19.76
N SER FA 147 -40.25 5.07 20.08
CA SER FA 147 -39.21 4.65 19.20
C SER FA 147 -39.79 4.31 17.83
N TYR FA 148 -39.13 4.80 16.77
CA TYR FA 148 -39.49 4.56 15.37
C TYR FA 148 -39.55 3.12 15.00
N ARG FA 149 -38.62 2.31 15.51
CA ARG FA 149 -38.74 0.83 15.40
C ARG FA 149 -39.25 0.31 16.78
N THR FA 150 -40.07 -0.76 16.80
CA THR FA 150 -40.58 -1.29 18.05
C THR FA 150 -39.62 -2.41 18.42
N ALA FA 151 -39.88 -3.06 19.54
CA ALA FA 151 -38.84 -3.79 20.29
C ALA FA 151 -38.29 -5.05 19.64
N ASN FA 152 -39.08 -5.65 18.75
CA ASN FA 152 -38.66 -6.81 17.97
C ASN FA 152 -37.68 -6.54 16.81
N PHE FA 153 -37.54 -5.28 16.42
CA PHE FA 153 -36.74 -4.95 15.22
C PHE FA 153 -35.27 -5.39 15.35
N LEU FA 154 -34.81 -6.16 14.38
CA LEU FA 154 -33.43 -6.71 14.43
C LEU FA 154 -32.54 -5.92 13.46
N ASP FA 155 -31.38 -5.47 13.93
CA ASP FA 155 -30.42 -4.80 13.07
C ASP FA 155 -29.79 -5.82 12.04
N PRO FA 156 -28.98 -5.34 11.10
CA PRO FA 156 -28.44 -6.23 10.03
C PRO FA 156 -27.50 -7.34 10.48
N LYS FA 157 -27.04 -7.23 11.71
CA LYS FA 157 -26.24 -8.28 12.31
C LYS FA 157 -27.09 -9.04 13.30
N GLY FA 158 -28.42 -8.86 13.27
CA GLY FA 158 -29.27 -9.70 14.07
C GLY FA 158 -29.41 -9.33 15.54
N ARG FA 159 -28.94 -8.16 15.93
CA ARG FA 159 -29.05 -7.69 17.33
C ARG FA 159 -30.36 -6.92 17.50
N GLY FA 160 -30.99 -7.11 18.64
CA GLY FA 160 -32.23 -6.37 18.95
C GLY FA 160 -32.52 -6.26 20.47
N LEU FA 161 -33.66 -5.61 20.78
CA LEU FA 161 -34.07 -5.43 22.20
C LEU FA 161 -34.84 -6.60 22.76
N ALA FA 162 -36.05 -6.85 22.25
CA ALA FA 162 -36.92 -7.94 22.70
C ALA FA 162 -36.66 -9.23 21.95
N SER FA 163 -35.81 -9.14 20.92
CA SER FA 163 -35.27 -10.34 20.24
C SER FA 163 -33.85 -10.06 19.80
N GLY FA 164 -33.19 -11.08 19.26
CA GLY FA 164 -31.90 -10.91 18.65
C GLY FA 164 -30.70 -11.32 19.51
N TYR FA 165 -29.50 -11.22 18.93
CA TYR FA 165 -28.26 -11.41 19.65
C TYR FA 165 -28.01 -10.21 20.50
N ASP FA 166 -27.15 -10.40 21.46
CA ASP FA 166 -26.78 -9.29 22.37
C ASP FA 166 -25.31 -8.88 22.23
N SER FA 167 -24.59 -9.46 21.24
CA SER FA 167 -23.26 -9.07 20.93
C SER FA 167 -23.05 -9.04 19.39
N ALA FA 168 -21.85 -8.62 19.01
CA ALA FA 168 -21.43 -8.59 17.63
C ALA FA 168 -20.75 -9.95 17.40
N ILE FA 169 -21.56 -10.93 16.97
CA ILE FA 169 -21.12 -12.32 16.84
C ILE FA 169 -20.05 -12.56 15.76
N ALA FA 170 -19.90 -11.64 14.82
CA ALA FA 170 -18.85 -11.75 13.82
C ALA FA 170 -17.47 -11.38 14.33
N LEU FA 171 -17.38 -10.82 15.53
CA LEU FA 171 -16.12 -10.35 16.11
C LEU FA 171 -15.99 -11.06 17.46
N PRO FA 172 -15.86 -12.39 17.45
CA PRO FA 172 -16.09 -13.18 18.67
C PRO FA 172 -15.24 -12.79 19.88
N GLN FA 173 -14.02 -12.36 19.62
CA GLN FA 173 -13.08 -11.97 20.67
C GLN FA 173 -12.72 -10.50 20.66
N ALA FA 174 -13.58 -9.64 20.06
CA ALA FA 174 -13.38 -8.20 20.21
C ALA FA 174 -13.77 -7.78 21.63
N LYS FA 175 -13.23 -6.66 22.09
CA LYS FA 175 -13.63 -6.03 23.36
C LYS FA 175 -15.04 -5.47 23.24
N GLU FA 176 -15.92 -5.77 24.19
CA GLU FA 176 -17.34 -5.43 24.05
C GLU FA 176 -17.67 -3.99 24.40
N GLU FA 177 -16.79 -3.34 25.15
CA GLU FA 177 -17.07 -2.01 25.78
C GLU FA 177 -17.28 -0.96 24.72
N GLU FA 178 -16.41 -0.99 23.71
CA GLU FA 178 -16.42 -0.03 22.56
C GLU FA 178 -17.65 -0.18 21.64
N LEU FA 179 -18.30 -1.35 21.69
CA LEU FA 179 -19.50 -1.66 20.90
C LEU FA 179 -20.79 -1.64 21.70
N ALA FA 180 -20.71 -1.16 22.95
CA ALA FA 180 -21.86 -1.19 23.84
C ALA FA 180 -23.07 -0.43 23.26
N ARG FA 181 -22.85 0.71 22.69
CA ARG FA 181 -23.99 1.51 22.21
C ARG FA 181 -24.72 0.89 20.98
N ALA FA 182 -23.97 0.17 20.16
CA ALA FA 182 -24.55 -0.58 19.03
C ALA FA 182 -25.14 -1.91 19.48
N ASN FA 183 -24.53 -2.56 20.48
CA ASN FA 183 -24.96 -3.86 20.94
C ASN FA 183 -26.20 -3.88 21.88
N VAL FA 184 -26.31 -2.84 22.69
CA VAL FA 184 -27.33 -2.77 23.71
C VAL FA 184 -28.38 -1.82 23.22
N LYS FA 185 -29.49 -2.38 22.78
CA LYS FA 185 -30.56 -1.60 22.18
C LYS FA 185 -31.41 -0.89 23.23
N ARG FA 186 -31.90 0.32 22.91
CA ARG FA 186 -32.71 1.12 23.79
C ARG FA 186 -33.94 1.70 23.10
N PHE FA 187 -35.01 1.85 23.88
CA PHE FA 187 -36.29 2.15 23.34
C PHE FA 187 -36.66 3.56 23.79
N SER FA 188 -36.53 4.47 22.86
CA SER FA 188 -36.84 5.86 23.13
C SER FA 188 -38.34 6.13 23.37
N LEU FA 189 -38.64 7.13 24.19
CA LEU FA 189 -39.98 7.72 24.36
C LEU FA 189 -39.85 9.18 24.72
N THR FA 190 -40.29 10.08 23.84
CA THR FA 190 -40.08 11.50 24.02
C THR FA 190 -41.39 12.24 23.75
N LYS FA 191 -41.41 13.57 23.90
CA LYS FA 191 -42.63 14.35 23.77
C LYS FA 191 -42.46 15.19 22.55
N GLY FA 192 -43.55 15.38 21.84
CA GLY FA 192 -43.64 16.41 20.82
C GLY FA 192 -44.75 17.41 21.18
N GLN FA 193 -44.80 18.49 20.42
CA GLN FA 193 -45.70 19.61 20.66
C GLN FA 193 -46.35 19.93 19.32
N ILE FA 194 -47.64 20.28 19.33
CA ILE FA 194 -48.38 20.72 18.12
C ILE FA 194 -49.35 21.87 18.41
N SER FA 195 -49.48 22.73 17.42
CA SER FA 195 -50.47 23.79 17.34
C SER FA 195 -51.34 23.56 16.13
N LEU FA 196 -52.64 23.77 16.30
CA LEU FA 196 -53.68 23.65 15.25
C LEU FA 196 -54.33 24.99 15.23
N ASN FA 197 -54.21 25.65 14.11
CA ASN FA 197 -54.80 26.94 13.92
C ASN FA 197 -56.02 26.83 12.98
N VAL FA 198 -57.24 27.08 13.49
CA VAL FA 198 -58.49 26.94 12.73
C VAL FA 198 -58.60 28.13 11.79
N ALA FA 199 -58.76 27.83 10.50
CA ALA FA 199 -58.96 28.87 9.49
C ALA FA 199 -60.37 28.81 8.92
N LYS FA 200 -61.08 27.70 9.11
CA LYS FA 200 -62.37 27.52 8.49
C LYS FA 200 -63.28 26.74 9.39
N VAL FA 201 -64.53 27.18 9.46
CA VAL FA 201 -65.60 26.49 10.25
C VAL FA 201 -66.89 26.51 9.47
N ASP FA 202 -67.54 25.36 9.40
CA ASP FA 202 -68.90 25.25 8.97
C ASP FA 202 -69.69 24.96 10.26
N GLY FA 203 -70.34 26.02 10.77
CA GLY FA 203 -71.22 25.95 11.95
C GLY FA 203 -72.34 24.93 11.85
N ARG FA 204 -72.88 24.74 10.64
CA ARG FA 204 -74.00 23.83 10.41
C ARG FA 204 -73.55 22.35 10.55
N THR FA 205 -72.44 22.00 9.89
CA THR FA 205 -71.98 20.60 9.85
C THR FA 205 -71.06 20.16 11.02
N GLY FA 206 -70.46 21.10 11.77
CA GLY FA 206 -69.47 20.75 12.81
C GLY FA 206 -68.03 20.49 12.28
N GLU FA 207 -67.78 20.88 11.05
CA GLU FA 207 -66.51 20.64 10.42
C GLU FA 207 -65.64 21.84 10.60
N ILE FA 208 -64.37 21.58 10.91
CA ILE FA 208 -63.33 22.59 10.92
C ILE FA 208 -62.14 22.16 10.07
N ALA FA 209 -61.37 23.16 9.64
CA ALA FA 209 -60.13 22.97 8.89
C ALA FA 209 -59.18 24.07 9.17
N GLY FA 210 -57.88 23.77 9.01
CA GLY FA 210 -56.87 24.79 9.18
C GLY FA 210 -55.45 24.34 8.88
N THR FA 211 -54.48 24.97 9.57
CA THR FA 211 -53.06 24.70 9.43
C THR FA 211 -52.53 24.18 10.76
N PHE FA 212 -51.45 23.40 10.70
CA PHE FA 212 -50.78 22.91 11.91
C PHE FA 212 -49.30 23.06 11.78
N GLU FA 213 -48.64 23.08 12.93
CA GLU FA 213 -47.19 23.01 13.01
C GLU FA 213 -46.91 22.12 14.20
N SER FA 214 -46.07 21.10 14.03
N SER FA 214 -46.02 21.14 14.04
CA SER FA 214 -45.66 20.23 15.12
CA SER FA 214 -45.65 20.25 15.12
C SER FA 214 -44.13 20.11 15.19
C SER FA 214 -44.11 20.11 15.18
N GLU FA 215 -43.60 19.74 16.36
CA GLU FA 215 -42.15 19.64 16.60
C GLU FA 215 -41.89 18.38 17.40
N GLN FA 216 -40.96 17.56 16.92
CA GLN FA 216 -40.66 16.26 17.53
C GLN FA 216 -39.28 15.81 17.08
N LEU FA 217 -38.75 14.86 17.80
CA LEU FA 217 -37.53 14.21 17.46
C LEU FA 217 -37.70 13.12 16.37
N SER FA 218 -36.62 12.89 15.59
CA SER FA 218 -36.56 11.85 14.59
C SER FA 218 -36.05 10.51 15.20
N ASP FA 219 -35.90 9.50 14.37
CA ASP FA 219 -35.46 8.18 14.78
C ASP FA 219 -34.06 8.25 15.38
N ASP FA 220 -33.88 7.60 16.51
CA ASP FA 220 -32.51 7.42 17.07
C ASP FA 220 -31.86 6.05 16.83
N ASP FA 221 -32.54 5.24 16.04
CA ASP FA 221 -32.15 3.92 15.67
C ASP FA 221 -31.89 3.09 16.93
N MET FA 222 -32.88 3.01 17.78
N MET FA 222 -32.90 2.99 17.77
CA MET FA 222 -32.77 2.21 19.01
CA MET FA 222 -32.82 2.21 19.02
C MET FA 222 -31.57 2.55 19.87
C MET FA 222 -31.59 2.55 19.87
N GLY FA 223 -31.26 3.84 19.90
CA GLY FA 223 -30.19 4.35 20.76
C GLY FA 223 -28.79 4.37 20.16
N ALA FA 224 -28.65 4.04 18.86
CA ALA FA 224 -27.35 4.02 18.21
C ALA FA 224 -26.83 5.41 17.91
N HIS FA 225 -27.69 6.41 17.75
CA HIS FA 225 -27.21 7.77 17.48
C HIS FA 225 -28.22 8.82 18.02
N GLU FA 226 -27.84 10.09 17.97
CA GLU FA 226 -28.64 11.16 18.48
C GLU FA 226 -29.71 11.48 17.42
N PRO FA 227 -30.94 11.73 17.85
CA PRO FA 227 -31.96 12.08 16.89
C PRO FA 227 -31.82 13.53 16.49
N HIS FA 228 -32.61 13.98 15.52
CA HIS FA 228 -32.63 15.31 15.04
C HIS FA 228 -34.02 15.90 15.38
N GLU FA 229 -34.06 17.22 15.43
CA GLU FA 229 -35.26 17.93 15.73
C GLU FA 229 -35.96 18.23 14.41
N VAL FA 230 -37.22 17.85 14.33
CA VAL FA 230 -38.00 18.00 13.11
C VAL FA 230 -39.19 18.95 13.34
N LYS FA 231 -39.50 19.73 12.32
CA LYS FA 231 -40.68 20.59 12.30
C LYS FA 231 -41.55 20.22 11.14
N ILE FA 232 -42.80 19.87 11.42
CA ILE FA 232 -43.79 19.51 10.39
C ILE FA 232 -44.89 20.55 10.27
N GLN FA 233 -45.15 20.97 9.04
CA GLN FA 233 -46.20 21.96 8.76
C GLN FA 233 -47.12 21.37 7.74
N GLY FA 234 -48.40 21.64 7.88
CA GLY FA 234 -49.41 21.01 7.03
C GLY FA 234 -50.82 21.59 7.28
N VAL FA 235 -51.83 20.91 6.75
CA VAL FA 235 -53.20 21.33 6.87
C VAL FA 235 -53.90 20.24 7.67
N PHE FA 236 -54.99 20.59 8.35
CA PHE FA 236 -55.82 19.60 9.05
C PHE FA 236 -57.31 19.82 8.76
N TYR FA 237 -58.08 18.81 9.09
CA TYR FA 237 -59.49 18.72 9.00
C TYR FA 237 -60.00 17.99 10.22
N ALA FA 238 -61.08 18.51 10.83
CA ALA FA 238 -61.75 17.76 11.90
C ALA FA 238 -63.31 17.88 11.84
N SER FA 239 -63.94 16.79 12.25
CA SER FA 239 -65.38 16.62 12.26
C SER FA 239 -65.77 16.46 13.73
N ILE FA 240 -66.54 17.44 14.22
CA ILE FA 240 -66.96 17.44 15.64
C ILE FA 240 -68.43 17.02 15.69
N GLU FA 241 -68.75 16.22 16.68
CA GLU FA 241 -70.13 15.74 16.84
C GLU FA 241 -70.49 15.61 18.33
N PRO FA 242 -71.80 15.85 18.64
CA PRO FA 242 -72.35 15.49 19.95
C PRO FA 242 -72.22 14.00 20.15
N ALA FA 243 -71.94 13.58 21.38
CA ALA FA 243 -71.69 12.17 21.73
C ALA FA 243 -72.51 11.83 22.99
N FME GA 1 -9.74 4.25 -1.93
CN FME GA 1 -10.90 4.60 -2.45
O1 FME GA 1 -11.24 4.36 -3.60
CA FME GA 1 -8.72 3.46 -2.62
CB FME GA 1 -7.48 3.30 -1.71
CG FME GA 1 -7.11 1.86 -1.26
SD FME GA 1 -6.04 1.74 0.16
CE FME GA 1 -5.33 3.35 0.46
C FME GA 1 -9.32 2.20 -3.25
O FME GA 1 -8.93 1.82 -4.37
N GLU GA 2 -10.22 1.53 -2.52
CA GLU GA 2 -10.67 0.19 -2.88
C GLU GA 2 -11.57 0.44 -4.09
N THR GA 3 -12.51 1.38 -3.96
CA THR GA 3 -13.42 1.70 -5.05
C THR GA 3 -12.68 2.06 -6.33
N ILE GA 4 -11.66 2.87 -6.21
CA ILE GA 4 -10.87 3.27 -7.35
C ILE GA 4 -10.23 2.02 -7.98
N THR GA 5 -9.73 1.15 -7.13
CA THR GA 5 -9.11 -0.07 -7.63
C THR GA 5 -10.07 -0.90 -8.40
N TYR GA 6 -11.27 -1.14 -7.86
CA TYR GA 6 -12.18 -2.03 -8.54
C TYR GA 6 -12.62 -1.37 -9.90
N VAL GA 7 -12.86 -0.06 -9.86
CA VAL GA 7 -13.36 0.66 -11.07
C VAL GA 7 -12.27 0.74 -12.14
N PHE GA 8 -11.02 0.90 -11.70
CA PHE GA 8 -9.89 0.89 -12.62
C PHE GA 8 -9.78 -0.48 -13.36
N ILE GA 9 -9.84 -1.57 -12.61
CA ILE GA 9 -9.71 -2.90 -13.23
C ILE GA 9 -10.87 -3.11 -14.22
N PHE GA 10 -12.09 -2.80 -13.78
CA PHE GA 10 -13.21 -2.85 -14.69
C PHE GA 10 -12.96 -2.06 -15.99
N ALA GA 11 -12.51 -0.83 -15.86
CA ALA GA 11 -12.32 0.07 -16.99
C ALA GA 11 -11.27 -0.53 -17.94
N CYS GA 12 -10.26 -1.13 -17.35
CA CYS GA 12 -9.24 -1.80 -18.16
C CYS GA 12 -9.83 -2.96 -18.98
N ILE GA 13 -10.76 -3.69 -18.38
CA ILE GA 13 -11.36 -4.78 -19.04
C ILE GA 13 -12.20 -4.25 -20.22
N ILE GA 14 -12.93 -3.16 -20.02
CA ILE GA 14 -13.79 -2.63 -21.11
C ILE GA 14 -12.92 -2.10 -22.31
N ALA GA 15 -11.81 -1.43 -21.99
CA ALA GA 15 -10.78 -1.06 -22.96
C ALA GA 15 -10.21 -2.30 -23.71
N LEU GA 16 -9.96 -3.38 -23.01
CA LEU GA 16 -9.47 -4.61 -23.65
C LEU GA 16 -10.49 -5.13 -24.63
N PHE GA 17 -11.77 -5.06 -24.30
CA PHE GA 17 -12.84 -5.50 -25.22
C PHE GA 17 -12.76 -4.72 -26.53
N PHE GA 18 -12.58 -3.41 -26.39
CA PHE GA 18 -12.49 -2.51 -27.53
C PHE GA 18 -11.31 -2.92 -28.43
N PHE GA 19 -10.14 -3.13 -27.86
CA PHE GA 19 -9.02 -3.52 -28.68
C PHE GA 19 -9.17 -4.91 -29.28
N ALA GA 20 -9.75 -5.84 -28.53
CA ALA GA 20 -9.80 -7.23 -28.95
C ALA GA 20 -10.79 -7.38 -30.11
N ILE GA 21 -11.76 -6.47 -30.15
CA ILE GA 21 -12.74 -6.43 -31.22
C ILE GA 21 -12.21 -5.65 -32.43
N PHE GA 22 -11.95 -4.37 -32.24
CA PHE GA 22 -11.58 -3.50 -33.35
C PHE GA 22 -10.08 -3.57 -33.74
N PHE GA 23 -9.21 -3.98 -32.84
CA PHE GA 23 -7.78 -4.15 -33.16
C PHE GA 23 -7.32 -5.62 -33.06
N ARG GA 24 -8.19 -6.49 -33.51
CA ARG GA 24 -7.88 -7.91 -33.60
C ARG GA 24 -6.96 -8.22 -34.74
N GLU GA 25 -6.29 -9.38 -34.64
CA GLU GA 25 -5.57 -10.03 -35.75
C GLU GA 25 -6.69 -10.41 -36.78
N PRO GA 26 -6.67 -9.84 -38.01
CA PRO GA 26 -7.78 -10.11 -38.91
C PRO GA 26 -7.77 -11.56 -39.39
N PRO GA 27 -8.92 -12.23 -39.37
CA PRO GA 27 -8.93 -13.59 -39.93
C PRO GA 27 -8.64 -13.54 -41.46
N ARG GA 28 -7.71 -14.37 -41.90
CA ARG GA 28 -7.20 -14.37 -43.31
C ARG GA 28 -7.29 -15.75 -43.98
N ILE GA 29 -7.96 -15.82 -45.13
CA ILE GA 29 -8.05 -17.05 -46.00
C ILE GA 29 -6.70 -17.37 -46.67
N THR GA 30 -6.38 -18.67 -46.75
CA THR GA 30 -5.05 -19.25 -47.15
C THR GA 30 -3.97 -18.86 -46.14
N GLU HA 1 -23.97 1.73 32.85
CA GLU HA 1 -24.08 2.50 31.58
C GLU HA 1 -25.42 2.15 30.85
N LEU HA 2 -25.36 1.36 29.77
CA LEU HA 2 -26.48 1.02 28.89
C LEU HA 2 -26.98 -0.39 29.23
N VAL HA 3 -28.28 -0.53 29.30
CA VAL HA 3 -28.86 -1.77 29.81
C VAL HA 3 -30.00 -2.19 28.89
N ASN HA 4 -30.11 -3.50 28.64
CA ASN HA 4 -31.26 -4.02 27.93
C ASN HA 4 -32.42 -4.11 28.94
N VAL HA 5 -33.47 -3.34 28.71
CA VAL HA 5 -34.53 -3.25 29.66
C VAL HA 5 -35.39 -4.51 29.70
N VAL HA 6 -35.49 -5.23 28.58
CA VAL HA 6 -36.27 -6.48 28.56
C VAL HA 6 -35.55 -7.54 29.39
N ASP HA 7 -34.27 -7.63 29.24
CA ASP HA 7 -33.52 -8.65 29.99
C ASP HA 7 -33.54 -8.35 31.51
N GLU HA 8 -33.40 -7.09 31.86
CA GLU HA 8 -33.60 -6.63 33.24
C GLU HA 8 -34.98 -7.04 33.79
N LYS HA 9 -36.04 -6.85 33.02
CA LYS HA 9 -37.38 -7.22 33.44
C LYS HA 9 -37.46 -8.74 33.73
N LEU HA 10 -36.69 -9.55 33.01
CA LEU HA 10 -36.72 -10.97 33.28
C LEU HA 10 -36.22 -11.31 34.69
N GLY HA 11 -35.50 -10.41 35.34
CA GLY HA 11 -35.02 -10.66 36.73
C GLY HA 11 -36.01 -10.22 37.82
N THR HA 12 -37.14 -9.65 37.42
CA THR HA 12 -38.19 -9.24 38.32
C THR HA 12 -39.23 -10.35 38.30
N ALA HA 13 -40.32 -10.15 39.02
CA ALA HA 13 -41.46 -11.04 39.01
C ALA HA 13 -42.11 -11.17 37.60
N TYR HA 14 -41.80 -10.25 36.66
CA TYR HA 14 -42.17 -10.46 35.24
C TYR HA 14 -41.63 -11.79 34.66
N GLY HA 15 -40.49 -12.26 35.14
CA GLY HA 15 -39.96 -13.53 34.72
C GLY HA 15 -40.49 -14.75 35.37
N GLU HA 16 -41.38 -14.56 36.34
CA GLU HA 16 -41.91 -15.66 37.17
C GLU HA 16 -43.43 -15.78 37.04
N LYS HA 17 -44.16 -14.70 36.72
CA LYS HA 17 -45.59 -14.75 36.69
C LYS HA 17 -46.16 -13.90 35.55
N ILE HA 18 -47.47 -13.90 35.36
CA ILE HA 18 -48.08 -13.05 34.38
C ILE HA 18 -48.10 -11.68 35.03
N ASP HA 19 -47.43 -10.71 34.39
CA ASP HA 19 -47.40 -9.33 34.84
C ASP HA 19 -48.55 -8.62 34.19
N LEU HA 20 -49.52 -8.17 34.96
CA LEU HA 20 -50.72 -7.62 34.40
C LEU HA 20 -50.53 -6.27 33.70
N ASN HA 21 -49.44 -5.63 34.02
CA ASN HA 21 -49.08 -4.38 33.32
C ASN HA 21 -48.28 -4.49 31.99
N ASN HA 22 -47.67 -5.66 31.71
CA ASN HA 22 -46.70 -5.80 30.63
C ASN HA 22 -46.83 -7.07 29.77
N THR HA 23 -47.19 -8.21 30.35
CA THR HA 23 -47.13 -9.48 29.68
C THR HA 23 -48.13 -9.57 28.51
N ASN HA 24 -47.67 -10.17 27.42
CA ASN HA 24 -48.49 -10.30 26.23
C ASN HA 24 -49.69 -11.21 26.55
N ILE HA 25 -50.81 -10.95 25.89
CA ILE HA 25 -52.11 -11.58 26.18
C ILE HA 25 -52.18 -13.07 26.06
N ALA HA 26 -51.30 -13.65 25.24
CA ALA HA 26 -51.36 -15.10 25.05
C ALA HA 26 -51.02 -15.83 26.31
N ALA HA 27 -50.27 -15.18 27.21
CA ALA HA 27 -49.80 -15.86 28.44
C ALA HA 27 -50.98 -16.28 29.36
N PHE HA 28 -52.14 -15.63 29.23
CA PHE HA 28 -53.33 -15.99 30.01
C PHE HA 28 -53.89 -17.38 29.67
N ILE HA 29 -53.48 -17.95 28.53
CA ILE HA 29 -53.87 -19.31 28.14
C ILE HA 29 -53.28 -20.38 29.11
N GLN HA 30 -52.30 -20.04 29.89
CA GLN HA 30 -51.64 -21.04 30.80
C GLN HA 30 -52.51 -21.58 31.97
N TYR HA 31 -53.59 -20.87 32.32
CA TYR HA 31 -54.48 -21.21 33.46
C TYR HA 31 -55.95 -21.20 33.01
N ARG HA 32 -56.77 -22.03 33.66
CA ARG HA 32 -58.17 -22.16 33.28
C ARG HA 32 -58.96 -20.85 33.43
N GLY HA 33 -59.77 -20.54 32.46
CA GLY HA 33 -60.77 -19.49 32.58
C GLY HA 33 -60.41 -18.08 32.29
N LEU HA 34 -59.12 -17.85 31.97
CA LEU HA 34 -58.66 -16.50 31.73
C LEU HA 34 -58.71 -15.98 30.30
N TYR HA 35 -58.71 -16.87 29.31
CA TYR HA 35 -58.66 -16.36 27.91
C TYR HA 35 -59.87 -16.75 27.11
N PRO HA 36 -60.45 -15.89 26.27
CA PRO HA 36 -59.94 -14.60 25.92
C PRO HA 36 -60.66 -13.48 26.69
N THR HA 37 -61.74 -13.77 27.43
CA THR HA 37 -62.67 -12.69 27.91
C THR HA 37 -62.03 -11.85 29.00
N LEU HA 38 -61.52 -12.52 30.05
CA LEU HA 38 -60.82 -11.81 31.11
C LEU HA 38 -59.49 -11.17 30.64
N ALA HA 39 -58.78 -11.88 29.78
CA ALA HA 39 -57.50 -11.37 29.20
C ALA HA 39 -57.65 -10.11 28.49
N LYS HA 40 -58.70 -10.03 27.69
CA LYS HA 40 -58.96 -8.80 27.04
C LYS HA 40 -59.19 -7.64 28.07
N LEU HA 41 -60.08 -7.88 29.04
CA LEU HA 41 -60.43 -6.85 30.04
C LEU HA 41 -59.22 -6.46 30.87
N ILE HA 42 -58.35 -7.45 31.20
CA ILE HA 42 -57.17 -7.15 32.01
C ILE HA 42 -56.23 -6.20 31.23
N VAL HA 43 -55.95 -6.54 29.97
CA VAL HA 43 -54.95 -5.79 29.19
C VAL HA 43 -55.53 -4.44 28.91
N LYS HA 44 -56.80 -4.39 28.53
CA LYS HA 44 -57.48 -3.08 28.26
C LYS HA 44 -57.51 -2.08 29.42
N ASN HA 45 -57.57 -2.60 30.66
CA ASN HA 45 -57.79 -1.72 31.82
C ASN HA 45 -56.50 -1.53 32.59
N ALA HA 46 -55.36 -2.09 32.11
CA ALA HA 46 -54.05 -1.88 32.76
C ALA HA 46 -53.63 -0.43 32.63
N PRO HA 47 -52.73 0.07 33.45
CA PRO HA 47 -51.94 -0.64 34.48
C PRO HA 47 -52.68 -0.65 35.85
N TYR HA 48 -52.20 -1.49 36.74
CA TYR HA 48 -52.68 -1.71 38.08
C TYR HA 48 -51.52 -1.45 39.05
N GLU HA 49 -51.81 -0.78 40.17
CA GLU HA 49 -50.85 -0.52 41.29
C GLU HA 49 -50.64 -1.76 42.06
N SER HA 50 -51.66 -2.61 42.11
CA SER HA 50 -51.36 -3.91 42.69
C SER HA 50 -52.21 -4.91 42.00
N VAL HA 51 -51.86 -6.17 42.19
CA VAL HA 51 -52.56 -7.28 41.58
C VAL HA 51 -54.05 -7.32 41.90
N GLU HA 52 -54.38 -7.03 43.16
N GLU HA 52 -54.38 -7.03 43.16
CA GLU HA 52 -55.74 -7.08 43.66
CA GLU HA 52 -55.76 -7.10 43.68
C GLU HA 52 -56.62 -6.08 42.95
C GLU HA 52 -56.64 -6.04 43.02
N ASP HA 53 -56.02 -5.02 42.41
CA ASP HA 53 -56.79 -4.06 41.63
C ASP HA 53 -57.40 -4.63 40.39
N VAL HA 54 -56.93 -5.80 39.94
CA VAL HA 54 -57.60 -6.41 38.79
C VAL HA 54 -59.11 -6.71 39.07
N LEU HA 55 -59.48 -6.89 40.36
CA LEU HA 55 -60.83 -7.19 40.80
C LEU HA 55 -61.77 -6.06 40.60
N ASN HA 56 -61.27 -4.83 40.41
CA ASN HA 56 -62.11 -3.63 40.29
C ASN HA 56 -62.40 -3.14 38.86
N ILE HA 57 -61.99 -3.91 37.85
CA ILE HA 57 -62.32 -3.53 36.47
C ILE HA 57 -63.85 -3.35 36.39
N PRO HA 58 -64.31 -2.24 35.82
CA PRO HA 58 -65.80 -2.05 35.69
C PRO HA 58 -66.48 -3.13 34.89
N GLY HA 59 -67.61 -3.61 35.40
CA GLY HA 59 -68.46 -4.53 34.68
C GLY HA 59 -68.08 -6.00 34.71
N LEU HA 60 -67.13 -6.42 35.56
CA LEU HA 60 -66.85 -7.85 35.78
C LEU HA 60 -68.10 -8.48 36.37
N THR HA 61 -68.36 -9.73 36.00
CA THR HA 61 -69.45 -10.46 36.59
C THR HA 61 -68.94 -10.98 37.91
N GLU HA 62 -69.88 -11.41 38.75
CA GLU HA 62 -69.51 -12.11 39.98
C GLU HA 62 -68.65 -13.36 39.74
N ARG HA 63 -69.01 -14.23 38.78
CA ARG HA 63 -68.16 -15.41 38.46
C ARG HA 63 -66.71 -15.00 38.00
N GLN HA 64 -66.62 -13.94 37.20
CA GLN HA 64 -65.32 -13.43 36.72
C GLN HA 64 -64.45 -13.05 37.87
N LYS HA 65 -65.04 -12.33 38.84
CA LYS HA 65 -64.31 -11.93 40.06
C LYS HA 65 -63.75 -13.12 40.82
N GLN HA 66 -64.50 -14.21 40.90
CA GLN HA 66 -63.98 -15.40 41.59
C GLN HA 66 -62.89 -16.10 40.80
N ILE HA 67 -63.05 -16.18 39.47
CA ILE HA 67 -61.99 -16.80 38.66
C ILE HA 67 -60.72 -15.97 38.87
N LEU HA 68 -60.83 -14.64 38.80
CA LEU HA 68 -59.68 -13.80 39.10
C LEU HA 68 -59.07 -14.11 40.46
N ARG HA 69 -59.94 -14.24 41.49
CA ARG HA 69 -59.41 -14.50 42.86
C ARG HA 69 -58.63 -15.74 42.87
N GLU HA 70 -59.17 -16.77 42.26
CA GLU HA 70 -58.42 -18.07 42.13
C GLU HA 70 -57.03 -17.99 41.42
N ASN HA 71 -56.81 -16.97 40.59
CA ASN HA 71 -55.59 -16.81 39.80
C ASN HA 71 -54.70 -15.65 40.23
N LEU HA 72 -55.05 -14.92 41.32
CA LEU HA 72 -54.16 -13.91 41.84
C LEU HA 72 -52.77 -14.47 42.16
N GLU HA 73 -52.69 -15.68 42.67
CA GLU HA 73 -51.33 -16.21 42.98
C GLU HA 73 -50.38 -16.39 41.73
N HIS HA 74 -50.96 -16.39 40.52
CA HIS HA 74 -50.18 -16.51 39.27
C HIS HA 74 -49.91 -15.16 38.63
N PHE HA 75 -50.39 -14.09 39.24
CA PHE HA 75 -50.23 -12.73 38.74
C PHE HA 75 -49.18 -11.93 39.50
N THR HA 76 -48.67 -10.88 38.84
CA THR HA 76 -47.84 -9.88 39.48
C THR HA 76 -48.08 -8.60 38.83
N VAL HA 77 -47.44 -7.58 39.38
CA VAL HA 77 -47.36 -6.26 38.68
C VAL HA 77 -46.01 -5.71 38.87
N THR HA 78 -45.50 -5.13 37.76
CA THR HA 78 -44.28 -4.31 37.78
C THR HA 78 -44.62 -3.04 37.01
N GLU HA 79 -43.73 -2.08 37.10
CA GLU HA 79 -43.82 -0.84 36.36
C GLU HA 79 -43.96 -1.12 34.87
N VAL HA 80 -44.78 -0.31 34.22
CA VAL HA 80 -45.03 -0.41 32.80
C VAL HA 80 -43.69 -0.20 32.07
N GLU HA 81 -43.32 -1.11 31.18
CA GLU HA 81 -42.09 -0.97 30.37
C GLU HA 81 -42.56 -0.64 29.00
N THR HA 82 -42.24 0.58 28.57
CA THR HA 82 -42.60 1.12 27.25
C THR HA 82 -42.32 0.14 26.10
N ALA HA 83 -41.18 -0.57 26.14
CA ALA HA 83 -40.77 -1.50 25.08
C ALA HA 83 -41.68 -2.72 24.95
N LEU HA 84 -42.32 -3.11 26.05
CA LEU HA 84 -43.25 -4.25 26.03
C LEU HA 84 -44.72 -3.85 25.70
N VAL HA 85 -45.09 -2.59 25.81
CA VAL HA 85 -46.51 -2.20 25.62
C VAL HA 85 -46.79 -1.35 24.41
N GLU HA 86 -45.75 -0.79 23.81
CA GLU HA 86 -45.92 -0.11 22.52
C GLU HA 86 -46.16 -1.10 21.43
N GLY HA 87 -46.58 -0.56 20.28
CA GLY HA 87 -46.78 -1.34 19.07
C GLY HA 87 -47.89 -2.35 19.09
N GLY HA 88 -48.81 -2.25 20.07
CA GLY HA 88 -49.81 -3.26 20.26
C GLY HA 88 -49.23 -4.56 20.68
N ASP HA 89 -48.02 -4.52 21.24
CA ASP HA 89 -47.32 -5.78 21.48
C ASP HA 89 -47.98 -6.68 22.51
N ARG HA 90 -48.78 -6.10 23.40
CA ARG HA 90 -49.53 -6.93 24.35
C ARG HA 90 -50.62 -7.76 23.69
N TYR HA 91 -51.19 -7.29 22.56
CA TYR HA 91 -52.19 -8.07 21.78
C TYR HA 91 -51.53 -9.04 20.72
N ASN HA 92 -50.34 -8.68 20.22
CA ASN HA 92 -49.62 -9.51 19.24
C ASN HA 92 -48.15 -9.12 19.28
N ASN HA 93 -47.31 -9.94 19.88
CA ASN HA 93 -45.93 -9.56 20.05
C ASN HA 93 -44.99 -10.23 18.97
N GLY HA 94 -45.56 -10.60 17.81
CA GLY HA 94 -44.80 -11.19 16.76
C GLY HA 94 -44.32 -12.61 16.98
N LEU HA 95 -44.77 -13.29 18.05
CA LEU HA 95 -44.51 -14.69 18.29
C LEU HA 95 -45.74 -15.51 17.99
N TYR HA 96 -45.56 -16.57 17.21
CA TYR HA 96 -46.60 -17.56 16.96
C TYR HA 96 -45.99 -18.84 17.47
N LYS HA 97 -46.18 -19.96 16.81
CA LYS HA 97 -45.48 -21.17 17.26
C LYS HA 97 -44.00 -21.12 16.85
N ALA IA 1 -41.41 -50.64 18.12
CA ALA IA 1 -42.53 -50.09 18.88
C ALA IA 1 -43.78 -50.35 18.05
N GLU IA 2 -44.95 -50.26 18.68
CA GLU IA 2 -46.19 -50.64 18.05
C GLU IA 2 -47.34 -49.78 18.52
N LEU IA 3 -48.38 -49.71 17.72
CA LEU IA 3 -49.58 -49.03 18.10
C LEU IA 3 -50.40 -50.04 18.89
N THR IA 4 -50.16 -50.12 20.19
CA THR IA 4 -50.80 -51.10 21.07
C THR IA 4 -52.17 -50.68 21.64
N PRO IA 5 -52.94 -51.66 22.20
CA PRO IA 5 -54.22 -51.31 22.83
C PRO IA 5 -54.11 -50.24 23.92
N GLU IA 6 -53.06 -50.33 24.69
CA GLU IA 6 -52.65 -49.32 25.66
C GLU IA 6 -52.46 -47.92 25.05
N VAL IA 7 -51.69 -47.81 23.97
CA VAL IA 7 -51.51 -46.53 23.31
C VAL IA 7 -52.90 -46.03 22.92
N LEU IA 8 -53.73 -46.95 22.43
CA LEU IA 8 -55.07 -46.60 21.96
C LEU IA 8 -56.17 -46.47 23.05
N THR IA 9 -55.77 -46.54 24.32
CA THR IA 9 -56.68 -46.32 25.43
C THR IA 9 -56.56 -44.88 25.90
N VAL IA 10 -57.66 -44.14 25.82
CA VAL IA 10 -57.71 -42.75 26.13
C VAL IA 10 -58.93 -42.43 27.02
N PRO IA 11 -58.92 -41.25 27.68
CA PRO IA 11 -60.07 -40.93 28.51
C PRO IA 11 -61.35 -40.66 27.73
N LEU IA 12 -62.41 -41.31 28.18
CA LEU IA 12 -63.73 -41.10 27.63
C LEU IA 12 -64.33 -39.85 28.23
N ASN IA 13 -64.11 -39.63 29.53
CA ASN IA 13 -64.73 -38.44 30.17
C ASN IA 13 -63.81 -37.87 31.21
N SER IA 14 -64.27 -36.80 31.86
CA SER IA 14 -63.54 -36.17 32.99
C SER IA 14 -63.51 -36.99 34.27
N GLU IA 15 -64.43 -37.93 34.42
CA GLU IA 15 -64.53 -38.74 35.64
C GLU IA 15 -63.56 -39.94 35.63
N GLY IA 16 -62.62 -40.00 34.69
CA GLY IA 16 -61.63 -41.07 34.66
C GLY IA 16 -61.97 -42.36 33.92
N LYS IA 17 -63.16 -42.46 33.31
CA LYS IA 17 -63.48 -43.63 32.50
C LYS IA 17 -62.67 -43.56 31.17
N THR IA 18 -62.14 -44.70 30.75
CA THR IA 18 -61.40 -44.84 29.49
C THR IA 18 -62.18 -45.68 28.48
N ILE IA 19 -61.71 -45.58 27.23
CA ILE IA 19 -62.19 -46.32 26.10
C ILE IA 19 -60.95 -46.73 25.30
N THR IA 20 -60.93 -47.99 24.88
CA THR IA 20 -59.86 -48.54 24.09
C THR IA 20 -60.32 -48.53 22.68
N LEU IA 21 -59.68 -47.72 21.83
CA LEU IA 21 -60.09 -47.59 20.42
C LEU IA 21 -59.51 -48.74 19.64
N THR IA 22 -60.18 -49.09 18.54
CA THR IA 22 -59.62 -50.08 17.60
C THR IA 22 -58.63 -49.40 16.67
N GLU IA 23 -57.80 -50.23 16.05
CA GLU IA 23 -56.91 -49.75 15.03
C GLU IA 23 -57.67 -49.17 13.85
N LYS IA 24 -58.80 -49.77 13.49
CA LYS IA 24 -59.60 -49.26 12.40
C LYS IA 24 -60.12 -47.87 12.79
N GLN IA 25 -60.42 -47.69 14.08
CA GLN IA 25 -60.92 -46.38 14.59
C GLN IA 25 -59.85 -45.30 14.51
N TYR IA 26 -58.64 -45.64 14.93
CA TYR IA 26 -57.48 -44.76 14.84
C TYR IA 26 -57.31 -44.29 13.39
N LEU IA 27 -57.22 -45.25 12.48
CA LEU IA 27 -57.09 -44.91 11.05
C LEU IA 27 -58.23 -44.11 10.51
N GLU IA 28 -59.45 -44.38 10.94
CA GLU IA 28 -60.58 -43.56 10.49
C GLU IA 28 -60.47 -42.15 10.99
N GLY IA 29 -60.01 -42.02 12.26
CA GLY IA 29 -59.86 -40.71 12.88
C GLY IA 29 -58.84 -39.83 12.15
N LYS IA 30 -57.74 -40.43 11.74
CA LYS IA 30 -56.68 -39.72 10.99
C LYS IA 30 -57.22 -39.26 9.67
N ARG IA 31 -57.86 -40.19 8.96
CA ARG IA 31 -58.40 -39.89 7.66
C ARG IA 31 -59.37 -38.73 7.77
N LEU IA 32 -60.27 -38.82 8.75
CA LEU IA 32 -61.33 -37.77 8.91
C LEU IA 32 -60.81 -36.41 9.40
N PHE IA 33 -59.81 -36.48 10.26
CA PHE IA 33 -59.08 -35.31 10.73
C PHE IA 33 -58.45 -34.59 9.51
N GLN IA 34 -57.77 -35.37 8.64
CA GLN IA 34 -57.25 -34.81 7.38
C GLN IA 34 -58.31 -34.20 6.54
N TYR IA 35 -59.45 -34.90 6.39
CA TYR IA 35 -60.56 -34.42 5.57
C TYR IA 35 -61.14 -33.11 6.01
N ALA IA 36 -61.37 -33.00 7.30
CA ALA IA 36 -62.17 -31.87 7.86
C ALA IA 36 -61.39 -30.83 8.66
N CYS IA 37 -60.19 -31.20 9.16
CA CYS IA 37 -59.48 -30.38 10.15
C CYS IA 37 -58.02 -29.92 9.84
N ALA IA 38 -57.27 -30.73 9.12
CA ALA IA 38 -55.83 -30.51 8.97
C ALA IA 38 -55.50 -29.22 8.21
N SER IA 39 -56.44 -28.71 7.42
CA SER IA 39 -56.21 -27.49 6.75
C SER IA 39 -55.82 -26.39 7.72
N CYS IA 40 -56.46 -26.37 8.89
CA CYS IA 40 -56.04 -25.48 9.97
C CYS IA 40 -55.20 -26.14 11.08
N HIS IA 41 -55.43 -27.40 11.36
CA HIS IA 41 -54.78 -28.04 12.53
C HIS IA 41 -53.74 -29.05 12.22
N VAL IA 42 -53.16 -28.99 11.03
CA VAL IA 42 -52.00 -29.88 10.75
C VAL IA 42 -50.99 -29.96 11.88
N GLY IA 43 -50.65 -31.17 12.27
CA GLY IA 43 -49.63 -31.34 13.31
C GLY IA 43 -49.99 -30.91 14.74
N GLY IA 44 -51.26 -30.63 14.99
CA GLY IA 44 -51.72 -30.20 16.31
C GLY IA 44 -51.70 -28.70 16.63
N ILE IA 45 -51.39 -27.82 15.67
CA ILE IA 45 -51.33 -26.39 15.92
C ILE IA 45 -52.61 -25.82 15.35
N THR IA 46 -52.71 -24.50 15.28
CA THR IA 46 -53.87 -23.87 14.67
C THR IA 46 -53.43 -22.64 13.83
N LYS IA 47 -53.52 -22.79 12.52
CA LYS IA 47 -52.90 -21.81 11.61
C LYS IA 47 -53.52 -20.46 11.75
N THR IA 48 -54.83 -20.43 12.00
CA THR IA 48 -55.56 -19.17 12.06
C THR IA 48 -55.61 -18.53 13.45
N ASN IA 49 -55.08 -19.25 14.38
CA ASN IA 49 -54.92 -18.71 15.74
C ASN IA 49 -53.88 -19.54 16.54
N PRO IA 50 -52.58 -19.22 16.37
CA PRO IA 50 -51.52 -20.13 16.89
C PRO IA 50 -51.41 -20.23 18.39
N SER IA 51 -52.06 -19.33 19.10
CA SER IA 51 -52.09 -19.33 20.57
C SER IA 51 -52.78 -20.54 21.15
N LEU IA 52 -53.71 -21.14 20.40
CA LEU IA 52 -54.44 -22.38 20.84
C LEU IA 52 -54.03 -23.64 20.04
N ASP IA 53 -53.53 -24.66 20.74
CA ASP IA 53 -53.10 -25.87 20.08
C ASP IA 53 -53.98 -27.05 20.52
N LEU IA 54 -53.68 -28.27 20.04
CA LEU IA 54 -54.44 -29.47 20.39
C LEU IA 54 -53.64 -30.42 21.29
N ARG IA 55 -52.68 -29.88 22.02
N ARG IA 55 -52.66 -29.90 22.01
CA ARG IA 55 -51.96 -30.62 23.02
CA ARG IA 55 -51.99 -30.59 23.07
C ARG IA 55 -52.93 -31.02 24.15
C ARG IA 55 -52.99 -31.06 24.13
N THR IA 56 -52.72 -32.22 24.69
CA THR IA 56 -53.63 -32.78 25.67
C THR IA 56 -53.71 -31.86 26.90
N GLU IA 57 -52.54 -31.36 27.35
CA GLU IA 57 -52.46 -30.46 28.52
C GLU IA 57 -53.18 -29.14 28.27
N THR IA 58 -53.13 -28.64 27.03
CA THR IA 58 -53.92 -27.41 26.68
C THR IA 58 -55.43 -27.74 26.73
N LEU IA 59 -55.79 -28.89 26.18
CA LEU IA 59 -57.22 -29.33 26.17
C LEU IA 59 -57.75 -29.53 27.60
N ALA IA 60 -56.91 -30.04 28.50
CA ALA IA 60 -57.29 -30.20 29.91
C ALA IA 60 -57.69 -28.87 30.59
N LEU IA 61 -57.05 -27.75 30.20
CA LEU IA 61 -57.26 -26.46 30.82
C LEU IA 61 -58.26 -25.63 30.08
N ALA IA 62 -58.79 -26.15 28.99
CA ALA IA 62 -59.97 -25.53 28.37
C ALA IA 62 -61.22 -25.67 29.29
N THR IA 63 -62.23 -24.85 29.04
CA THR IA 63 -63.50 -24.88 29.74
C THR IA 63 -64.61 -24.98 28.68
N PRO IA 64 -65.47 -26.02 28.70
CA PRO IA 64 -65.33 -27.16 29.64
C PRO IA 64 -64.12 -27.97 29.23
N PRO IA 65 -63.68 -28.86 30.09
CA PRO IA 65 -62.47 -29.64 29.70
C PRO IA 65 -62.64 -30.35 28.34
N ARG IA 66 -61.58 -30.30 27.51
CA ARG IA 66 -61.61 -30.94 26.19
C ARG IA 66 -60.63 -32.10 26.08
N ASP IA 67 -60.02 -32.50 27.19
CA ASP IA 67 -59.08 -33.65 27.19
C ASP IA 67 -59.65 -35.08 27.26
N ASN IA 68 -60.77 -35.29 26.57
CA ASN IA 68 -61.46 -36.55 26.60
C ASN IA 68 -62.41 -36.58 25.47
N ILE IA 69 -62.86 -37.80 25.19
CA ILE IA 69 -63.71 -38.07 24.03
C ILE IA 69 -64.98 -37.20 24.04
N GLU IA 70 -65.63 -37.12 25.21
CA GLU IA 70 -66.93 -36.45 25.25
C GLU IA 70 -66.77 -34.97 25.09
N GLY IA 71 -65.71 -34.43 25.70
CA GLY IA 71 -65.37 -33.01 25.55
C GLY IA 71 -65.16 -32.64 24.09
N LEU IA 72 -64.36 -33.47 23.43
CA LEU IA 72 -64.03 -33.29 21.97
C LEU IA 72 -65.20 -33.45 21.05
N VAL IA 73 -66.01 -34.47 21.30
CA VAL IA 73 -67.28 -34.63 20.54
C VAL IA 73 -68.19 -33.45 20.74
N ASP IA 74 -68.34 -33.01 21.98
CA ASP IA 74 -69.20 -31.82 22.25
C ASP IA 74 -68.65 -30.57 21.53
N TYR IA 75 -67.33 -30.42 21.55
CA TYR IA 75 -66.65 -29.31 20.83
C TYR IA 75 -67.00 -29.29 19.37
N MET IA 76 -66.92 -30.47 18.76
CA MET IA 76 -67.35 -30.61 17.35
C MET IA 76 -68.84 -30.34 17.05
N LYS IA 77 -69.70 -30.43 18.08
CA LYS IA 77 -71.15 -30.07 17.88
C LYS IA 77 -71.38 -28.62 18.16
N ASN IA 78 -70.74 -28.10 19.20
CA ASN IA 78 -71.01 -26.76 19.73
C ASN IA 78 -69.71 -26.09 20.28
N PRO IA 79 -68.85 -25.60 19.36
CA PRO IA 79 -67.57 -25.09 19.77
C PRO IA 79 -67.69 -23.77 20.53
N THR IA 80 -66.84 -23.63 21.54
CA THR IA 80 -66.70 -22.44 22.35
C THR IA 80 -65.28 -21.90 22.34
N THR IA 81 -65.16 -20.65 22.82
CA THR IA 81 -63.88 -20.04 23.13
C THR IA 81 -63.25 -20.82 24.27
N TYR IA 82 -61.99 -20.53 24.56
CA TYR IA 82 -61.17 -21.43 25.48
C TYR IA 82 -61.72 -21.36 26.91
N ASP IA 83 -62.39 -20.23 27.24
CA ASP IA 83 -62.96 -20.01 28.56
C ASP IA 83 -64.43 -20.49 28.65
N GLY IA 84 -64.99 -21.02 27.56
CA GLY IA 84 -66.34 -21.54 27.55
C GLY IA 84 -67.35 -20.45 27.42
N GLU IA 85 -66.95 -19.19 27.33
CA GLU IA 85 -67.95 -18.05 27.43
C GLU IA 85 -68.74 -17.73 26.19
N GLN IA 86 -68.20 -18.13 25.02
CA GLN IA 86 -68.74 -17.69 23.74
C GLN IA 86 -68.79 -18.88 22.80
N GLU IA 87 -69.90 -18.96 22.11
CA GLU IA 87 -70.17 -20.02 21.19
C GLU IA 87 -69.72 -19.56 19.81
N ILE IA 88 -68.89 -20.37 19.15
CA ILE IA 88 -68.20 -19.87 17.91
C ILE IA 88 -68.49 -20.69 16.66
N ALA IA 89 -69.59 -21.46 16.70
CA ALA IA 89 -70.00 -22.25 15.53
C ALA IA 89 -70.05 -21.46 14.21
N GLU IA 90 -70.34 -20.18 14.27
CA GLU IA 90 -70.41 -19.35 13.07
C GLU IA 90 -69.05 -19.15 12.32
N VAL IA 91 -67.94 -19.40 13.02
CA VAL IA 91 -66.61 -19.26 12.45
C VAL IA 91 -65.77 -20.45 12.70
N HIS IA 92 -66.30 -21.51 13.33
CA HIS IA 92 -65.56 -22.72 13.50
C HIS IA 92 -66.44 -23.88 13.06
N PRO IA 93 -65.88 -24.83 12.27
CA PRO IA 93 -66.69 -25.98 11.82
C PRO IA 93 -67.27 -26.85 12.93
N SER IA 94 -68.58 -27.13 12.79
CA SER IA 94 -69.34 -27.95 13.77
C SER IA 94 -70.58 -28.54 13.10
N LEU IA 95 -71.18 -29.53 13.76
CA LEU IA 95 -72.48 -30.03 13.30
C LEU IA 95 -73.55 -28.98 13.30
N ARG IA 96 -73.47 -28.09 14.25
CA ARG IA 96 -74.41 -27.00 14.33
C ARG IA 96 -74.27 -25.97 13.21
N SER IA 97 -73.06 -25.86 12.64
CA SER IA 97 -72.81 -24.94 11.52
C SER IA 97 -72.45 -25.72 10.23
N ALA IA 98 -72.92 -26.97 10.13
CA ALA IA 98 -72.83 -27.77 8.86
C ALA IA 98 -73.43 -27.12 7.62
N ASP IA 99 -74.39 -26.19 7.77
CA ASP IA 99 -74.86 -25.47 6.61
C ASP IA 99 -73.76 -24.63 5.99
N ILE IA 100 -72.87 -24.05 6.81
CA ILE IA 100 -71.80 -23.15 6.30
C ILE IA 100 -70.40 -23.78 6.27
N PHE IA 101 -70.22 -24.93 6.92
CA PHE IA 101 -69.03 -25.76 6.85
C PHE IA 101 -69.47 -27.12 6.33
N PRO IA 102 -69.68 -27.22 4.99
CA PRO IA 102 -70.34 -28.42 4.44
C PRO IA 102 -69.59 -29.70 4.65
N LYS IA 103 -68.33 -29.66 4.99
CA LYS IA 103 -67.61 -30.94 5.21
C LYS IA 103 -68.05 -31.58 6.50
N MET IA 104 -68.80 -30.85 7.31
CA MET IA 104 -69.33 -31.41 8.58
C MET IA 104 -70.72 -32.14 8.37
N ARG IA 105 -71.45 -31.82 7.30
CA ARG IA 105 -72.80 -32.44 6.93
C ARG IA 105 -73.03 -33.92 7.05
N ASN IA 106 -72.05 -34.76 6.79
CA ASN IA 106 -72.30 -36.22 6.82
C ASN IA 106 -71.50 -36.90 7.91
N LEU IA 107 -71.04 -36.11 8.88
CA LEU IA 107 -70.31 -36.69 10.00
C LEU IA 107 -71.32 -37.24 11.03
N THR IA 108 -71.16 -38.53 11.35
CA THR IA 108 -71.99 -39.25 12.31
C THR IA 108 -71.32 -39.19 13.64
N GLU IA 109 -72.03 -39.61 14.67
CA GLU IA 109 -71.50 -39.68 16.01
C GLU IA 109 -70.24 -40.55 16.07
N LYS IA 110 -70.24 -41.69 15.40
CA LYS IA 110 -69.08 -42.58 15.38
C LYS IA 110 -67.86 -41.85 14.75
N ASP IA 111 -68.12 -40.99 13.76
CA ASP IA 111 -67.06 -40.23 13.10
C ASP IA 111 -66.40 -39.25 14.08
N LEU IA 112 -67.24 -38.48 14.80
CA LEU IA 112 -66.72 -37.54 15.82
C LEU IA 112 -65.86 -38.28 16.87
N VAL IA 113 -66.29 -39.46 17.28
CA VAL IA 113 -65.54 -40.21 18.26
C VAL IA 113 -64.20 -40.55 17.66
N ALA IA 114 -64.20 -40.96 16.39
CA ALA IA 114 -62.97 -41.30 15.69
C ALA IA 114 -61.97 -40.07 15.65
N ILE IA 115 -62.48 -38.94 15.23
CA ILE IA 115 -61.67 -37.71 15.17
C ILE IA 115 -61.15 -37.36 16.57
N ALA IA 116 -62.03 -37.36 17.56
CA ALA IA 116 -61.62 -37.15 18.96
C ALA IA 116 -60.52 -38.10 19.39
N GLY IA 117 -60.65 -39.36 19.03
CA GLY IA 117 -59.61 -40.31 19.41
C GLY IA 117 -58.27 -40.09 18.74
N HIS IA 118 -58.31 -39.58 17.50
CA HIS IA 118 -57.06 -39.21 16.78
C HIS IA 118 -56.29 -38.14 17.61
N ILE IA 119 -57.01 -37.09 17.94
CA ILE IA 119 -56.54 -35.95 18.68
C ILE IA 119 -55.93 -36.37 19.99
N LEU IA 120 -56.48 -37.39 20.66
CA LEU IA 120 -55.91 -37.82 21.94
C LEU IA 120 -54.76 -38.79 21.79
N VAL IA 121 -54.81 -39.61 20.77
CA VAL IA 121 -53.79 -40.62 20.59
C VAL IA 121 -52.47 -40.00 20.04
N GLU IA 122 -52.59 -39.06 19.11
CA GLU IA 122 -51.41 -38.57 18.33
C GLU IA 122 -50.25 -38.06 19.21
N PRO IA 123 -50.57 -37.25 20.25
CA PRO IA 123 -49.51 -36.90 21.21
C PRO IA 123 -48.86 -38.03 21.98
N LYS IA 124 -49.56 -39.13 22.20
CA LYS IA 124 -48.99 -40.28 22.88
C LYS IA 124 -47.93 -40.97 21.99
N ILE IA 125 -48.13 -40.86 20.69
CA ILE IA 125 -47.14 -41.31 19.70
C ILE IA 125 -46.04 -40.25 19.52
N LEU IA 126 -46.40 -39.00 19.24
CA LEU IA 126 -45.44 -38.00 18.73
C LEU IA 126 -44.84 -37.07 19.79
N GLY IA 127 -45.38 -37.07 21.00
CA GLY IA 127 -44.93 -36.20 22.05
C GLY IA 127 -45.06 -34.73 21.69
N ASP IA 128 -44.03 -33.98 22.09
CA ASP IA 128 -43.89 -32.53 21.86
C ASP IA 128 -44.07 -32.08 20.40
N LYS IA 129 -43.81 -32.99 19.46
CA LYS IA 129 -44.06 -32.72 18.07
C LYS IA 129 -45.49 -32.36 17.80
N TRP IA 130 -46.43 -33.03 18.50
CA TRP IA 130 -47.85 -32.73 18.38
C TRP IA 130 -48.07 -31.38 19.07
N GLY IA 131 -48.55 -30.44 18.32
CA GLY IA 131 -48.75 -29.07 18.77
C GLY IA 131 -47.51 -28.20 18.84
N GLY IA 132 -46.35 -28.75 18.47
CA GLY IA 132 -45.03 -28.06 18.58
C GLY IA 132 -44.72 -27.07 17.44
N GLY IA 133 -45.28 -27.26 16.27
CA GLY IA 133 -45.06 -26.37 15.09
C GLY IA 133 -43.66 -26.62 14.52
N LYS IA 134 -43.18 -25.69 13.70
CA LYS IA 134 -41.95 -25.95 12.88
C LYS IA 134 -40.70 -26.26 13.67
N VAL IA 135 -40.63 -25.76 14.90
CA VAL IA 135 -39.46 -26.05 15.74
C VAL IA 135 -39.27 -27.55 15.84
N TYR IA 136 -40.35 -28.34 15.86
CA TYR IA 136 -40.19 -29.79 16.13
C TYR IA 136 -40.21 -30.60 14.82
N TYR IA 137 -40.32 -29.97 13.64
CA TYR IA 137 -40.43 -30.78 12.40
C TYR IA 137 -39.24 -31.73 12.22
N VAL JA 1 -57.59 -52.60 -7.66
CA VAL JA 1 -58.82 -53.40 -8.05
C VAL JA 1 -58.58 -54.12 -9.40
N ILE JA 2 -59.03 -55.38 -9.48
CA ILE JA 2 -58.91 -56.21 -10.69
C ILE JA 2 -59.62 -55.55 -11.91
N ALA JA 3 -60.68 -54.79 -11.65
CA ALA JA 3 -61.48 -54.17 -12.69
C ALA JA 3 -60.75 -53.05 -13.44
N GLN JA 4 -60.02 -52.18 -12.72
CA GLN JA 4 -59.25 -51.07 -13.32
C GLN JA 4 -58.05 -51.63 -14.12
N LEU JA 5 -57.31 -52.56 -13.52
CA LEU JA 5 -56.18 -53.21 -14.18
C LEU JA 5 -56.60 -53.96 -15.44
N THR JA 6 -57.77 -54.60 -15.39
CA THR JA 6 -58.31 -55.36 -16.53
C THR JA 6 -58.76 -54.44 -17.67
N MET JA 7 -59.45 -53.35 -17.34
CA MET JA 7 -59.77 -52.34 -18.37
C MET JA 7 -58.49 -51.80 -18.98
N ILE JA 8 -57.53 -51.37 -18.14
CA ILE JA 8 -56.28 -50.79 -18.64
C ILE JA 8 -55.43 -51.78 -19.49
N ALA JA 9 -55.44 -53.06 -19.12
CA ALA JA 9 -54.79 -54.11 -19.94
C ALA JA 9 -55.45 -54.29 -21.35
N MET JA 10 -56.79 -54.36 -21.41
CA MET JA 10 -57.52 -54.49 -22.67
C MET JA 10 -57.39 -53.26 -23.55
N ILE JA 11 -57.56 -52.06 -22.96
CA ILE JA 11 -57.39 -50.80 -23.69
C ILE JA 11 -55.96 -50.68 -24.19
N GLY JA 12 -55.00 -51.13 -23.39
CA GLY JA 12 -53.58 -51.02 -23.76
C GLY JA 12 -53.07 -52.00 -24.80
N ILE JA 13 -53.72 -53.15 -24.89
CA ILE JA 13 -53.40 -54.16 -25.89
C ILE JA 13 -54.01 -53.71 -27.25
N ALA JA 14 -55.15 -53.01 -27.24
CA ALA JA 14 -55.83 -52.69 -28.49
C ALA JA 14 -54.93 -52.07 -29.56
N GLY JA 15 -54.07 -51.12 -29.16
CA GLY JA 15 -53.22 -50.38 -30.09
C GLY JA 15 -52.19 -51.28 -30.75
N PRO JA 16 -51.36 -51.97 -29.96
CA PRO JA 16 -50.44 -52.94 -30.55
C PRO JA 16 -51.12 -54.06 -31.36
N MET JA 17 -52.35 -54.45 -30.98
CA MET JA 17 -53.11 -55.48 -31.67
C MET JA 17 -53.48 -55.02 -33.09
N ILE JA 18 -53.91 -53.77 -33.21
CA ILE JA 18 -54.16 -53.19 -34.53
C ILE JA 18 -52.89 -53.29 -35.39
N ILE JA 19 -51.72 -52.96 -34.83
CA ILE JA 19 -50.48 -53.04 -35.59
C ILE JA 19 -50.08 -54.52 -35.93
N PHE JA 20 -50.28 -55.43 -34.98
CA PHE JA 20 -49.94 -56.84 -35.17
C PHE JA 20 -50.82 -57.48 -36.24
N LEU JA 21 -52.12 -57.19 -36.18
CA LEU JA 21 -53.05 -57.72 -37.14
C LEU JA 21 -52.67 -57.25 -38.54
N LEU JA 22 -52.42 -55.97 -38.70
CA LEU JA 22 -52.10 -55.44 -40.02
C LEU JA 22 -50.79 -55.96 -40.59
N ALA JA 23 -49.81 -56.21 -39.74
CA ALA JA 23 -48.52 -56.70 -40.17
C ALA JA 23 -48.64 -58.14 -40.65
N VAL JA 24 -49.43 -58.93 -39.93
CA VAL JA 24 -49.71 -60.32 -40.28
C VAL JA 24 -50.35 -60.38 -41.68
N ARG JA 25 -51.40 -59.64 -41.89
CA ARG JA 25 -52.09 -59.65 -43.17
C ARG JA 25 -51.53 -58.63 -44.21
N ARG JA 26 -50.24 -58.30 -44.09
CA ARG JA 26 -49.51 -57.41 -45.02
C ARG JA 26 -50.28 -56.17 -45.43
N GLY JA 27 -50.83 -55.50 -44.43
CA GLY JA 27 -51.64 -54.30 -44.66
C GLY JA 27 -50.81 -53.07 -44.92
N ASN JA 28 -51.53 -51.98 -45.14
CA ASN JA 28 -50.95 -50.72 -45.54
C ASN JA 28 -50.38 -49.90 -44.34
N LEU JA 29 -49.47 -50.50 -43.56
CA LEU JA 29 -48.71 -49.82 -42.49
C LEU JA 29 -47.73 -48.79 -43.04
N THR KA 1 2.74 -61.06 20.81
CA THR KA 1 1.34 -61.55 20.87
C THR KA 1 0.59 -61.20 19.56
N ILE KA 2 -0.36 -62.05 19.14
CA ILE KA 2 -1.15 -61.82 17.95
C ILE KA 2 -2.48 -61.29 18.43
N THR KA 3 -2.66 -59.98 18.27
CA THR KA 3 -3.86 -59.35 18.75
C THR KA 3 -4.96 -59.81 17.84
N PRO KA 4 -6.21 -59.62 18.26
CA PRO KA 4 -7.25 -59.86 17.28
C PRO KA 4 -7.08 -59.06 15.97
N SER KA 5 -6.60 -57.81 16.03
CA SER KA 5 -6.50 -56.98 14.77
C SER KA 5 -5.34 -57.44 13.94
N LEU KA 6 -4.27 -57.91 14.55
CA LEU KA 6 -3.19 -58.50 13.72
C LEU KA 6 -3.64 -59.77 12.98
N LYS KA 7 -4.42 -60.60 13.67
CA LYS KA 7 -5.01 -61.76 13.02
C LYS KA 7 -5.95 -61.30 11.87
N GLY KA 8 -6.82 -60.34 12.17
CA GLY KA 8 -7.65 -59.69 11.09
C GLY KA 8 -6.77 -59.17 9.93
N PHE KA 9 -5.66 -58.50 10.23
CA PHE KA 9 -4.73 -58.04 9.18
C PHE KA 9 -4.28 -59.22 8.28
N PHE KA 10 -3.86 -60.32 8.90
CA PHE KA 10 -3.42 -61.55 8.13
C PHE KA 10 -4.57 -62.12 7.30
N ILE KA 11 -5.78 -62.08 7.85
CA ILE KA 11 -6.91 -62.53 7.08
C ILE KA 11 -7.14 -61.66 5.87
N GLY KA 12 -7.07 -60.34 6.03
CA GLY KA 12 -7.26 -59.46 4.88
C GLY KA 12 -6.17 -59.67 3.87
N LEU KA 13 -4.96 -59.83 4.38
CA LEU KA 13 -3.84 -60.05 3.46
C LEU KA 13 -4.00 -61.31 2.62
N LEU KA 14 -4.36 -62.40 3.30
N LEU KA 14 -4.39 -62.39 3.29
CA LEU KA 14 -4.53 -63.70 2.60
CA LEU KA 14 -4.55 -63.68 2.64
C LEU KA 14 -5.66 -63.61 1.62
C LEU KA 14 -5.66 -63.62 1.63
N SER KA 15 -6.78 -63.03 2.03
CA SER KA 15 -7.91 -62.84 1.15
C SER KA 15 -7.58 -62.06 -0.13
N GLY KA 16 -6.79 -61.00 0.02
CA GLY KA 16 -6.38 -60.22 -1.12
C GLY KA 16 -5.47 -60.99 -2.03
N ALA KA 17 -4.53 -61.73 -1.43
CA ALA KA 17 -3.60 -62.55 -2.24
C ALA KA 17 -4.38 -63.62 -3.01
N VAL KA 18 -5.36 -64.26 -2.35
CA VAL KA 18 -6.20 -65.27 -3.01
C VAL KA 18 -6.94 -64.65 -4.18
N VAL KA 19 -7.60 -63.51 -3.97
CA VAL KA 19 -8.36 -62.86 -5.07
C VAL KA 19 -7.44 -62.58 -6.24
N LEU KA 20 -6.24 -62.08 -5.95
CA LEU KA 20 -5.29 -61.80 -7.03
C LEU KA 20 -4.70 -63.04 -7.68
N GLY KA 21 -4.23 -63.97 -6.86
CA GLY KA 21 -3.67 -65.26 -7.32
C GLY KA 21 -4.66 -66.00 -8.22
N LEU KA 22 -5.89 -66.15 -7.76
CA LEU KA 22 -6.95 -66.75 -8.60
C LEU KA 22 -7.24 -65.99 -9.88
N THR KA 23 -7.29 -64.65 -9.79
CA THR KA 23 -7.58 -63.81 -10.98
C THR KA 23 -6.49 -64.03 -12.02
N PHE KA 24 -5.24 -63.99 -11.60
CA PHE KA 24 -4.16 -64.16 -12.56
C PHE KA 24 -4.03 -65.59 -13.06
N ALA KA 25 -4.17 -66.60 -12.19
CA ALA KA 25 -4.11 -68.02 -12.64
C ALA KA 25 -5.17 -68.24 -13.73
N VAL KA 26 -6.39 -67.78 -13.47
CA VAL KA 26 -7.44 -67.91 -14.47
C VAL KA 26 -7.13 -67.22 -15.80
N LEU KA 27 -6.66 -65.97 -15.75
CA LEU KA 27 -6.47 -65.19 -16.97
C LEU KA 27 -5.30 -65.75 -17.77
N ILE KA 28 -4.26 -66.16 -17.05
CA ILE KA 28 -3.11 -66.84 -17.67
C ILE KA 28 -3.61 -68.12 -18.38
N ALA KA 29 -4.27 -69.01 -17.64
CA ALA KA 29 -4.90 -70.22 -18.24
C ALA KA 29 -5.75 -69.92 -19.47
N ILE KA 30 -6.64 -68.94 -19.37
CA ILE KA 30 -7.48 -68.62 -20.52
C ILE KA 30 -6.62 -68.16 -21.67
N SER KA 31 -5.60 -67.37 -21.40
CA SER KA 31 -4.78 -66.85 -22.48
C SER KA 31 -3.99 -67.94 -23.21
N GLN KA 32 -3.56 -68.96 -22.45
CA GLN KA 32 -2.74 -70.08 -22.98
C GLN KA 32 -3.60 -70.95 -23.92
N ILE KA 33 -4.85 -71.10 -23.54
CA ILE KA 33 -5.80 -71.94 -24.27
C ILE KA 33 -6.35 -71.22 -25.50
N ASP KA 34 -6.48 -69.90 -25.42
CA ASP KA 34 -7.31 -69.14 -26.32
C ASP KA 34 -6.38 -68.12 -26.96
N LYS KA 35 -5.49 -68.61 -27.84
CA LYS KA 35 -4.40 -67.79 -28.42
C LYS KA 35 -4.78 -67.01 -29.69
N VAL KA 36 -4.02 -65.92 -29.95
CA VAL KA 36 -4.15 -65.12 -31.18
C VAL KA 36 -3.25 -65.77 -32.23
N GLN KA 37 -3.77 -65.94 -33.44
CA GLN KA 37 -3.04 -66.59 -34.54
C GLN KA 37 -2.34 -65.49 -35.41
N ARG KA 38 -1.15 -65.84 -35.91
CA ARG KA 38 -0.34 -64.94 -36.74
C ARG KA 38 0.08 -65.70 -38.01
N MET LA 1 -86.38 -51.70 -16.39
CA MET LA 1 -85.54 -50.78 -17.21
C MET LA 1 -84.08 -50.78 -16.76
N THR LA 2 -83.82 -50.83 -15.45
CA THR LA 2 -82.45 -50.85 -14.92
C THR LA 2 -81.54 -52.05 -15.35
N ILE LA 3 -82.06 -52.97 -16.18
CA ILE LA 3 -81.21 -53.95 -16.88
C ILE LA 3 -81.22 -53.69 -18.40
N LEU LA 4 -82.39 -53.41 -19.00
CA LEU LA 4 -82.48 -53.03 -20.42
C LEU LA 4 -81.60 -51.77 -20.76
N PHE LA 5 -81.33 -50.95 -19.74
CA PHE LA 5 -80.40 -49.84 -19.82
C PHE LA 5 -78.94 -50.32 -19.69
N GLN LA 6 -78.66 -51.15 -18.68
CA GLN LA 6 -77.30 -51.62 -18.45
C GLN LA 6 -76.75 -52.54 -19.53
N LEU LA 7 -77.64 -53.27 -20.21
CA LEU LA 7 -77.26 -54.06 -21.37
C LEU LA 7 -77.02 -53.14 -22.57
N ALA LA 8 -77.92 -52.18 -22.78
CA ALA LA 8 -77.77 -51.26 -23.90
C ALA LA 8 -76.40 -50.56 -23.84
N LEU LA 9 -76.01 -50.15 -22.63
CA LEU LA 9 -74.72 -49.48 -22.39
C LEU LA 9 -73.54 -50.45 -22.54
N ALA LA 10 -73.63 -51.63 -21.93
CA ALA LA 10 -72.58 -52.67 -22.12
C ALA LA 10 -72.47 -53.08 -23.59
N ALA LA 11 -73.59 -53.03 -24.32
CA ALA LA 11 -73.58 -53.28 -25.76
C ALA LA 11 -72.81 -52.18 -26.48
N LEU LA 12 -73.13 -50.93 -26.16
CA LEU LA 12 -72.40 -49.78 -26.72
C LEU LA 12 -70.88 -49.83 -26.45
N VAL LA 13 -70.49 -50.19 -25.24
CA VAL LA 13 -69.07 -50.33 -24.87
C VAL LA 13 -68.35 -51.42 -25.64
N ILE LA 14 -68.99 -52.58 -25.78
CA ILE LA 14 -68.41 -53.77 -26.48
C ILE LA 14 -68.30 -53.50 -28.01
N LEU LA 15 -69.35 -52.96 -28.61
CA LEU LA 15 -69.31 -52.59 -29.99
C LEU LA 15 -68.21 -51.55 -30.20
N SER LA 16 -68.07 -50.61 -29.26
CA SER LA 16 -67.10 -49.51 -29.40
C SER LA 16 -65.70 -50.12 -29.47
N PHE LA 17 -65.40 -51.04 -28.57
CA PHE LA 17 -64.13 -51.75 -28.58
C PHE LA 17 -63.88 -52.51 -29.89
N VAL LA 18 -64.94 -53.13 -30.42
CA VAL LA 18 -64.82 -53.90 -31.68
C VAL LA 18 -64.53 -52.98 -32.88
N MET LA 19 -65.19 -51.84 -32.91
CA MET LA 19 -64.98 -50.82 -33.94
C MET LA 19 -63.58 -50.18 -33.81
N VAL LA 20 -63.14 -50.01 -32.57
CA VAL LA 20 -61.87 -49.36 -32.30
C VAL LA 20 -60.74 -50.17 -32.92
N ILE LA 21 -60.83 -51.49 -32.81
CA ILE LA 21 -59.87 -52.39 -33.48
C ILE LA 21 -60.20 -52.60 -34.97
N GLY LA 22 -61.47 -52.81 -35.29
CA GLY LA 22 -61.89 -53.28 -36.62
C GLY LA 22 -61.81 -52.26 -37.73
N VAL LA 23 -62.18 -51.03 -37.42
CA VAL LA 23 -62.19 -50.00 -38.44
C VAL LA 23 -60.80 -49.70 -39.03
N PRO LA 24 -59.76 -49.48 -38.18
CA PRO LA 24 -58.43 -49.21 -38.75
C PRO LA 24 -57.85 -50.39 -39.52
N VAL LA 25 -58.06 -51.58 -39.00
CA VAL LA 25 -57.60 -52.79 -39.66
C VAL LA 25 -58.28 -52.92 -41.02
N ALA LA 26 -59.61 -52.81 -41.06
CA ALA LA 26 -60.35 -52.81 -42.33
C ALA LA 26 -59.88 -51.73 -43.30
N TYR LA 27 -59.71 -50.51 -42.83
CA TYR LA 27 -59.34 -49.44 -43.77
C TYR LA 27 -57.97 -49.62 -44.44
N ALA LA 28 -57.06 -50.34 -43.79
CA ALA LA 28 -55.70 -50.54 -44.24
C ALA LA 28 -55.47 -51.98 -44.70
N SER LA 29 -56.56 -52.75 -44.81
CA SER LA 29 -56.48 -54.14 -45.27
C SER LA 29 -56.68 -54.21 -46.78
N PRO LA 30 -55.83 -55.03 -47.47
CA PRO LA 30 -55.83 -54.94 -48.94
C PRO LA 30 -57.11 -55.56 -49.55
N GLN LA 31 -57.23 -56.90 -49.43
CA GLN LA 31 -58.41 -57.64 -49.83
C GLN LA 31 -59.54 -57.51 -48.80
N ASP LA 32 -60.64 -58.21 -49.08
CA ASP LA 32 -61.79 -58.31 -48.17
C ASP LA 32 -62.49 -56.96 -47.90
N TRP LA 33 -62.20 -55.96 -48.73
CA TRP LA 33 -62.68 -54.58 -48.52
C TRP LA 33 -64.20 -54.39 -48.79
N ASP LA 34 -64.77 -55.19 -49.70
CA ASP LA 34 -66.20 -55.11 -49.99
C ASP LA 34 -67.06 -55.60 -48.77
N ARG LA 35 -66.70 -56.75 -48.18
CA ARG LA 35 -67.31 -57.21 -46.92
C ARG LA 35 -67.01 -56.30 -45.69
N SER LA 36 -65.89 -55.58 -45.70
CA SER LA 36 -65.53 -54.60 -44.65
C SER LA 36 -66.40 -53.35 -44.68
N LYS LA 37 -66.49 -52.72 -45.86
CA LYS LA 37 -67.32 -51.54 -46.05
C LYS LA 37 -68.77 -51.74 -45.59
N GLN LA 38 -69.29 -52.97 -45.77
CA GLN LA 38 -70.64 -53.33 -45.37
C GLN LA 38 -70.72 -53.29 -43.86
N LEU LA 39 -69.87 -54.06 -43.21
CA LEU LA 39 -69.83 -54.12 -41.75
C LEU LA 39 -69.57 -52.77 -41.02
N ILE LA 40 -68.72 -51.91 -41.60
CA ILE LA 40 -68.42 -50.59 -41.05
C ILE LA 40 -69.69 -49.73 -41.08
N PHE LA 41 -70.40 -49.71 -42.22
CA PHE LA 41 -71.73 -49.07 -42.28
C PHE LA 41 -72.70 -49.63 -41.23
N LEU LA 42 -72.69 -50.94 -41.06
CA LEU LA 42 -73.55 -51.60 -40.06
C LEU LA 42 -73.19 -51.23 -38.62
N GLY LA 43 -71.96 -51.55 -38.22
CA GLY LA 43 -71.36 -51.07 -36.96
C GLY LA 43 -71.72 -49.60 -36.65
N SER LA 44 -71.52 -48.73 -37.63
CA SER LA 44 -71.76 -47.31 -37.45
C SER LA 44 -73.19 -47.00 -37.13
N GLY LA 45 -74.12 -47.51 -37.93
CA GLY LA 45 -75.57 -47.24 -37.72
C GLY LA 45 -76.04 -47.84 -36.42
N LEU LA 46 -75.51 -49.01 -36.09
CA LEU LA 46 -75.84 -49.61 -34.81
C LEU LA 46 -75.32 -48.79 -33.61
N TRP LA 47 -74.08 -48.32 -33.71
CA TRP LA 47 -73.46 -47.50 -32.64
C TRP LA 47 -74.26 -46.22 -32.41
N ILE LA 48 -74.56 -45.54 -33.50
CA ILE LA 48 -75.43 -44.37 -33.40
C ILE LA 48 -76.76 -44.67 -32.70
N ALA LA 49 -77.41 -45.80 -33.05
CA ALA LA 49 -78.69 -46.19 -32.46
C ALA LA 49 -78.59 -46.46 -30.96
N LEU LA 50 -77.56 -47.23 -30.58
CA LEU LA 50 -77.31 -47.52 -29.16
C LEU LA 50 -77.09 -46.27 -28.30
N VAL LA 51 -76.44 -45.26 -28.89
CA VAL LA 51 -76.21 -44.00 -28.19
C VAL LA 51 -77.56 -43.36 -27.93
N LEU LA 52 -78.40 -43.29 -28.96
CA LEU LA 52 -79.76 -42.76 -28.80
C LEU LA 52 -80.60 -43.54 -27.76
N VAL LA 53 -80.42 -44.86 -27.74
CA VAL LA 53 -81.10 -45.72 -26.78
C VAL LA 53 -80.65 -45.49 -25.34
N VAL LA 54 -79.34 -45.58 -25.11
CA VAL LA 54 -78.78 -45.27 -23.79
C VAL LA 54 -79.20 -43.86 -23.37
N GLY LA 55 -79.17 -42.89 -24.28
CA GLY LA 55 -79.57 -41.51 -23.96
C GLY LA 55 -81.02 -41.33 -23.53
N VAL LA 56 -81.93 -42.06 -24.17
CA VAL LA 56 -83.37 -41.98 -23.89
C VAL LA 56 -83.63 -42.72 -22.59
N LEU LA 57 -83.12 -43.94 -22.51
CA LEU LA 57 -83.23 -44.76 -21.33
C LEU LA 57 -82.64 -44.14 -20.06
N ASN LA 58 -81.61 -43.30 -20.23
CA ASN LA 58 -81.02 -42.55 -19.12
C ASN LA 58 -82.12 -41.93 -18.25
N PHE LA 59 -83.15 -41.34 -18.89
CA PHE LA 59 -84.18 -40.65 -18.12
C PHE LA 59 -85.20 -41.56 -17.38
N PHE LA 60 -85.13 -42.88 -17.58
CA PHE LA 60 -85.93 -43.86 -16.84
C PHE LA 60 -85.15 -44.62 -15.75
N VAL LA 61 -83.85 -44.38 -15.61
CA VAL LA 61 -83.04 -44.97 -14.50
C VAL LA 61 -82.33 -43.91 -13.59
N VAL LA 62 -82.43 -42.63 -13.99
CA VAL LA 62 -81.83 -41.47 -13.31
C VAL LA 62 -82.88 -40.35 -13.43
O1 OEX MA . 34.37 20.27 19.44
CA1 OEX MA . 34.73 18.33 18.07
MN1 OEX MA . 32.43 20.50 19.37
O2 OEX MA . 34.11 17.69 20.32
MN2 OEX MA . 34.17 19.44 21.15
O3 OEX MA . 32.11 19.60 20.95
MN3 OEX MA . 32.30 17.49 20.37
O4 OEX MA . 32.57 15.75 19.77
MN4 OEX MA . 31.83 15.78 17.93
O5 OEX MA . 32.20 18.27 18.20
CL CL NA . 25.39 17.58 17.09
CL CL OA . 33.67 19.62 28.61
MG CLA PA . 31.68 22.52 1.46
CHA CLA PA . 33.66 19.73 1.64
CHB CLA PA . 31.78 22.11 -2.03
CHC CLA PA . 28.93 24.47 1.21
CHD CLA PA . 31.20 22.34 5.03
NA CLA PA . 32.50 21.18 0.06
C1A CLA PA . 33.29 20.19 0.36
C2A CLA PA . 33.80 19.37 -0.82
C3A CLA PA . 33.49 20.33 -1.93
C4A CLA PA . 32.55 21.31 -1.27
CMA CLA PA . 34.71 21.08 -2.41
CAA CLA PA . 32.98 18.07 -0.97
CBA CLA PA . 33.35 17.17 -2.15
CGA CLA PA . 34.58 16.38 -1.86
O1A CLA PA . 35.10 16.37 -0.78
O2A CLA PA . 35.20 15.70 -2.89
NB CLA PA . 30.60 23.16 -0.16
C1B CLA PA . 30.77 23.01 -1.47
C2B CLA PA . 29.82 23.77 -2.29
C3B CLA PA . 29.02 24.42 -1.32
C4B CLA PA . 29.53 23.97 -0.02
CMB CLA PA . 29.77 23.87 -3.75
CAB CLA PA . 27.92 25.37 -1.53
CBB CLA PA . 27.38 25.56 -2.71
NC CLA PA . 30.32 23.20 2.85
C1C CLA PA . 29.27 24.07 2.55
C2C CLA PA . 28.50 24.58 3.70
C3C CLA PA . 29.22 23.96 4.81
C4C CLA PA . 30.31 23.18 4.20
CMC CLA PA . 27.31 25.51 3.79
CAC CLA PA . 28.90 24.12 6.25
CBC CLA PA . 27.56 23.57 6.62
ND CLA PA . 32.20 21.44 3.04
C1D CLA PA . 32.08 21.43 4.37
C2D CLA PA . 32.87 20.37 5.09
C3D CLA PA . 33.49 19.69 3.98
C4D CLA PA . 33.00 20.35 2.77
CMD CLA PA . 32.92 20.20 6.57
CAD CLA PA . 34.37 18.55 3.66
OBD CLA PA . 34.92 17.72 4.54
CBD CLA PA . 34.50 18.58 2.17
CGD CLA PA . 35.94 18.57 1.87
O1D CLA PA . 36.66 19.55 1.63
O2D CLA PA . 36.56 17.27 2.10
CED CLA PA . 37.96 17.27 1.88
C1 CLA PA . 36.34 14.85 -2.62
C2 CLA PA . 35.93 13.42 -2.90
C3 CLA PA . 35.44 12.56 -1.99
C4 CLA PA . 35.29 12.85 -0.54
C5 CLA PA . 35.11 11.17 -2.42
C6 CLA PA . 36.10 10.14 -1.86
C7 CLA PA . 35.77 8.86 -2.68
C8 CLA PA . 36.42 7.60 -2.12
C9 CLA PA . 37.97 7.74 -2.30
C10 CLA PA . 35.83 6.42 -2.85
C11 CLA PA . 34.57 5.86 -2.25
C12 CLA PA . 33.93 4.72 -3.02
C13 CLA PA . 32.43 4.51 -2.71
C14 CLA PA . 32.11 4.25 -1.23
C15 CLA PA . 31.81 3.39 -3.58
C16 CLA PA . 31.51 3.91 -4.94
C17 CLA PA . 30.46 3.20 -5.77
C18 CLA PA . 30.79 1.74 -5.83
C19 CLA PA . 32.18 1.53 -6.45
C20 CLA PA . 29.73 1.02 -6.65
MG CLA QA . 28.70 12.62 0.44
CHA CLA QA . 25.81 13.23 -1.17
CHB CLA QA . 28.74 9.47 -0.93
CHC CLA QA . 32.04 12.34 1.28
CHD CLA QA . 28.90 16.08 1.38
NA CLA QA . 27.54 11.52 -0.81
C1A CLA QA . 26.42 11.93 -1.38
C2A CLA QA . 25.76 10.99 -2.34
C3A CLA QA . 26.46 9.72 -1.88
C4A CLA QA . 27.65 10.25 -1.18
CMA CLA QA . 25.68 8.83 -0.87
CAA CLA QA . 26.00 11.37 -3.82
CBA CLA QA . 27.50 11.60 -4.08
CGA CLA QA . 27.84 11.80 -5.52
O1A CLA QA . 27.10 11.62 -6.49
O2A CLA QA . 29.14 12.32 -5.70
NB CLA QA . 30.16 11.14 0.20
C1B CLA QA . 29.94 9.94 -0.26
C2B CLA QA . 31.14 8.99 -0.07
C3B CLA QA . 32.09 9.82 0.61
C4B CLA QA . 31.36 11.19 0.68
CMB CLA QA . 31.03 7.56 -0.49
CAB CLA QA . 33.45 9.59 1.13
CBB CLA QA . 34.06 8.47 0.80
NC CLA QA . 30.14 13.93 1.08
C1C CLA QA . 31.43 13.63 1.49
C2C CLA QA . 32.18 14.62 2.23
C3C CLA QA . 31.20 15.67 2.27
C4C CLA QA . 30.04 15.18 1.54
CMC CLA QA . 33.58 14.60 2.83
CAC CLA QA . 31.42 16.94 2.97
CBC CLA QA . 31.68 16.61 4.44
ND CLA QA . 27.70 14.43 0.14
C1D CLA QA . 27.75 15.63 0.67
C2D CLA QA . 26.52 16.46 0.40
C3D CLA QA . 25.67 15.47 -0.32
C4D CLA QA . 26.52 14.23 -0.47
CMD CLA QA . 26.31 17.85 0.87
CAD CLA QA . 24.47 15.28 -1.05
OBD CLA QA . 23.46 16.17 -1.06
CBD CLA QA . 24.50 13.87 -1.54
CGD CLA QA . 23.48 13.08 -0.88
O1D CLA QA . 23.25 13.15 0.35
O2D CLA QA . 22.63 12.39 -1.69
CED CLA QA . 21.85 11.40 -1.02
C1 CLA QA . 29.78 12.30 -7.02
C2 CLA QA . 30.19 10.89 -7.32
C3 CLA QA . 29.60 10.00 -8.13
C4 CLA QA . 28.45 10.27 -9.01
C5 CLA QA . 30.19 8.58 -8.26
C6 CLA QA . 29.29 7.48 -7.66
C7 CLA QA . 29.20 7.56 -6.16
C8 CLA QA . 28.10 6.74 -5.46
C9 CLA QA . 26.68 7.37 -5.63
C10 CLA QA . 28.46 6.61 -4.00
C11 CLA QA . 27.75 5.43 -3.34
C12 CLA QA . 27.92 5.37 -1.82
C13 CLA QA . 27.27 4.16 -1.10
C14 CLA QA . 27.34 4.26 0.40
C15 CLA QA . 27.98 2.87 -1.53
C16 CLA QA . 27.17 1.68 -1.06
C17 CLA QA . 27.49 0.51 -1.97
C18 CLA QA . 28.72 -0.12 -1.51
C19 CLA QA . 29.09 -1.30 -2.38
C20 CLA QA . 28.45 -0.60 -0.12
MG CLA RA . 29.63 32.16 -5.66
CHA CLA RA . 32.78 31.12 -4.55
CHB CLA RA . 31.26 34.00 -7.94
CHC CLA RA . 26.64 32.71 -7.20
CHD CLA RA . 28.09 29.61 -3.76
NA CLA RA . 31.69 32.45 -6.20
C1A CLA RA . 32.74 32.00 -5.70
C2A CLA RA . 34.05 32.39 -6.40
C3A CLA RA . 33.57 33.55 -7.19
C4A CLA RA . 32.07 33.34 -7.11
CMA CLA RA . 34.00 34.85 -6.56
CAA CLA RA . 34.64 31.28 -7.26
CBA CLA RA . 33.61 30.70 -8.26
CGA CLA RA . 34.21 29.68 -9.18
O1A CLA RA . 35.40 29.38 -9.24
O2A CLA RA . 33.29 29.10 -10.05
NB CLA RA . 29.09 33.13 -7.33
C1B CLA RA . 29.82 33.94 -8.07
C2B CLA RA . 29.03 34.69 -9.07
C3B CLA RA . 27.69 34.28 -8.84
C4B CLA RA . 27.83 33.32 -7.71
CMB CLA RA . 29.46 35.66 -10.12
CAB CLA RA . 26.34 34.66 -9.35
CBB CLA RA . 26.09 35.57 -10.20
NC CLA RA . 27.78 31.37 -5.51
C1C CLA RA . 26.67 31.72 -6.16
C2C CLA RA . 25.47 31.05 -5.78
C3C CLA RA . 25.93 30.14 -4.82
C4C CLA RA . 27.35 30.40 -4.71
CMC CLA RA . 24.10 31.07 -6.30
CAC CLA RA . 25.04 29.17 -4.06
CBC CLA RA . 24.32 29.96 -3.01
ND CLA RA . 30.19 30.57 -4.51
C1D CLA RA . 29.53 29.81 -3.65
C2D CLA RA . 30.38 29.21 -2.66
C3D CLA RA . 31.70 29.82 -2.97
C4D CLA RA . 31.49 30.57 -4.11
CMD CLA RA . 29.99 28.31 -1.54
CAD CLA RA . 33.12 29.83 -2.63
OBD CLA RA . 33.70 29.27 -1.64
CBD CLA RA . 33.83 30.67 -3.63
CGD CLA RA . 34.42 31.82 -2.93
O1D CLA RA . 33.78 32.57 -2.20
O2D CLA RA . 35.76 32.08 -3.25
CED CLA RA . 36.36 33.15 -2.49
C1 CLA RA . 33.76 28.24 -11.09
C2 CLA RA . 33.82 29.10 -12.35
C3 CLA RA . 34.92 29.28 -13.05
C4 CLA RA . 36.23 28.65 -12.64
C5 CLA RA . 34.90 30.18 -14.28
C6 CLA RA . 35.70 31.44 -13.93
C7 CLA RA . 35.02 32.25 -12.80
C8 CLA RA . 35.69 33.60 -12.51
C9 CLA RA . 35.49 34.08 -11.07
C10 CLA RA . 35.20 34.66 -13.51
C11 CLA RA . 36.38 35.59 -13.87
C12 CLA RA . 35.97 36.84 -14.64
C13 CLA RA . 37.09 37.84 -14.95
C14 CLA RA . 38.00 38.14 -13.77
C15 CLA RA . 36.48 39.15 -15.52
C16 CLA RA . 37.41 39.94 -16.48
C17 CLA RA . 38.11 39.14 -17.61
C18 CLA RA . 38.56 39.96 -18.84
C19 CLA RA . 37.39 40.22 -19.78
C20 CLA RA . 39.71 39.27 -19.60
CHA PHO SA . 37.12 7.57 -8.74
CHB PHO SA . 33.38 8.16 -5.75
CHC PHO SA . 34.16 13.00 -5.96
CHD PHO SA . 37.75 12.50 -9.18
NA PHO SA . 35.24 8.14 -7.30
C1A PHO SA . 35.96 7.22 -7.89
C2A PHO SA . 35.44 5.81 -7.76
C3A PHO SA . 34.12 6.07 -7.00
C4A PHO SA . 34.22 7.55 -6.63
CMA PHO SA . 32.92 5.80 -7.92
CAA PHO SA . 36.43 5.02 -6.86
CBA PHO SA . 36.00 3.59 -6.71
CGA PHO SA . 36.66 2.82 -5.62
O1A PHO SA . 37.45 3.25 -4.82
O2A PHO SA . 36.24 1.47 -5.64
NB PHO SA . 33.97 10.55 -6.05
C1B PHO SA . 33.26 9.59 -5.40
C2B PHO SA . 32.30 10.15 -4.41
C3B PHO SA . 32.55 11.59 -4.51
C4B PHO SA . 33.57 11.73 -5.54
CMB PHO SA . 31.37 9.38 -3.52
CAB PHO SA . 32.03 12.72 -3.73
CBB PHO SA . 31.28 12.58 -2.67
NC PHO SA . 35.98 12.35 -7.54
C1C PHO SA . 35.24 13.30 -6.90
C2C PHO SA . 35.63 14.71 -7.14
C3C PHO SA . 36.71 14.56 -8.11
C4C PHO SA . 36.78 13.11 -8.32
CMC PHO SA . 34.99 15.95 -6.59
CAC PHO SA . 37.51 15.55 -8.83
CBC PHO SA . 38.90 15.57 -8.30
ND PHO SA . 37.07 10.18 -8.70
C1D PHO SA . 37.88 11.04 -9.29
C2D PHO SA . 38.88 10.40 -10.11
C3D PHO SA . 38.56 9.04 -9.85
C4D PHO SA . 37.49 8.98 -9.05
CMD PHO SA . 39.94 10.97 -11.01
CAD PHO SA . 38.89 7.63 -10.22
OBD PHO SA . 39.86 7.26 -10.86
CBD PHO SA . 38.04 6.66 -9.48
CGD PHO SA . 37.39 5.68 -10.33
O1D PHO SA . 37.79 4.52 -10.56
O2D PHO SA . 36.42 6.25 -11.12
CED PHO SA . 35.82 5.43 -12.12
C1 PHO SA . 36.68 0.63 -4.53
C2 PHO SA . 35.64 0.59 -3.47
C3 PHO SA . 34.50 -0.11 -3.61
C4 PHO SA . 34.26 -0.91 -4.81
C5 PHO SA . 33.43 -0.23 -2.56
C6 PHO SA . 33.78 0.40 -1.20
C7 PHO SA . 32.56 0.32 -0.27
C8 PHO SA . 32.84 0.86 1.11
C9 PHO SA . 33.74 -0.06 1.92
C10 PHO SA . 31.49 1.17 1.84
C11 PHO SA . 31.69 1.54 3.25
C12 PHO SA . 32.61 2.75 3.43
C13 PHO SA . 32.11 4.06 2.75
C14 PHO SA . 33.23 5.08 2.88
C15 PHO SA . 30.82 4.59 3.38
C16 PHO SA . 30.35 5.91 2.77
C17 PHO SA . 28.96 6.24 3.17
C18 PHO SA . 28.49 7.60 2.62
C19 PHO SA . 29.32 8.77 3.19
C20 PHO SA . 27.00 7.77 2.86
MG CLA TA . 40.99 -7.37 8.65
CHA CLA TA . 40.92 -5.91 11.83
CHB CLA TA . 43.80 -5.41 8.00
CHC CLA TA . 41.69 -9.40 5.90
CHD CLA TA . 38.55 -9.77 9.73
NA CLA TA . 42.21 -5.98 9.68
C1A CLA TA . 41.98 -5.52 10.88
C2A CLA TA . 42.89 -4.41 11.29
C3A CLA TA . 43.49 -4.01 9.96
C4A CLA TA . 43.18 -5.22 9.14
CMA CLA TA . 42.84 -2.79 9.32
CAA CLA TA . 43.93 -4.81 12.30
CBA CLA TA . 44.82 -5.97 11.84
CGA CLA TA . 45.91 -6.27 12.82
O1A CLA TA . 45.89 -5.93 13.97
O2A CLA TA . 47.00 -7.04 12.36
NB CLA TA . 42.40 -7.38 7.28
C1B CLA TA . 43.47 -6.52 7.10
C2B CLA TA . 44.30 -6.76 5.91
C3B CLA TA . 43.72 -7.99 5.33
C4B CLA TA . 42.53 -8.27 6.24
CMB CLA TA . 45.51 -6.02 5.43
CAB CLA TA . 44.02 -8.78 4.10
CBB CLA TA . 44.76 -8.31 3.09
NC CLA TA . 40.26 -9.24 7.92
C1C CLA TA . 40.58 -9.84 6.76
C2C CLA TA . 39.77 -11.01 6.42
C3C CLA TA . 38.86 -11.10 7.55
C4C CLA TA . 39.25 -9.97 8.44
CMC CLA TA . 39.93 -11.87 5.19
CAC CLA TA . 37.80 -12.14 7.83
CBC CLA TA . 38.54 -13.31 8.57
ND CLA TA . 40.05 -7.86 10.30
C1D CLA TA . 39.01 -8.71 10.64
C2D CLA TA . 38.35 -8.40 11.88
C3D CLA TA . 39.09 -7.26 12.36
C4D CLA TA . 40.07 -7.00 11.39
CMD CLA TA . 37.19 -9.15 12.50
CAD CLA TA . 39.25 -6.30 13.49
OBD CLA TA . 38.56 -6.23 14.59
CBD CLA TA . 40.41 -5.46 13.14
CGD CLA TA . 39.98 -4.04 13.03
O1D CLA TA . 39.41 -3.62 12.02
O2D CLA TA . 40.09 -3.21 14.16
CED CLA TA . 39.29 -2.01 14.21
C1 CLA TA . 48.27 -7.01 13.01
C2 CLA TA . 49.23 -7.81 12.13
C3 CLA TA . 50.46 -7.42 11.75
C4 CLA TA . 50.99 -6.07 12.22
C5 CLA TA . 51.25 -8.41 10.85
C6 CLA TA . 52.47 -7.79 10.15
C7 CLA TA . 52.99 -8.53 8.90
C8 CLA TA . 54.54 -8.66 8.74
C9 CLA TA . 55.08 -9.88 9.48
C10 CLA TA . 55.38 -7.41 9.12
C11 CLA TA . 55.27 -6.14 8.23
C12 CLA TA . 54.14 -5.17 8.67
C13 CLA TA . 54.39 -3.66 8.44
C14 CLA TA . 53.80 -2.88 9.63
C15 CLA TA . 53.83 -3.07 7.12
C16 CLA TA . 53.87 -3.90 5.82
C17 CLA TA . 55.03 -3.59 4.87
C18 CLA TA . 54.64 -2.59 3.79
C19 CLA TA . 53.98 -3.28 2.63
C20 CLA TA . 55.85 -1.80 3.29
C1 BCR UA . 43.04 -12.96 -3.97
C2 BCR UA . 44.41 -13.37 -4.50
C3 BCR UA . 45.34 -13.76 -3.39
C4 BCR UA . 44.81 -15.01 -2.68
C5 BCR UA . 43.33 -14.87 -2.33
C6 BCR UA . 42.55 -13.94 -2.91
C7 BCR UA . 41.10 -13.83 -2.60
C8 BCR UA . 40.68 -13.42 -1.35
C9 BCR UA . 39.25 -13.16 -0.96
C10 BCR UA . 39.00 -12.75 0.29
C11 BCR UA . 37.67 -12.44 0.84
C33 BCR UA . 42.72 -15.82 -1.32
C31 BCR UA . 42.08 -13.00 -5.19
C32 BCR UA . 43.10 -11.55 -3.38
C34 BCR UA . 38.12 -13.35 -1.97
C12 BCR UA . 37.54 -12.03 2.10
C13 BCR UA . 36.27 -11.64 2.76
C14 BCR UA . 36.31 -11.13 4.01
C15 BCR UA . 35.12 -10.65 4.85
C16 BCR UA . 35.20 -10.13 6.08
C17 BCR UA . 33.95 -9.59 6.74
C18 BCR UA . 33.88 -8.97 7.97
C19 BCR UA . 32.56 -8.55 8.52
C20 BCR UA . 32.38 -8.40 9.80
C21 BCR UA . 31.08 -8.10 10.32
C22 BCR UA . 30.71 -8.03 11.60
C23 BCR UA . 29.25 -7.67 11.86
C24 BCR UA . 28.74 -7.60 13.08
C25 BCR UA . 27.30 -7.26 13.34
C26 BCR UA . 26.85 -6.05 13.08
C27 BCR UA . 25.39 -5.51 13.26
C28 BCR UA . 24.44 -6.64 13.61
C29 BCR UA . 25.10 -7.69 14.50
C30 BCR UA . 26.45 -8.30 14.02
C35 BCR UA . 34.93 -11.86 2.06
C36 BCR UA . 35.06 -8.78 8.89
C37 BCR UA . 31.62 -8.29 12.79
C38 BCR UA . 27.78 -5.06 12.46
C39 BCR UA . 26.33 -9.49 13.14
C40 BCR UA . 27.18 -8.81 15.26
C2 PL9 VA . 37.87 24.32 -24.71
C3 PL9 VA . 37.18 23.19 -24.26
C4 PL9 VA . 36.85 22.18 -25.31
C5 PL9 VA . 37.19 22.27 -26.77
C6 PL9 VA . 37.93 23.46 -27.17
C1 PL9 VA . 38.24 24.48 -26.07
C7 PL9 VA . 36.66 22.85 -22.82
C8 PL9 VA . 37.39 23.54 -21.70
C9 PL9 VA . 37.24 24.81 -21.47
C10 PL9 VA . 36.36 25.73 -22.23
C11 PL9 VA . 38.05 25.43 -20.40
C12 PL9 VA . 39.12 26.33 -21.00
C13 PL9 VA . 38.73 27.81 -21.08
C14 PL9 VA . 39.35 28.79 -20.41
C15 PL9 VA . 40.52 28.57 -19.48
C16 PL9 VA . 38.83 30.19 -20.61
C17 PL9 VA . 37.45 30.35 -20.01
C18 PL9 VA . 37.23 31.85 -19.85
C19 PL9 VA . 37.15 32.47 -18.65
C20 PL9 VA . 37.29 31.69 -17.36
C21 PL9 VA . 36.94 33.98 -18.60
C22 PL9 VA . 35.64 34.42 -19.26
C23 PL9 VA . 35.41 35.87 -18.94
C24 PL9 VA . 34.34 36.55 -19.39
C25 PL9 VA . 33.35 35.87 -20.29
C26 PL9 VA . 34.16 38.02 -19.08
C27 PL9 VA . 32.81 38.35 -18.44
C28 PL9 VA . 32.04 39.44 -19.20
C29 PL9 VA . 32.30 40.75 -19.18
C30 PL9 VA . 33.46 41.29 -18.37
C31 PL9 VA . 31.42 41.69 -20.00
C32 PL9 VA . 32.23 42.85 -20.49
C33 PL9 VA . 31.64 43.90 -21.41
C34 PL9 VA . 32.41 44.97 -21.78
C35 PL9 VA . 33.83 45.10 -21.35
C36 PL9 VA . 31.89 46.06 -22.68
C37 PL9 VA . 32.59 45.87 -24.01
C38 PL9 VA . 32.24 46.89 -25.07
C39 PL9 VA . 32.30 46.60 -26.40
C40 PL9 VA . 32.69 45.23 -26.87
C41 PL9 VA . 31.97 47.66 -27.45
C42 PL9 VA . 30.92 47.18 -28.49
C43 PL9 VA . 29.55 47.24 -27.88
C44 PL9 VA . 28.40 47.23 -28.61
C45 PL9 VA . 28.38 47.17 -30.10
C46 PL9 VA . 27.09 47.32 -27.87
C47 PL9 VA . 26.81 48.79 -27.65
C48 PL9 VA . 25.42 49.00 -27.18
C49 PL9 VA . 25.11 49.99 -26.30
C50 PL9 VA . 23.65 50.08 -25.91
C51 PL9 VA . 26.07 50.95 -25.67
C52 PL9 VA . 36.79 21.16 -27.72
C53 PL9 VA . 38.28 23.59 -28.63
O1 PL9 VA . 36.28 21.21 -24.88
O2 PL9 VA . 38.86 25.57 -26.28
C1 LMG WA . 46.89 -3.90 19.15
O1 LMG WA . 47.67 -3.86 17.96
C2 LMG WA . 46.25 -5.27 19.44
O2 LMG WA . 45.34 -5.64 18.40
C3 LMG WA . 45.46 -5.20 20.72
O3 LMG WA . 44.95 -6.50 20.97
C4 LMG WA . 46.19 -4.52 21.93
O4 LMG WA . 46.80 -5.46 22.81
C5 LMG WA . 47.11 -3.38 21.44
O5 LMG WA . 48.55 -1.56 21.94
C6 LMG WA . 48.12 -2.85 22.44
O6 LMG WA . 47.79 -3.68 20.20
C7 LMG WA . 47.52 -2.63 17.26
C8 LMG WA . 48.56 -2.48 16.18
C9 LMG WA . 49.75 -3.47 16.26
O7 LMG WA . 47.90 -2.68 14.94
C10 LMG WA . 47.88 -1.57 13.99
O9 LMG WA . 48.81 -0.76 13.82
C11 LMG WA . 46.63 -1.50 13.14
C12 LMG WA . 46.84 -0.96 11.73
C13 LMG WA . 45.49 -0.76 11.09
C14 LMG WA . 45.61 -0.04 9.74
C15 LMG WA . 45.31 1.44 9.88
C16 LMG WA . 44.15 1.95 9.03
C17 LMG WA . 44.48 3.15 8.20
C18 LMG WA . 45.27 2.66 7.03
C19 LMG WA . 45.42 3.72 5.95
C20 LMG WA . 46.82 3.66 5.34
C21 LMG WA . 47.75 4.63 6.07
C22 LMG WA . 49.11 4.72 5.40
C23 LMG WA . 49.00 4.85 3.87
C24 LMG WA . 50.17 5.59 3.24
C25 LMG WA . 49.77 7.00 2.84
O8 LMG WA . 50.92 -2.93 16.93
C28 LMG WA . 52.16 -3.68 16.82
O10 LMG WA . 52.45 -4.52 17.67
C29 LMG WA . 53.10 -3.37 15.66
C30 LMG WA . 52.91 -1.92 15.23
C31 LMG WA . 54.06 -1.42 14.36
C32 LMG WA . 54.15 0.10 14.45
C33 LMG WA . 54.38 0.78 13.10
C34 LMG WA . 53.82 2.18 13.06
C35 LMG WA . 54.48 2.88 11.91
C36 LMG WA . 53.73 4.15 11.53
C37 LMG WA . 54.46 4.79 10.35
C38 LMG WA . 53.80 6.03 9.76
C39 LMG WA . 53.64 5.87 8.25
C40 LMG WA . 53.22 7.12 7.52
C41 LMG WA . 53.13 6.78 6.04
C42 LMG WA . 52.20 7.74 5.28
C43 LMG WA . 52.64 8.03 3.86
C11 UNL XA . 31.77 -14.69 2.93
C10 UNL XA . 30.92 -13.86 3.89
C9 UNL XA . 29.68 -13.38 3.12
C8 UNL XA . 28.62 -12.68 3.98
C7 UNL XA . 27.59 -11.89 3.11
C6 UNL XA . 26.17 -11.80 3.70
C5 UNL XA . 25.51 -10.40 3.74
C4 UNL XA . 25.89 -9.45 2.61
C14 UNL YA . 41.96 -22.93 -3.20
C13 UNL YA . 42.41 -22.34 -4.54
C12 UNL YA . 42.31 -23.35 -5.69
C11 UNL YA . 42.50 -22.78 -7.11
C10 UNL YA . 43.08 -23.83 -8.08
C9 UNL YA . 42.74 -23.58 -9.56
C8 UNL YA . 43.82 -24.08 -10.52
C4 UNL ZA . 46.09 -20.25 -12.60
C5 UNL ZA . 46.32 -20.05 -11.08
C6 UNL ZA . 44.97 -19.78 -10.33
C35 UNL ZA . 36.94 -15.97 3.39
C37 UNL ZA . 36.03 -15.49 5.72
C38 UNL ZA . 34.84 -14.96 6.48
O9 UNL ZA . 48.56 -20.52 -8.93
C7 UNL ZA . 47.55 -21.16 -9.17
C8 UNL ZA . 46.83 -21.92 -8.05
C9 UNL ZA . 47.74 -22.28 -6.85
C10 UNL ZA . 46.99 -23.00 -5.71
O7 UNL ZA . 47.08 -21.18 -10.58
O6 UNL ZA . 47.30 -20.40 -13.36
O8 UNL ZA . 45.10 -18.84 -9.22
C23 UNL ZA . 44.10 -18.54 -8.17
O10 UNL ZA . 42.95 -18.77 -8.40
C24 UNL ZA . 44.45 -17.91 -6.84
C25 UNL ZA . 43.59 -18.37 -5.66
C26 UNL ZA . 42.38 -17.47 -5.45
C27 UNL ZA . 41.44 -18.05 -4.39
C28 UNL ZA . 40.05 -17.39 -4.34
C29 UNL ZA . 39.15 -18.11 -3.32
C30 UNL ZA . 38.77 -17.26 -2.10
C31 UNL ZA . 38.72 -18.06 -0.78
C32 UNL ZA . 37.54 -17.72 0.14
C33 UNL ZA . 37.86 -16.58 1.10
C34 UNL ZA . 36.62 -16.20 1.92
C36 UNL ZA . 35.73 -15.53 4.23
C1B LMT AB . 13.98 -1.12 18.36
C2B LMT AB . 14.80 0.03 19.00
C3B LMT AB . 14.67 1.38 18.21
C4B LMT AB . 13.78 1.11 16.92
C5B LMT AB . 12.47 0.28 17.07
C6B LMT AB . 11.97 -0.21 15.69
O1B LMT AB . 13.93 -2.32 19.15
O2B LMT AB . 14.49 0.16 20.41
O3B LMT AB . 15.90 2.29 18.02
O4' LMT AB . 13.32 2.28 16.25
O5B LMT AB . 12.61 -0.81 18.02
O6B LMT AB . 11.48 0.85 14.87
C1' LMT AB . 15.55 -5.33 16.67
C2' LMT AB . 14.11 -4.93 16.37
C3' LMT AB . 14.01 -3.52 16.93
C4' LMT AB . 14.04 -3.58 18.47
C5' LMT AB . 15.28 -4.33 19.04
C6' LMT AB . 15.01 -4.84 20.51
O1' LMT AB . 15.79 -6.59 16.08
O2' LMT AB . 13.69 -5.13 14.98
O3' LMT AB . 12.78 -2.95 16.49
O5' LMT AB . 15.69 -5.42 18.13
O6' LMT AB . 15.99 -4.56 21.55
C1 LMT AB . 16.32 -6.69 14.75
C2 LMT AB . 17.04 -8.04 14.67
C3 LMT AB . 16.54 -8.99 13.58
C4 LMT AB . 17.71 -9.70 12.95
C5 LMT AB . 17.41 -10.18 11.56
C6 LMT AB . 17.35 -9.06 10.52
C7 LMT AB . 18.73 -8.61 10.05
C8 LMT AB . 18.91 -8.47 8.53
C9 LMT AB . 20.39 -8.22 8.24
C10 LMT AB . 20.83 -8.69 6.87
C11 LMT AB . 22.33 -9.00 6.86
C12 LMT AB . 22.71 -10.04 5.80
S DMS BB . 24.00 -10.08 19.05
O DMS BB . 22.49 -9.08 18.96
C1 DMS BB . 24.39 -10.64 17.39
C2 DMS BB . 25.51 -9.15 19.30
S DMS CB . 19.19 2.91 22.90
O DMS CB . 20.68 2.39 23.59
C1 DMS CB . 17.95 2.05 23.92
C2 DMS CB . 18.84 4.55 23.57
S DMS DB . 22.28 44.33 13.14
O DMS DB . 20.96 45.27 12.38
C1 DMS DB . 23.55 44.16 11.85
C2 DMS DB . 23.13 45.16 14.52
S DMS EB . 38.72 -7.31 27.35
O DMS EB . 39.60 -5.72 27.08
C1 DMS EB . 39.98 -8.61 27.57
C2 DMS EB . 37.82 -7.33 28.94
C4 UNL FB . 51.31 23.65 -23.00
C5 UNL FB . 50.76 23.79 -21.54
C6 UNL FB . 49.21 23.60 -21.46
C11 UNL FB . 52.68 25.72 -14.91
C12 UNL FB . 53.26 27.05 -14.43
C13 UNL FB . 53.04 27.26 -12.93
C14 UNL FB . 52.97 28.72 -12.51
C15 UNL FB . 53.52 28.96 -11.09
O9 UNL FB . 51.34 22.19 -18.35
C7 UNL FB . 51.41 23.14 -19.10
C8 UNL FB . 51.60 24.47 -18.41
C9 UNL FB . 52.00 24.31 -16.94
C10 UNL FB . 52.74 25.55 -16.43
C16 UNL FB . 53.43 30.43 -10.64
C17 UNL FB . 54.30 30.77 -9.41
C18 UNL FB . 54.37 32.28 -9.14
C19 UNL FB . 55.76 32.96 -9.20
C20 UNL FB . 55.85 34.18 -10.14
C21 UNL FB . 56.48 35.44 -9.52
C22 UNL FB . 55.47 36.42 -8.95
O7 UNL FB . 51.38 22.89 -20.58
O6 UNL FB . 52.73 23.96 -23.29
O8 UNL FB . 48.67 23.69 -20.12
C23 UNL FB . 47.62 24.64 -19.64
O10 UNL FB . 46.69 24.87 -20.37
C24 UNL FB . 47.62 25.39 -18.29
C25 UNL FB . 47.30 24.55 -17.04
C26 UNL FB . 46.81 25.37 -15.82
C27 UNL FB . 46.92 24.65 -14.45
C28 UNL FB . 45.61 24.49 -13.65
C29 UNL FB . 45.29 25.59 -12.62
C30 UNL FB . 44.68 25.10 -11.28
C31 UNL FB . 43.90 26.16 -10.43
C32 UNL FB . 43.18 25.53 -9.21
C33 UNL FB . 41.94 26.22 -8.68
C34 UNL FB . 40.82 25.22 -8.35
C4 UNL GB . 37.15 -15.22 -14.76
C5 UNL GB . 36.99 -13.84 -14.09
C6 UNL GB . 35.54 -13.53 -13.68
C11 UNL GB . 38.05 -10.50 -8.77
C12 UNL GB . 37.14 -10.85 -7.57
C13 UNL GB . 36.26 -9.67 -7.14
C35 UNL GB . 34.25 -13.10 -2.93
C37 UNL GB . 35.06 -13.30 -5.37
C38 UNL GB . 36.58 -13.23 -5.23
C14 UNL GB . 37.01 -8.72 -6.21
C15 UNL GB . 36.48 -7.29 -6.14
O9 UNL GB . 38.37 -11.47 -13.02
C7 UNL GB . 38.57 -12.57 -12.53
C8 UNL GB . 39.57 -12.73 -11.41
C9 UNL GB . 39.55 -11.57 -10.45
C10 UNL GB . 38.59 -11.80 -9.32
C16 UNL GB . 35.78 -6.93 -4.83
C17 UNL GB . 35.86 -5.44 -4.56
C18 UNL GB . 35.23 -4.97 -3.27
C19 UNL GB . 33.73 -5.20 -3.08
C20 UNL GB . 32.84 -4.59 -4.11
C21 UNL GB . 31.37 -4.73 -3.73
C22 UNL GB . 30.49 -3.87 -4.63
O7 UNL GB . 37.90 -13.80 -12.97
O6 UNL GB . 36.87 -15.08 -16.17
O8 UNL GB . 35.44 -13.04 -12.33
C23 UNL GB . 34.83 -13.82 -11.28
O10 UNL GB . 35.03 -15.01 -11.33
C24 UNL GB . 33.97 -13.20 -10.20
C25 UNL GB . 34.05 -13.93 -8.85
C26 UNL GB . 33.44 -15.35 -8.78
C27 UNL GB . 34.32 -16.44 -8.11
C28 UNL GB . 33.85 -16.88 -6.72
C29 UNL GB . 34.98 -17.52 -5.91
C30 UNL GB . 34.51 -18.24 -4.65
C31 UNL GB . 33.79 -17.35 -3.63
C32 UNL GB . 34.68 -16.32 -2.92
C33 UNL GB . 33.90 -15.43 -1.93
C34 UNL GB . 33.26 -14.22 -2.64
C36 UNL GB . 34.20 -12.54 -4.36
CA CA HB . -3.92 10.49 16.24
MG CLA IB . -7.52 52.18 -22.04
CHA CLA IB . -9.86 54.95 -22.10
CHB CLA IB . -9.36 51.08 -24.92
CHC CLA IB . -5.05 50.26 -22.72
CHD CLA IB . -5.58 54.07 -19.65
NA CLA IB . -9.30 52.86 -23.36
C1A CLA IB . -10.06 53.88 -23.09
C2A CLA IB . -11.23 54.04 -24.04
C3A CLA IB . -11.19 52.70 -24.73
C4A CLA IB . -9.86 52.16 -24.34
CMA CLA IB . -12.29 51.82 -24.18
CAA CLA IB . -11.03 55.23 -25.02
CBA CLA IB . -9.76 55.24 -25.89
CGA CLA IB . -9.34 56.59 -26.55
O1A CLA IB . -8.43 56.58 -27.38
O2A CLA IB . -9.97 57.89 -26.22
NB CLA IB . -7.30 50.97 -23.59
C1B CLA IB . -8.07 50.49 -24.59
C2B CLA IB . -7.53 49.29 -25.25
C3B CLA IB . -6.22 49.08 -24.65
C4B CLA IB . -6.19 50.15 -23.59
CMB CLA IB . -8.14 48.49 -26.38
CAB CLA IB . -5.35 47.89 -24.89
CBB CLA IB . -4.57 47.31 -24.02
NC CLA IB . -5.65 52.18 -21.30
C1C CLA IB . -4.78 51.25 -21.67
C2C CLA IB . -3.52 51.21 -20.89
C3C CLA IB . -3.68 52.36 -20.01
C4C CLA IB . -5.05 52.88 -20.33
CMC CLA IB . -2.37 50.27 -21.02
CAC CLA IB . -2.71 52.84 -18.96
CBC CLA IB . -3.16 52.32 -17.60
ND CLA IB . -7.53 54.06 -21.06
C1D CLA IB . -6.84 54.65 -20.09
C2D CLA IB . -7.44 55.92 -19.62
C3D CLA IB . -8.63 56.00 -20.43
C4D CLA IB . -8.64 54.88 -21.27
CMD CLA IB . -6.96 56.89 -18.60
CAD CLA IB . -9.82 56.84 -20.70
OBD CLA IB . -10.09 57.92 -20.07
CBD CLA IB . -10.62 56.19 -21.75
CGD CLA IB . -11.90 55.81 -21.15
O1D CLA IB . -12.91 55.76 -21.77
O2D CLA IB . -12.03 55.74 -19.72
CED CLA IB . -13.15 55.09 -19.12
C1 CLA IB . -9.23 59.11 -25.91
C2 CLA IB . -9.65 59.83 -24.61
C3 CLA IB . -8.83 60.14 -23.54
C4 CLA IB . -9.41 60.86 -22.35
C5 CLA IB . -7.33 59.82 -23.44
C6 CLA IB . -6.97 58.42 -22.90
C7 CLA IB . -6.59 57.41 -24.00
C8 CLA IB . -5.90 56.10 -23.55
C9 CLA IB . -4.43 56.35 -23.27
C10 CLA IB . -6.13 54.92 -24.51
C11 CLA IB . -4.92 54.13 -25.05
C12 CLA IB . -5.30 52.76 -25.66
C13 CLA IB . -4.82 52.49 -27.09
C14 CLA IB . -5.81 53.11 -28.09
C15 CLA IB . -4.60 50.97 -27.36
C16 CLA IB . -3.93 50.61 -28.71
C17 CLA IB . -3.58 49.12 -28.88
C18 CLA IB . -4.14 48.43 -30.12
C19 CLA IB . -5.67 48.49 -30.08
C20 CLA IB . -3.66 46.99 -30.27
MG CLA JB . -5.40 42.34 -21.17
CHA CLA JB . -3.22 40.83 -18.79
CHB CLA JB . -6.86 43.99 -18.46
CHC CLA JB . -6.76 44.52 -23.42
CHD CLA JB . -3.23 41.16 -23.80
NA CLA JB . -5.10 42.33 -18.95
C1A CLA JB . -4.33 41.63 -18.25
C2A CLA JB . -4.61 41.76 -16.75
C3A CLA JB . -5.96 42.46 -16.75
C4A CLA JB . -5.99 43.00 -18.13
CMA CLA JB . -7.11 41.52 -16.59
CAA CLA JB . -3.55 42.64 -16.15
CBA CLA JB . -3.48 42.57 -14.67
CGA CLA JB . -2.55 41.41 -14.27
O1A CLA JB . -2.95 40.58 -13.52
O2A CLA JB . -1.27 41.31 -14.84
NB CLA JB . -6.62 44.00 -20.92
C1B CLA JB . -7.17 44.47 -19.83
C2B CLA JB . -8.11 45.61 -20.14
C3B CLA JB . -8.06 45.73 -21.61
C4B CLA JB . -7.06 44.69 -21.99
CMB CLA JB . -8.91 46.35 -19.12
CAB CLA JB . -8.67 46.69 -22.63
CBB CLA JB . -9.23 47.81 -22.26
NC CLA JB . -5.02 42.81 -23.26
C1C CLA JB . -5.78 43.63 -24.03
C2C CLA JB . -5.47 43.62 -25.46
C3C CLA JB . -4.43 42.60 -25.52
C4C CLA JB . -4.24 42.19 -24.12
CMC CLA JB . -6.06 44.35 -26.61
CAC CLA JB . -3.73 42.14 -26.73
CBC CLA JB . -4.36 40.87 -27.26
ND CLA JB . -3.66 41.30 -21.38
C1D CLA JB . -2.95 40.82 -22.38
C2D CLA JB . -1.77 40.06 -21.95
C3D CLA JB . -1.90 40.08 -20.51
C4D CLA JB . -3.05 40.81 -20.23
CMD CLA JB . -0.79 39.41 -22.83
CAD CLA JB . -1.31 39.56 -19.27
OBD CLA JB . -0.28 38.85 -19.18
CBD CLA JB . -2.17 40.01 -18.19
CGD CLA JB . -2.79 38.80 -17.53
O1D CLA JB . -3.37 37.89 -18.06
O2D CLA JB . -2.81 38.78 -16.13
CED CLA JB . -3.57 37.76 -15.50
C1 CLA JB . -0.38 40.20 -14.48
C2 CLA JB . 0.56 40.06 -15.61
C3 CLA JB . 1.59 40.85 -15.76
C4 CLA JB . 1.96 41.86 -14.76
C5 CLA JB . 2.47 40.64 -16.94
C6 CLA JB . 3.85 40.18 -16.51
C7 CLA JB . 4.83 40.37 -17.59
C8 CLA JB . 6.09 39.55 -17.32
C9 CLA JB . 6.91 40.08 -16.16
C10 CLA JB . 6.90 39.54 -18.61
C11 CLA JB . 8.15 38.62 -18.52
C12 CLA JB . 7.79 37.13 -18.58
C13 CLA JB . 9.09 36.36 -18.32
C14 CLA JB . 9.02 35.05 -19.02
C15 CLA JB . 9.26 36.12 -16.80
C16 CLA JB . 10.57 35.44 -16.58
C17 CLA JB . 11.27 35.81 -15.27
C18 CLA JB . 10.55 35.41 -14.01
C19 CLA JB . 11.34 35.84 -12.81
C20 CLA JB . 10.36 33.91 -13.95
MG CLA KB . -8.57 34.40 -20.62
CHA CLA KB . -9.23 33.30 -17.30
CHB CLA KB . -5.94 36.12 -19.34
CHC CLA KB . -7.35 34.66 -23.78
CHD CLA KB . -10.88 31.90 -21.76
NA CLA KB . -7.67 34.64 -18.67
C1A CLA KB . -8.14 34.24 -17.54
C2A CLA KB . -7.29 34.63 -16.35
C3A CLA KB . -6.55 35.81 -16.95
C4A CLA KB . -6.71 35.52 -18.43
CMA CLA KB . -7.25 37.18 -16.58
CAA CLA KB . -6.41 33.41 -16.02
CBA CLA KB . -5.44 32.94 -17.10
CGA CLA KB . -4.16 33.71 -17.28
O1A CLA KB . -3.59 34.39 -16.42
O2A CLA KB . -3.54 33.62 -18.53
NB CLA KB . -6.96 35.21 -21.37
C1B CLA KB . -5.97 35.92 -20.79
C2B CLA KB . -4.97 36.52 -21.73
C3B CLA KB . -5.43 36.07 -23.00
C4B CLA KB . -6.65 35.26 -22.68
CMB CLA KB . -3.75 37.35 -21.38
CAB CLA KB . -4.91 36.27 -24.37
CBB CLA KB . -4.03 37.24 -24.63
NC CLA KB . -8.98 33.54 -22.43
C1C CLA KB . -8.44 33.74 -23.62
C2C CLA KB . -8.92 32.90 -24.74
C3C CLA KB . -10.04 32.17 -24.12
C4C CLA KB . -9.94 32.58 -22.70
CMC CLA KB . -8.54 32.93 -26.21
CAC CLA KB . -10.94 31.11 -24.75
CBC CLA KB . -10.16 29.77 -24.67
ND CLA KB . -9.76 32.96 -19.86
C1D CLA KB . -10.65 32.03 -20.35
C2D CLA KB . -11.41 31.27 -19.34
C3D CLA KB . -10.77 31.76 -18.10
C4D CLA KB . -9.84 32.76 -18.49
CMD CLA KB . -12.42 30.20 -19.59
CAD CLA KB . -10.74 31.60 -16.63
OBD CLA KB . -11.49 30.84 -15.92
CBD CLA KB . -9.82 32.61 -16.12
CGD CLA KB . -10.50 33.65 -15.27
O1D CLA KB . -10.41 33.68 -14.03
O2D CLA KB . -11.75 34.11 -15.72
CED CLA KB . -12.51 34.72 -14.68
C1 CLA KB . -2.21 34.14 -18.76
C2 CLA KB . -2.05 34.35 -20.22
C3 CLA KB . -1.02 34.93 -20.85
C4 CLA KB . 0.12 35.53 -20.11
C5 CLA KB . -1.10 35.10 -22.39
C6 CLA KB . -0.33 34.12 -23.24
C7 CLA KB . -0.20 34.43 -24.76
C8 CLA KB . 0.48 35.75 -25.19
C9 CLA KB . -0.35 36.40 -26.26
C10 CLA KB . 1.85 35.48 -25.78
C11 CLA KB . 2.79 36.63 -25.69
C12 CLA KB . 4.18 36.10 -25.93
C13 CLA KB . 5.23 37.14 -26.21
C14 CLA KB . 6.40 36.45 -26.84
C15 CLA KB . 5.69 37.82 -24.97
C16 CLA KB . 6.82 38.81 -25.16
C17 CLA KB . 6.43 39.98 -26.09
C18 CLA KB . 7.50 41.07 -26.23
C19 CLA KB . 7.85 41.83 -24.94
C20 CLA KB . 7.06 42.06 -27.31
MG CLA LB . -1.87 23.98 -15.47
CHA CLA LB . -4.45 26.46 -15.65
CHB CLA LB . -4.14 21.89 -13.99
CHC CLA LB . 0.26 21.35 -16.19
CHD CLA LB . 0.04 26.08 -17.67
NA CLA LB . -3.93 24.15 -14.89
C1A CLA LB . -4.72 25.20 -14.98
C2A CLA LB . -6.04 25.04 -14.28
C3A CLA LB . -5.99 23.58 -13.87
C4A CLA LB . -4.59 23.16 -14.24
CMA CLA LB . -6.37 23.37 -12.42
CAA CLA LB . -7.25 25.20 -15.12
CBA CLA LB . -7.18 24.61 -16.51
CGA CLA LB . -8.51 24.67 -17.24
O1A CLA LB . -9.62 24.91 -16.72
O2A CLA LB . -8.46 24.37 -18.61
NB CLA LB . -1.94 21.95 -15.14
C1B CLA LB . -2.88 21.27 -14.48
C2B CLA LB . -2.51 19.87 -14.19
C3B CLA LB . -1.23 19.72 -14.87
C4B CLA LB . -0.96 21.11 -15.42
CMB CLA LB . -3.33 18.89 -13.45
CAB CLA LB . -0.27 18.63 -15.00
CBB CLA LB . -0.19 17.56 -14.21
NC CLA LB . -0.17 23.69 -16.73
C1C CLA LB . 0.59 22.60 -16.84
C2C CLA LB . 1.81 22.77 -17.66
C3C CLA LB . 1.72 24.16 -18.08
C4C CLA LB . 0.50 24.64 -17.39
CMC CLA LB . 2.85 21.78 -17.98
CAC CLA LB . 2.71 24.93 -18.94
CBC CLA LB . 4.08 25.09 -18.32
ND CLA LB . -2.03 25.74 -16.53
C1D CLA LB . -1.22 26.53 -17.24
C2D CLA LB . -1.76 27.87 -17.54
C3D CLA LB . -3.05 27.79 -16.93
C4D CLA LB . -3.14 26.54 -16.31
CMD CLA LB . -1.12 28.91 -18.36
CAD CLA LB . -4.28 28.54 -16.74
OBD CLA LB . -4.48 29.71 -17.20
CBD CLA LB . -5.24 27.65 -16.04
CGD CLA LB . -5.71 28.51 -14.91
O1D CLA LB . -6.86 28.99 -14.84
O2D CLA LB . -4.77 28.77 -13.88
CED CLA LB . -4.92 29.92 -13.09
C1 CLA LB . -9.67 24.50 -19.31
C2 CLA LB . -9.62 24.07 -20.75
C3 CLA LB . -9.04 24.77 -21.73
C4 CLA LB . -8.32 26.05 -21.52
C5 CLA LB . -9.14 24.27 -23.15
C6 CLA LB . -10.31 25.10 -23.71
C7 CLA LB . -10.48 24.68 -25.14
C8 CLA LB . -11.67 25.29 -25.84
C9 CLA LB . -12.96 24.91 -25.15
C10 CLA LB . -11.63 24.75 -27.24
C11 CLA LB . -12.25 25.68 -28.25
C12 CLA LB . -12.18 25.11 -29.66
C13 CLA LB . -13.13 25.79 -30.65
C14 CLA LB . -13.01 25.26 -32.08
C15 CLA LB . -12.93 27.30 -30.70
C16 CLA LB . -13.97 28.04 -31.57
C17 CLA LB . -15.39 28.03 -30.99
C18 CLA LB . -16.32 28.97 -31.79
C19 CLA LB . -16.22 30.38 -31.25
C20 CLA LB . -17.76 28.47 -31.74
MG CLA MB . -12.87 21.84 -19.27
CHA CLA MB . -11.87 22.86 -15.98
CHB CLA MB . -15.40 24.25 -18.94
CHC CLA MB . -13.40 21.62 -22.64
CHD CLA MB . -9.85 20.27 -19.69
NA CLA MB . -13.54 23.33 -17.67
C1A CLA MB . -13.09 23.45 -16.49
C2A CLA MB . -13.78 24.48 -15.63
C3A CLA MB . -15.03 24.71 -16.49
C4A CLA MB . -14.63 24.09 -17.81
CMA CLA MB . -16.21 23.97 -15.97
CAA CLA MB . -12.95 25.75 -15.42
CBA CLA MB . -12.35 26.29 -16.73
CGA CLA MB . -11.18 27.20 -16.54
O1A CLA MB . -10.75 27.68 -15.51
O2A CLA MB . -10.57 27.59 -17.72
NB CLA MB . -14.19 22.85 -20.57
C1B CLA MB . -15.21 23.68 -20.28
C2B CLA MB . -16.06 24.04 -21.47
C3B CLA MB . -15.43 23.23 -22.54
C4B CLA MB . -14.28 22.52 -21.86
CMB CLA MB . -17.22 25.02 -21.45
CAB CLA MB . -15.68 22.99 -24.00
CBB CLA MB . -16.79 23.34 -24.54
NC CLA MB . -11.87 21.10 -20.90
C1C CLA MB . -12.20 21.01 -22.18
C2C CLA MB . -11.26 20.25 -23.06
C3C CLA MB . -10.20 19.90 -22.15
C4C CLA MB . -10.70 20.42 -20.85
CMC CLA MB . -11.28 19.99 -24.53
CAC CLA MB . -8.98 19.10 -22.52
CBC CLA MB . -7.76 19.94 -22.84
ND CLA MB . -11.26 21.59 -18.21
C1D CLA MB . -10.17 20.87 -18.40
C2D CLA MB . -9.22 20.83 -17.29
C3D CLA MB . -9.92 21.58 -16.30
C4D CLA MB . -11.14 21.99 -16.91
CMD CLA MB . -7.89 20.09 -17.26
CAD CLA MB . -9.91 22.02 -14.89
OBD CLA MB . -9.00 21.81 -14.10
CBD CLA MB . -11.16 22.85 -14.68
CGD CLA MB . -12.06 22.10 -13.81
O1D CLA MB . -12.70 22.57 -12.88
O2D CLA MB . -11.98 20.70 -13.98
CED CLA MB . -12.95 19.88 -13.36
C1 CLA MB . -9.42 28.41 -17.65
C2 CLA MB . -8.98 28.59 -19.10
C3 CLA MB . -8.01 29.43 -19.51
C4 CLA MB . -7.36 30.36 -18.54
C5 CLA MB . -7.67 29.55 -20.99
C6 CLA MB . -6.48 30.44 -21.24
C7 CLA MB . -6.25 30.62 -22.73
C8 CLA MB . -4.81 30.97 -23.12
C9 CLA MB . -4.28 32.08 -22.27
C10 CLA MB . -4.82 31.36 -24.59
C11 CLA MB . -3.45 31.45 -25.23
C12 CLA MB . -3.55 31.24 -26.76
C13 CLA MB . -4.51 32.24 -27.46
C14 CLA MB . -4.65 31.75 -28.87
C15 CLA MB . -3.94 33.67 -27.38
C16 CLA MB . -4.41 34.76 -28.36
C17 CLA MB . -5.87 35.08 -28.10
C18 CLA MB . -6.41 36.38 -28.62
C19 CLA MB . -5.56 37.66 -28.53
C20 CLA MB . -7.81 36.58 -27.97
MG CLA NB . -19.76 29.78 -20.17
CHA CLA NB . -22.17 27.91 -18.15
CHB CLA NB . -17.44 27.77 -18.76
CHC CLA NB . -17.57 30.55 -22.81
CHD CLA NB . -22.40 31.15 -21.92
NA CLA NB . -19.82 28.06 -18.64
C1A CLA NB . -20.75 27.60 -17.93
C2A CLA NB . -20.31 26.49 -16.96
C3A CLA NB . -18.84 26.55 -17.13
C4A CLA NB . -18.68 27.55 -18.26
CMA CLA NB . -18.26 27.10 -15.90
CAA CLA NB . -20.87 25.15 -17.30
CBA CLA NB . -20.59 24.62 -18.70
CGA CLA NB . -19.54 23.54 -18.74
O1A CLA NB . -18.92 23.12 -17.80
O2A CLA NB . -19.29 22.95 -20.00
NB CLA NB . -17.79 29.20 -20.72
C1B CLA NB . -16.99 28.48 -19.97
C2B CLA NB . -15.65 28.35 -20.53
C3B CLA NB . -15.68 29.21 -21.72
C4B CLA NB . -17.08 29.69 -21.73
CMB CLA NB . -14.48 27.61 -20.02
CAB CLA NB . -14.74 29.51 -22.81
CBB CLA NB . -13.78 28.67 -23.13
NC CLA NB . -19.93 30.68 -22.00
C1C CLA NB . -18.99 30.96 -22.92
C2C CLA NB . -19.50 31.63 -24.13
C3C CLA NB . -20.90 31.79 -23.84
C4C CLA NB . -21.06 31.20 -22.47
CMC CLA NB . -18.68 31.98 -25.34
CAC CLA NB . -21.96 32.43 -24.71
CBC CLA NB . -22.56 31.35 -25.57
ND CLA NB . -21.79 29.64 -20.16
C1D CLA NB . -22.73 30.28 -20.85
C2D CLA NB . -24.08 29.97 -20.45
C3D CLA NB . -23.85 29.02 -19.38
C4D CLA NB . -22.47 28.90 -19.23
CMD CLA NB . -25.40 30.45 -20.97
CAD CLA NB . -24.53 28.18 -18.38
OBD CLA NB . -25.75 28.08 -18.21
CBD CLA NB . -23.46 27.47 -17.60
CGD CLA NB . -23.54 27.77 -16.14
O1D CLA NB . -24.01 28.79 -15.73
O2D CLA NB . -23.58 26.67 -15.23
CED CLA NB . -23.74 26.96 -13.86
C1 CLA NB . -18.52 21.75 -20.11
C2 CLA NB . -18.66 21.21 -21.52
C3 CLA NB . -17.93 20.20 -21.97
C4 CLA NB . -16.80 19.56 -21.16
C5 CLA NB . -18.17 19.75 -23.39
C6 CLA NB . -19.10 18.56 -23.43
C7 CLA NB . -19.35 18.17 -24.90
C8 CLA NB . -20.19 16.88 -25.13
C9 CLA NB . -20.77 16.75 -26.56
C10 CLA NB . -21.32 16.84 -24.15
C11 CLA NB . -22.53 15.91 -24.42
C12 CLA NB . -23.81 16.38 -23.71
C13 CLA NB . -23.56 16.58 -22.22
C14 CLA NB . -23.88 15.29 -21.43
C15 CLA NB . -24.19 17.94 -21.83
C16 CLA NB . -25.67 18.27 -22.06
C17 CLA NB . -25.88 19.78 -21.78
C18 CLA NB . -27.30 20.34 -21.81
C19 CLA NB . -27.36 21.88 -21.98
C20 CLA NB . -28.07 19.93 -20.56
MG CLA OB . -3.98 16.77 -7.16
CHA CLA OB . -4.73 15.98 -3.61
CHB CLA OB . -2.83 19.72 -5.97
CHC CLA OB . -2.38 17.06 -10.08
CHD CLA OB . -4.60 13.32 -7.84
NA CLA OB . -3.92 17.73 -5.17
C1A CLA OB . -4.20 17.32 -3.95
C2A CLA OB . -3.81 18.26 -2.84
C3A CLA OB . -3.58 19.53 -3.60
C4A CLA OB . -3.42 18.97 -5.01
CMA CLA OB . -4.71 20.60 -3.57
CAA CLA OB . -2.50 17.82 -2.08
CBA CLA OB . -1.31 17.73 -2.99
CGA CLA OB . -0.11 16.98 -2.42
O1A CLA OB . -0.07 16.49 -1.29
O2A CLA OB . 1.02 16.92 -3.26
NB CLA OB . -2.85 18.13 -7.84
C1B CLA OB . -2.48 19.32 -7.35
C2B CLA OB . -1.70 20.18 -8.27
C3B CLA OB . -1.57 19.38 -9.45
C4B CLA OB . -2.35 18.13 -9.10
CMB CLA OB . -1.21 21.54 -8.02
CAB CLA OB . -0.94 19.56 -10.80
CBB CLA OB . -0.44 20.66 -11.20
NC CLA OB . -3.56 15.44 -8.71
C1C CLA OB . -2.90 15.71 -9.83
C2C CLA OB . -2.83 14.67 -10.81
C3C CLA OB . -3.50 13.61 -10.14
C4C CLA OB . -3.89 14.15 -8.84
CMC CLA OB . -2.19 14.72 -12.17
CAC CLA OB . -3.63 12.22 -10.66
CBC CLA OB . -2.33 11.49 -10.07
ND CLA OB . -4.50 15.06 -6.06
C1D CLA OB . -4.75 13.78 -6.47
C2D CLA OB . -5.24 12.89 -5.37
C3D CLA OB . -5.22 13.79 -4.26
C4D CLA OB . -4.79 15.05 -4.73
CMD CLA OB . -5.72 11.48 -5.48
CAD CLA OB . -5.51 13.86 -2.84
OBD CLA OB . -5.99 12.98 -2.11
CBD CLA OB . -5.08 15.21 -2.40
CGD CLA OB . -6.31 15.69 -1.69
O1D CLA OB . -6.16 16.48 -0.82
O2D CLA OB . -7.46 15.78 -2.49
CED CLA OB . -8.71 16.09 -1.89
C1 CLA OB . 2.24 16.20 -2.87
C2 CLA OB . 3.35 16.53 -3.85
C3 CLA OB . 4.55 15.90 -3.85
C4 CLA OB . 4.82 14.83 -2.83
C5 CLA OB . 5.68 16.28 -4.77
C6 CLA OB . 5.95 15.25 -5.84
C7 CLA OB . 7.35 15.50 -6.46
C8 CLA OB . 7.73 14.37 -7.36
C9 CLA OB . 7.82 12.97 -6.66
C10 CLA OB . 9.08 14.63 -7.99
C11 CLA OB . 9.70 13.45 -8.83
C12 CLA OB . 11.10 13.81 -9.38
C13 CLA OB . 11.64 12.97 -10.53
C14 CLA OB . 11.53 11.51 -10.17
C15 CLA OB . 13.06 13.38 -10.83
C16 CLA OB . 13.51 13.29 -12.27
C17 CLA OB . 15.04 13.42 -12.34
C18 CLA OB . 15.64 13.11 -13.68
C19 CLA OB . 17.14 13.04 -13.50
C20 CLA OB . 15.29 14.12 -14.75
MG CLA PB . 13.29 32.66 -27.04
CHA CLA PB . 12.75 32.18 -30.64
CHB CLA PB . 16.51 31.89 -27.67
CHC CLA PB . 13.90 33.63 -23.92
CHD CLA PB . 10.04 34.02 -26.85
NA CLA PB . 14.46 32.29 -28.88
C1A CLA PB . 14.10 32.05 -30.11
C2A CLA PB . 15.20 31.59 -30.97
C3A CLA PB . 16.25 31.16 -29.95
C4A CLA PB . 15.72 31.83 -28.74
CMA CLA PB . 16.17 29.66 -29.77
CAA CLA PB . 15.76 32.70 -31.88
CBA CLA PB . 16.20 33.96 -31.17
CGA CLA PB . 15.14 34.88 -30.69
O1A CLA PB . 14.00 35.02 -31.20
O2A CLA PB . 15.52 35.69 -29.57
NB CLA PB . 14.97 32.73 -26.03
C1B CLA PB . 16.18 32.36 -26.33
C2B CLA PB . 17.18 32.57 -25.25
C3B CLA PB . 16.37 33.03 -24.17
C4B CLA PB . 14.99 33.13 -24.75
CMB CLA PB . 18.64 32.33 -25.27
CAB CLA PB . 16.68 33.38 -22.77
CBB CLA PB . 17.76 32.92 -22.16
NC CLA PB . 12.22 33.65 -25.66
C1C CLA PB . 12.57 33.89 -24.38
C2C CLA PB . 11.54 34.56 -23.55
C3C CLA PB . 10.40 34.66 -24.45
C4C CLA PB . 10.91 34.06 -25.71
CMC CLA PB . 11.60 34.97 -22.10
CAC CLA PB . 9.08 35.26 -24.06
CBC CLA PB . 7.97 34.28 -23.79
ND CLA PB . 11.79 33.23 -28.41
C1D CLA PB . 10.51 33.49 -28.16
C2D CLA PB . 9.59 33.31 -29.29
C3D CLA PB . 10.54 32.84 -30.28
C4D CLA PB . 11.82 32.77 -29.68
CMD CLA PB . 8.08 33.65 -29.37
CAD CLA PB . 10.67 32.35 -31.66
OBD CLA PB . 9.75 32.22 -32.48
CBD CLA PB . 12.06 32.02 -31.93
CGD CLA PB . 12.00 30.65 -32.46
O1D CLA PB . 12.38 29.67 -31.80
O2D CLA PB . 12.53 30.61 -33.77
CED CLA PB . 12.54 29.34 -34.43
C1 CLA PB . 14.48 36.48 -29.02
C2 CLA PB . 15.06 37.57 -28.23
C3 CLA PB . 15.19 37.62 -26.91
C4 CLA PB . 14.80 36.48 -26.00
C5 CLA PB . 15.78 38.91 -26.36
C6 CLA PB . 14.66 39.79 -25.80
C7 CLA PB . 15.32 41.04 -25.23
C8 CLA PB . 14.29 41.94 -24.58
C9 CLA PB . 13.42 42.54 -25.67
C10 CLA PB . 14.90 43.03 -23.68
C11 CLA PB . 13.71 43.89 -23.05
C12 CLA PB . 14.13 44.86 -21.94
C13 CLA PB . 12.98 45.22 -21.01
C14 CLA PB . 11.86 45.97 -21.74
C15 CLA PB . 13.48 46.03 -19.84
C16 CLA PB . 12.53 46.18 -18.66
C17 CLA PB . 12.60 45.09 -17.59
C18 CLA PB . 11.51 45.30 -16.52
C19 CLA PB . 11.63 46.65 -15.85
C20 CLA PB . 11.65 44.23 -15.42
MG CLA QB . 0.93 38.71 -35.86
CHA CLA QB . 3.45 38.66 -38.22
CHB CLA QB . 2.25 35.87 -34.43
CHC CLA QB . -1.09 39.27 -33.02
CHD CLA QB . 0.16 42.03 -36.87
NA CLA QB . 2.52 37.44 -36.27
C1A CLA QB . 3.32 37.55 -37.26
C2A CLA QB . 4.20 36.36 -37.45
C3A CLA QB . 3.65 35.42 -36.38
C4A CLA QB . 2.74 36.29 -35.63
CMA CLA QB . 2.90 34.24 -36.98
CAA CLA QB . 5.71 36.62 -37.34
CBA CLA QB . 6.21 36.98 -35.96
CGA CLA QB . 7.64 37.38 -35.87
O1A CLA QB . 8.39 37.63 -36.82
O2A CLA QB . 8.05 37.47 -34.51
NB CLA QB . 0.63 37.70 -33.99
C1B CLA QB . 1.21 36.55 -33.59
C2B CLA QB . 0.75 36.08 -32.26
C3B CLA QB . -0.25 37.08 -31.89
C4B CLA QB . -0.24 38.08 -33.05
CMB CLA QB . 1.19 34.80 -31.53
CAB CLA QB . -1.12 37.29 -30.74
CBB CLA QB . -1.26 36.41 -29.81
NC CLA QB . -0.25 40.34 -35.09
C1C CLA QB . -1.03 40.38 -33.99
C2C CLA QB . -1.74 41.61 -33.77
C3C CLA QB . -1.37 42.38 -34.92
C4C CLA QB . -0.46 41.50 -35.68
CMC CLA QB . -2.67 42.01 -32.68
CAC CLA QB . -1.88 43.77 -35.25
CBC CLA QB . -3.00 43.51 -36.24
ND CLA QB . 1.64 40.14 -37.20
C1D CLA QB . 1.27 41.33 -37.57
C2D CLA QB . 1.97 41.85 -38.76
C3D CLA QB . 2.87 40.77 -39.05
C4D CLA QB . 2.59 39.79 -38.07
CMD CLA QB . 1.69 43.17 -39.38
CAD CLA QB . 3.92 40.23 -39.91
OBD CLA QB . 4.49 40.78 -40.89
CBD CLA QB . 4.15 38.83 -39.49
CGD CLA QB . 3.62 37.90 -40.48
O1D CLA QB . 4.21 36.92 -40.94
O2D CLA QB . 2.28 38.08 -40.79
CED CLA QB . 1.63 37.18 -41.69
C1 CLA QB . 9.34 37.96 -34.16
C2 CLA QB . 9.68 37.78 -32.73
C3 CLA QB . 10.52 36.80 -32.27
C4 CLA QB . 11.09 35.76 -33.14
C5 CLA QB . 10.90 36.62 -30.81
C6 CLA QB . 10.31 37.67 -29.85
C7 CLA QB . 10.91 37.50 -28.44
C8 CLA QB . 10.51 38.57 -27.40
C9 CLA QB . 10.94 40.00 -27.82
C10 CLA QB . 11.20 38.14 -26.10
C11 CLA QB . 11.09 39.12 -24.95
C12 CLA QB . 11.49 38.47 -23.62
C13 CLA QB . 11.66 39.46 -22.44
C14 CLA QB . 12.21 38.76 -21.21
C15 CLA QB . 10.37 40.21 -22.08
C16 CLA QB . 10.56 41.25 -20.98
C17 CLA QB . 9.28 42.05 -20.87
C18 CLA QB . 9.36 43.16 -19.83
C19 CLA QB . 9.54 42.57 -18.43
C20 CLA QB . 8.12 44.01 -20.00
MG CLA RB . 2.55 30.23 -32.92
CHA CLA RB . -0.55 28.99 -31.89
CHB CLA RB . 2.43 32.27 -30.00
CHC CLA RB . 5.03 32.34 -34.22
CHD CLA RB . 1.93 29.15 -36.33
NA CLA RB . 1.23 30.55 -31.13
C1A CLA RB . 0.17 29.84 -30.92
C2A CLA RB . -0.30 29.94 -29.47
C3A CLA RB . 0.44 31.22 -29.03
C4A CLA RB . 1.44 31.40 -30.13
CMA CLA RB . -0.47 32.44 -28.90
CAA CLA RB . 0.21 28.70 -28.71
CBA CLA RB . -0.45 28.54 -27.36
CGA CLA RB . -1.78 27.88 -27.57
O1A CLA RB . -2.16 27.35 -28.62
O2A CLA RB . -2.70 27.85 -26.52
NB CLA RB . 3.51 32.02 -32.23
C1B CLA RB . 3.44 32.61 -31.02
C2B CLA RB . 4.49 33.59 -30.82
C3B CLA RB . 5.24 33.63 -32.05
C4B CLA RB . 4.57 32.59 -32.87
CMB CLA RB . 4.76 34.47 -29.62
CAB CLA RB . 6.43 34.50 -32.27
CBB CLA RB . 7.45 34.34 -33.10
NC CLA RB . 3.29 30.75 -34.95
C1C CLA RB . 4.37 31.47 -35.22
C2C CLA RB . 4.91 31.30 -36.60
C3C CLA RB . 3.96 30.38 -37.23
C4C CLA RB . 3.00 30.09 -36.11
CMC CLA RB . 6.10 32.01 -37.19
CAC CLA RB . 3.92 29.93 -38.66
CBC CLA RB . 5.00 28.92 -38.88
ND CLA RB . 1.15 29.35 -33.98
C1D CLA RB . 0.99 28.85 -35.26
C2D CLA RB . -0.15 27.97 -35.41
C3D CLA RB . -0.75 28.02 -34.06
C4D CLA RB . 0.06 28.87 -33.25
CMD CLA RB . -0.60 27.22 -36.61
CAD CLA RB . -1.88 27.56 -33.25
OBD CLA RB . -2.79 26.75 -33.62
CBD CLA RB . -1.81 28.18 -31.90
CGD CLA RB . -3.05 28.96 -31.75
O1D CLA RB . -3.79 28.81 -30.81
O2D CLA RB . -2.99 30.30 -32.19
CED CLA RB . -4.24 31.00 -32.27
C1 CLA RB . -3.85 26.99 -26.65
C2 CLA RB . -5.01 27.81 -27.27
C3 CLA RB . -6.19 28.03 -26.66
C4 CLA RB . -6.51 27.50 -25.31
C5 CLA RB . -7.27 28.86 -27.35
C6 CLA RB . -8.39 27.99 -27.83
C7 CLA RB . -7.99 26.98 -28.90
C8 CLA RB . -7.50 27.54 -30.23
C9 CLA RB . -8.68 28.26 -30.95
C10 CLA RB . -7.06 26.37 -31.08
C11 CLA RB . -5.79 25.64 -30.53
C12 CLA RB . -4.93 25.12 -31.66
C13 CLA RB . -3.90 24.02 -31.39
C14 CLA RB . -3.08 24.42 -30.19
C15 CLA RB . -3.08 23.78 -32.69
C16 CLA RB . -2.46 22.39 -32.82
C17 CLA RB . -1.31 22.04 -33.82
C18 CLA RB . -0.87 23.21 -34.64
C19 CLA RB . 0.10 22.82 -35.73
C20 CLA RB . -0.12 24.16 -33.78
MG CLA SB . 10.06 18.24 -26.49
CHA CLA SB . 12.02 15.71 -28.11
CHB CLA SB . 7.48 17.07 -28.43
CHC CLA SB . 7.98 20.00 -24.48
CHD CLA SB . 12.56 18.46 -24.01
NA CLA SB . 9.75 16.59 -28.03
C1A CLA SB . 10.67 15.85 -28.60
C2A CLA SB . 10.19 15.00 -29.68
C3A CLA SB . 8.80 15.58 -29.87
C4A CLA SB . 8.63 16.46 -28.69
CMA CLA SB . 8.75 16.40 -31.14
CAA CLA SB . 10.13 13.50 -29.35
CBA CLA SB . 9.53 13.23 -27.98
CGA CLA SB . 9.44 11.70 -27.72
O1A CLA SB . 9.42 10.78 -28.55
O2A CLA SB . 9.40 11.40 -26.33
NB CLA SB . 8.13 18.40 -26.43
C1B CLA SB . 7.22 17.99 -27.35
C2B CLA SB . 5.87 18.63 -27.20
C3B CLA SB . 6.03 19.42 -26.00
C4B CLA SB . 7.48 19.24 -25.61
CMB CLA SB . 4.63 18.37 -27.98
CAB CLA SB . 5.06 20.36 -25.36
CBB CLA SB . 3.95 20.78 -26.04
NC CLA SB . 10.22 19.05 -24.64
C1C CLA SB . 9.30 19.81 -23.96
C2C CLA SB . 9.66 20.22 -22.64
C3C CLA SB . 11.02 19.75 -22.53
C4C CLA SB . 11.27 19.09 -23.81
CMC CLA SB . 8.85 20.98 -21.64
CAC CLA SB . 11.93 19.91 -21.35
CBC CLA SB . 11.34 19.01 -20.31
ND CLA SB . 11.75 17.35 -25.99
C1D CLA SB . 12.74 17.62 -25.14
C2D CLA SB . 14.00 16.92 -25.39
C3D CLA SB . 13.68 16.17 -26.56
C4D CLA SB . 12.36 16.46 -26.89
CMD CLA SB . 15.26 16.93 -24.55
CAD CLA SB . 14.21 15.18 -27.50
OBD CLA SB . 15.40 14.73 -27.49
CBD CLA SB . 13.15 14.83 -28.44
CGD CLA SB . 13.56 15.22 -29.86
O1D CLA SB . 13.90 16.33 -30.16
O2D CLA SB . 13.76 14.24 -30.85
CED CLA SB . 14.41 14.62 -32.07
C1 CLA SB . 9.30 10.05 -25.95
C2 CLA SB . 9.12 9.98 -24.46
C3 CLA SB . 8.98 8.86 -23.77
C4 CLA SB . 8.96 7.53 -24.41
C5 CLA SB . 8.80 8.86 -22.26
C6 CLA SB . 9.01 10.20 -21.57
C7 CLA SB . 8.63 10.05 -20.13
C8 CLA SB . 8.79 11.29 -19.33
C9 CLA SB . 10.27 11.60 -19.29
C10 CLA SB . 8.24 11.15 -17.92
C11 CLA SB . 6.73 10.89 -17.82
C12 CLA SB . 5.96 11.94 -18.57
C13 CLA SB . 4.54 12.19 -18.03
C14 CLA SB . 3.66 11.19 -18.74
C15 CLA SB . 4.26 13.64 -18.31
C16 CLA SB . 2.92 14.21 -18.04
C17 CLA SB . 2.80 15.64 -18.64
C18 CLA SB . 3.33 16.82 -17.88
C19 CLA SB . 2.54 17.03 -16.63
C20 CLA SB . 3.35 18.10 -18.71
MG CLA TB . 2.03 18.15 -30.21
CHA CLA TB . 1.04 21.37 -29.16
CHB CLA TB . 0.48 16.86 -27.47
CHC CLA TB . 3.82 15.11 -30.69
CHD CLA TB . 3.91 19.63 -32.74
NA CLA TB . 0.98 18.97 -28.52
C1A CLA TB . 0.64 20.20 -28.35
C2A CLA TB . -0.33 20.35 -27.22
C3A CLA TB . -0.33 19.01 -26.54
C4A CLA TB . 0.38 18.19 -27.58
CMA CLA TB . 0.47 18.98 -25.22
CAA CLA TB . -1.69 20.69 -27.80
CBA CLA TB . -2.10 19.75 -28.91
CGA CLA TB . -3.48 20.11 -29.44
O1A CLA TB . -3.71 20.53 -30.56
O2A CLA TB . -4.56 19.83 -28.65
NB CLA TB . 2.21 16.24 -29.18
C1B CLA TB . 1.39 15.91 -28.19
C2B CLA TB . 1.41 14.45 -27.96
C3B CLA TB . 2.42 13.92 -28.91
C4B CLA TB . 2.86 15.15 -29.63
CMB CLA TB . 0.67 13.72 -26.87
CAB CLA TB . 2.97 12.59 -29.23
CBB CLA TB . 2.45 11.49 -28.78
NC CLA TB . 3.57 17.47 -31.43
C1C CLA TB . 4.12 16.27 -31.56
C2C CLA TB . 5.12 16.22 -32.65
C3C CLA TB . 5.16 17.55 -33.18
C4C CLA TB . 4.14 18.23 -32.39
CMC CLA TB . 6.02 15.13 -33.09
CAC CLA TB . 6.01 17.93 -34.34
CBC CLA TB . 7.20 18.81 -33.93
ND CLA TB . 2.51 20.04 -30.87
C1D CLA TB . 3.10 20.51 -31.92
C2D CLA TB . 2.98 21.97 -32.09
C3D CLA TB . 2.12 22.33 -31.00
C4D CLA TB . 1.81 21.12 -30.35
CMD CLA TB . 3.57 22.80 -33.20
CAD CLA TB . 1.40 23.42 -30.33
OBD CLA TB . 1.50 24.63 -30.63
CBD CLA TB . 0.65 22.83 -29.19
CGD CLA TB . 1.03 23.54 -27.94
O1D CLA TB . 0.25 23.93 -27.14
O2D CLA TB . 2.44 23.58 -27.61
CED CLA TB . 2.85 24.19 -26.41
C1 CLA TB . -5.88 20.40 -28.88
C2 CLA TB . -5.76 21.76 -28.29
C3 CLA TB . -6.46 22.24 -27.29
C4 CLA TB . -7.55 21.46 -26.65
C5 CLA TB . -6.15 23.62 -26.77
C6 CLA TB . -5.50 23.58 -25.37
C7 CLA TB . -4.23 22.69 -25.35
C8 CLA TB . -3.56 22.53 -23.97
C9 CLA TB . -2.20 21.86 -24.05
C10 CLA TB . -4.46 21.78 -23.03
C11 CLA TB . -4.05 21.91 -21.59
C12 CLA TB . -4.90 22.89 -20.84
C13 CLA TB . -4.20 23.54 -19.65
C14 CLA TB . -4.39 22.65 -18.43
C15 CLA TB . -4.80 24.88 -19.30
C16 CLA TB . -4.46 26.05 -20.19
C17 CLA TB . -3.07 26.20 -20.71
C18 CLA TB . -2.87 27.42 -21.55
C19 CLA TB . -3.48 27.30 -22.93
C20 CLA TB . -1.40 27.63 -21.77
MG CLA UB . 0.15 16.77 -21.17
CHA CLA UB . 2.20 13.92 -22.48
CHB CLA UB . 2.38 18.76 -22.69
CHC CLA UB . -1.26 19.37 -19.52
CHD CLA UB . -1.51 14.39 -19.21
NA CLA UB . 1.98 16.36 -22.34
C1A CLA UB . 2.53 15.29 -22.81
C2A CLA UB . 3.73 15.53 -23.68
C3A CLA UB . 3.84 17.04 -23.60
C4A CLA UB . 2.64 17.45 -22.79
CMA CLA UB . 5.13 17.54 -22.94
CAA CLA UB . 3.53 14.95 -25.10
CBA CLA UB . 4.51 15.36 -26.22
CGA CLA UB . 5.76 14.59 -25.98
O1A CLA UB . 6.03 13.58 -26.61
O2A CLA UB . 6.63 15.01 -24.97
NB CLA UB . 0.55 18.74 -21.12
C1B CLA UB . 1.36 19.43 -21.90
C2B CLA UB . 1.15 20.87 -21.80
C3B CLA UB . 0.12 21.04 -20.80
C4B CLA UB . -0.24 19.66 -20.49
CMB CLA UB . 1.88 21.94 -22.50
CAB CLA UB . -0.63 22.24 -20.28
CBB CLA UB . -0.35 23.43 -20.68
NC CLA UB . -1.08 16.88 -19.66
C1C CLA UB . -1.64 17.99 -19.11
C2C CLA UB . -2.64 17.72 -18.09
C3C CLA UB . -2.75 16.28 -18.06
C4C CLA UB . -1.75 15.83 -19.05
CMC CLA UB . -3.49 18.75 -17.38
CAC CLA UB . -3.63 15.46 -17.13
CBC CLA UB . -2.77 15.03 -15.92
ND CLA UB . 0.33 14.65 -20.82
C1D CLA UB . -0.49 13.83 -20.10
C2D CLA UB . -0.17 12.40 -20.18
C3D CLA UB . 0.89 12.42 -21.19
C4D CLA UB . 1.14 13.79 -21.51
CMD CLA UB . -0.82 11.24 -19.53
CAD CLA UB . 1.87 11.63 -21.91
OBD CLA UB . 1.94 10.37 -21.84
CBD CLA UB . 2.60 12.55 -22.86
CGD CLA UB . 4.03 12.31 -22.69
O1D CLA UB . 4.76 12.97 -21.90
O2D CLA UB . 4.49 11.24 -23.49
CED CLA UB . 5.87 10.78 -23.35
C1 CLA UB . 7.75 14.14 -24.59
C2 CLA UB . 8.05 14.21 -23.10
C3 CLA UB . 8.69 15.23 -22.56
C4 CLA UB . 9.22 16.39 -23.30
C5 CLA UB . 8.89 15.26 -21.08
C6 CLA UB . 7.83 16.15 -20.34
C7 CLA UB . 8.25 16.22 -18.86
C8 CLA UB . 7.37 17.05 -17.91
C9 CLA UB . 7.41 18.53 -18.30
C10 CLA UB . 7.82 16.85 -16.46
C11 CLA UB . 8.21 15.40 -16.07
C12 CLA UB . 8.02 15.08 -14.60
C13 CLA UB . 8.79 13.85 -14.02
C14 CLA UB . 10.20 13.59 -14.57
C15 CLA UB . 8.00 12.56 -14.16
C16 CLA UB . 7.80 11.87 -12.82
C17 CLA UB . 6.33 11.61 -12.54
C18 CLA UB . 6.14 10.26 -11.88
C19 CLA UB . 4.68 9.83 -12.06
C20 CLA UB . 6.64 10.25 -10.44
MG CLA VB . 3.94 7.10 -27.24
CHA CLA VB . 4.84 5.00 -30.07
CHB CLA VB . 1.28 8.17 -29.13
CHC CLA VB . 2.57 8.46 -24.46
CHD CLA VB . 6.28 5.44 -25.32
NA CLA VB . 3.20 6.68 -29.30
C1A CLA VB . 3.68 5.88 -30.20
C2A CLA VB . 2.79 5.75 -31.44
C3A CLA VB . 1.94 7.03 -31.24
C4A CLA VB . 2.14 7.35 -29.77
CMA CLA VB . 2.48 8.19 -32.04
CAA CLA VB . 2.01 4.43 -31.52
CBA CLA VB . 1.28 4.05 -30.18
CGA CLA VB . 2.22 3.26 -29.19
O1A CLA VB . 2.99 2.35 -29.51
O2A CLA VB . 2.29 3.63 -27.79
NB CLA VB . 2.23 8.12 -26.87
C1B CLA VB . 1.28 8.55 -27.72
C2B CLA VB . 0.20 9.40 -27.12
C3B CLA VB . 0.61 9.48 -25.78
C4B CLA VB . 1.90 8.62 -25.71
CMB CLA VB . -0.99 10.07 -27.77
CAB CLA VB . 0.12 10.21 -24.62
CBB CLA VB . -0.52 11.37 -24.63
NC CLA VB . 4.33 7.00 -25.21
C1C CLA VB . 3.79 7.62 -24.23
C2C CLA VB . 4.37 7.40 -22.90
C3C CLA VB . 5.44 6.48 -23.19
C4C CLA VB . 5.34 6.30 -24.66
CMC CLA VB . 3.91 7.98 -21.60
CAC CLA VB . 6.40 5.88 -22.21
CBC CLA VB . 5.73 4.66 -21.62
ND CLA VB . 5.30 5.62 -27.50
C1D CLA VB . 6.19 5.05 -26.71
C2D CLA VB . 7.03 4.02 -27.39
C3D CLA VB . 6.45 4.00 -28.70
C4D CLA VB . 5.45 4.97 -28.71
CMD CLA VB . 8.14 3.19 -26.89
CAD CLA VB . 6.57 3.38 -30.04
OBD CLA VB . 7.33 2.43 -30.32
CBD CLA VB . 5.49 3.93 -30.90
CGD CLA VB . 6.02 4.35 -32.27
O1D CLA VB . 5.36 4.95 -33.09
O2D CLA VB . 7.34 4.75 -32.32
CED CLA VB . 8.02 5.01 -33.54
C1 CLA VB . 2.92 2.88 -26.76
C2 CLA VB . 2.71 3.62 -25.44
C3 CLA VB . 1.81 3.31 -24.54
C4 CLA VB . 0.89 2.17 -24.80
C5 CLA VB . 1.64 4.11 -23.25
C6 CLA VB . 1.82 3.28 -21.96
C7 CLA VB . 0.79 3.48 -20.82
C8 CLA VB . 1.43 3.99 -19.53
C9 CLA VB . 2.35 2.98 -18.91
C10 CLA VB . 0.42 4.43 -18.48
C11 CLA VB . -0.51 3.31 -18.01
C12 CLA VB . -1.97 3.47 -18.49
C13 CLA VB . -3.03 2.91 -17.54
C14 CLA VB . -4.37 2.98 -18.27
C15 CLA VB . -3.04 3.67 -16.20
C16 CLA VB . -2.37 3.01 -14.97
C17 CLA VB . -2.53 3.86 -13.69
C18 CLA VB . -2.39 3.15 -12.33
C19 CLA VB . -3.36 3.67 -11.27
C20 CLA VB . -0.98 3.25 -11.76
MG CLA WB . -7.48 23.47 -37.14
CHA CLA WB . -6.50 21.41 -34.36
CHB CLA WB . -10.46 24.05 -35.42
CHC CLA WB . -8.88 24.46 -39.99
CHD CLA WB . -4.71 21.92 -39.02
NA CLA WB . -8.38 22.93 -35.14
C1A CLA WB . -7.76 22.19 -34.23
C2A CLA WB . -8.56 22.03 -32.97
C3A CLA WB . -9.78 22.92 -33.31
C4A CLA WB . -9.53 23.36 -34.72
CMA CLA WB . -11.06 22.11 -33.14
CAA CLA WB . -7.82 22.56 -31.78
CBA CLA WB . -8.60 22.81 -30.49
CGA CLA WB . -9.19 21.56 -29.92
O1A CLA WB . -8.83 20.41 -30.19
O2A CLA WB . -10.22 21.84 -29.02
NB CLA WB . -9.44 24.17 -37.59
C1B CLA WB . -10.47 24.39 -36.86
C2B CLA WB . -11.63 24.95 -37.59
C3B CLA WB . -11.12 25.05 -38.94
C4B CLA WB . -9.73 24.55 -38.82
CMB CLA WB . -12.97 25.40 -37.07
CAB CLA WB . -11.72 25.58 -40.23
CBB CLA WB . -12.96 26.00 -40.35
NC CLA WB . -6.90 23.26 -39.16
C1C CLA WB . -7.59 23.78 -40.16
C2C CLA WB . -7.03 23.56 -41.49
C3C CLA WB . -5.84 22.81 -41.19
C4C CLA WB . -5.83 22.68 -39.71
CMC CLA WB . -7.57 24.04 -42.84
CAC CLA WB . -4.77 22.31 -42.13
CBC CLA WB . -5.04 20.92 -42.55
ND CLA WB . -5.89 22.02 -36.88
C1D CLA WB . -4.87 21.55 -37.61
C2D CLA WB . -4.01 20.59 -36.89
C3D CLA WB . -4.67 20.55 -35.58
C4D CLA WB . -5.80 21.42 -35.64
CMD CLA WB . -2.82 19.91 -37.42
CAD CLA WB . -4.60 19.95 -34.26
OBD CLA WB . -3.74 19.08 -33.90
CBD CLA WB . -5.75 20.45 -33.50
CGD CLA WB . -6.53 19.23 -33.06
O1D CLA WB . -7.53 18.80 -33.66
O2D CLA WB . -6.46 18.93 -31.66
CED CLA WB . -7.07 17.73 -31.16
C1 CLA WB . -10.80 20.84 -28.20
C2 CLA WB . -11.95 20.26 -28.91
C3 CLA WB . -13.23 20.46 -28.65
C4 CLA WB . -13.71 21.31 -27.52
C5 CLA WB . -14.27 19.78 -29.54
C6 CLA WB . -14.76 20.75 -30.62
C7 CLA WB . -15.89 20.15 -31.48
C8 CLA WB . -15.44 19.67 -32.86
C9 CLA WB . -14.99 20.82 -33.74
C10 CLA WB . -16.57 18.94 -33.58
C11 CLA WB . -15.94 18.00 -34.63
C12 CLA WB . -16.84 17.77 -35.86
C13 CLA WB . -16.23 18.24 -37.17
C14 CLA WB . -17.27 18.06 -38.26
C15 CLA WB . -14.94 17.48 -37.48
C16 CLA WB . -13.72 18.25 -37.98
C17 CLA WB . -13.75 19.77 -37.81
C18 CLA WB . -12.46 20.39 -38.34
C19 CLA WB . -11.60 20.92 -37.21
C20 CLA WB . -12.85 21.52 -39.28
MG CLA XB . -11.67 15.37 -37.93
CHA CLA XB . -13.90 13.58 -40.11
CHB CLA XB . -13.88 14.48 -35.38
CHC CLA XB . -10.07 17.55 -35.90
CHD CLA XB . -10.21 16.85 -40.77
NA CLA XB . -13.52 14.10 -37.72
C1A CLA XB . -14.14 13.40 -38.65
C2A CLA XB . -15.18 12.42 -38.16
C3A CLA XB . -15.34 12.94 -36.72
C4A CLA XB . -14.15 13.91 -36.57
CMA CLA XB . -16.63 13.62 -36.36
CAA CLA XB . -14.79 10.93 -38.19
CBA CLA XB . -15.95 9.97 -37.73
CGA CLA XB . -17.18 10.00 -38.65
O1A CLA XB . -17.09 10.40 -39.77
O2A CLA XB . -18.53 9.61 -38.35
NB CLA XB . -11.97 15.90 -36.00
C1B CLA XB . -12.85 15.47 -35.06
C2B CLA XB . -12.75 16.12 -33.73
C3B CLA XB . -11.62 17.00 -33.93
C4B CLA XB . -11.18 16.76 -35.35
CMB CLA XB . -13.53 15.91 -32.49
CAB CLA XB . -10.93 17.92 -33.05
CBB CLA XB . -11.31 18.18 -31.84
NC CLA XB . -10.43 16.88 -38.23
C1C CLA XB . -9.77 17.60 -37.31
C2C CLA XB . -8.76 18.51 -37.83
C3C CLA XB . -8.80 18.27 -39.25
C4C CLA XB . -9.89 17.30 -39.42
CMC CLA XB . -7.88 19.42 -37.04
CAC CLA XB . -7.96 18.97 -40.30
CBC CLA XB . -8.68 20.29 -40.51
ND CLA XB . -11.90 15.37 -39.96
C1D CLA XB . -11.26 15.90 -40.99
C2D CLA XB . -11.72 15.46 -42.31
C3D CLA XB . -12.78 14.53 -41.91
C4D CLA XB . -12.83 14.51 -40.53
CMD CLA XB . -11.23 15.86 -43.66
CAD CLA XB . -13.84 13.65 -42.43
OBD CLA XB . -14.04 13.40 -43.63
CBD CLA XB . -14.54 13.01 -41.33
CGD CLA XB . -15.99 13.27 -41.34
O1D CLA XB . -16.73 12.46 -41.79
O2D CLA XB . -16.51 14.59 -41.20
CED CLA XB . -17.92 14.80 -41.29
C1 CLA XB . -19.61 10.53 -38.06
C2 CLA XB . -20.02 11.54 -39.14
C3 CLA XB . -20.78 12.66 -38.87
C4 CLA XB . -21.16 13.62 -39.98
C5 CLA XB . -21.30 13.06 -37.48
C6 CLA XB . -20.50 14.22 -36.88
C7 CLA XB . -21.34 15.41 -36.43
C8 CLA XB . -20.66 16.17 -35.28
C9 CLA XB . -20.64 15.33 -34.01
C10 CLA XB . -21.35 17.53 -35.02
C11 CLA XB . -20.61 18.41 -34.02
C12 CLA XB . -20.96 19.91 -34.10
C13 CLA XB . -20.62 20.66 -32.79
C14 CLA XB . -21.75 20.44 -31.79
C15 CLA XB . -20.35 22.18 -33.01
C16 CLA XB . -18.88 22.62 -33.03
C17 CLA XB . -18.63 23.85 -33.93
C18 CLA XB . -17.14 24.14 -34.24
C19 CLA XB . -16.90 25.62 -34.57
C20 CLA XB . -16.61 23.29 -35.40
C1 BCR YB . -0.76 8.87 -5.97
C2 BCR YB . -0.17 8.62 -4.59
C3 BCR YB . 0.98 7.62 -4.65
C4 BCR YB . 0.54 6.26 -5.11
C5 BCR YB . -0.40 6.37 -6.28
C6 BCR YB . -0.97 7.53 -6.67
C7 BCR YB . -1.89 7.54 -7.82
C8 BCR YB . -1.51 7.69 -9.09
C9 BCR YB . -2.47 7.69 -10.23
C10 BCR YB . -1.95 7.72 -11.46
C11 BCR YB . -2.73 7.72 -12.69
C33 BCR YB . -0.68 5.07 -6.97
C31 BCR YB . 0.11 9.81 -6.84
C32 BCR YB . -2.08 9.58 -5.68
C34 BCR YB . -3.97 7.60 -10.06
C12 BCR YB . -2.09 7.87 -13.87
C13 BCR YB . -2.77 7.79 -15.18
C14 BCR YB . -2.00 7.90 -16.31
C15 BCR YB . -2.52 7.72 -17.69
C16 BCR YB . -1.67 7.65 -18.74
C17 BCR YB . -2.20 7.42 -20.11
C18 BCR YB . -1.46 7.30 -21.24
C19 BCR YB . -2.14 7.02 -22.53
C20 BCR YB . -1.51 6.68 -23.68
C21 BCR YB . -2.30 6.43 -24.88
C22 BCR YB . -1.83 6.06 -26.09
C23 BCR YB . -2.86 5.91 -27.15
C24 BCR YB . -2.54 5.60 -28.41
C25 BCR YB . -3.55 5.43 -29.47
C26 BCR YB . -4.68 4.70 -29.36
C27 BCR YB . -5.71 4.56 -30.48
C28 BCR YB . -5.25 5.07 -31.85
C29 BCR YB . -4.38 6.31 -31.75
C30 BCR YB . -3.20 6.15 -30.80
C35 BCR YB . -4.23 7.44 -15.21
C36 BCR YB . 0.05 7.38 -21.27
C37 BCR YB . -0.39 5.82 -26.35
C38 BCR YB . -5.14 4.01 -28.13
C39 BCR YB . -2.77 7.58 -30.55
C40 BCR YB . -2.10 5.37 -31.50
C1 BCR ZB . 2.77 14.30 -11.50
C2 BCR ZB . 3.62 14.40 -10.21
C3 BCR ZB . 3.00 13.59 -9.09
C4 BCR ZB . 3.01 12.10 -9.49
C5 BCR ZB . 2.25 11.89 -10.82
C6 BCR ZB . 2.16 12.88 -11.74
C7 BCR ZB . 1.42 12.74 -13.05
C8 BCR ZB . 0.17 12.17 -13.18
C9 BCR ZB . -0.52 12.11 -14.48
C10 BCR ZB . -1.78 11.65 -14.40
C11 BCR ZB . -2.66 11.54 -15.52
C33 BCR ZB . 1.64 10.51 -11.02
C31 BCR ZB . 3.69 14.68 -12.68
C32 BCR ZB . 1.64 15.30 -11.39
C34 BCR ZB . 0.22 12.68 -15.70
C12 BCR ZB . -3.91 11.08 -15.38
C13 BCR ZB . -4.87 10.99 -16.51
C14 BCR ZB . -6.06 10.46 -16.25
C15 BCR ZB . -7.15 10.26 -17.21
C16 BCR ZB . -8.33 9.65 -16.88
C17 BCR ZB . -9.38 9.48 -17.92
C18 BCR ZB . -10.55 8.84 -17.80
C19 BCR ZB . -11.49 8.79 -19.00
C20 BCR ZB . -12.62 8.06 -19.03
C21 BCR ZB . -13.46 7.97 -20.23
C22 BCR ZB . -14.56 7.19 -20.42
C23 BCR ZB . -15.24 7.28 -21.77
C24 BCR ZB . -16.37 6.60 -22.09
C25 BCR ZB . -17.08 6.66 -23.43
C26 BCR ZB . -16.50 6.20 -24.59
C27 BCR ZB . -17.22 6.24 -25.92
C28 BCR ZB . -18.20 7.38 -25.99
C29 BCR ZB . -19.17 7.11 -24.90
C30 BCR ZB . -18.53 7.15 -23.49
C35 BCR ZB . -4.45 11.45 -17.92
C36 BCR ZB . -11.00 8.18 -16.52
C37 BCR ZB . -15.12 6.27 -19.31
C38 BCR ZB . -15.08 5.69 -24.66
C39 BCR ZB . -19.36 6.23 -22.57
C40 BCR ZB . -18.67 8.58 -23.01
C1 BCR AC . -21.99 22.60 -25.06
C2 BCR AC . -23.30 23.41 -24.84
C3 BCR AC . -24.30 23.23 -25.94
C4 BCR AC . -23.66 23.82 -27.18
C5 BCR AC . -22.33 23.12 -27.48
C6 BCR AC . -21.56 22.57 -26.51
C7 BCR AC . -20.27 21.89 -26.80
C8 BCR AC . -20.21 20.88 -27.71
C9 BCR AC . -19.01 20.09 -28.03
C10 BCR AC . -19.17 19.00 -28.82
C11 BCR AC . -18.09 18.06 -29.17
C33 BCR AC . -21.94 23.12 -28.93
C31 BCR AC . -22.12 21.17 -24.51
C32 BCR AC . -20.98 23.38 -24.25
C34 BCR AC . -17.68 20.40 -27.39
C12 BCR AC . -18.28 17.04 -29.99
C13 BCR AC . -17.28 16.00 -30.38
C14 BCR AC . -17.66 15.01 -31.23
C15 BCR AC . -16.82 13.85 -31.67
C16 BCR AC . -17.33 12.93 -32.50
C17 BCR AC . -16.52 11.74 -32.86
C18 BCR AC . -16.86 10.75 -33.69
C19 BCR AC . -15.92 9.62 -33.85
C20 BCR AC . -16.20 8.57 -34.66
C21 BCR AC . -15.24 7.50 -34.78
C22 BCR AC . -15.36 6.41 -35.55
C23 BCR AC . -14.29 5.40 -35.46
C24 BCR AC . -14.37 4.16 -35.98
C25 BCR AC . -13.24 3.18 -35.77
C26 BCR AC . -12.98 2.64 -34.54
C27 BCR AC . -11.87 1.60 -34.29
C28 BCR AC . -10.83 1.52 -35.41
C29 BCR AC . -11.53 1.48 -36.73
C30 BCR AC . -12.45 2.74 -36.97
C35 BCR AC . -15.93 16.08 -29.75
C36 BCR AC . -18.24 10.78 -34.38
C37 BCR AC . -16.53 6.14 -36.49
C38 BCR AC . -13.80 3.00 -33.33
C39 BCR AC . -13.48 2.31 -38.07
C40 BCR AC . -11.61 3.92 -37.47
O1 LHG BC . 17.04 4.02 -27.12
C1 LHG BC . 18.44 4.32 -26.91
C2 LHG BC . 19.31 3.71 -28.05
O2 LHG BC . 19.27 2.27 -27.99
C3 LHG BC . 20.81 4.16 -27.96
O3 LHG BC . 20.88 5.51 -28.33
P LHG BC . 21.81 6.65 -27.68
O4 LHG BC . 23.19 6.24 -27.47
O5 LHG BC . 21.23 7.93 -28.28
O6 LHG BC . 21.11 6.76 -26.23
C4 LHG BC . 21.80 6.47 -25.04
C5 LHG BC . 20.83 6.64 -23.88
C6 LHG BC . 21.33 5.84 -22.67
O7 LHG BC . 20.88 8.02 -23.57
C7 LHG BC . 19.74 8.66 -23.07
O9 LHG BC . 18.67 8.04 -23.01
C8 LHG BC . 20.01 10.10 -22.64
C9 LHG BC . 19.51 10.39 -21.24
C10 LHG BC . 20.62 9.89 -20.32
O8 LHG BC . 20.58 6.17 -21.49
C23 LHG BC . 19.28 5.64 -21.36
O10 LHG BC . 18.82 5.20 -22.38
C24 LHG BC . 18.52 5.67 -20.07
C11 LHG BC . 20.30 9.57 -18.89
C12 LHG BC . 21.05 8.41 -18.25
C13 LHG BC . 22.07 8.77 -17.23
C14 LHG BC . 21.95 8.14 -15.85
C15 LHG BC . 23.24 7.58 -15.27
C16 LHG BC . 23.05 6.86 -13.90
C17 LHG BC . 22.61 7.85 -12.86
C18 LHG BC . 22.25 7.25 -11.52
C19 LHG BC . 23.49 7.16 -10.64
C20 LHG BC . 23.56 8.43 -9.84
C21 LHG BC . 24.62 8.18 -8.75
C22 LHG BC . 24.78 9.44 -7.94
C25 LHG BC . 17.08 6.08 -20.28
C26 LHG BC . 16.26 6.17 -18.97
C27 LHG BC . 14.84 6.61 -19.31
C28 LHG BC . 13.74 6.46 -18.29
C29 LHG BC . 12.43 6.83 -18.96
C30 LHG BC . 11.29 6.66 -18.03
C31 LHG BC . 10.02 6.15 -18.76
C32 LHG BC . 8.84 6.65 -17.98
C33 LHG BC . 7.55 5.90 -18.24
C34 LHG BC . 6.53 6.69 -17.46
C35 LHG BC . 5.04 6.43 -17.70
C36 LHG BC . 4.26 7.72 -17.31
C37 LHG BC . 2.82 7.58 -16.76
C38 LHG BC . 2.41 8.68 -15.75
C1 LMG CC . -3.11 11.94 0.84
O1 LMG CC . -2.30 12.68 -0.10
C2 LMG CC . -2.34 11.91 2.18
O2 LMG CC . -1.14 11.11 2.05
C3 LMG CC . -3.16 11.28 3.30
O3 LMG CC . -2.50 11.53 4.56
C4 LMG CC . -4.59 11.84 3.29
O4 LMG CC . -4.46 13.19 3.71
C5 LMG CC . -5.24 11.78 1.90
O5 LMG CC . -6.87 12.87 0.64
C6 LMG CC . -6.70 12.25 1.88
O6 LMG CC . -4.43 12.53 0.95
C7 LMG CC . -2.34 12.26 -1.47
C8 LMG CC . -0.94 12.29 -2.02
C9 LMG CC . -0.19 11.02 -1.48
O7 LMG CC . -1.01 12.26 -3.43
C10 LMG CC . -1.13 13.44 -4.25
O9 LMG CC . -1.56 14.44 -3.75
C11 LMG CC . -0.74 13.32 -5.71
C12 LMG CC . -0.96 14.56 -6.56
C13 LMG CC . 0.36 15.31 -6.63
C14 LMG CC . 0.20 16.76 -7.02
C15 LMG CC . 1.53 17.21 -7.50
C16 LMG CC . 1.59 18.71 -7.55
C17 LMG CC . 3.04 19.06 -7.74
C18 LMG CC . 3.62 18.79 -9.11
C19 LMG CC . 5.14 18.82 -8.98
C20 LMG CC . 5.95 18.81 -10.27
C21 LMG CC . 7.23 17.98 -10.04
C22 LMG CC . 8.08 17.80 -11.29
C23 LMG CC . 9.60 17.58 -11.02
C24 LMG CC . 10.17 17.06 -12.32
C25 LMG CC . 11.66 16.98 -12.50
O8 LMG CC . 1.22 11.12 -1.74
C28 LMG CC . 2.14 10.05 -1.38
O10 LMG CC . 1.75 9.22 -0.57
C29 LMG CC . 3.55 9.89 -1.92
C30 LMG CC . 4.03 11.07 -2.75
C31 LMG CC . 3.17 11.36 -3.97
C32 LMG CC . 3.97 11.48 -5.24
C33 LMG CC . 4.56 10.13 -5.58
C34 LMG CC . 4.48 9.78 -7.05
C35 LMG CC . 5.18 8.45 -7.20
C36 LMG CC . 4.82 7.76 -8.48
C37 LMG CC . 3.51 7.03 -8.38
C38 LMG CC . 3.34 6.05 -9.52
C39 LMG CC . 3.17 6.75 -10.86
C40 LMG CC . 3.02 5.76 -12.00
C41 LMG CC . 1.58 5.33 -12.12
C42 LMG CC . 0.98 5.71 -13.46
C43 LMG CC . 1.02 4.63 -14.53
C1B LMT DC . 22.68 35.96 -45.51
C2B LMT DC . 23.81 34.97 -45.30
C3B LMT DC . 25.12 35.71 -45.02
C4B LMT DC . 25.33 36.95 -45.96
C5B LMT DC . 24.06 37.76 -46.36
C6B LMT DC . 24.21 38.66 -47.59
O1B LMT DC . 21.71 36.12 -44.48
O2B LMT DC . 23.45 34.08 -44.24
O3B LMT DC . 26.19 34.76 -45.15
O4' LMT DC . 26.27 37.83 -45.34
O5B LMT DC . 22.90 36.92 -46.59
O6B LMT DC . 24.94 38.03 -48.66
C1' LMT DC . 18.18 37.62 -43.44
C2' LMT DC . 18.04 36.83 -44.73
C3' LMT DC . 19.37 36.15 -45.06
C4' LMT DC . 20.64 37.01 -44.77
C5' LMT DC . 20.59 37.89 -43.52
C6' LMT DC . 21.74 38.93 -43.34
O1' LMT DC . 17.01 38.43 -43.42
O2' LMT DC . 16.93 35.91 -44.64
O3' LMT DC . 19.29 35.80 -46.47
O5' LMT DC . 19.33 38.50 -43.41
O6' LMT DC . 21.81 39.97 -44.31
C1 LMT DC . 16.65 38.86 -42.12
C2 LMT DC . 15.92 37.75 -41.41
C3 LMT DC . 15.78 38.11 -39.97
C4 LMT DC . 14.70 39.13 -39.77
C5 LMT DC . 14.38 39.23 -38.30
C6 LMT DC . 13.13 40.09 -38.18
C7 LMT DC . 13.17 41.06 -37.03
C8 LMT DC . 12.10 40.63 -36.07
C9 LMT DC . 12.17 41.57 -34.89
C10 LMT DC . 11.76 43.00 -35.17
C11 LMT DC . 11.00 43.59 -33.99
C12 LMT DC . 11.69 44.78 -33.34
C1 HTG EC . -17.78 52.10 -24.12
S1 HTG EC . -17.29 50.45 -24.71
C2 HTG EC . -18.53 52.07 -22.74
O2 HTG EC . -19.93 51.80 -22.98
C3 HTG EC . -18.39 53.34 -21.85
O3 HTG EC . -18.51 53.04 -20.45
C4 HTG EC . -17.07 54.10 -22.05
O4 HTG EC . -17.08 55.35 -21.33
C5 HTG EC . -16.83 54.29 -23.55
O5 HTG EC . -16.62 52.98 -24.10
C6 HTG EC . -15.65 55.22 -23.87
O6 HTG EC . -15.27 55.15 -25.25
C1' HTG EC . -15.63 50.33 -25.31
C2' HTG EC . -15.46 49.05 -26.15
C3' HTG EC . -14.00 48.60 -26.24
C4' HTG EC . -13.56 48.01 -27.56
C5' HTG EC . -12.02 48.10 -27.73
C6' HTG EC . -11.51 47.28 -28.93
C7' HTG EC . -10.11 47.63 -29.46
C16 UNL FC . 0.87 45.21 -48.22
C15 UNL FC . -0.45 44.77 -47.60
C14 UNL FC . -0.68 45.53 -46.29
C13 UNL FC . -1.88 45.08 -45.46
C12 UNL FC . -1.95 45.96 -44.21
C11 UNL FC . -3.18 45.67 -43.32
C10 UNL FC . -2.89 45.78 -41.82
C9 UNL FC . -4.04 45.23 -40.95
C8 UNL FC . -4.07 45.83 -39.54
C7 UNL FC . -5.38 46.56 -39.18
C6 UNL FC . -5.21 47.59 -38.05
C5 UNL FC . -6.35 47.66 -37.01
C4 UNL FC . -5.87 48.12 -35.62
C3 UNL FC . -5.37 46.97 -34.74
C2 UNL FC . -6.46 46.38 -33.88
C4 UNL GC . 21.96 31.68 -41.28
C5 UNL GC . 20.77 32.55 -40.81
C6 UNL GC . 19.55 31.73 -40.38
C11 UNL GC . 18.90 37.40 -37.65
C12 UNL GC . 19.13 38.58 -36.68
C13 UNL GC . 17.92 39.49 -36.48
C35 UNL GC . 13.59 43.01 -29.60
C37 UNL GC . 11.15 44.00 -29.20
C38 UNL GC . 10.44 45.34 -29.22
C14 UNL GC . 18.00 40.34 -35.22
C15 UNL GC . 17.17 41.61 -35.22
O9 UNL GC . 23.12 34.33 -39.70
C7 UNL GC . 21.92 34.49 -39.89
C8 UNL GC . 21.23 35.78 -40.36
C9 UNL GC . 19.86 36.11 -39.70
C10 UNL GC . 19.66 37.49 -39.01
C16 UNL GC . 17.27 42.31 -33.88
C17 UNL GC . 16.42 43.56 -33.87
C18 UNL GC . 16.50 44.29 -32.54
C19 UNL GC . 15.57 45.50 -32.63
C20 UNL GC . 15.49 46.40 -31.39
C21 UNL GC . 14.72 47.66 -31.80
C22 UNL GC . 13.94 48.29 -30.65
O7 UNL GC . 21.15 33.29 -39.65
O6 UNL GC . 21.58 30.36 -41.71
O8 UNL GC . 18.57 32.55 -39.70
C23 UNL GC . 18.51 32.78 -38.23
O10 UNL GC . 19.06 31.98 -37.47
C24 UNL GC . 17.80 34.00 -37.66
C25 UNL GC . 16.81 33.60 -36.57
C26 UNL GC . 15.59 34.51 -36.45
C27 UNL GC . 15.66 35.18 -35.08
C28 UNL GC . 14.55 36.20 -34.84
C29 UNL GC . 15.04 37.16 -33.76
C30 UNL GC . 14.06 38.30 -33.49
C31 UNL GC . 14.56 39.07 -32.30
C32 UNL GC . 13.49 40.02 -31.81
C33 UNL GC . 14.10 40.93 -30.80
C34 UNL GC . 13.04 41.94 -30.49
C36 UNL GC . 12.65 44.21 -29.48
C16 UNL HC . -17.43 24.80 -28.86
C15 UNL HC . -16.86 25.65 -27.69
C14 UNL HC . -17.90 26.50 -26.92
C13 UNL HC . -17.64 26.88 -25.44
C12 UNL HC . -18.87 27.56 -24.77
C11 UNL HC . -19.53 26.93 -23.51
C10 UNL HC . -20.99 27.40 -23.40
C9 UNL HC . -21.91 26.82 -22.32
C8 UNL HC . -23.41 26.96 -22.74
C7 UNL HC . -24.42 26.54 -21.69
C6 UNL HC . -25.61 25.72 -22.16
C5 UNL HC . -26.81 25.81 -21.20
C4 UNL HC . -27.65 27.09 -21.45
C3 UNL HC . -29.03 27.07 -20.75
C2 UNL HC . -29.15 28.16 -19.67
C1 UNL HC . -30.18 27.83 -18.60
C1 HTG IC . -30.51 16.69 -12.77
S1 HTG IC . -30.18 15.60 -14.14
C2 HTG IC . -31.20 17.99 -13.19
O2 HTG IC . -30.45 18.61 -14.25
C3 HTG IC . -31.30 18.98 -12.03
O3 HTG IC . -32.17 20.05 -12.42
C4 HTG IC . -31.80 18.36 -10.73
O4 HTG IC . -31.37 19.13 -9.61
C5 HTG IC . -31.29 16.92 -10.52
O5 HTG IC . -31.31 16.13 -11.72
C6 HTG IC . -32.12 16.24 -9.44
O6 HTG IC . -31.99 16.89 -8.16
C1' HTG IC . -29.39 14.08 -13.60
C2' HTG IC . -28.74 13.38 -14.80
C3' HTG IC . -28.31 11.94 -14.61
C4' HTG IC . -27.59 11.48 -15.89
C5' HTG IC . -26.82 10.19 -15.79
C6' HTG IC . -26.98 9.30 -17.00
C7' HTG IC . -25.99 9.59 -18.08
C1 HTG JC . -32.64 20.78 -17.16
S1 HTG JC . -32.43 19.02 -16.85
C2 HTG JC . -33.03 21.56 -15.90
O2 HTG JC . -34.18 21.03 -15.21
C3 HTG JC . -33.24 23.04 -16.30
O3 HTG JC . -33.77 23.84 -15.23
C4 HTG JC . -31.86 23.55 -16.75
O4 HTG JC . -31.85 24.97 -16.94
C5 HTG JC . -31.46 22.76 -18.01
O5 HTG JC . -31.43 21.34 -17.74
C6 HTG JC . -30.08 23.19 -18.55
O6 HTG JC . -29.21 23.41 -17.44
C1' HTG JC . -31.60 18.29 -18.23
C2' HTG JC . -31.14 16.85 -17.96
C3' HTG JC . -30.29 16.30 -19.13
C4' HTG JC . -29.49 15.06 -18.75
C5' HTG JC . -28.37 14.85 -19.77
C6' HTG JC . -27.89 13.42 -19.86
C7' HTG JC . -26.47 13.27 -20.38
C16 UNL KC . -21.92 38.25 -31.77
C15 UNL KC . -21.36 36.87 -32.03
C14 UNL KC . -19.87 36.66 -31.62
C13 UNL KC . -19.63 35.77 -30.36
C12 UNL KC . -19.35 34.27 -30.63
C11 UNL KC . -19.58 33.31 -29.44
C10 UNL KC . -21.00 32.70 -29.42
C9 UNL KC . -22.15 33.74 -29.32
C8 UNL KC . -23.56 33.23 -28.99
C7 UNL KC . -24.61 34.37 -28.95
C6 UNL KC . -25.54 34.41 -27.73
C5 UNL KC . -26.40 35.69 -27.75
C4 UNL KC . -27.40 35.81 -26.58
C3 UNL KC . -27.91 37.26 -26.39
C2 UNL KC . -29.01 37.45 -25.33
C1 UNL KC . -29.46 38.91 -25.20
S DMS LC . 3.72 38.00 10.50
O DMS LC . 3.59 39.81 10.63
C1 DMS LC . 5.37 37.75 10.20
C2 DMS LC . 3.73 37.57 12.23
S DMS MC . 15.51 32.65 39.76
O DMS MC . 16.12 34.25 39.29
C1 DMS MC . 15.63 31.99 38.08
C2 DMS MC . 16.83 31.66 40.49
S DMS NC . 15.47 42.24 27.25
O DMS NC . 15.08 41.58 28.86
C1 DMS NC . 14.11 43.36 26.93
C2 DMS NC . 16.73 43.55 27.28
S DMS OC . -21.69 37.33 14.11
O DMS OC . -21.28 36.46 12.60
C1 DMS OC . -22.84 36.36 15.15
C2 DMS OC . -20.22 37.23 15.15
S DMS PC . -19.17 12.83 1.55
O DMS PC . -19.67 14.27 2.55
C1 DMS PC . -19.54 13.14 -0.20
C2 DMS PC . -17.36 12.75 1.56
S DMS QC . -0.07 8.64 10.04
O DMS QC . -0.86 10.25 9.87
C1 DMS QC . 0.19 7.93 8.37
C2 DMS QC . 1.65 8.85 10.62
S DMS RC . 4.41 19.26 -42.51
O DMS RC . 3.66 20.65 -43.37
C1 DMS RC . 3.76 19.12 -40.83
C2 DMS RC . 3.98 17.63 -43.16
S DMS SC . -4.99 4.51 -44.57
O DMS SC . -5.17 6.23 -44.32
C1 DMS SC . -6.63 3.69 -44.61
C2 DMS SC . -4.20 4.30 -46.20
S DMS TC . 4.50 41.88 37.12
O DMS TC . 2.93 42.66 37.44
C1 DMS TC . 5.71 43.23 36.83
C2 DMS TC . 5.21 40.98 38.56
S DMS UC . -13.24 30.92 34.16
O DMS UC . -12.25 29.43 34.58
C1 DMS UC . -15.03 30.50 34.14
C2 DMS UC . -13.23 32.32 35.36
S DMS VC . -29.22 12.84 -6.81
O DMS VC . -28.19 13.06 -5.31
C1 DMS VC . -30.41 14.17 -7.11
C2 DMS VC . -28.10 13.11 -8.17
C1 HTG WC . -6.14 23.43 21.92
S1 HTG WC . -6.06 25.19 22.47
C2 HTG WC . -7.47 22.84 21.33
O2 HTG WC . -8.39 22.38 22.32
C3 HTG WC . -7.41 21.67 20.36
O3 HTG WC . -8.42 21.69 19.40
C4 HTG WC . -6.15 21.63 19.51
O4 HTG WC . -5.98 20.37 18.79
C5 HTG WC . -5.04 21.89 20.52
O5 HTG WC . -5.16 23.27 20.90
C6 HTG WC . -3.75 21.60 19.84
O6 HTG WC . -4.37 21.95 18.64
C1' HTG WC . -4.73 25.23 23.66
C2' HTG WC . -4.66 24.15 24.71
C3' HTG WC . -5.80 23.95 25.71
C4' HTG WC . -5.26 23.99 27.17
C5' HTG WC . -4.49 22.70 27.53
C6' HTG WC . -3.19 22.92 28.36
C4 UNL XC . 0.97 1.37 -36.33
C5 UNL XC . 0.95 1.34 -34.78
C6 UNL XC . -0.45 0.88 -34.38
C11 UNL XC . 1.57 -2.53 -28.72
C12 UNL XC . 1.64 -2.08 -27.27
C13 UNL XC . 0.73 -2.83 -26.31
C35 UNL XC . -7.59 5.84 -22.82
C37 UNL XC . -9.33 7.28 -21.61
C38 UNL XC . -9.43 8.39 -22.62
C14 UNL XC . 1.03 -2.48 -24.85
C15 UNL XC . -0.17 -2.15 -23.94
O9 UNL XC . 3.27 0.71 -32.28
C7 UNL XC . 2.23 0.28 -32.79
C8 UNL XC . 1.28 -0.53 -31.90
C9 UNL XC . 1.98 -1.67 -31.10
C10 UNL XC . 2.07 -1.38 -29.60
C16 UNL XC . 0.27 -1.34 -22.71
C17 UNL XC . -0.83 -1.15 -21.66
C18 UNL XC . -0.26 -0.97 -20.25
C19 UNL XC . -1.25 -1.23 -19.09
C20 UNL XC . -1.46 -2.72 -18.74
C21 UNL XC . -2.82 -3.02 -18.08
C22 UNL XC . -2.69 -2.94 -16.58
O7 UNL XC . 2.00 0.47 -34.25
O6 UNL XC . 2.32 1.55 -36.84
O8 UNL XC . -0.80 1.24 -33.04
C23 UNL XC . -2.16 1.02 -32.52
O10 UNL XC . -3.03 0.43 -33.18
C24 UNL XC . -2.53 1.57 -31.17
C25 UNL XC . -2.51 0.55 -30.05
C26 UNL XC . -1.51 0.83 -28.94
C27 UNL XC . -2.11 1.52 -27.71
C28 UNL XC . -2.24 0.62 -26.49
C29 UNL XC . -2.27 1.41 -25.18
C30 UNL XC . -3.66 1.66 -24.64
C31 UNL XC . -3.61 2.75 -23.55
C32 UNL XC . -4.98 2.92 -22.89
C33 UNL XC . -5.86 4.05 -23.46
C34 UNL XC . -6.93 4.50 -22.46
C36 UNL XC . -7.92 6.69 -21.57
MG CLA YC . 66.84 13.45 15.80
CHA CLA YC . 65.68 16.13 17.81
CHB CLA YC . 63.76 11.88 16.38
CHC CLA YC . 67.61 11.11 13.39
CHD CLA YC . 69.66 15.37 14.88
NA CLA YC . 64.95 13.89 16.88
C1A CLA YC . 64.80 14.93 17.63
C2A CLA YC . 63.41 14.99 18.21
C3A CLA YC . 62.85 13.62 17.88
C4A CLA YC . 63.90 13.08 16.96
CMA CLA YC . 62.70 12.79 19.11
CAA CLA YC . 62.61 16.14 17.56
CBA CLA YC . 62.51 16.25 16.05
CGA CLA YC . 61.34 15.51 15.44
O1A CLA YC . 60.12 15.73 15.56
O2A CLA YC . 61.79 14.47 14.60
NB CLA YC . 65.79 11.78 15.02
C1B CLA YC . 64.66 11.20 15.41
C2B CLA YC . 64.37 9.90 14.75
C3B CLA YC . 65.49 9.73 13.84
C4B CLA YC . 66.34 10.94 14.13
CMB CLA YC . 63.17 9.05 14.94
CAB CLA YC . 65.94 8.67 12.90
CBB CLA YC . 65.51 7.46 13.07
NC CLA YC . 68.34 13.23 14.45
C1C CLA YC . 68.53 12.25 13.55
C2C CLA YC . 69.62 12.46 12.59
C3C CLA YC . 70.19 13.71 13.03
C4C CLA YC . 69.36 14.11 14.18
CMC CLA YC . 70.02 11.56 11.48
CAC CLA YC . 71.34 14.40 12.37
CBC CLA YC . 70.75 15.34 11.29
ND CLA YC . 67.64 15.26 16.18
C1D CLA YC . 68.74 15.95 15.85
C2D CLA YC . 68.84 17.28 16.46
C3D CLA YC . 67.64 17.33 17.27
C4D CLA YC . 66.96 16.12 17.05
CMD CLA YC . 69.93 18.33 16.30
CAD CLA YC . 66.81 18.19 18.17
OBD CLA YC . 67.10 19.38 18.54
CBD CLA YC . 65.60 17.44 18.57
CGD CLA YC . 65.57 17.14 20.05
O1D CLA YC . 66.12 16.13 20.39
O2D CLA YC . 65.85 18.06 21.09
CED CLA YC . 66.02 17.59 22.43
C1 CLA YC . 60.91 13.63 13.87
C2 CLA YC . 61.76 12.59 13.12
C3 CLA YC . 61.47 12.06 11.94
C4 CLA YC . 60.25 12.43 11.18
C5 CLA YC . 62.36 11.01 11.27
C6 CLA YC . 61.65 9.63 11.38
C7 CLA YC . 62.48 8.61 10.61
C8 CLA YC . 61.81 7.29 10.41
C9 CLA YC . 61.52 6.68 11.78
C10 CLA YC . 62.72 6.39 9.54
C11 CLA YC . 62.76 6.84 8.06
C12 CLA YC . 63.50 5.79 7.25
C13 CLA YC . 63.92 6.24 5.85
C14 CLA YC . 62.74 6.28 4.91
C15 CLA YC . 65.11 5.40 5.23
C16 CLA YC . 64.85 3.91 5.13
C17 CLA YC . 65.66 3.30 4.01
C18 CLA YC . 65.76 1.79 4.11
C19 CLA YC . 66.48 1.22 2.89
C20 CLA YC . 64.39 1.17 4.25
MG CLA ZC . 60.22 21.21 7.67
CHA CLA ZC . 60.99 20.36 11.11
CHB CLA ZC . 61.21 24.37 8.50
CHC CLA ZC . 59.92 21.99 4.39
CHD CLA ZC . 60.23 17.75 6.95
NA CLA ZC . 60.96 22.20 9.58
C1A CLA ZC . 61.12 21.77 10.76
C2A CLA ZC . 61.69 22.78 11.75
C3A CLA ZC . 61.56 24.05 10.95
C4A CLA ZC . 61.25 23.53 9.56
CMA CLA ZC . 60.38 25.01 11.36
CAA CLA ZC . 63.12 22.40 12.27
CBA CLA ZC . 64.14 22.21 11.13
CGA CLA ZC . 65.45 21.56 11.55
O1A CLA ZC . 65.99 21.73 12.62
O2A CLA ZC . 65.99 20.60 10.63
NB CLA ZC . 60.54 22.86 6.64
C1B CLA ZC . 60.82 24.09 7.11
C2B CLA ZC . 60.73 25.16 6.11
C3B CLA ZC . 60.38 24.46 4.89
C4B CLA ZC . 60.30 23.03 5.35
CMB CLA ZC . 60.98 26.61 6.24
CAB CLA ZC . 60.00 24.90 3.52
CBB CLA ZC . 59.46 26.09 3.29
NC CLA ZC . 60.16 20.09 5.99
C1C CLA ZC . 59.88 20.57 4.75
C2C CLA ZC . 59.64 19.54 3.75
C3C CLA ZC . 59.76 18.29 4.55
C4C CLA ZC . 60.05 18.75 5.91
CMC CLA ZC . 59.39 19.65 2.31
CAC CLA ZC . 59.48 16.92 3.98
CBC CLA ZC . 57.99 16.79 3.74
ND CLA ZC . 60.62 19.46 8.65
C1D CLA ZC . 60.47 18.15 8.31
C2D CLA ZC . 60.60 17.19 9.36
C3D CLA ZC . 60.75 18.09 10.52
C4D CLA ZC . 60.78 19.42 10.00
CMD CLA ZC . 60.49 15.70 9.34
CAD CLA ZC . 60.91 18.14 11.98
OBD CLA ZC . 60.96 17.19 12.82
CBD CLA ZC . 60.97 19.60 12.36
CGD CLA ZC . 59.82 19.97 13.20
O1D CLA ZC . 59.87 20.99 13.86
O2D CLA ZC . 58.52 19.60 12.72
CED CLA ZC . 57.42 19.93 13.57
C1 CLA ZC . 67.08 19.77 11.04
C2 CLA ZC . 68.40 20.39 10.60
C3 CLA ZC . 69.27 19.73 9.80
C4 CLA ZC . 69.01 18.34 9.30
C5 CLA ZC . 70.61 20.36 9.41
C6 CLA ZC . 71.69 19.76 10.26
C7 CLA ZC . 71.46 20.00 11.76
C8 CLA ZC . 72.62 19.64 12.65
C9 CLA ZC . 72.73 18.14 12.83
C10 CLA ZC . 72.28 20.22 14.03
C11 CLA ZC . 73.24 19.95 15.18
C12 CLA ZC . 72.80 20.65 16.47
C13 CLA ZC . 73.63 20.30 17.69
C14 CLA ZC . 72.92 20.50 19.02
C15 CLA ZC . 74.94 21.11 17.68
C16 CLA ZC . 75.88 20.67 18.80
C17 CLA ZC . 77.32 21.20 18.66
C18 CLA ZC . 77.99 20.80 20.01
C19 CLA ZC . 78.05 21.99 20.96
C20 CLA ZC . 79.30 20.04 19.85
MG CLA AD . 71.41 24.24 11.06
CHA CLA AD . 68.32 24.47 12.80
CHB CLA AD . 72.92 23.74 14.14
CHC CLA AD . 74.11 22.88 9.45
CHD CLA AD . 69.49 23.94 7.99
NA CLA AD . 70.74 24.09 13.13
C1A CLA AD . 69.54 24.31 13.59
C2A CLA AD . 69.42 24.39 15.10
C3A CLA AD . 70.86 23.98 15.46
C4A CLA AD . 71.58 23.95 14.16
CMA CLA AD . 71.48 24.93 16.48
CAA CLA AD . 68.38 23.50 15.79
CBA CLA AD . 68.45 22.00 15.30
CGA CLA AD . 67.17 21.29 15.50
O1A CLA AD . 66.20 21.72 16.22
O2A CLA AD . 67.11 20.02 14.82
NB CLA AD . 73.25 23.42 11.78
C1B CLA AD . 73.76 23.37 13.00
C2B CLA AD . 75.17 22.85 13.09
C3B CLA AD . 75.46 22.61 11.68
C4B CLA AD . 74.20 23.00 10.93
CMB CLA AD . 76.03 22.69 14.32
CAB CLA AD . 76.67 22.11 10.98
CBB CLA AD . 77.69 21.60 11.64
NC CLA AD . 71.79 23.58 9.06
C1C CLA AD . 72.93 23.05 8.59
C2C CLA AD . 72.84 22.59 7.17
C3C CLA AD . 71.46 22.91 6.80
C4C CLA AD . 70.91 23.55 8.01
CMC CLA AD . 73.86 21.93 6.31
CAC CLA AD . 70.81 22.65 5.47
CBC CLA AD . 70.14 21.27 5.57
ND CLA AD . 69.43 24.11 10.41
C1D CLA AD . 68.81 24.18 9.24
C2D CLA AD . 67.42 24.52 9.33
C3D CLA AD . 67.21 24.64 10.77
C4D CLA AD . 68.47 24.40 11.36
CMD CLA AD . 66.46 24.65 8.22
CAD CLA AD . 66.22 24.92 11.83
OBD CLA AD . 65.00 25.23 11.62
CBD CLA AD . 66.93 24.81 13.12
CGD CLA AD . 66.95 26.15 13.78
O1D CLA AD . 66.26 26.44 14.71
O2D CLA AD . 67.53 27.22 13.04
CED CLA AD . 67.74 28.46 13.69
C1 CLA AD . 65.89 19.29 14.91
C2 CLA AD . 65.95 17.95 14.28
C3 CLA AD . 65.29 17.47 13.20
C4 CLA AD . 64.24 18.20 12.42
C5 CLA AD . 65.61 15.98 12.89
C6 CLA AD . 66.69 15.80 11.81
C7 CLA AD . 66.70 14.32 11.41
C8 CLA AD . 65.47 13.71 10.72
C9 CLA AD . 65.85 12.37 10.02
C10 CLA AD . 64.80 14.64 9.71
C11 CLA AD . 65.68 15.01 8.53
C12 CLA AD . 65.44 16.42 8.04
C13 CLA AD . 64.05 16.66 7.49
C14 CLA AD . 63.66 15.58 6.46
C15 CLA AD . 63.92 18.06 6.91
C16 CLA AD . 63.94 19.12 8.03
C17 CLA AD . 63.74 20.52 7.47
C18 CLA AD . 64.73 21.00 6.39
C19 CLA AD . 66.18 20.93 6.90
C20 CLA AD . 64.29 22.38 5.87
MG CLA BD . 57.28 31.91 8.90
CHA CLA BD . 55.62 34.65 10.70
CHB CLA BD . 55.20 29.79 10.66
CHC CLA BD . 58.02 29.39 6.62
CHD CLA BD . 58.72 34.26 6.81
NA CLA BD . 55.59 32.17 10.41
C1A CLA BD . 55.21 33.25 11.01
C2A CLA BD . 54.07 33.01 11.98
C3A CLA BD . 54.08 31.53 12.09
C4A CLA BD . 55.02 31.11 10.96
CMA CLA BD . 54.63 31.03 13.41
CAA CLA BD . 52.75 33.52 11.36
CBA CLA BD . 52.41 32.97 9.93
CGA CLA BD . 51.23 33.58 9.25
O1A CLA BD . 50.51 34.50 9.69
O2A CLA BD . 50.92 32.99 8.03
NB CLA BD . 56.61 29.90 8.66
C1B CLA BD . 55.95 29.17 9.56
C2B CLA BD . 55.99 27.73 9.25
C3B CLA BD . 56.82 27.63 8.04
C4B CLA BD . 57.14 29.07 7.75
CMB CLA BD . 55.30 26.66 10.03
CAB CLA BD . 57.34 26.52 7.20
CBB CLA BD . 57.39 25.29 7.61
NC CLA BD . 58.27 31.81 7.02
C1C CLA BD . 58.45 30.76 6.26
C2C CLA BD . 59.02 31.03 4.95
C3C CLA BD . 59.19 32.46 5.06
C4C CLA BD . 58.72 32.84 6.36
CMC CLA BD . 59.36 30.05 3.86
CAC CLA BD . 59.73 33.35 3.99
CBC CLA BD . 58.53 33.92 3.22
ND CLA BD . 57.25 34.00 8.69
C1D CLA BD . 57.95 34.81 7.92
C2D CLA BD . 57.79 36.23 8.22
C3D CLA BD . 56.85 36.16 9.34
C4D CLA BD . 56.59 34.80 9.59
CMD CLA BD . 58.39 37.40 7.49
CAD CLA BD . 56.07 36.93 10.34
OBD CLA BD . 56.06 38.19 10.39
CBD CLA BD . 55.28 36.01 11.22
CGD CLA BD . 55.67 36.28 12.60
O1D CLA BD . 54.88 36.04 13.53
O2D CLA BD . 57.07 36.12 12.87
CED CLA BD . 57.59 36.12 14.21
C1 CLA BD . 49.89 33.54 7.19
C2 CLA BD . 49.55 32.53 6.11
C3 CLA BD . 49.84 32.70 4.80
C4 CLA BD . 50.57 33.89 4.25
C5 CLA BD . 49.37 31.67 3.81
C6 CLA BD . 50.34 30.60 3.36
C7 CLA BD . 49.62 29.69 2.34
C8 CLA BD . 50.53 29.09 1.27
C9 CLA BD . 50.62 30.01 0.05
C10 CLA BD . 50.02 27.72 0.84
C11 CLA BD . 51.01 26.96 -0.04
C12 CLA BD . 50.52 25.56 -0.43
C13 CLA BD . 51.53 24.72 -1.24
C14 CLA BD . 52.93 24.78 -0.62
C15 CLA BD . 51.50 25.12 -2.75
C16 CLA BD . 51.65 23.92 -3.73
C17 CLA BD . 50.87 24.04 -5.06
C18 CLA BD . 50.55 22.67 -5.61
C19 CLA BD . 51.75 21.73 -5.69
C20 CLA BD . 49.87 22.75 -6.96
MG CLA CD . 55.80 3.88 -3.31
CHA CLA CD . 57.57 2.04 -5.72
CHB CLA CD . 52.95 3.31 -5.12
CHC CLA CD . 53.89 5.03 -0.59
CHD CLA CD . 58.68 3.85 -1.25
NA CLA CD . 55.35 2.97 -5.20
C1A CLA CD . 56.16 2.41 -6.01
C2A CLA CD . 55.59 2.14 -7.34
C3A CLA CD . 54.16 2.63 -7.15
C4A CLA CD . 54.13 3.01 -5.73
CMA CLA CD . 53.82 3.81 -7.98
CAA CLA CD . 55.64 0.65 -7.80
CBA CLA CD . 54.99 -0.39 -6.89
CGA CLA CD . 55.74 -0.69 -5.62
O1A CLA CD . 56.84 -1.24 -5.49
O2A CLA CD . 55.08 -0.37 -4.43
NB CLA CD . 53.68 4.18 -2.97
C1B CLA CD . 52.71 3.85 -3.78
C2B CLA CD . 51.37 4.08 -3.17
C3B CLA CD . 51.67 4.57 -1.83
C4B CLA CD . 53.16 4.60 -1.81
CMB CLA CD . 50.05 3.87 -3.80
CAB CLA CD . 50.84 5.06 -0.70
CBB CLA CD . 49.55 5.22 -0.79
NC CLA CD . 56.15 4.29 -1.24
C1C CLA CD . 55.33 4.90 -0.35
C2C CLA CD . 55.97 5.38 0.87
C3C CLA CD . 57.39 5.03 0.62
C4C CLA CD . 57.38 4.34 -0.70
CMC CLA CD . 55.33 6.11 2.03
CAC CLA CD . 58.61 5.32 1.50
CBC CLA CD . 58.81 4.34 2.60
ND CLA CD . 57.71 3.14 -3.37
C1D CLA CD . 58.76 3.19 -2.55
C2D CLA CD . 59.98 2.58 -3.07
C3D CLA CD . 59.50 2.10 -4.35
C4D CLA CD . 58.14 2.50 -4.48
CMD CLA CD . 61.32 2.48 -2.40
CAD CLA CD . 59.86 1.41 -5.58
OBD CLA CD . 60.96 0.92 -5.87
CBD CLA CD . 58.63 1.37 -6.45
CGD CLA CD . 58.92 2.10 -7.67
O1D CLA CD . 58.98 1.51 -8.74
O2D CLA CD . 59.61 3.32 -7.55
CED CLA CD . 60.20 3.89 -8.75
C1 CLA CD . 55.74 -0.43 -3.17
C2 CLA CD . 54.74 0.07 -2.16
C3 CLA CD . 55.03 0.58 -0.96
C4 CLA CD . 56.45 0.70 -0.44
C5 CLA CD . 53.97 1.06 -0.03
C6 CLA CD . 52.52 0.87 -0.47
C7 CLA CD . 51.58 1.37 0.64
C8 CLA CD . 50.10 1.05 0.46
C9 CLA CD . 49.29 1.83 1.48
C10 CLA CD . 49.83 -0.42 0.69
C11 CLA CD . 49.95 -0.94 2.15
C12 CLA CD . 50.22 -2.45 2.05
C13 CLA CD . 50.46 -3.17 3.38
C14 CLA CD . 50.84 -4.60 3.01
C15 CLA CD . 49.26 -3.09 4.34
C16 CLA CD . 49.60 -3.53 5.78
C17 CLA CD . 48.47 -3.41 6.80
C18 CLA CD . 48.82 -3.80 8.24
C19 CLA CD . 49.83 -4.93 8.40
C20 CLA CD . 47.64 -4.17 9.11
MG CLA DD . 71.17 0.10 3.17
CHA CLA DD . 70.73 -2.90 1.43
CHB CLA DD . 69.37 1.68 0.48
CHC CLA DD . 70.67 2.86 5.11
CHD CLA DD . 72.30 -1.78 6.04
NA CLA DD . 70.27 -0.45 1.22
C1A CLA DD . 70.28 -1.65 0.74
C2A CLA DD . 69.66 -1.71 -0.61
C3A CLA DD . 69.61 -0.24 -1.03
C4A CLA DD . 69.74 0.40 0.31
CMA CLA DD . 70.73 0.18 -1.94
CAA CLA DD . 68.26 -2.36 -0.53
CBA CLA DD . 67.27 -1.65 0.39
CGA CLA DD . 65.95 -2.36 0.54
O1A CLA DD . 65.61 -3.24 -0.22
O2A CLA DD . 65.09 -1.97 1.63
NB CLA DD . 70.12 1.98 2.80
C1B CLA DD . 69.57 2.49 1.70
C2B CLA DD . 69.10 3.89 1.88
C3B CLA DD . 69.46 4.20 3.27
C4B CLA DD . 70.11 2.93 3.77
CMB CLA DD . 68.41 4.78 0.88
CAB CLA DD . 69.36 5.44 4.07
CBB CLA DD . 69.00 6.59 3.55
NC CLA DD . 71.40 0.45 5.16
C1C CLA DD . 71.29 1.65 5.76
C2C CLA DD . 71.69 1.64 7.17
C3C CLA DD . 72.12 0.27 7.43
C4C CLA DD . 71.92 -0.37 6.12
CMC CLA DD . 71.75 2.71 8.21
CAC CLA DD . 72.73 -0.23 8.72
CBC CLA DD . 71.77 -1.05 9.54
ND CLA DD . 71.50 -1.81 3.78
C1D CLA DD . 71.98 -2.49 4.83
C2D CLA DD . 72.10 -3.92 4.65
C3D CLA DD . 71.62 -4.03 3.28
C4D CLA DD . 71.26 -2.77 2.81
CMD CLA DD . 72.57 -4.98 5.58
CAD CLA DD . 71.35 -5.04 2.25
OBD CLA DD . 71.54 -6.27 2.44
CBD CLA DD . 70.94 -4.32 1.03
CGD CLA DD . 72.05 -4.44 0.06
O1D CLA DD . 71.87 -4.49 -1.16
O2D CLA DD . 73.38 -4.28 0.58
CED CLA DD . 74.35 -3.86 -0.42
C1 CLA DD . 63.71 -2.31 1.65
C2 CLA DD . 63.35 -3.15 2.86
C3 CLA DD . 63.06 -4.48 2.80
C4 CLA DD . 63.14 -5.25 1.51
C5 CLA DD . 62.61 -5.23 4.05
C6 CLA DD . 61.16 -5.76 3.95
C7 CLA DD . 60.07 -4.68 4.01
C8 CLA DD . 59.53 -4.38 5.42
C9 CLA DD . 58.33 -5.29 5.78
C10 CLA DD . 59.19 -2.88 5.56
C11 CLA DD . 58.79 -2.36 6.96
C12 CLA DD . 58.52 -0.85 6.94
C13 CLA DD . 57.29 -0.36 7.74
C14 CLA DD . 56.83 1.03 7.29
C15 CLA DD . 57.46 -0.45 9.28
C16 CLA DD . 58.57 0.40 9.96
C17 CLA DD . 58.73 0.14 11.48
C18 CLA DD . 59.13 -1.31 11.84
C19 CLA DD . 57.98 -2.07 12.54
C20 CLA DD . 60.43 -1.42 12.65
MG CLA ED . 67.57 6.54 -1.64
CHA CLA ED . 69.42 9.40 -0.15
CHB CLA ED . 65.32 6.94 0.75
CHC CLA ED . 66.57 3.32 -2.33
CHD CLA ED . 70.34 6.02 -3.90
NA CLA ED . 67.38 8.00 0.03
C1A CLA ED . 68.14 8.99 0.47
C2A CLA ED . 67.58 9.71 1.66
C3A CLA ED . 66.24 9.02 1.81
C4A CLA ED . 66.29 7.89 0.77
CMA CLA ED . 65.90 8.48 3.19
CAA CLA ED . 67.48 11.23 1.45
CBA CLA ED . 66.86 11.96 2.63
CGA CLA ED . 67.55 11.72 3.94
O1A CLA ED . 68.75 11.58 4.11
O2A CLA ED . 66.72 11.60 5.05
NB CLA ED . 66.15 5.37 -0.94
C1B CLA ED . 65.27 5.65 0.04
C2B CLA ED . 64.27 4.61 0.35
C3B CLA ED . 64.66 3.59 -0.62
C4B CLA ED . 65.85 4.15 -1.37
CMB CLA ED . 63.10 4.62 1.33
CAB CLA ED . 64.21 2.19 -0.84
CBB CLA ED . 63.51 1.52 0.03
NC CLA ED . 68.33 4.90 -2.90
C1C CLA ED . 67.77 3.71 -3.06
C2C CLA ED . 68.36 2.85 -4.11
C3C CLA ED . 69.47 3.69 -4.56
C4C CLA ED . 69.35 4.93 -3.74
CMC CLA ED . 67.91 1.46 -4.46
CAC CLA ED . 70.56 3.41 -5.60
CBC CLA ED . 71.73 2.95 -4.78
ND CLA ED . 69.49 7.40 -2.00
C1D CLA ED . 70.41 7.17 -2.95
C2D CLA ED . 71.50 8.17 -2.90
C3D CLA ED . 71.11 9.05 -1.80
C4D CLA ED . 69.91 8.52 -1.29
CMD CLA ED . 72.70 8.25 -3.78
CAD CLA ED . 71.51 10.24 -0.99
OBD CLA ED . 72.52 10.98 -1.20
CBD CLA ED . 70.43 10.50 -0.01
CGD CLA ED . 70.99 10.47 1.34
O1D CLA ED . 71.64 11.37 1.77
O2D CLA ED . 70.70 9.37 2.19
CED CLA ED . 71.36 9.25 3.43
C1 CLA ED . 67.25 11.29 6.30
C2 CLA ED . 67.76 9.88 6.37
C3 CLA ED . 67.47 9.01 7.31
C4 CLA ED . 66.45 9.30 8.39
C5 CLA ED . 68.15 7.64 7.31
C6 CLA ED . 68.21 6.97 8.68
C7 CLA ED . 68.51 5.47 8.60
C8 CLA ED . 67.54 4.51 9.27
C9 CLA ED . 67.32 4.90 10.72
C10 CLA ED . 68.09 3.06 9.23
C11 CLA ED . 67.71 2.27 8.00
C12 CLA ED . 67.86 0.77 8.33
C13 CLA ED . 67.52 -0.08 7.11
C14 CLA ED . 65.99 -0.26 7.02
C15 CLA ED . 68.24 -1.45 7.11
C16 CLA ED . 67.69 -2.39 6.02
C17 CLA ED . 68.63 -3.52 5.61
C18 CLA ED . 67.88 -4.79 5.21
C19 CLA ED . 68.86 -5.84 4.70
C20 CLA ED . 66.82 -4.49 4.16
MG CLA FD . 59.02 16.97 -9.28
CHA CLA FD . 58.82 17.50 -12.72
CHB CLA FD . 62.44 17.65 -9.48
CHC CLA FD . 59.17 17.38 -5.74
CHD CLA FD . 55.46 17.24 -9.03
NA CLA FD . 60.47 17.49 -10.85
C1A CLA FD . 60.19 17.55 -12.10
C2A CLA FD . 61.42 17.93 -12.92
C3A CLA FD . 62.58 17.73 -11.95
C4A CLA FD . 61.80 17.65 -10.64
CMA CLA FD . 63.27 16.38 -12.13
CAA CLA FD . 61.29 19.38 -13.39
CBA CLA FD . 60.90 20.36 -12.29
CGA CLA FD . 60.83 21.80 -12.79
O1A CLA FD . 61.44 22.27 -13.74
O2A CLA FD . 60.04 22.71 -12.04
NB CLA FD . 60.52 17.54 -7.86
C1B CLA FD . 61.86 17.57 -8.13
C2B CLA FD . 62.72 17.59 -6.94
C3B CLA FD . 61.74 17.54 -5.82
C4B CLA FD . 60.40 17.49 -6.51
CMB CLA FD . 64.21 17.73 -6.86
CAB CLA FD . 61.90 17.46 -4.37
CBB CLA FD . 63.04 17.18 -3.75
NC CLA FD . 57.57 17.22 -7.63
C1C CLA FD . 57.81 17.33 -6.33
C2C CLA FD . 56.59 17.44 -5.51
C3C CLA FD . 55.55 17.34 -6.50
C4C CLA FD . 56.26 17.26 -7.78
CMC CLA FD . 56.50 17.54 -4.01
CAC CLA FD . 54.08 17.40 -6.24
CBC CLA FD . 53.54 18.67 -6.74
ND CLA FD . 57.45 17.31 -10.47
C1D CLA FD . 56.11 17.32 -10.34
C2D CLA FD . 55.38 17.37 -11.60
C3D CLA FD . 56.47 17.42 -12.57
C4D CLA FD . 57.67 17.37 -11.83
CMD CLA FD . 53.92 17.34 -11.86
CAD CLA FD . 56.80 17.47 -14.01
OBD CLA FD . 56.03 17.47 -15.03
CBD CLA FD . 58.28 17.48 -14.08
CGD CLA FD . 58.71 16.16 -14.66
O1D CLA FD . 58.10 15.08 -14.54
O2D CLA FD . 59.96 16.19 -15.35
CED CLA FD . 60.64 14.90 -15.39
C1 CLA FD . 60.02 24.12 -12.38
C2 CLA FD . 59.28 24.86 -11.32
C3 CLA FD . 58.12 25.47 -11.52
C4 CLA FD . 57.39 25.49 -12.84
C5 CLA FD . 57.53 26.18 -10.33
C6 CLA FD . 56.15 25.67 -9.92
C7 CLA FD . 55.64 26.48 -8.74
C8 CLA FD . 54.55 25.79 -7.90
C9 CLA FD . 53.38 25.37 -8.81
C10 CLA FD . 53.99 26.72 -6.84
C11 CLA FD . 54.85 26.83 -5.60
C12 CLA FD . 54.22 27.94 -4.75
C13 CLA FD . 54.94 28.29 -3.45
C14 CLA FD . 55.38 27.04 -2.69
C15 CLA FD . 54.04 29.16 -2.56
C16 CLA FD . 53.53 30.47 -3.20
C17 CLA FD . 54.65 31.37 -3.76
C18 CLA FD . 54.24 32.82 -4.08
C19 CLA FD . 53.00 32.91 -4.97
C20 CLA FD . 55.39 33.57 -4.74
MG CLA GD . 67.57 17.14 -6.34
CHA CLA GD . 67.32 15.54 -3.14
CHB CLA GD . 66.90 20.04 -4.77
CHC CLA GD . 67.11 18.55 -9.39
CHD CLA GD . 67.65 13.92 -7.80
NA CLA GD . 67.16 17.73 -4.33
C1A CLA GD . 67.15 17.02 -3.24
C2A CLA GD . 66.95 17.80 -1.97
C3A CLA GD . 66.78 19.19 -2.51
C4A CLA GD . 66.95 18.99 -3.98
CMA CLA GD . 65.42 19.74 -2.07
CAA CLA GD . 68.11 17.72 -0.98
CBA CLA GD . 67.92 18.63 0.24
CGA CLA GD . 67.11 18.01 1.38
O1A CLA GD . 66.52 16.93 1.34
O2A CLA GD . 67.03 18.77 2.60
NB CLA GD . 67.01 18.91 -6.94
C1B CLA GD . 66.95 20.05 -6.23
C2B CLA GD . 67.00 21.31 -6.98
C3B CLA GD . 67.06 20.82 -8.35
C4B CLA GD . 67.05 19.35 -8.19
CMB CLA GD . 66.93 22.75 -6.50
CAB CLA GD . 67.11 21.49 -9.68
CBB CLA GD . 67.05 22.82 -9.81
NC CLA GD . 67.40 16.40 -8.14
C1C CLA GD . 67.28 17.11 -9.30
C2C CLA GD . 67.20 16.36 -10.54
C3C CLA GD . 67.33 14.99 -10.06
C4C CLA GD . 67.47 15.12 -8.58
CMC CLA GD . 67.08 16.87 -11.95
CAC CLA GD . 67.41 13.77 -10.95
CBC CLA GD . 66.10 13.15 -11.33
ND CLA GD . 67.46 15.18 -5.78
C1D CLA GD . 67.65 14.00 -6.38
C2D CLA GD . 67.73 12.85 -5.53
C3D CLA GD . 67.58 13.48 -4.21
C4D CLA GD . 67.45 14.85 -4.44
CMD CLA GD . 67.93 11.40 -5.89
CAD CLA GD . 67.59 13.22 -2.78
OBD CLA GD . 67.70 12.08 -2.22
CBD CLA GD . 67.29 14.51 -2.08
CGD CLA GD . 65.97 14.40 -1.39
O1D CLA GD . 65.77 14.06 -0.25
O2D CLA GD . 64.81 14.71 -2.10
CED CLA GD . 63.57 14.13 -1.67
C1 CLA GD . 66.47 18.22 3.78
C2 CLA GD . 66.95 16.86 4.22
C3 CLA GD . 68.02 16.69 4.97
C4 CLA GD . 68.87 17.87 5.34
C5 CLA GD . 68.45 15.29 5.36
C6 CLA GD . 69.80 14.94 4.72
C7 CLA GD . 69.84 15.25 3.24
C8 CLA GD . 70.99 14.69 2.40
C9 CLA GD . 72.31 14.56 3.15
C10 CLA GD . 71.16 15.66 1.23
C11 CLA GD . 71.93 15.11 0.03
C12 CLA GD . 71.16 14.28 -0.99
C13 CLA GD . 71.76 14.54 -2.39
C14 CLA GD . 71.33 15.90 -2.92
C15 CLA GD . 71.42 13.46 -3.41
C16 CLA GD . 72.33 13.64 -4.64
C17 CLA GD . 72.87 12.32 -5.16
C18 CLA GD . 74.18 12.46 -5.97
C19 CLA GD . 74.11 13.40 -7.15
C20 CLA GD . 74.58 11.10 -6.49
MG CLA HD . 63.22 24.29 -1.67
CHA CLA HD . 62.40 24.95 -4.98
CHB CLA HD . 62.39 20.94 -2.24
CHC CLA HD . 63.29 23.57 1.83
CHD CLA HD . 63.36 27.68 -0.90
NA CLA HD . 62.41 23.07 -3.31
C1A CLA HD . 62.34 23.51 -4.52
C2A CLA HD . 62.14 22.39 -5.53
C3A CLA HD . 61.84 21.22 -4.61
C4A CLA HD . 62.25 21.77 -3.28
CMA CLA HD . 60.35 20.87 -4.59
CAA CLA HD . 63.34 22.21 -6.45
CBA CLA HD . 63.30 21.02 -7.42
CGA CLA HD . 62.24 21.22 -8.46
O1A CLA HD . 62.43 21.66 -9.60
O2A CLA HD . 60.90 20.91 -8.14
NB CLA HD . 62.85 22.50 -0.38
C1B CLA HD . 62.64 21.27 -0.81
C2B CLA HD . 62.75 20.27 0.25
C3B CLA HD . 63.00 21.04 1.44
C4B CLA HD . 63.04 22.45 0.93
CMB CLA HD . 62.62 18.80 0.12
CAB CLA HD . 63.16 20.68 2.86
CBB CLA HD . 63.03 19.42 3.33
NC CLA HD . 63.30 25.36 0.15
C1C CLA HD . 63.41 24.97 1.44
C2C CLA HD . 63.55 26.06 2.41
C3C CLA HD . 63.61 27.25 1.57
C4C CLA HD . 63.42 26.71 0.19
CMC CLA HD . 63.73 26.04 3.90
CAC CLA HD . 63.77 28.64 2.08
CBC CLA HD . 62.43 29.27 2.41
ND CLA HD . 62.92 26.01 -2.60
C1D CLA HD . 63.08 27.29 -2.26
C2D CLA HD . 62.92 28.19 -3.40
C3D CLA HD . 62.66 27.27 -4.53
C4D CLA HD . 62.70 25.98 -3.97
CMD CLA HD . 63.07 29.70 -3.26
CAD CLA HD . 62.39 27.12 -5.97
OBD CLA HD . 62.32 28.06 -6.87
CBD CLA HD . 62.26 25.65 -6.24
CGD CLA HD . 60.88 25.30 -6.73
O1D CLA HD . 60.61 25.24 -7.93
O2D CLA HD . 59.81 25.85 -5.94
CED CLA HD . 58.49 25.81 -6.44
C1 CLA HD . 59.80 21.43 -8.90
C2 CLA HD . 58.65 21.57 -7.92
C3 CLA HD . 57.38 21.35 -8.18
C4 CLA HD . 56.92 20.97 -9.58
C5 CLA HD . 56.30 21.50 -7.14
C6 CLA HD . 56.72 21.54 -5.70
C7 CLA HD . 55.46 21.67 -4.83
C8 CLA HD . 55.84 21.83 -3.35
C9 CLA HD . 54.79 21.26 -2.43
C10 CLA HD . 56.00 23.35 -3.07
C11 CLA HD . 56.94 23.64 -1.89
C12 CLA HD . 58.38 23.66 -2.29
C13 CLA HD . 59.42 23.85 -1.18
C14 CLA HD . 59.38 22.68 -0.20
C15 CLA HD . 59.39 25.20 -0.43
C16 CLA HD . 59.39 26.40 -1.36
C17 CLA HD . 59.49 27.68 -0.56
C18 CLA HD . 59.71 28.87 -1.51
C19 CLA HD . 60.07 30.14 -0.75
C20 CLA HD . 58.51 29.15 -2.39
MG CLA ID . 66.13 25.66 -12.78
CHA CLA ID . 68.33 25.42 -15.76
CHB CLA ID . 69.12 25.68 -10.97
CHC CLA ID . 64.37 26.81 -10.13
CHD CLA ID . 63.49 26.47 -14.93
NA CLA ID . 68.43 25.58 -13.30
C1A CLA ID . 68.99 25.45 -14.43
C2A CLA ID . 70.54 25.46 -14.32
C3A CLA ID . 70.80 25.61 -12.83
C4A CLA ID . 69.36 25.61 -12.30
CMA CLA ID . 71.52 24.42 -12.19
CAA CLA ID . 71.28 26.44 -15.21
CBA CLA ID . 70.86 27.90 -15.06
CGA CLA ID . 71.33 28.86 -16.11
O1A CLA ID . 71.74 28.61 -17.22
O2A CLA ID . 71.28 30.22 -15.73
NB CLA ID . 66.66 26.22 -10.94
C1B CLA ID . 67.83 26.03 -10.28
C2B CLA ID . 67.77 26.20 -8.81
C3B CLA ID . 66.38 26.55 -8.61
C4B CLA ID . 65.79 26.52 -9.97
CMB CLA ID . 68.86 26.09 -7.75
CAB CLA ID . 65.60 26.79 -7.34
CBB CLA ID . 66.02 26.38 -6.17
NC CLA ID . 64.22 26.51 -12.54
C1C CLA ID . 63.66 26.80 -11.39
C2C CLA ID . 62.29 27.29 -11.51
C3C CLA ID . 62.06 27.20 -12.93
C4C CLA ID . 63.33 26.70 -13.49
CMC CLA ID . 61.35 27.74 -10.44
CAC CLA ID . 60.77 27.55 -13.60
CBC CLA ID . 60.84 29.04 -13.91
ND CLA ID . 65.90 25.92 -14.74
C1D CLA ID . 64.80 26.15 -15.50
C2D CLA ID . 64.99 26.02 -16.92
C3D CLA ID . 66.40 25.72 -16.99
C4D CLA ID . 66.88 25.68 -15.68
CMD CLA ID . 63.98 26.16 -18.06
CAD CLA ID . 67.49 25.44 -17.98
OBD CLA ID . 67.39 25.42 -19.26
CBD CLA ID . 68.70 25.23 -17.20
CGD CLA ID . 69.23 23.90 -17.63
O1D CLA ID . 69.00 22.89 -16.99
O2D CLA ID . 70.58 23.98 -18.19
CED CLA ID . 71.26 22.73 -18.44
C1 CLA ID . 71.39 31.25 -16.69
C2 CLA ID . 70.99 32.50 -15.93
C3 CLA ID . 71.83 33.51 -15.59
C4 CLA ID . 73.31 33.50 -15.96
C5 CLA ID . 71.28 34.70 -14.82
C6 CLA ID . 71.84 34.66 -13.40
C7 CLA ID . 71.56 33.35 -12.64
C8 CLA ID . 72.26 33.37 -11.29
C9 CLA ID . 72.50 31.96 -10.75
C10 CLA ID . 71.49 34.24 -10.31
C11 CLA ID . 72.13 34.20 -8.93
C12 CLA ID . 71.73 35.37 -8.05
C13 CLA ID . 72.37 35.32 -6.65
C14 CLA ID . 71.68 36.42 -5.82
C15 CLA ID . 73.90 35.51 -6.69
C16 CLA ID . 74.49 35.59 -5.30
C17 CLA ID . 76.02 35.64 -5.43
C18 CLA ID . 76.77 35.75 -4.14
C19 CLA ID . 78.28 35.91 -4.35
C20 CLA ID . 76.56 34.54 -3.29
MG CLA JD . 77.99 14.76 -0.77
CHA CLA JD . 75.70 17.45 0.05
CHB CLA JD . 79.40 15.38 2.35
CHC CLA JD . 80.73 13.11 -1.81
CHD CLA JD . 77.04 15.33 -4.30
NA CLA JD . 77.57 16.13 0.97
C1A CLA JD . 76.62 16.98 1.11
C2A CLA JD . 76.54 17.61 2.48
C3A CLA JD . 77.86 17.13 3.08
C4A CLA JD . 78.32 16.12 2.08
CMA CLA JD . 78.88 18.26 3.19
CAA CLA JD . 75.38 17.23 3.37
CBA CLA JD . 75.22 18.26 4.48
CGA CLA JD . 74.03 18.06 5.42
O1A CLA JD . 72.89 18.36 5.16
O2A CLA JD . 74.29 17.50 6.71
NB CLA JD . 79.81 14.35 0.16
C1B CLA JD . 80.18 14.54 1.41
C2B CLA JD . 81.49 13.90 1.74
C3B CLA JD . 81.85 13.22 0.48
C4B CLA JD . 80.73 13.57 -0.44
CMB CLA JD . 82.20 13.94 3.08
CAB CLA JD . 83.03 12.39 0.10
CBB CLA JD . 84.04 12.16 0.92
NC CLA JD . 78.76 14.37 -2.72
C1C CLA JD . 79.82 13.53 -2.88
C2C CLA JD . 80.06 13.11 -4.26
C3C CLA JD . 78.97 13.77 -4.98
C4C CLA JD . 78.25 14.54 -3.94
CMC CLA JD . 81.18 12.19 -4.73
CAC CLA JD . 78.64 13.77 -6.43
CBC CLA JD . 78.99 15.15 -6.97
ND CLA JD . 76.78 16.06 -1.96
C1D CLA JD . 76.35 16.08 -3.24
C2D CLA JD . 75.23 16.99 -3.50
C3D CLA JD . 74.99 17.49 -2.14
C4D CLA JD . 75.93 16.90 -1.28
CMD CLA JD . 74.49 17.22 -4.81
CAD CLA JD . 74.07 18.36 -1.38
OBD CLA JD . 73.11 19.01 -1.92
CBD CLA JD . 74.50 18.33 0.03
CGD CLA JD . 74.79 19.73 0.51
O1D CLA JD . 74.18 20.29 1.41
O2D CLA JD . 75.96 20.39 0.01
CED CLA JD . 76.15 21.77 0.30
C1 CLA JD . 73.37 17.30 7.77
C2 CLA JD . 74.28 16.93 8.93
C3 CLA JD . 75.11 17.83 9.49
C4 CLA JD . 75.13 19.27 9.03
C5 CLA JD . 76.00 17.43 10.65
C6 CLA JD . 77.45 17.91 10.52
C7 CLA JD . 78.32 16.98 9.69
C8 CLA JD . 79.80 17.34 9.58
C9 CLA JD . 80.00 18.81 9.27
C10 CLA JD . 80.44 16.48 8.49
C11 CLA JD . 81.93 16.24 8.75
C12 CLA JD . 82.60 15.26 7.78
C13 CLA JD . 83.67 14.36 8.46
C14 CLA JD . 84.74 15.15 9.26
C15 CLA JD . 84.32 13.46 7.40
C16 CLA JD . 83.50 12.27 6.87
C17 CLA JD . 84.28 11.67 5.67
C18 CLA JD . 83.96 10.25 5.22
C19 CLA JD . 84.77 9.92 3.97
C20 CLA JD . 82.46 10.05 4.98
MG CLA KD . 82.70 22.82 -5.34
CHA CLA KD . 85.67 22.59 -7.50
CHB CLA KD . 82.77 19.21 -5.60
CHC CLA KD . 80.56 22.61 -2.71
CHD CLA KD . 83.52 26.12 -4.58
NA CLA KD . 84.08 21.09 -6.30
C1A CLA KD . 85.09 21.30 -7.07
C2A CLA KD . 85.68 20.03 -7.59
C3A CLA KD . 84.54 19.02 -7.34
C4A CLA KD . 83.71 19.81 -6.34
CMA CLA KD . 83.71 18.67 -8.59
CAA CLA KD . 87.05 19.76 -6.89
CBA CLA KD . 87.01 19.63 -5.37
CGA CLA KD . 88.25 19.01 -4.83
O1A CLA KD . 89.01 18.35 -5.52
O2A CLA KD . 88.56 19.21 -3.43
NB CLA KD . 81.89 21.14 -4.30
C1B CLA KD . 81.87 19.83 -4.59
C2B CLA KD . 80.85 19.06 -3.85
C3B CLA KD . 80.22 20.10 -2.99
C4B CLA KD . 80.94 21.35 -3.36
CMB CLA KD . 80.49 17.61 -3.96
CAB CLA KD . 79.10 20.07 -2.00
CBB CLA KD . 78.53 18.96 -1.64
NC CLA KD . 82.06 24.13 -3.89
C1C CLA KD . 81.19 23.91 -2.91
C2C CLA KD . 81.01 25.08 -2.02
C3C CLA KD . 81.89 26.10 -2.62
C4C CLA KD . 82.49 25.41 -3.78
CMC CLA KD . 80.10 25.19 -0.83
CAC CLA KD . 82.13 27.53 -2.16
CBC CLA KD . 83.38 27.46 -1.26
ND CLA KD . 84.33 24.10 -5.72
C1D CLA KD . 84.38 25.44 -5.59
C2D CLA KD . 85.28 26.08 -6.57
C3D CLA KD . 85.75 24.93 -7.34
C4D CLA KD . 85.16 23.79 -6.79
CMD CLA KD . 85.56 27.55 -6.75
CAD CLA KD . 86.65 24.51 -8.47
OBD CLA KD . 87.31 25.34 -9.18
CBD CLA KD . 86.62 23.02 -8.56
CGD CLA KD . 86.19 22.61 -9.93
O1D CLA KD . 85.02 22.44 -10.26
O2D CLA KD . 87.20 22.35 -10.92
CED CLA KD . 87.02 22.86 -12.24
C1 CLA KD . 89.26 18.23 -2.68
C2 CLA KD . 89.26 18.52 -1.20
C3 CLA KD . 89.71 19.68 -0.67
C4 CLA KD . 90.28 20.80 -1.51
C5 CLA KD . 89.64 19.80 0.84
C6 CLA KD . 88.20 19.96 1.32
C7 CLA KD . 88.07 21.05 2.39
C8 CLA KD . 86.66 21.22 2.94
C9 CLA KD . 86.39 22.65 3.44
C10 CLA KD . 86.41 20.21 4.04
C11 CLA KD . 84.92 20.01 4.34
C12 CLA KD . 84.62 20.24 5.83
C13 CLA KD . 83.18 19.89 6.28
C14 CLA KD . 82.81 18.44 5.91
C15 CLA KD . 82.22 21.01 5.81
C16 CLA KD . 80.78 20.55 5.53
C17 CLA KD . 79.86 21.73 5.21
C18 CLA KD . 78.38 21.47 5.46
C19 CLA KD . 77.55 22.39 4.59
C20 CLA KD . 78.01 21.62 6.91
C1 BCR LD . 60.10 -2.63 -2.72
C2 BCR LD . 59.56 -3.74 -3.62
C3 BCR LD . 59.39 -5.04 -2.87
C4 BCR LD . 58.33 -4.87 -1.82
C5 BCR LD . 58.59 -3.65 -0.98
C6 BCR LD . 59.39 -2.63 -1.38
C7 BCR LD . 59.53 -1.45 -0.52
C8 BCR LD . 60.20 -1.43 0.64
C9 BCR LD . 60.21 -0.19 1.49
C10 BCR LD . 60.71 -0.34 2.74
C11 BCR LD . 60.79 0.70 3.79
C33 BCR LD . 57.86 -3.62 0.34
C31 BCR LD . 59.85 -1.34 -3.47
C32 BCR LD . 61.58 -2.83 -2.45
C34 BCR LD . 59.63 1.11 1.00
C12 BCR LD . 61.37 0.43 4.97
C13 BCR LD . 61.55 1.44 6.06
C14 BCR LD . 62.33 1.13 7.13
C15 BCR LD . 62.60 2.02 8.28
C16 BCR LD . 63.34 1.65 9.32
C17 BCR LD . 63.54 2.54 10.47
C18 BCR LD . 64.34 2.33 11.57
C19 BCR LD . 64.36 3.39 12.60
C20 BCR LD . 64.99 3.31 13.78
C21 BCR LD . 64.86 4.38 14.76
C22 BCR LD . 65.34 4.45 16.01
C23 BCR LD . 64.96 5.67 16.79
C24 BCR LD . 65.25 5.84 18.09
C25 BCR LD . 64.81 7.05 18.83
C26 BCR LD . 65.26 8.31 18.62
C27 BCR LD . 64.81 9.53 19.40
C28 BCR LD . 63.53 9.28 20.15
C29 BCR LD . 63.59 7.92 20.83
C30 BCR LD . 63.79 6.74 19.85
C35 BCR LD . 60.86 2.80 5.97
C36 BCR LD . 65.15 1.04 11.84
C37 BCR LD . 66.19 3.36 16.58
C38 BCR LD . 66.36 8.59 17.60
C39 BCR LD . 62.50 6.38 19.12
C40 BCR LD . 64.21 5.54 20.70
C1A DGD MD . 47.60 8.11 14.64
C2A DGD MD . 47.63 7.40 13.31
C3A DGD MD . 47.22 5.95 13.24
C4A DGD MD . 47.32 5.56 11.75
C5A DGD MD . 48.34 4.50 11.38
C6A DGD MD . 48.92 4.70 9.97
C7A DGD MD . 49.56 3.45 9.33
C8A DGD MD . 50.21 2.32 10.19
C9A DGD MD . 49.98 0.86 9.68
CAA DGD MD . 50.90 0.43 8.51
CBA DGD MD . 50.47 0.90 7.09
CCA DGD MD . 51.53 0.65 6.00
CDA DGD MD . 52.30 1.90 5.51
CEA DGD MD . 53.51 1.58 4.60
CFA DGD MD . 54.70 2.56 4.71
CGA DGD MD . 55.97 1.95 4.10
O1A DGD MD . 46.69 8.16 15.44
C1B DGD MD . 52.19 8.21 15.33
C2B DGD MD . 53.18 8.44 14.30
C3B DGD MD . 52.46 9.10 13.15
C4B DGD MD . 51.89 8.12 12.14
C5B DGD MD . 51.70 8.93 10.87
C6B DGD MD . 50.28 9.40 10.57
C7B DGD MD . 50.10 9.26 9.06
C8B DGD MD . 48.83 9.86 8.47
C9B DGD MD . 48.52 9.17 7.13
CAB DGD MD . 48.78 10.01 5.90
CBB DGD MD . 47.54 9.96 5.03
CCB DGD MD . 47.57 10.83 3.80
CDB DGD MD . 47.16 9.92 2.62
CEB DGD MD . 46.87 10.60 1.29
CFB DGD MD . 46.54 9.50 0.29
CGB DGD MD . 46.24 10.10 -1.05
O1B DGD MD . 52.09 7.14 15.85
O1G DGD MD . 48.82 8.75 14.94
C1G DGD MD . 49.02 9.52 16.12
C2G DGD MD . 50.34 9.04 16.66
O2G DGD MD . 51.38 9.31 15.69
C3G DGD MD . 50.56 9.72 17.95
O3G DGD MD . 49.56 9.13 18.78
C1D DGD MD . 49.42 9.72 20.03
C2D DGD MD . 48.20 9.01 20.70
O2D DGD MD . 46.96 9.26 19.95
C3D DGD MD . 48.11 9.49 22.13
O3D DGD MD . 47.14 8.82 22.89
C4D DGD MD . 49.50 9.35 22.86
O4D DGD MD . 49.87 8.01 23.07
C5D DGD MD . 50.54 10.13 22.03
O5D DGD MD . 51.77 11.34 23.72
C6D DGD MD . 51.91 10.35 22.66
O6D DGD MD . 50.64 9.51 20.76
C1E DGD MD . 52.09 10.90 25.08
C2E DGD MD . 51.19 11.74 25.98
O2E DGD MD . 49.84 11.44 25.59
C3E DGD MD . 51.52 13.25 25.75
O3E DGD MD . 50.67 14.07 26.52
C4E DGD MD . 53.02 13.46 26.09
O4E DGD MD . 53.27 13.25 27.45
C5E DGD MD . 53.92 12.53 25.29
O6E DGD MD . 53.49 11.14 25.38
C6E DGD MD . 55.39 12.67 25.70
O5E DGD MD . 55.85 14.04 25.82
C1A DGD ND . 50.84 38.04 5.44
C2A DGD ND . 50.65 39.01 4.27
C3A DGD ND . 50.91 38.45 2.87
C4A DGD ND . 49.68 37.86 2.20
C5A DGD ND . 50.04 37.22 0.84
C6A DGD ND . 49.40 35.83 0.59
C7A DGD ND . 49.64 35.31 -0.84
C8A DGD ND . 49.88 33.80 -0.97
C9A DGD ND . 50.40 33.39 -2.36
CAA DGD ND . 49.31 32.91 -3.36
CBA DGD ND . 49.37 33.40 -4.82
CCA DGD ND . 48.02 34.00 -5.30
CDA DGD ND . 47.71 35.39 -4.69
CEA DGD ND . 46.42 35.45 -3.83
CFA DGD ND . 46.32 36.71 -2.95
CGA DGD ND . 45.35 36.48 -1.81
O1A DGD ND . 51.12 36.82 5.41
C1B DGD ND . 53.65 36.25 7.63
C2B DGD ND . 54.52 35.64 6.52
C3B DGD ND . 53.91 34.42 5.86
C4B DGD ND . 54.83 33.21 5.86
C5B DGD ND . 54.15 31.98 5.28
C6B DGD ND . 53.41 31.13 6.31
C7B DGD ND . 53.85 29.69 6.24
C8B DGD ND . 53.15 28.70 7.20
C9B DGD ND . 51.67 28.57 6.84
CAB DGD ND . 51.07 27.17 7.02
CBB DGD ND . 50.77 26.57 5.65
CCB DGD ND . 49.66 25.56 5.67
CDB DGD ND . 48.29 26.13 5.92
CEB DGD ND . 47.91 27.26 4.97
CFB DGD ND . 46.42 27.56 5.01
CGB DGD ND . 46.14 28.81 4.18
O1B DGD ND . 53.39 35.78 8.72
O1G DGD ND . 50.66 38.67 6.73
C1G DGD ND . 50.79 37.92 7.93
C2G DGD ND . 52.22 37.98 8.42
O2G DGD ND . 53.08 37.51 7.39
C3G DGD ND . 52.59 39.41 8.65
O3G DGD ND . 51.58 40.07 9.41
C1D DGD ND . 51.62 39.88 10.81
C2D DGD ND . 50.88 41.07 11.55
O2D DGD ND . 51.62 42.27 11.43
C3D DGD ND . 50.77 40.79 13.05
O3D DGD ND . 49.94 41.79 13.63
C4D DGD ND . 50.30 39.35 13.32
O4D DGD ND . 48.89 39.24 13.12
C5D DGD ND . 51.00 38.31 12.43
O5D DGD ND . 50.28 36.53 13.91
C6D DGD ND . 50.37 36.91 12.53
O6D DGD ND . 50.90 38.67 11.07
C1E DGD ND . 51.52 35.95 14.44
C2E DGD ND . 51.22 34.66 15.26
O2E DGD ND . 50.38 33.83 14.44
C3E DGD ND . 50.49 35.03 16.57
O3E DGD ND . 50.30 33.87 17.43
C4E DGD ND . 51.26 36.13 17.38
O4E DGD ND . 52.51 35.57 17.86
C5E DGD ND . 51.47 37.31 16.42
O6E DGD ND . 52.22 36.90 15.26
C6E DGD ND . 52.12 38.57 17.05
O5E DGD ND . 53.42 38.25 17.50
C1A DGD OD . 42.27 39.88 3.61
C2A DGD OD . 41.36 39.05 2.71
C3A DGD OD . 42.15 38.40 1.63
C4A DGD OD . 41.30 37.60 0.64
C5A DGD OD . 41.95 36.27 0.21
C6A DGD OD . 41.04 35.48 -0.76
C7A DGD OD . 41.61 34.10 -1.10
C8A DGD OD . 40.82 33.38 -2.20
C9A DGD OD . 41.38 31.99 -2.56
CAA DGD OD . 40.32 31.19 -3.35
CBA DGD OD . 39.67 32.00 -4.49
CCA DGD OD . 38.70 31.25 -5.40
CDA DGD OD . 38.68 31.87 -6.80
CEA DGD OD . 39.46 30.99 -7.80
CFA DGD OD . 39.58 31.54 -9.22
CGA DGD OD . 38.31 31.41 -10.07
O1A DGD OD . 42.37 41.09 3.46
C1B DGD OD . 46.07 37.69 6.63
C2B DGD OD . 47.32 37.42 5.92
C3B DGD OD . 47.84 36.00 5.99
C4B DGD OD . 46.90 35.10 5.22
C5B DGD OD . 46.61 35.40 3.77
C6B DGD OD . 46.35 34.05 3.10
C7B DGD OD . 45.88 34.09 1.66
C8B DGD OD . 45.40 32.70 1.18
C9B DGD OD . 46.34 32.06 0.14
CAB DGD OD . 45.74 30.85 -0.57
CBB DGD OD . 46.21 30.68 -2.02
CCB DGD OD . 46.89 29.33 -2.26
CDB DGD OD . 47.57 29.26 -3.63
CEB DGD OD . 49.06 28.90 -3.50
CFB DGD OD . 49.78 28.87 -4.84
CGB DGD OD . 50.37 27.48 -5.06
O1B DGD OD . 45.62 37.01 7.54
O1G DGD OD . 42.98 39.30 4.70
C1G DGD OD . 43.44 40.12 5.79
C2G DGD OD . 44.26 39.29 6.80
O2G DGD OD . 45.41 38.87 6.15
C3G DGD OD . 44.47 39.99 8.14
O3G DGD OD . 43.12 40.46 8.54
C1D DGD OD . 43.11 41.28 9.66
C2D DGD OD . 41.75 41.93 9.76
O2D DGD OD . 41.62 42.79 8.62
C3D DGD OD . 41.66 42.58 11.11
O3D DGD OD . 40.36 43.18 11.30
C4D DGD OD . 41.98 41.62 12.25
O4D DGD OD . 40.97 40.58 12.27
C5D DGD OD . 43.35 41.03 11.99
O5D DGD OD . 43.46 40.42 14.42
C6D DGD OD . 43.80 40.04 13.10
O6D DGD OD . 43.33 40.39 10.71
C1E DGD OD . 44.21 39.97 15.51
C2E DGD OD . 43.48 40.43 16.80
O2E DGD OD . 42.12 39.94 16.83
C3E DGD OD . 43.53 41.97 16.88
O3E DGD OD . 43.07 42.38 18.16
C4E DGD OD . 44.99 42.47 16.69
O4E DGD OD . 45.78 42.17 17.82
C5E DGD OD . 45.60 41.91 15.42
O6E DGD OD . 45.53 40.48 15.43
C6E DGD OD . 46.99 42.47 15.09
O5E DGD OD . 47.65 41.63 14.11
C1 LMG PD . 55.20 41.39 12.89
O1 LMG PD . 55.87 41.48 11.65
C2 LMG PD . 55.30 39.94 13.38
O2 LMG PD . 54.72 39.09 12.37
C3 LMG PD . 54.58 39.81 14.73
O3 LMG PD . 54.77 38.50 15.22
C4 LMG PD . 55.10 40.82 15.77
O4 LMG PD . 56.47 40.43 16.10
C5 LMG PD . 55.01 42.20 15.14
O5 LMG PD . 55.16 44.53 15.26
C6 LMG PD . 55.51 43.33 16.03
O6 LMG PD . 55.74 42.27 13.86
C7 LMG PD . 55.44 42.59 10.85
C8 LMG PD . 56.29 42.51 9.60
C9 LMG PD . 55.75 41.38 8.74
O7 LMG PD . 56.24 43.78 8.95
C10 LMG PD . 57.47 44.16 8.30
O9 LMG PD . 58.50 43.54 8.59
C11 LMG PD . 57.42 45.30 7.29
C12 LMG PD . 58.30 45.05 6.05
C13 LMG PD . 57.53 44.76 4.74
C14 LMG PD . 58.10 43.51 4.00
C15 LMG PD . 57.77 43.53 2.50
C16 LMG PD . 57.70 42.13 1.89
C17 LMG PD . 57.75 42.10 0.36
C18 LMG PD . 56.82 41.04 -0.27
C19 LMG PD . 57.40 40.42 -1.54
C20 LMG PD . 56.43 39.42 -2.17
C21 LMG PD . 57.12 38.29 -2.94
C22 LMG PD . 56.30 37.75 -4.11
C23 LMG PD . 54.87 37.39 -3.72
O8 LMG PD . 56.50 41.07 7.56
C28 LMG PD . 55.80 40.67 6.32
O10 LMG PD . 54.60 40.86 6.25
C29 LMG PD . 56.47 40.08 5.10
C30 LMG PD . 55.93 38.68 4.73
C31 LMG PD . 55.21 38.52 3.38
C32 LMG PD . 55.54 37.19 2.67
C33 LMG PD . 54.62 36.89 1.47
C34 LMG PD . 55.08 35.67 0.67
C35 LMG PD . 54.46 34.31 1.07
C36 LMG PD . 55.17 33.08 0.45
C37 LMG PD . 54.67 31.74 1.01
C38 LMG PD . 55.74 30.83 1.62
C39 LMG PD . 55.08 29.59 2.22
C40 LMG PD . 56.03 28.44 2.65
C41 LMG PD . 55.44 27.02 2.45
C42 LMG PD . 54.67 26.52 3.66
C43 LMG PD . 53.76 25.38 3.30
C1 LMG QD . 78.54 35.91 25.73
O1 LMG QD . 79.67 35.07 26.02
C2 LMG QD . 77.27 35.67 26.61
O2 LMG QD . 76.59 34.46 26.19
C3 LMG QD . 76.24 36.84 26.54
O3 LMG QD . 75.28 36.90 27.61
C4 LMG QD . 76.90 38.20 26.52
O4 LMG QD . 77.46 38.42 27.84
C5 LMG QD . 77.95 38.23 25.41
O5 LMG QD . 79.77 39.92 25.05
C6 LMG QD . 78.36 39.67 25.06
O6 LMG QD . 78.99 37.29 25.81
C7 LMG QD . 79.66 33.65 25.74
C8 LMG QD . 79.51 33.19 24.26
C9 LMG QD . 80.83 33.22 23.43
O7 LMG QD . 78.91 31.87 24.36
C10 LMG QD . 77.84 31.51 23.45
O9 LMG QD . 76.91 32.29 23.29
C11 LMG QD . 77.88 30.17 22.70
C12 LMG QD . 76.53 29.46 22.58
C13 LMG QD . 75.96 29.36 21.17
C14 LMG QD . 76.54 28.26 20.28
C15 LMG QD . 75.78 28.24 18.94
C16 LMG QD . 76.43 27.45 17.83
C17 LMG QD . 75.69 27.61 16.49
C18 LMG QD . 76.33 26.74 15.42
C19 LMG QD . 75.74 27.05 14.05
C20 LMG QD . 76.53 26.39 12.92
C21 LMG QD . 75.70 26.43 11.66
C22 LMG QD . 76.48 25.95 10.46
C23 LMG QD . 75.66 26.08 9.20
C24 LMG QD . 76.36 25.29 8.10
C25 LMG QD . 75.74 25.53 6.74
O8 LMG QD . 80.86 32.35 22.26
C28 LMG QD . 80.70 32.75 20.85
O10 LMG QD . 80.48 33.92 20.63
C29 LMG QD . 80.72 31.80 19.64
C30 LMG QD . 81.38 32.41 18.38
C31 LMG QD . 80.87 31.91 17.03
C32 LMG QD . 81.18 30.44 16.69
C33 LMG QD . 81.41 30.22 15.18
C34 LMG QD . 81.32 28.74 14.73
C35 LMG QD . 81.53 28.55 13.20
C36 LMG QD . 80.95 27.22 12.69
C37 LMG QD . 81.25 26.91 11.20
C38 LMG QD . 80.59 25.60 10.68
C39 LMG QD . 80.77 25.42 9.16
C40 LMG QD . 80.15 24.13 8.59
C1B LMT RD . 61.29 -14.49 -9.11
C2B LMT RD . 60.09 -15.41 -9.43
C3B LMT RD . 59.54 -15.30 -10.85
C4B LMT RD . 59.91 -13.93 -11.48
C5B LMT RD . 61.46 -13.73 -11.44
C6B LMT RD . 62.10 -12.59 -12.26
O1B LMT RD . 61.87 -14.88 -7.86
O2B LMT RD . 60.40 -16.79 -9.14
O3B LMT RD . 58.12 -15.57 -10.76
O4' LMT RD . 59.30 -13.81 -12.79
O5B LMT RD . 61.90 -13.59 -10.07
O6B LMT RD . 61.31 -12.05 -13.34
C1' LMT RD . 63.78 -12.72 -4.69
C2' LMT RD . 64.48 -12.83 -6.08
C3' LMT RD . 63.43 -12.89 -7.23
C4' LMT RD . 62.65 -14.18 -6.88
C5' LMT RD . 61.87 -13.95 -5.55
C6' LMT RD . 60.90 -15.04 -5.11
O1' LMT RD . 64.72 -12.71 -3.61
O2' LMT RD . 65.39 -11.77 -6.35
O3' LMT RD . 64.02 -12.72 -8.54
O5' LMT RD . 62.83 -13.81 -4.50
O6' LMT RD . 60.84 -16.07 -6.10
C1 LMT RD . 64.19 -12.91 -2.29
C2 LMT RD . 65.10 -12.27 -1.24
C3 LMT RD . 64.36 -11.23 -0.40
C4 LMT RD . 65.23 -10.52 0.64
C5 LMT RD . 64.44 -9.44 1.40
C6 LMT RD . 63.67 -10.01 2.61
C7 LMT RD . 62.27 -9.42 2.79
C8 LMT RD . 61.57 -9.99 4.03
C9 LMT RD . 60.06 -10.16 3.84
C10 LMT RD . 59.26 -10.08 5.15
C11 LMT RD . 58.61 -8.71 5.43
C12 LMT RD . 57.46 -8.80 6.41
C1 HTG SD . 78.69 25.48 25.98
S1 HTG SD . 78.52 25.13 24.26
C2 HTG SD . 77.30 25.71 26.57
O2 HTG SD . 76.63 26.80 25.96
C3 HTG SD . 77.40 25.94 28.08
O3 HTG SD . 76.10 26.12 28.69
C4 HTG SD . 78.05 24.72 28.69
O4 HTG SD . 78.05 24.77 30.14
C5 HTG SD . 79.45 24.51 28.11
O5 HTG SD . 79.41 24.44 26.67
C6 HTG SD . 80.01 23.24 28.75
O6 HTG SD . 81.15 22.78 28.05
C1' HTG SD . 80.07 25.27 23.39
C2' HTG SD . 80.00 26.10 22.08
C3' HTG SD . 79.82 25.20 20.84
C4' HTG SD . 80.20 25.82 19.47
C5' HTG SD . 79.84 24.85 18.30
C6' HTG SD . 80.26 25.30 16.88
C7' HTG SD . 79.98 24.21 15.86
C1 HTG TD . 77.63 5.28 29.82
S1 HTG TD . 77.15 6.40 28.51
C2 HTG TD . 77.64 5.94 31.21
O2 HTG TD . 78.85 6.67 31.45
C3 HTG TD . 77.50 4.90 32.34
O3 HTG TD . 77.64 5.51 33.63
C4 HTG TD . 76.15 4.18 32.22
O4 HTG TD . 76.27 2.93 32.92
C5 HTG TD . 75.70 3.97 30.75
O5 HTG TD . 76.80 4.08 29.81
C6 HTG TD . 74.57 4.92 30.28
O6 HTG TD . 73.33 4.77 30.97
C1' HTG TD . 77.98 6.15 26.96
C2' HTG TD . 77.69 7.24 25.90
C3' HTG TD . 78.87 8.10 25.37
C4' HTG TD . 78.96 8.19 23.83
C5' HTG TD . 79.37 9.61 23.35
C6' HTG TD . 79.50 9.84 21.84
C7' HTG TD . 79.75 11.31 21.47
C13 UNL UD . 90.17 13.44 -5.01
C12 UNL UD . 89.49 14.31 -3.96
C11 UNL UD . 88.99 13.48 -2.75
C10 UNL UD . 88.68 14.44 -1.60
C9 UNL UD . 88.04 13.82 -0.35
C8 UNL UD . 87.65 14.95 0.63
C7 UNL UD . 87.21 14.51 2.05
C6 UNL UD . 87.16 15.71 3.01
C5 UNL UD . 86.50 15.39 4.34
C4 UNL VD . 55.59 28.47 -25.27
C5 UNL VD . 54.86 28.78 -23.95
C6 UNL VD . 54.49 27.45 -23.25
C11 UNL VD . 54.34 32.09 -17.63
C12 UNL VD . 53.49 31.76 -16.40
C13 UNL VD . 52.89 32.98 -15.66
C14 UNL VD . 51.47 32.77 -15.08
C15 UNL VD . 51.20 33.54 -13.78
O9 UNL VD . 55.14 31.98 -23.05
C7 UNL VD . 55.06 30.89 -22.50
C8 UNL VD . 54.35 30.74 -21.16
C9 UNL VD . 54.58 31.89 -20.18
C10 UNL VD . 53.66 31.76 -18.96
C16 UNL VD . 51.96 32.96 -12.58
O7 UNL VD . 55.66 29.67 -23.12
O6 UNL VD . 56.90 29.07 -25.42
O8 UNL VD . 53.85 27.55 -21.94
C23 UNL VD . 52.40 27.62 -21.65
O10 UNL VD . 51.58 27.77 -22.56
C24 UNL VD . 51.93 27.47 -20.20
C25 UNL VD . 51.02 28.58 -19.64
C26 UNL VD . 50.85 28.36 -18.13
C27 UNL VD . 49.94 29.34 -17.37
C28 UNL VD . 49.37 28.70 -16.08
C29 UNL VD . 49.43 29.62 -14.85
C30 UNL VD . 48.44 29.21 -13.76
S DMS WD . 54.99 10.70 32.16
O DMS WD . 55.32 9.31 33.23
C1 DMS WD . 56.61 11.47 31.93
C2 DMS WD . 54.87 9.82 30.67
S DMS XD . 52.33 31.73 33.34
O DMS XD . 52.09 30.00 33.79
C1 DMS XD . 52.86 31.92 31.64
C2 DMS XD . 50.84 32.72 33.45
S DMS YD . 57.13 25.62 40.08
O DMS YD . 57.83 23.98 39.99
C1 DMS YD . 58.29 26.90 40.69
C2 DMS YD . 56.81 26.10 38.34
S DMS ZD . 57.24 31.46 29.53
O DMS ZD . 57.24 32.82 30.70
C1 DMS ZD . 58.47 30.31 30.19
C2 DMS ZD . 55.81 30.39 29.85
S DMS AE . 67.01 38.33 29.40
O DMS AE . 67.48 38.90 27.77
C1 DMS AE . 68.44 38.52 30.52
C2 DMS AE . 65.78 39.55 30.01
S DMS BE . 49.46 7.27 28.36
O DMS BE . 49.07 7.77 29.93
C1 DMS BE . 51.08 8.02 27.92
C2 DMS BE . 49.80 5.44 28.44
S DMS CE . 58.95 32.02 35.30
O DMS CE . 59.71 33.15 34.14
C1 DMS CE . 57.27 31.55 34.74
C2 DMS CE . 59.84 30.44 35.24
S DMS DE . 46.10 31.15 45.88
O DMS DE . 45.42 29.47 45.56
C1 DMS DE . 44.75 32.32 46.28
C2 DMS DE . 47.16 31.19 47.39
C1 GOL EE . 39.84 30.63 23.27
O1 GOL EE . 39.18 30.98 24.47
C2 GOL EE . 40.45 29.29 23.53
O2 GOL EE . 40.73 28.69 22.24
C3 GOL EE . 41.56 29.52 24.60
O3 GOL EE . 42.73 28.72 24.46
S DMS FE . 57.22 16.25 36.80
O DMS FE . 58.90 15.70 37.16
C1 DMS FE . 56.14 14.77 36.70
C2 DMS FE . 56.40 17.19 38.17
C1 HTG GE . 71.90 -1.63 29.97
S1 HTG GE . 72.07 -2.76 28.60
C1' HTG GE . 73.43 -2.25 27.62
C2' HTG GE . 73.21 -2.45 26.12
C3' HTG GE . 74.58 -2.40 25.42
C4' HTG GE . 74.60 -2.04 23.92
C5' HTG GE . 75.43 -0.76 23.62
C6' HTG GE . 75.62 -0.46 22.11
C7' HTG GE . 75.48 1.01 21.69
C1 HTG HE . 91.54 21.88 -8.06
S1 HTG HE . 90.39 22.21 -6.75
C2 HTG HE . 92.07 20.42 -7.94
O2 HTG HE . 92.79 20.22 -6.71
C3 HTG HE . 92.99 20.02 -9.10
O3 HTG HE . 93.26 18.61 -9.09
C4 HTG HE . 92.41 20.44 -10.48
O4 HTG HE . 93.41 20.21 -11.49
C5 HTG HE . 91.96 21.92 -10.46
O5 HTG HE . 91.00 22.12 -9.39
C6 HTG HE . 91.42 22.45 -11.80
O6 HTG HE . 91.82 21.70 -12.96
C1' HTG HE . 89.95 23.92 -6.55
C2' HTG HE . 89.48 24.14 -5.11
C3' HTG HE . 88.09 23.60 -4.81
C4' HTG HE . 87.79 23.33 -3.33
C5' HTG HE . 86.62 24.18 -2.79
C6' HTG HE . 86.55 24.18 -1.25
C7' HTG HE . 85.20 24.57 -0.69
FE FE2 IE . 37.52 14.76 -24.69
C BCT JE . 38.30 14.44 -27.29
C BCT JE . 38.32 13.26 -26.80
O1 BCT JE . 37.85 15.52 -26.82
O1 BCT JE . 38.26 14.53 -26.95
O2 BCT JE . 38.01 13.31 -26.77
O2 BCT JE . 38.50 12.73 -25.68
O3 BCT JE . 39.13 14.47 -28.34
O3 BCT JE . 38.20 12.43 -27.85
MG CLA KE . 24.65 23.48 -2.27
CHA CLA KE . 23.15 25.74 -4.58
CHB CLA KE . 26.37 22.18 -5.00
CHC CLA KE . 26.59 21.92 -0.07
CHD CLA KE . 23.34 25.52 0.40
NA CLA KE . 24.77 23.83 -4.39
C1A CLA KE . 23.99 24.70 -5.09
C2A CLA KE . 24.09 24.65 -6.59
C3A CLA KE . 24.86 23.31 -6.71
C4A CLA KE . 25.37 23.08 -5.30
CMA CLA KE . 23.99 22.18 -7.24
CAA CLA KE . 24.97 25.80 -7.12
CBA CLA KE . 25.06 25.79 -8.62
CGA CLA KE . 25.99 26.89 -9.13
O1A CLA KE . 27.11 26.74 -9.66
O2A CLA KE . 25.56 28.20 -8.83
NB CLA KE . 26.29 22.26 -2.51
C1B CLA KE . 26.78 21.79 -3.65
C2B CLA KE . 27.92 20.85 -3.37
C3B CLA KE . 28.02 20.80 -1.90
C4B CLA KE . 26.86 21.73 -1.47
CMB CLA KE . 28.70 20.26 -4.44
CAB CLA KE . 28.76 19.99 -0.95
CBB CLA KE . 29.28 18.83 -1.28
NC CLA KE . 24.96 23.70 -0.26
C1C CLA KE . 25.68 22.84 0.52
C2C CLA KE . 25.41 22.86 1.96
C3C CLA KE . 24.44 23.95 2.03
C4C CLA KE . 24.25 24.40 0.67
CMC CLA KE . 26.02 22.04 3.06
CAC CLA KE . 23.72 24.47 3.25
CBC CLA KE . 22.22 24.24 3.12
ND CLA KE . 23.53 25.26 -2.02
C1D CLA KE . 23.11 25.93 -0.95
C2D CLA KE . 22.24 27.06 -1.31
C3D CLA KE . 22.29 26.97 -2.74
C4D CLA KE . 23.12 25.87 -3.12
CMD CLA KE . 21.53 28.00 -0.38
CAD CLA KE . 21.77 27.58 -3.98
OBD CLA KE . 21.01 28.59 -4.01
CBD CLA KE . 22.22 26.76 -5.15
CGD CLA KE . 21.04 26.18 -5.84
O1D CLA KE . 20.39 25.17 -5.50
O2D CLA KE . 20.65 26.85 -7.04
CED CLA KE . 19.43 26.51 -7.68
C1 CLA KE . 26.39 29.35 -9.22
C2 CLA KE . 25.51 30.42 -9.91
C3 CLA KE . 25.06 30.33 -11.15
C4 CLA KE . 25.35 29.17 -12.01
C5 CLA KE . 24.25 31.41 -11.81
C6 CLA KE . 24.85 31.94 -13.10
C7 CLA KE . 26.18 32.65 -12.91
C8 CLA KE . 26.79 33.45 -14.11
C9 CLA KE . 27.08 32.55 -15.31
C10 CLA KE . 28.09 34.03 -13.62
C11 CLA KE . 28.76 35.01 -14.58
C12 CLA KE . 29.89 35.72 -13.86
C13 CLA KE . 30.46 36.86 -14.66
C14 CLA KE . 31.30 36.37 -15.81
C15 CLA KE . 31.22 37.88 -13.80
C16 CLA KE . 32.27 37.40 -12.85
C17 CLA KE . 32.92 38.61 -12.16
C18 CLA KE . 33.91 38.27 -11.06
C19 CLA KE . 33.28 37.66 -9.82
C20 CLA KE . 34.60 39.52 -10.58
CHA PHO LE . 29.89 29.78 -19.05
CHB PHO LE . 30.78 31.57 -14.66
CHC PHO LE . 28.89 27.51 -12.59
CHD PHO LE . 28.07 25.56 -17.01
NA PHO LE . 30.19 30.51 -16.72
C1A PHO LE . 30.29 30.75 -18.01
C2A PHO LE . 30.86 32.12 -18.29
C3A PHO LE . 31.41 32.49 -16.92
C4A PHO LE . 30.79 31.44 -15.98
CMA PHO LE . 32.89 32.32 -16.84
CAA PHO LE . 29.65 32.99 -18.69
CBA PHO LE . 30.19 34.30 -19.21
CGA PHO LE . 29.17 35.40 -19.25
O1A PHO LE . 27.96 35.24 -19.07
O2A PHO LE . 29.71 36.71 -19.55
NB PHO LE . 29.75 29.46 -13.81
C1B PHO LE . 30.27 30.67 -13.57
C2B PHO LE . 30.42 30.92 -12.12
C3B PHO LE . 29.85 29.68 -11.53
C4B PHO LE . 29.41 28.88 -12.66
CMB PHO LE . 30.95 32.14 -11.41
CAB PHO LE . 29.64 29.35 -10.13
CBB PHO LE . 29.76 30.19 -9.08
NC PHO LE . 28.55 26.92 -14.98
C1C PHO LE . 28.61 26.58 -13.68
C2C PHO LE . 28.19 25.19 -13.41
C3C PHO LE . 27.95 24.58 -14.71
C4C PHO LE . 28.17 25.74 -15.57
CMC PHO LE . 28.16 24.55 -12.07
CAC PHO LE . 27.52 23.15 -15.08
CBC PHO LE . 26.15 23.10 -15.70
ND PHO LE . 28.96 27.74 -17.59
C1D PHO LE . 28.52 26.56 -17.98
C2D PHO LE . 28.54 26.38 -19.44
C3D PHO LE . 29.10 27.69 -19.82
C4D PHO LE . 29.35 28.40 -18.73
CMD PHO LE . 28.14 25.23 -20.30
CAD PHO LE . 29.49 28.53 -20.99
OBD PHO LE . 29.41 28.13 -22.21
CBD PHO LE . 30.05 29.87 -20.52
CGD PHO LE . 31.46 29.94 -20.92
O1D PHO LE . 31.87 30.50 -21.94
O2D PHO LE . 32.34 29.45 -19.96
CED PHO LE . 33.71 29.30 -20.27
C1 PHO LE . 28.70 37.74 -19.67
C2 PHO LE . 28.43 38.29 -18.29
C3 PHO LE . 27.20 38.62 -17.88
C4 PHO LE . 25.98 38.46 -18.74
C5 PHO LE . 27.02 39.22 -16.51
C6 PHO LE . 26.45 38.20 -15.52
C7 PHO LE . 26.05 38.93 -14.20
C8 PHO LE . 25.68 38.00 -13.03
C9 PHO LE . 24.56 37.07 -13.51
C10 PHO LE . 25.17 38.75 -11.80
C11 PHO LE . 26.13 39.69 -11.13
C12 PHO LE . 27.49 39.06 -10.79
C13 PHO LE . 28.44 40.05 -10.16
C14 PHO LE . 29.17 40.84 -11.25
C15 PHO LE . 29.51 39.39 -9.29
C16 PHO LE . 29.01 38.90 -7.93
C17 PHO LE . 30.08 38.03 -7.22
C18 PHO LE . 29.68 37.65 -5.78
C19 PHO LE . 30.81 37.05 -4.99
C20 PHO LE . 28.49 36.74 -5.77
MG CLA ME . 19.61 49.86 -18.23
CHA CLA ME . 17.41 50.43 -15.51
CHB CLA ME . 17.48 47.31 -19.20
CHC CLA ME . 21.38 49.69 -21.25
CHD CLA ME . 21.37 52.81 -17.42
NA CLA ME . 17.75 49.02 -17.52
C1A CLA ME . 17.09 49.37 -16.44
C2A CLA ME . 15.85 48.57 -16.21
C3A CLA ME . 16.14 47.37 -17.13
C4A CLA ME . 17.19 47.92 -18.03
CMA CLA ME . 16.72 46.18 -16.33
CAA CLA ME . 14.54 49.28 -16.59
CBA CLA ME . 14.64 49.95 -17.96
CGA CLA ME . 13.28 50.56 -18.28
O1A CLA ME . 12.23 50.54 -17.60
O2A CLA ME . 13.22 51.13 -19.55
NB CLA ME . 19.42 48.73 -19.93
C1B CLA ME . 18.56 47.69 -20.16
C2B CLA ME . 18.86 46.95 -21.39
C3B CLA ME . 20.00 47.64 -21.93
C4B CLA ME . 20.27 48.74 -20.97
CMB CLA ME . 18.15 45.78 -21.97
CAB CLA ME . 20.77 47.50 -23.21
CBB CLA ME . 20.46 46.67 -24.17
NC CLA ME . 21.12 51.08 -19.21
C1C CLA ME . 21.73 50.83 -20.39
C2C CLA ME . 22.78 51.81 -20.73
C3C CLA ME . 22.73 52.75 -19.60
C4C CLA ME . 21.67 52.18 -18.70
CMC CLA ME . 23.60 51.85 -21.99
CAC CLA ME . 23.57 54.01 -19.42
CBC CLA ME . 22.77 55.15 -20.03
ND CLA ME . 19.48 51.34 -16.91
C1D CLA ME . 20.27 52.37 -16.57
C2D CLA ME . 19.89 53.03 -15.34
C3D CLA ME . 18.78 52.20 -14.87
C4D CLA ME . 18.58 51.24 -15.85
CMD CLA ME . 20.57 54.17 -14.69
CAD CLA ME . 17.75 52.05 -13.81
OBD CLA ME . 17.61 52.76 -12.76
CBD CLA ME . 16.95 50.87 -14.19
CGD CLA ME . 17.20 49.72 -13.22
O1D CLA ME . 18.15 48.94 -13.37
O2D CLA ME . 16.58 49.88 -11.97
CED CLA ME . 16.82 48.98 -10.89
C1 CLA ME . 11.92 51.53 -20.02
C2 CLA ME . 12.20 51.84 -21.47
C3 CLA ME . 12.08 50.99 -22.48
C4 CLA ME . 11.59 49.62 -22.22
C5 CLA ME . 12.36 51.44 -23.92
C6 CLA ME . 11.11 51.23 -24.76
C7 CLA ME . 11.14 51.77 -26.18
C8 CLA ME . 9.89 51.32 -26.96
C9 CLA ME . 10.23 50.06 -27.74
C10 CLA ME . 9.32 52.44 -27.85
C11 CLA ME . 8.51 53.50 -27.05
C12 CLA ME . 9.01 54.97 -27.16
C13 CLA ME . 8.00 56.07 -26.76
C14 CLA ME . 6.90 56.23 -27.82
C15 CLA ME . 8.71 57.41 -26.49
C16 CLA ME . 7.78 58.62 -26.21
C17 CLA ME . 7.22 58.69 -24.77
C18 CLA ME . 6.27 59.90 -24.49
C19 CLA ME . 6.78 60.92 -23.46
C20 CLA ME . 4.85 59.43 -24.11
C1 BCR NE . 25.86 53.80 -14.46
C2 BCR NE . 24.45 54.15 -13.97
C3 BCR NE . 24.19 54.11 -12.49
C4 BCR NE . 24.80 52.90 -11.75
C5 BCR NE . 26.02 52.33 -12.38
C6 BCR NE . 26.51 52.72 -13.58
C7 BCR NE . 27.72 52.08 -14.10
C8 BCR NE . 28.93 52.18 -13.58
C9 BCR NE . 30.02 51.38 -14.20
C10 BCR NE . 31.12 51.18 -13.48
C11 BCR NE . 32.25 50.34 -13.89
C33 BCR NE . 26.68 51.24 -11.52
C31 BCR NE . 26.79 55.01 -14.57
C32 BCR NE . 25.61 53.42 -15.91
C34 BCR NE . 29.90 50.74 -15.53
C12 BCR NE . 33.24 50.24 -12.99
C13 BCR NE . 34.45 49.35 -13.15
C14 BCR NE . 35.32 49.26 -12.08
C15 BCR NE . 36.50 48.35 -12.01
C16 BCR NE . 37.22 48.15 -10.89
C17 BCR NE . 38.31 47.13 -10.87
C18 BCR NE . 39.06 46.69 -9.76
C19 BCR NE . 40.06 45.58 -9.87
C20 BCR NE . 40.85 45.10 -8.83
C21 BCR NE . 41.73 43.95 -9.08
C22 BCR NE . 42.59 43.32 -8.22
C23 BCR NE . 43.29 42.10 -8.72
C24 BCR NE . 43.69 41.11 -7.87
C25 BCR NE . 44.23 39.75 -8.29
C26 BCR NE . 43.46 38.86 -8.94
C27 BCR NE . 44.00 37.51 -9.37
C28 BCR NE . 45.47 37.63 -9.77
C29 BCR NE . 46.15 38.01 -8.49
C30 BCR NE . 45.63 39.33 -7.91
C35 BCR NE . 34.65 48.56 -14.43
C36 BCR NE . 38.89 47.16 -8.37
C37 BCR NE . 42.74 43.71 -6.79
C38 BCR NE . 42.05 39.16 -9.38
C39 BCR NE . 46.54 40.47 -8.38
C40 BCR NE . 45.58 39.21 -6.42
C2 PL9 OE . 37.28 7.77 -18.84
C3 PL9 OE . 36.77 6.47 -18.66
C4 PL9 OE . 36.70 5.48 -19.72
C5 PL9 OE . 37.26 5.83 -21.03
C6 PL9 OE . 37.82 7.18 -21.22
C1 PL9 OE . 37.73 8.17 -20.10
C7 PL9 OE . 36.31 6.01 -17.30
C8 PL9 OE . 35.08 6.74 -16.84
C9 PL9 OE . 33.98 6.12 -16.40
C10 PL9 OE . 33.78 4.65 -16.45
C11 PL9 OE . 32.77 6.95 -15.97
C12 PL9 OE . 32.49 6.69 -14.49
C13 PL9 OE . 31.48 7.67 -14.00
C14 PL9 OE . 31.19 7.91 -12.71
C15 PL9 OE . 31.82 7.13 -11.60
C16 PL9 OE . 30.15 8.93 -12.26
C17 PL9 OE . 29.47 9.68 -13.40
C18 PL9 OE . 28.44 10.58 -12.77
C19 PL9 OE . 27.19 10.25 -12.38
C20 PL9 OE . 26.57 8.92 -12.46
C21 PL9 OE . 26.30 11.32 -11.73
C22 PL9 OE . 24.96 11.46 -12.44
C23 PL9 OE . 24.23 12.67 -11.80
C24 PL9 OE . 23.18 13.28 -12.39
C25 PL9 OE . 22.63 12.78 -13.69
C26 PL9 OE . 22.50 14.51 -11.78
C27 PL9 OE . 21.09 14.20 -11.39
C28 PL9 OE . 21.14 13.19 -10.30
C29 PL9 OE . 20.43 12.02 -10.30
C30 PL9 OE . 19.48 11.70 -11.41
C31 PL9 OE . 20.52 11.02 -9.15
C32 PL9 OE . 21.55 11.38 -8.10
C33 PL9 OE . 21.43 10.44 -6.98
C34 PL9 OE . 21.52 10.76 -5.66
C35 PL9 OE . 21.57 12.14 -5.04
C36 PL9 OE . 21.34 9.60 -4.69
C37 PL9 OE . 22.66 9.10 -4.25
C38 PL9 OE . 22.25 8.21 -3.13
C39 PL9 OE . 22.50 6.96 -2.98
C40 PL9 OE . 23.24 6.35 -4.12
C41 PL9 OE . 22.04 6.19 -1.72
C42 PL9 OE . 23.29 5.68 -1.02
C43 PL9 OE . 23.17 4.42 -0.20
C44 PL9 OE . 23.34 4.31 1.16
C45 PL9 OE . 23.55 5.49 2.06
C46 PL9 OE . 23.25 2.99 1.91
C47 PL9 OE . 22.81 1.78 1.09
C48 PL9 OE . 22.99 0.50 1.94
C49 PL9 OE . 22.00 -0.28 2.33
C50 PL9 OE . 22.27 -1.47 3.13
C51 PL9 OE . 20.59 -0.02 2.02
C52 PL9 OE . 37.24 4.84 -22.16
C53 PL9 OE . 38.28 7.57 -22.58
O1 PL9 OE . 36.21 4.32 -19.50
O2 PL9 OE . 38.10 9.32 -20.30
C1A DGD PE . 26.03 61.25 -9.77
C2A DGD PE . 27.16 60.22 -9.78
C3A DGD PE . 27.20 59.25 -10.97
C4A DGD PE . 28.52 58.45 -10.96
C5A DGD PE . 28.35 56.94 -11.21
C6A DGD PE . 29.46 56.04 -10.62
C7A DGD PE . 30.71 55.81 -11.50
C8A DGD PE . 32.03 55.65 -10.72
C9A DGD PE . 32.99 56.85 -10.85
CAA DGD PE . 32.47 58.11 -10.14
CBA DGD PE . 32.99 59.47 -10.70
CCA DGD PE . 31.88 60.51 -10.93
CDA DGD PE . 31.84 61.74 -9.99
CEA DGD PE . 30.48 62.46 -10.00
CFA DGD PE . 30.60 63.99 -9.83
CGA DGD PE . 29.34 64.60 -9.20
O1A DGD PE . 25.17 61.17 -10.62
C1B DGD PE . 22.52 63.32 -6.54
C2B DGD PE . 21.63 63.99 -7.62
C3B DGD PE . 20.92 62.97 -8.54
C4B DGD PE . 20.67 63.35 -10.02
C5B DGD PE . 21.23 62.25 -10.94
C6B DGD PE . 20.77 62.20 -12.39
C7B DGD PE . 21.06 60.79 -13.02
C8B DGD PE . 22.46 60.15 -12.80
C9B DGD PE . 22.73 58.74 -13.41
CAB DGD PE . 22.21 58.56 -14.86
CBB DGD PE . 22.98 57.58 -15.75
O1B DGD PE . 22.00 62.78 -5.55
O1G DGD PE . 25.99 62.32 -8.74
C1G DGD PE . 25.16 63.49 -8.76
C2G DGD PE . 24.82 64.11 -7.38
O2G DGD PE . 24.00 63.21 -6.60
C3G DGD PE . 26.11 64.58 -6.63
O3G DGD PE . 26.08 64.32 -5.20
C1D DGD PE . 26.05 65.43 -4.27
C2D DGD PE . 25.38 64.98 -2.96
O2D DGD PE . 24.06 64.44 -3.21
C3D DGD PE . 25.33 66.09 -1.89
O3D DGD PE . 25.09 65.52 -0.58
C4D DGD PE . 26.58 67.01 -1.82
O4D DGD PE . 27.29 66.76 -0.59
C5D DGD PE . 27.49 67.04 -3.09
C6D DGD PE . 29.00 67.29 -2.78
O6D DGD PE . 27.38 65.88 -3.97
O1 LHG QE . 24.37 10.75 -26.57
C1 LHG QE . 23.02 10.41 -26.34
C2 LHG QE . 22.16 11.01 -27.47
O2 LHG QE . 22.74 10.64 -28.75
C3 LHG QE . 22.11 12.51 -27.59
O3 LHG QE . 20.96 12.84 -28.45
P LHG QE . 20.62 14.31 -28.85
O4 LHG QE . 21.83 15.05 -29.09
O5 LHG QE . 19.43 14.27 -29.76
O6 LHG QE . 20.21 14.83 -27.40
C4 LHG QE . 18.95 14.58 -26.84
C5 LHG QE . 19.07 14.84 -25.37
C6 LHG QE . 19.33 16.30 -25.02
O7 LHG QE . 17.79 14.56 -24.78
C7 LHG QE . 17.65 13.37 -24.11
O9 LHG QE . 18.64 12.71 -23.92
C8 LHG QE . 16.27 13.03 -23.75
C9 LHG QE . 16.18 12.13 -22.52
C10 LHG QE . 16.56 12.80 -21.20
O8 LHG QE . 19.56 16.38 -23.61
C23 LHG QE . 20.10 17.49 -22.89
O10 LHG QE . 20.36 18.32 -23.73
C24 LHG QE . 20.36 17.60 -21.34
C11 LHG QE . 15.99 11.88 -20.12
C12 LHG QE . 16.05 12.39 -18.71
C13 LHG QE . 15.75 11.27 -17.70
C14 LHG QE . 14.26 11.07 -17.37
C15 LHG QE . 14.04 10.10 -16.20
C16 LHG QE . 12.63 10.22 -15.61
C17 LHG QE . 12.32 9.29 -14.44
C18 LHG QE . 10.95 8.63 -14.62
C19 LHG QE . 10.23 8.02 -13.41
C20 LHG QE . 8.72 7.87 -13.80
C21 LHG QE . 7.89 7.12 -12.74
C22 LHG QE . 6.46 6.81 -13.14
C25 LHG QE . 19.11 17.58 -20.49
C26 LHG QE . 18.92 18.63 -19.37
C27 LHG QE . 17.40 18.89 -19.22
C28 LHG QE . 16.83 19.52 -17.96
C29 LHG QE . 15.30 19.38 -17.87
C30 LHG QE . 14.69 18.54 -16.74
C31 LHG QE . 14.43 17.03 -16.92
C32 LHG QE . 13.06 16.53 -17.46
C33 LHG QE . 13.16 15.28 -18.41
C34 LHG QE . 12.45 15.30 -19.77
C35 LHG QE . 13.12 14.61 -20.98
C36 LHG QE . 12.15 14.25 -22.09
C37 LHG QE . 12.57 13.26 -23.16
C38 LHG QE . 11.93 13.34 -24.54
O1 LHG RE . 24.14 3.99 -26.25
C1 LHG RE . 25.15 3.17 -25.64
C2 LHG RE . 26.43 3.95 -25.70
O2 LHG RE . 26.56 4.31 -27.07
C3 LHG RE . 27.63 3.10 -25.49
O3 LHG RE . 27.99 2.99 -24.17
P LHG RE . 29.51 2.81 -23.77
O4 LHG RE . 30.06 1.39 -24.03
O5 LHG RE . 30.36 3.98 -24.14
O6 LHG RE . 29.35 3.00 -22.20
C4 LHG RE . 29.23 1.91 -21.33
C5 LHG RE . 28.40 2.22 -20.12
C6 LHG RE . 28.05 0.98 -19.32
O7 LHG RE . 29.21 3.04 -19.32
C7 LHG RE . 28.89 4.40 -19.14
O9 LHG RE . 27.95 4.88 -19.73
C8 LHG RE . 29.78 5.11 -18.17
C9 LHG RE . 29.00 6.19 -17.45
C10 LHG RE . 28.01 5.67 -16.38
O8 LHG RE . 27.19 1.49 -18.28
C23 LHG RE . 26.36 0.67 -17.48
O10 LHG RE . 26.32 -0.52 -17.70
C24 LHG RE . 25.46 1.34 -16.47
C11 LHG RE . 28.69 5.23 -15.14
C12 LHG RE . 27.75 5.09 -13.96
C13 LHG RE . 28.62 4.76 -12.77
C14 LHG RE . 27.70 4.61 -11.62
C15 LHG RE . 28.40 4.43 -10.30
C16 LHG RE . 27.43 3.83 -9.28
C17 LHG RE . 26.38 4.82 -8.80
C18 LHG RE . 25.28 4.22 -7.93
C19 LHG RE . 25.74 3.61 -6.67
C20 LHG RE . 24.54 3.25 -5.79
C21 LHG RE . 24.97 2.82 -4.42
C22 LHG RE . 23.81 2.14 -3.71
C25 LHG RE . 25.36 0.45 -15.22
C26 LHG RE . 26.60 0.62 -14.43
C27 LHG RE . 26.50 -0.24 -13.19
C28 LHG RE . 27.88 -0.57 -12.69
C29 LHG RE . 28.57 0.55 -12.06
C30 LHG RE . 29.97 0.07 -11.58
C31 LHG RE . 29.91 -0.75 -10.27
C32 LHG RE . 31.36 -1.11 -9.96
C33 LHG RE . 31.46 -2.02 -8.79
C34 LHG RE . 32.86 -1.96 -8.23
C35 LHG RE . 33.89 -2.91 -8.84
C36 LHG RE . 35.32 -2.59 -8.35
C37 LHG RE . 36.21 -3.79 -8.63
C38 LHG RE . 37.56 -3.64 -7.97
O1 LHG SE . 58.01 16.90 -18.32
C1 LHG SE . 57.50 16.06 -19.21
C2 LHG SE . 56.84 15.26 -18.05
O2 LHG SE . 56.82 13.86 -18.44
C3 LHG SE . 55.40 15.76 -17.81
O3 LHG SE . 54.83 16.16 -19.07
P LHG SE . 54.12 15.12 -20.09
O4 LHG SE . 54.76 13.73 -19.87
O5 LHG SE . 53.89 15.82 -21.42
O6 LHG SE . 52.66 15.01 -19.39
C4 LHG SE . 51.75 16.13 -19.52
C5 LHG SE . 50.91 16.33 -18.23
C6 LHG SE . 50.26 15.02 -17.81
O7 LHG SE . 51.63 16.85 -17.09
C7 LHG SE . 51.96 18.25 -17.05
O9 LHG SE . 51.52 19.01 -17.90
C8 LHG SE . 52.81 18.68 -15.89
C9 LHG SE . 52.83 20.20 -15.71
C10 LHG SE . 53.69 20.50 -14.52
O8 LHG SE . 49.28 15.32 -16.84
C23 LHG SE . 48.45 14.24 -16.33
O10 LHG SE . 48.69 13.06 -16.63
C24 LHG SE . 47.27 14.64 -15.46
C11 LHG SE . 53.86 21.96 -14.13
C12 LHG SE . 54.13 22.12 -12.62
C13 LHG SE . 52.95 22.65 -11.74
C14 LHG SE . 51.55 22.85 -12.41
C15 LHG SE . 50.39 23.23 -11.45
C16 LHG SE . 49.46 24.34 -11.94
C17 LHG SE . 49.63 25.64 -11.13
C18 LHG SE . 48.99 25.62 -9.75
C19 LHG SE . 49.33 26.86 -8.90
C20 LHG SE . 48.13 27.77 -8.62
C21 LHG SE . 47.27 27.32 -7.43
C22 LHG SE . 46.12 28.28 -7.13
C25 LHG SE . 47.32 13.96 -14.08
C26 LHG SE . 46.28 14.53 -13.07
C27 LHG SE . 46.32 16.02 -12.76
C28 LHG SE . 47.63 16.44 -12.12
C29 LHG SE . 47.78 17.90 -11.74
C30 LHG SE . 49.26 18.23 -11.49
C31 LHG SE . 49.64 19.71 -11.57
C32 LHG SE . 50.90 19.91 -10.67
C33 LHG SE . 50.82 20.65 -9.30
C1 LMG TE . 40.74 46.57 2.13
O1 LMG TE . 41.61 46.14 1.09
C2 LMG TE . 41.24 46.04 3.48
O2 LMG TE . 41.15 44.63 3.45
C3 LMG TE . 40.35 46.59 4.58
O3 LMG TE . 40.98 46.26 5.79
C4 LMG TE . 40.29 48.16 4.45
O4 LMG TE . 41.61 48.66 4.66
C5 LMG TE . 39.81 48.61 3.09
O5 LMG TE . 39.15 50.75 3.95
C6 LMG TE . 39.98 50.11 2.96
O6 LMG TE . 40.59 47.98 2.08
C7 LMG TE . 41.06 46.46 -0.19
C8 LMG TE . 40.79 45.17 -0.92
C9 LMG TE . 40.47 45.45 -2.36
O7 LMG TE . 41.95 44.32 -0.98
C10 LMG TE . 41.84 42.96 -0.48
O9 LMG TE . 40.78 42.59 0.05
C11 LMG TE . 43.01 42.01 -0.61
C12 LMG TE . 43.24 41.45 -2.02
C13 LMG TE . 42.04 40.80 -2.69
C14 LMG TE . 42.31 40.13 -4.04
C15 LMG TE . 41.79 38.70 -4.14
C16 LMG TE . 41.29 38.28 -5.54
C17 LMG TE . 40.47 36.98 -5.43
C18 LMG TE . 39.95 36.25 -6.68
C19 LMG TE . 39.01 37.05 -7.61
C20 LMG TE . 37.75 36.32 -8.14
C21 LMG TE . 37.89 35.75 -9.53
O8 LMG TE . 40.13 44.29 -3.05
C28 LMG TE . 39.75 44.31 -4.43
O10 LMG TE . 39.67 45.42 -4.96
C29 LMG TE . 39.54 42.95 -5.08
C30 LMG TE . 38.70 43.05 -6.36
C31 LMG TE . 38.57 41.67 -7.07
C32 LMG TE . 37.67 41.60 -8.28
C33 LMG TE . 38.47 41.79 -9.57
C34 LMG TE . 37.56 41.97 -10.80
C35 LMG TE . 38.15 42.78 -11.97
C36 LMG TE . 37.12 42.91 -13.12
C37 LMG TE . 37.53 43.60 -14.47
C38 LMG TE . 38.82 44.45 -14.57
C39 LMG TE . 39.95 43.79 -15.40
C40 LMG TE . 41.38 44.35 -15.21
C41 LMG TE . 41.75 45.63 -16.04
C42 LMG TE . 43.18 45.74 -16.65
C43 LMG TE . 44.23 46.56 -15.90
C1 HTG UE . 13.08 47.47 -44.46
S1 HTG UE . 12.56 47.21 -42.75
C2 HTG UE . 12.22 48.39 -45.40
O2 HTG UE . 10.86 47.95 -45.63
C3 HTG UE . 12.80 48.50 -46.83
O3 HTG UE . 12.20 49.58 -47.56
C4 HTG UE . 14.34 48.64 -46.93
O4 HTG UE . 14.74 48.24 -48.25
C5 HTG UE . 15.01 47.80 -45.83
O5 HTG UE . 14.42 48.00 -44.53
C6 HTG UE . 16.53 48.02 -45.83
O6 HTG UE . 17.21 47.07 -44.98
C1' HTG UE . 13.53 46.05 -41.81
C2' HTG UE . 12.87 45.61 -40.48
C3' HTG UE . 13.60 46.04 -39.20
C4' HTG UE . 14.16 44.89 -38.34
C16 UNL VE . 14.43 46.88 -26.26
C15 UNL VE . 15.57 46.31 -27.17
C14 UNL VE . 16.94 45.93 -26.53
C13 UNL VE . 17.99 45.28 -27.49
C12 UNL VE . 17.58 43.91 -28.13
C11 UNL VE . 18.68 43.12 -28.92
C10 UNL VE . 18.13 41.87 -29.61
C9 UNL VE . 19.18 40.89 -30.10
C8 UNL VE . 18.57 39.60 -30.69
C7 UNL VE . 19.68 38.61 -31.08
C6 UNL VE . 19.19 37.38 -31.81
C5 UNL VE . 20.32 36.63 -32.53
C4 UNL VE . 19.88 35.15 -32.64
C3 UNL VE . 20.66 34.25 -33.61
C2 UNL VE . 20.15 32.81 -33.53
C1 UNL VE . 20.55 32.03 -34.77
S DMS WE . 18.54 40.60 24.37
O DMS WE . 19.90 39.44 24.50
C1 DMS WE . 18.74 41.44 25.96
C2 DMS WE . 18.86 41.94 23.20
S DMS XE . 19.97 20.65 -31.30
O DMS XE . 20.54 20.96 -32.99
C1 DMS XE . 19.77 18.88 -31.16
C2 DMS XE . 21.41 20.85 -30.25
C1 GOL YE . 0.37 12.19 19.81
O1 GOL YE . -0.03 13.57 19.97
C2 GOL YE . 0.94 12.01 18.39
O2 GOL YE . 0.97 10.63 18.03
C3 GOL YE . 2.37 12.48 18.34
O3 GOL YE . 3.29 11.49 18.83
S DMS ZE . 10.28 40.47 20.13
O DMS ZE . 8.51 40.58 19.96
C1 DMS ZE . 10.39 40.78 21.91
C2 DMS ZE . 10.98 38.84 19.83
S DMS AF . 65.29 14.68 -27.12
O DMS AF . 64.27 15.63 -28.26
C1 DMS AF . 64.20 13.67 -26.06
C2 DMS AF . 66.24 13.42 -28.04
S DMS BF . 50.35 11.18 -36.13
O DMS BF . 50.93 12.54 -37.16
C1 DMS BF . 48.82 11.80 -35.40
C2 DMS BF . 49.83 9.76 -37.15
O1 LHG CF . 46.25 40.77 -33.35
C1 LHG CF . 45.29 40.11 -32.49
C2 LHG CF . 45.80 39.85 -31.05
O2 LHG CF . 45.57 40.97 -30.18
C3 LHG CF . 47.27 39.43 -30.91
O3 LHG CF . 47.91 39.96 -29.70
P LHG CF . 49.19 39.18 -29.11
O4 LHG CF . 50.27 40.13 -28.64
O5 LHG CF . 49.58 38.03 -30.06
O6 LHG CF . 48.55 38.54 -27.77
C4 LHG CF . 47.26 37.91 -27.75
C5 LHG CF . 47.01 37.16 -26.46
C6 LHG CF . 48.18 36.20 -26.10
O7 LHG CF . 46.76 38.13 -25.42
C7 LHG CF . 45.37 38.40 -25.05
O9 LHG CF . 44.46 37.66 -25.41
C8 LHG CF . 45.08 39.64 -24.23
C9 LHG CF . 43.95 39.47 -23.21
C10 LHG CF . 43.29 40.82 -22.89
O8 LHG CF . 48.21 35.86 -24.71
C23 LHG CF . 47.52 34.71 -24.15
O10 LHG CF . 47.73 33.60 -24.62
C24 LHG CF . 46.55 34.89 -22.99
C11 LHG CF . 42.08 41.13 -23.77
C12 LHG CF . 40.90 41.73 -23.00
C13 LHG CF . 39.99 42.45 -23.97
C14 LHG CF . 38.57 42.65 -23.42
C15 LHG CF . 37.72 41.51 -23.94
C16 LHG CF . 36.35 41.35 -23.28
C17 LHG CF . 35.91 39.89 -23.36
C18 LHG CF . 34.45 39.63 -23.77
C19 LHG CF . 34.37 38.20 -24.26
C20 LHG CF . 33.20 37.45 -23.66
C21 LHG CF . 31.91 37.91 -24.26
C22 LHG CF . 31.07 38.59 -23.20
C25 LHG CF . 45.25 34.13 -23.23
C26 LHG CF . 44.02 34.72 -22.51
C27 LHG CF . 43.97 34.46 -20.99
C28 LHG CF . 42.71 33.72 -20.54
C29 LHG CF . 42.90 32.22 -20.30
C30 LHG CF . 43.60 31.47 -21.46
C31 LHG CF . 43.11 30.03 -21.69
C32 LHG CF . 44.22 29.03 -22.05
C33 LHG CF . 45.21 28.79 -20.91
C34 LHG CF . 44.58 28.37 -19.57
C35 LHG CF . 44.36 29.52 -18.56
C36 LHG CF . 44.71 29.10 -17.13
C37 LHG CF . 43.94 29.92 -16.10
C38 LHG CF . 44.50 29.72 -14.71
C16 UNL DF . 51.59 38.18 -25.60
C15 UNL DF . 51.46 39.02 -24.34
C14 UNL DF . 50.05 39.56 -24.10
C13 UNL DF . 50.02 40.83 -23.26
C12 UNL DF . 48.59 41.36 -23.20
C11 UNL DF . 48.40 42.63 -22.35
C10 UNL DF . 47.01 43.25 -22.52
C9 UNL DF . 46.57 43.97 -21.26
C8 UNL DF . 45.37 44.90 -21.51
C7 UNL DF . 43.99 44.30 -21.21
C6 UNL DF . 43.36 44.85 -19.93
C5 UNL DF . 42.08 44.10 -19.53
C4 UNL DF . 40.85 44.70 -20.21
C16 UNL EF . 49.20 48.94 -11.49
C15 UNL EF . 49.04 50.25 -10.73
C14 UNL EF . 49.49 51.53 -11.49
C13 UNL EF . 50.41 52.49 -10.70
C12 UNL EF . 50.29 53.98 -11.05
C11 UNL EF . 51.38 54.86 -10.38
C10 UNL EF . 50.86 56.20 -9.80
C9 UNL EF . 51.99 56.97 -9.07
C8 UNL EF . 51.57 58.24 -8.29
C7 UNL EF . 50.69 57.92 -7.05
C6 UNL EF . 50.75 58.92 -5.85
C5 UNL EF . 49.63 58.80 -4.78
C4 UNL EF . 48.71 60.04 -4.64
C3 UNL EF . 48.83 60.87 -3.36
C2 UNL EF . 47.97 62.15 -3.38
C1 UNL EF . 47.99 62.83 -2.01
S DMS FF . 0.32 53.54 -2.01
O DMS FF . -0.12 54.86 -3.14
C1 DMS FF . 1.10 52.17 -2.96
C2 DMS FF . 1.59 54.11 -0.83
CHA HEM GF . 45.97 51.94 -26.41
CHB HEM GF . 44.38 56.23 -25.08
CHC HEM GF . 44.01 54.58 -20.49
CHD HEM GF . 45.73 50.30 -21.85
C1A HEM GF . 45.72 53.29 -26.46
C2A HEM GF . 45.96 54.18 -27.57
C3A HEM GF . 45.52 55.40 -27.20
C4A HEM GF . 44.98 55.28 -25.85
CMA HEM GF . 45.53 56.73 -28.01
CAA HEM GF . 46.68 53.70 -28.86
CBA HEM GF . 48.16 53.42 -28.47
CGA HEM GF . 49.17 53.51 -29.61
O1A HEM GF . 50.41 53.61 -29.35
O2A HEM GF . 48.73 53.46 -30.80
C1B HEM GF . 44.15 56.14 -23.71
C2B HEM GF . 43.62 57.21 -22.87
C3B HEM GF . 43.52 56.74 -21.62
C4B HEM GF . 43.99 55.38 -21.63
CMB HEM GF . 43.26 58.63 -23.38
CAB HEM GF . 43.03 57.49 -20.37
CBB HEM GF . 42.06 58.38 -20.49
C1C HEM GF . 44.47 53.30 -20.42
C2C HEM GF . 44.68 52.53 -19.24
C3C HEM GF . 45.19 51.33 -19.62
C4C HEM GF . 45.26 51.32 -21.06
CMC HEM GF . 44.36 53.07 -17.84
CAC HEM GF . 45.59 50.11 -18.80
CBC HEM GF . 46.09 50.27 -17.58
C1D HEM GF . 45.77 50.32 -23.20
C2D HEM GF . 45.87 49.14 -24.04
C3D HEM GF . 45.90 49.63 -25.45
C4D HEM GF . 45.86 51.08 -25.33
CMD HEM GF . 45.85 47.66 -23.66
CAD HEM GF . 45.86 48.72 -26.71
CBD HEM GF . 44.34 48.76 -27.07
CGD HEM GF . 43.89 47.93 -28.25
O1D HEM GF . 42.97 47.03 -28.07
O2D HEM GF . 44.50 48.12 -29.36
NA HEM GF . 45.12 53.99 -25.46
NB HEM GF . 44.33 55.03 -22.93
NC HEM GF . 44.81 52.54 -21.48
ND HEM GF . 45.79 51.45 -23.99
FE HEM GF . 45.00 53.28 -23.47
O1B LMT HF . 44.30 61.24 5.23
C1' LMT HF . 47.80 59.98 3.11
C2' LMT HF . 47.99 60.77 4.43
C3' LMT HF . 46.66 60.84 5.22
C4' LMT HF . 45.45 61.24 4.36
C5' LMT HF . 45.35 60.29 3.12
C6' LMT HF . 44.05 60.36 2.22
O1' LMT HF . 49.02 59.93 2.29
O2' LMT HF . 48.99 60.18 5.30
O3' LMT HF . 46.81 61.69 6.37
O5' LMT HF . 46.61 60.47 2.39
O6' LMT HF . 43.14 59.21 2.21
C1 LMT HF . 50.12 59.19 2.88
C2 LMT HF . 50.88 58.25 1.93
C3 LMT HF . 50.91 58.63 0.45
C4 LMT HF . 51.89 57.69 -0.29
C5 LMT HF . 51.45 57.17 -1.67
C6 LMT HF . 51.80 55.70 -1.93
C7 LMT HF . 51.24 55.21 -3.27
C8 LMT HF . 51.56 53.73 -3.52
C9 LMT HF . 51.09 53.27 -4.91
C10 LMT HF . 52.19 52.61 -5.75
C11 LMT HF . 51.61 51.70 -6.85
C12 LMT HF . 52.65 51.15 -7.82
O1 LHG IF . 39.24 43.34 -37.92
C1 LHG IF . 39.95 44.46 -37.35
C2 LHG IF . 39.56 45.70 -38.12
O2 LHG IF . 40.43 46.79 -37.77
C3 LHG IF . 38.13 46.08 -37.75
O3 LHG IF . 38.11 46.90 -36.60
P LHG IF . 36.68 47.14 -35.89
O4 LHG IF . 35.53 46.69 -36.76
O5 LHG IF . 36.86 46.45 -34.59
O6 LHG IF . 36.47 48.72 -35.68
C4 LHG IF . 36.02 49.53 -36.74
C5 LHG IF . 35.86 50.91 -36.17
C6 LHG IF . 35.68 51.89 -37.33
O7 LHG IF . 34.75 50.92 -35.20
C7 LHG IF . 35.17 51.09 -33.80
O9 LHG IF . 36.35 51.38 -33.61
C8 LHG IF . 34.30 50.90 -32.55
C9 LHG IF . 32.85 51.39 -32.56
C10 LHG IF . 32.22 51.32 -31.14
O8 LHG IF . 35.76 53.24 -36.85
C23 LHG IF . 34.68 54.19 -37.11
O10 LHG IF . 34.46 54.46 -38.29
C24 LHG IF . 33.84 54.77 -35.98
C11 LHG IF . 30.71 51.04 -31.11
C12 LHG IF . 29.85 51.58 -29.94
C13 LHG IF . 28.51 52.22 -30.37
C14 LHG IF . 27.45 52.54 -29.28
C15 LHG IF . 27.14 54.05 -29.10
C16 LHG IF . 25.89 54.37 -28.28
C17 LHG IF . 26.12 55.23 -27.02
C18 LHG IF . 25.06 55.02 -25.90
C25 LHG IF . 34.61 55.58 -34.93
C26 LHG IF . 34.09 55.41 -33.48
C27 LHG IF . 32.75 56.10 -33.17
C28 LHG IF . 32.32 55.97 -31.69
C29 LHG IF . 30.97 56.64 -31.39
C30 LHG IF . 30.88 57.48 -30.10
C31 LHG IF . 30.34 56.73 -28.87
C1A DGD JF . 6.93 41.28 -9.27
C2A DGD JF . 8.02 41.77 -10.19
C3A DGD JF . 8.36 40.63 -11.17
C4A DGD JF . 9.53 41.05 -12.05
C5A DGD JF . 9.90 40.13 -13.22
C6A DGD JF . 11.13 40.67 -14.01
C7A DGD JF . 11.46 40.01 -15.38
C8A DGD JF . 12.92 39.86 -15.86
C9A DGD JF . 13.14 38.91 -17.06
CAA DGD JF . 14.29 37.85 -16.99
CBA DGD JF . 13.99 36.56 -17.84
CCA DGD JF . 15.04 35.43 -17.82
CDA DGD JF . 14.96 34.38 -18.94
CEA DGD JF . 13.69 33.50 -18.97
CFA DGD JF . 13.89 32.27 -18.10
CGA DGD JF . 12.65 31.49 -17.79
O1A DGD JF . 6.27 40.29 -9.43
C1B DGD JF . 3.88 41.79 -9.82
C2B DGD JF . 3.44 40.94 -10.92
C3B DGD JF . 2.85 39.66 -10.41
C4B DGD JF . 2.17 38.97 -11.56
C5B DGD JF . 3.05 38.61 -12.73
C6B DGD JF . 4.19 37.69 -12.35
C7B DGD JF . 5.01 37.32 -13.56
C8B DGD JF . 6.50 37.12 -13.32
C9B DGD JF . 6.93 36.43 -11.99
CAB DGD JF . 6.92 34.93 -12.05
CBB DGD JF . 7.48 34.23 -10.79
CCB DGD JF . 6.58 34.32 -9.58
CDB DGD JF . 6.69 33.05 -8.80
CEB DGD JF . 6.09 33.11 -7.42
CFB DGD JF . 6.90 32.19 -6.53
CGB DGD JF . 7.00 30.77 -7.07
O1B DGD JF . 4.52 42.84 -10.05
O1G DGD JF . 6.58 41.90 -8.07
C1G DGD JF . 5.56 41.27 -7.27
C2G DGD JF . 4.29 42.03 -7.53
O2G DGD JF . 3.54 41.34 -8.51
C3G DGD JF . 3.40 42.16 -6.32
O3G DGD JF . 4.04 43.04 -5.38
C1D DGD JF . 3.81 42.40 -4.11
C2D DGD JF . 4.61 43.24 -3.20
O2D DGD JF . 5.92 43.14 -3.71
C3D DGD JF . 4.55 42.61 -1.77
O3D DGD JF . 5.28 43.38 -0.79
C4D DGD JF . 3.13 42.43 -1.28
O4D DGD JF . 2.59 43.77 -1.09
C5D DGD JF . 2.38 41.62 -2.32
O5D DGD JF . 0.21 42.53 -1.86
C6D DGD JF . 0.93 41.28 -2.03
O6D DGD JF . 2.44 42.24 -3.63
C1E DGD JF . -1.27 42.38 -1.87
C2E DGD JF . -1.96 43.76 -2.10
O2E DGD JF . -1.34 44.46 -3.21
C3E DGD JF . -1.69 44.69 -0.89
O3E DGD JF . -2.24 46.02 -1.08
C4E DGD JF . -2.19 44.01 0.40
O4E DGD JF . -3.64 43.93 0.18
C5E DGD JF . -1.43 42.65 0.53
O6E DGD JF . -1.74 41.81 -0.64
C6E DGD JF . -1.64 41.86 1.83
O5E DGD JF . -3.03 41.77 1.90
C1 RRX KF . 3.68 38.91 -30.65
C2 RRX KF . 4.47 38.05 -31.60
O2 RRX KF . -5.41 60.63 -16.59
C3 RRX KF . 5.34 38.87 -32.58
C40 RRX KF . -3.64 59.67 -20.50
C30 RRX KF . -2.79 59.74 -19.23
C39 RRX KF . -1.48 60.47 -19.54
C29 RRX KF . -3.46 60.54 -18.11
C28 RRX KF . -4.66 59.81 -17.52
C27 RRX KF . -4.16 58.55 -16.82
C26 RRX KF . -3.19 57.77 -17.69
C38 RRX KF . -2.97 56.36 -17.19
C25 RRX KF . -2.54 58.30 -18.79
C24 RRX KF . -1.71 57.47 -19.70
C23 RRX KF . -2.13 56.28 -20.28
C22 RRX KF . -1.23 55.58 -21.26
C37 RRX KF . 0.20 56.09 -21.48
C21 RRX KF . -1.65 54.48 -21.92
C20 RRX KF . -0.88 53.67 -22.88
C19 RRX KF . -1.42 52.51 -23.38
C18 RRX KF . -0.66 51.65 -24.33
C36 RRX KF . 0.69 52.11 -24.70
C17 RRX KF . -1.28 50.56 -24.87
C16 RRX KF . -0.70 49.60 -25.82
C15 RRX KF . -1.38 48.45 -26.09
C14 RRX KF . -0.80 47.49 -27.01
C13 RRX KF . -1.29 46.29 -27.46
C35 RRX KF . -2.57 45.70 -27.02
C12 RRX KF . -0.44 45.51 -28.41
C11 RRX KF . -0.68 44.25 -28.74
C10 RRX KF . 0.26 43.59 -29.63
C9 RRX KF . 0.35 42.26 -29.86
C34 RRX KF . -0.66 41.30 -29.27
C8 RRX KF . 1.48 41.79 -30.70
C7 RRX KF . 1.72 40.48 -30.76
C6 RRX KF . 2.88 39.93 -31.45
C32 RRX KF . 2.84 38.03 -29.74
C31 RRX KF . 4.62 39.61 -29.66
C5 RRX KF . 3.27 40.38 -32.68
C33 RRX KF . 2.50 41.41 -33.49
C4 RRX KF . 4.52 39.89 -33.39
C9 UNL LF . -13.25 29.36 -49.99
C8 UNL LF . -12.89 28.63 -48.69
C7 UNL LF . -14.11 28.14 -47.91
C6 UNL LF . -13.76 27.23 -46.71
C5 UNL LF . -14.96 27.05 -45.76
C4 UNL LF . -14.70 26.34 -44.42
C3 UNL LF . -15.99 26.05 -43.60
C13 UNL MF . -1.76 53.64 -29.25
C12 UNL MF . -1.18 54.13 -27.92
C11 UNL MF . -1.64 55.56 -27.62
C10 UNL MF . -1.22 56.16 -26.26
C9 UNL MF . -1.48 57.67 -26.19
C8 UNL MF . -2.05 58.20 -24.87
C7 UNL MF . -1.54 59.61 -24.54
C16 UNL NF . 43.87 -17.69 3.65
C15 UNL NF . 44.63 -17.26 4.90
C14 UNL NF . 45.32 -18.41 5.64
C13 UNL NF . 44.32 -19.21 6.50
C12 UNL NF . 44.40 -18.95 8.01
C11 UNL NF . 43.44 -19.78 8.87
C10 UNL NF . 44.08 -20.30 10.19
C9 UNL NF . 43.20 -20.20 11.44
C8 UNL NF . 43.97 -20.74 12.67
C7 UNL NF . 43.22 -20.65 14.00
C6 UNL NF . 44.18 -20.62 15.19
C5 UNL NF . 43.47 -20.70 16.56
C4 UNL NF . 44.35 -21.16 17.75
C3 UNL NF . 43.50 -21.43 19.00
C2 UNL NF . 44.28 -21.27 20.31
C1 UNL NF . 43.38 -21.48 21.54
C16 UNL OF . 41.03 -16.04 3.71
C15 UNL OF . 39.95 -16.46 4.71
C14 UNL OF . 40.40 -17.02 6.08
C13 UNL OF . 39.36 -17.86 6.85
C12 UNL OF . 39.66 -18.07 8.36
C11 UNL OF . 39.59 -19.53 8.91
C10 UNL OF . 39.62 -19.59 10.46
C9 UNL OF . 39.38 -20.95 11.17
C8 UNL OF . 39.41 -20.86 12.72
C7 UNL OF . 39.28 -22.23 13.40
C6 UNL OF . 39.86 -22.33 14.83
C5 UNL OF . 38.91 -22.94 15.89
C4 UNL OF . 39.57 -23.15 17.27
C3 UNL OF . 38.65 -22.98 18.50
C16 UNL PF . 34.25 -12.84 9.79
C15 UNL PF . 34.44 -12.09 11.11
C14 UNL PF . 33.45 -12.56 12.14
C13 UNL PF . 33.47 -11.93 13.55
C12 UNL PF . 33.59 -13.02 14.60
C11 UNL PF . 33.15 -12.74 16.00
C10 UNL PF . 33.50 -13.93 16.93
C9 UNL PF . 33.01 -13.60 18.34
C8 UNL PF . 33.50 -14.56 19.45
C7 UNL PF . 32.57 -14.47 20.67
C6 UNL PF . 33.26 -14.57 22.04
C5 UNL PF . 32.36 -13.95 23.12
C4 UNL PF . 32.61 -14.47 24.54
C3 UNL PF . 33.93 -13.91 25.11
C2 UNL PF . 35.13 -14.82 24.87
C1 UNL PF . 36.43 -14.12 25.23
C13 UNL QF . 36.32 -16.47 10.60
C12 UNL QF . 37.18 -16.39 11.87
C11 UNL QF . 36.33 -16.55 13.13
C10 UNL QF . 37.00 -17.21 14.32
C9 UNL QF . 35.99 -17.30 15.47
C8 UNL QF . 36.60 -17.70 16.80
C7 UNL QF . 35.55 -18.29 17.73
C6 UNL QF . 36.01 -18.45 19.18
C5 UNL QF . 36.48 -19.84 19.62
C4 UNL QF . 36.13 -20.13 21.09
C3 UNL QF . 36.77 -19.19 22.12
C2 UNL QF . 35.81 -18.79 23.25
C1 UNL QF . 35.33 -19.98 24.08
S DMS RF . 42.79 -9.46 23.41
O DMS RF . 41.83 -8.77 24.76
C1 DMS RF . 44.55 -9.73 23.83
C2 DMS RF . 42.13 -11.14 23.25
MG MG SF . 42.56 49.50 6.88
O1B LMT TF . 49.16 48.87 14.08
C1' LMT TF . 51.15 46.53 11.36
C2' LMT TF . 51.11 45.88 12.76
C3' LMT TF . 50.24 46.72 13.72
C4' LMT TF . 50.38 48.25 13.61
C5' LMT TF . 50.69 48.75 12.18
C6' LMT TF . 51.18 50.21 12.17
O1' LMT TF . 51.91 45.77 10.43
O2' LMT TF . 50.50 44.57 12.76
O3' LMT TF . 50.48 46.21 15.05
O5' LMT TF . 51.64 47.88 11.50
O6' LMT TF . 50.70 50.91 11.01
C1 LMT TF . 51.12 45.12 9.43
C2 LMT TF . 51.96 44.14 8.62
C3 LMT TF . 51.47 44.03 7.19
C4 LMT TF . 52.35 43.07 6.41
C5 LMT TF . 51.95 43.00 4.95
C6 LMT TF . 53.12 42.87 3.98
C7 LMT TF . 52.62 42.76 2.54
C8 LMT TF . 53.26 41.63 1.68
C9 LMT TF . 52.61 41.63 0.29
C10 LMT TF . 52.77 40.46 -0.71
C11 LMT TF . 51.44 40.24 -1.44
C12 LMT TF . 51.46 39.24 -2.58
C16 UNL UF . 55.43 45.51 -0.92
C15 UNL UF . 54.77 45.93 0.38
C14 UNL UF . 54.06 47.28 0.29
C13 UNL UF . 53.77 47.83 1.66
C12 UNL UF . 53.23 49.26 1.58
C11 UNL UF . 52.86 49.77 2.98
C10 UNL UF . 53.19 51.25 3.20
C9 UNL UF . 52.82 51.68 4.62
C8 UNL UF . 53.12 53.14 4.95
C7 UNL UF . 52.95 53.38 6.46
C6 UNL UF . 52.74 54.85 6.83
C5 UNL UF . 52.25 55.04 8.27
C4 UNL UF . 53.17 54.46 9.35
C3 UNL UF . 53.30 55.37 10.59
C2 UNL UF . 52.91 54.70 11.92
C1 UNL UF . 53.31 55.53 13.15
C1 BCR VF . 73.33 41.68 9.73
C2 BCR VF . 73.12 42.09 11.18
C3 BCR VF . 73.53 41.01 12.15
C4 BCR VF . 74.98 40.69 11.93
C5 BCR VF . 75.42 40.62 10.49
C6 BCR VF . 74.70 41.09 9.48
C7 BCR VF . 75.10 41.03 8.07
C8 BCR VF . 75.22 39.85 7.45
C9 BCR VF . 75.50 39.69 6.02
C10 BCR VF . 75.27 38.48 5.46
C11 BCR VF . 75.35 38.22 3.99
C33 BCR VF . 76.76 40.04 10.29
C31 BCR VF . 73.10 42.96 8.94
C32 BCR VF . 72.37 40.59 9.26
C34 BCR VF . 75.97 40.84 5.15
C12 BCR VF . 74.92 37.05 3.46
C13 BCR VF . 74.79 36.78 1.99
C14 BCR VF . 74.09 35.68 1.58
C15 BCR VF . 73.80 35.22 0.20
C16 BCR VF . 73.20 34.01 -0.05
C17 BCR VF . 72.94 33.58 -1.44
C18 BCR VF . 72.45 32.34 -1.82
C19 BCR VF . 72.26 32.16 -3.28
C20 BCR VF . 71.50 31.21 -3.84
C21 BCR VF . 71.23 31.20 -5.28
C22 BCR VF . 70.25 30.51 -5.89
C23 BCR VF . 70.10 30.66 -7.36
C24 BCR VF . 69.26 29.91 -8.06
C25 BCR VF . 69.11 29.94 -9.54
C26 BCR VF . 70.02 29.34 -10.33
C27 BCR VF . 69.89 29.33 -11.82
C28 BCR VF . 68.90 30.34 -12.38
C29 BCR VF . 67.61 30.18 -11.53
C30 BCR VF . 67.83 30.57 -10.09
C35 BCR VF . 75.21 37.83 1.04
C36 BCR VF . 72.00 31.25 -0.87
C37 BCR VF . 69.38 29.49 -5.16
C38 BCR VF . 71.29 28.66 -9.79
C39 BCR VF . 66.61 30.05 -9.30
C40 BCR VF . 67.99 32.07 -9.97
C1 BCR WF . 79.58 36.55 16.07
C2 BCR WF . 79.08 37.84 16.64
C3 BCR WF . 78.06 38.47 15.75
C4 BCR WF . 78.67 38.89 14.48
C5 BCR WF . 79.56 37.82 13.91
C6 BCR WF . 79.95 36.77 14.63
C7 BCR WF . 80.85 35.79 14.01
C8 BCR WF . 80.44 34.95 13.07
C9 BCR WF . 81.32 33.96 12.43
C10 BCR WF . 80.76 33.19 11.44
C11 BCR WF . 81.56 32.15 10.73
C33 BCR WF . 79.96 38.05 12.50
C31 BCR WF . 78.55 35.42 16.19
C32 BCR WF . 80.79 36.17 16.92
C34 BCR WF . 82.79 33.83 12.82
C12 BCR WF . 81.06 31.39 9.76
C13 BCR WF . 81.85 30.36 9.01
C14 BCR WF . 81.21 29.71 8.00
C15 BCR WF . 81.76 28.66 7.12
C16 BCR WF . 81.00 28.01 6.21
C17 BCR WF . 81.50 26.93 5.34
C18 BCR WF . 80.77 26.20 4.42
C19 BCR WF . 81.50 25.12 3.69
C20 BCR WF . 80.96 24.25 2.86
C21 BCR WF . 81.78 23.18 2.28
C22 BCR WF . 81.29 22.12 1.58
C23 BCR WF . 82.28 21.14 1.07
C24 BCR WF . 82.03 20.19 0.16
C25 BCR WF . 83.09 19.26 -0.36
C26 BCR WF . 83.97 19.73 -1.24
C27 BCR WF . 85.08 18.88 -1.86
C28 BCR WF . 85.36 17.60 -1.06
C29 BCR WF . 84.07 16.90 -0.65
C30 BCR WF . 83.11 17.82 0.09
C35 BCR WF . 83.30 30.14 9.35
C36 BCR WF . 79.29 26.37 4.14
C37 BCR WF . 79.82 21.96 1.26
C38 BCR WF . 83.97 21.14 -1.69
C39 BCR WF . 83.48 17.82 1.57
C40 BCR WF . 81.69 17.24 -0.08
C10 UNL XF . 62.45 35.13 -27.51
C9 UNL XF . 60.95 35.45 -27.72
C8 UNL XF . 60.45 36.47 -26.69
C7 UNL XF . 58.92 36.51 -26.52
C6 UNL XF . 58.37 35.83 -25.25
C5 UNL XF . 58.35 36.73 -24.00
C4 UNL XF . 57.60 36.16 -22.76
C3 UNL XF . 57.03 37.22 -21.78
C2 UNL XF . 55.89 36.71 -20.86
C1 UNL XF . 54.62 37.56 -20.77
MG MG YF . 61.99 46.60 13.10
C1B LMT ZF . 16.48 -14.33 -31.47
C2B LMT ZF . 17.60 -13.80 -32.36
C3B LMT ZF . 17.08 -12.56 -33.15
C4B LMT ZF . 15.93 -13.03 -34.07
C5B LMT ZF . 14.83 -13.61 -33.18
C6B LMT ZF . 13.64 -14.14 -34.00
O1B LMT ZF . 16.06 -13.35 -30.48
O2B LMT ZF . 18.76 -13.52 -31.57
O3B LMT ZF . 18.08 -11.86 -33.89
O4' LMT ZF . 15.41 -11.97 -34.92
O5B LMT ZF . 15.38 -14.65 -32.34
O6B LMT ZF . 13.97 -15.19 -34.92
C1' LMT ZF . 14.39 -13.13 -26.60
C2' LMT ZF . 15.92 -12.92 -26.74
C3' LMT ZF . 16.37 -12.67 -28.19
C4' LMT ZF . 15.76 -13.71 -29.13
C5' LMT ZF . 14.25 -13.63 -28.86
C6' LMT ZF . 13.35 -14.36 -29.83
O1' LMT ZF . 14.00 -13.61 -25.32
O2' LMT ZF . 16.36 -11.78 -25.96
O3' LMT ZF . 17.81 -12.58 -28.31
O5' LMT ZF . 13.95 -14.11 -27.53
O6' LMT ZF . 12.21 -14.73 -29.06
C1 LMT ZF . 12.76 -13.14 -24.78
C2 LMT ZF . 13.08 -12.95 -23.29
C3 LMT ZF . 11.89 -12.96 -22.37
C4 LMT ZF . 12.24 -12.18 -21.12
C5 LMT ZF . 11.15 -12.31 -20.08
C6 LMT ZF . 11.33 -11.39 -18.88
C7 LMT ZF . 10.02 -11.16 -18.15
C8 LMT ZF . 10.17 -10.10 -17.06
C9 LMT ZF . 8.88 -9.88 -16.27
C10 LMT ZF . 9.08 -8.64 -15.38
C11 LMT ZF . 7.93 -8.39 -14.41
C12 LMT ZF . 8.13 -7.14 -13.56
O1B LMT AG . 23.08 -12.42 -27.62
C1' LMT AG . 23.18 -12.14 -23.47
C2' LMT AG . 24.44 -12.82 -24.00
C3' LMT AG . 24.44 -12.76 -25.56
C4' LMT AG . 23.05 -12.94 -26.27
C5' LMT AG . 21.93 -12.18 -25.51
C6' LMT AG . 20.50 -12.29 -26.03
O1' LMT AG . 23.14 -12.36 -22.06
O2' LMT AG . 25.56 -12.15 -23.36
O3' LMT AG . 25.42 -13.71 -26.01
O5' LMT AG . 21.99 -12.60 -24.14
O6' LMT AG . 19.64 -11.44 -25.22
C1 LMT AG . 23.13 -11.19 -21.26
C2 LMT AG . 21.80 -10.47 -21.27
C3 LMT AG . 21.51 -10.04 -19.84
C4 LMT AG . 20.42 -8.98 -19.70
C5 LMT AG . 20.33 -8.74 -18.20
C6 LMT AG . 19.27 -7.80 -17.68
C7 LMT AG . 19.20 -8.01 -16.16
C8 LMT AG . 18.79 -6.78 -15.33
C9 LMT AG . 19.29 -6.95 -13.87
C10 LMT AG . 18.61 -5.99 -12.87
C11 LMT AG . 18.23 -6.67 -11.55
C12 LMT AG . 17.07 -5.90 -10.94
CA CA BG . 31.61 -13.25 56.89
C1 HTG CG . 19.42 -10.25 16.79
S1 HTG CG . 21.04 -10.90 16.24
C2 HTG CG . 18.35 -11.26 17.34
O2 HTG CG . 17.76 -12.06 16.33
C3 HTG CG . 17.12 -10.60 18.02
O3 HTG CG . 16.35 -11.53 18.82
C4 HTG CG . 17.50 -9.43 18.92
O4 HTG CG . 16.30 -8.70 19.32
C5 HTG CG . 18.48 -8.47 18.24
O5 HTG CG . 19.63 -9.18 17.79
C6 HTG CG . 18.88 -7.35 19.21
O6 HTG CG . 19.67 -7.90 20.29
C1' HTG CG . 21.67 -9.52 15.38
C2' HTG CG . 21.44 -9.56 13.89
C3' HTG CG . 22.21 -10.65 13.26
C4' HTG CG . 22.36 -10.41 11.77
C5' HTG CG . 22.59 -11.72 11.04
C6' HTG CG . 23.61 -11.61 9.91
C7' HTG CG . 23.20 -12.48 8.73
S DMS DG . 20.23 -6.01 50.46
O DMS DG . 21.14 -7.54 50.21
C1 DMS DG . 18.47 -6.31 50.08
C2 DMS DG . 20.10 -5.64 52.26
S DMS EG . 46.85 -15.55 49.27
O DMS EG . 48.52 -15.45 48.60
C1 DMS EG . 45.65 -14.84 48.09
C2 DMS EG . 46.49 -17.32 49.15
S DMS FG . 31.22 -8.32 34.62
O DMS FG . 29.54 -7.75 35.05
C1 DMS FG . 31.52 -8.36 32.83
C2 DMS FG . 32.56 -7.18 35.12
S DMS GG . 12.83 -6.70 31.22
O DMS GG . 11.67 -5.49 30.57
C1 DMS GG . 13.24 -6.55 32.98
C2 DMS GG . 12.05 -8.37 31.15
S DMS HG . 19.86 6.67 53.73
O DMS HG . 20.54 8.34 53.93
C1 DMS HG . 19.57 5.93 55.36
C2 DMS HG . 18.14 6.88 53.16
S DMS IG . 10.79 10.69 43.75
O DMS IG . 10.06 12.31 43.47
C1 DMS IG . 9.88 10.07 45.20
C2 DMS IG . 10.41 9.29 42.60
S DMS JG . 32.35 -12.91 44.35
O DMS JG . 30.81 -11.99 44.54
C1 DMS JG . 32.17 -14.57 45.08
C2 DMS JG . 32.74 -13.26 42.60
S DMS KG . 30.56 -9.03 65.96
O DMS KG . 28.97 -9.17 65.11
C1 DMS KG . 30.58 -10.20 67.37
C2 DMS KG . 31.96 -9.64 64.97
S DMS LG . 14.29 -12.38 26.96
O DMS LG . 12.92 -11.70 27.92
C1 DMS LG . 14.29 -14.20 27.01
C2 DMS LG . 13.72 -11.82 25.35
S DMS MG . 22.71 -6.56 61.05
O DMS MG . 21.45 -5.32 60.65
C1 DMS MG . 22.11 -8.21 60.55
C2 DMS MG . 24.16 -6.39 59.97
C1 BCR NG . 30.56 -6.91 -8.28
C2 BCR NG . 31.86 -6.13 -8.50
C3 BCR NG . 32.89 -6.89 -9.28
C4 BCR NG . 33.30 -8.09 -8.43
C5 BCR NG . 32.11 -8.94 -8.11
C6 BCR NG . 30.85 -8.40 -8.02
C7 BCR NG . 29.75 -9.34 -7.70
C8 BCR NG . 28.46 -9.05 -7.41
C9 BCR NG . 27.46 -10.11 -7.15
C10 BCR NG . 26.21 -9.67 -6.94
C11 BCR NG . 25.07 -10.52 -6.65
C33 BCR NG . 32.42 -10.41 -7.90
C31 BCR NG . 29.71 -6.77 -9.55
C32 BCR NG . 29.84 -6.22 -7.10
C34 BCR NG . 27.80 -11.60 -7.15
C12 BCR NG . 23.89 -9.98 -6.38
C13 BCR NG . 22.72 -10.83 -6.05
C14 BCR NG . 21.71 -10.06 -5.59
C15 BCR NG . 20.59 -10.57 -4.80
C16 BCR NG . 19.39 -10.03 -4.95
C17 BCR NG . 18.26 -10.52 -4.15
C18 BCR NG . 17.00 -10.02 -4.20
C19 BCR NG . 16.04 -10.62 -3.22
C20 BCR NG . 14.81 -10.16 -2.97
C21 BCR NG . 14.05 -10.77 -1.89
C22 BCR NG . 12.83 -10.35 -1.41
C23 BCR NG . 12.36 -11.16 -0.25
C24 BCR NG . 11.23 -10.94 0.44
C25 BCR NG . 10.83 -11.76 1.64
C26 BCR NG . 10.89 -13.11 1.68
C27 BCR NG . 10.54 -13.93 2.89
C28 BCR NG . 10.48 -13.13 4.17
C29 BCR NG . 9.69 -11.86 3.90
C30 BCR NG . 10.38 -10.99 2.88
C35 BCR NG . 22.37 -12.04 -6.91
C36 BCR NG . 16.62 -8.82 -5.06
C37 BCR NG . 12.01 -9.20 -1.95
C38 BCR NG . 11.30 -13.92 0.51
C39 BCR NG . 11.60 -10.37 3.57
C40 BCR NG . 9.30 -9.96 2.46
O1B LMT OG . 6.99 -3.04 14.71
C1' LMT OG . 9.47 -4.47 11.53
C2' LMT OG . 9.41 -2.93 11.74
C3' LMT OG . 8.82 -2.52 13.12
C4' LMT OG . 7.59 -3.38 13.45
C5' LMT OG . 8.12 -4.82 13.37
C6' LMT OG . 7.29 -5.88 14.11
O1' LMT OG . 9.59 -4.80 10.17
O2' LMT OG . 10.76 -2.42 11.58
O3' LMT OG . 8.45 -1.15 13.25
O5' LMT OG . 8.28 -5.09 11.97
O6' LMT OG . 8.09 -6.28 15.24
C1 LMT OG . 10.06 -6.12 9.82
C2 LMT OG . 11.52 -6.08 9.41
C3 LMT OG . 11.83 -7.02 8.26
C4 LMT OG . 13.31 -7.10 8.09
C5 LMT OG . 13.74 -8.02 7.00
C6 LMT OG . 15.23 -8.38 7.09
C7 LMT OG . 15.89 -8.47 5.70
C8 LMT OG . 15.30 -9.57 4.80
C9 LMT OG . 16.02 -9.71 3.44
C10 LMT OG . 15.21 -9.06 2.30
C11 LMT OG . 16.01 -9.07 1.00
C12 LMT OG . 15.35 -8.18 -0.02
C16 UNL PG . 20.00 -9.73 2.54
C15 UNL PG . 21.24 -8.93 2.16
C14 UNL PG . 20.92 -7.93 1.04
C13 UNL PG . 22.17 -7.39 0.32
C12 UNL PG . 22.32 -7.82 -1.14
C11 UNL PG . 23.68 -8.48 -1.34
C10 UNL PG . 24.84 -7.48 -1.29
C9 UNL PG . 25.92 -7.77 -0.25
C8 UNL PG . 27.25 -7.04 -0.54
C7 UNL PG . 28.39 -7.98 -0.95
C6 UNL PG . 29.00 -7.66 -2.32
C5 UNL PG . 29.61 -8.89 -3.02
C4 UNL PG . 30.50 -9.78 -2.13
C14 UNL QG . 8.47 25.72 50.91
C13 UNL QG . 7.40 26.41 51.81
C12 UNL QG . 7.87 27.71 52.48
C11 UNL QG . 8.53 27.41 53.85
C10 UNL QG . 10.03 27.04 53.74
C9 UNL QG . 10.62 26.16 54.82
C8 UNL QG . 11.72 25.31 54.21
C7 UNL QG . 12.67 24.75 55.25
C6 UNL QG . 13.09 23.32 54.90
C5 UNL QG . 14.45 22.88 55.49
C4 UNL QG . 14.46 22.39 56.95
C3 UNL QG . 15.75 21.64 57.35
C2 UNL QG . 16.67 22.51 58.25
C1 UNL QG . 17.89 21.83 58.83
S DMS RG . 23.39 21.41 49.50
O DMS RG . 22.76 23.07 49.71
C1 DMS RG . 24.57 21.14 48.11
C2 DMS RG . 24.35 21.11 51.07
C1 HTG SG . 20.47 25.08 60.43
S1 HTG SG . 19.17 25.14 61.67
C2 HTG SG . 21.68 25.88 60.99
O2 HTG SG . 21.43 27.28 61.11
C3 HTG SG . 22.94 25.68 60.15
O3 HTG SG . 23.92 26.49 60.79
C4 HTG SG . 23.26 24.17 60.07
O4 HTG SG . 24.57 23.84 59.55
C5 HTG SG . 22.07 23.53 59.33
O5 HTG SG . 20.86 23.72 60.13
C6 HTG SG . 22.29 22.04 58.94
O6 HTG SG . 21.52 21.71 57.78
C1' HTG SG . 17.52 24.72 61.18
C2' HTG SG . 16.90 23.69 62.13
FE HEC TG . 41.69 39.22 35.87
CHA HEC TG . 39.13 38.98 38.18
CHB HEC TG . 41.52 42.58 35.97
CHC HEC TG . 44.48 39.44 33.88
CHD HEC TG . 41.68 35.86 35.49
NA HEC TG . 40.56 40.46 36.89
C1A HEC TG . 39.55 40.21 37.77
C2A HEC TG . 38.99 41.45 38.22
C3A HEC TG . 39.66 42.44 37.62
C4A HEC TG . 40.66 41.85 36.77
CMA HEC TG . 39.41 43.94 37.81
CAA HEC TG . 37.83 41.58 39.24
CBA HEC TG . 36.49 41.49 38.58
CGA HEC TG . 35.33 41.95 39.43
O1A HEC TG . 35.44 42.46 40.60
O2A HEC TG . 34.24 41.87 38.87
NB HEC TG . 42.83 40.76 35.02
C1B HEC TG . 42.56 42.09 35.20
C2B HEC TG . 43.58 42.84 34.53
C3B HEC TG . 44.43 41.98 33.94
C4B HEC TG . 43.98 40.64 34.29
CMB HEC TG . 43.60 44.37 34.50
CAB HEC TG . 45.76 42.24 33.15
CBB HEC TG . 46.77 42.96 33.75
NC HEC TG . 42.83 37.92 34.90
C1C HEC TG . 43.89 38.21 34.08
C2C HEC TG . 44.31 36.97 33.43
C3C HEC TG . 43.53 35.97 33.86
C4C HEC TG . 42.62 36.56 34.80
CMC HEC TG . 45.42 36.87 32.36
CAC HEC TG . 43.59 34.46 33.46
CBC HEC TG . 44.79 33.77 33.49
ND HEC TG . 40.59 37.65 36.71
C1D HEC TG . 40.82 36.37 36.41
C2D HEC TG . 40.04 35.57 37.33
C3D HEC TG . 39.29 36.51 38.18
C4D HEC TG . 39.67 37.80 37.71
CMD HEC TG . 40.00 34.06 37.46
CAD HEC TG . 38.38 36.17 39.32
CBD HEC TG . 39.33 35.97 40.53
CGD HEC TG . 38.52 35.70 41.78
O1D HEC TG . 37.75 36.61 42.17
O2D HEC TG . 38.57 34.57 42.38
C1 HTG UG . 54.65 33.92 47.01
S1 HTG UG . 54.71 33.11 48.62
C2 HTG UG . 55.02 33.20 45.70
O2 HTG UG . 56.01 32.19 45.70
C3 HTG UG . 55.57 34.33 44.80
O3 HTG UG . 56.15 33.81 43.64
C4 HTG UG . 54.45 35.28 44.47
O4 HTG UG . 55.05 36.39 43.85
C5 HTG UG . 53.70 35.68 45.75
O5 HTG UG . 53.39 34.47 46.52
C6 HTG UG . 52.46 36.47 45.45
O6 HTG UG . 52.20 37.26 46.58
C1' HTG UG . 55.02 34.26 49.94
C2' HTG UG . 55.65 33.59 51.18
C3' HTG UG . 56.43 34.59 52.06
C4' HTG UG . 56.57 34.18 53.54
C5' HTG UG . 57.78 34.82 54.25
C6' HTG UG . 57.80 34.60 55.79
C7' HTG UG . 59.13 34.09 56.35
S DMS VG . 32.05 56.33 42.20
O DMS VG . 31.16 56.37 40.63
C1 DMS VG . 30.96 55.38 43.32
C2 DMS VG . 33.47 55.24 42.04
S DMS WG . 40.38 55.78 17.28
O DMS WG . 40.51 57.53 16.91
C1 DMS WG . 41.96 54.94 16.91
C2 DMS WG . 40.10 55.78 19.06
S DMS XG . 36.00 64.32 19.54
O DMS XG . 37.68 63.82 19.94
C1 DMS XG . 35.37 65.59 20.70
C2 DMS XG . 35.94 65.17 17.93
S DMS YG . 22.34 49.03 26.45
O DMS YG . 23.71 47.97 25.95
C1 DMS YG . 20.79 48.28 25.85
C2 DMS YG . 22.16 49.03 28.27
S DMS ZG . 21.88 42.38 31.41
O DMS ZG . 21.27 40.70 31.08
C1 DMS ZG . 23.01 42.80 30.07
C2 DMS ZG . 20.58 43.63 31.08
S DMS AH . 55.09 47.34 27.29
O DMS AH . 53.82 48.26 26.45
C1 DMS AH . 54.63 47.25 29.04
C2 DMS AH . 55.06 45.66 26.59
CA CA BH . 38.14 60.83 16.02
C1 BCR CH . 72.35 41.89 1.34
C2 BCR CH . 73.27 42.42 2.42
C3 BCR CH . 72.68 42.27 3.82
C4 BCR CH . 72.46 40.78 4.15
C5 BCR CH . 72.05 39.97 2.93
C6 BCR CH . 72.02 40.42 1.65
C7 BCR CH . 71.56 39.51 0.59
C8 BCR CH . 70.83 39.83 -0.52
C9 BCR CH . 70.33 38.80 -1.50
C10 BCR CH . 69.49 39.25 -2.44
C11 BCR CH . 68.79 38.54 -3.50
C33 BCR CH . 71.69 38.57 3.30
C31 BCR CH . 73.14 42.02 0.05
C32 BCR CH . 71.05 42.73 1.29
C34 BCR CH . 70.72 37.32 -1.42
C12 BCR CH . 67.93 39.22 -4.26
C13 BCR CH . 67.08 38.55 -5.30
C14 BCR CH . 66.13 39.32 -5.87
C15 BCR CH . 65.11 38.91 -6.84
C16 BCR CH . 64.12 39.74 -7.15
C17 BCR CH . 63.11 39.30 -8.09
C18 BCR CH . 61.97 39.94 -8.47
C19 BCR CH . 61.11 39.16 -9.43
C20 BCR CH . 59.90 39.55 -9.86
C21 BCR CH . 59.15 38.76 -10.86
C22 BCR CH . 57.96 39.14 -11.45
C23 BCR CH . 57.44 38.24 -12.51
C24 BCR CH . 56.54 38.65 -13.44
C25 BCR CH . 56.11 37.81 -14.59
C26 BCR CH . 57.01 37.43 -15.53
C27 BCR CH . 56.66 36.59 -16.72
C28 BCR CH . 55.28 35.93 -16.58
C29 BCR CH . 54.26 36.96 -16.08
C30 BCR CH . 54.63 37.46 -14.70
C35 BCR CH . 67.17 37.05 -5.56
C36 BCR CH . 61.62 41.32 -8.02
C37 BCR CH . 57.24 40.43 -11.14
C38 BCR CH . 58.45 37.84 -15.46
C39 BCR CH . 54.36 36.38 -13.64
C40 BCR CH . 53.81 38.74 -14.44
C16 UNL DH . 16.59 49.52 -22.88
C15 UNL DH . 16.36 50.52 -21.72
C14 UNL DH . 17.54 51.43 -21.36
C13 UNL DH . 17.13 52.35 -20.19
C12 UNL DH . 18.19 53.40 -19.81
C11 UNL DH . 17.73 54.45 -18.77
C10 UNL DH . 18.76 55.57 -18.61
C9 UNL DH . 18.97 56.32 -17.30
C8 UNL DH . 17.84 57.28 -16.95
C7 UNL DH . 18.25 58.33 -15.92
C6 UNL DH . 17.06 59.20 -15.52
C5 UNL DH . 17.40 60.16 -14.36
C4 UNL DH . 16.28 60.37 -13.34
C3 UNL DH . 15.64 61.75 -13.36
C2 UNL DH . 14.18 61.74 -12.88
C1 UNL DH . 13.80 63.15 -12.44
C1B LMT EH . 88.46 28.86 -12.74
C2B LMT EH . 87.90 28.90 -14.17
C3B LMT EH . 88.02 27.55 -14.91
C4B LMT EH . 88.05 26.30 -14.02
C5B LMT EH . 88.88 26.48 -12.74
C6B LMT EH . 89.99 25.43 -12.49
O1B LMT EH . 87.53 28.78 -11.60
O2B LMT EH . 86.55 29.37 -14.26
O3B LMT EH . 89.19 27.54 -15.75
O4' LMT EH . 86.69 26.01 -13.70
O5B LMT EH . 89.44 27.81 -12.73
O6B LMT EH . 89.95 24.99 -11.10
C1' LMT EH . 86.79 31.03 -8.08
C2' LMT EH . 86.88 31.81 -9.38
C3' LMT EH . 86.83 30.82 -10.54
C4' LMT EH . 87.85 29.68 -10.50
C5' LMT EH . 87.89 29.06 -9.09
C6' LMT EH . 89.11 28.19 -8.72
O1' LMT EH . 86.88 31.90 -6.91
O2' LMT EH . 85.84 32.78 -9.52
O3' LMT EH . 87.10 31.53 -11.75
O5' LMT EH . 87.87 30.09 -8.08
O6' LMT EH . 89.79 27.76 -9.90
C1 LMT EH . 86.99 31.15 -5.67
C2 LMT EH . 86.52 31.95 -4.43
C3 LMT EH . 86.00 31.12 -3.24
C4 LMT EH . 85.13 31.99 -2.32
C5 LMT EH . 84.64 31.31 -1.03
C6 LMT EH . 84.23 32.32 0.05
C7 LMT EH . 82.82 32.86 -0.14
C8 LMT EH . 82.68 34.35 -0.41
C9 LMT EH . 81.21 34.80 -0.20
C10 LMT EH . 80.91 36.21 -0.69
C11 LMT EH . 79.50 36.65 -0.32
C12 LMT EH . 79.09 37.93 -1.01
C6 UNL FH . 84.93 33.90 21.02
C5 UNL FH . 85.46 34.95 20.04
C4 UNL FH . 84.85 34.80 18.63
C3 UNL FH . 85.70 35.45 17.54
C2 UNL FH . 84.93 35.55 16.22
C1 UNL FH . 85.82 35.42 15.00
C1B LMT GH . -20.95 7.34 2.88
C2B LMT GH . -19.63 6.52 3.16
C3B LMT GH . -19.68 5.02 2.73
C4B LMT GH . -20.89 4.51 3.51
C5B LMT GH . -22.21 5.21 3.15
C6B LMT GH . -23.51 4.45 3.63
O1B LMT GH . -21.23 7.60 1.47
O2B LMT GH . -18.45 7.12 2.63
O3B LMT GH . -18.53 4.12 2.93
O4' LMT GH . -20.98 3.11 3.27
O5B LMT GH . -22.07 6.62 3.52
O6B LMT GH . -23.75 3.06 3.14
C1' LMT GH . -20.25 9.31 -2.27
C2' LMT GH . -19.11 9.27 -1.23
C3' LMT GH . -19.43 8.34 -0.04
C4' LMT GH . -20.69 8.72 0.73
C5' LMT GH . -21.77 9.23 -0.27
C6' LMT GH . -22.82 10.16 0.37
O1' LMT GH . -19.89 10.09 -3.46
O2' LMT GH . -17.80 8.86 -1.63
O3' LMT GH . -18.20 8.47 0.71
O5' LMT GH . -21.36 9.85 -1.54
O6' LMT GH . -22.29 11.14 1.28
C1 LMT GH . -20.89 10.74 -4.29
C2 LMT GH . -20.25 11.87 -5.11
C3 LMT GH . -19.94 11.58 -6.57
C4 LMT GH . -18.96 10.42 -6.54
C5 LMT GH . -18.42 9.96 -7.87
C6 LMT GH . -19.22 8.89 -8.55
C7 LMT GH . -18.49 8.21 -9.70
C8 LMT GH . -19.47 7.31 -10.45
C9 LMT GH . -19.87 7.73 -11.86
C10 LMT GH . -18.98 7.08 -12.93
C11 LMT GH . -19.38 7.35 -14.41
C12 LMT GH . -19.46 8.79 -14.92
O1 OEX HH . -41.53 -15.24 0.65
CA1 OEX HH . -40.85 -14.10 -1.38
MN1 OEX HH . -40.20 -15.02 1.84
O2 OEX HH . -41.69 -12.33 0.16
MN2 OEX HH . -42.46 -13.60 1.44
O3 OEX HH . -40.86 -13.10 2.40
MN3 OEX HH . -40.27 -11.90 1.17
O4 OEX HH . -39.87 -10.40 -0.01
MN4 OEX HH . -38.14 -11.41 -0.78
O5 OEX HH . -39.08 -13.45 0.20
FE FE2 IH . -16.35 -29.90 -33.08
CL CL JH . -32.86 -12.27 3.27
CL CL KH . -46.69 -10.51 6.81
MG CLA LH . -29.03 -24.42 -8.79
CHA CLA LH . -30.29 -22.13 -11.12
CHB CLA LH . -26.94 -25.55 -11.28
CHC CLA LH . -26.95 -25.96 -6.36
CHD CLA LH . -30.72 -22.72 -6.29
NA CLA LH . -28.66 -23.95 -10.85
C1A CLA LH . -29.26 -23.04 -11.58
C2A CLA LH . -28.70 -22.94 -13.00
C3A CLA LH . -27.93 -24.24 -13.11
C4A CLA LH . -27.82 -24.66 -11.66
CMA CLA LH . -28.72 -25.28 -13.85
CAA CLA LH . -27.72 -21.78 -13.07
CBA CLA LH . -27.13 -21.45 -14.45
CGA CLA LH . -28.22 -20.98 -15.38
O1A CLA LH . -29.33 -20.61 -15.03
O2A CLA LH . -27.92 -20.93 -16.72
NB CLA LH . -27.24 -25.55 -8.78
C1B CLA LH . -26.62 -25.97 -9.90
C2B CLA LH . -25.49 -26.86 -9.63
C3B CLA LH . -25.51 -26.97 -8.17
C4B CLA LH . -26.62 -26.09 -7.75
CMB CLA LH . -24.55 -27.59 -10.55
CAB CLA LH . -24.63 -27.69 -7.16
CBB CLA LH . -23.54 -28.30 -7.54
NC CLA LH . -28.85 -24.40 -6.79
C1C CLA LH . -28.02 -25.05 -5.96
C2C CLA LH . -28.28 -24.81 -4.55
C3C CLA LH . -29.36 -23.85 -4.54
C4C CLA LH . -29.66 -23.65 -5.97
CMC CLA LH . -27.69 -25.34 -3.32
CAC CLA LH . -29.98 -23.40 -3.25
CBC CLA LH . -29.02 -22.70 -2.35
ND CLA LH . -30.22 -22.82 -8.58
C1D CLA LH . -30.91 -22.26 -7.61
C2D CLA LH . -31.84 -21.16 -8.00
C3D CLA LH . -31.62 -21.12 -9.43
C4D CLA LH . -30.64 -22.17 -9.70
CMD CLA LH . -32.76 -20.35 -7.17
CAD CLA LH . -31.94 -20.39 -10.63
OBD CLA LH . -32.70 -19.37 -10.70
CBD CLA LH . -31.08 -20.98 -11.73
CGD CLA LH . -31.83 -21.44 -12.93
O1D CLA LH . -32.52 -22.48 -12.98
O2D CLA LH . -32.23 -20.34 -13.69
CED CLA LH . -33.36 -20.54 -14.56
C1 CLA LH . -28.81 -20.19 -17.60
C2 CLA LH . -28.11 -19.02 -18.16
C3 CLA LH . -28.33 -17.75 -17.72
C4 CLA LH . -29.14 -17.40 -16.50
C5 CLA LH . -27.56 -16.63 -18.36
C6 CLA LH . -28.41 -15.61 -19.07
C7 CLA LH . -27.43 -14.82 -19.95
C8 CLA LH . -28.09 -13.59 -20.57
C9 CLA LH . -29.16 -14.00 -21.57
C10 CLA LH . -27.14 -12.57 -21.19
C11 CLA LH . -26.20 -11.92 -20.22
C12 CLA LH . -25.22 -10.92 -20.82
C13 CLA LH . -24.28 -10.38 -19.74
C14 CLA LH . -25.05 -9.35 -18.88
C15 CLA LH . -23.08 -9.73 -20.40
C16 CLA LH . -22.12 -10.71 -20.94
C17 CLA LH . -20.69 -10.18 -20.97
C18 CLA LH . -20.52 -9.06 -21.94
C19 CLA LH . -20.92 -9.52 -23.33
C20 CLA LH . -19.09 -8.60 -22.03
MG CLA MH . -24.51 -35.78 -8.14
CHA CLA MH . -27.56 -34.89 -9.73
CHB CLA MH . -24.60 -38.78 -9.95
CHC CLA MH . -21.43 -36.38 -7.12
CHD CLA MH . -24.25 -32.48 -7.10
NA CLA MH . -25.78 -36.64 -9.66
C1A CLA MH . -26.92 -36.17 -10.10
C2A CLA MH . -27.57 -36.97 -11.21
C3A CLA MH . -26.86 -38.28 -10.91
C4A CLA MH . -25.66 -37.89 -10.15
CMA CLA MH . -27.75 -39.24 -10.12
CAA CLA MH . -27.31 -36.42 -12.63
CBA CLA MH . -25.79 -36.24 -12.92
CGA CLA MH . -25.50 -35.78 -14.32
O1A CLA MH . -26.30 -35.77 -15.21
O2A CLA MH . -24.18 -35.38 -14.58
NB CLA MH . -23.25 -37.34 -8.51
C1B CLA MH . -23.41 -38.50 -9.15
C2B CLA MH . -22.28 -39.47 -8.92
C3B CLA MH . -21.41 -38.76 -8.08
C4B CLA MH . -22.10 -37.40 -7.90
CMB CLA MH . -22.26 -40.82 -9.47
CAB CLA MH . -20.14 -39.09 -7.43
CBB CLA MH . -19.48 -40.22 -7.65
NC CLA MH . -23.13 -34.61 -7.33
C1C CLA MH . -21.94 -35.02 -6.87
C2C CLA MH . -21.14 -34.02 -6.14
C3C CLA MH . -21.98 -32.89 -6.17
C4C CLA MH . -23.17 -33.38 -6.89
CMC CLA MH . -19.76 -34.12 -5.55
CAC CLA MH . -21.67 -31.57 -5.50
CBC CLA MH . -21.62 -31.79 -3.97
ND CLA MH . -25.55 -33.98 -8.39
C1D CLA MH . -25.45 -32.82 -7.78
C2D CLA MH . -26.60 -31.93 -7.87
C3D CLA MH . -27.53 -32.79 -8.66
C4D CLA MH . -26.77 -33.96 -8.95
CMD CLA MH . -26.76 -30.58 -7.31
CAD CLA MH . -28.82 -32.91 -9.29
OBD CLA MH . -29.79 -32.04 -9.25
CBD CLA MH . -28.85 -34.25 -9.94
CGD CLA MH . -29.87 -35.10 -9.30
O1D CLA MH . -29.94 -35.32 -8.10
O2D CLA MH . -30.77 -35.67 -10.18
CED CLA MH . -31.78 -36.60 -9.74
C1 CLA MH . -23.69 -35.30 -15.89
C2 CLA MH . -23.28 -36.64 -16.42
C3 CLA MH . -23.77 -37.16 -17.54
C4 CLA MH . -24.82 -36.51 -18.33
C5 CLA MH . -23.28 -38.51 -18.00
C6 CLA MH . -24.27 -39.61 -17.59
C7 CLA MH . -24.05 -40.02 -16.11
C8 CLA MH . -25.02 -41.09 -15.64
C9 CLA MH . -25.55 -40.75 -14.26
C10 CLA MH . -24.44 -42.50 -15.74
C11 CLA MH . -25.48 -43.55 -16.24
C12 CLA MH . -24.89 -44.98 -16.23
C13 CLA MH . -25.86 -46.17 -16.39
C14 CLA MH . -27.23 -46.05 -15.70
C15 CLA MH . -25.12 -47.45 -15.92
C16 CLA MH . -25.19 -48.63 -16.92
C17 CLA MH . -24.34 -48.43 -18.19
C18 CLA MH . -24.05 -49.69 -19.02
C19 CLA MH . -23.75 -49.33 -20.48
C20 CLA MH . -25.17 -50.75 -18.98
CHA PHO NH . -24.58 -16.41 -25.43
CHB PHO NH . -23.66 -15.07 -20.83
CHC PHO NH . -24.78 -19.62 -19.33
CHD PHO NH . -25.69 -21.07 -23.92
NA PHO NH . -24.14 -16.07 -23.00
C1A PHO NH . -24.18 -15.63 -24.23
C2A PHO NH . -23.65 -14.25 -24.35
C3A PHO NH . -23.16 -13.94 -22.95
C4A PHO NH . -23.66 -15.09 -22.18
CMA PHO NH . -21.62 -13.83 -22.92
CAA PHO NH . -24.78 -13.26 -24.74
CBA PHO NH . -24.21 -11.87 -25.03
CGA PHO NH . -25.35 -10.87 -24.97
O1A PHO NH . -26.52 -11.08 -24.70
O2A PHO NH . -24.91 -9.65 -25.38
NB PHO NH . -24.29 -17.47 -20.35
C1B PHO NH . -24.05 -16.22 -19.91
C2B PHO NH . -23.95 -16.14 -18.44
C3B PHO NH . -24.23 -17.51 -18.02
C4B PHO NH . -24.45 -18.22 -19.27
CMB PHO NH . -23.66 -14.93 -17.62
CAB PHO NH . -24.41 -18.09 -16.68
CBB PHO NH . -24.63 -17.38 -15.60
NC PHO NH . -25.19 -19.97 -21.75
C1C PHO NH . -25.14 -20.44 -20.51
C2C PHO NH . -25.42 -21.86 -20.34
C3C PHO NH . -25.70 -22.32 -21.69
C4C PHO NH . -25.50 -21.09 -22.46
CMC PHO NH . -25.42 -22.69 -19.08
CAC PHO NH . -26.09 -23.71 -22.15
CBC PHO NH . -27.52 -23.73 -22.72
ND PHO NH . -25.01 -18.69 -24.24
C1D PHO NH . -25.43 -19.86 -24.73
C2D PHO NH . -25.65 -19.75 -26.18
C3D PHO NH . -25.23 -18.38 -26.48
C4D PHO NH . -24.89 -17.84 -25.30
CMD PHO NH . -26.04 -20.77 -27.18
CAD PHO NH . -25.15 -17.38 -27.54
OBD PHO NH . -25.45 -17.53 -28.78
CBD PHO NH . -24.77 -16.07 -26.90
CGD PHO NH . -23.57 -15.55 -27.55
O1D PHO NH . -23.53 -14.58 -28.28
O2D PHO NH . -22.38 -16.17 -27.12
CED PHO NH . -21.18 -15.68 -27.67
C1 PHO NH . -25.73 -8.50 -25.32
C2 PHO NH . -25.52 -7.87 -23.96
C3 PHO NH . -24.48 -7.10 -23.65
C4 PHO NH . -23.49 -6.70 -24.69
C5 PHO NH . -24.30 -6.42 -22.31
C6 PHO NH . -25.50 -6.35 -21.34
C7 PHO NH . -25.13 -5.55 -20.06
C8 PHO NH . -26.29 -5.55 -19.07
C9 PHO NH . -27.39 -4.56 -19.51
C10 PHO NH . -25.72 -5.30 -17.63
C11 PHO NH . -26.81 -5.14 -16.58
C12 PHO NH . -27.88 -6.21 -16.49
C13 PHO NH . -27.29 -7.62 -16.20
C14 PHO NH . -28.40 -8.64 -16.27
C15 PHO NH . -26.53 -7.66 -14.84
C16 PHO NH . -26.26 -9.02 -14.23
C17 PHO NH . -25.35 -8.91 -12.94
C18 PHO NH . -24.87 -10.25 -12.46
C19 PHO NH . -26.09 -11.09 -12.18
C20 PHO NH . -23.83 -10.24 -11.30
MG CLA OH . -35.89 3.58 -22.57
CHA CLA OH . -38.02 3.76 -19.70
CHB CLA OH . -37.90 1.16 -23.81
CHC CLA OH . -34.40 4.04 -25.55
CHD CLA OH . -34.30 6.63 -21.38
NA CLA OH . -37.70 2.70 -21.92
C1A CLA OH . -38.34 2.80 -20.78
C2A CLA OH . -39.48 1.85 -20.66
C3A CLA OH . -39.11 0.84 -21.73
C4A CLA OH . -38.20 1.63 -22.57
CMA CLA OH . -38.33 -0.38 -21.21
CAA CLA OH . -40.82 2.57 -20.79
CBA CLA OH . -41.09 3.20 -22.13
CGA CLA OH . -42.49 3.78 -22.24
O1A CLA OH . -43.21 4.08 -21.27
O2A CLA OH . -42.89 4.09 -23.61
NB CLA OH . -36.09 2.71 -24.32
C1B CLA OH . -36.90 1.73 -24.72
C2B CLA OH . -36.71 1.31 -26.14
C3B CLA OH . -35.70 2.18 -26.64
C4B CLA OH . -35.40 3.02 -25.44
CMB CLA OH . -37.46 0.28 -26.93
CAB CLA OH . -35.02 2.32 -28.00
CBB CLA OH . -35.08 1.36 -28.93
NC CLA OH . -34.58 5.00 -23.30
C1C CLA OH . -34.05 5.01 -24.51
C2C CLA OH . -33.10 6.08 -24.74
C3C CLA OH . -33.10 6.85 -23.50
C4C CLA OH . -34.03 6.11 -22.69
CMC CLA OH . -32.32 6.42 -25.95
CAC CLA OH . -32.29 8.11 -23.27
CBC CLA OH . -33.09 9.38 -23.62
ND CLA OH . -36.03 4.98 -21.04
C1D CLA OH . -35.34 6.04 -20.58
C2D CLA OH . -35.62 6.42 -19.19
C3D CLA OH . -36.66 5.47 -18.82
C4D CLA OH . -36.90 4.68 -19.97
CMD CLA OH . -35.01 7.53 -18.42
CAD CLA OH . -37.61 5.08 -17.79
OBD CLA OH . -37.66 5.54 -16.66
CBD CLA OH . -38.43 3.96 -18.30
CGD CLA OH . -38.09 2.77 -17.44
O1D CLA OH . -37.24 1.92 -17.76
O2D CLA OH . -39.10 2.45 -16.47
CED CLA OH . -38.87 1.42 -15.51
C1 CLA OH . -44.24 3.95 -24.03
C2 CLA OH . -44.32 4.43 -25.46
C3 CLA OH . -45.19 3.95 -26.36
C4 CLA OH . -46.20 2.87 -25.98
C5 CLA OH . -45.16 4.53 -27.78
C6 CLA OH . -45.08 3.51 -28.93
C7 CLA OH . -45.96 3.91 -30.12
C8 CLA OH . -46.20 2.80 -31.17
C9 CLA OH . -46.52 3.40 -32.54
C10 CLA OH . -47.33 1.83 -30.73
C11 CLA OH . -46.88 0.37 -30.59
C12 CLA OH . -46.35 0.01 -29.19
C13 CLA OH . -46.80 -1.36 -28.67
C14 CLA OH . -46.97 -1.30 -27.15
C15 CLA OH . -45.84 -2.50 -29.03
C16 CLA OH . -45.25 -2.51 -30.46
C17 CLA OH . -44.66 -3.90 -30.78
C18 CLA OH . -43.95 -4.10 -32.13
C19 CLA OH . -44.60 -3.31 -33.25
C20 CLA OH . -43.91 -5.58 -32.50
C1 BCR PH . -28.81 2.78 -34.57
C2 BCR PH . -29.45 2.60 -35.92
C3 BCR PH . -30.78 3.28 -36.00
C4 BCR PH . -30.61 4.77 -35.77
C5 BCR PH . -29.74 5.14 -34.58
C6 BCR PH . -28.95 4.20 -34.01
C7 BCR PH . -28.08 4.48 -32.83
C8 BCR PH . -28.60 4.63 -31.59
C9 BCR PH . -27.78 4.88 -30.36
C10 BCR PH . -28.47 5.05 -29.18
C11 BCR PH . -27.83 5.31 -27.87
C33 BCR PH . -29.89 6.57 -34.11
C31 BCR PH . -27.33 2.50 -34.85
C32 BCR PH . -29.31 1.72 -33.62
C34 BCR PH . -26.25 4.89 -30.43
C12 BCR PH . -28.53 5.50 -26.75
C13 BCR PH . -27.93 5.75 -25.40
C14 BCR PH . -28.76 5.80 -24.33
C15 BCR PH . -28.34 5.98 -22.95
C16 BCR PH . -29.25 5.85 -21.97
C17 BCR PH . -28.88 5.92 -20.56
C18 BCR PH . -29.72 5.96 -19.49
C19 BCR PH . -29.10 6.08 -18.12
C20 BCR PH . -29.74 6.39 -16.99
C21 BCR PH . -29.02 6.58 -15.69
C22 BCR PH . -29.55 7.14 -14.56
C23 BCR PH . -28.69 7.26 -13.38
C24 BCR PH . -29.05 7.71 -12.20
C25 BCR PH . -28.14 7.76 -11.04
C26 BCR PH . -27.83 6.62 -10.41
C27 BCR PH . -26.93 6.56 -9.20
C28 BCR PH . -26.17 7.86 -8.92
C29 BCR PH . -27.07 9.07 -9.15
C30 BCR PH . -27.70 9.13 -10.56
C35 BCR PH . -26.46 5.95 -25.22
C36 BCR PH . -31.20 5.86 -19.62
C37 BCR PH . -30.94 7.68 -14.47
C38 BCR PH . -28.35 5.28 -10.85
C39 BCR PH . -26.64 9.70 -11.52
C40 BCR PH . -28.97 10.03 -10.50
C2 PL9 QH . -17.74 -38.43 -29.31
C3 PL9 QH . -17.34 -37.10 -29.09
C4 PL9 QH . -16.34 -36.54 -30.02
C5 PL9 QH . -15.75 -37.27 -31.21
C6 PL9 QH . -16.22 -38.65 -31.38
C1 PL9 QH . -17.23 -39.20 -30.39
C7 PL9 QH . -17.73 -36.11 -27.97
C8 PL9 QH . -19.04 -36.28 -27.29
C9 PL9 QH . -19.30 -37.24 -26.48
C10 PL9 QH . -18.36 -38.34 -26.13
C11 PL9 QH . -20.67 -37.27 -25.90
C12 PL9 QH . -21.53 -38.27 -26.66
C13 PL9 QH . -21.50 -39.55 -25.87
C14 PL9 QH . -22.54 -40.35 -25.57
C15 PL9 QH . -23.99 -40.18 -25.97
C16 PL9 QH . -22.14 -41.54 -24.76
C17 PL9 QH . -21.68 -41.15 -23.35
C18 PL9 QH . -21.64 -42.50 -22.70
C19 PL9 QH . -22.33 -42.86 -21.61
C20 PL9 QH . -23.23 -41.88 -20.88
C21 PL9 QH . -22.18 -44.33 -21.20
C22 PL9 QH . -21.79 -44.49 -19.74
C23 PL9 QH . -20.98 -45.73 -19.47
C24 PL9 QH . -20.57 -45.99 -18.22
C25 PL9 QH . -20.90 -45.08 -17.07
C26 PL9 QH . -19.74 -47.21 -17.92
C27 PL9 QH . -20.24 -47.82 -16.60
C28 PL9 QH . -19.66 -49.19 -16.42
C29 PL9 QH . -19.53 -49.83 -15.24
C30 PL9 QH . -19.93 -49.26 -13.91
C31 PL9 QH . -18.87 -51.19 -15.36
C32 PL9 QH . -19.06 -52.03 -14.15
C33 PL9 QH . -18.44 -53.40 -14.33
C34 PL9 QH . -18.96 -54.42 -15.04
C35 PL9 QH . -20.26 -54.32 -15.79
C36 PL9 QH . -18.24 -55.75 -15.05
C37 PL9 QH . -17.76 -56.08 -16.45
C38 PL9 QH . -16.96 -57.38 -16.33
C39 PL9 QH . -16.22 -57.82 -17.36
C40 PL9 QH . -16.13 -57.05 -18.64
C41 PL9 QH . -15.43 -59.12 -17.23
C42 PL9 QH . -13.93 -58.86 -17.44
C43 PL9 QH . -13.25 -58.47 -16.14
C44 PL9 QH . -11.95 -58.76 -15.91
C45 PL9 QH . -11.10 -59.48 -16.91
C46 PL9 QH . -11.30 -58.34 -14.61
C47 PL9 QH . -11.45 -59.42 -13.54
C48 PL9 QH . -10.72 -59.07 -12.26
C49 PL9 QH . -11.03 -59.58 -11.04
C50 PL9 QH . -10.21 -59.17 -9.83
C51 PL9 QH . -12.16 -60.54 -10.79
C52 PL9 QH . -14.72 -36.58 -32.12
C53 PL9 QH . -15.66 -39.44 -32.52
O1 PL9 QH . -16.03 -35.40 -29.76
O2 PL9 QH . -17.67 -40.36 -30.48
C1 LMG RH . -47.16 4.22 -17.78
O1 LMG RH . -46.90 3.58 -19.04
C2 LMG RH . -46.69 5.68 -17.72
O2 LMG RH . -45.27 5.86 -17.98
C3 LMG RH . -47.01 6.27 -16.33
O3 LMG RH . -46.64 7.66 -16.35
C4 LMG RH . -48.47 6.00 -15.91
O4 LMG RH . -49.25 6.76 -16.75
C5 LMG RH . -48.90 4.54 -16.14
O5 LMG RH . -50.66 2.84 -15.97
C6 LMG RH . -50.38 4.25 -15.86
O6 LMG RH . -48.55 4.16 -17.48
C7 LMG RH . -47.84 2.55 -19.29
C8 LMG RH . -47.35 1.59 -20.37
C9 LMG RH . -47.52 2.20 -21.77
O7 LMG RH . -46.00 1.22 -20.09
C10 LMG RH . -45.50 0.02 -20.79
O9 LMG RH . -46.25 -0.84 -21.25
C11 LMG RH . -43.99 -0.12 -20.92
C12 LMG RH . -43.59 -1.52 -21.45
C13 LMG RH . -42.14 -1.90 -21.10
C14 LMG RH . -41.91 -3.41 -21.12
C15 LMG RH . -40.59 -3.73 -20.46
C16 LMG RH . -40.42 -5.20 -20.16
C17 LMG RH . -40.32 -5.96 -21.45
C18 LMG RH . -39.57 -7.24 -21.21
C19 LMG RH . -39.39 -7.95 -22.54
C20 LMG RH . -40.67 -8.62 -23.05
C21 LMG RH . -40.54 -8.90 -24.54
C22 LMG RH . -41.36 -10.11 -24.98
C23 LMG RH . -40.56 -11.00 -25.95
C24 LMG RH . -40.73 -12.46 -25.60
C25 LMG RH . -42.13 -12.92 -25.91
O8 LMG RH . -48.43 1.41 -22.55
C28 LMG RH . -49.88 1.50 -22.45
O10 LMG RH . -50.39 2.43 -21.82
C29 LMG RH . -50.69 0.44 -23.13
C30 LMG RH . -49.79 -0.78 -23.32
C31 LMG RH . -50.56 -2.00 -23.80
C32 LMG RH . -49.65 -3.22 -23.78
C33 LMG RH . -50.45 -4.51 -23.76
C34 LMG RH . -49.55 -5.68 -24.03
C35 LMG RH . -49.88 -6.85 -23.15
C36 LMG RH . -48.83 -7.95 -23.24
C37 LMG RH . -49.12 -9.10 -24.20
C38 LMG RH . -48.52 -10.42 -23.68
C39 LMG RH . -47.72 -11.16 -24.75
C40 LMG RH . -46.23 -10.93 -24.68
C41 LMG RH . -45.48 -11.68 -25.77
C42 LMG RH . -45.30 -13.12 -25.32
C43 LMG RH . -44.85 -13.99 -26.47
C11 UNL SH . -24.98 9.60 -22.77
C10 UNL SH . -24.50 9.33 -21.35
C9 UNL SH . -23.15 8.60 -21.40
C8 UNL SH . -22.43 8.64 -20.04
C7 UNL SH . -21.45 7.47 -19.83
C6 UNL SH . -20.92 7.30 -18.39
C5 UNL SH . -20.59 5.82 -18.12
C4 UNL SH . -19.51 5.76 -17.08
C10 UNL TH . -40.68 6.36 -48.87
C9 UNL TH . -41.44 5.75 -47.68
C8 UNL TH . -40.63 5.68 -46.37
C7 UNL TH . -41.50 5.49 -45.10
C6 UNL TH . -40.73 5.04 -43.83
C5 UNL TH . -40.46 6.11 -42.74
C4 UNL TH . -40.57 5.53 -41.31
C3 UNL TH . -39.90 6.33 -40.19
C4 UNL UH . -25.06 4.42 -46.94
C5 UNL UH . -25.72 4.96 -45.63
C6 UNL UH . -24.64 5.24 -44.54
C11 UNL UH . -28.65 9.22 -41.55
C12 UNL UH . -29.60 9.86 -40.52
C13 UNL UH . -29.95 8.98 -39.30
C35 UNL UH . -27.61 9.76 -28.55
C37 UNL UH . -28.49 9.87 -26.07
C38 UNL UH . -28.08 9.90 -24.62
C14 UNL UH . -30.91 7.80 -39.61
C15 UNL UH . -32.41 8.14 -39.51
O9 UNL UH . -27.94 5.66 -44.01
C7 UNL UH . -27.69 6.41 -44.95
C8 UNL UH . -28.57 7.65 -45.08
C9 UNL UH . -28.23 8.68 -44.00
C10 UNL UH . -29.30 8.87 -42.90
C16 UNL UH . -33.30 7.29 -40.42
C17 UNL UH . -34.61 7.99 -40.84
C18 UNL UH . -34.67 8.30 -42.35
C19 UNL UH . -36.03 8.87 -42.81
C20 UNL UH . -36.20 8.93 -44.34
C21 UNL UH . -37.31 9.89 -44.81
C22 UNL UH . -38.69 9.25 -44.85
O7 UNL UH . -26.56 6.11 -45.86
O6 UNL UH . -25.82 3.37 -47.59
O8 UNL UH . -25.14 5.92 -43.37
C23 UNL UH . -24.83 5.71 -41.93
O10 UNL UH . -23.67 5.61 -41.54
C24 UNL UH . -25.98 5.64 -40.96
C25 UNL UH . -25.62 5.97 -39.53
C26 UNL UH . -26.86 5.76 -38.65
C27 UNL UH . -26.98 6.79 -37.51
C28 UNL UH . -26.08 6.48 -36.30
C29 UNL UH . -25.80 7.75 -35.49
C30 UNL UH . -25.55 7.54 -33.98
C31 UNL UH . -25.76 8.88 -33.25
C32 UNL UH . -25.53 8.79 -31.73
C33 UNL UH . -26.73 9.28 -30.91
C34 UNL UH . -26.37 9.42 -29.42
C36 UNL UH . -27.29 9.91 -27.04
S DMS VH . -46.28 11.67 -8.71
O DMS VH . -46.36 9.86 -8.88
C1 DMS VH . -47.24 12.20 -7.26
C2 DMS VH . -44.68 12.36 -8.23
S DMS WH . -46.17 11.78 -15.22
O DMS WH . -46.22 10.80 -13.70
C1 DMS WH . -47.88 12.38 -15.51
C2 DMS WH . -45.09 13.22 -14.97
S DMS XH . -49.58 8.28 -12.53
O DMS XH . -50.73 7.53 -13.73
C1 DMS XH . -49.88 10.07 -12.34
C2 DMS XH . -49.98 7.71 -10.87
S DMS YH . 3.29 -24.96 -41.12
O DMS YH . 3.67 -24.77 -39.37
C1 DMS YH . 1.91 -26.15 -41.35
C2 DMS YH . 2.59 -23.41 -41.76
S DMS ZH . -32.56 -37.90 13.88
O DMS ZH . -32.34 -37.38 12.15
C1 DMS ZH . -31.08 -37.45 14.83
C2 DMS ZH . -33.93 -37.01 14.74
C4 UNL AI . -16.82 0.04 -38.63
C5 UNL AI . -17.78 0.26 -37.45
C6 UNL AI . -17.41 1.51 -36.68
C11 UNL AI . -22.54 -0.88 -33.84
C12 UNL AI . -22.42 -0.24 -32.45
C13 UNL AI . -23.08 -1.17 -31.45
C35 UNL AI . -23.19 9.00 -26.32
C37 UNL AI . -23.76 11.45 -25.84
C38 UNL AI . -23.83 12.88 -26.37
C14 UNL AI . -23.10 -0.80 -29.96
C15 UNL AI . -23.43 -2.08 -29.21
O9 UNL AI . -19.96 -1.76 -37.62
C7 UNL AI . -20.17 -0.54 -37.65
C8 UNL AI . -21.55 0.00 -37.47
C9 UNL AI . -22.23 -0.68 -36.28
C10 UNL AI . -22.25 0.10 -34.97
C16 UNL AI . -24.27 -2.04 -27.93
C17 UNL AI . -23.41 -2.55 -26.80
C18 UNL AI . -24.02 -2.64 -25.42
C19 UNL AI . -23.00 -2.25 -24.36
C20 UNL AI . -21.79 -3.16 -24.23
C21 UNL AI . -20.64 -2.41 -23.57
C22 UNL AI . -19.52 -3.38 -23.24
O7 UNL AI . -19.11 0.47 -37.90
O6 UNL AI . -17.02 1.05 -39.64
O8 UNL AI . -17.14 1.22 -35.31
C23 UNL AI . -18.15 1.05 -34.29
O10 UNL AI . -18.83 0.03 -34.34
C24 UNL AI . -18.28 2.09 -33.19
C25 UNL AI . -18.48 3.46 -33.84
C26 UNL AI . -18.93 4.55 -32.87
C27 UNL AI . -19.47 5.80 -33.60
C28 UNL AI . -19.51 7.06 -32.72
C29 UNL AI . -20.90 7.70 -32.65
C30 UNL AI . -21.13 8.50 -31.37
C31 UNL AI . -22.27 7.95 -30.47
C32 UNL AI . -21.89 6.97 -29.33
C33 UNL AI . -22.79 7.09 -28.08
C34 UNL AI . -22.22 7.98 -26.96
C36 UNL AI . -22.96 10.48 -26.72
C1 HTG BI . 28.73 -15.56 17.48
S1 HTG BI . 29.59 -15.24 15.97
C2 HTG BI . 29.43 -16.66 18.28
O2 HTG BI . 29.65 -17.76 17.43
C3 HTG BI . 28.61 -17.09 19.49
O3 HTG BI . 29.36 -18.01 20.28
C4 HTG BI . 28.26 -15.89 20.35
O4 HTG BI . 27.19 -16.25 21.25
C5 HTG BI . 27.88 -14.63 19.56
O5 HTG BI . 28.61 -14.41 18.32
C6 HTG BI . 28.08 -13.39 20.44
O6 HTG BI . 26.92 -12.55 20.36
C1' HTG BI . 28.72 -13.93 15.20
C2' HTG BI . 29.42 -13.76 13.87
C3' HTG BI . 28.97 -12.56 13.10
C4' HTG BI . 29.30 -12.85 11.66
C5' HTG BI . 28.97 -11.75 10.67
C6' HTG BI . 29.90 -11.96 9.49
C7' HTG BI . 29.29 -11.55 8.17
C1 HTG CI . 32.56 -20.37 18.36
S1 HTG CI . 32.12 -18.94 17.41
C2 HTG CI . 31.94 -20.28 19.78
O2 HTG CI . 32.56 -19.26 20.58
C3 HTG CI . 31.98 -21.65 20.47
O3 HTG CI . 31.34 -21.57 21.76
C4 HTG CI . 31.31 -22.70 19.55
O4 HTG CI . 31.15 -23.98 20.20
C5 HTG CI . 32.08 -22.82 18.19
O5 HTG CI . 32.14 -21.52 17.57
C6 HTG CI . 31.46 -23.80 17.18
O6 HTG CI . 30.20 -23.32 16.68
C1' HTG CI . 32.44 -19.25 15.69
C2' HTG CI . 32.15 -18.03 14.82
C3' HTG CI . 32.58 -18.28 13.38
C4' HTG CI . 32.22 -17.08 12.51
C5' HTG CI . 32.20 -17.43 11.04
C6' HTG CI . 31.43 -16.34 10.30
C7' HTG CI . 31.33 -16.57 8.79
C16 UNL DI . 27.67 -38.32 5.94
C15 UNL DI . 27.97 -39.45 6.91
C14 UNL DI . 29.48 -39.61 7.15
C13 UNL DI . 30.09 -38.56 8.09
C12 UNL DI . 30.09 -39.00 9.56
C11 UNL DI . 31.20 -38.38 10.41
C10 UNL DI . 30.91 -38.66 11.90
C9 UNL DI . 32.10 -38.52 12.84
C8 UNL DI . 31.74 -39.12 14.22
C7 UNL DI . 32.45 -38.42 15.40
C6 UNL DI . 32.83 -39.38 16.54
C5 UNL DI . 31.65 -39.90 17.36
C4 UNL DI . 32.07 -40.42 18.74
C3 UNL DI . 31.81 -39.41 19.89
C2 UNL DI . 32.63 -39.70 21.16
C1 UNL DI . 31.88 -39.41 22.44
CA CA EI . -8.68 -1.48 17.65
MG CLA FI . 11.08 -54.79 12.57
CHA CLA FI . 12.33 -56.88 15.20
CHB CLA FI . 14.37 -54.72 11.40
CHC CLA FI . 9.79 -53.70 9.75
CHD CLA FI . 7.64 -55.67 13.69
NA CLA FI . 13.06 -55.62 13.17
C1A CLA FI . 13.29 -56.31 14.23
C2A CLA FI . 14.74 -56.64 14.36
C3A CLA FI . 15.42 -55.76 13.34
C4A CLA FI . 14.21 -55.32 12.57
CMA CLA FI . 16.16 -54.61 13.99
CAA CLA FI . 15.02 -58.12 14.09
CBA CLA FI . 14.48 -58.63 12.74
CGA CLA FI . 14.25 -60.11 12.72
O1A CLA FI . 14.28 -60.67 11.63
O2A CLA FI . 14.01 -60.84 13.99
NB CLA FI . 11.98 -54.34 10.91
C1B CLA FI . 13.29 -54.22 10.57
C2B CLA FI . 13.53 -53.64 9.24
C3B CLA FI . 12.18 -53.38 8.77
C4B CLA FI . 11.27 -53.81 9.88
CMB CLA FI . 14.77 -53.32 8.44
CAB CLA FI . 11.93 -52.59 7.51
CBB CLA FI . 10.89 -51.78 7.36
NC CLA FI . 9.09 -54.76 11.83
C1C CLA FI . 8.78 -54.17 10.68
C2C CLA FI . 7.33 -53.99 10.44
C3C CLA FI . 6.73 -54.55 11.63
C4C CLA FI . 7.90 -54.99 12.41
CMC CLA FI . 6.62 -53.32 9.29
CAC CLA FI . 5.27 -54.66 11.95
CBC CLA FI . 4.87 -53.57 12.93
ND CLA FI . 10.08 -55.95 13.95
C1D CLA FI . 8.83 -56.18 14.39
C2D CLA FI . 8.75 -57.00 15.60
C3D CLA FI . 10.17 -57.27 15.88
C4D CLA FI . 10.92 -56.63 14.88
CMD CLA FI . 7.52 -57.46 16.33
CAD CLA FI . 11.04 -57.99 16.87
OBD CLA FI . 10.61 -58.67 17.88
CBD CLA FI . 12.45 -57.66 16.49
CGD CLA FI . 13.12 -56.91 17.64
O1D CLA FI . 14.32 -56.86 17.71
O2D CLA FI . 12.37 -56.10 18.62
CED CLA FI . 12.98 -55.30 19.64
C1 CLA FI . 13.26 -62.06 14.13
C2 CLA FI . 12.68 -62.21 15.53
C3 CLA FI . 11.36 -62.07 15.85
C4 CLA FI . 10.97 -62.28 17.29
C5 CLA FI . 10.25 -61.73 14.84
C6 CLA FI . 10.36 -60.33 14.18
C7 CLA FI . 10.25 -60.32 12.64
C8 CLA FI . 10.03 -58.92 12.00
C9 CLA FI . 8.57 -58.74 11.62
C10 CLA FI . 11.00 -58.55 10.84
C11 CLA FI . 10.43 -57.88 9.57
C12 CLA FI . 11.44 -56.98 8.87
C13 CLA FI . 12.24 -57.54 7.70
C14 CLA FI . 13.73 -57.68 8.06
C15 CLA FI . 12.08 -56.61 6.47
C16 CLA FI . 12.50 -57.30 5.16
C17 CLA FI . 12.51 -56.37 3.94
C18 CLA FI . 13.48 -55.18 3.99
C19 CLA FI . 13.71 -54.64 2.57
C20 CLA FI . 14.81 -55.51 4.67
MG CLA GI . 10.42 -45.94 7.51
CHA CLA GI . 7.50 -44.03 7.16
CHB CLA GI . 9.70 -45.94 10.95
CHC CLA GI . 12.44 -48.61 7.91
CHD CLA GI . 10.42 -46.37 3.97
NA CLA GI . 8.96 -45.10 8.86
C1A CLA GI . 7.94 -44.36 8.52
C2A CLA GI . 7.14 -43.82 9.68
C3A CLA GI . 8.06 -44.12 10.84
C4A CLA GI . 8.97 -45.12 10.20
CMA CLA GI . 8.89 -42.92 11.30
CAA CLA GI . 5.79 -44.47 9.79
CBA CLA GI . 4.94 -43.67 10.75
CGA CLA GI . 4.14 -42.62 9.95
O1A CLA GI . 4.03 -41.49 10.35
O2A CLA GI . 3.62 -42.90 8.64
NB CLA GI . 10.95 -47.09 9.19
C1B CLA GI . 10.67 -46.94 10.45
C2B CLA GI . 11.34 -47.95 11.36
C3B CLA GI . 12.15 -48.71 10.44
C4B CLA GI . 11.81 -48.11 9.10
CMB CLA GI . 11.13 -48.02 12.82
CAB CLA GI . 13.02 -49.94 10.65
CBB CLA GI . 12.94 -50.60 11.79
NC CLA GI . 11.21 -47.31 6.19
C1C CLA GI . 12.17 -48.21 6.52
C2C CLA GI . 12.83 -48.82 5.38
C3C CLA GI . 12.21 -48.15 4.24
C4C CLA GI . 11.23 -47.25 4.85
CMC CLA GI . 13.90 -49.85 5.37
CAC CLA GI . 12.55 -48.37 2.81
CBC CLA GI . 13.52 -47.40 2.16
ND CLA GI . 9.33 -45.48 5.84
C1D CLA GI . 9.44 -45.54 4.55
C2D CLA GI . 8.39 -44.80 3.81
C3D CLA GI . 7.63 -44.24 4.87
C4D CLA GI . 8.21 -44.66 6.05
CMD CLA GI . 8.27 -44.76 2.33
CAD CLA GI . 6.48 -43.34 5.14
OBD CLA GI . 5.74 -42.85 4.23
CBD CLA GI . 6.44 -43.14 6.59
CGD CLA GI . 6.74 -41.70 6.93
O1D CLA GI . 7.63 -41.08 6.41
O2D CLA GI . 5.89 -41.01 7.80
CED CLA GI . 6.17 -39.62 8.08
C1 CLA GI . 2.85 -41.89 7.88
C2 CLA GI . 2.83 -42.40 6.47
C3 CLA GI . 2.00 -43.41 6.16
C4 CLA GI . 1.05 -44.06 7.16
C5 CLA GI . 2.00 -43.94 4.75
C6 CLA GI . 0.78 -43.46 4.04
C7 CLA GI . 0.53 -44.33 2.81
C8 CLA GI . -0.37 -43.68 1.78
C9 CLA GI . -1.80 -43.65 2.28
C10 CLA GI . -0.19 -44.29 0.40
C11 CLA GI . -1.06 -43.69 -0.74
C12 CLA GI . -0.62 -42.28 -1.05
C13 CLA GI . -1.12 -41.76 -2.42
C14 CLA GI . -0.43 -40.50 -2.87
C15 CLA GI . -2.57 -41.47 -2.38
C16 CLA GI . -3.06 -40.50 -1.34
C17 CLA GI . -4.53 -40.13 -1.68
C18 CLA GI . -4.97 -39.10 -0.64
C19 CLA GI . -6.29 -39.45 0.01
C20 CLA GI . -5.04 -37.70 -1.23
MG CLA HI . 13.85 -38.17 6.46
CHA CLA HI . 12.54 -35.63 8.59
CHB CLA HI . 10.70 -39.57 6.47
CHC CLA HI . 14.77 -39.98 3.69
CHD CLA HI . 16.77 -36.17 5.99
NA CLA HI . 11.92 -37.68 7.38
C1A CLA HI . 11.64 -36.74 8.18
C2A CLA HI . 10.17 -36.74 8.53
C3A CLA HI . 9.79 -38.20 8.27
C4A CLA HI . 10.86 -38.54 7.31
CMA CLA HI . 9.89 -39.09 9.53
CAA CLA HI . 9.40 -35.71 7.67
CBA CLA HI . 9.46 -35.87 6.17
CGA CLA HI . 8.43 -36.81 5.62
O1A CLA HI . 7.40 -37.08 6.16
O2A CLA HI . 8.73 -37.39 4.39
NB CLA HI . 12.87 -39.53 5.33
C1B CLA HI . 11.66 -40.04 5.49
C2B CLA HI . 11.35 -41.08 4.49
C3B CLA HI . 12.50 -41.13 3.64
C4B CLA HI . 13.44 -40.14 4.26
CMB CLA HI . 10.10 -41.82 4.37
CAB CLA HI . 12.91 -42.07 2.55
CBB CLA HI . 12.26 -43.15 2.22
NC CLA HI . 15.47 -38.15 5.17
C1C CLA HI . 15.71 -38.92 4.08
C2C CLA HI . 16.91 -38.61 3.29
C3C CLA HI . 17.46 -37.49 4.03
C4C CLA HI . 16.50 -37.27 5.11
CMC CLA HI . 17.50 -39.26 2.05
CAC CLA HI . 18.70 -36.76 3.68
CBC CLA HI . 18.34 -35.62 2.71
ND CLA HI . 14.61 -36.32 7.05
C1D CLA HI . 15.74 -35.66 6.88
C2D CLA HI . 15.80 -34.44 7.64
C3D CLA HI . 14.53 -34.43 8.36
C4D CLA HI . 13.84 -35.55 7.93
CMD CLA HI . 16.87 -33.44 7.68
CAD CLA HI . 13.65 -33.67 9.22
OBD CLA HI . 13.90 -32.54 9.76
CBD CLA HI . 12.42 -34.49 9.44
CGD CLA HI . 12.29 -34.79 10.87
O1D CLA HI . 11.31 -34.37 11.49
O2D CLA HI . 13.41 -35.34 11.60
CED CLA HI . 13.21 -35.36 13.03
C1 CLA HI . 7.79 -38.24 3.71
C2 CLA HI . 8.65 -39.05 2.73
C3 CLA HI . 8.19 -39.93 1.83
C4 CLA HI . 6.76 -40.39 1.75
C5 CLA HI . 9.21 -40.63 0.94
C6 CLA HI . 8.97 -40.64 -0.54
C7 CLA HI . 9.96 -41.55 -1.24
C8 CLA HI . 9.48 -42.96 -1.61
C9 CLA HI . 10.72 -43.78 -1.85
C10 CLA HI . 8.73 -42.96 -2.96
C11 CLA HI . 7.81 -44.15 -3.14
C12 CLA HI . 6.88 -44.00 -4.31
C13 CLA HI . 6.14 -45.28 -4.56
C14 CLA HI . 5.73 -45.35 -6.02
C15 CLA HI . 4.92 -45.40 -3.70
C16 CLA HI . 4.00 -46.56 -4.06
C17 CLA HI . 4.74 -47.90 -3.88
C18 CLA HI . 3.82 -49.08 -4.13
C19 CLA HI . 2.82 -49.33 -2.99
C20 CLA HI . 4.64 -50.34 -4.39
MG CLA II . 7.17 -27.83 1.22
CHA CLA II . 8.88 -29.58 3.73
CHB CLA II . 8.31 -24.87 2.72
CHC CLA II . 6.30 -26.02 -1.60
CHD CLA II . 6.70 -30.84 -0.58
NA CLA II . 8.38 -27.29 2.95
C1A CLA II . 8.86 -28.11 3.83
C2A CLA II . 9.48 -27.45 5.02
C3A CLA II . 9.39 -25.96 4.60
C4A CLA II . 8.59 -26.01 3.36
CMA CLA II . 8.89 -25.10 5.74
CAA CLA II . 10.94 -27.76 5.39
CBA CLA II . 11.86 -27.88 4.17
CGA CLA II . 13.31 -28.01 4.55
O1A CLA II . 13.73 -27.81 5.69
O2A CLA II . 14.15 -28.38 3.47
NB CLA II . 7.34 -25.77 0.68
C1B CLA II . 7.73 -24.72 1.37
C2B CLA II . 7.56 -23.42 0.67
C3B CLA II . 7.00 -23.78 -0.61
C4B CLA II . 6.83 -25.26 -0.47
CMB CLA II . 7.96 -22.07 1.21
CAB CLA II . 6.48 -23.02 -1.79
CBB CLA II . 6.18 -21.74 -1.70
NC CLA II . 6.65 -28.36 -0.74
C1C CLA II . 6.26 -27.53 -1.70
C2C CLA II . 5.87 -28.20 -2.93
C3C CLA II . 6.05 -29.63 -2.64
C4C CLA II . 6.48 -29.59 -1.27
CMC CLA II . 5.51 -27.67 -4.29
CAC CLA II . 5.72 -30.73 -3.63
CBC CLA II . 4.24 -30.97 -3.72
ND CLA II . 7.65 -29.72 1.35
C1D CLA II . 7.33 -30.83 0.72
C2D CLA II . 7.85 -32.08 1.34
C3D CLA II . 8.42 -31.56 2.56
C4D CLA II . 8.28 -30.14 2.52
CMD CLA II . 7.67 -33.51 0.88
CAD CLA II . 9.15 -31.92 3.77
OBD CLA II . 9.43 -33.09 4.12
CBD CLA II . 9.51 -30.67 4.51
CGD CLA II . 8.99 -30.87 5.90
O1D CLA II . 9.71 -31.22 6.85
O2D CLA II . 7.58 -30.84 6.13
CED CLA II . 7.06 -31.34 7.37
C1 CLA II . 15.44 -28.78 3.79
C2 CLA II . 16.26 -29.01 2.56
C3 CLA II . 16.36 -30.13 1.90
C4 CLA II . 15.66 -31.38 2.29
C5 CLA II . 17.32 -30.23 0.74
C6 CLA II . 18.46 -31.15 1.26
C7 CLA II . 19.73 -30.93 0.47
C8 CLA II . 20.81 -31.89 0.91
C9 CLA II . 21.42 -31.43 2.22
C10 CLA II . 21.82 -32.05 -0.22
C11 CLA II . 22.84 -33.16 0.01
C12 CLA II . 23.55 -33.49 -1.31
C13 CLA II . 24.92 -34.20 -1.18
C14 CLA II . 25.61 -34.38 -2.53
C15 CLA II . 24.87 -35.62 -0.55
C16 CLA II . 26.19 -35.80 0.20
C17 CLA II . 26.49 -37.21 0.69
C18 CLA II . 27.14 -37.12 2.06
C19 CLA II . 28.43 -36.32 2.04
C20 CLA II . 27.32 -38.54 2.58
MG CLA JI . 18.36 -25.85 4.61
CHA CLA JI . 15.40 -25.39 6.45
CHB CLA JI . 19.71 -27.31 7.35
CHC CLA JI . 20.94 -27.15 2.64
CHD CLA JI . 16.60 -25.01 1.75
NA CLA JI . 17.67 -26.22 6.54
C1A CLA JI . 16.55 -25.94 7.10
C2A CLA JI . 16.40 -26.42 8.50
C3A CLA JI . 17.89 -26.72 8.83
C4A CLA JI . 18.49 -26.73 7.50
CMA CLA JI . 18.55 -25.71 9.71
CAA CLA JI . 15.45 -27.59 8.75
CBA CLA JI . 15.77 -28.75 7.82
CGA CLA JI . 14.60 -29.68 7.67
O1A CLA JI . 13.56 -29.63 8.32
O2A CLA JI . 14.76 -30.67 6.65
NB CLA JI . 20.04 -27.08 4.94
C1B CLA JI . 20.45 -27.47 6.12
C2B CLA JI . 21.80 -28.15 6.08
C3B CLA JI . 22.16 -28.08 4.70
C4B CLA JI . 20.98 -27.42 4.04
CMB CLA JI . 22.48 -28.77 7.23
CAB CLA JI . 23.43 -28.62 4.16
CBB CLA JI . 23.96 -28.32 3.04
NC CLA JI . 18.76 -26.07 2.65
C1C CLA JI . 19.80 -26.53 1.96
C2C CLA JI . 19.72 -26.44 0.54
C3C CLA JI . 18.43 -25.81 0.32
C4C CLA JI . 17.92 -25.61 1.67
CMC CLA JI . 20.67 -26.86 -0.55
CAC CLA JI . 17.85 -25.43 -1.03
CBC CLA JI . 16.95 -26.52 -1.66
ND CLA JI . 16.45 -25.27 4.06
C1D CLA JI . 15.84 -24.98 2.94
C2D CLA JI . 14.45 -24.57 3.10
C3D CLA JI . 14.28 -24.76 4.52
C4D CLA JI . 15.51 -25.18 5.02
CMD CLA JI . 13.44 -24.15 2.09
CAD CLA JI . 13.35 -24.60 5.64
OBD CLA JI . 12.15 -24.21 5.57
CBD CLA JI . 14.13 -24.85 6.91
CGD CLA JI . 14.41 -23.65 7.75
O1D CLA JI . 14.15 -23.62 8.93
O2D CLA JI . 14.91 -22.47 7.16
CED CLA JI . 15.30 -21.31 7.90
C1 CLA JI . 13.66 -31.41 6.20
C2 CLA JI . 14.18 -32.39 5.18
C3 CLA JI . 13.55 -33.51 4.81
C4 CLA JI . 12.26 -33.92 5.43
C5 CLA JI . 14.22 -34.46 3.79
C6 CLA JI . 13.21 -35.19 2.91
C7 CLA JI . 13.92 -36.24 2.07
C8 CLA JI . 13.00 -36.89 1.04
C9 CLA JI . 11.87 -37.65 1.70
C10 CLA JI . 13.88 -37.83 0.23
C11 CLA JI . 13.18 -38.52 -0.93
C12 CLA JI . 14.21 -38.95 -1.98
C13 CLA JI . 15.21 -39.99 -1.52
C14 CLA JI . 16.24 -40.07 -2.63
C15 CLA JI . 14.52 -41.33 -1.26
C16 CLA JI . 15.41 -42.60 -1.08
C17 CLA JI . 16.15 -42.55 0.22
C18 CLA JI . 16.83 -43.82 0.74
C19 CLA JI . 15.90 -45.00 1.00
C20 CLA JI . 17.50 -43.42 2.02
MG CLA KI . 22.91 -32.10 11.72
CHA CLA KI . 23.92 -29.15 13.58
CHB CLA KI . 20.57 -29.99 10.20
CHC CLA KI . 22.80 -34.23 8.84
CHD CLA KI . 25.89 -33.68 12.70
NA CLA KI . 22.30 -29.84 11.82
C1A CLA KI . 22.72 -28.98 12.71
C2A CLA KI . 21.97 -27.63 12.65
C3A CLA KI . 20.86 -27.97 11.65
C4A CLA KI . 21.24 -29.38 11.17
CMA CLA KI . 19.53 -28.05 12.36
CAA CLA KI . 22.90 -26.49 12.20
CBA CLA KI . 23.64 -26.72 10.88
CGA CLA KI . 23.05 -25.95 9.72
O1A CLA KI . 22.02 -25.31 9.80
O2A CLA KI . 23.71 -26.00 8.46
NB CLA KI . 21.85 -32.10 9.79
C1B CLA KI . 20.88 -31.25 9.45
C2B CLA KI . 20.21 -31.63 8.17
C3B CLA KI . 20.87 -32.87 7.77
C4B CLA KI . 21.91 -33.04 8.84
CMB CLA KI . 19.13 -30.90 7.45
CAB CLA KI . 20.77 -33.76 6.59
CBB CLA KI . 20.26 -33.42 5.41
NC CLA KI . 24.06 -33.67 10.90
C1C CLA KI . 23.88 -34.46 9.84
C2C CLA KI . 24.89 -35.52 9.70
C3C CLA KI . 25.76 -35.32 10.84
C4C CLA KI . 25.16 -34.16 11.53
CMC CLA KI . 24.98 -36.58 8.65
CAC CLA KI . 27.01 -36.13 11.23
CBC CLA KI . 28.23 -35.44 10.65
ND CLA KI . 24.55 -31.64 12.81
C1D CLA KI . 25.63 -32.36 13.23
C2D CLA KI . 26.48 -31.72 14.23
C3D CLA KI . 25.75 -30.46 14.37
C4D CLA KI . 24.64 -30.47 13.50
CMD CLA KI . 27.74 -32.24 14.95
CAD CLA KI . 25.77 -29.17 15.08
OBD CLA KI . 26.61 -28.83 15.93
CBD CLA KI . 24.63 -28.35 14.60
CGD CLA KI . 23.73 -28.02 15.70
O1D CLA KI . 23.76 -28.69 16.69
O2D CLA KI . 23.31 -26.65 15.85
CED CLA KI . 22.57 -26.29 16.99
C1 CLA KI . 23.25 -25.22 7.34
C2 CLA KI . 24.23 -25.28 6.26
C3 CLA KI . 24.08 -24.63 5.08
C4 CLA KI . 22.86 -23.82 4.72
C5 CLA KI . 25.16 -24.77 4.09
C6 CLA KI . 26.23 -23.70 4.24
C7 CLA KI . 27.43 -23.90 3.30
C8 CLA KI . 28.32 -22.71 2.88
C9 CLA KI . 29.78 -23.12 2.58
C10 CLA KI . 28.29 -21.55 3.82
C11 CLA KI . 29.02 -21.85 5.15
C12 CLA KI . 28.36 -21.12 6.36
C13 CLA KI . 29.23 -20.30 7.29
C14 CLA KI . 29.68 -19.01 6.59
C15 CLA KI . 30.34 -21.19 7.91
C16 CLA KI . 29.94 -22.24 8.98
C17 CLA KI . 30.97 -22.27 10.15
C18 CLA KI . 30.88 -23.43 11.20
C19 CLA KI . 31.61 -23.09 12.52
C20 CLA KI . 31.44 -24.77 10.70
MG CLA LI . 4.91 -17.43 5.04
CHA CLA LI . 3.41 -15.14 7.29
CHB CLA LI . 2.73 -19.72 6.17
CHC CLA LI . 5.41 -19.31 2.05
CHD CLA LI . 6.30 -14.64 3.28
NA CLA LI . 3.39 -17.54 6.60
C1A CLA LI . 2.96 -16.56 7.35
C2A CLA LI . 1.86 -16.98 8.29
C3A CLA LI . 1.95 -18.51 8.19
C4A CLA LI . 2.74 -18.64 6.92
CMA CLA LI . 2.56 -19.12 9.42
CAA CLA LI . 0.56 -16.41 7.71
CBA CLA LI . 0.18 -16.94 6.32
CGA CLA LI . -1.05 -16.23 5.74
O1A CLA LI . -1.66 -15.37 6.30
O2A CLA LI . -1.46 -16.63 4.45
NB CLA LI . 4.19 -19.24 4.24
C1B CLA LI . 3.42 -20.06 4.91
C2B CLA LI . 3.21 -21.36 4.20
C3B CLA LI . 3.95 -21.22 2.99
C4B CLA LI . 4.52 -19.83 3.09
CMB CLA LI . 2.38 -22.49 4.63
CAB CLA LI . 4.27 -22.12 1.85
CBB CLA LI . 4.17 -23.41 1.88
NC CLA LI . 5.69 -17.07 3.07
C1C CLA LI . 5.92 -17.96 2.06
C2C CLA LI . 6.60 -17.41 0.87
C3C CLA LI . 6.86 -16.01 1.30
C4C CLA LI . 6.26 -15.92 2.64
CMC CLA LI . 6.99 -18.10 -0.41
CAC CLA LI . 7.52 -14.95 0.47
CBC CLA LI . 6.37 -14.24 -0.35
ND CLA LI . 4.88 -15.37 5.08
C1D CLA LI . 5.54 -14.37 4.47
C2D CLA LI . 5.46 -13.07 5.12
C3D CLA LI . 4.55 -13.40 6.19
C4D CLA LI . 4.28 -14.76 6.15
CMD CLA LI . 6.00 -11.71 4.71
CAD CLA LI . 3.87 -12.83 7.36
OBD CLA LI . 3.92 -11.67 7.77
CBD CLA LI . 3.01 -13.88 8.00
CGD CLA LI . 3.44 -13.83 9.44
O1D CLA LI . 2.72 -13.99 10.42
O2D CLA LI . 4.86 -13.91 9.62
CED CLA LI . 5.29 -13.73 10.99
C1 CLA LI . -2.48 -15.98 3.73
C2 CLA LI . -2.70 -16.81 2.51
C3 CLA LI . -3.53 -16.49 1.53
C4 CLA LI . -4.32 -15.20 1.53
C5 CLA LI . -3.76 -17.48 0.40
C6 CLA LI . -3.21 -17.04 -0.96
C7 CLA LI . -4.10 -17.62 -2.06
C8 CLA LI . -3.72 -17.09 -3.43
C9 CLA LI . -3.79 -15.56 -3.54
C10 CLA LI . -4.65 -17.70 -4.44
C11 CLA LI . -4.06 -17.64 -5.85
C12 CLA LI . -5.07 -18.28 -6.84
C13 CLA LI . -4.61 -18.21 -8.29
C14 CLA LI . -4.29 -16.76 -8.61
C15 CLA LI . -5.59 -18.83 -9.27
C16 CLA LI . -4.95 -19.23 -10.61
C17 CLA LI . -6.01 -19.75 -11.56
C18 CLA LI . -5.69 -20.04 -13.02
C19 CLA LI . -6.96 -20.10 -13.85
C20 CLA LI . -4.87 -21.29 -13.24
MG CLA MI . 1.25 -42.94 -12.03
CHA CLA MI . 3.82 -43.98 -14.21
CHB CLA MI . -0.85 -43.03 -14.76
CHC CLA MI . -1.39 -42.51 -9.96
CHD CLA MI . 3.38 -43.54 -9.30
NA CLA MI . 1.41 -43.43 -14.09
C1A CLA MI . 2.46 -43.82 -14.76
C2A CLA MI . 2.24 -43.96 -16.23
C3A CLA MI . 0.91 -43.27 -16.42
C4A CLA MI . 0.42 -43.25 -15.00
CMA CLA MI . 1.08 -41.86 -16.98
CAA CLA MI . 2.24 -45.44 -16.73
CBA CLA MI . 1.21 -46.36 -16.04
CGA CLA MI . 1.60 -46.75 -14.66
O1A CLA MI . 2.72 -46.94 -14.25
O2A CLA MI . 0.54 -46.89 -13.75
NB CLA MI . -0.82 -42.79 -12.31
C1B CLA MI . -1.48 -42.78 -13.45
C2B CLA MI . -2.93 -42.62 -13.29
C3B CLA MI . -3.09 -42.45 -11.89
C4B CLA MI . -1.69 -42.58 -11.37
CMB CLA MI . -3.95 -42.60 -14.38
CAB CLA MI . -4.25 -42.17 -11.02
CBB CLA MI . -5.43 -41.72 -11.47
NC CLA MI . 1.03 -42.99 -10.09
C1C CLA MI . -0.11 -42.75 -9.37
C2C CLA MI . 0.02 -42.80 -7.94
C3C CLA MI . 1.43 -43.08 -7.75
C4C CLA MI . 1.98 -43.19 -9.12
CMC CLA MI . -0.97 -42.60 -6.83
CAC CLA MI . 2.01 -43.24 -6.40
CBC CLA MI . 2.84 -42.09 -6.01
ND CLA MI . 3.14 -43.77 -11.73
C1D CLA MI . 3.91 -43.76 -10.65
C2D CLA MI . 5.34 -43.92 -10.93
C3D CLA MI . 5.28 -44.04 -12.38
C4D CLA MI . 3.93 -43.89 -12.78
CMD CLA MI . 6.47 -43.92 -9.92
CAD CLA MI . 6.10 -44.23 -13.56
OBD CLA MI . 7.40 -44.30 -13.60
CBD CLA MI . 5.14 -44.28 -14.71
CGD CLA MI . 5.69 -43.24 -15.58
O1D CLA MI . 5.24 -42.08 -15.58
O2D CLA MI . 6.03 -43.84 -16.79
CED CLA MI . 6.63 -43.03 -17.81
C1 CLA MI . 0.84 -47.21 -12.41
C2 CLA MI . -0.26 -48.03 -11.85
C3 CLA MI . -1.19 -47.59 -11.04
C4 CLA MI . -1.36 -46.12 -10.63
C5 CLA MI . -2.17 -48.60 -10.52
C6 CLA MI . -1.81 -48.92 -9.08
C7 CLA MI . -2.91 -49.78 -8.44
C8 CLA MI . -2.55 -50.29 -7.03
C9 CLA MI . -1.34 -51.26 -7.10
C10 CLA MI . -3.77 -50.85 -6.33
C11 CLA MI . -3.49 -50.99 -4.81
C12 CLA MI . -4.61 -51.61 -3.95
C13 CLA MI . -4.35 -51.36 -2.45
C14 CLA MI . -3.18 -52.21 -1.95
C15 CLA MI . -5.58 -51.64 -1.63
C16 CLA MI . -5.49 -51.15 -0.17
C17 CLA MI . -6.32 -49.86 0.05
C18 CLA MI . -6.05 -49.25 1.44
C19 CLA MI . -6.72 -50.09 2.49
C20 CLA MI . -6.52 -47.80 1.49
MG CLA NI . 15.09 -50.11 -7.56
CHA CLA NI . 14.56 -51.49 -10.84
CHB CLA NI . 13.64 -47.24 -8.71
CHC CLA NI . 14.68 -49.09 -4.27
CHD CLA NI . 15.70 -53.44 -6.40
NA CLA NI . 14.37 -49.43 -9.46
C1A CLA NI . 14.25 -50.04 -10.57
C2A CLA NI . 13.90 -49.15 -11.73
C3A CLA NI . 13.89 -47.77 -11.09
C4A CLA NI . 14.00 -48.13 -9.66
CMA CLA NI . 15.07 -46.91 -11.54
CAA CLA NI . 12.62 -49.54 -12.44
CBA CLA NI . 11.46 -49.61 -11.48
CGA CLA NI . 10.20 -50.03 -12.17
O1A CLA NI . 10.12 -50.63 -13.24
O2A CLA NI . 8.99 -49.68 -11.49
NB CLA NI . 14.25 -48.39 -6.64
C1B CLA NI . 13.76 -47.32 -7.23
C2B CLA NI . 13.38 -46.24 -6.29
C3B CLA NI . 13.73 -46.80 -5.00
C4B CLA NI . 14.25 -48.16 -5.34
CMB CLA NI . 12.79 -44.91 -6.60
CAB CLA NI . 13.66 -46.31 -3.60
CBB CLA NI . 13.38 -45.07 -3.33
NC CLA NI . 15.17 -51.05 -5.68
C1C CLA NI . 15.09 -50.49 -4.49
C2C CLA NI . 15.41 -51.38 -3.37
C3C CLA NI . 15.70 -52.66 -4.02
C4C CLA NI . 15.54 -52.34 -5.44
CMC CLA NI . 15.39 -51.04 -1.93
CAC CLA NI . 16.14 -53.94 -3.33
CBC CLA NI . 17.65 -53.83 -3.25
ND CLA NI . 15.05 -52.12 -8.33
C1D CLA NI . 15.42 -53.30 -7.84
C2D CLA NI . 15.58 -54.35 -8.88
C3D CLA NI . 15.25 -53.63 -10.10
C4D CLA NI . 14.94 -52.30 -9.68
CMD CLA NI . 15.98 -55.78 -8.66
CAD CLA NI . 15.07 -53.70 -11.56
OBD CLA NI . 15.26 -54.75 -12.27
CBD CLA NI . 14.82 -52.28 -12.04
CGD CLA NI . 16.05 -51.69 -12.62
O1D CLA NI . 16.10 -51.35 -13.79
O2D CLA NI . 17.33 -52.05 -12.02
CED CLA NI . 18.47 -51.53 -12.66
C1 CLA NI . 7.72 -50.16 -11.96
C2 CLA NI . 6.62 -49.41 -11.33
C3 CLA NI . 5.97 -48.36 -11.89
C4 CLA NI . 6.25 -47.85 -13.27
C5 CLA NI . 4.83 -47.65 -11.15
C6 CLA NI . 4.42 -48.20 -9.79
C7 CLA NI . 3.15 -47.50 -9.36
C8 CLA NI . 2.64 -47.88 -7.96
C9 CLA NI . 2.26 -49.35 -7.92
C10 CLA NI . 1.42 -46.99 -7.66
C11 CLA NI . 0.66 -47.30 -6.36
C12 CLA NI . -0.55 -46.29 -6.18
C13 CLA NI . -1.52 -46.67 -5.06
C14 CLA NI . -2.48 -45.51 -4.81
C15 CLA NI . -0.75 -47.07 -3.74
C16 CLA NI . -1.71 -47.45 -2.61
C17 CLA NI . -0.93 -48.13 -1.44
C18 CLA NI . -1.83 -48.56 -0.30
C19 CLA NI . -2.91 -47.51 0.09
C20 CLA NI . -1.02 -48.77 0.96
MG CLA OI . 13.42 -41.79 -10.20
CHA CLA OI . 15.31 -39.47 -8.38
CHB CLA OI . 11.35 -42.07 -7.52
CHC CLA OI . 11.96 -44.47 -11.74
CHD CLA OI . 16.11 -42.05 -12.59
NA CLA OI . 13.30 -40.87 -8.28
C1A CLA OI . 14.05 -39.92 -7.81
C2A CLA OI . 13.51 -39.31 -6.53
C3A CLA OI . 12.49 -40.36 -6.14
C4A CLA OI . 12.33 -41.13 -7.41
CMA CLA OI . 13.10 -41.28 -5.04
CAA CLA OI . 12.85 -37.91 -6.79
CBA CLA OI . 12.61 -37.12 -5.51
CGA CLA OI . 13.92 -36.43 -5.15
O1A CLA OI . 14.93 -36.44 -5.84
O2A CLA OI . 14.01 -35.78 -3.92
NB CLA OI . 11.91 -43.06 -9.69
C1B CLA OI . 11.16 -43.03 -8.60
C2B CLA OI . 10.10 -44.05 -8.59
C3B CLA OI . 10.25 -44.70 -9.86
C4B CLA OI . 11.43 -44.04 -10.46
CMB CLA OI . 9.01 -44.24 -7.59
CAB CLA OI . 9.38 -45.77 -10.34
CBB CLA OI . 9.23 -46.17 -11.53
NC CLA OI . 13.94 -43.07 -11.82
C1C CLA OI . 13.18 -44.02 -12.37
C2C CLA OI . 13.68 -44.60 -13.62
C3C CLA OI . 14.93 -43.91 -13.83
C4C CLA OI . 15.00 -42.98 -12.65
CMC CLA OI . 13.12 -45.70 -14.48
CAC CLA OI . 15.90 -44.11 -14.97
CBC CLA OI . 15.46 -43.35 -16.21
ND CLA OI . 15.30 -41.03 -10.54
C1D CLA OI . 16.24 -41.10 -11.48
C2D CLA OI . 17.39 -40.25 -11.26
C3D CLA OI . 17.00 -39.61 -10.00
C4D CLA OI . 15.75 -40.10 -9.63
CMD CLA OI . 18.66 -40.05 -12.08
CAD CLA OI . 17.47 -38.66 -8.98
OBD CLA OI . 18.54 -37.99 -9.04
CBD CLA OI . 16.45 -38.61 -7.92
CGD CLA OI . 17.05 -39.11 -6.71
O1D CLA OI . 17.35 -38.39 -5.78
O2D CLA OI . 17.41 -40.52 -6.73
CED CLA OI . 18.02 -40.96 -5.53
C1 CLA OI . 15.11 -34.92 -3.60
C2 CLA OI . 16.23 -35.74 -2.99
C3 CLA OI . 16.78 -35.53 -1.77
C4 CLA OI . 16.39 -34.42 -0.86
C5 CLA OI . 17.93 -36.42 -1.26
C6 CLA OI . 19.20 -35.58 -1.24
C7 CLA OI . 19.75 -35.24 -2.63
C8 CLA OI . 20.16 -36.40 -3.59
C9 CLA OI . 21.43 -37.10 -3.06
C10 CLA OI . 20.48 -35.95 -5.01
C11 CLA OI . 19.27 -35.38 -5.77
C12 CLA OI . 19.35 -35.34 -7.31
C13 CLA OI . 18.35 -34.37 -7.92
C14 CLA OI . 17.00 -34.48 -7.21
C15 CLA OI . 17.98 -34.59 -9.36
C16 CLA OI . 19.10 -34.49 -10.35
C17 CLA OI . 18.54 -34.23 -11.78
C18 CLA OI . 18.44 -35.57 -12.52
C19 CLA OI . 18.46 -35.52 -14.02
C20 CLA OI . 17.20 -36.27 -12.10
MG CLA PI . 5.61 -29.33 -15.94
CHA CLA PI . 5.49 -28.14 -19.26
CHB CLA PI . 9.02 -28.78 -16.14
CHC CLA PI . 5.78 -29.71 -12.47
CHD CLA PI . 2.10 -28.89 -15.66
NA CLA PI . 7.03 -28.52 -17.42
C1A CLA PI . 6.79 -28.25 -18.64
C2A CLA PI . 8.00 -28.03 -19.46
C3A CLA PI . 9.12 -28.44 -18.53
C4A CLA PI . 8.37 -28.58 -17.28
CMA CLA PI . 9.82 -29.74 -18.91
CAA CLA PI . 8.14 -26.54 -19.88
CBA CLA PI . 7.96 -25.60 -18.71
CGA CLA PI . 7.94 -24.13 -19.09
O1A CLA PI . 8.50 -23.64 -20.04
O2A CLA PI . 7.22 -23.30 -18.20
NB CLA PI . 7.09 -29.18 -14.60
C1B CLA PI . 8.42 -29.07 -14.84
C2B CLA PI . 9.26 -29.36 -13.65
C3B CLA PI . 8.29 -29.58 -12.58
C4B CLA PI . 6.98 -29.53 -13.26
CMB CLA PI . 10.77 -29.35 -13.50
CAB CLA PI . 8.50 -29.96 -11.16
CBB CLA PI . 9.64 -30.39 -10.61
NC CLA PI . 4.23 -29.35 -14.35
C1C CLA PI . 4.47 -29.51 -13.05
C2C CLA PI . 3.26 -29.37 -12.21
C3C CLA PI . 2.22 -29.16 -13.19
C4C CLA PI . 2.90 -29.15 -14.46
CMC CLA PI . 3.13 -29.42 -10.73
CAC CLA PI . 0.80 -28.88 -12.86
CBC CLA PI . 0.76 -27.54 -12.12
ND CLA PI . 4.10 -28.57 -17.05
C1D CLA PI . 2.76 -28.64 -16.93
C2D CLA PI . 2.05 -28.33 -18.19
C3D CLA PI . 3.15 -28.19 -19.11
C4D CLA PI . 4.34 -28.33 -18.37
CMD CLA PI . 0.59 -28.27 -18.49
CAD CLA PI . 3.48 -27.82 -20.47
OBD CLA PI . 2.72 -27.66 -21.40
CBD CLA PI . 4.95 -27.74 -20.56
CGD CLA PI . 5.26 -28.72 -21.65
O1D CLA PI . 5.08 -29.94 -21.52
O2D CLA PI . 6.00 -28.23 -22.76
CED CLA PI . 6.42 -29.23 -23.70
C1 CLA PI . 7.16 -21.91 -18.52
C2 CLA PI . 6.28 -21.24 -17.48
C3 CLA PI . 6.22 -19.93 -17.39
C4 CLA PI . 7.01 -19.01 -18.29
C5 CLA PI . 5.35 -19.18 -16.41
C6 CLA PI . 4.64 -20.06 -15.40
C7 CLA PI . 3.99 -19.14 -14.39
C8 CLA PI . 3.12 -19.88 -13.39
C9 CLA PI . 1.79 -20.26 -14.02
C10 CLA PI . 2.85 -19.12 -12.12
C11 CLA PI . 4.10 -18.71 -11.38
C12 CLA PI . 4.95 -19.81 -10.76
C13 CLA PI . 5.66 -19.34 -9.47
C14 CLA PI . 6.55 -18.19 -9.89
C15 CLA PI . 6.62 -20.44 -8.88
C16 CLA PI . 6.15 -21.10 -7.65
C17 CLA PI . 6.75 -22.48 -7.47
C18 CLA PI . 5.76 -23.41 -6.79
C19 CLA PI . 5.81 -23.14 -5.33
C20 CLA PI . 6.08 -24.86 -7.05
MG CLA QI . 14.08 -29.69 -13.46
CHA CLA QI . 13.73 -31.90 -10.68
CHB CLA QI . 13.85 -27.06 -11.26
CHC CLA QI . 13.46 -27.50 -16.18
CHD CLA QI . 13.98 -32.38 -15.60
NA CLA QI . 13.62 -29.45 -11.36
C1A CLA QI . 13.69 -30.42 -10.46
C2A CLA QI . 13.82 -29.94 -9.07
C3A CLA QI . 13.56 -28.43 -9.24
C4A CLA QI . 13.71 -28.27 -10.71
CMA CLA QI . 12.17 -27.96 -8.69
CAA CLA QI . 15.19 -30.27 -8.43
CBA CLA QI . 16.36 -29.70 -9.20
CGA CLA QI . 17.64 -30.09 -8.53
O1A CLA QI . 18.36 -31.00 -8.94
O2A CLA QI . 18.06 -29.39 -7.38
NB CLA QI . 13.71 -27.58 -13.69
C1B CLA QI . 13.79 -26.68 -12.70
C2B CLA QI . 13.74 -25.26 -13.20
C3B CLA QI . 13.57 -25.41 -14.67
C4B CLA QI . 13.58 -26.90 -14.84
CMB CLA QI . 13.77 -23.98 -12.42
CAB CLA QI . 13.52 -24.44 -15.80
CBB CLA QI . 13.76 -23.16 -15.63
NC CLA QI . 13.74 -29.87 -15.39
C1C CLA QI . 13.57 -28.96 -16.39
C2C CLA QI . 13.51 -29.51 -17.70
C3C CLA QI . 13.65 -30.94 -17.53
C4C CLA QI . 13.80 -31.03 -16.09
CMC CLA QI . 13.36 -28.94 -19.06
CAC CLA QI . 13.69 -31.94 -18.69
CBC CLA QI . 12.33 -32.64 -18.87
ND CLA QI . 13.86 -31.64 -13.29
C1D CLA QI . 13.92 -32.64 -14.17
C2D CLA QI . 13.99 -33.99 -13.60
C3D CLA QI . 13.90 -33.69 -12.18
C4D CLA QI . 13.83 -32.30 -12.08
CMD CLA QI . 14.09 -35.30 -14.35
CAD CLA QI . 13.80 -34.30 -10.85
OBD CLA QI . 13.83 -35.55 -10.56
CBD CLA QI . 13.78 -33.15 -9.87
CGD CLA QI . 12.63 -33.29 -8.99
O1D CLA QI . 12.66 -33.13 -7.79
O2D CLA QI . 11.34 -33.30 -9.64
CED CLA QI . 10.12 -33.49 -8.92
C1 CLA QI . 19.13 -30.05 -6.61
C2 CLA QI . 18.37 -30.99 -5.70
C3 CLA QI . 18.12 -30.73 -4.44
C4 CLA QI . 18.55 -29.48 -3.73
C5 CLA QI . 17.30 -31.72 -3.67
C6 CLA QI . 16.00 -31.05 -3.18
C7 CLA QI . 15.12 -30.61 -4.32
C8 CLA QI . 13.86 -29.82 -3.89
C9 CLA QI . 12.96 -29.55 -5.08
C10 CLA QI . 14.21 -28.56 -3.17
C11 CLA QI . 13.04 -28.13 -2.32
C12 CLA QI . 13.10 -28.74 -0.90
C13 CLA QI . 11.71 -28.77 -0.24
C14 CLA QI . 11.34 -27.38 0.22
C15 CLA QI . 11.70 -29.69 0.96
C16 CLA QI . 11.89 -31.18 0.67
C17 CLA QI . 11.09 -31.73 -0.51
C18 CLA QI . 11.30 -33.22 -0.73
C19 CLA QI . 12.60 -33.49 -1.46
C20 CLA QI . 10.20 -33.86 -1.59
MG CLA RI . 10.21 -24.15 -6.98
CHA CLA RI . 9.82 -22.57 -10.13
CHB CLA RI . 9.08 -27.04 -8.46
CHC CLA RI . 9.93 -25.56 -3.87
CHD CLA RI . 10.72 -20.98 -5.50
NA CLA RI . 9.64 -24.77 -8.98
C1A CLA RI . 9.60 -24.06 -10.06
C2A CLA RI . 9.19 -24.82 -11.27
C3A CLA RI . 8.73 -26.16 -10.69
C4A CLA RI . 9.17 -25.99 -9.27
CMA CLA RI . 7.20 -26.41 -10.80
CAA CLA RI . 10.37 -24.94 -12.26
CBA CLA RI . 10.12 -25.81 -13.52
CGA CLA RI . 9.10 -25.18 -14.45
O1A CLA RI . 9.47 -24.64 -15.47
O2A CLA RI . 7.69 -25.25 -14.18
NB CLA RI . 9.53 -26.00 -6.31
C1B CLA RI . 9.28 -27.10 -7.03
C2B CLA RI . 9.17 -28.35 -6.19
C3B CLA RI . 9.45 -27.91 -4.85
C4B CLA RI . 9.65 -26.41 -5.01
CMB CLA RI . 8.90 -29.73 -6.64
CAB CLA RI . 9.48 -28.61 -3.56
CBB CLA RI . 9.30 -29.88 -3.41
NC CLA RI . 10.30 -23.43 -5.00
C1C CLA RI . 10.22 -24.11 -3.88
C2C CLA RI . 10.41 -23.34 -2.68
C3C CLA RI . 10.61 -22.00 -3.18
C4C CLA RI . 10.53 -22.16 -4.63
CMC CLA RI . 10.39 -23.78 -1.25
CAC CLA RI . 10.84 -20.77 -2.33
CBC CLA RI . 9.57 -19.95 -2.16
ND CLA RI . 10.28 -22.16 -7.55
C1D CLA RI . 10.54 -21.01 -6.93
C2D CLA RI . 10.56 -19.85 -7.83
C3D CLA RI . 10.33 -20.51 -9.12
C4D CLA RI . 10.15 -21.86 -8.87
CMD CLA RI . 10.86 -18.42 -7.54
CAD CLA RI . 10.09 -20.25 -10.54
OBD CLA RI . 10.22 -19.12 -11.12
CBD CLA RI . 10.04 -21.58 -11.21
CGD CLA RI . 8.95 -21.56 -12.20
O1D CLA RI . 7.79 -21.75 -11.90
O2D CLA RI . 9.22 -21.02 -13.48
CED CLA RI . 8.13 -20.69 -14.35
C1 CLA RI . 6.82 -24.42 -14.97
C2 CLA RI . 5.66 -23.93 -14.08
C3 CLA RI . 4.70 -24.73 -13.70
C4 CLA RI . 4.63 -26.18 -14.08
C5 CLA RI . 3.62 -24.21 -12.84
C6 CLA RI . 3.81 -24.65 -11.39
C7 CLA RI . 2.58 -24.11 -10.68
C8 CLA RI . 2.68 -24.15 -9.16
C9 CLA RI . 2.75 -25.60 -8.64
C10 CLA RI . 1.49 -23.45 -8.56
C11 CLA RI . 1.34 -21.95 -8.87
C12 CLA RI . -0.07 -21.57 -8.46
C13 CLA RI . -0.54 -20.15 -8.78
C14 CLA RI . -0.85 -19.94 -10.27
C15 CLA RI . 0.50 -19.22 -8.21
C16 CLA RI . 0.01 -17.80 -8.16
C17 CLA RI . 1.17 -17.04 -7.53
C18 CLA RI . 0.89 -15.56 -7.54
C19 CLA RI . 2.22 -14.89 -7.25
C20 CLA RI . -0.27 -15.19 -6.58
MG CLA SI . 12.50 -18.89 -17.40
CHA CLA SI . 13.91 -18.30 -20.68
CHB CLA SI . 15.59 -20.09 -16.54
CHC CLA SI . 11.57 -18.72 -14.03
CHD CLA SI . 9.79 -16.94 -18.26
NA CLA SI . 14.38 -19.28 -18.51
C1A CLA SI . 14.72 -18.97 -19.69
C2A CLA SI . 16.16 -19.33 -20.01
C3A CLA SI . 16.53 -20.22 -18.81
C4A CLA SI . 15.43 -19.85 -17.86
CMA CLA SI . 16.42 -21.72 -19.05
CAA CLA SI . 17.01 -18.07 -20.17
CBA CLA SI . 16.91 -17.01 -19.05
CGA CLA SI . 15.77 -16.00 -19.32
O1A CLA SI . 15.51 -15.49 -20.42
O2A CLA SI . 14.93 -15.63 -18.22
NB CLA SI . 13.49 -19.29 -15.57
C1B CLA SI . 14.66 -19.90 -15.40
C2B CLA SI . 14.95 -20.19 -14.00
C3B CLA SI . 13.77 -19.82 -13.33
C4B CLA SI . 12.90 -19.29 -14.36
CMB CLA SI . 16.12 -20.78 -13.33
CAB CLA SI . 13.37 -19.93 -11.92
CBB CLA SI . 13.95 -20.74 -11.07
NC CLA SI . 11.00 -17.98 -16.28
C1C CLA SI . 10.69 -18.05 -14.98
C2C CLA SI . 9.42 -17.32 -14.62
C3C CLA SI . 8.92 -16.79 -15.91
C4C CLA SI . 9.96 -17.29 -16.87
CMC CLA SI . 8.80 -17.18 -13.28
CAC CLA SI . 7.67 -15.95 -16.11
CBC CLA SI . 8.11 -14.48 -15.94
ND CLA SI . 11.94 -17.84 -18.99
C1D CLA SI . 10.82 -17.19 -19.28
C2D CLA SI . 10.76 -16.64 -20.65
C3D CLA SI . 12.00 -17.17 -21.20
C4D CLA SI . 12.63 -17.83 -20.17
CMD CLA SI . 9.71 -15.88 -21.37
CAD CLA SI . 12.83 -17.13 -22.39
OBD CLA SI . 12.51 -16.50 -23.46
CBD CLA SI . 14.07 -17.86 -22.10
CGD CLA SI . 14.34 -19.04 -23.01
O1D CLA SI . 15.45 -19.51 -23.19
O2D CLA SI . 13.35 -19.52 -23.91
CED CLA SI . 13.63 -20.41 -24.99
C1 CLA SI . 13.82 -14.76 -18.33
C2 CLA SI . 13.83 -13.75 -17.19
C3 CLA SI . 13.12 -13.87 -16.06
C4 CLA SI . 12.28 -15.02 -15.81
C5 CLA SI . 13.16 -12.77 -15.05
C6 CLA SI . 12.55 -13.09 -13.67
C7 CLA SI . 11.05 -12.80 -13.48
C8 CLA SI . 10.72 -12.27 -12.05
C9 CLA SI . 9.29 -12.51 -11.58
C10 CLA SI . 11.03 -10.77 -11.97
C11 CLA SI . 11.17 -10.31 -10.53
C12 CLA SI . 12.56 -10.62 -9.93
C13 CLA SI . 12.85 -9.83 -8.65
C14 CLA SI . 14.21 -10.31 -8.10
C15 CLA SI . 11.71 -9.96 -7.62
C16 CLA SI . 10.54 -8.94 -7.67
C17 CLA SI . 9.81 -8.88 -6.32
C18 CLA SI . 8.54 -8.00 -6.23
C19 CLA SI . 8.67 -6.66 -6.97
C20 CLA SI . 8.20 -7.77 -4.75
MG CLA TI . 24.91 -35.79 -9.79
CHA CLA TI . 22.71 -32.98 -9.46
CHB CLA TI . 25.94 -35.07 -6.67
CHC CLA TI . 27.50 -37.80 -10.46
CHD CLA TI . 24.13 -35.73 -13.46
NA CLA TI . 24.39 -34.27 -8.28
C1A CLA TI . 23.44 -33.41 -8.29
C2A CLA TI . 23.26 -32.65 -7.00
C3A CLA TI . 24.34 -33.30 -6.14
C4A CLA TI . 24.95 -34.26 -7.09
CMA CLA TI . 25.34 -32.31 -5.61
CAA CLA TI . 21.86 -32.68 -6.36
CBA CLA TI . 21.82 -32.30 -4.91
CGA CLA TI . 22.16 -30.86 -4.71
O1A CLA TI . 22.35 -30.05 -5.58
O2A CLA TI . 22.21 -30.42 -3.38
NB CLA TI . 26.44 -36.32 -8.73
C1B CLA TI . 26.75 -36.03 -7.46
C2B CLA TI . 27.98 -36.72 -6.94
C3B CLA TI . 28.42 -37.51 -8.12
C4B CLA TI . 27.36 -37.20 -9.16
CMB CLA TI . 28.56 -36.59 -5.54
CAB CLA TI . 29.55 -38.47 -8.38
CBB CLA TI . 30.41 -38.79 -7.46
NC CLA TI . 25.62 -36.67 -11.62
C1C CLA TI . 26.71 -37.43 -11.65
C2C CLA TI . 27.12 -37.95 -12.97
C3C CLA TI . 26.12 -37.31 -13.79
C4C CLA TI . 25.24 -36.54 -12.89
CMC CLA TI . 28.26 -38.87 -13.40
CAC CLA TI . 26.08 -37.44 -15.24
CBC CLA TI . 26.98 -36.45 -15.89
ND CLA TI . 23.78 -34.71 -11.28
C1D CLA TI . 23.51 -34.75 -12.58
C2D CLA TI . 22.55 -33.74 -13.03
C3D CLA TI . 22.22 -33.09 -11.74
C4D CLA TI . 22.99 -33.69 -10.72
CMD CLA TI . 22.05 -33.57 -14.44
CAD CLA TI . 21.46 -31.97 -11.17
OBD CLA TI . 20.72 -31.28 -11.95
CBD CLA TI . 21.72 -31.87 -9.72
CGD CLA TI . 22.25 -30.51 -9.33
O1D CLA TI . 23.32 -30.11 -9.72
O2D CLA TI . 21.33 -29.56 -8.81
CED CLA TI . 21.59 -28.16 -8.88
C1 CLA TI . 22.39 -29.10 -2.93
C2 CLA TI . 23.80 -28.67 -3.07
C3 CLA TI . 24.67 -28.54 -2.05
C4 CLA TI . 24.34 -28.85 -0.63
C5 CLA TI . 26.06 -28.10 -2.40
C6 CLA TI . 26.82 -29.40 -2.60
C7 CLA TI . 28.33 -29.29 -2.50
C8 CLA TI . 28.98 -29.35 -3.86
C9 CLA TI . 28.72 -30.68 -4.58
C10 CLA TI . 30.49 -29.11 -3.79
C11 CLA TI . 30.90 -28.50 -5.11
C12 CLA TI . 32.34 -28.70 -5.58
C13 CLA TI . 32.53 -29.73 -6.70
C14 CLA TI . 33.98 -29.73 -7.04
C15 CLA TI . 31.74 -29.40 -7.96
C16 CLA TI . 31.32 -30.64 -8.71
C17 CLA TI . 30.23 -31.45 -8.02
C18 CLA TI . 29.89 -32.69 -8.83
C19 CLA TI . 28.49 -33.09 -8.44
C20 CLA TI . 30.89 -33.85 -8.61
MG CLA UI . 29.78 -28.37 -11.21
CHA CLA UI . 33.15 -27.41 -12.05
CHB CLA UI . 30.12 -25.99 -8.58
CHC CLA UI . 27.15 -29.69 -9.83
CHD CLA UI . 30.16 -31.21 -13.37
NA CLA UI . 31.28 -26.81 -10.45
C1A CLA UI . 32.44 -26.57 -11.03
C2A CLA UI . 33.12 -25.36 -10.50
C3A CLA UI . 32.34 -25.09 -9.24
C4A CLA UI . 31.16 -26.01 -9.42
CMA CLA UI . 33.13 -25.46 -7.99
CAA CLA UI . 33.21 -24.25 -11.51
CBA CLA UI . 33.84 -22.96 -10.97
CGA CLA UI . 35.33 -23.03 -10.75
O1A CLA UI . 36.07 -23.64 -11.48
O2A CLA UI . 35.95 -22.35 -9.67
NB CLA UI . 28.82 -27.82 -9.47
C1B CLA UI . 28.98 -26.93 -8.54
C2B CLA UI . 27.91 -26.91 -7.52
C3B CLA UI . 27.06 -28.00 -7.94
C4B CLA UI . 27.74 -28.53 -9.14
CMB CLA UI . 27.82 -25.99 -6.34
CAB CLA UI . 25.84 -28.63 -7.44
CBB CLA UI . 25.37 -28.32 -6.28
NC CLA UI . 28.88 -30.17 -11.50
C1C CLA UI . 27.73 -30.49 -10.94
C2C CLA UI . 27.07 -31.68 -11.51
C3C CLA UI . 27.96 -32.06 -12.61
C4C CLA UI . 29.04 -31.09 -12.48
CMC CLA UI . 25.76 -32.32 -11.10
CAC CLA UI . 27.88 -33.31 -13.48
CBC CLA UI . 28.51 -34.39 -12.60
ND CLA UI . 31.22 -29.25 -12.44
C1D CLA UI . 31.28 -30.28 -13.24
C2D CLA UI . 32.54 -30.43 -13.96
C3D CLA UI . 33.24 -29.27 -13.46
C4D CLA UI . 32.42 -28.61 -12.56
CMD CLA UI . 32.92 -31.42 -15.02
CAD CLA UI . 34.52 -28.55 -13.60
OBD CLA UI . 35.44 -28.93 -14.40
CBD CLA UI . 34.47 -27.37 -12.72
CGD CLA UI . 35.58 -27.48 -11.73
O1D CLA UI . 36.48 -26.68 -11.69
O2D CLA UI . 35.52 -28.43 -10.68
CED CLA UI . 36.70 -28.67 -9.91
C1 CLA UI . 37.05 -21.43 -9.85
C2 CLA UI . 37.16 -20.59 -8.57
C3 CLA UI . 37.85 -20.95 -7.46
C4 CLA UI . 37.84 -20.00 -6.26
C5 CLA UI . 38.69 -22.21 -7.37
C6 CLA UI . 37.98 -23.58 -7.45
C7 CLA UI . 37.11 -23.93 -6.24
C8 CLA UI . 37.21 -25.37 -5.67
C9 CLA UI . 37.97 -26.38 -6.57
C10 CLA UI . 35.81 -25.89 -5.28
C11 CLA UI . 35.15 -25.19 -4.09
C12 CLA UI . 34.35 -26.15 -3.19
C13 CLA UI . 35.26 -26.99 -2.29
C14 CLA UI . 35.51 -28.43 -2.78
C15 CLA UI . 34.78 -26.98 -0.83
C16 CLA UI . 33.40 -27.61 -0.60
C17 CLA UI . 33.32 -28.43 0.68
C18 CLA UI . 33.19 -29.94 0.43
C19 CLA UI . 31.75 -30.32 0.10
C20 CLA UI . 33.71 -30.77 1.60
C1 BCR VI . 2.93 -10.35 0.33
C2 BCR VI . 1.62 -9.70 0.81
C3 BCR VI . 0.89 -9.02 -0.32
C4 BCR VI . 1.76 -7.92 -0.92
C5 BCR VI . 3.17 -8.39 -1.22
C6 BCR VI . 3.70 -9.48 -0.65
C7 BCR VI . 5.08 -9.86 -0.90
C8 BCR VI . 5.49 -10.58 -1.93
C9 BCR VI . 6.93 -10.92 -2.10
C10 BCR VI . 7.23 -11.64 -3.21
C11 BCR VI . 8.58 -12.06 -3.57
C33 BCR VI . 3.96 -7.55 -2.14
C31 BCR VI . 2.56 -11.63 -0.38
C32 BCR VI . 3.82 -10.60 1.55
C34 BCR VI . 8.03 -10.57 -1.08
C12 BCR VI . 8.79 -12.74 -4.73
C13 BCR VI . 10.14 -13.15 -5.19
C14 BCR VI . 10.26 -13.82 -6.36
C15 BCR VI . 11.58 -14.21 -6.96
C16 BCR VI . 11.63 -14.77 -8.19
C17 BCR VI . 12.92 -15.10 -8.84
C18 BCR VI . 13.08 -15.53 -10.13
C19 BCR VI . 14.47 -15.75 -10.63
C20 BCR VI . 14.74 -16.04 -11.92
C21 BCR VI . 16.09 -16.26 -12.35
C22 BCR VI . 16.51 -16.48 -13.62
C23 BCR VI . 17.97 -16.66 -13.77
C24 BCR VI . 18.59 -16.90 -14.90
C25 BCR VI . 20.04 -17.13 -14.95
C26 BCR VI . 20.97 -16.32 -14.45
C27 BCR VI . 22.45 -16.62 -14.55
C28 BCR VI . 22.77 -17.60 -15.65
C29 BCR VI . 21.88 -18.81 -15.53
C30 BCR VI . 20.41 -18.42 -15.68
C35 BCR VI . 11.37 -12.75 -4.40
C36 BCR VI . 11.90 -15.90 -11.02
C37 BCR VI . 15.63 -16.58 -14.85
C38 BCR VI . 20.72 -15.01 -13.71
C39 BCR VI . 19.65 -19.61 -15.14
C40 BCR VI . 20.03 -18.24 -17.15
C1 BCR WI . 2.63 -18.16 -3.03
C2 BCR WI . 1.20 -17.70 -2.74
C3 BCR WI . 1.19 -16.41 -1.93
C4 BCR WI . 1.69 -15.26 -2.78
C5 BCR WI . 3.04 -15.63 -3.39
C6 BCR WI . 3.48 -16.93 -3.53
C7 BCR WI . 4.84 -17.30 -4.08
C8 BCR WI . 5.98 -16.63 -3.66
C9 BCR WI . 7.37 -17.01 -4.08
C10 BCR WI . 8.39 -16.31 -3.57
C11 BCR WI . 9.84 -16.53 -3.75
C33 BCR WI . 3.79 -14.41 -3.87
C31 BCR WI . 2.53 -19.21 -4.11
C32 BCR WI . 3.26 -18.85 -1.80
C34 BCR WI . 7.55 -18.18 -5.02
C12 BCR WI . 10.76 -15.92 -3.02
C13 BCR WI . 12.24 -16.16 -3.21
C14 BCR WI . 13.14 -15.41 -2.51
C15 BCR WI . 14.60 -15.45 -2.57
C16 BCR WI . 15.41 -14.62 -1.88
C17 BCR WI . 16.88 -14.74 -2.02
C18 BCR WI . 17.82 -13.99 -1.42
C19 BCR WI . 19.25 -14.26 -1.70
C20 BCR WI . 20.29 -13.50 -1.28
C21 BCR WI . 21.68 -13.82 -1.68
C22 BCR WI . 22.81 -13.10 -1.39
C23 BCR WI . 24.14 -13.60 -1.87
C24 BCR WI . 25.29 -12.90 -1.83
C25 BCR WI . 26.60 -13.43 -2.35
C26 BCR WI . 26.81 -13.69 -3.65
C27 BCR WI . 28.10 -14.28 -4.14
C28 BCR WI . 28.73 -15.18 -3.09
C29 BCR WI . 28.95 -14.39 -1.85
C30 BCR WI . 27.67 -13.71 -1.31
C35 BCR WI . 12.69 -17.22 -4.18
C36 BCR WI . 17.50 -12.84 -0.46
C37 BCR WI . 22.71 -11.79 -0.60
C38 BCR WI . 25.77 -13.44 -4.70
C39 BCR WI . 28.11 -12.41 -0.62
C40 BCR WI . 27.04 -14.54 -0.24
C1 BCR XI . 28.80 -27.61 6.66
C2 BCR XI . 29.50 -28.08 7.97
C3 BCR XI . 30.98 -28.15 7.81
C4 BCR XI . 31.28 -29.24 6.80
C5 BCR XI . 30.63 -28.93 5.48
C6 BCR XI . 29.49 -28.17 5.42
C7 BCR XI . 28.83 -27.85 4.13
C8 BCR XI . 29.49 -27.46 3.01
C9 BCR XI . 28.75 -27.06 1.79
C10 BCR XI . 29.48 -26.45 0.84
C11 BCR XI . 28.98 -25.91 -0.42
C33 BCR XI . 31.34 -29.55 4.28
C31 BCR XI . 28.68 -26.07 6.59
C32 BCR XI . 27.40 -28.15 6.81
C34 BCR XI . 27.23 -27.26 1.74
C12 BCR XI . 29.86 -25.33 -1.27
C13 BCR XI . 29.47 -24.70 -2.54
C14 BCR XI . 30.42 -24.15 -3.34
C15 BCR XI . 30.17 -23.40 -4.61
C16 BCR XI . 31.17 -22.86 -5.30
C17 BCR XI . 30.97 -22.10 -6.55
C18 BCR XI . 31.97 -21.56 -7.28
C19 BCR XI . 31.63 -20.82 -8.48
C20 BCR XI . 32.52 -20.19 -9.23
C21 BCR XI . 32.05 -19.47 -10.40
C22 BCR XI . 32.73 -18.81 -11.36
C23 BCR XI . 31.92 -18.09 -12.39
C24 BCR XI . 32.43 -17.18 -13.22
C25 BCR XI . 31.59 -16.33 -14.17
C26 BCR XI . 30.76 -15.37 -13.68
C27 BCR XI . 29.90 -14.40 -14.52
C28 BCR XI . 29.92 -14.69 -15.99
C29 BCR XI . 31.22 -15.30 -16.45
C30 BCR XI . 31.76 -16.49 -15.64
C35 BCR XI . 28.00 -24.55 -2.92
C36 BCR XI . 33.46 -21.70 -6.96
C37 BCR XI . 34.23 -18.60 -11.36
C38 BCR XI . 30.63 -15.12 -12.20
C39 BCR XI . 33.26 -16.54 -15.91
C40 BCR XI . 31.08 -17.78 -16.04
O1 LHG YI . 2.81 -18.15 -26.57
C1 LHG YI . 1.52 -18.46 -27.20
C2 LHG YI . 1.64 -18.66 -28.74
O2 LHG YI . 1.87 -17.40 -29.41
C3 LHG YI . 0.38 -19.34 -29.33
O3 LHG YI . 0.46 -20.73 -29.06
P LHG YI . -0.92 -21.51 -28.76
O4 LHG YI . -2.01 -21.20 -29.74
O5 LHG YI . -0.51 -22.92 -28.42
O6 LHG YI . -1.35 -20.96 -27.33
C4 LHG YI . -2.60 -20.41 -27.03
C5 LHG YI . -2.55 -19.90 -25.59
C6 LHG YI . -3.49 -18.68 -25.51
O7 LHG YI . -3.01 -20.96 -24.79
C7 LHG YI . -2.57 -21.02 -23.47
O9 LHG YI . -1.64 -20.33 -23.18
C8 LHG YI . -3.27 -21.97 -22.54
C9 LHG YI . -3.96 -21.20 -21.39
C10 LHG YI . -5.32 -20.70 -21.83
O8 LHG YI . -3.60 -18.09 -24.20
C23 LHG YI . -2.54 -17.40 -23.63
O10 LHG YI . -1.47 -17.33 -24.23
C24 LHG YI . -2.79 -16.75 -22.30
C11 LHG YI . -5.83 -19.60 -20.96
C12 LHG YI . -6.99 -18.93 -21.65
C13 LHG YI . -7.86 -18.31 -20.59
C14 LHG YI . -8.83 -17.40 -21.27
C15 LHG YI . -10.12 -17.31 -20.54
C16 LHG YI . -10.45 -15.95 -19.93
C17 LHG YI . -10.82 -16.13 -18.47
C18 LHG YI . -11.48 -14.87 -17.95
C19 LHG YI . -12.93 -14.85 -18.23
C20 LHG YI . -13.67 -15.68 -17.22
C21 LHG YI . -15.10 -15.20 -17.35
C22 LHG YI . -16.04 -15.98 -16.45
C25 LHG YI . -1.69 -17.07 -21.31
C26 LHG YI . -1.86 -16.43 -19.96
C27 LHG YI . -0.72 -16.90 -19.05
C28 LHG YI . -0.47 -15.87 -18.02
C29 LHG YI . 0.48 -16.37 -16.96
C30 LHG YI . 1.46 -15.31 -16.64
C31 LHG YI . 2.21 -15.53 -15.33
C32 LHG YI . 3.69 -15.17 -15.43
C33 LHG YI . 4.17 -14.19 -14.36
C34 LHG YI . 4.42 -14.85 -13.02
C35 LHG YI . 5.61 -14.30 -12.23
C36 LHG YI . 5.43 -14.61 -10.74
C37 LHG YI . 6.78 -14.78 -10.01
C38 LHG YI . 6.65 -15.13 -8.54
C1 LMG ZI . -0.08 -9.80 7.64
O1 LMG ZI . -0.13 -10.93 6.81
C2 LMG ZI . -1.51 -9.34 8.01
O2 LMG ZI . -2.28 -9.09 6.82
C3 LMG ZI . -1.44 -8.07 8.88
O3 LMG ZI . -2.77 -7.67 9.34
C4 LMG ZI . -0.45 -8.34 10.03
O4 LMG ZI . -1.04 -9.23 10.97
C5 LMG ZI . 0.91 -8.95 9.57
O5 LMG ZI . 3.05 -10.00 10.23
C6 LMG ZI . 1.92 -9.25 10.69
O6 LMG ZI . 0.65 -10.13 8.81
C7 LMG ZI . 0.88 -11.04 5.79
C8 LMG ZI . 0.27 -11.79 4.63
C9 LMG ZI . -0.53 -10.76 3.78
O7 LMG ZI . 1.34 -12.35 3.89
C10 LMG ZI . 1.41 -13.78 3.67
O9 LMG ZI . 0.83 -14.49 4.42
C11 LMG ZI . 2.18 -14.31 2.50
C12 LMG ZI . 2.49 -15.76 2.50
C13 LMG ZI . 1.32 -16.56 1.97
C14 LMG ZI . 1.49 -18.00 2.39
C15 LMG ZI . 0.78 -18.90 1.45
C16 LMG ZI . 0.14 -20.12 2.08
C17 LMG ZI . -0.85 -20.70 1.08
C18 LMG ZI . -0.17 -21.11 -0.21
C19 LMG ZI . -1.04 -21.94 -1.13
C20 LMG ZI . -1.82 -21.09 -2.13
C21 LMG ZI . -1.59 -21.46 -3.60
C22 LMG ZI . -2.75 -22.14 -4.27
C23 LMG ZI . -3.30 -21.53 -5.56
C24 LMG ZI . -3.10 -22.44 -6.75
C25 LMG ZI . -3.89 -22.08 -7.98
O8 LMG ZI . -1.46 -11.34 2.81
C28 LMG ZI . -2.42 -10.52 1.99
O10 LMG ZI . -2.70 -9.35 2.27
C29 LMG ZI . -3.03 -11.17 0.76
C30 LMG ZI . -2.15 -12.40 0.43
C31 LMG ZI . -2.26 -12.86 -1.02
C32 LMG ZI . -1.18 -12.13 -1.78
C33 LMG ZI . -1.18 -12.36 -3.27
C34 LMG ZI . 0.13 -11.77 -3.79
C35 LMG ZI . 0.04 -11.17 -5.16
C36 LMG ZI . 1.24 -10.24 -5.39
C37 LMG ZI . 2.31 -10.84 -6.29
C38 LMG ZI . 3.70 -10.77 -5.65
C39 LMG ZI . 4.82 -10.47 -6.64
C40 LMG ZI . 5.24 -11.67 -7.46
C41 LMG ZI . 6.66 -11.40 -7.93
C1B LMT AJ . 3.75 -56.46 -29.37
O1B LMT AJ . 4.49 -55.47 -28.60
C1' LMT AJ . 5.99 -55.29 -24.53
C2' LMT AJ . 7.00 -55.52 -25.66
C3' LMT AJ . 6.39 -55.06 -26.99
C4' LMT AJ . 5.18 -55.94 -27.38
C5' LMT AJ . 4.22 -56.16 -26.16
C6' LMT AJ . 3.67 -57.60 -26.13
O1' LMT AJ . 6.55 -55.81 -23.31
O2' LMT AJ . 8.28 -54.92 -25.34
O3' LMT AJ . 7.46 -55.22 -27.93
O5' LMT AJ . 4.73 -55.94 -24.79
O6' LMT AJ . 4.36 -58.46 -25.21
C1 LMT AJ . 7.12 -54.84 -22.42
C2 LMT AJ . 6.92 -55.25 -20.95
C3 LMT AJ . 6.68 -54.04 -20.04
C4 LMT AJ . 6.25 -54.47 -18.64
C5 LMT AJ . 6.63 -53.54 -17.48
C6 LMT AJ . 6.17 -54.25 -16.21
C7 LMT AJ . 6.49 -53.58 -14.85
C8 LMT AJ . 6.28 -54.67 -13.81
C9 LMT AJ . 5.87 -54.27 -12.41
C10 LMT AJ . 5.05 -55.42 -11.82
C11 LMT AJ . 5.15 -55.51 -10.31
C12 LMT AJ . 4.13 -56.48 -9.75
C1 HTG BJ . 19.77 -54.67 17.41
S1 HTG BJ . 20.54 -53.30 16.56
C2 HTG BJ . 18.76 -54.25 18.53
O2 HTG BJ . 19.39 -53.58 19.66
C3 HTG BJ . 18.01 -55.44 19.16
O3 HTG BJ . 16.84 -54.99 19.88
C4 HTG BJ . 17.66 -56.52 18.13
O4 HTG BJ . 17.42 -57.73 18.85
C5 HTG BJ . 18.74 -56.79 17.06
O5 HTG BJ . 19.12 -55.53 16.47
C6 HTG BJ . 18.28 -57.81 15.99
O6 HTG BJ . 19.00 -59.07 16.03
C1' HTG BJ . 20.69 -53.50 14.80
C2' HTG BJ . 19.70 -52.62 14.04
C3' HTG BJ . 20.10 -52.31 12.60
C4' HTG BJ . 19.03 -52.68 11.56
C5' HTG BJ . 19.57 -52.58 10.14
C6' HTG BJ . 18.47 -52.74 9.11
C7' HTG BJ . 18.90 -52.53 7.67
C4 UNL CJ . 3.50 -49.66 -24.77
C5 UNL CJ . 3.76 -50.08 -23.32
C6 UNL CJ . 3.97 -48.84 -22.39
C11 UNL CJ . 1.22 -54.06 -17.72
C12 UNL CJ . 1.88 -54.46 -16.38
C13 UNL CJ . 0.95 -54.72 -15.20
C35 UNL CJ . 2.43 -54.27 -6.32
C37 UNL CJ . 2.62 -56.84 -6.39
C38 UNL CJ . 3.50 -58.09 -6.54
C14 UNL CJ . 1.51 -55.66 -14.12
C15 UNL CJ . 0.44 -56.12 -13.12
O9 UNL CJ . 2.97 -53.32 -23.05
C7 UNL CJ . 2.83 -52.27 -22.35
C8 UNL CJ . 2.77 -52.27 -20.81
C9 UNL CJ . 2.05 -53.45 -20.14
C10 UNL CJ . 2.13 -53.23 -18.64
C16 UNL CJ . 0.96 -56.61 -11.74
C17 UNL CJ . -0.15 -57.02 -10.75
C18 UNL CJ . 0.40 -57.81 -9.56
O7 UNL CJ . 2.63 -50.95 -23.00
O6 UNL CJ . 4.43 -48.66 -25.21
O8 UNL CJ . 3.32 -48.86 -21.09
C23 UNL CJ . 3.99 -48.71 -19.78
O10 UNL CJ . 5.17 -48.66 -19.71
C24 UNL CJ . 3.35 -48.68 -18.41
C25 UNL CJ . 4.01 -49.72 -17.51
C26 UNL CJ . 3.94 -49.52 -16.00
C27 UNL CJ . 2.98 -50.48 -15.29
C28 UNL CJ . 3.40 -50.83 -13.87
C29 UNL CJ . 2.19 -51.09 -12.99
C30 UNL CJ . 2.50 -51.91 -11.76
C31 UNL CJ . 1.32 -51.97 -10.79
C32 UNL CJ . 1.42 -53.14 -9.82
C33 UNL CJ . 1.37 -52.90 -8.30
C34 UNL CJ . 2.65 -53.34 -7.53
C36 UNL CJ . 3.38 -55.49 -6.34
C16 UNL DJ . 27.89 -31.83 2.13
C15 UNL DJ . 26.41 -31.87 2.48
C14 UNL DJ . 26.11 -32.62 3.81
C13 UNL DJ . 24.93 -32.08 4.65
C12 UNL DJ . 24.80 -32.56 6.14
C11 UNL DJ . 25.75 -31.86 7.09
C10 UNL DJ . 25.28 -31.21 8.41
C9 UNL DJ . 26.57 -30.99 9.29
C8 UNL DJ . 26.68 -29.88 10.33
C7 UNL DJ . 27.98 -29.97 11.12
C6 UNL DJ . 28.33 -28.79 12.04
C5 UNL DJ . 29.64 -29.05 12.84
C4 UNL DJ . 29.76 -28.20 14.10
C3 UNL DJ . 30.77 -28.79 15.08
C2 UNL DJ . 30.62 -28.34 16.55
C1 UNL DJ . 30.26 -29.46 17.52
S DMS EJ . -15.32 -29.83 21.02
O DMS EJ . -16.26 -29.97 19.60
C1 DMS EJ . -16.30 -28.79 22.07
C2 DMS EJ . -15.53 -31.44 21.91
S DMS FJ . 20.39 -36.30 -22.34
O DMS FJ . 19.20 -35.85 -21.07
C1 DMS FJ . 20.00 -38.01 -22.75
C2 DMS FJ . 19.98 -35.49 -23.91
S DMS GJ . -41.43 -14.39 30.77
O DMS GJ . -41.68 -16.09 31.32
C1 DMS GJ . -40.56 -14.57 29.23
C2 DMS GJ . -42.92 -13.65 30.07
S DMS HJ . 11.95 -7.57 18.53
O DMS HJ . 10.51 -7.50 17.46
C1 DMS HJ . 11.47 -8.51 20.02
C2 DMS HJ . 13.25 -8.51 17.67
S DMS IJ . 0.69 -35.43 -24.31
O DMS IJ . 0.89 -36.19 -25.94
C1 DMS IJ . 1.21 -33.72 -24.49
C2 DMS IJ . -1.01 -35.04 -23.96
S DMS JJ . 30.42 -23.24 -23.97
O DMS JJ . 31.22 -24.65 -23.16
C1 DMS JJ . 31.49 -21.78 -23.59
C2 DMS JJ . 30.57 -23.23 -25.81
C1 GOL KJ . -16.24 -8.51 43.16
O1 GOL KJ . -16.58 -8.82 41.82
C2 GOL KJ . -14.87 -9.11 43.43
O2 GOL KJ . -13.97 -8.08 43.84
C3 GOL KJ . -14.93 -10.14 44.54
O3 GOL KJ . -15.89 -11.12 44.19
S DMS LJ . -7.56 -3.55 10.43
O DMS LJ . -6.78 -4.86 11.36
C1 DMS LJ . -6.75 -3.47 8.80
C2 DMS LJ . -9.25 -4.05 10.00
S DMS MJ . -21.35 -29.73 28.01
O DMS MJ . -22.78 -28.64 28.45
C1 DMS MJ . -20.36 -30.17 29.52
C2 DMS MJ . -21.87 -31.35 27.35
S DMS NJ . -26.46 -29.04 24.42
O DMS NJ . -25.18 -28.79 25.65
C1 DMS NJ . -27.80 -29.40 25.57
C2 DMS NJ . -26.90 -27.51 23.59
C1 HTG OJ . -12.34 -10.42 27.88
S1 HTG OJ . -12.98 -11.60 29.24
C2 HTG OJ . -10.85 -10.01 28.19
O2 HTG OJ . -10.62 -9.26 29.42
C3 HTG OJ . -10.08 -9.28 27.08
O3 HTG OJ . -8.70 -9.45 27.31
C4 HTG OJ . -10.32 -9.76 25.64
O4 HTG OJ . -10.08 -8.76 24.63
C5 HTG OJ . -11.67 -10.24 25.23
O5 HTG OJ . -12.43 -10.80 26.42
C6 HTG OJ . -11.16 -11.14 24.03
O6 HTG OJ . -9.94 -10.75 23.09
C1' HTG OJ . -14.77 -11.29 29.32
C2' HTG OJ . -14.96 -9.89 29.93
C3' HTG OJ . -16.23 -9.69 30.74
C4' HTG OJ . -16.27 -8.34 31.44
C5' HTG OJ . -16.96 -7.26 30.60
C4 UNL PJ . 21.33 -17.26 -23.92
C5 UNL PJ . 20.34 -16.48 -23.02
C6 UNL PJ . 21.17 -15.79 -21.93
C11 UNL PJ . 16.60 -10.56 -21.24
C12 UNL PJ . 16.02 -10.59 -19.80
C13 UNL PJ . 15.36 -9.28 -19.32
C35 UNL PJ . 18.97 -14.09 -7.51
C37 UNL PJ . 19.36 -15.76 -5.71
C38 UNL PJ . 20.74 -15.33 -5.23
C14 UNL PJ . 15.53 -8.99 -17.84
C15 UNL PJ . 14.30 -9.08 -16.91
O9 UNL PJ . 17.24 -15.46 -23.58
C7 UNL PJ . 18.31 -14.98 -23.19
C8 UNL PJ . 18.29 -13.83 -22.16
C9 UNL PJ . 17.80 -12.45 -22.68
C10 UNL PJ . 16.53 -11.93 -21.98
C16 UNL PJ . 14.60 -8.22 -15.66
C17 UNL PJ . 13.69 -8.39 -14.43
C18 UNL PJ . 13.94 -7.30 -13.36
C19 UNL PJ . 12.74 -6.88 -12.47
C20 UNL PJ . 12.44 -5.35 -12.40
C21 UNL PJ . 13.41 -4.55 -11.52
C22 UNL PJ . 12.74 -4.29 -10.20
O7 UNL PJ . 19.60 -15.49 -23.74
O6 UNL PJ . 20.75 -17.78 -25.14
O8 UNL PJ . 20.53 -15.56 -20.63
C23 UNL PJ . 21.35 -14.92 -19.57
O10 UNL PJ . 22.58 -14.87 -19.71
C24 UNL PJ . 20.88 -14.29 -18.25
C25 UNL PJ . 19.39 -13.96 -18.07
C26 UNL PJ . 19.30 -12.80 -17.10
C27 UNL PJ . 17.94 -12.65 -16.46
C28 UNL PJ . 18.12 -12.33 -14.97
C29 UNL PJ . 16.82 -12.02 -14.26
C30 UNL PJ . 16.94 -11.39 -12.87
C31 UNL PJ . 17.85 -12.20 -11.96
C32 UNL PJ . 17.36 -12.29 -10.52
C33 UNL PJ . 18.49 -12.82 -9.67
C34 UNL PJ . 18.02 -13.10 -8.24
C36 UNL PJ . 18.52 -14.55 -6.12
CA CA QJ . -40.11 -44.86 -50.95
MG CLA RJ . -63.80 -15.73 -24.60
CHA CLA RJ . -64.38 -17.19 -21.34
CHB CLA RJ . -61.37 -13.83 -22.99
CHC CLA RJ . -62.52 -14.76 -27.73
CHD CLA RJ . -65.52 -18.21 -26.06
NA CLA RJ . -62.89 -15.57 -22.44
C1A CLA RJ . -63.36 -16.12 -21.39
C2A CLA RJ . -62.57 -15.74 -20.17
C3A CLA RJ . -61.81 -14.53 -20.66
C4A CLA RJ . -62.02 -14.63 -22.13
CMA CLA RJ . -62.47 -13.24 -20.13
CAA CLA RJ . -61.74 -16.89 -19.66
CBA CLA RJ . -60.85 -17.61 -20.70
CGA CLA RJ . -59.54 -16.90 -20.74
O1A CLA RJ . -58.77 -16.83 -19.76
O2A CLA RJ . -59.29 -16.31 -22.02
NB CLA RJ . -62.18 -14.53 -25.25
C1B CLA RJ . -61.38 -13.77 -24.47
C2B CLA RJ . -60.55 -12.84 -25.25
C3B CLA RJ . -60.88 -13.17 -26.63
C4B CLA RJ . -61.91 -14.20 -26.52
CMB CLA RJ . -59.50 -11.86 -24.78
CAB CLA RJ . -60.45 -12.68 -27.95
CBB CLA RJ . -59.80 -11.60 -28.13
NC CLA RJ . -63.96 -16.32 -26.60
C1C CLA RJ . -63.46 -15.86 -27.74
C2C CLA RJ . -63.79 -16.65 -28.94
C3C CLA RJ . -64.70 -17.65 -28.41
C4C CLA RJ . -64.73 -17.34 -26.94
CMC CLA RJ . -63.38 -16.43 -30.37
CAC CLA RJ . -65.33 -18.79 -29.20
CBC CLA RJ . -64.22 -19.89 -29.23
ND CLA RJ . -64.70 -17.28 -24.02
C1D CLA RJ . -65.44 -18.20 -24.64
C2D CLA RJ . -66.14 -19.18 -23.76
C3D CLA RJ . -65.73 -18.73 -22.45
C4D CLA RJ . -64.86 -17.64 -22.67
CMD CLA RJ . -67.08 -20.31 -24.06
CAD CLA RJ . -65.81 -18.99 -21.01
OBD CLA RJ . -66.48 -19.92 -20.50
CBD CLA RJ . -65.11 -17.89 -20.29
CGD CLA RJ . -66.07 -16.96 -19.58
O1D CLA RJ . -66.04 -15.74 -19.69
O2D CLA RJ . -66.75 -17.41 -18.39
CED CLA RJ . -67.85 -16.61 -17.97
C1 CLA RJ . -57.99 -15.84 -22.32
C2 CLA RJ . -57.92 -15.30 -23.71
C3 CLA RJ . -56.87 -15.36 -24.50
C4 CLA RJ . -55.59 -16.05 -24.11
C5 CLA RJ . -56.97 -14.77 -25.89
C6 CLA RJ . -56.10 -13.54 -26.06
C7 CLA RJ . -56.19 -13.03 -27.44
C8 CLA RJ . -55.34 -11.79 -27.68
C9 CLA RJ . -55.98 -10.59 -26.99
C10 CLA RJ . -55.19 -11.45 -29.18
C11 CLA RJ . -54.50 -12.50 -30.06
C12 CLA RJ . -54.60 -12.15 -31.57
C13 CLA RJ . -54.01 -13.21 -32.51
C14 CLA RJ . -52.49 -13.24 -32.36
C15 CLA RJ . -54.40 -12.99 -33.96
C16 CLA RJ . -54.18 -11.60 -34.57
C17 CLA RJ . -53.85 -11.64 -36.08
C18 CLA RJ . -53.73 -10.22 -36.66
C19 CLA RJ . -54.07 -10.23 -38.11
C20 CLA RJ . -52.33 -9.66 -36.57
MG CLA SJ . -54.86 -25.12 -22.59
CHA CLA SJ . -57.35 -23.10 -21.17
CHB CLA SJ . -56.60 -27.79 -21.24
CHC CLA SJ . -52.75 -27.12 -24.25
CHD CLA SJ . -53.74 -22.28 -24.60
NA CLA SJ . -56.72 -25.45 -21.45
C1A CLA SJ . -57.45 -24.52 -20.93
C2A CLA SJ . -58.63 -25.02 -20.12
C3A CLA SJ . -58.34 -26.49 -20.05
C4A CLA SJ . -57.16 -26.60 -21.01
CMA CLA SJ . -57.94 -26.90 -18.64
CAA CLA SJ . -59.94 -24.75 -20.82
CBA CLA SJ . -59.97 -25.06 -22.33
CGA CLA SJ . -61.23 -24.54 -22.97
O1A CLA SJ . -62.36 -24.39 -22.46
O2A CLA SJ . -61.00 -24.15 -24.29
NB CLA SJ . -54.76 -27.11 -22.76
C1B CLA SJ . -55.40 -28.08 -22.07
C2B CLA SJ . -54.85 -29.46 -22.21
C3B CLA SJ . -53.73 -29.22 -23.11
C4B CLA SJ . -53.74 -27.73 -23.38
CMB CLA SJ . -55.33 -30.74 -21.62
CAB CLA SJ . -52.71 -30.12 -23.66
CBB CLA SJ . -52.53 -31.34 -23.22
NC CLA SJ . -53.58 -24.77 -24.14
C1C CLA SJ . -52.69 -25.69 -24.58
C2C CLA SJ . -51.70 -25.20 -25.56
C3C CLA SJ . -52.03 -23.81 -25.64
C4C CLA SJ . -53.16 -23.63 -24.71
CMC CLA SJ . -50.67 -25.93 -26.36
CAC CLA SJ . -51.31 -22.76 -26.45
CBC CLA SJ . -49.98 -22.47 -25.71
ND CLA SJ . -55.35 -23.22 -22.99
C1D CLA SJ . -54.85 -22.17 -23.66
C2D CLA SJ . -55.47 -20.92 -23.34
C3D CLA SJ . -56.47 -21.29 -22.34
C4D CLA SJ . -56.36 -22.68 -22.19
CMD CLA SJ . -55.07 -19.62 -23.97
CAD CLA SJ . -57.54 -20.76 -21.46
OBD CLA SJ . -57.89 -19.51 -21.36
CBD CLA SJ . -58.02 -21.88 -20.64
CGD CLA SJ . -57.66 -21.65 -19.22
O1D CLA SJ . -58.28 -22.21 -18.32
O2D CLA SJ . -56.40 -20.96 -18.92
CED CLA SJ . -56.00 -20.91 -17.55
C1 CLA SJ . -61.97 -23.53 -25.10
C2 CLA SJ . -62.67 -24.49 -26.06
C3 CLA SJ . -62.85 -24.16 -27.37
C4 CLA SJ . -62.39 -22.88 -28.02
C5 CLA SJ . -63.67 -25.08 -28.23
C6 CLA SJ . -65.04 -24.43 -28.52
C7 CLA SJ . -65.79 -23.98 -27.27
C8 CLA SJ . -67.20 -23.41 -27.52
C9 CLA SJ . -67.08 -22.05 -28.13
C10 CLA SJ . -67.97 -23.40 -26.18
C11 CLA SJ . -69.31 -22.64 -26.17
C12 CLA SJ . -69.93 -22.88 -24.80
C13 CLA SJ . -71.29 -22.20 -24.55
C14 CLA SJ . -71.53 -21.85 -23.08
C15 CLA SJ . -72.44 -23.15 -24.93
C16 CLA SJ . -73.79 -22.47 -24.90
C17 CLA SJ . -74.98 -23.27 -25.47
C18 CLA SJ . -76.23 -22.33 -25.31
C19 CLA SJ . -77.34 -23.02 -24.53
C20 CLA SJ . -76.72 -21.81 -26.65
MG CLA TJ . -65.95 -28.11 -25.86
CHA CLA TJ . -64.76 -27.09 -22.65
CHB CLA TJ . -69.03 -26.62 -24.90
CHC CLA TJ . -67.05 -27.95 -29.29
CHD CLA TJ . -62.76 -28.74 -26.91
NA CLA TJ . -66.84 -26.93 -24.02
C1A CLA TJ . -66.21 -26.74 -22.93
C2A CLA TJ . -67.10 -26.15 -21.86
C3A CLA TJ . -68.40 -25.88 -22.60
C4A CLA TJ . -68.11 -26.53 -23.93
CMA CLA TJ . -69.56 -26.53 -21.90
CAA CLA TJ . -66.51 -24.92 -21.16
CBA CLA TJ . -65.92 -23.93 -22.12
CGA CLA TJ . -64.98 -22.92 -21.55
O1A CLA TJ . -64.58 -22.99 -20.42
O2A CLA TJ . -64.56 -21.85 -22.41
NB CLA TJ . -67.78 -27.36 -26.91
C1B CLA TJ . -68.90 -26.92 -26.36
C2B CLA TJ . -70.00 -26.66 -27.36
C3B CLA TJ . -69.38 -27.04 -28.63
C4B CLA TJ . -67.99 -27.47 -28.25
CMB CLA TJ . -71.39 -26.17 -27.13
CAB CLA TJ . -69.92 -27.04 -30.04
CBB CLA TJ . -71.10 -26.52 -30.38
NC CLA TJ . -65.13 -28.39 -27.80
C1C CLA TJ . -65.61 -28.29 -29.03
C2C CLA TJ . -64.60 -28.49 -30.11
C3C CLA TJ . -63.38 -28.73 -29.36
C4C CLA TJ . -63.81 -28.64 -27.94
CMC CLA TJ . -64.73 -28.51 -31.60
CAC CLA TJ . -62.02 -28.98 -29.95
CBC CLA TJ . -61.33 -27.62 -30.00
ND CLA TJ . -64.07 -27.86 -25.08
C1D CLA TJ . -62.93 -28.36 -25.51
C2D CLA TJ . -61.89 -28.42 -24.48
C3D CLA TJ . -62.63 -27.94 -23.33
C4D CLA TJ . -63.92 -27.62 -23.76
CMD CLA TJ . -60.49 -28.91 -24.64
CAD CLA TJ . -62.55 -27.63 -21.90
OBD CLA TJ . -61.51 -27.82 -21.21
CBD CLA TJ . -63.87 -26.99 -21.48
CGD CLA TJ . -64.58 -27.82 -20.48
O1D CLA TJ . -64.62 -27.58 -19.29
O2D CLA TJ . -64.87 -29.13 -20.93
CED CLA TJ . -65.23 -30.18 -20.02
C1 CLA TJ . -63.38 -21.15 -22.08
C2 CLA TJ . -62.90 -20.21 -23.15
C3 CLA TJ . -61.63 -20.13 -23.58
C4 CLA TJ . -60.47 -20.94 -23.03
C5 CLA TJ . -61.31 -19.11 -24.63
C6 CLA TJ . -61.29 -19.74 -25.99
C7 CLA TJ . -60.96 -18.61 -26.97
C8 CLA TJ . -59.56 -17.98 -26.89
C9 CLA TJ . -59.30 -17.04 -28.07
C10 CLA TJ . -58.50 -19.09 -26.78
C11 CLA TJ . -58.51 -20.04 -27.97
C12 CLA TJ . -58.30 -21.51 -27.66
C13 CLA TJ . -56.97 -21.78 -26.95
C14 CLA TJ . -55.88 -21.27 -27.81
C15 CLA TJ . -56.75 -23.25 -26.65
C16 CLA TJ . -57.70 -23.81 -25.62
C17 CLA TJ . -57.21 -25.20 -25.17
C18 CLA TJ . -57.39 -26.32 -26.20
C19 CLA TJ . -58.82 -26.38 -26.78
C20 CLA TJ . -57.07 -27.66 -25.59
MG CLA UJ . -55.11 -33.57 -15.39
CHA CLA UJ . -55.27 -35.00 -12.01
CHB CLA UJ . -54.13 -30.69 -13.84
CHC CLA UJ . -53.65 -32.56 -18.37
CHD CLA UJ . -55.17 -36.86 -16.65
NA CLA UJ . -54.58 -33.00 -13.24
C1A CLA UJ . -54.86 -33.60 -12.19
C2A CLA UJ . -54.53 -32.79 -10.95
C3A CLA UJ . -54.43 -31.38 -11.53
C4A CLA UJ . -54.37 -31.69 -12.99
CMA CLA UJ . -55.58 -30.42 -11.22
CAA CLA UJ . -53.21 -33.37 -10.31
CBA CLA UJ . -51.99 -33.23 -11.25
CGA CLA UJ . -50.79 -33.98 -10.74
O1A CLA UJ . -50.65 -34.49 -9.64
O2A CLA UJ . -49.70 -34.00 -11.62
NB CLA UJ . -53.94 -31.96 -15.92
C1B CLA UJ . -53.93 -30.79 -15.30
C2B CLA UJ . -53.61 -29.63 -16.13
C3B CLA UJ . -53.46 -30.19 -17.44
C4B CLA UJ . -53.67 -31.65 -17.20
CMB CLA UJ . -53.47 -28.19 -15.72
CAB CLA UJ . -53.19 -29.63 -18.79
CBB CLA UJ . -53.32 -28.37 -19.11
NC CLA UJ . -54.51 -34.52 -17.27
C1C CLA UJ . -54.03 -33.97 -18.34
C2C CLA UJ . -53.78 -34.92 -19.46
C3C CLA UJ . -54.24 -36.17 -18.92
C4C CLA UJ . -54.66 -35.82 -17.53
CMC CLA UJ . -53.22 -34.60 -20.81
CAC CLA UJ . -54.21 -37.51 -19.54
CBC CLA UJ . -52.96 -38.18 -19.02
ND CLA UJ . -55.10 -35.46 -14.61
C1D CLA UJ . -55.30 -36.65 -15.20
C2D CLA UJ . -55.63 -37.74 -14.27
C3D CLA UJ . -55.60 -37.05 -12.98
C4D CLA UJ . -55.27 -35.75 -13.26
CMD CLA UJ . -55.90 -39.22 -14.53
CAD CLA UJ . -55.75 -37.24 -11.53
OBD CLA UJ . -56.00 -38.35 -10.94
CBD CLA UJ . -55.50 -35.94 -10.90
CGD CLA UJ . -56.68 -35.49 -10.12
O1D CLA UJ . -56.53 -34.83 -9.08
O2D CLA UJ . -57.96 -35.52 -10.76
CED CLA UJ . -59.16 -35.03 -10.09
C1 CLA UJ . -48.54 -34.80 -11.32
C2 CLA UJ . -47.49 -34.12 -12.23
C3 CLA UJ . -46.88 -34.75 -13.25
C4 CLA UJ . -47.11 -36.20 -13.61
C5 CLA UJ . -45.88 -33.94 -14.04
C6 CLA UJ . -46.07 -33.90 -15.53
C7 CLA UJ . -44.76 -33.35 -16.12
C8 CLA UJ . -44.74 -33.31 -17.62
C9 CLA UJ . -44.24 -34.66 -18.13
C10 CLA UJ . -43.84 -32.16 -18.07
C11 CLA UJ . -43.63 -32.14 -19.59
C12 CLA UJ . -43.48 -30.72 -20.09
C13 CLA UJ . -43.39 -30.53 -21.61
C14 CLA UJ . -44.80 -30.63 -22.19
C15 CLA UJ . -42.30 -31.44 -22.26
C16 CLA UJ . -41.68 -30.90 -23.58
C17 CLA UJ . -40.36 -31.56 -24.01
C18 CLA UJ . -39.47 -30.64 -24.83
C19 CLA UJ . -40.15 -30.27 -26.12
C20 CLA UJ . -38.11 -31.25 -25.17
MG CLA VJ . -41.84 -13.81 -34.62
CHA CLA VJ . -41.50 -13.49 -38.20
CHB CLA VJ . -38.44 -13.48 -34.46
CHC CLA VJ . -42.27 -13.33 -31.29
CHD CLA VJ . -45.42 -13.33 -35.08
NA CLA VJ . -40.23 -13.71 -36.06
C1A CLA VJ . -40.30 -13.67 -37.36
C2A CLA VJ . -38.95 -13.89 -38.03
C3A CLA VJ . -38.00 -13.93 -36.84
C4A CLA VJ . -38.93 -13.69 -35.69
CMA CLA VJ . -37.42 -15.30 -36.77
CAA CLA VJ . -38.47 -12.90 -39.07
CBA CLA VJ . -38.29 -11.45 -38.68
CGA CLA VJ . -39.55 -10.77 -38.23
O1A CLA VJ . -40.42 -10.41 -39.01
O2A CLA VJ . -39.76 -10.53 -36.83
NB CLA VJ . -40.53 -13.47 -33.11
C1B CLA VJ . -39.19 -13.40 -33.17
C2B CLA VJ . -38.52 -13.16 -31.86
C3B CLA VJ . -39.67 -13.12 -30.95
C4B CLA VJ . -40.88 -13.32 -31.85
CMB CLA VJ . -37.04 -12.99 -31.60
CAB CLA VJ . -39.76 -12.99 -29.48
CBB CLA VJ . -38.69 -13.00 -28.72
NC CLA VJ . -43.53 -13.29 -33.39
C1C CLA VJ . -43.50 -13.37 -32.06
C2C CLA VJ . -44.83 -13.51 -31.41
C3C CLA VJ . -45.75 -13.50 -32.56
C4C CLA VJ . -44.83 -13.35 -33.73
CMC CLA VJ . -45.12 -13.60 -29.93
CAC CLA VJ . -47.26 -13.57 -32.55
CBC CLA VJ . -47.64 -12.15 -32.52
ND CLA VJ . -43.25 -13.48 -36.16
C1D CLA VJ . -44.57 -13.36 -36.25
C2D CLA VJ . -45.07 -13.17 -37.64
C3D CLA VJ . -43.81 -13.21 -38.41
C4D CLA VJ . -42.79 -13.40 -37.47
CMD CLA VJ . -46.46 -12.97 -38.10
CAD CLA VJ . -43.23 -13.15 -39.77
OBD CLA VJ . -43.87 -12.99 -40.84
CBD CLA VJ . -41.75 -13.28 -39.65
CGD CLA VJ . -41.34 -14.51 -40.39
O1D CLA VJ . -40.52 -14.57 -41.30
O2D CLA VJ . -42.17 -15.61 -40.20
CED CLA VJ . -41.78 -16.84 -40.82
C1 CLA VJ . -40.98 -9.85 -36.40
C2 CLA VJ . -41.04 -9.80 -34.90
C3 CLA VJ . -42.14 -9.77 -34.10
C4 CLA VJ . -43.53 -9.79 -34.67
C5 CLA VJ . -42.02 -9.74 -32.58
C6 CLA VJ . -40.60 -9.45 -32.08
C7 CLA VJ . -40.53 -9.31 -30.55
C8 CLA VJ . -39.25 -8.78 -29.93
C9 CLA VJ . -39.41 -8.76 -28.41
C10 CLA VJ . -38.96 -7.35 -30.37
C11 CLA VJ . -39.99 -6.33 -29.89
C12 CLA VJ . -39.64 -4.97 -30.52
C13 CLA VJ . -40.64 -3.87 -30.19
C14 CLA VJ . -40.61 -2.80 -31.26
C15 CLA VJ . -40.23 -3.27 -28.83
C16 CLA VJ . -41.40 -2.56 -28.21
C17 CLA VJ . -41.05 -1.87 -26.90
C18 CLA VJ . -42.26 -1.35 -26.16
C19 CLA VJ . -42.99 -0.28 -26.97
C20 CLA VJ . -41.84 -0.75 -24.84
MG CLA WJ . -57.22 -10.00 -41.42
CHA CLA WJ . -55.40 -8.06 -43.59
CHB CLA WJ . -54.58 -12.30 -41.42
CHC CLA WJ . -58.52 -11.61 -38.53
CHD CLA WJ . -59.54 -7.42 -40.98
NA CLA WJ . -55.35 -10.19 -42.30
C1A CLA WJ . -54.86 -9.35 -43.18
C2A CLA WJ . -53.55 -9.75 -43.76
C3A CLA WJ . -53.45 -11.19 -43.29
C4A CLA WJ . -54.55 -11.26 -42.28
CMA CLA WJ . -53.60 -12.19 -44.40
CAA CLA WJ . -52.34 -8.93 -43.26
CBA CLA WJ . -52.35 -8.86 -41.71
CGA CLA WJ . -51.20 -8.17 -41.05
O1A CLA WJ . -50.21 -7.88 -41.65
O2A CLA WJ . -51.33 -7.89 -39.63
NB CLA WJ . -56.59 -11.71 -40.15
C1B CLA WJ . -55.53 -12.53 -40.34
C2B CLA WJ . -55.45 -13.63 -39.33
C3B CLA WJ . -56.63 -13.40 -38.47
C4B CLA WJ . -57.28 -12.19 -39.11
CMB CLA WJ . -54.40 -14.70 -39.24
CAB CLA WJ . -57.21 -14.12 -37.30
CBB CLA WJ . -56.76 -15.28 -36.85
NC CLA WJ . -58.67 -9.63 -39.98
C1C CLA WJ . -59.15 -10.39 -38.99
C2C CLA WJ . -60.39 -9.86 -38.39
C3C CLA WJ . -60.64 -8.62 -39.10
C4C CLA WJ . -59.54 -8.56 -40.08
CMC CLA WJ . -61.21 -10.43 -37.24
CAC CLA WJ . -61.79 -7.66 -38.87
CBC CLA WJ . -61.28 -6.38 -38.23
ND CLA WJ . -57.54 -8.17 -42.05
C1D CLA WJ . -58.45 -7.21 -41.92
C2D CLA WJ . -58.27 -6.01 -42.76
C3D CLA WJ . -57.04 -6.41 -43.44
C4D CLA WJ . -56.66 -7.67 -42.97
CMD CLA WJ . -59.07 -4.74 -42.97
CAD CLA WJ . -56.03 -5.95 -44.41
OBD CLA WJ . -56.02 -4.88 -45.05
CBD CLA WJ . -55.06 -7.05 -44.62
CGD CLA WJ . -55.31 -7.48 -46.06
O1D CLA WJ . -54.40 -7.87 -46.78
O2D CLA WJ . -56.70 -7.68 -46.44
CED CLA WJ . -57.03 -8.25 -47.70
C1 CLA WJ . -50.25 -7.36 -38.88
C2 CLA WJ . -50.49 -5.92 -38.44
C3 CLA WJ . -49.70 -4.88 -38.82
C4 CLA WJ . -48.53 -5.02 -39.77
C5 CLA WJ . -49.99 -3.49 -38.24
C6 CLA WJ . -48.90 -3.03 -37.23
C7 CLA WJ . -48.75 -3.88 -35.94
C8 CLA WJ . -49.14 -3.26 -34.57
C9 CLA WJ . -48.22 -2.07 -34.24
C10 CLA WJ . -49.15 -4.36 -33.45
C11 CLA WJ . -49.84 -4.08 -32.08
C12 CLA WJ . -50.36 -5.37 -31.37
C13 CLA WJ . -49.97 -5.59 -29.88
C14 CLA WJ . -48.47 -5.94 -29.76
C15 CLA WJ . -50.75 -6.69 -29.12
C16 CLA WJ . -52.27 -6.52 -28.97
C17 CLA WJ . -52.73 -5.37 -28.08
C18 CLA WJ . -52.93 -4.03 -28.82
C19 CLA WJ . -52.37 -2.85 -28.02
C20 CLA WJ . -54.38 -3.80 -29.23
MG CLA XJ . -52.40 -17.32 -39.63
CHA CLA XJ . -55.17 -19.42 -38.57
CHB CLA XJ . -52.18 -16.26 -36.44
CHC CLA XJ . -50.76 -14.45 -40.86
CHD CLA XJ . -53.12 -18.23 -42.98
NA CLA XJ . -53.63 -17.70 -37.79
C1A CLA XJ . -54.50 -18.61 -37.54
C2A CLA XJ . -54.91 -18.68 -36.07
C3A CLA XJ . -53.84 -17.82 -35.43
C4A CLA XJ . -53.15 -17.19 -36.63
CMA CLA XJ . -54.39 -16.73 -34.55
CAA CLA XJ . -55.08 -20.07 -35.50
CBA CLA XJ . -55.48 -20.17 -34.05
CGA CLA XJ . -56.77 -19.42 -33.78
O1A CLA XJ . -57.76 -19.40 -34.47
O2A CLA XJ . -56.76 -18.68 -32.58
NB CLA XJ . -51.54 -15.63 -38.76
C1B CLA XJ . -51.52 -15.38 -37.46
C2B CLA XJ . -50.79 -14.12 -37.15
C3B CLA XJ . -50.40 -13.66 -38.45
C4B CLA XJ . -50.94 -14.65 -39.39
CMB CLA XJ . -50.43 -13.51 -35.81
CAB CLA XJ . -49.72 -12.49 -38.94
CBB CLA XJ . -49.49 -11.43 -38.22
NC CLA XJ . -51.99 -16.44 -41.55
C1C CLA XJ . -51.31 -15.35 -41.87
C2C CLA XJ . -51.08 -15.16 -43.30
C3C CLA XJ . -51.78 -16.32 -43.89
C4C CLA XJ . -52.31 -17.05 -42.71
CMC CLA XJ . -50.35 -14.03 -43.98
CAC CLA XJ . -51.99 -16.68 -45.36
CBC CLA XJ . -53.30 -15.95 -45.75
ND CLA XJ . -53.75 -18.52 -40.66
C1D CLA XJ . -53.94 -18.82 -41.96
C2D CLA XJ . -55.06 -19.73 -42.22
C3D CLA XJ . -55.54 -19.99 -40.86
C4D CLA XJ . -54.71 -19.24 -39.98
CMD CLA XJ . -55.51 -20.33 -43.48
CAD CLA XJ . -56.55 -20.72 -40.07
OBD CLA XJ . -57.41 -21.54 -40.52
CBD CLA XJ . -56.26 -20.42 -38.62
CGD CLA XJ . -57.48 -19.84 -38.02
O1D CLA XJ . -58.34 -20.57 -37.59
O2D CLA XJ . -57.76 -18.49 -37.91
CED CLA XJ . -59.07 -18.17 -37.38
C1 CLA XJ . -57.88 -17.99 -32.10
C2 CLA XJ . -58.23 -16.80 -32.95
C3 CLA XJ . -58.29 -15.57 -32.47
C4 CLA XJ . -57.83 -15.27 -31.05
C5 CLA XJ . -58.76 -14.50 -33.44
C6 CLA XJ . -59.36 -13.25 -32.80
C7 CLA XJ . -59.40 -12.13 -33.83
C8 CLA XJ . -58.71 -10.82 -33.44
C9 CLA XJ . -59.46 -10.07 -32.34
C10 CLA XJ . -58.69 -9.98 -34.71
C11 CLA XJ . -57.60 -8.93 -34.78
C12 CLA XJ . -57.92 -8.00 -35.93
C13 CLA XJ . -56.62 -7.45 -36.51
C14 CLA XJ . -55.82 -6.77 -35.40
C15 CLA XJ . -56.92 -6.43 -37.60
C16 CLA XJ . -55.72 -6.20 -38.50
C17 CLA XJ . -56.08 -5.23 -39.61
C18 CLA XJ . -54.86 -4.60 -40.25
C19 CLA XJ . -55.27 -3.75 -41.44
C20 CLA XJ . -53.83 -5.63 -40.65
MG CLA YJ . -42.95 -28.40 -34.90
CHA CLA YJ . -40.69 -30.37 -36.93
CHB CLA YJ . -45.44 -29.58 -36.87
CHC CLA YJ . -45.22 -27.32 -32.51
CHD CLA YJ . -40.33 -28.00 -32.56
NA CLA YJ . -43.05 -29.86 -36.61
C1A CLA YJ . -42.14 -30.43 -37.23
C2A CLA YJ . -42.66 -31.34 -38.33
C3A CLA YJ . -44.09 -30.88 -38.50
C4A CLA YJ . -44.22 -30.04 -37.24
CMA CLA YJ . -44.23 -29.95 -39.69
CAA CLA YJ . -42.42 -32.81 -38.02
CBA CLA YJ . -42.84 -33.11 -36.60
CGA CLA YJ . -42.92 -34.58 -36.38
O1A CLA YJ . -43.01 -35.41 -37.28
O2A CLA YJ . -42.96 -34.97 -35.01
NB CLA YJ . -45.01 -28.52 -34.71
C1B CLA YJ . -45.88 -28.87 -35.67
C2B CLA YJ . -47.29 -28.55 -35.37
C3B CLA YJ . -47.22 -27.86 -34.06
C4B CLA YJ . -45.74 -27.90 -33.75
CMB CLA YJ . -48.49 -28.82 -36.23
CAB CLA YJ . -48.23 -27.19 -33.21
CBB CLA YJ . -49.45 -26.77 -33.63
NC CLA YJ . -42.88 -27.77 -32.80
C1C CLA YJ . -43.84 -27.29 -32.06
C2C CLA YJ . -43.39 -26.80 -30.73
C3C CLA YJ . -41.96 -26.95 -30.84
C4C CLA YJ . -41.72 -27.59 -32.15
CMC CLA YJ . -44.27 -26.18 -29.64
CAC CLA YJ . -40.86 -26.61 -29.85
CBC CLA YJ . -40.50 -27.85 -29.10
ND CLA YJ . -41.00 -29.10 -34.66
C1D CLA YJ . -40.02 -28.74 -33.78
C2D CLA YJ . -38.64 -29.20 -34.17
C3D CLA YJ . -38.95 -29.85 -35.45
C4D CLA YJ . -40.34 -29.74 -35.67
CMD CLA YJ . -37.30 -29.01 -33.43
CAD CLA YJ . -38.35 -30.57 -36.60
OBD CLA YJ . -37.10 -30.80 -36.77
CBD CLA YJ . -39.44 -30.80 -37.56
CGD CLA YJ . -39.20 -29.92 -38.69
O1D CLA YJ . -38.49 -28.89 -38.64
O2D CLA YJ . -39.85 -30.37 -39.90
CED CLA YJ . -39.75 -29.48 -41.02
C1 CLA YJ . -42.66 -36.28 -34.59
C2 CLA YJ . -42.95 -36.41 -33.11
C3 CLA YJ . -42.06 -36.93 -32.26
C4 CLA YJ . -40.70 -37.45 -32.69
C5 CLA YJ . -42.42 -37.01 -30.80
C6 CLA YJ . -41.76 -35.91 -29.97
C7 CLA YJ . -42.12 -36.13 -28.49
C8 CLA YJ . -41.66 -35.04 -27.51
C9 CLA YJ . -40.17 -34.83 -27.62
C10 CLA YJ . -42.00 -35.42 -26.06
C11 CLA YJ . -43.39 -34.97 -25.64
C12 CLA YJ . -43.55 -35.37 -24.18
C13 CLA YJ . -45.00 -35.57 -23.78
C14 CLA YJ . -45.72 -34.24 -23.81
C15 CLA YJ . -45.05 -36.32 -22.43
C16 CLA YJ . -44.63 -37.80 -22.56
C17 CLA YJ . -45.20 -38.79 -21.51
C18 CLA YJ . -44.58 -40.20 -21.55
C19 CLA YJ . -44.71 -40.84 -22.95
C20 CLA YJ . -45.17 -41.13 -20.48
MG CLA ZJ . -51.44 -28.49 -38.10
CHA CLA ZJ . -52.89 -25.75 -36.49
CHB CLA ZJ . -52.25 -30.47 -35.42
CHC CLA ZJ . -49.38 -31.12 -39.36
CHD CLA ZJ . -49.98 -26.37 -40.55
NA CLA ZJ . -52.35 -28.14 -36.20
C1A CLA ZJ . -52.92 -27.04 -35.81
C2A CLA ZJ . -53.71 -27.21 -34.53
C3A CLA ZJ . -53.50 -28.68 -34.21
C4A CLA ZJ . -52.64 -29.15 -35.37
CMA CLA ZJ . -52.75 -28.87 -32.86
CAA CLA ZJ . -55.17 -26.87 -34.66
CBA CLA ZJ . -55.96 -27.14 -33.40
CGA CLA ZJ . -55.84 -25.99 -32.41
O1A CLA ZJ . -55.02 -25.06 -32.47
O2A CLA ZJ . -56.75 -26.10 -31.28
NB CLA ZJ . -50.87 -30.40 -37.47
C1B CLA ZJ . -51.39 -31.11 -36.44
C2B CLA ZJ . -51.05 -32.55 -36.43
C3B CLA ZJ . -50.27 -32.71 -37.64
C4B CLA ZJ . -50.18 -31.33 -38.19
CMB CLA ZJ . -51.53 -33.62 -35.52
CAB CLA ZJ . -49.62 -33.92 -38.22
CBB CLA ZJ . -49.79 -35.13 -37.71
NC CLA ZJ . -50.00 -28.73 -39.65
C1C CLA ZJ . -49.27 -29.81 -39.99
C2C CLA ZJ . -48.41 -29.65 -41.17
C3C CLA ZJ . -48.66 -28.27 -41.55
C4C CLA ZJ . -49.59 -27.78 -40.52
CMC CLA ZJ . -47.54 -30.70 -41.83
CAC CLA ZJ . -47.95 -27.54 -42.65
CBC CLA ZJ . -46.52 -27.14 -42.26
ND CLA ZJ . -51.30 -26.62 -38.47
C1D CLA ZJ . -50.84 -25.85 -39.47
C2D CLA ZJ . -51.31 -24.49 -39.46
C3D CLA ZJ . -52.12 -24.40 -38.24
C4D CLA ZJ . -52.10 -25.73 -37.72
CMD CLA ZJ . -50.97 -23.45 -40.46
CAD CLA ZJ . -53.00 -23.53 -37.39
OBD CLA ZJ . -53.29 -22.25 -37.58
CBD CLA ZJ . -53.38 -24.37 -36.23
CGD CLA ZJ . -52.75 -23.92 -34.92
O1D CLA ZJ . -53.22 -22.98 -34.30
O2D CLA ZJ . -51.36 -24.21 -34.80
CED CLA ZJ . -50.43 -23.60 -33.95
C1 CLA ZJ . -56.86 -25.02 -30.32
C2 CLA ZJ . -57.21 -23.68 -30.97
C3 CLA ZJ . -58.44 -23.39 -31.30
C4 CLA ZJ . -59.51 -24.39 -31.07
C5 CLA ZJ . -58.77 -22.08 -31.96
C6 CLA ZJ . -59.35 -22.32 -33.35
C7 CLA ZJ . -58.58 -23.42 -34.12
C8 CLA ZJ . -58.86 -23.50 -35.61
C9 CLA ZJ . -60.37 -23.51 -35.86
C10 CLA ZJ . -58.17 -24.78 -36.14
C11 CLA ZJ . -58.10 -24.91 -37.68
C12 CLA ZJ . -56.78 -24.51 -38.33
C13 CLA ZJ . -56.38 -25.41 -39.48
C14 CLA ZJ . -56.15 -26.82 -39.00
C15 CLA ZJ . -55.09 -24.85 -40.08
C16 CLA ZJ . -55.15 -24.55 -41.57
C17 CLA ZJ . -54.79 -25.73 -42.45
C18 CLA ZJ . -55.69 -25.82 -43.68
C19 CLA ZJ . -55.54 -27.21 -44.26
C20 CLA ZJ . -55.41 -24.74 -44.75
MG CLA AK . -51.92 -32.08 -29.25
CHA CLA AK . -49.34 -34.26 -30.76
CHB CLA AK . -50.34 -29.56 -30.61
CHC CLA AK . -53.94 -30.10 -27.42
CHD CLA AK . -53.07 -34.96 -27.45
NA CLA AK . -50.13 -32.00 -30.46
C1A CLA AK . -49.34 -32.85 -31.02
C2A CLA AK . -48.33 -32.30 -31.96
C3A CLA AK . -48.57 -30.83 -31.72
C4A CLA AK . -49.79 -30.79 -30.86
CMA CLA AK . -47.40 -30.19 -31.00
CAA CLA AK . -48.60 -32.78 -33.37
CBA CLA AK . -47.90 -32.06 -34.50
CGA CLA AK . -46.49 -32.51 -34.46
O1A CLA AK . -46.05 -33.36 -35.21
O2A CLA AK . -45.66 -31.88 -33.51
NB CLA AK . -51.98 -30.18 -28.99
C1B CLA AK . -51.41 -29.23 -29.71
C2B CLA AK . -51.96 -27.90 -29.51
C3B CLA AK . -53.05 -28.09 -28.58
C4B CLA AK . -52.98 -29.53 -28.34
CMB CLA AK . -51.58 -26.61 -30.08
CAB CLA AK . -54.00 -27.19 -27.87
CBB CLA AK . -53.95 -25.85 -27.90
NC CLA AK . -53.21 -32.45 -27.69
C1C CLA AK . -54.03 -31.53 -27.16
C2C CLA AK . -54.97 -32.06 -26.18
C3C CLA AK . -54.71 -33.51 -26.20
C4C CLA AK . -53.61 -33.63 -27.18
CMC CLA AK . -55.99 -31.26 -25.42
CAC CLA AK . -55.39 -34.58 -25.45
CBC CLA AK . -54.67 -34.90 -24.15
ND CLA AK . -51.44 -34.01 -29.08
C1D CLA AK . -51.98 -35.08 -28.39
C2D CLA AK . -51.36 -36.38 -28.66
C3D CLA AK . -50.28 -36.02 -29.60
C4D CLA AK . -50.43 -34.62 -29.82
CMD CLA AK . -51.70 -37.70 -28.09
CAD CLA AK . -49.19 -36.55 -30.44
OBD CLA AK . -48.82 -37.77 -30.52
CBD CLA AK . -48.61 -35.45 -31.19
CGD CLA AK . -47.15 -35.36 -30.79
O1D CLA AK . -46.30 -35.12 -31.61
O2D CLA AK . -46.91 -35.09 -29.41
CED CLA AK . -45.58 -34.95 -28.91
C1 CLA AK . -44.36 -32.36 -33.18
C2 CLA AK . -44.04 -31.86 -31.81
C3 CLA AK . -42.85 -31.62 -31.31
C4 CLA AK . -41.57 -31.85 -32.11
C5 CLA AK . -42.68 -31.06 -29.91
C6 CLA AK . -43.97 -30.79 -29.14
C7 CLA AK . -43.68 -30.23 -27.76
C8 CLA AK . -44.97 -29.78 -27.05
C9 CLA AK . -44.74 -28.53 -26.16
C10 CLA AK . -45.49 -30.99 -26.28
C11 CLA AK . -46.95 -30.78 -25.92
C12 CLA AK . -47.83 -31.19 -27.10
C13 CLA AK . -49.29 -31.22 -26.80
C14 CLA AK . -49.77 -29.86 -26.43
C15 CLA AK . -49.78 -32.16 -25.73
C16 CLA AK . -49.44 -33.64 -25.90
C17 CLA AK . -50.27 -34.38 -24.86
C18 CLA AK . -50.32 -35.86 -25.07
C19 CLA AK . -51.05 -36.59 -23.95
C20 CLA AK . -48.94 -36.45 -25.21
MG CLA BK . -47.54 -38.87 -37.96
CHA CLA BK . -47.52 -40.13 -41.29
CHB CLA BK . -51.05 -38.58 -38.43
CHC CLA BK . -48.01 -38.31 -34.58
CHD CLA BK . -44.34 -40.12 -37.33
NA CLA BK . -49.15 -39.36 -39.63
C1A CLA BK . -48.85 -39.72 -40.82
C2A CLA BK . -50.09 -39.92 -41.67
C3A CLA BK . -51.24 -39.52 -40.75
C4A CLA BK . -50.44 -39.12 -39.51
CMA CLA BK . -52.19 -38.45 -41.31
CAA CLA BK . -50.29 -41.34 -42.23
CBA CLA BK . -50.33 -42.48 -41.21
CGA CLA BK . -50.31 -43.89 -41.83
O1A CLA BK . -50.00 -44.17 -42.96
O2A CLA BK . -50.64 -45.02 -41.01
NB CLA BK . -49.28 -38.52 -36.72
C1B CLA BK . -50.56 -38.35 -37.05
C2B CLA BK . -51.45 -37.93 -35.94
C3B CLA BK . -50.53 -37.87 -34.81
C4B CLA BK . -49.19 -38.25 -35.41
CMB CLA BK . -52.92 -37.65 -35.96
CAB CLA BK . -50.70 -37.46 -33.43
CBB CLA BK . -51.70 -36.68 -33.00
NC CLA BK . -46.37 -39.16 -36.19
C1C CLA BK . -46.68 -38.83 -34.95
C2C CLA BK . -45.58 -39.02 -33.98
C3C CLA BK . -44.51 -39.58 -34.83
C4C CLA BK . -45.12 -39.62 -36.18
CMC CLA BK . -45.54 -38.74 -32.52
CAC CLA BK . -43.15 -39.96 -34.40
CBC CLA BK . -43.17 -41.40 -33.97
ND CLA BK . -46.22 -39.93 -38.96
C1D CLA BK . -44.94 -40.24 -38.69
C2D CLA BK . -44.23 -40.75 -39.85
C3D CLA BK . -45.28 -40.70 -40.90
C4D CLA BK . -46.43 -40.20 -40.29
CMD CLA BK . -42.79 -41.18 -39.92
CAD CLA BK . -45.54 -40.97 -42.35
OBD CLA BK . -44.72 -41.39 -43.22
CBD CLA BK . -46.97 -40.78 -42.53
CGD CLA BK . -47.13 -39.88 -43.67
O1D CLA BK . -46.97 -38.68 -43.55
O2D CLA BK . -47.84 -40.35 -44.82
CED CLA BK . -47.70 -39.47 -45.95
C1 CLA BK . -50.28 -46.35 -41.32
C2 CLA BK . -50.58 -47.13 -40.06
C3 CLA BK . -51.66 -47.89 -39.82
C4 CLA BK . -52.79 -48.11 -40.81
C5 CLA BK . -51.75 -48.53 -38.45
C6 CLA BK . -53.02 -48.05 -37.72
C7 CLA BK . -53.23 -46.52 -37.70
C8 CLA BK . -54.65 -46.07 -37.30
C9 CLA BK . -54.82 -44.59 -37.62
C10 CLA BK . -54.89 -46.29 -35.82
C11 CLA BK . -56.14 -45.61 -35.31
C12 CLA BK . -56.52 -46.15 -33.95
C13 CLA BK . -57.84 -45.60 -33.38
C14 CLA BK . -57.87 -46.01 -31.91
C15 CLA BK . -59.08 -46.05 -34.18
C16 CLA BK . -60.40 -45.35 -33.76
C17 CLA BK . -61.63 -45.95 -34.45
C18 CLA BK . -62.97 -45.33 -34.13
C19 CLA BK . -64.03 -46.04 -34.96
C20 CLA BK . -63.08 -43.87 -34.51
MG CLA CK . -62.35 -26.06 -41.81
CHA CLA CK . -61.57 -27.49 -38.84
CHB CLA CK . -65.56 -25.23 -40.35
CHC CLA CK . -63.61 -25.21 -44.95
CHD CLA CK . -59.56 -27.66 -43.42
NA CLA CK . -63.37 -26.15 -39.85
C1A CLA CK . -62.85 -26.77 -38.88
C2A CLA CK . -63.74 -26.84 -37.68
C3A CLA CK . -65.07 -26.25 -38.20
C4A CLA CK . -64.64 -25.79 -39.55
CMA CLA CK . -66.15 -27.31 -38.31
CAA CLA CK . -63.19 -26.04 -36.50
CBA CLA CK . -63.92 -26.50 -35.24
CGA CLA CK . -63.54 -25.62 -34.09
O1A CLA CK . -62.51 -25.90 -33.47
O2A CLA CK . -64.40 -24.49 -33.77
NB CLA CK . -64.31 -25.36 -42.50
C1B CLA CK . -65.43 -25.06 -41.81
C2B CLA CK . -66.50 -24.53 -42.66
C3B CLA CK . -65.87 -24.51 -44.00
C4B CLA CK . -64.50 -25.07 -43.80
CMB CLA CK . -67.87 -24.06 -42.22
CAB CLA CK . -66.39 -24.18 -45.35
CBB CLA CK . -67.70 -24.10 -45.57
NC CLA CK . -61.71 -26.38 -43.84
C1C CLA CK . -62.31 -25.91 -44.95
C2C CLA CK . -61.59 -26.23 -46.20
C3C CLA CK . -60.41 -26.92 -45.71
C4C CLA CK . -60.58 -26.98 -44.25
CMC CLA CK . -61.95 -25.88 -47.61
CAC CLA CK . -59.32 -27.52 -46.53
CBC CLA CK . -59.63 -29.01 -46.43
ND CLA CK . -60.87 -27.32 -41.41
C1D CLA CK . -59.78 -27.82 -41.97
C2D CLA CK . -58.95 -28.58 -41.06
C3D CLA CK . -59.66 -28.40 -39.82
C4D CLA CK . -60.79 -27.65 -40.08
CMD CLA CK . -57.67 -29.33 -41.28
CAD CLA CK . -59.60 -28.76 -38.40
OBD CLA CK . -58.71 -29.44 -37.82
CBD CLA CK . -60.75 -28.06 -37.76
CGD CLA CK . -61.55 -29.05 -37.02
O1D CLA CK . -61.55 -29.05 -35.81
O2D CLA CK . -62.19 -30.15 -37.73
CED CLA CK . -62.67 -31.29 -37.01
C1 CLA CK . -64.49 -23.86 -32.49
C2 CLA CK . -65.80 -23.10 -32.41
C3 CLA CK . -66.94 -23.68 -31.93
C4 CLA CK . -67.04 -25.08 -31.42
C5 CLA CK . -68.22 -22.90 -31.95
C6 CLA CK . -69.29 -23.66 -32.76
C7 CLA CK . -69.19 -23.54 -34.29
C8 CLA CK . -70.49 -23.83 -35.09
C9 CLA CK . -71.37 -25.02 -34.62
C10 CLA CK . -70.14 -24.01 -36.56
C11 CLA CK . -71.28 -23.58 -37.50
C12 CLA CK . -70.85 -23.35 -38.96
C13 CLA CK . -71.96 -22.64 -39.75
C14 CLA CK . -73.28 -23.44 -39.69
C15 CLA CK . -71.47 -22.38 -41.19
C16 CLA CK . -70.95 -20.96 -41.48
C17 CLA CK . -70.05 -20.93 -42.73
C18 CLA CK . -70.16 -19.74 -43.71
C19 CLA CK . -71.58 -19.31 -44.07
C20 CLA CK . -69.38 -20.06 -44.99
MG CLA DK . -64.51 -35.53 -44.32
CHA CLA DK . -65.51 -36.84 -47.53
CHB CLA DK . -63.86 -32.61 -46.05
CHC CLA DK . -64.62 -33.89 -41.36
CHD CLA DK . -66.14 -38.36 -42.81
NA CLA DK . -64.75 -34.77 -46.41
C1A CLA DK . -65.06 -35.45 -47.45
C2A CLA DK . -64.97 -34.69 -48.72
C3A CLA DK . -64.11 -33.52 -48.31
C4A CLA DK . -64.22 -33.63 -46.82
CMA CLA DK . -62.68 -33.64 -48.77
CAA CLA DK . -66.36 -34.29 -49.21
CBA CLA DK . -67.35 -33.72 -48.18
CGA CLA DK . -68.58 -33.16 -48.86
O1A CLA DK . -68.93 -33.59 -49.94
O2A CLA DK . -69.33 -32.08 -48.21
NB CLA DK . -64.36 -33.55 -43.82
C1B CLA DK . -63.90 -32.55 -44.57
C2B CLA DK . -63.48 -31.36 -43.81
C3B CLA DK . -63.70 -31.80 -42.42
C4B CLA DK . -64.28 -33.15 -42.54
CMB CLA DK . -62.95 -30.08 -44.35
CAB CLA DK . -63.51 -31.12 -41.10
CBB CLA DK . -63.06 -29.89 -41.01
NC CLA DK . -65.26 -36.02 -42.45
C1C CLA DK . -65.14 -35.27 -41.36
C2C CLA DK . -65.59 -35.93 -40.11
C3C CLA DK . -66.04 -37.23 -40.58
C4C CLA DK . -65.77 -37.19 -42.02
CMC CLA DK . -65.61 -35.36 -38.72
CAC CLA DK . -66.61 -38.38 -39.78
CBC CLA DK . -68.13 -38.34 -39.72
ND CLA DK . -65.71 -37.16 -44.86
C1D CLA DK . -66.08 -38.29 -44.26
C2D CLA DK . -66.40 -39.41 -45.18
C3D CLA DK . -66.15 -38.78 -46.48
C4D CLA DK . -65.75 -37.47 -46.23
CMD CLA DK . -66.84 -40.81 -44.88
CAD CLA DK . -66.18 -39.05 -47.95
OBD CLA DK . -66.53 -40.17 -48.44
CBD CLA DK . -65.77 -37.80 -48.62
CGD CLA DK . -64.57 -38.03 -49.47
O1D CLA DK . -63.45 -38.13 -48.99
O2D CLA DK . -64.85 -38.83 -50.63
CED CLA DK . -63.80 -39.10 -51.58
C1 CLA DK . -70.70 -31.77 -48.36
C2 CLA DK . -71.43 -32.35 -47.16
C3 CLA DK . -72.39 -31.68 -46.49
C4 CLA DK . -72.84 -30.29 -46.83
C5 CLA DK . -73.01 -32.39 -45.30
C6 CLA DK . -72.16 -32.08 -44.06
C7 CLA DK . -72.79 -31.07 -43.09
C8 CLA DK . -72.33 -31.31 -41.65
C9 CLA DK . -73.06 -32.55 -41.08
C10 CLA DK . -72.50 -30.02 -40.81
C11 CLA DK . -73.06 -30.20 -39.39
C12 CLA DK . -73.21 -28.91 -38.57
C13 CLA DK . -71.94 -28.18 -38.13
C14 CLA DK . -71.50 -27.15 -39.19
C15 CLA DK . -70.79 -29.13 -37.73
C16 CLA DK . -69.66 -28.54 -36.85
C17 CLA DK . -69.06 -29.54 -35.84
C18 CLA DK . -68.06 -28.92 -34.83
C19 CLA DK . -66.79 -29.75 -34.65
C20 CLA DK . -68.73 -28.69 -33.48
C1 BCR EK . -77.32 -38.25 -22.03
C2 BCR EK . -77.33 -39.04 -20.75
C3 BCR EK . -76.12 -39.95 -20.66
C4 BCR EK . -76.07 -40.95 -21.79
C5 BCR EK . -76.29 -40.28 -23.10
C6 BCR EK . -76.86 -39.07 -23.20
C7 BCR EK . -77.05 -38.54 -24.57
C8 BCR EK . -76.03 -38.21 -25.39
C9 BCR EK . -76.19 -37.71 -26.76
C10 BCR EK . -75.06 -37.44 -27.48
C11 BCR EK . -75.09 -36.93 -28.87
C33 BCR EK . -75.85 -41.03 -24.32
C31 BCR EK . -76.40 -37.05 -21.91
C32 BCR EK . -78.72 -37.68 -22.24
C34 BCR EK . -77.56 -37.56 -27.38
C12 BCR EK . -73.96 -36.62 -29.52
C13 BCR EK . -73.85 -36.13 -30.92
C14 BCR EK . -72.60 -35.99 -31.44
C15 BCR EK . -72.33 -35.50 -32.80
C16 BCR EK . -71.10 -35.15 -33.22
C17 BCR EK . -70.89 -34.61 -34.59
C18 BCR EK . -69.68 -34.20 -35.13
C19 BCR EK . -69.71 -33.66 -36.51
C20 BCR EK . -68.63 -33.13 -37.10
C21 BCR EK . -68.70 -32.58 -38.46
C22 BCR EK . -67.71 -31.98 -39.09
C23 BCR EK . -68.00 -31.50 -40.46
C24 BCR EK . -67.05 -30.95 -41.23
C25 BCR EK . -67.31 -30.52 -42.63
C26 BCR EK . -67.52 -31.48 -43.58
C27 BCR EK . -67.76 -31.13 -45.01
C28 BCR EK . -68.22 -29.68 -45.18
C29 BCR EK . -67.29 -28.77 -44.45
C30 BCR EK . -67.26 -29.04 -42.95
C35 BCR EK . -75.09 -35.85 -31.77
C36 BCR EK . -68.36 -34.22 -34.38
C37 BCR EK . -66.36 -31.77 -38.49
C38 BCR EK . -67.55 -32.96 -43.29
C39 BCR EK . -68.48 -28.42 -42.26
C40 BCR EK . -65.92 -28.48 -42.47
C1 BCR FK . -44.47 -8.43 -39.65
C2 BCR FK . -43.36 -7.81 -40.51
C3 BCR FK . -43.47 -6.27 -40.52
C4 BCR FK . -43.18 -5.74 -39.13
C5 BCR FK . -44.08 -6.44 -38.13
C6 BCR FK . -44.67 -7.64 -38.37
C7 BCR FK . -45.53 -8.31 -37.39
C8 BCR FK . -46.76 -7.90 -37.10
C9 BCR FK . -47.59 -8.56 -36.07
C10 BCR FK . -48.74 -7.96 -35.65
C11 BCR FK . -49.65 -8.45 -34.61
C33 BCR FK . -44.27 -5.69 -36.84
C31 BCR FK . -44.04 -9.84 -39.37
C32 BCR FK . -45.84 -8.34 -40.31
C34 BCR FK . -47.10 -9.86 -35.50
C12 BCR FK . -50.79 -7.77 -34.25
C13 BCR FK . -51.73 -8.25 -33.19
C14 BCR FK . -52.92 -7.56 -32.98
C15 BCR FK . -53.95 -7.94 -31.97
C16 BCR FK . -55.17 -7.32 -31.87
C17 BCR FK . -56.17 -7.75 -30.84
C18 BCR FK . -57.43 -7.23 -30.65
C19 BCR FK . -58.22 -7.83 -29.55
C20 BCR FK . -59.40 -7.34 -29.14
C21 BCR FK . -60.05 -7.97 -28.00
C22 BCR FK . -61.16 -7.56 -27.38
C23 BCR FK . -61.58 -8.28 -26.14
C24 BCR FK . -62.54 -7.85 -25.30
C25 BCR FK . -62.93 -8.50 -24.05
C26 BCR FK . -63.40 -9.73 -24.01
C27 BCR FK . -63.76 -10.42 -22.73
C28 BCR FK . -63.02 -9.82 -21.54
C29 BCR FK . -63.27 -8.35 -21.54
C30 BCR FK . -62.67 -7.69 -22.81
C35 BCR FK . -51.37 -9.43 -32.27
C36 BCR FK . -58.05 -6.12 -31.46
C37 BCR FK . -61.94 -6.35 -27.87
C38 BCR FK . -63.63 -10.54 -25.25
C39 BCR FK . -61.15 -7.58 -22.66
C40 BCR FK . -63.30 -6.30 -22.90
C1A DGD GK . -47.07 -8.47 -15.98
C2A DGD GK . -46.06 -8.44 -17.10
C3A DGD GK . -45.76 -7.01 -17.49
C4A DGD GK . -44.69 -6.92 -18.57
C5A DGD GK . -45.01 -7.76 -19.78
C6A DGD GK . -44.37 -7.25 -21.06
C7A DGD GK . -45.44 -7.12 -22.16
C8A DGD GK . -44.87 -6.84 -23.56
C9A DGD GK . -44.96 -5.38 -24.05
CAA DGD GK . -44.81 -5.29 -25.57
CBA DGD GK . -43.43 -5.78 -26.07
CCA DGD GK . -43.48 -7.16 -26.75
CDA DGD GK . -44.12 -7.19 -28.14
CEA DGD GK . -44.29 -8.63 -28.68
CFA DGD GK . -45.70 -8.99 -29.15
CGA DGD GK . -45.92 -8.77 -30.65
O1A DGD GK . -46.88 -7.98 -14.88
C1B DGD GK . -51.13 -9.34 -18.15
C2B DGD GK . -51.19 -10.34 -19.28
C3B DGD GK . -50.15 -10.10 -20.36
C4B DGD GK . -48.72 -10.38 -19.96
C5B DGD GK . -48.25 -11.80 -20.29
C6B DGD GK . -46.90 -12.17 -19.62
C7B DGD GK . -45.68 -11.95 -20.49
C8B DGD GK . -44.83 -13.22 -20.53
C9B DGD GK . -43.58 -13.06 -21.38
CAB DGD GK . -42.82 -14.39 -21.32
CBB DGD GK . -41.47 -14.22 -21.94
CCB DGD GK . -40.71 -15.53 -22.26
CDB DGD GK . -39.69 -15.18 -23.37
CEB DGD GK . -38.67 -16.29 -23.51
CFB DGD GK . -37.59 -15.95 -24.52
CGB DGD GK . -36.66 -17.18 -24.63
O1B DGD GK . -51.27 -8.12 -18.24
O1G DGD GK . -48.33 -9.07 -16.27
C1G DGD GK . -49.29 -9.35 -15.27
C2G DGD GK . -50.58 -8.90 -15.91
O2G DGD GK . -50.86 -9.92 -16.86
C3G DGD GK . -51.75 -8.80 -14.92
O3G DGD GK . -51.40 -7.80 -13.98
C1D DGD GK . -52.17 -7.89 -12.80
C2D DGD GK . -51.59 -6.85 -11.83
O2D DGD GK . -50.21 -7.06 -11.49
C3D DGD GK . -52.45 -6.72 -10.58
O3D DGD GK . -51.96 -5.60 -9.82
C4D DGD GK . -53.90 -6.48 -11.05
O4D DGD GK . -54.01 -5.24 -11.75
C5D DGD GK . -54.34 -7.62 -11.92
O5D DGD GK . -56.53 -8.20 -11.11
C6D DGD GK . -55.82 -7.65 -12.24
O6D DGD GK . -53.57 -7.58 -13.11
C1E DGD GK . -57.47 -7.23 -10.54
C2E DGD GK . -57.44 -7.43 -9.04
O2E DGD GK . -56.13 -7.30 -8.48
C3E DGD GK . -57.84 -8.87 -8.78
O3E DGD GK . -57.81 -9.07 -7.37
C4E DGD GK . -59.23 -9.12 -9.39
O4E DGD GK . -60.22 -8.30 -8.70
C5E DGD GK . -59.21 -8.81 -10.88
O6E DGD GK . -58.77 -7.47 -11.11
C6E DGD GK . -60.64 -8.97 -11.50
O5E DGD GK . -61.22 -10.24 -11.05
C1A DGD HK . -48.83 -39.74 -11.12
C2A DGD HK . -48.11 -40.95 -11.63
C3A DGD HK . -47.13 -40.39 -12.65
C4A DGD HK . -45.90 -41.21 -12.89
C5A DGD HK . -45.36 -40.88 -14.27
C6A DGD HK . -44.72 -39.49 -14.38
C7A DGD HK . -44.56 -38.98 -15.82
C8A DGD HK . -43.09 -38.92 -16.28
C9A DGD HK . -42.94 -38.31 -17.69
CAA DGD HK . -42.49 -39.31 -18.77
O1A DGD HK . -48.81 -38.66 -11.72
C1B DGD HK . -51.97 -37.65 -12.02
C2B DGD HK . -51.74 -37.77 -13.50
C3B DGD HK . -51.60 -36.37 -14.02
C4B DGD HK . -51.42 -36.31 -15.51
C5B DGD HK . -50.46 -35.19 -15.87
C6B DGD HK . -51.00 -33.77 -15.82
C7B DGD HK . -50.02 -32.83 -15.14
C8B DGD HK . -49.79 -31.47 -15.80
C9B DGD HK . -49.55 -30.33 -14.81
CAB DGD HK . -48.67 -29.21 -15.32
CBB DGD HK . -47.27 -29.35 -14.79
CCB DGD HK . -46.27 -28.47 -15.53
CDB DGD HK . -45.09 -28.18 -14.61
CEB DGD HK . -44.52 -29.49 -14.09
CFB DGD HK . -43.27 -29.41 -13.27
CGB DGD HK . -42.85 -30.88 -13.16
O1B DGD HK . -52.41 -36.67 -11.50
O1G DGD HK . -49.51 -39.77 -9.88
C1G DGD HK . -50.15 -38.57 -9.44
C2G DGD HK . -51.59 -38.59 -9.86
O2G DGD HK . -51.62 -38.76 -11.22
C3G DGD HK . -52.29 -39.79 -9.31
O3G DGD HK . -52.08 -39.92 -7.90
C1D DGD HK . -52.97 -39.05 -7.16
C2D DGD HK . -53.03 -39.58 -5.74
O2D DGD HK . -53.65 -40.85 -5.84
C3D DGD HK . -53.85 -38.63 -4.90
O3D DGD HK . -53.86 -39.02 -3.54
C4D DGD HK . -53.36 -37.17 -5.00
O4D DGD HK . -52.12 -36.97 -4.34
C5D DGD HK . -53.29 -36.78 -6.44
O5D DGD HK . -53.33 -34.46 -5.82
C6D DGD HK . -52.68 -35.43 -6.61
O6D DGD HK . -52.46 -37.75 -7.09
C1E DGD HK . -54.49 -33.96 -6.46
C2E DGD HK . -54.52 -32.46 -6.28
O2E DGD HK . -53.26 -31.96 -6.70
C3E DGD HK . -54.80 -32.06 -4.81
O3E DGD HK . -55.04 -30.64 -4.72
C4E DGD HK . -56.01 -32.84 -4.24
O4E DGD HK . -57.23 -32.26 -4.71
C5E DGD HK . -55.94 -34.34 -4.51
O6E DGD HK . -55.66 -34.58 -5.87
C6E DGD HK . -57.17 -35.14 -4.00
O5E DGD HK . -58.29 -34.76 -4.78
C1A DGD IK . -41.24 -40.52 -6.39
C2A DGD IK . -39.85 -39.99 -6.79
C3A DGD IK . -39.77 -39.92 -8.29
C4A DGD IK . -38.40 -39.61 -8.83
C5A DGD IK . -38.41 -38.42 -9.82
C6A DGD IK . -37.03 -38.29 -10.49
C7A DGD IK . -37.03 -37.17 -11.53
C8A DGD IK . -35.63 -36.92 -12.03
C9A DGD IK . -35.61 -36.09 -13.32
CAA DGD IK . -34.30 -36.39 -14.10
CBA DGD IK . -32.95 -36.15 -13.38
CCA DGD IK . -31.70 -36.00 -14.25
CDA DGD IK . -30.95 -37.31 -14.49
CEA DGD IK . -30.30 -37.37 -15.90
CFA DGD IK . -29.22 -38.46 -15.96
CGA DGD IK . -28.44 -38.49 -17.26
O1A DGD IK . -41.38 -41.66 -6.01
C1B DGD IK . -45.68 -38.11 -7.48
C2B DGD IK . -46.30 -38.45 -8.78
C3B DGD IK . -46.61 -37.26 -9.65
C4B DGD IK . -45.43 -36.45 -10.11
C5B DGD IK . -44.22 -37.20 -10.62
C6B DGD IK . -43.57 -36.24 -11.64
C7B DGD IK . -42.27 -36.83 -12.23
C8B DGD IK . -41.65 -35.73 -13.10
C9B DGD IK . -40.41 -36.10 -13.91
CAB DGD IK . -40.09 -34.99 -14.93
CBB DGD IK . -39.49 -35.45 -16.27
CCB DGD IK . -39.97 -34.54 -17.42
CDB DGD IK . -39.55 -35.06 -18.82
CEB DGD IK . -40.62 -34.85 -19.93
CFB DGD IK . -40.22 -35.42 -21.32
CGB DGD IK . -40.41 -36.93 -21.45
O1B DGD IK . -45.73 -37.02 -6.93
O1G DGD IK . -42.39 -39.66 -6.38
C1G DGD IK . -43.45 -40.02 -5.47
C2G DGD IK . -44.55 -38.98 -5.60
O2G DGD IK . -45.04 -39.21 -6.89
C3G DGD IK . -45.73 -39.12 -4.60
O3G DGD IK . -45.16 -39.07 -3.28
C1D DGD IK . -45.99 -39.24 -2.21
C2D DGD IK . -45.03 -39.59 -1.10
O2D DGD IK . -44.36 -40.88 -1.35
C3D DGD IK . -45.87 -39.63 0.17
O3D DGD IK . -45.07 -39.96 1.35
C4D DGD IK . -46.63 -38.35 0.34
O4D DGD IK . -45.71 -37.23 0.56
C5D DGD IK . -47.49 -38.10 -0.89
O5D DGD IK . -48.93 -36.69 0.43
C6D DGD IK . -48.28 -36.80 -0.82
O6D DGD IK . -46.74 -38.02 -2.08
C1E DGD IK . -50.05 -35.84 0.45
C2E DGD IK . -50.29 -35.63 1.94
O2E DGD IK . -49.18 -35.06 2.63
C3E DGD IK . -50.73 -36.93 2.65
O3E DGD IK . -51.26 -36.55 3.88
C4E DGD IK . -51.82 -37.72 1.88
O4E DGD IK . -53.06 -36.96 1.99
C5E DGD IK . -51.34 -37.80 0.40
O6E DGD IK . -51.20 -36.45 -0.18
C6E DGD IK . -52.29 -38.70 -0.42
O5E DGD IK . -51.93 -38.72 -1.81
C1 LMG JK . -57.09 -39.99 -7.36
O1 LMG JK . -56.91 -40.72 -8.54
C2 LMG JK . -57.25 -38.50 -7.75
O2 LMG JK . -56.05 -38.01 -8.37
C3 LMG JK . -57.64 -37.65 -6.52
O3 LMG JK . -58.04 -36.31 -6.96
C4 LMG JK . -58.80 -38.31 -5.71
O4 LMG JK . -60.07 -38.07 -6.36
C5 LMG JK . -58.60 -39.81 -5.46
O5 LMG JK . -59.34 -41.65 -4.15
C6 LMG JK . -59.82 -40.44 -4.78
O6 LMG JK . -58.21 -40.53 -6.66
C7 LMG JK . -56.43 -42.07 -8.41
C8 LMG JK . -56.14 -42.63 -9.82
C9 LMG JK . -54.97 -41.87 -10.43
O7 LMG JK . -55.81 -44.04 -9.79
C10 LMG JK . -56.62 -44.86 -10.71
O9 LMG JK . -57.76 -44.49 -10.95
C11 LMG JK . -56.08 -46.15 -11.35
C12 LMG JK . -55.55 -45.93 -12.79
O8 LMG JK . -54.88 -42.05 -11.83
C28 LMG JK . -53.58 -42.29 -12.45
O10 LMG JK . -52.91 -43.17 -11.96
C29 LMG JK . -53.11 -41.48 -13.64
C30 LMG JK . -51.93 -42.07 -14.45
C31 LMG JK . -51.41 -41.07 -15.50
C32 LMG JK . -50.03 -41.30 -16.10
C33 LMG JK . -49.60 -40.02 -16.81
C34 LMG JK . -48.65 -40.17 -17.99
C35 LMG JK . -47.93 -38.83 -18.31
C36 LMG JK . -48.89 -37.71 -18.77
C37 LMG JK . -48.17 -36.51 -19.39
C38 LMG JK . -49.15 -35.44 -19.88
C39 LMG JK . -48.89 -34.03 -19.35
C40 LMG JK . -49.59 -32.97 -20.21
C41 LMG JK . -49.40 -31.53 -19.73
C42 LMG JK . -48.14 -30.93 -20.32
C43 LMG JK . -47.91 -29.59 -19.68
C1 LMG KK . -82.59 -33.17 -15.30
O1 LMG KK . -83.39 -32.13 -15.88
C2 LMG KK . -82.08 -32.71 -13.94
O2 LMG KK . -81.20 -31.61 -14.17
C3 LMG KK . -81.26 -33.78 -13.21
O3 LMG KK . -81.03 -33.38 -11.86
C4 LMG KK . -81.88 -35.18 -13.24
O4 LMG KK . -82.87 -35.26 -12.19
C5 LMG KK . -82.38 -35.47 -14.67
O5 LMG KK . -82.06 -37.77 -15.31
C6 LMG KK . -83.05 -36.84 -14.83
O6 LMG KK . -83.27 -34.44 -15.15
C7 LMG KK . -83.53 -32.19 -17.32
C8 LMG KK . -82.35 -31.62 -18.15
C9 LMG KK . -82.88 -31.02 -19.48
O7 LMG KK . -81.60 -30.64 -17.43
C10 LMG KK . -80.23 -30.35 -17.90
O9 LMG KK . -79.49 -31.29 -18.23
C11 LMG KK . -79.79 -28.87 -17.97
C12 LMG KK . -78.27 -28.72 -18.18
C13 LMG KK . -77.85 -28.42 -19.61
C14 LMG KK . -76.49 -29.02 -20.00
C15 LMG KK . -76.11 -28.58 -21.42
C16 LMG KK . -74.66 -28.94 -21.79
C17 LMG KK . -74.36 -28.67 -23.28
C18 LMG KK . -73.28 -29.63 -23.81
C19 LMG KK . -72.81 -29.42 -25.24
C20 LMG KK . -71.50 -30.20 -25.54
C21 LMG KK . -71.10 -30.24 -27.01
C22 LMG KK . -69.68 -30.74 -27.22
C23 LMG KK . -69.45 -31.42 -28.56
C24 LMG KK . -68.51 -30.71 -29.52
C25 LMG KK . -67.75 -31.62 -30.50
O8 LMG KK . -81.88 -30.82 -20.51
C28 LMG KK . -81.25 -31.92 -21.25
O10 LMG KK . -81.29 -33.07 -20.85
C29 LMG KK . -80.53 -31.61 -22.54
C30 LMG KK . -79.29 -32.49 -22.68
C31 LMG KK . -79.48 -33.70 -23.61
C32 LMG KK . -78.25 -33.94 -24.48
C33 LMG KK . -77.96 -32.76 -25.41
C34 LMG KK . -77.31 -33.24 -26.71
C35 LMG KK . -76.78 -32.07 -27.55
C36 LMG KK . -76.09 -32.57 -28.82
C37 LMG KK . -75.12 -31.55 -29.40
C38 LMG KK . -74.04 -32.20 -30.28
C39 LMG KK . -73.01 -31.16 -30.71
C40 LMG KK . -72.11 -31.61 -31.86
C41 LMG KK . -71.98 -30.56 -32.98
C42 LMG KK . -73.32 -30.05 -33.55
C43 LMG KK . -73.29 -29.80 -35.05
C1B LMT LK . -39.88 -0.49 -50.23
C2B LMT LK . -39.10 -1.64 -50.89
C3B LMT LK . -37.68 -1.69 -50.33
C4B LMT LK . -36.91 -0.35 -50.47
C5B LMT LK . -37.79 0.95 -50.51
C6B LMT LK . -37.49 1.83 -51.76
O1B LMT LK . -40.82 -0.83 -49.20
O2B LMT LK . -39.78 -2.89 -50.73
O3B LMT LK . -37.01 -2.79 -50.97
O4' LMT LK . -35.91 -0.16 -49.43
O5B LMT LK . -39.24 0.82 -50.40
O6B LMT LK . -37.45 1.16 -53.04
C1' LMT LK . -44.67 -0.72 -47.60
C2' LMT LK . -44.44 -1.34 -49.01
C3' LMT LK . -42.96 -1.69 -49.08
C4' LMT LK . -42.16 -0.40 -49.15
C5' LMT LK . -42.44 0.43 -47.87
C6' LMT LK . -42.05 1.90 -48.07
O1' LMT LK . -46.04 -0.31 -47.34
O2' LMT LK . -45.14 -2.55 -49.26
O3' LMT LK . -42.62 -2.57 -50.16
O5' LMT LK . -43.82 0.43 -47.42
O6' LMT LK . -40.65 1.97 -48.42
C1 LMT LK . -46.33 -0.03 -45.96
C2 LMT LK . -47.76 0.49 -45.78
C3 LMT LK . -48.54 -0.16 -44.63
C4 LMT LK . -50.05 -0.05 -44.87
C5 LMT LK . -51.03 -0.43 -43.72
C6 LMT LK . -50.42 -1.02 -42.44
C7 LMT LK . -50.00 0.04 -41.39
C8 LMT LK . -48.65 -0.23 -40.70
C9 LMT LK . -48.24 0.89 -39.74
C10 LMT LK . -48.44 0.52 -38.28
C11 LMT LK . -48.03 1.65 -37.32
C12 LMT LK . -47.59 1.16 -35.96
C1 HTG MK . -80.93 -24.02 -20.45
S1 HTG MK . -79.98 -24.48 -21.88
C2 HTG MK . -80.07 -23.97 -19.18
O2 HTG MK . -79.41 -25.23 -19.00
C3 HTG MK . -80.97 -23.69 -17.96
O3 HTG MK . -80.18 -23.63 -16.77
C4 HTG MK . -81.77 -22.40 -18.16
O4 HTG MK . -82.72 -22.20 -17.10
C5 HTG MK . -82.50 -22.43 -19.50
O5 HTG MK . -81.57 -22.74 -20.57
C6 HTG MK . -83.24 -21.12 -19.75
O6 HTG MK . -83.85 -21.17 -21.04
C1' HTG MK . -80.60 -26.00 -22.59
C2' HTG MK . -79.55 -27.02 -23.08
C3' HTG MK . -78.86 -26.63 -24.40
C4' HTG MK . -78.01 -27.74 -25.08
C5' HTG MK . -76.82 -27.14 -25.85
C6' HTG MK . -76.27 -27.99 -27.00
C7' HTG MK . -75.41 -27.18 -27.95
C1 HTG NK . -80.68 -5.54 -24.50
S1 HTG NK . -79.07 -5.01 -25.03
C1' HTG NK . -78.72 -5.47 -26.72
C2' HTG NK . -77.67 -6.58 -26.93
C3' HTG NK . -78.24 -7.91 -27.49
C4' HTG NK . -77.25 -8.73 -28.33
C5' HTG NK . -77.61 -10.24 -28.39
C6' HTG NK . -76.74 -11.07 -29.37
C7' HTG NK . -76.93 -12.59 -29.25
C5 UNL OK . -69.37 -28.09 -51.89
C4 UNL OK . -69.54 -28.50 -50.43
C3 UNL OK . -69.78 -27.32 -49.44
C2 UNL OK . -70.46 -27.80 -48.11
C1 UNL OK . -70.65 -26.74 -47.03
C4 UNL PK . -33.66 -45.31 -38.50
C5 UNL PK . -32.76 -44.60 -37.43
C6 UNL PK . -32.80 -43.04 -37.52
C11 UNL PK . -35.96 -44.60 -31.43
C12 UNL PK . -36.03 -44.71 -29.90
C13 UNL PK . -37.04 -43.74 -29.25
C14 UNL PK . -36.75 -43.53 -27.74
C15 UNL PK . -37.91 -43.05 -26.84
O9 UNL PK . -33.38 -47.30 -36.41
C7 UNL PK . -33.52 -46.33 -35.66
C8 UNL PK . -34.22 -46.52 -34.31
C9 UNL PK . -34.70 -45.26 -33.57
C10 UNL PK . -35.04 -45.62 -32.11
C16 UNL PK . -37.89 -43.64 -25.39
C17 UNL PK . -37.65 -42.64 -24.24
C18 UNL PK . -37.01 -43.23 -22.95
C19 UNL PK . -37.04 -42.28 -21.75
O7 UNL PK . -33.01 -45.01 -36.05
O6 UNL PK . -33.86 -44.61 -39.74
O8 UNL PK . -33.03 -42.34 -36.26
C23 UNL PK . -32.08 -42.24 -35.13
O10 UNL PK . -30.92 -42.60 -35.28
C24 UNL PK . -32.54 -41.68 -33.79
C25 UNL PK . -31.68 -42.15 -32.61
C26 UNL PK . -32.46 -42.26 -31.29
C27 UNL PK . -32.81 -40.96 -30.55
C28 UNL PK . -33.05 -41.26 -29.07
C29 UNL PK . -33.49 -40.07 -28.21
C30 UNL PK . -34.29 -40.43 -26.94
C31 UNL PK . -34.24 -39.38 -25.81
C32 UNL PK . -33.36 -39.76 -24.60
C33 UNL PK . -31.87 -39.37 -24.71
C16 UNL QK . -74.27 -39.16 -33.26
C15 UNL QK . -74.32 -38.44 -34.60
C14 UNL QK . -73.20 -38.80 -35.60
C13 UNL QK . -73.13 -37.81 -36.77
C12 UNL QK . -72.35 -38.34 -37.99
C11 UNL QK . -72.60 -37.50 -39.26
C10 UNL QK . -71.35 -37.20 -40.13
C9 UNL QK . -71.60 -36.19 -41.29
C8 UNL QK . -70.40 -35.90 -42.24
C7 UNL QK . -70.36 -36.73 -43.56
C6 UNL QK . -70.01 -35.95 -44.83
C5 UNL QK . -69.56 -36.86 -45.99
C4 UNL QK . -70.13 -36.49 -47.39
C3 UNL QK . -69.78 -37.50 -48.50
C2 UNL QK . -69.94 -36.94 -49.92
C1 UNL QK . -69.46 -37.87 -51.02
S DMS RK . -64.16 -4.59 -7.61
O DMS RK . -64.63 -2.89 -7.75
C1 DMS RK . -65.31 -5.44 -8.70
C2 DMS RK . -62.83 -4.44 -8.78
S DMS SK . -56.89 -2.05 -8.26
O DMS SK . -57.72 -3.32 -9.28
C1 DMS SK . -57.17 -0.46 -9.13
C2 DMS SK . -57.67 -1.86 -6.71
S DMS TK . -72.59 -14.52 2.52
O DMS TK . -73.10 -13.06 1.59
C1 DMS TK . -73.77 -14.90 3.86
C2 DMS TK . -72.73 -15.97 1.45
S DMS UK . -67.51 -23.95 -1.58
O DMS UK . -68.42 -23.19 -2.93
C1 DMS UK . -68.10 -23.08 -0.11
C2 DMS UK . -68.13 -25.63 -1.25
S DMS VK . -68.87 -14.99 15.93
O DMS VK . -67.70 -13.79 15.24
C1 DMS VK . -68.18 -15.81 17.40
C2 DMS VK . -70.18 -13.92 16.62
C1 GOL WK . -49.73 -23.46 4.66
O1 GOL WK . -50.29 -22.90 5.82
C2 GOL WK . -50.57 -23.18 3.47
O2 GOL WK . -49.83 -22.17 2.72
C3 GOL WK . -52.03 -22.84 3.73
O3 GOL WK . -52.46 -21.63 3.12
S DMS XK . -13.73 -12.88 -46.90
O DMS XK . -13.71 -12.42 -48.64
C1 DMS XK . -15.44 -12.97 -46.38
C2 DMS XK . -13.19 -14.60 -46.77
S DMS YK . -38.14 -14.67 -50.43
O DMS YK . -37.50 -14.02 -51.96
C1 DMS YK . -39.95 -14.76 -50.57
C2 DMS YK . -37.83 -16.45 -50.38
S DMS ZK . -14.16 -9.84 -52.60
O DMS ZK . -15.78 -9.07 -52.58
C1 DMS ZK . -13.07 -8.79 -51.57
C2 DMS ZK . -14.19 -11.48 -51.80
S DMS AL . -61.28 -30.50 -60.56
O DMS AL . -60.75 -31.82 -59.48
C1 DMS AL . -62.79 -29.68 -59.93
C2 DMS AL . -59.96 -29.25 -60.59
S DMS BL . -53.08 4.00 -19.11
O DMS BL . -52.78 2.40 -18.27
C1 DMS BL . -51.58 4.60 -19.96
C2 DMS BL . -54.31 3.88 -20.46
S DMS CL . -72.09 -22.57 1.28
O DMS CL . -72.32 -21.50 -0.14
C1 DMS CL . -73.27 -21.95 2.51
C2 DMS CL . -72.80 -24.18 0.91
S DMS DL . -61.17 0.90 -18.53
O DMS DL . -60.53 -0.17 -17.21
C1 DMS DL . -59.80 1.80 -19.36
C2 DMS DL . -61.92 -0.14 -19.79
C1 HTG EL . -72.99 1.20 -30.00
S1 HTG EL . -73.30 -0.50 -30.52
C2 HTG EL . -73.35 1.41 -28.49
O2 HTG EL . -74.78 1.31 -28.29
C3 HTG EL . -72.99 2.80 -27.93
O3 HTG EL . -73.04 2.83 -26.48
C4 HTG EL . -71.62 3.27 -28.41
O4 HTG EL . -71.40 4.57 -27.82
C5 HTG EL . -71.53 3.13 -29.96
O5 HTG EL . -71.66 1.72 -30.29
C6 HTG EL . -70.29 3.65 -30.71
O6 HTG EL . -70.00 5.04 -30.50
C1' HTG EL . -72.08 -1.51 -31.38
C2' HTG EL . -72.39 -3.01 -31.13
C3' HTG EL . -71.35 -3.98 -31.68
C BCT FL . -15.17 -29.48 -35.81
C BCT FL . -15.36 -30.87 -35.30
O1 BCT FL . -15.74 -28.58 -35.17
O1 BCT FL . -15.51 -29.61 -35.19
O2 BCT FL . -15.13 -30.68 -35.37
O2 BCT FL . -15.39 -31.61 -34.31
O3 BCT FL . -14.63 -29.13 -36.95
O3 BCT FL . -15.18 -31.42 -36.50
MG CLA GL . -21.36 -25.82 -6.51
CHA CLA GL . -19.19 -28.64 -6.20
CHB CLA GL . -20.98 -26.14 -9.90
CHC CLA GL . -24.15 -23.76 -7.01
CHD CLA GL . -22.39 -26.21 -3.15
NA CLA GL . -20.19 -27.07 -7.83
C1A CLA GL . -19.35 -28.06 -7.52
C2A CLA GL . -18.60 -28.69 -8.66
C3A CLA GL . -18.95 -27.65 -9.72
C4A CLA GL . -20.16 -26.90 -9.15
CMA CLA GL . -17.77 -26.73 -9.89
CAA CLA GL . -19.05 -30.05 -9.09
CBA CLA GL . -18.15 -30.75 -10.15
CGA CLA GL . -18.71 -32.09 -10.48
O1A CLA GL . -19.11 -32.40 -11.63
O2A CLA GL . -18.87 -33.00 -9.36
NB CLA GL . -22.41 -25.05 -8.17
C1B CLA GL . -22.07 -25.25 -9.45
C2B CLA GL . -22.94 -24.46 -10.38
C3B CLA GL . -23.90 -23.78 -9.51
C4B CLA GL . -23.46 -24.22 -8.16
CMB CLA GL . -22.86 -24.49 -11.83
CAB CLA GL . -24.98 -22.80 -9.77
CBB CLA GL . -24.98 -22.03 -10.79
NC CLA GL . -22.95 -25.21 -5.31
C1C CLA GL . -23.88 -24.23 -5.64
C2C CLA GL . -24.56 -23.64 -4.51
C3C CLA GL . -23.98 -24.28 -3.39
C4C CLA GL . -23.07 -25.30 -3.98
CMC CLA GL . -25.51 -22.48 -4.50
CAC CLA GL . -24.33 -24.00 -1.92
CBC CLA GL . -23.05 -23.52 -1.20
ND CLA GL . -21.05 -27.14 -4.98
C1D CLA GL . -21.41 -27.16 -3.69
C2D CLA GL . -20.66 -28.17 -2.91
C3D CLA GL . -19.77 -28.78 -3.93
C4D CLA GL . -20.03 -28.08 -5.13
CMD CLA GL . -20.81 -28.50 -1.49
CAD CLA GL . -18.75 -29.77 -4.18
OBD CLA GL . -18.31 -30.55 -3.32
CBD CLA GL . -18.29 -29.65 -5.60
CGD CLA GL . -16.89 -29.19 -5.62
O1D CLA GL . -16.47 -28.06 -5.48
O2D CLA GL . -15.92 -30.22 -5.74
CED CLA GL . -14.56 -29.85 -5.68
C1 CLA GL . -19.43 -34.30 -9.65
C2 CLA GL . -18.51 -35.42 -9.25
C3 CLA GL . -17.45 -35.72 -9.94
C4 CLA GL . -17.15 -34.95 -11.18
C5 CLA GL . -16.58 -36.83 -9.43
C6 CLA GL . -16.36 -37.96 -10.42
C7 CLA GL . -17.63 -38.65 -10.86
C8 CLA GL . -17.32 -40.03 -11.46
C9 CLA GL . -16.59 -39.89 -12.79
C10 CLA GL . -18.72 -40.64 -11.60
C11 CLA GL . -18.88 -41.99 -12.28
C12 CLA GL . -20.31 -42.48 -12.11
C13 CLA GL . -20.58 -43.93 -12.49
C14 CLA GL . -19.94 -44.31 -13.81
C15 CLA GL . -22.10 -44.07 -12.75
C16 CLA GL . -22.87 -44.11 -11.49
C17 CLA GL . -24.17 -44.89 -11.59
C18 CLA GL . -25.48 -44.09 -11.55
C19 CLA GL . -25.66 -43.10 -10.44
C20 CLA GL . -26.60 -45.14 -11.34
MG CLA HL . -24.63 -15.63 -11.85
CHA CLA HL . -21.36 -16.49 -10.96
CHB CLA HL . -23.21 -13.42 -14.25
CHC CLA HL . -27.64 -15.42 -13.61
CHD CLA HL . -25.81 -18.30 -9.92
NA CLA HL . -22.63 -15.05 -12.54
C1A CLA HL . -21.50 -15.51 -12.02
C2A CLA HL . -20.29 -14.87 -12.64
C3A CLA HL . -20.89 -13.64 -13.31
C4A CLA HL . -22.34 -14.07 -13.40
CMA CLA HL . -20.77 -12.30 -12.50
CAA CLA HL . -19.67 -15.83 -13.67
CBA CLA HL . -20.64 -16.52 -14.59
CGA CLA HL . -20.04 -17.37 -15.69
O1A CLA HL . -18.87 -17.52 -15.94
O2A CLA HL . -20.97 -18.10 -16.45
NB CLA HL . -25.24 -14.66 -13.61
C1B CLA HL . -24.61 -13.70 -14.35
C2B CLA HL . -25.47 -13.00 -15.34
C3B CLA HL . -26.76 -13.61 -15.11
C4B CLA HL . -26.53 -14.62 -14.05
CMB CLA HL . -25.05 -11.91 -16.30
CAB CLA HL . -28.10 -13.37 -15.73
CBB CLA HL . -28.18 -12.63 -16.76
NC CLA HL . -26.30 -16.64 -11.85
C1C CLA HL . -27.47 -16.39 -12.52
C2C CLA HL . -28.65 -17.15 -12.07
C3C CLA HL . -28.08 -17.97 -11.00
C4C CLA HL . -26.63 -17.59 -10.92
CMC CLA HL . -30.04 -17.13 -12.57
CAC CLA HL . -28.82 -18.84 -10.10
CBC CLA HL . -29.79 -17.95 -9.32
ND CLA HL . -23.88 -17.20 -10.76
C1D CLA HL . -24.39 -18.07 -9.93
C2D CLA HL . -23.44 -18.69 -9.00
C3D CLA HL . -22.21 -18.04 -9.42
C4D CLA HL . -22.57 -17.12 -10.45
CMD CLA HL . -23.77 -19.69 -7.92
CAD CLA HL . -20.78 -17.98 -9.15
OBD CLA HL . -20.13 -18.66 -8.25
CBD CLA HL . -20.22 -17.01 -10.11
CGD CLA HL . -19.66 -15.89 -9.37
O1D CLA HL . -20.22 -15.36 -8.44
O2D CLA HL . -18.38 -15.46 -9.76
CED CLA HL . -17.91 -14.25 -9.19
C1 CLA HL . -20.60 -18.78 -17.69
C2 CLA HL . -20.59 -17.68 -18.75
C3 CLA HL . -19.47 -17.15 -19.32
C4 CLA HL . -18.07 -17.62 -19.12
C5 CLA HL . -19.59 -16.04 -20.33
C6 CLA HL . -19.23 -14.69 -19.80
C7 CLA HL . -20.27 -14.10 -18.81
C8 CLA HL . -19.62 -12.92 -18.04
C9 CLA HL . -18.53 -13.42 -17.08
C10 CLA HL . -20.72 -12.19 -17.28
C11 CLA HL . -20.31 -10.78 -16.92
C12 CLA HL . -21.44 -10.10 -16.19
C13 CLA HL . -21.09 -8.68 -15.78
C14 CLA HL . -21.94 -8.21 -14.61
C15 CLA HL . -21.33 -7.74 -16.97
C16 CLA HL . -20.70 -6.40 -16.67
C17 CLA HL . -20.17 -5.84 -17.99
C18 CLA HL . -21.25 -5.24 -18.75
C19 CLA HL . -20.69 -4.56 -19.96
C20 CLA HL . -21.98 -4.20 -17.88
CHA PHO IL . -16.19 -39.51 -18.19
CHB PHO IL . -19.81 -39.41 -14.99
CHC PHO IL . -18.98 -34.60 -14.36
CHD PHO IL . -15.29 -34.65 -17.51
NA PHO IL . -17.96 -39.19 -16.57
C1A PHO IL . -17.27 -39.96 -17.33
C2A PHO IL . -17.74 -41.36 -17.26
C3A PHO IL . -19.04 -41.23 -16.45
C4A PHO IL . -18.94 -39.85 -15.93
CMA PHO IL . -20.23 -41.35 -17.37
CAA PHO IL . -16.76 -42.16 -16.45
CBA PHO IL . -17.01 -43.68 -16.63
CGA PHO IL . -16.44 -44.43 -15.52
O1A PHO IL . -15.61 -43.96 -14.72
O2A PHO IL . -16.87 -45.80 -15.38
NB PHO IL . -19.14 -37.00 -14.84
C1B PHO IL . -19.92 -38.03 -14.44
C2B PHO IL . -20.95 -37.62 -13.48
C3B PHO IL . -20.71 -36.20 -13.33
C4B PHO IL . -19.53 -35.94 -14.13
CMB PHO IL . -21.99 -38.46 -12.87
CAB PHO IL . -21.35 -35.19 -12.47
CBB PHO IL . -22.10 -35.49 -11.42
NC PHO IL . -17.09 -35.00 -15.95
C1C PHO IL . -17.85 -34.18 -15.23
C2C PHO IL . -17.58 -32.74 -15.45
C3C PHO IL . -16.45 -32.74 -16.37
C4C PHO IL . -16.23 -34.16 -16.56
CMC PHO IL . -18.32 -31.61 -14.82
CAC PHO IL . -15.73 -31.57 -16.97
CBC PHO IL . -14.27 -31.50 -16.72
ND PHO IL . -16.08 -36.96 -17.45
C1D PHO IL . -15.28 -36.02 -17.96
C2D PHO IL . -14.38 -36.55 -19.02
C3D PHO IL . -14.84 -37.93 -19.14
C4D PHO IL . -15.74 -38.11 -18.17
CMD PHO IL . -13.45 -35.89 -19.92
CAD PHO IL . -14.50 -39.23 -19.81
OBD PHO IL . -13.65 -39.39 -20.76
CBD PHO IL . -15.44 -40.26 -19.28
CGD PHO IL . -16.40 -40.68 -20.33
O1D PHO IL . -16.24 -41.63 -21.07
O2D PHO IL . -17.60 -39.89 -20.60
CED PHO IL . -18.47 -40.33 -21.64
C1 PHO IL . -16.09 -46.62 -14.50
C2 PHO IL . -16.81 -46.53 -13.16
C3 PHO IL . -16.20 -46.32 -12.00
C4 PHO IL . -14.71 -46.17 -11.85
C5 PHO IL . -17.02 -46.26 -10.74
C6 PHO IL . -16.91 -44.87 -10.04
C7 PHO IL . -17.53 -44.83 -8.66
C8 PHO IL . -17.94 -43.42 -8.19
C9 PHO IL . -16.74 -42.50 -8.31
C10 PHO IL . -18.45 -43.42 -6.73
C11 PHO IL . -19.71 -44.22 -6.51
C12 PHO IL . -20.92 -43.59 -7.22
C13 PHO IL . -22.19 -44.42 -6.90
C14 PHO IL . -22.17 -45.75 -7.63
C15 PHO IL . -23.46 -43.60 -7.27
C16 PHO IL . -23.72 -42.48 -6.28
C17 PHO IL . -24.95 -41.71 -6.82
C18 PHO IL . -25.48 -40.70 -5.78
C19 PHO IL . -26.73 -40.02 -6.30
C20 PHO IL . -24.42 -39.68 -5.37
MG CLA JL . -11.97 -55.17 -2.73
CHA CLA JL . -11.91 -54.26 0.78
CHB CLA JL . -9.34 -53.15 -3.08
CHC CLA JL . -11.29 -56.85 -5.69
CHD CLA JL . -14.30 -57.74 -1.97
NA CLA JL . -10.80 -53.90 -1.37
C1A CLA JL . -10.91 -53.68 -0.12
C2A CLA JL . -9.91 -52.70 0.43
C3A CLA JL . -9.40 -52.10 -0.86
C4A CLA JL . -9.86 -53.14 -1.86
CMA CLA JL . -10.05 -50.75 -1.16
CAA CLA JL . -8.81 -53.33 1.25
CBA CLA JL . -8.15 -54.52 0.57
CGA CLA JL . -7.00 -55.03 1.44
O1A CLA JL . -6.78 -54.54 2.54
O2A CLA JL . -6.13 -56.07 0.89
NB CLA JL . -10.53 -55.03 -4.12
C1B CLA JL . -9.62 -54.06 -4.18
C2B CLA JL . -8.87 -54.03 -5.43
C3B CLA JL . -9.45 -55.15 -6.18
C4B CLA JL . -10.47 -55.69 -5.25
CMB CLA JL . -7.78 -53.10 -5.85
CAB CLA JL . -9.16 -55.71 -7.55
CBB CLA JL . -8.15 -55.26 -8.28
NC CLA JL . -12.66 -57.01 -3.69
C1C CLA JL . -12.31 -57.47 -4.89
C2C CLA JL . -13.06 -58.65 -5.37
C3C CLA JL . -13.99 -58.88 -4.25
C4C CLA JL . -13.62 -57.81 -3.25
CMC CLA JL . -12.93 -59.39 -6.69
CAC CLA JL . -14.98 -60.04 -4.14
CBC CLA JL . -14.20 -61.21 -3.52
ND CLA JL . -12.84 -55.97 -1.06
C1D CLA JL . -13.87 -56.83 -0.90
C2D CLA JL . -14.43 -56.84 0.46
C3D CLA JL . -13.66 -55.77 1.11
C4D CLA JL . -12.74 -55.33 0.17
CMD CLA JL . -15.54 -57.66 1.04
CAD CLA JL . -13.46 -55.03 2.37
OBD CLA JL . -14.14 -55.12 3.45
CBD CLA JL . -12.43 -53.97 2.12
CGD CLA JL . -13.13 -52.62 2.17
O1D CLA JL . -13.58 -52.11 1.18
O2D CLA JL . -13.41 -52.05 3.42
CED CLA JL . -14.23 -50.88 3.58
C1 CLA JL . -4.97 -56.54 1.62
C2 CLA JL . -4.32 -57.43 0.61
C3 CLA JL . -3.47 -57.01 -0.29
C4 CLA JL . -3.06 -55.58 -0.32
C5 CLA JL . -2.89 -57.97 -1.30
C6 CLA JL . -1.53 -58.45 -0.87
C7 CLA JL . -0.72 -59.04 -2.02
C8 CLA JL . 0.79 -58.99 -1.71
C9 CLA JL . 1.40 -57.91 -2.58
C10 CLA JL . 1.49 -60.36 -1.89
C11 CLA JL . 1.85 -61.08 -0.56
C12 CLA JL . 0.78 -62.06 0.00
C13 CLA JL . 1.33 -63.26 0.81
C14 CLA JL . 1.92 -64.32 -0.14
C15 CLA JL . 0.26 -63.91 1.73
C16 CLA JL . 0.19 -63.42 3.21
C17 CLA JL . 0.51 -64.50 4.28
C18 CLA JL . 0.18 -64.10 5.75
C19 CLA JL . 1.47 -63.79 6.52
C20 CLA JL . -0.65 -65.12 6.53
C1 BCR KL . -19.64 -58.11 -2.35
C2 BCR KL . -18.96 -57.96 -1.04
C3 BCR KL . -19.78 -57.41 0.07
C4 BCR KL . -20.38 -56.07 -0.30
C5 BCR KL . -20.88 -56.02 -1.71
C6 BCR KL . -20.55 -56.92 -2.66
C7 BCR KL . -21.03 -56.79 -4.06
C8 BCR KL . -22.29 -56.62 -4.42
C9 BCR KL . -22.71 -56.42 -5.83
C10 BCR KL . -24.02 -56.16 -6.10
C11 BCR KL . -24.56 -55.85 -7.42
C33 BCR KL . -21.72 -54.80 -1.97
C31 BCR KL . -20.42 -59.44 -2.45
C32 BCR KL . -18.49 -58.28 -3.34
C34 BCR KL . -21.77 -56.57 -6.99
C12 BCR KL . -25.83 -55.34 -7.43
C13 BCR KL . -26.56 -54.82 -8.66
C14 BCR KL . -27.84 -54.43 -8.57
C15 BCR KL . -28.64 -53.83 -9.62
C16 BCR KL . -29.84 -53.29 -9.32
C17 BCR KL . -30.59 -52.54 -10.36
C18 BCR KL . -31.73 -51.82 -10.21
C19 BCR KL . -32.21 -51.08 -11.40
C20 BCR KL . -33.30 -50.30 -11.45
C21 BCR KL . -33.62 -49.62 -12.72
C22 BCR KL . -34.74 -48.87 -12.97
C23 BCR KL . -34.80 -48.16 -14.27
C24 BCR KL . -35.46 -46.98 -14.32
C25 BCR KL . -35.50 -46.06 -15.49
C26 BCR KL . -34.47 -45.25 -15.83
C27 BCR KL . -34.50 -44.29 -17.00
C28 BCR KL . -35.77 -44.31 -17.85
C29 BCR KL . -36.46 -45.65 -17.75
C30 BCR KL . -36.77 -45.94 -16.29
C35 BCR KL . -25.90 -54.70 -9.99
C36 BCR KL . -32.49 -51.64 -8.92
C37 BCR KL . -35.81 -48.62 -11.95
C38 BCR KL . -33.16 -45.28 -15.08
C39 BCR KL . -37.46 -47.29 -16.26
C40 BCR KL . -37.63 -44.88 -15.62
C2 PL9 LL . -18.51 -21.19 -32.22
C3 PL9 LL . -18.09 -19.88 -32.21
C4 PL9 LL . -17.25 -19.46 -33.32
C5 PL9 LL . -16.89 -20.41 -34.43
C6 PL9 LL . -17.38 -21.78 -34.33
C1 PL9 LL . -18.18 -22.15 -33.14
C7 PL9 LL . -18.56 -18.88 -31.14
C8 PL9 LL . -18.00 -19.00 -29.80
C9 PL9 LL . -17.33 -18.07 -29.17
C10 PL9 LL . -17.07 -16.74 -29.76
C11 PL9 LL . -16.84 -18.38 -27.82
C12 PL9 LL . -17.54 -17.46 -26.82
C13 PL9 LL . -17.14 -17.96 -25.44
C14 PL9 LL . -17.63 -17.51 -24.29
C15 PL9 LL . -18.68 -16.44 -24.27
C16 PL9 LL . -17.24 -18.02 -22.92
C17 PL9 LL . -16.21 -19.14 -22.85
C18 PL9 LL . -15.87 -19.47 -21.39
C19 PL9 LL . -15.02 -18.79 -20.54
C20 PL9 LL . -14.33 -17.49 -20.87
C21 PL9 LL . -14.90 -19.30 -19.14
C22 PL9 LL . -13.45 -19.59 -18.69
C23 PL9 LL . -13.53 -20.27 -17.34
C24 PL9 LL . -12.43 -20.96 -16.83
C25 PL9 LL . -11.11 -21.07 -17.56
C26 PL9 LL . -12.49 -21.68 -15.50
C27 PL9 LL . -11.66 -20.97 -14.39
C28 PL9 LL . -12.15 -19.59 -14.12
C29 PL9 LL . -11.45 -18.45 -14.17
C30 PL9 LL . -9.96 -18.38 -14.41
C31 PL9 LL . -12.07 -17.10 -13.89
C32 PL9 LL . -13.54 -17.10 -13.66
C33 PL9 LL . -13.92 -15.70 -13.31
C34 PL9 LL . -14.81 -15.39 -12.38
C35 PL9 LL . -15.51 -16.37 -11.50
C36 PL9 LL . -15.09 -13.92 -12.12
C37 PL9 LL . -16.39 -13.59 -12.68
C38 PL9 LL . -16.68 -12.20 -12.13
C39 PL9 LL . -16.80 -11.07 -12.80
C40 PL9 LL . -16.56 -11.15 -14.28
C41 PL9 LL . -17.16 -9.73 -12.09
C42 PL9 LL . -18.39 -9.11 -12.70
C43 PL9 LL . -18.51 -7.63 -12.53
C44 PL9 LL . -19.42 -7.05 -11.74
C45 PL9 LL . -20.42 -7.81 -10.89
C46 PL9 LL . -19.50 -5.54 -11.62
C47 PL9 LL . -18.80 -4.74 -12.72
C48 PL9 LL . -19.09 -3.21 -12.66
C49 PL9 LL . -18.29 -2.33 -12.07
C50 PL9 LL . -18.59 -0.88 -12.06
C51 PL9 LL . -17.03 -2.65 -11.36
C52 PL9 LL . -16.03 -19.94 -35.59
C53 PL9 LL . -17.05 -22.83 -35.37
O1 PL9 LL . -16.83 -18.31 -33.29
O2 PL9 LL . -18.63 -23.31 -33.02
C1A DGD ML . -23.71 -62.66 3.73
C2A DGD ML . -24.32 -61.81 2.60
C3A DGD ML . -23.59 -61.82 1.24
C4A DGD ML . -23.66 -60.49 0.48
C5A DGD ML . -25.02 -60.19 -0.18
C6A DGD ML . -24.92 -59.19 -1.33
C7A DGD ML . -26.25 -58.93 -2.07
C8A DGD ML . -26.77 -60.08 -2.95
C9A DGD ML . -27.99 -60.84 -2.38
CAA DGD ML . -27.98 -62.36 -2.66
CBA DGD ML . -28.55 -63.19 -1.49
CCA DGD ML . -27.55 -63.41 -0.34
CDA DGD ML . -28.13 -64.30 0.77
CEA DGD ML . -27.07 -64.95 1.67
CFA DGD ML . -27.65 -65.76 2.85
CGA DGD ML . -26.58 -66.21 3.85
O1A DGD ML . -22.51 -62.92 3.76
C1B DGD ML . -23.41 -62.26 9.00
C2B DGD ML . -22.35 -63.20 9.59
C3B DGD ML . -20.98 -63.18 8.89
C4B DGD ML . -20.10 -64.36 9.38
C5B DGD ML . -18.78 -64.52 8.63
C6B DGD ML . -18.99 -64.59 7.12
C7B DGD ML . -18.73 -63.25 6.41
C8B DGD ML . -19.53 -63.03 5.11
C9B DGD ML . -18.67 -62.49 3.94
CAB DGD ML . -19.54 -61.89 2.82
CBB DGD ML . -18.73 -61.18 1.71
CCB DGD ML . -17.68 -62.09 1.09
CDB DGD ML . -17.06 -61.57 -0.21
CEB DGD ML . -17.48 -62.34 -1.47
O1B DGD ML . -23.73 -61.25 9.62
O1G DGD ML . -24.57 -63.10 4.83
C1G DGD ML . -24.20 -64.05 5.86
C2G DGD ML . -24.72 -63.68 7.27
O2G DGD ML . -24.11 -62.43 7.69
C3G DGD ML . -26.26 -63.67 7.28
O3G DGD ML . -26.84 -63.08 8.47
C1D DGD ML . -27.67 -63.91 9.28
C2D DGD ML . -28.25 -63.10 10.47
O2D DGD ML . -27.27 -62.30 11.17
C3D DGD ML . -28.94 -64.09 11.44
O3D DGD ML . -29.66 -63.35 12.46
C4D DGD ML . -29.81 -65.20 10.74
O4D DGD ML . -31.23 -64.92 10.81
C5D DGD ML . -29.39 -65.61 9.29
C6D DGD ML . -30.53 -66.26 8.48
O6D DGD ML . -28.76 -64.51 8.56
O1 LHG NL . -4.27 -25.20 -27.84
C1 LHG NL . -3.22 -24.62 -27.09
C2 LHG NL . -2.03 -25.54 -27.19
O2 LHG NL . -1.75 -25.91 -28.54
C3 LHG NL . -2.22 -26.84 -26.46
O3 LHG NL . -0.89 -27.24 -26.19
P LHG NL . -0.48 -28.62 -25.56
O4 LHG NL . -1.22 -29.71 -26.23
O5 LHG NL . 0.98 -28.66 -25.50
O6 LHG NL . -1.13 -28.33 -24.11
C4 LHG NL . -0.43 -27.67 -23.09
C5 LHG NL . -1.47 -27.30 -22.05
C6 LHG NL . -2.18 -28.44 -21.37
O7 LHG NL . -0.85 -26.53 -21.01
C7 LHG NL . -1.02 -25.13 -21.12
O9 LHG NL . -1.82 -24.76 -21.91
C8 LHG NL . -0.20 -24.15 -20.34
C9 LHG NL . -0.73 -23.91 -18.95
C10 LHG NL . -2.05 -23.20 -18.77
O8 LHG NL . -3.31 -27.87 -20.68
C23 LHG NL . -4.30 -28.66 -20.04
O10 LHG NL . -4.13 -29.81 -20.34
C24 LHG NL . -5.42 -28.17 -19.09
C11 LHG NL . -1.96 -21.83 -18.08
C12 LHG NL . -3.05 -21.64 -17.03
C13 LHG NL . -3.14 -20.22 -16.48
C14 LHG NL . -2.08 -19.84 -15.43
C15 LHG NL . -2.29 -18.38 -14.92
C16 LHG NL . -1.53 -17.95 -13.67
C17 LHG NL . -1.92 -16.52 -13.26
C18 LHG NL . -1.07 -16.14 -12.07
C19 LHG NL . -0.70 -14.67 -11.93
C20 LHG NL . 0.65 -14.48 -11.19
C21 LHG NL . 0.74 -13.20 -10.32
C22 LHG NL . 2.15 -12.87 -9.88
C25 LHG NL . -4.85 -27.65 -17.80
C26 LHG NL . -5.56 -28.02 -16.47
C27 LHG NL . -4.55 -27.86 -15.32
C28 LHG NL . -5.00 -27.70 -13.87
C29 LHG NL . -3.79 -27.37 -12.98
C30 LHG NL . -3.81 -26.04 -12.21
C31 LHG NL . -3.48 -24.69 -12.87
C32 LHG NL . -2.01 -24.17 -12.85
C33 LHG NL . -1.26 -24.60 -14.17
C34 LHG NL . -0.01 -23.79 -14.62
C35 LHG NL . 0.74 -24.62 -15.67
C36 LHG NL . 1.96 -23.91 -16.22
C37 LHG NL . 2.65 -24.74 -17.23
C38 LHG NL . 3.80 -24.09 -17.92
O1 LHG OL . -3.10 -18.95 -30.72
C1 LHG OL . -4.13 -19.62 -31.52
C2 LHG OL . -5.04 -18.54 -32.05
O2 LHG OL . -4.60 -17.43 -31.25
C3 LHG OL . -6.53 -18.75 -31.81
O3 LHG OL . -7.22 -17.63 -32.32
P LHG OL . -8.78 -17.61 -32.70
O4 LHG OL . -8.79 -16.58 -33.81
O5 LHG OL . -9.36 -18.99 -33.01
O6 LHG OL . -9.67 -16.98 -31.53
C4 LHG OL . -9.83 -15.55 -31.31
C5 LHG OL . -10.01 -15.27 -29.81
C6 LHG OL . -9.94 -13.78 -29.55
O7 LHG OL . -11.28 -15.79 -29.40
C7 LHG OL . -11.36 -16.87 -28.52
O9 LHG OL . -10.33 -17.32 -28.08
C8 LHG OL . -12.75 -17.35 -28.22
C9 LHG OL . -12.86 -17.82 -26.80
C10 LHG OL . -12.63 -16.68 -25.74
O8 LHG OL . -10.24 -13.64 -28.17
C23 LHG OL . -9.83 -12.53 -27.52
O10 LHG OL . -9.60 -11.60 -28.25
C24 LHG OL . -9.83 -12.55 -26.03
C11 LHG OL . -13.90 -15.97 -25.33
C12 LHG OL . -13.80 -15.01 -24.16
C13 LHG OL . -15.24 -14.49 -23.90
C14 LHG OL . -15.16 -13.45 -22.81
C15 LHG OL . -16.51 -12.88 -22.33
C16 LHG OL . -16.27 -11.79 -21.31
C17 LHG OL . -15.71 -12.31 -20.02
C18 LHG OL . -15.42 -11.21 -18.99
C19 LHG OL . -16.55 -10.24 -18.64
C20 LHG OL . -16.03 -9.35 -17.50
C21 LHG OL . -17.05 -8.36 -17.04
C22 LHG OL . -16.52 -7.29 -16.10
C25 LHG OL . -10.39 -11.26 -25.42
C26 LHG OL . -11.81 -11.12 -25.88
C27 LHG OL . -12.43 -9.91 -25.20
C28 LHG OL . -13.75 -9.54 -25.87
C29 LHG OL . -14.84 -10.37 -25.26
C30 LHG OL . -16.16 -9.96 -25.91
C31 LHG OL . -16.69 -8.58 -25.46
C32 LHG OL . -18.05 -8.51 -26.14
C33 LHG OL . -18.82 -7.23 -26.26
C34 LHG OL . -20.14 -7.68 -26.91
C35 LHG OL . -20.66 -6.64 -27.90
C36 LHG OL . -21.96 -7.15 -28.49
C37 LHG OL . -22.32 -6.22 -29.63
C38 LHG OL . -23.81 -6.29 -29.85
O1 LHG PL . -35.60 -32.25 -41.18
C1 LHG PL . -36.34 -31.40 -40.30
C2 LHG PL . -35.60 -30.13 -39.91
O2 LHG PL . -35.04 -29.46 -41.08
C3 LHG PL . -34.56 -30.46 -38.82
O3 LHG PL . -33.53 -31.29 -39.32
P LHG PL . -32.21 -30.65 -40.02
O4 LHG PL . -32.48 -29.52 -40.95
O5 LHG PL . -31.35 -31.81 -40.43
O6 LHG PL . -31.38 -30.10 -38.77
C4 LHG PL . -30.80 -31.05 -37.81
C5 LHG PL . -30.93 -30.50 -36.34
C6 LHG PL . -30.44 -29.04 -36.23
O7 LHG PL . -32.30 -30.50 -35.91
C7 LHG PL . -32.77 -31.74 -35.38
O9 LHG PL . -32.00 -32.64 -35.36
C8 LHG PL . -34.18 -31.73 -34.83
C9 LHG PL . -34.54 -32.99 -34.06
C10 LHG PL . -36.03 -32.90 -33.78
O8 LHG PL . -30.38 -28.72 -34.87
C23 LHG PL . -29.90 -27.44 -34.46
O10 LHG PL . -29.66 -26.60 -35.32
C24 LHG PL . -29.65 -27.25 -32.96
C11 LHG PL . -36.53 -34.06 -32.94
C12 LHG PL . -38.00 -33.79 -32.47
C13 LHG PL . -38.15 -33.37 -30.99
C14 LHG PL . -37.58 -34.45 -30.02
C15 LHG PL . -37.06 -34.02 -28.62
C16 LHG PL . -35.57 -34.25 -28.30
C17 LHG PL . -35.37 -35.22 -27.14
C18 LHG PL . -35.79 -34.62 -25.79
C19 LHG PL . -36.47 -35.64 -24.86
C20 LHG PL . -36.86 -35.00 -23.50
C21 LHG PL . -36.46 -35.85 -22.28
C22 LHG PL . -36.34 -35.06 -20.97
C25 LHG PL . -30.29 -25.99 -32.36
C26 LHG PL . -30.22 -25.85 -30.79
C27 LHG PL . -30.75 -27.07 -30.06
C28 LHG PL . -32.24 -27.32 -30.27
C29 LHG PL . -32.80 -28.50 -29.46
C30 LHG PL . -34.02 -29.16 -30.14
C31 LHG PL . -34.39 -30.47 -29.44
C32 LHG PL . -35.83 -30.88 -29.72
C33 LHG PL . -36.86 -30.50 -28.63
C1 LMG QL . -40.28 -46.78 -3.49
O1 LMG QL . -40.25 -46.94 -4.91
C2 LMG QL . -41.41 -45.87 -3.10
O2 LMG QL . -41.01 -44.65 -3.64
C3 LMG QL . -41.58 -45.76 -1.59
O3 LMG QL . -42.75 -45.01 -1.31
C4 LMG QL . -41.66 -47.17 -1.03
O4 LMG QL . -42.84 -47.73 -1.57
C5 LMG QL . -40.46 -48.05 -1.44
O5 LMG QL . -40.65 -49.60 0.40
C6 LMG QL . -40.60 -49.52 -1.04
O6 LMG QL . -40.32 -48.06 -2.84
C7 LMG QL . -39.13 -47.73 -5.37
C8 LMG QL . -38.20 -46.85 -6.21
C9 LMG QL . -37.11 -47.74 -6.78
O7 LMG QL . -38.90 -46.23 -7.29
C10 LMG QL . -38.95 -44.81 -7.38
O9 LMG QL . -38.31 -44.20 -6.57
C11 LMG QL . -39.71 -44.09 -8.49
C12 LMG QL . -39.02 -44.45 -9.81
C13 LMG QL . -37.54 -44.02 -9.90
C14 LMG QL . -37.02 -43.54 -11.27
C15 LMG QL . -35.48 -43.44 -11.34
C16 LMG QL . -34.99 -42.39 -12.33
C17 LMG QL . -33.47 -42.47 -12.46
C18 LMG QL . -32.80 -41.34 -13.27
C19 LMG QL . -31.41 -41.72 -13.85
C20 LMG QL . -30.25 -41.79 -12.85
C21 LMG QL . -28.91 -41.78 -13.58
O8 LMG QL . -36.20 -46.86 -7.46
C28 LMG QL . -35.19 -47.41 -8.32
O10 LMG QL . -35.03 -48.59 -8.26
C29 LMG QL . -34.35 -46.50 -9.19
C30 LMG QL . -32.96 -47.05 -9.52
C31 LMG QL . -32.05 -45.97 -10.15
C32 LMG QL . -31.22 -46.44 -11.33
C33 LMG QL . -30.18 -47.53 -11.09
C34 LMG QL . -29.56 -48.00 -12.45
C35 LMG QL . -28.51 -49.15 -12.32
C36 LMG QL . -27.50 -49.37 -13.47
C37 LMG QL . -27.27 -50.85 -13.86
C38 LMG QL . -28.48 -51.47 -14.59
C39 LMG QL . -28.12 -52.14 -15.94
C40 LMG QL . -29.29 -52.87 -16.62
C41 LMG QL . -28.90 -54.17 -17.39
C42 LMG QL . -28.62 -53.99 -18.89
C43 LMG QL . -27.43 -54.79 -19.40
C1 HTG RL . 9.32 -63.32 -17.12
S1 HTG RL . 8.66 -62.18 -15.87
C2 HTG RL . 10.53 -64.16 -16.60
O2 HTG RL . 11.33 -63.43 -15.70
C3 HTG RL . 11.39 -64.64 -17.79
O3 HTG RL . 12.56 -65.38 -17.38
C4 HTG RL . 10.55 -65.50 -18.72
O4 HTG RL . 11.14 -65.53 -20.03
C5 HTG RL . 9.08 -65.04 -18.85
O5 HTG RL . 8.48 -64.36 -17.70
C6 HTG RL . 8.27 -66.28 -19.23
O6 HTG RL . 8.85 -66.90 -20.39
C1' HTG RL . 7.34 -61.00 -16.14
C2' HTG RL . 6.97 -60.24 -14.83
C3' HTG RL . 5.92 -59.12 -14.96
C4' HTG RL . 5.08 -58.88 -13.67
C16 UNL SL . -2.80 -55.13 -6.72
C15 UNL SL . -2.72 -55.42 -8.24
C14 UNL SL . -4.02 -55.25 -9.09
C13 UNL SL . -4.00 -54.08 -10.07
C12 UNL SL . -3.62 -54.34 -11.54
C11 UNL SL . -3.10 -53.05 -12.18
C10 UNL SL . -2.65 -53.08 -13.65
C9 UNL SL . -2.75 -51.71 -14.33
C8 UNL SL . -1.60 -51.14 -15.18
C7 UNL SL . -2.11 -50.47 -16.47
C6 UNL SL . -1.10 -49.57 -17.19
C5 UNL SL . -1.31 -49.42 -18.70
C4 UNL SL . -0.91 -48.03 -19.13
C3 UNL SL . -0.24 -48.07 -20.47
C2 UNL SL . -0.07 -46.68 -21.08
C1 UNL SL . 0.79 -46.83 -22.34
S DMS TL . -35.95 -28.53 22.36
O DMS TL . -34.77 -29.70 21.80
C1 DMS TL . -36.73 -27.63 20.99
C2 DMS TL . -37.32 -29.56 22.94
S DMS UL . -23.21 -60.76 -6.25
O DMS UL . -23.71 -60.47 -4.55
C1 DMS UL . -24.15 -59.62 -7.32
C2 DMS UL . -21.45 -60.33 -6.54
C4 UNL VL . -29.28 -39.45 -36.29
C5 UNL VL . -29.79 -38.75 -34.98
C6 UNL VL . -28.66 -38.49 -33.94
C11 UNL VL . -35.37 -37.71 -31.23
C12 UNL VL . -36.86 -38.10 -31.16
C13 UNL VL . -37.26 -39.07 -30.03
C14 UNL VL . -38.38 -38.55 -29.12
C15 UNL VL . -38.59 -39.50 -27.94
O9 UNL VL . -31.64 -35.71 -34.60
C7 UNL VL . -31.51 -36.93 -34.55
C8 UNL VL . -32.45 -37.74 -33.69
C9 UNL VL . -33.51 -36.99 -32.87
C10 UNL VL . -34.71 -37.92 -32.60
C16 UNL VL . -39.94 -39.35 -27.20
C17 UNL VL . -40.36 -40.61 -26.41
C18 UNL VL . -41.74 -40.51 -25.75
C19 UNL VL . -42.69 -41.69 -26.11
C20 UNL VL . -42.34 -43.04 -25.49
C21 UNL VL . -43.52 -44.04 -25.44
C22 UNL VL . -43.37 -45.14 -24.41
O7 UNL VL . -30.47 -37.53 -35.41
O6 UNL VL . -28.37 -40.58 -36.09
O8 UNL VL . -28.99 -37.62 -32.84
C23 UNL VL . -29.16 -38.04 -31.42
O10 UNL VL . -28.36 -38.83 -30.91
C24 UNL VL . -30.30 -37.48 -30.57
C25 UNL VL . -29.94 -37.18 -29.10
C26 UNL VL . -31.12 -36.78 -28.20
C27 UNL VL . -31.11 -35.34 -27.63
C28 UNL VL . -30.64 -35.19 -26.17
C29 UNL VL . -31.66 -34.55 -25.20
C30 UNL VL . -31.22 -34.77 -23.74
C31 UNL VL . -32.25 -34.58 -22.61
C32 UNL VL . -31.99 -33.37 -21.70
C33 UNL VL . -31.45 -33.68 -20.33
C34 UNL VL . -30.58 -32.54 -19.79
C1 LHG WL . -21.41 -56.51 -32.56
C2 LHG WL . -22.52 -55.99 -31.63
C3 LHG WL . -23.73 -55.50 -32.43
O3 LHG WL . -24.94 -55.43 -31.62
P LHG WL . -26.31 -54.81 -32.26
O4 LHG WL . -26.05 -54.36 -33.69
O5 LHG WL . -27.45 -55.73 -32.01
O6 LHG WL . -26.64 -53.50 -31.37
C4 LHG WL . -25.77 -52.37 -31.33
C5 LHG WL . -26.27 -51.40 -30.27
C6 LHG WL . -27.41 -50.49 -30.78
O7 LHG WL . -26.72 -52.17 -29.16
C7 LHG WL . -25.88 -52.06 -27.98
O9 LHG WL . -24.64 -52.05 -28.11
C8 LHG WL . -26.63 -52.01 -26.66
C9 LHG WL . -25.80 -51.75 -25.41
C10 LHG WL . -25.44 -53.05 -24.68
O8 LHG WL . -27.00 -49.12 -30.71
C23 LHG WL . -27.43 -48.26 -29.62
O10 LHG WL . -28.52 -47.73 -29.73
C24 LHG WL . -26.56 -48.03 -28.37
C11 LHG WL . -24.17 -52.85 -23.84
C12 LHG WL . -23.76 -54.08 -23.01
C13 LHG WL . -22.33 -53.97 -22.45
C14 LHG WL . -22.33 -54.28 -20.96
C15 LHG WL . -20.96 -54.09 -20.33
C16 LHG WL . -20.70 -52.64 -19.95
C17 LHG WL . -19.22 -52.34 -19.81
C18 LHG WL . -18.85 -50.93 -20.26
C19 LHG WL . -17.33 -50.74 -20.18
C20 LHG WL . -16.89 -49.29 -20.08
C21 LHG WL . -15.65 -49.13 -19.20
C22 LHG WL . -16.03 -49.17 -17.74
C25 LHG WL . -26.71 -46.63 -27.75
C26 LHG WL . -26.58 -46.61 -26.22
C27 LHG WL . -26.53 -45.19 -25.66
C28 LHG WL . -26.46 -45.15 -24.13
C29 LHG WL . -25.02 -45.07 -23.65
C11 UNL XL . -30.84 -52.40 -35.24
C10 UNL XL . -31.39 -52.03 -33.85
C9 UNL XL . -30.46 -52.43 -32.69
C8 UNL XL . -31.04 -52.22 -31.25
C7 UNL XL . -31.07 -53.45 -30.29
C6 UNL XL . -30.18 -53.40 -29.02
C5 UNL XL . -30.87 -53.91 -27.73
C4 UNL XL . -29.96 -54.68 -26.75
C16 UNL YL . -40.80 -59.88 -14.74
C15 UNL YL . -41.49 -61.22 -14.40
C14 UNL YL . -42.78 -61.12 -13.53
C13 UNL YL . -43.25 -62.42 -12.81
C12 UNL YL . -44.65 -62.30 -12.15
C11 UNL YL . -44.79 -62.79 -10.68
C10 UNL YL . -44.92 -61.68 -9.58
C9 UNL YL . -45.55 -62.11 -8.22
C8 UNL YL . -44.55 -62.78 -7.30
C7 UNL YL . -45.14 -63.52 -6.08
C6 UNL YL . -44.14 -64.60 -5.57
C1 GOL ZL . -39.51 -74.50 -27.77
O1 GOL ZL . -40.68 -73.67 -27.95
C2 GOL ZL . -39.19 -74.99 -26.34
O2 GOL ZL . -40.31 -75.33 -25.46
C3 GOL ZL . -38.18 -76.14 -26.55
O3 GOL ZL . -37.69 -76.78 -25.38
S DMS AM . -41.34 -35.51 24.44
O DMS AM . -41.44 -35.59 22.64
C1 DMS AM . -42.95 -35.83 25.26
C2 DMS AM . -40.25 -36.89 24.98
CHA HEM BM . -27.64 -64.45 -23.31
CHB HEM BM . -28.19 -67.48 -19.66
CHC HEM BM . -30.26 -63.94 -17.05
CHD HEM BM . -30.06 -61.04 -20.95
C1A HEM BM . -27.76 -65.62 -22.62
C2A HEM BM . -27.43 -66.99 -23.10
C3A HEM BM . -27.57 -67.83 -22.07
C4A HEM BM . -27.97 -66.99 -20.93
CMA HEM BM . -27.41 -69.39 -22.02
CAA HEM BM . -27.10 -67.32 -24.56
CBA HEM BM . -28.40 -67.05 -25.40
CGA HEM BM . -28.34 -67.59 -26.84
O1A HEM BM . -28.65 -66.84 -27.81
O2A HEM BM . -27.98 -68.80 -27.02
C1B HEM BM . -28.75 -66.81 -18.63
C2B HEM BM . -28.99 -67.37 -17.32
C3B HEM BM . -29.56 -66.39 -16.59
C4B HEM BM . -29.68 -65.19 -17.42
CMB HEM BM . -28.65 -68.79 -16.89
CAB HEM BM . -30.06 -66.45 -15.13
CBB HEM BM . -29.48 -67.18 -14.17
C1C HEM BM . -30.45 -62.85 -17.93
C2C HEM BM . -31.17 -61.60 -17.64
C3C HEM BM . -31.11 -60.82 -18.72
C4C HEM BM . -30.33 -61.53 -19.71
CMC HEM BM . -31.84 -61.28 -16.29
CAC HEM BM . -31.65 -59.41 -19.02
CBC HEM BM . -32.83 -59.03 -18.57
C1D HEM BM . -29.23 -61.63 -21.86
C2D HEM BM . -28.59 -60.92 -22.95
C3D HEM BM . -27.81 -61.98 -23.71
C4D HEM BM . -28.07 -63.21 -22.96
CMD HEM BM . -28.68 -59.42 -23.25
CAD HEM BM . -26.84 -61.73 -24.91
CBD HEM BM . -25.40 -61.77 -24.29
CGD HEM BM . -24.16 -61.64 -25.20
O1D HEM BM . -23.16 -60.91 -24.86
O2D HEM BM . -24.13 -62.27 -26.28
NA HEM BM . -28.06 -65.66 -21.29
NB HEM BM . -29.14 -65.49 -18.66
NC HEM BM . -29.95 -62.74 -19.23
ND HEM BM . -28.92 -62.97 -21.89
FE HEM BM . -29.02 -64.22 -20.33
O1 LHG CM . -12.76 -62.98 -30.91
C1 LHG CM . -13.64 -62.53 -29.86
C2 LHG CM . -14.68 -63.63 -29.60
O2 LHG CM . -15.82 -63.33 -30.40
C3 LHG CM . -15.07 -63.65 -28.13
O3 LHG CM . -14.02 -64.05 -27.25
P LHG CM . -13.63 -63.35 -25.82
O4 LHG CM . -12.14 -63.21 -25.93
O5 LHG CM . -14.60 -62.21 -25.46
O6 LHG CM . -13.89 -64.60 -24.85
C4 LHG CM . -13.02 -65.74 -24.89
C5 LHG CM . -13.36 -66.59 -23.69
C6 LHG CM . -12.58 -67.93 -23.72
O7 LHG CM . -13.05 -65.76 -22.57
C7 LHG CM . -14.03 -65.56 -21.55
O9 LHG CM . -15.20 -65.82 -21.81
C8 LHG CM . -13.55 -65.00 -20.22
C9 LHG CM . -14.66 -64.34 -19.40
C10 LHG CM . -14.11 -63.38 -18.32
O8 LHG CM . -12.50 -68.60 -22.42
C23 LHG CM . -13.56 -69.39 -21.81
O10 LHG CM . -14.49 -69.72 -22.56
C24 LHG CM . -13.40 -69.76 -20.32
C11 LHG CM . -13.08 -64.04 -17.39
C12 LHG CM . -12.95 -63.31 -16.03
C13 LHG CM . -11.83 -63.82 -15.09
C14 LHG CM . -12.09 -63.54 -13.59
C15 LHG CM . -11.40 -64.51 -12.59
C16 LHG CM . -12.38 -65.13 -11.55
C17 LHG CM . -11.81 -65.39 -10.14
C18 LHG CM . -11.68 -64.15 -9.22
C19 LHG CM . -12.97 -63.50 -8.65
C20 LHG CM . -13.38 -64.04 -7.28
C21 LHG CM . -14.89 -63.83 -7.09
C25 LHG CM . -14.63 -69.49 -19.40
C26 LHG CM . -14.30 -69.01 -17.97
C27 LHG CM . -15.50 -68.39 -17.20
C28 LHG CM . -15.11 -67.88 -15.79
C29 LHG CM . -16.16 -66.96 -15.08
C30 LHG CM . -15.73 -65.48 -14.79
C31 LHG CM . -16.27 -64.79 -13.49
C32 LHG CM . -16.64 -63.29 -13.66
C33 LHG CM . -16.07 -62.27 -12.65
C34 LHG CM . -16.00 -60.83 -13.23
C35 LHG CM . -15.60 -59.70 -12.24
C36 LHG CM . -16.15 -58.31 -12.58
C1A DGD DM . -6.17 -41.70 7.32
C2A DGD DM . -6.71 -42.51 6.19
C3A DGD DM . -5.92 -42.30 4.90
C4A DGD DM . -6.56 -43.05 3.73
C5A DGD DM . -5.67 -43.08 2.51
C6A DGD DM . -6.33 -43.91 1.42
C7A DGD DM . -5.61 -43.89 0.08
C8A DGD DM . -6.49 -44.51 -1.04
C9A DGD DM . -5.93 -44.35 -2.46
CAA DGD DM . -6.78 -43.54 -3.49
CBA DGD DM . -5.84 -42.84 -4.47
CCA DGD DM . -6.30 -41.80 -5.49
CDA DGD DM . -5.04 -41.54 -6.34
CEA DGD DM . -4.79 -40.20 -7.02
CFA DGD DM . -4.05 -39.18 -6.15
CGA DGD DM . -4.60 -37.80 -6.38
O1A DGD DM . -5.30 -40.87 7.20
C1B DGD DM . -3.59 -42.07 9.07
C2B DGD DM . -2.38 -41.82 8.29
C3B DGD DM . -1.99 -40.34 8.44
C4B DGD DM . -0.71 -39.99 7.68
C5B DGD DM . -0.65 -40.34 6.22
C6B DGD DM . -1.83 -39.78 5.47
C7B DGD DM . -1.46 -39.64 4.02
C8B DGD DM . -2.69 -39.66 3.12
C9B DGD DM . -3.72 -38.57 3.46
CAB DGD DM . -3.46 -37.25 2.73
CBB DGD DM . -4.50 -36.22 3.12
CCB DGD DM . -4.23 -35.49 4.44
CDB DGD DM . -5.44 -34.65 4.77
CEB DGD DM . -5.22 -33.45 5.61
CFB DGD DM . -6.39 -32.53 5.32
CGB DGD DM . -6.06 -31.48 4.28
O1B DGD DM . -4.24 -43.13 8.94
O1G DGD DM . -6.70 -41.80 8.63
C1G DGD DM . -6.45 -40.75 9.59
C2G DGD DM . -5.33 -41.26 10.50
O2G DGD DM . -4.05 -40.99 9.93
C3G DGD DM . -5.31 -40.73 11.90
O3G DGD DM . -6.47 -41.19 12.57
C1D DGD DM . -7.14 -40.03 13.17
C2D DGD DM . -8.46 -40.50 13.69
O2D DGD DM . -9.14 -40.92 12.55
C3D DGD DM . -9.22 -39.33 14.33
O3D DGD DM . -10.49 -39.70 14.92
C4D DGD DM . -8.39 -38.73 15.45
O4D DGD DM . -8.26 -39.74 16.47
C5D DGD DM . -7.06 -38.26 14.92
O5D DGD DM . -5.65 -38.69 16.84
C6D DGD DM . -6.20 -37.64 16.03
O6D DGD DM . -6.40 -39.32 14.20
C1E DGD DM . -4.49 -38.36 17.67
C2E DGD DM . -4.04 -39.60 18.46
O2E DGD DM . -3.82 -40.80 17.66
C3E DGD DM . -5.12 -39.94 19.49
O3E DGD DM . -4.87 -41.18 20.15
C4E DGD DM . -5.31 -38.72 20.42
O4E DGD DM . -4.06 -38.38 21.08
C5E DGD DM . -5.86 -37.59 19.51
O6E DGD DM . -4.80 -37.27 18.59
C6E DGD DM . -6.41 -36.34 20.18
O5E DGD DM . -5.44 -35.90 21.09
C1 RRX EM . 9.77 -48.53 -5.81
C2 RRX EM . 9.68 -48.22 -7.27
O2 RRX EM . 4.16 -60.30 18.25
C3 RRX EM . 9.55 -49.52 -8.12
C40 RRX EM . 5.93 -61.45 14.26
C30 RRX EM . 4.49 -61.10 14.60
C39 RRX EM . 3.59 -62.11 13.90
C29 RRX EM . 4.29 -61.29 16.10
C28 RRX EM . 4.74 -60.11 16.96
C27 RRX EM . 4.26 -58.74 16.48
C26 RRX EM . 4.07 -58.61 14.99
C38 RRX EM . 3.76 -57.19 14.58
C25 RRX EM . 4.16 -59.65 14.13
C24 RRX EM . 4.11 -59.45 12.66
C23 RRX EM . 4.84 -58.50 12.02
C22 RRX EM . 4.90 -58.39 10.53
C37 RRX EM . 3.95 -59.18 9.65
C21 RRX EM . 5.80 -57.57 9.94
C20 RRX EM . 5.96 -57.41 8.47
C19 RRX EM . 6.84 -56.53 7.97
C18 RRX EM . 7.04 -56.32 6.53
C36 RRX EM . 6.17 -57.08 5.54
C17 RRX EM . 8.06 -55.49 6.19
C16 RRX EM . 8.41 -55.15 4.81
C15 RRX EM . 9.32 -54.18 4.53
C14 RRX EM . 9.58 -53.89 3.09
C13 RRX EM . 10.32 -52.88 2.61
C35 RRX EM . 11.05 -51.94 3.53
C12 RRX EM . 10.45 -52.75 1.13
C11 RRX EM . 11.02 -51.74 0.45
C10 RRX EM . 11.01 -51.74 -1.02
C9 RRX EM . 11.23 -50.65 -1.76
C34 RRX EM . 11.70 -49.35 -1.14
C8 RRX EM . 11.01 -50.80 -3.23
C7 RRX EM . 11.07 -49.71 -3.99
C6 RRX EM . 10.74 -49.64 -5.43
C32 RRX EM . 10.14 -47.28 -5.05
C31 RRX EM . 8.36 -49.00 -5.38
C5 RRX EM . 11.09 -50.56 -6.32
C33 RRX EM . 12.04 -51.69 -5.95
C4 RRX EM . 10.65 -50.53 -7.78
C15 UNL FM . 34.37 -39.50 -7.78
C14 UNL FM . 34.55 -41.01 -8.05
C13 UNL FM . 34.92 -41.45 -9.49
C12 UNL FM . 35.23 -42.95 -9.59
C11 UNL FM . 35.18 -43.55 -11.01
C10 UNL FM . 35.87 -44.93 -11.13
C9 UNL FM . 35.01 -46.05 -11.80
C8 UNL FM . 35.64 -47.45 -11.86
S DMS GM . 18.27 -55.36 1.07
O DMS GM . 16.67 -54.69 0.61
C1 DMS GM . 18.33 -55.68 2.87
C2 DMS GM . 18.48 -57.03 0.34
C16 UNL HM . -34.26 10.61 -32.36
C15 UNL HM . -35.39 11.60 -32.03
C14 UNL HM . -35.19 12.30 -30.66
C13 UNL HM . -36.17 13.47 -30.39
C12 UNL HM . -36.25 14.00 -28.93
C11 UNL HM . -37.45 14.95 -28.77
C10 UNL HM . -37.39 15.89 -27.58
C9 UNL HM . -38.53 16.91 -27.54
C8 UNL HM . -38.97 17.26 -26.11
C7 UNL HM . -40.25 18.12 -26.05
C6 UNL HM . -40.31 19.07 -24.87
C5 UNL HM . -41.74 19.47 -24.49
C4 UNL HM . -41.75 20.77 -23.70
C3 UNL HM . -43.11 21.03 -23.05
C2 UNL HM . -43.29 20.37 -21.68
C1 UNL HM . -44.71 20.48 -21.14
C14 UNL IM . -31.33 9.28 -30.55
C13 UNL IM . -31.35 8.92 -29.07
C12 UNL IM . -31.08 10.09 -28.08
C11 UNL IM . -32.12 11.21 -28.04
C10 UNL IM . -31.91 12.27 -26.94
C9 UNL IM . -32.73 13.54 -27.23
C8 UNL IM . -32.48 14.69 -26.23
C7 UNL IM . -33.17 16.01 -26.58
C6 UNL IM . -33.19 17.02 -25.43
C5 UNL IM . -34.61 17.46 -25.04
C4 UNL IM . -34.66 18.72 -24.19
C3 UNL IM . -35.67 19.76 -24.70
C2 UNL IM . -36.14 20.71 -23.59
C1 UNL IM . -36.89 21.93 -24.09
C16 UNL JM . -29.14 10.23 -21.51
C15 UNL JM . -29.58 9.86 -20.10
C14 UNL JM . -30.96 10.36 -19.69
C13 UNL JM . -31.15 10.23 -18.19
C12 UNL JM . -32.39 10.93 -17.70
C11 UNL JM . -32.16 11.66 -16.39
C10 UNL JM . -33.46 12.30 -15.88
C9 UNL JM . -33.33 13.76 -15.43
C8 UNL JM . -34.68 14.32 -14.90
C7 UNL JM . -34.66 15.23 -13.66
C6 UNL JM . -35.76 16.31 -13.57
C5 UNL JM . -36.13 16.66 -12.14
C4 UNL JM . -37.31 17.61 -11.92
C3 UNL JM . -38.06 17.36 -10.60
C2 UNL JM . -39.28 18.28 -10.36
C1 UNL JM . -40.41 18.07 -11.36
C14 UNL KM . -30.68 13.47 -23.85
C13 UNL KM . -31.44 13.17 -22.55
C12 UNL KM . -32.54 14.20 -22.27
C11 UNL KM . -33.33 13.95 -20.99
C10 UNL KM . -34.45 14.97 -20.84
C9 UNL KM . -34.28 15.77 -19.58
C8 UNL KM . -35.54 16.59 -19.31
C7 UNL KM . -35.27 17.65 -18.24
C6 UNL KM . -36.53 18.40 -17.85
C5 UNL KM . -36.26 19.54 -16.88
C4 UNL KM . -37.54 20.23 -16.39
C3 UNL KM . -37.74 21.64 -16.96
C2 UNL KM . -39.22 22.04 -16.97
C1 UNL KM . -39.87 21.84 -15.62
MG MG LM . -44.88 -47.71 -0.18
O1B LMT MM . -55.06 -44.45 -1.70
C1' LMT MM . -52.92 -44.11 -5.44
C2' LMT MM . -53.65 -42.93 -4.79
C3' LMT MM . -53.79 -43.08 -3.27
C4' LMT MM . -54.74 -44.27 -3.08
C5' LMT MM . -54.00 -45.49 -3.69
C6' LMT MM . -54.74 -46.81 -3.40
O1' LMT MM . -52.71 -43.79 -6.83
O3' LMT MM . -54.15 -41.85 -2.60
O5' LMT MM . -53.71 -45.28 -5.12
O6' LMT MM . -54.15 -47.44 -2.25
C1 LMT MM . -51.57 -44.41 -7.48
C2 LMT MM . -51.25 -43.90 -8.90
C3 LMT MM . -50.50 -44.88 -9.82
C4 LMT MM . -49.70 -44.22 -10.95
C5 LMT MM . -49.07 -45.19 -11.97
C6 LMT MM . -48.91 -44.57 -13.38
C7 LMT MM . -47.87 -45.18 -14.39
C8 LMT MM . -46.58 -44.32 -14.63
C9 LMT MM . -45.82 -44.59 -15.94
C10 LMT MM . -44.28 -44.57 -15.81
C11 LMT MM . -43.52 -44.05 -17.06
C12 LMT MM . -42.07 -44.51 -17.23
C4 UNL NM . -45.45 -62.96 -37.57
C5 UNL NM . -44.83 -61.86 -38.46
C6 UNL NM . -45.40 -61.89 -39.90
C11 UNL NM . -40.04 -57.33 -40.15
C12 UNL NM . -39.93 -55.90 -39.59
C13 UNL NM . -39.20 -54.96 -40.56
C14 UNL NM . -38.63 -53.77 -39.80
C15 UNL NM . -37.17 -53.92 -39.34
O9 UNL NM . -44.77 -58.34 -38.17
C7 UNL NM . -44.25 -59.44 -38.25
C8 UNL NM . -42.79 -59.54 -38.76
C9 UNL NM . -42.00 -58.23 -38.68
C10 UNL NM . -40.52 -58.37 -39.11
C16 UNL NM . -36.90 -53.24 -37.99
C17 UNL NM . -35.57 -52.46 -37.87
C18 UNL NM . -35.55 -51.40 -36.74
C19 UNL NM . -36.38 -51.67 -35.46
C20 UNL NM . -35.99 -50.74 -34.28
C21 UNL NM . -36.61 -51.06 -32.91
C22 UNL NM . -35.73 -50.72 -31.70
O7 UNL NM . -45.08 -60.58 -37.83
O6 UNL NM . -44.88 -63.05 -36.25
O8 UNL NM . -45.05 -60.75 -40.71
C23 UNL NM . -44.78 -60.79 -42.18
O10 UNL NM . -45.60 -61.32 -42.93
C24 UNL NM . -43.52 -60.19 -42.82
C25 UNL NM . -43.74 -58.73 -43.30
C26 UNL NM . -43.15 -57.65 -42.37
C27 UNL NM . -44.08 -56.47 -42.00
C28 UNL NM . -43.37 -55.09 -41.96
C29 UNL NM . -44.33 -53.90 -42.09
C30 UNL NM . -44.35 -53.19 -43.48
C31 UNL NM . -45.72 -52.66 -43.91
C16 UNL OM . -49.98 -49.69 -15.57
C15 UNL OM . -50.15 -49.39 -14.09
C14 UNL OM . -49.63 -50.52 -13.19
C13 UNL OM . -49.76 -50.18 -11.69
C12 UNL OM . -49.69 -51.40 -10.75
C11 UNL OM . -50.79 -51.32 -9.69
C10 UNL OM . -50.98 -52.51 -8.74
C9 UNL OM . -52.06 -52.14 -7.71
C8 UNL OM . -52.27 -53.16 -6.58
C7 UNL OM . -53.35 -52.65 -5.61
C6 UNL OM . -53.50 -53.48 -4.33
C5 UNL OM . -54.69 -53.03 -3.47
C4 UNL OM . -55.17 -54.14 -2.52
C3 UNL OM . -54.44 -54.17 -1.16
C2 UNL OM . -53.25 -55.14 -1.12
C1 UNL OM . -52.63 -55.19 0.26
C1 BCR PM . -69.60 -44.60 -20.34
C2 BCR PM . -70.28 -44.11 -19.07
C3 BCR PM . -70.97 -42.76 -19.29
C4 BCR PM . -72.04 -42.84 -20.37
C5 BCR PM . -71.45 -43.44 -21.64
C6 BCR PM . -70.38 -44.29 -21.61
C7 BCR PM . -69.79 -44.87 -22.84
C8 BCR PM . -69.39 -44.11 -23.88
C9 BCR PM . -68.68 -44.68 -25.05
C10 BCR PM . -67.96 -43.82 -25.82
C11 BCR PM . -67.03 -44.19 -26.91
C33 BCR PM . -72.21 -43.11 -22.89
C31 BCR PM . -69.27 -46.09 -20.14
C32 BCR PM . -68.26 -43.84 -20.45
C34 BCR PM . -68.65 -46.19 -25.21
C12 BCR PM . -66.19 -43.31 -27.47
C13 BCR PM . -65.15 -43.64 -28.53
C14 BCR PM . -64.32 -42.68 -28.93
C15 BCR PM . -63.21 -42.84 -29.87
C16 BCR PM . -62.41 -41.81 -30.21
C17 BCR PM . -61.27 -42.03 -31.15
C18 BCR PM . -60.32 -41.16 -31.53
C19 BCR PM . -59.26 -41.61 -32.49
C20 BCR PM . -58.24 -40.84 -32.87
C21 BCR PM . -57.14 -41.37 -33.73
C22 BCR PM . -55.89 -40.82 -33.82
C23 BCR PM . -54.87 -41.50 -34.66
C24 BCR PM . -53.64 -41.02 -34.85
C25 BCR PM . -52.61 -41.71 -35.67
C26 BCR PM . -52.74 -41.65 -37.02
C27 BCR PM . -51.75 -42.28 -37.94
C28 BCR PM . -50.82 -43.28 -37.19
C29 BCR PM . -50.28 -42.71 -35.85
C30 BCR PM . -51.44 -42.39 -34.92
C35 BCR PM . -64.92 -45.03 -29.05
C36 BCR PM . -60.28 -39.77 -30.99
C37 BCR PM . -55.49 -39.53 -33.13
C38 BCR PM . -53.89 -40.93 -37.72
C39 BCR PM . -50.92 -41.49 -33.82
C40 BCR PM . -51.87 -43.65 -34.20
MG MG QM . -63.47 -45.80 -9.15
O1B LMT RM . 0.42 -3.71 -38.30
C1' LMT RM . -1.95 -3.30 -34.84
C2' LMT RM . -2.62 -2.92 -36.17
C3' LMT RM . -1.80 -3.36 -37.39
C4' LMT RM . -0.28 -3.12 -37.20
C5' LMT RM . 0.21 -3.67 -35.85
C6' LMT RM . 1.72 -3.56 -35.55
O1' LMT RM . -2.61 -2.73 -33.68
O2' LMT RM . -3.93 -3.50 -36.27
O3' LMT RM . -2.27 -2.70 -38.58
O5' LMT RM . -0.54 -2.97 -34.84
O6' LMT RM . 2.06 -4.16 -34.29
C1 LMT RM . -1.99 -3.08 -32.42
C2 LMT RM . -3.03 -3.30 -31.33
C3 LMT RM . -2.41 -3.89 -30.09
C4 LMT RM . -3.20 -3.51 -28.82
C5 LMT RM . -2.62 -4.26 -27.62
C6 LMT RM . -2.69 -3.48 -26.32
C7 LMT RM . -4.06 -3.45 -25.70
C8 LMT RM . -4.00 -3.88 -24.24
C9 LMT RM . -5.34 -3.59 -23.55
C10 LMT RM . -5.40 -2.23 -22.88
C11 LMT RM . -6.08 -2.28 -21.53
C12 LMT RM . -5.25 -3.03 -20.52
C1B LMT SM . 8.87 -3.92 -37.33
C2B LMT SM . 8.53 -5.21 -38.14
C3B LMT SM . 9.47 -6.42 -37.93
C4B LMT SM . 10.93 -5.98 -38.10
C5B LMT SM . 11.17 -4.78 -37.14
C6B LMT SM . 12.64 -4.32 -37.11
O1B LMT SM . 8.59 -4.06 -35.90
O2B LMT SM . 7.25 -5.72 -37.81
O3B LMT SM . 9.17 -7.55 -38.77
O4' LMT SM . 11.84 -7.10 -37.87
O5B LMT SM . 10.27 -3.68 -37.48
O6B LMT SM . 13.06 -3.88 -38.40
C1' LMT SM . 7.28 -2.38 -32.29
C2' LMT SM . 6.18 -2.82 -33.25
C3' LMT SM . 6.71 -3.60 -34.50
C4' LMT SM . 7.99 -3.04 -35.09
C5' LMT SM . 8.91 -2.76 -33.87
C6' LMT SM . 10.34 -2.32 -34.11
O1' LMT SM . 6.86 -1.38 -31.39
O2' LMT SM . 5.23 -3.65 -32.56
O3' LMT SM . 5.65 -3.68 -35.48
O5' LMT SM . 8.31 -1.76 -33.04
O6' LMT SM . 10.74 -1.64 -32.93
C1 LMT SM . 7.47 -1.32 -30.09
C2 LMT SM . 6.26 -1.13 -29.13
C3 LMT SM . 6.62 -0.29 -27.93
C4 LMT SM . 5.51 -0.34 -26.90
C5 LMT SM . 5.90 0.20 -25.55
C6 LMT SM . 4.80 -0.12 -24.55
C7 LMT SM . 5.18 0.27 -23.13
C8 LMT SM . 4.25 -0.24 -22.02
C9 LMT SM . 4.84 0.14 -20.64
C10 LMT SM . 3.86 0.32 -19.49
C11 LMT SM . 3.79 -0.74 -18.36
C12 LMT SM . 2.53 -0.68 -17.49
O1B LMT TM . -14.61 8.49 4.66
O2B LMT TM . -11.95 3.95 6.95
C1' LMT TM . -13.78 7.97 0.47
C2' LMT TM . -13.36 6.87 1.43
C3' LMT TM . -14.23 7.00 2.70
C4' LMT TM . -13.94 8.36 3.37
C5' LMT TM . -14.24 9.51 2.36
C6' LMT TM . -13.75 10.89 2.87
O1' LMT TM . -12.97 7.85 -0.72
O2' LMT TM . -13.42 5.63 0.72
O3' LMT TM . -13.99 5.98 3.67
O5' LMT TM . -13.59 9.25 1.09
O6' LMT TM . -14.77 11.88 3.05
C1 LMT TM . -13.66 7.34 -1.86
C2 LMT TM . -13.08 7.97 -3.12
C3 LMT TM . -13.38 7.17 -4.38
C4 LMT TM . -13.98 7.96 -5.53
C5 LMT TM . -13.45 7.55 -6.87
C6 LMT TM . -14.27 8.10 -8.04
C7 LMT TM . -13.98 7.36 -9.35
C8 LMT TM . -13.31 8.24 -10.42
C9 LMT TM . -13.02 7.55 -11.77
C10 LMT TM . -11.68 6.79 -11.71
C11 LMT TM . -11.49 5.82 -12.89
C12 LMT TM . -10.49 4.75 -12.51
O1B LMT UM . 0.94 -1.49 10.78
C1' LMT UM . 2.14 -4.50 8.19
C2' LMT UM . 0.74 -3.94 7.91
C3' LMT UM . 0.23 -2.89 8.91
C4' LMT UM . 0.86 -2.86 10.33
C5' LMT UM . 2.23 -3.57 10.45
C6' LMT UM . 2.63 -3.93 11.92
O1' LMT UM . 2.29 -5.71 7.42
O3' LMT UM . -1.18 -3.09 9.10
O5' LMT UM . 2.31 -4.75 9.60
O6' LMT UM . 1.58 -4.35 12.84
C1 LMT UM . 3.53 -6.41 7.56
C2 LMT UM . 3.87 -7.23 6.31
C3 LMT UM . 5.13 -6.66 5.63
C4 LMT UM . 5.40 -7.20 4.20
C5 LMT UM . 5.84 -6.08 3.22
C6 LMT UM . 6.44 -6.63 1.94
C7 LMT UM . 6.53 -5.64 0.78
C8 LMT UM . 7.86 -5.60 0.02
C9 LMT UM . 7.73 -5.05 -1.43
C10 LMT UM . 9.06 -4.54 -2.07
C11 LMT UM . 8.84 -4.01 -3.49
C12 LMT UM . 9.31 -2.60 -3.74
C1 HTG VM . -23.69 13.07 -5.15
S1 HTG VM . -24.43 13.31 -6.80
C2 HTG VM . -22.96 14.33 -4.55
O2 HTG VM . -21.84 14.78 -5.29
C3 HTG VM . -22.46 14.17 -3.10
O3 HTG VM . -22.10 15.45 -2.56
C4 HTG VM . -23.58 13.65 -2.20
O4 HTG VM . -23.02 13.52 -0.89
C5 HTG VM . -24.24 12.38 -2.78
O5 HTG VM . -24.68 12.59 -4.17
C6 HTG VM . -25.45 11.93 -1.93
O6 HTG VM . -26.66 12.71 -2.19
C1' HTG VM . -25.03 11.81 -7.39
C2' HTG VM . -23.84 11.01 -7.89
C3' HTG VM . -23.52 11.53 -9.29
C4' HTG VM . -22.89 10.45 -10.12
C5' HTG VM . -22.89 10.79 -11.59
C6' HTG VM . -21.61 11.39 -12.09
C7' HTG VM . -21.54 11.31 -13.60
CA CA WM . -57.28 31.23 12.82
S DMS XM . -29.27 4.14 4.62
O DMS XM . -30.79 4.81 4.16
C1 DMS XM . -28.67 5.44 5.73
C2 DMS XM . -29.57 2.87 5.87
S DMS YM . -43.99 17.54 0.25
O DMS YM . -42.32 17.97 0.69
C1 DMS YM . -44.07 16.40 -1.17
C2 DMS YM . -44.37 16.56 1.70
S DMS ZM . -72.97 18.56 13.86
O DMS ZM . -73.39 19.20 15.48
C1 DMS ZM . -72.60 16.77 13.99
C2 DMS ZM . -74.41 18.55 12.74
S DMS AN . -19.97 2.75 23.12
O DMS AN . -21.18 4.03 23.42
C1 DMS AN . -18.67 3.55 22.16
C2 DMS AN . -19.25 2.66 24.79
S DMS BN . -36.40 6.94 27.72
O DMS BN . -38.03 6.19 27.85
C1 DMS BN . -35.24 5.58 27.30
C2 DMS BN . -36.19 8.15 26.35
S DMS CN . -49.31 13.82 26.35
O DMS CN . -47.62 13.54 26.95
C1 DMS CN . -50.32 12.43 26.98
C2 DMS CN . -50.03 15.22 27.26
S DMS DN . -45.42 24.58 18.20
O DMS DN . -46.03 25.58 16.84
C1 DMS DN . -46.66 24.16 19.47
C2 DMS DN . -44.94 23.03 17.39
S DMS EN . -27.54 18.04 10.79
O DMS EN . -29.31 17.92 11.23
C1 DMS EN . -26.90 16.39 10.31
C2 DMS EN . -27.23 19.07 9.32
S DMS FN . -24.98 20.03 4.27
O DMS FN . -25.45 19.67 5.98
C1 DMS FN . -24.46 18.50 3.45
C2 DMS FN . -26.46 20.58 3.41
C1 BCR GN . -17.48 -2.31 -27.30
C2 BCR GN . -18.62 -3.19 -27.84
C3 BCR GN . -18.94 -2.95 -29.29
C4 BCR GN . -19.47 -1.54 -29.43
C5 BCR GN . -18.44 -0.56 -28.87
C6 BCR GN . -17.54 -0.91 -27.90
C7 BCR GN . -16.65 0.20 -27.44
C8 BCR GN . -16.02 0.27 -26.27
C9 BCR GN . -15.17 1.42 -25.90
C10 BCR GN . -14.50 1.29 -24.74
C11 BCR GN . -13.63 2.31 -24.17
C33 BCR GN . -18.50 0.83 -29.49
C31 BCR GN . -16.15 -2.94 -27.61
C32 BCR GN . -17.63 -2.41 -25.77
C34 BCR GN . -15.11 2.64 -26.81
C12 BCR GN . -13.14 2.17 -22.93
C13 BCR GN . -12.29 3.21 -22.31
C14 BCR GN . -11.82 2.81 -21.11
C15 BCR GN . -11.32 3.72 -20.09
C16 BCR GN . -10.30 3.38 -19.26
C17 BCR GN . -9.85 4.33 -18.25
C18 BCR GN . -8.88 4.18 -17.33
C19 BCR GN . -8.72 5.33 -16.40
C20 BCR GN . -8.02 5.25 -15.25
C21 BCR GN . -8.03 6.37 -14.35
C22 BCR GN . -7.42 6.44 -13.14
C23 BCR GN . -7.69 7.75 -12.44
C24 BCR GN . -7.20 8.04 -11.23
C25 BCR GN . -7.55 9.32 -10.57
C26 BCR GN . -7.35 10.51 -11.17
C27 BCR GN . -7.64 11.81 -10.51
C28 BCR GN . -8.74 11.56 -9.50
C29 BCR GN . -8.18 10.56 -8.52
C30 BCR GN . -8.10 9.19 -9.14
C35 BCR GN . -11.37 4.08 -23.20
C36 BCR GN . -8.10 2.91 -17.13
C37 BCR GN . -6.58 5.33 -12.50
C38 BCR GN . -6.69 10.63 -12.49
C39 BCR GN . -9.45 8.50 -9.12
C40 BCR GN . -7.15 8.39 -8.24
O1B LMT HN . -7.35 7.34 3.83
C1' LMT HN . -6.97 8.23 -0.38
C2' LMT HN . -8.35 7.82 0.23
C3' LMT HN . -8.36 8.16 1.72
C4' LMT HN . -7.26 7.31 2.39
C5' LMT HN . -5.87 7.80 1.92
C6' LMT HN . -4.75 6.82 2.35
O1' LMT HN . -6.82 7.58 -1.68
O2' LMT HN . -9.52 8.42 -0.40
O3' LMT HN . -9.71 8.00 2.23
O5' LMT HN . -5.79 8.00 0.48
O6' LMT HN . -3.48 7.47 2.63
C1 LMT HN . -5.70 8.04 -2.46
C2 LMT HN . -5.74 7.45 -3.87
C3 LMT HN . -4.99 6.13 -4.03
C4 LMT HN . -4.94 5.73 -5.49
C5 LMT HN . -4.87 4.23 -5.73
C6 LMT HN . -4.96 3.87 -7.22
C7 LMT HN . -4.07 2.69 -7.68
C8 LMT HN . -4.86 1.70 -8.55
C9 LMT HN . -3.93 0.69 -9.24
C10 LMT HN . -4.28 -0.79 -8.98
C11 LMT HN . -4.06 -1.76 -10.16
C12 LMT HN . -2.82 -1.50 -11.05
C16 UNL IN . -15.20 7.44 -14.53
C15 UNL IN . -14.98 6.07 -15.14
C14 UNL IN . -16.27 5.26 -15.24
C13 UNL IN . -16.03 3.75 -15.42
C12 UNL IN . -15.27 3.42 -16.71
C11 UNL IN . -15.84 2.22 -17.45
C10 UNL IN . -15.94 2.38 -18.97
C9 UNL IN . -17.25 3.02 -19.47
C8 UNL IN . -18.56 2.41 -18.92
C7 UNL IN . -19.71 2.35 -19.94
C6 UNL IN . -19.66 1.03 -20.73
C5 UNL IN . -20.25 1.20 -22.12
C4 UNL IN . -19.22 1.64 -23.17
C3 UNL IN . -19.86 1.60 -24.58
C2 UNL IN . -19.62 2.87 -25.42
C1 UNL IN . -20.43 2.89 -26.71
C13 UNL JN . -50.79 3.25 38.43
C12 UNL JN . -49.47 2.68 37.86
C11 UNL JN . -49.16 1.24 38.33
C10 UNL JN . -47.69 0.69 38.33
C9 UNL JN . -47.39 -0.60 39.20
C8 UNL JN . -46.14 -0.57 40.08
C7 UNL JN . -45.81 -1.96 40.59
C6 UNL JN . -44.64 -2.02 41.61
C5 UNL JN . -44.00 -3.46 41.79
C4 UNL JN . -42.47 -3.73 41.86
C3 UNL JN . -41.56 -2.67 41.20
C2 UNL JN . -41.93 -2.46 39.73
C1 UNL JN . -40.76 -2.27 38.79
S DMS KN . -52.42 -1.90 27.72
O DMS KN . -51.40 -2.69 28.98
C1 DMS KN . -53.14 -0.28 28.25
C2 DMS KN . -51.45 -1.62 26.20
S DMS LN . -55.52 1.48 39.69
O DMS LN . -54.56 0.10 40.26
C1 DMS LN . -56.72 0.91 38.43
C2 DMS LN . -56.44 2.22 41.09
S DMS MN . -49.55 2.92 25.29
O DMS MN . -50.97 3.39 24.27
C1 DMS MN . -48.44 1.90 24.32
C2 DMS MN . -48.48 4.32 25.77
CL CL NN . -47.13 -23.69 24.66
FE HEC ON . -60.46 -26.05 15.21
CHA HEC ON . -59.92 -24.47 18.16
CHB HEC ON . -60.82 -29.10 16.94
CHC HEC ON . -61.35 -27.56 12.38
CHD HEC ON . -59.55 -23.13 13.43
NA HEC ON . -60.39 -26.72 17.20
C1A HEC ON . -60.16 -25.85 18.25
C2A HEC ON . -60.11 -26.65 19.48
C3A HEC ON . -60.37 -27.94 19.14
C4A HEC ON . -60.54 -27.99 17.70
CMA HEC ON . -60.42 -29.19 20.07
CAA HEC ON . -59.86 -26.07 20.88
CBA HEC ON . -58.36 -26.13 21.17
CGA HEC ON . -58.00 -25.89 22.62
O1A HEC ON . -58.86 -25.67 23.47
O2A HEC ON . -56.80 -26.02 22.99
NB HEC ON . -61.00 -27.94 14.79
C1B HEC ON . -61.09 -29.05 15.59
C2B HEC ON . -61.58 -30.16 14.77
C3B HEC ON . -61.75 -29.73 13.51
C4B HEC ON . -61.38 -28.34 13.50
CMB HEC ON . -61.86 -31.56 15.31
CAB HEC ON . -62.32 -30.53 12.27
CBB HEC ON . -63.58 -31.05 12.47
NC HEC ON . -60.46 -25.45 13.30
C1C HEC ON . -60.83 -26.27 12.24
C2C HEC ON . -60.61 -25.57 11.00
C3C HEC ON . -60.12 -24.34 11.29
C4C HEC ON . -60.01 -24.24 12.74
CMC HEC ON . -60.92 -26.20 9.61
CAC HEC ON . -59.75 -23.11 10.39
CBC HEC ON . -60.62 -22.68 9.49
ND HEC ON . -59.79 -24.11 15.68
C1D HEC ON . -59.59 -23.04 14.81
C2D HEC ON . -59.46 -21.84 15.59
C3D HEC ON . -59.59 -22.28 17.02
C4D HEC ON . -59.77 -23.69 17.02
CMD HEC ON . -59.26 -20.42 15.08
CAD HEC ON . -59.56 -21.36 18.21
CBD HEC ON . -61.00 -20.84 18.37
CGD HEC ON . -61.06 -20.00 19.63
O1D HEC ON . -60.71 -20.51 20.76
O2D HEC ON . -61.40 -18.82 19.45
S DMS PN . -58.64 -36.70 32.61
O DMS PN . -58.71 -38.48 32.62
C1 DMS PN . -60.04 -36.15 31.60
C2 DMS PN . -59.17 -35.95 34.19
S DMS QN . -50.30 -54.96 18.23
O DMS QN . -50.55 -53.38 17.41
C1 DMS QN . -48.76 -55.75 17.62
C2 DMS QN . -50.01 -54.82 20.03
S DMS RN . -65.58 -22.31 3.87
O DMS RN . -65.66 -23.19 5.43
C1 DMS RN . -67.09 -22.81 3.04
C2 DMS RN . -65.97 -20.57 4.02
S DMS SN . -50.76 -48.65 10.14
O DMS SN . -50.81 -48.42 11.91
C1 DMS SN . -51.66 -50.14 9.60
C2 DMS SN . -51.69 -47.38 9.20
S DMS TN . -48.93 -20.19 23.92
O DMS TN . -49.10 -21.47 22.61
C1 DMS TN . -50.12 -18.89 23.63
C2 DMS TN . -49.48 -20.65 25.61
C1 HTG UN . -68.52 -34.62 30.59
S1 HTG UN . -69.30 -35.94 31.56
C2 HTG UN . -67.02 -34.83 30.31
O2 HTG UN . -66.34 -35.51 31.35
C3 HTG UN . -66.43 -33.43 30.11
O3 HTG UN . -65.01 -33.35 30.15
C4 HTG UN . -67.00 -32.89 28.80
O4 HTG UN . -66.65 -31.48 28.77
C5 HTG UN . -68.53 -33.06 28.72
O5 HTG UN . -68.95 -34.35 29.23
C6 HTG UN . -69.07 -32.85 27.34
O6 HTG UN . -69.89 -31.69 27.25
C1' HTG UN . -71.06 -35.92 31.70
C2' HTG UN . -71.60 -34.88 32.68
C3' HTG UN . -72.53 -33.90 31.97
C4' HTG UN . -71.78 -33.03 30.97
CA CA VN . -49.26 -52.96 13.58
C1 BCR WN . -63.63 -47.91 -25.24
C2 BCR WN . -65.07 -48.00 -24.72
C3 BCR WN . -65.27 -47.12 -23.49
C4 BCR WN . -65.28 -45.71 -23.98
C5 BCR WN . -64.08 -45.46 -24.86
C6 BCR WN . -63.28 -46.43 -25.43
C7 BCR WN . -62.14 -46.00 -26.32
C8 BCR WN . -60.98 -46.71 -26.47
C9 BCR WN . -59.81 -46.26 -27.28
C10 BCR WN . -58.67 -46.98 -27.19
C11 BCR WN . -57.39 -46.63 -27.85
C33 BCR WN . -63.81 -43.99 -25.06
C31 BCR WN . -63.63 -48.62 -26.62
C32 BCR WN . -62.67 -48.68 -24.31
C34 BCR WN . -59.83 -45.04 -28.13
C12 BCR WN . -56.33 -47.38 -27.50
C13 BCR WN . -54.92 -47.19 -27.92
C14 BCR WN . -53.98 -47.94 -27.28
C15 BCR WN . -52.52 -47.80 -27.52
C16 BCR WN . -51.67 -48.57 -26.81
C17 BCR WN . -50.23 -48.41 -27.04
C18 BCR WN . -49.22 -48.97 -26.35
C19 BCR WN . -47.83 -48.59 -26.76
C20 BCR WN . -46.71 -48.91 -26.14
C21 BCR WN . -45.42 -48.47 -26.73
C22 BCR WN . -44.19 -48.85 -26.29
C23 BCR WN . -43.01 -48.43 -27.07
C24 BCR WN . -41.79 -48.99 -26.92
C25 BCR WN . -40.65 -48.64 -27.81
C26 BCR WN . -40.76 -48.89 -29.13
C27 BCR WN . -39.62 -48.60 -30.11
C28 BCR WN . -38.60 -47.60 -29.54
C29 BCR WN . -38.18 -48.04 -28.16
C30 BCR WN . -39.38 -48.08 -27.19
C35 BCR WN . -54.47 -46.14 -28.88
C36 BCR WN . -49.43 -49.97 -25.27
C37 BCR WN . -43.95 -49.72 -25.10
C38 BCR WN . -42.03 -49.50 -29.76
C39 BCR WN . -39.77 -46.67 -26.80
C40 BCR WN . -38.98 -48.94 -25.98
C16 UNL XN . -6.17 -56.10 -4.52
C15 UNL XN . -6.83 -56.16 -3.16
C14 UNL XN . -7.90 -57.22 -3.21
C13 UNL XN . -8.58 -57.35 -1.88
C12 UNL XN . -9.77 -58.28 -1.90
C11 UNL XN . -10.14 -58.69 -0.48
C10 UNL XN . -11.20 -59.77 -0.47
C9 UNL XN . -11.96 -59.83 0.85
C8 UNL XN . -12.81 -61.06 1.00
C7 UNL XN . -13.55 -61.07 2.33
C6 UNL XN . -12.75 -61.62 3.52
C5 UNL XN . -13.69 -61.99 4.68
C4 UNL XN . -12.99 -62.34 6.00
C3 UNL XN . -13.97 -62.56 7.19
C2 UNL XN . -13.33 -62.41 8.61
C1 UNL XN . -13.93 -63.36 9.65
C1B LMT YN . -65.59 -44.44 -49.89
C2B LMT YN . -64.30 -45.21 -50.27
C3B LMT YN . -64.63 -46.09 -51.46
C4B LMT YN . -65.53 -45.42 -52.53
C5B LMT YN . -65.96 -43.99 -52.22
C6B LMT YN . -67.04 -43.46 -53.18
O1B LMT YN . -65.79 -43.99 -48.56
O2B LMT YN . -63.14 -44.38 -50.51
O3B LMT YN . -65.26 -47.30 -50.96
O4' LMT YN . -64.82 -45.39 -53.79
O5B LMT YN . -66.48 -43.94 -50.90
O6B LMT YN . -66.47 -42.57 -54.15
C1' LMT YN . -67.58 -44.72 -44.96
C2' LMT YN . -66.81 -45.90 -45.55
C3' LMT YN . -65.91 -45.43 -46.69
C4' LMT YN . -66.73 -44.71 -47.77
C5' LMT YN . -67.73 -43.71 -47.21
C6' LMT YN . -68.73 -43.29 -48.30
O1' LMT YN . -68.36 -45.10 -43.78
O2' LMT YN . -66.07 -46.53 -44.51
O3' LMT YN . -65.18 -46.49 -47.36
O5' LMT YN . -68.40 -44.25 -46.05
O6' LMT YN . -69.77 -42.43 -47.80
C1 LMT YN . -68.83 -44.02 -42.94
C2 LMT YN . -69.59 -42.91 -39.74
C3 LMT YN . -69.81 -41.91 -38.59
C4 LMT YN . -70.27 -42.46 -37.22
C5 LMT YN . -69.23 -43.37 -36.53
C6 LMT YN . -69.30 -43.63 -35.01
C7 LMT YN . -68.58 -44.92 -34.57
C8 LMT YN . -67.75 -44.84 -33.30
C9 LMT YN . -67.04 -46.11 -32.81
#